data_8SR7
#
_entry.id   8SR7
#
_cell.length_a   1.00
_cell.length_b   1.00
_cell.length_c   1.00
_cell.angle_alpha   90.00
_cell.angle_beta   90.00
_cell.angle_gamma   90.00
#
_symmetry.space_group_name_H-M   'P 1'
#
loop_
_entity.id
_entity.type
_entity.pdbx_description
1 polymer 'TRPM2 Chanzyme'
2 non-polymer 5-O-phosphono-beta-D-ribofuranose
3 non-polymer 'ADENOSINE MONOPHOSPHATE'
4 non-polymer 'MAGNESIUM ION'
5 non-polymer CHOLESTEROL
6 water water
#
_entity_poly.entity_id   1
_entity_poly.type   'polypeptide(L)'
_entity_poly.pdbx_seq_one_letter_code
;MQRARPGELVEVIMFRPTGKARVSNLDESMAMEFTDLRTRAMSSAAMIRQSVAAKTLLIENEDGKGSTRMEVQDFMKRFH
MHASEDDKTGSPSTAWGTLRFPTKEATAPYLRLSVNDDPEDALLFVKAMLAQKYGETYDRPSLILSVTGGARNFTLPPRL
ETAIAKGLRLAAQRTNAWVVTGGTNTGVMKLTGQIMEALSKTQSHFIPPTIGIATYGVIIGGDDMTRGEPPKIGLEYEMH
KKDPPKTTPLDDNHNLFLLVDDGSTNKFGKEIKFRAAFENAAGQAFAAPVVTIVVQGGPGTLGTALQAVRQGTPIVVVDG
SGLAADVLAYAYNFMHNPLTRFKSYTIDDLRQKVAQTFNPKSSQQLTNLLDSALECVQDPNLVVVYSLQESGIDEFDDCI
LKAIFSSQGKLGNKLKQAMYFDQLDVAKRALSEASKNGQHNEIAACINDNLMAAMMHNKPHFVELYLGFDAKIYELKPSE
EVAKTNITALDELPSFALAIEELYKREAKKPHSHVQRLVSLSNTDVLGRHYRVSTQRGDGTTRRIGRDLANTRAYNVLRM
DQIFARLVSKDFSVNRDFTIYDSKYDKVPGIQFRRTAQASHMLFLWAICLDRFRMARHFWLIGDQSIINALVASRILERL
STHRALQGPHLAEERAKMQHNAKKFEELAVGVLGECHGSDSHMASEMLHSKNDMFNKKNAINIAYDAKSLAFLSHPATQS
VINADWYGHLKSVTSFWAVLFAFFFPFFVLPFINFSEDHAEQQVEAPRDFFTDAPRSSHSANSTTSGAHRLRRKFAKFYS
APYTRFISDLLSHFVLCVVTSYFVLDKLEDTISAIEWILLVWFVALLLEELRQMIFCDGIAEYISDTWNRLDLIMITLFF
VGFFTHASDPSNQDSKVVSKGIHAFLVVVLWLRFMRYYALSKNLGPKLIMMMEMMKDVSTFVFLLLIFLIGYGVAAQSLL
SPDEDFSSRTFIGVLFRPYFQIYGELFLDDLNSEANCLGDTPFTECSRETVRMVPFFLAVYILGSNVLLVNLLIAMFNDT
YMKVQEAAEDLWRKQNYELCAEYKDRPFLPAPFILLAHVHMLFMRLLRLCGVHTQEHEKIQDDETKRKITTFEELNTDKF
LRRWERERQEMLEARVKMTNDNVVQAMGMMDQLLEHMISFRFSLDQQATKIKQEIRDDGLPSTEPTGLVSRTPSQPINRL
NSAVAVHGHTAEAAEWYVPPEEYPKSGGVKRYLIDASMVPLSIMCPSYDPVEYTHPSVAAQPVWADPADPRKIKFNVKDE
VNGKVVDRTSCHPSGISIDSNTGRPINPWGRTGMTGRGLLGKWGVNQAADTVVTRWKRSPDGSILERDGKKVLEFVAIQR
QDNKMWAIPGGFVDNGEDVALTSGREFMEEALGMGTSADLMSAESKDSLAALFSSGTIVARIYCEDPRNTDNAWVETTCV
NFHDESGRHAARLKLQGGDDAEHARWMMVHGGLNLFASHRTLLQHVTSALNAYF
;
_entity_poly.pdbx_strand_id   A,B,C,D
#
loop_
_chem_comp.id
_chem_comp.type
_chem_comp.name
_chem_comp.formula
AMP non-polymer 'ADENOSINE MONOPHOSPHATE' 'C10 H14 N5 O7 P'
CLR non-polymer CHOLESTEROL 'C27 H46 O'
MG non-polymer 'MAGNESIUM ION' 'Mg 2'
RP5 D-saccharide, beta linking 5-O-phosphono-beta-D-ribofuranose 'C5 H11 O8 P'
#
# COMPACT_ATOMS: atom_id res chain seq x y z
N SER A 51 2.84 1.04 61.77
CA SER A 51 4.04 0.42 62.33
C SER A 51 4.64 1.33 63.42
N VAL A 52 5.97 1.47 63.42
CA VAL A 52 6.65 2.30 64.42
C VAL A 52 6.49 3.77 64.02
N ALA A 53 6.01 4.59 64.96
CA ALA A 53 5.80 6.01 64.74
C ALA A 53 7.12 6.77 64.56
N ALA A 54 7.13 7.69 63.61
CA ALA A 54 8.29 8.52 63.33
C ALA A 54 8.59 9.50 64.46
N LYS A 55 9.88 9.65 64.79
CA LYS A 55 10.28 10.59 65.82
C LYS A 55 11.08 11.77 65.30
N THR A 56 11.74 11.63 64.15
CA THR A 56 12.55 12.68 63.55
C THR A 56 12.23 12.82 62.06
N LEU A 57 12.39 14.03 61.56
CA LEU A 57 12.10 14.38 60.18
C LEU A 57 13.25 15.22 59.61
N LEU A 58 13.46 15.08 58.29
CA LEU A 58 14.52 15.85 57.60
C LEU A 58 13.89 17.08 56.94
N ILE A 59 13.91 18.21 57.65
CA ILE A 59 13.32 19.46 57.17
C ILE A 59 14.38 20.22 56.38
N GLU A 60 14.03 20.58 55.14
CA GLU A 60 14.93 21.29 54.24
C GLU A 60 15.23 22.71 54.72
N ASN A 61 16.51 23.08 54.65
CA ASN A 61 16.99 24.41 55.03
C ASN A 61 16.51 25.47 54.06
N GLU A 62 16.48 26.73 54.55
CA GLU A 62 16.12 27.91 53.75
C GLU A 62 17.08 28.20 52.59
N ASP A 63 18.35 27.75 52.68
CA ASP A 63 19.35 27.86 51.62
C ASP A 63 19.04 26.98 50.41
N GLY A 64 18.23 25.93 50.56
CA GLY A 64 17.91 25.03 49.47
C GLY A 64 19.02 24.07 49.09
N LYS A 65 20.00 23.85 49.98
CA LYS A 65 21.10 22.95 49.70
C LYS A 65 21.23 21.78 50.67
N GLY A 66 20.47 21.76 51.77
CA GLY A 66 20.59 20.66 52.69
C GLY A 66 19.35 20.49 53.55
N SER A 67 19.31 19.35 54.24
CA SER A 67 18.20 19.00 55.12
C SER A 67 18.73 18.69 56.51
N THR A 68 18.09 19.25 57.54
CA THR A 68 18.48 19.00 58.92
C THR A 68 17.50 18.05 59.60
N ARG A 69 18.04 17.19 60.46
CA ARG A 69 17.21 16.25 61.22
C ARG A 69 16.73 16.94 62.49
N MET A 70 15.41 16.95 62.70
CA MET A 70 14.86 17.53 63.91
C MET A 70 13.65 16.73 64.34
N GLU A 71 13.32 16.83 65.63
CA GLU A 71 12.22 16.11 66.28
C GLU A 71 10.87 16.54 65.69
N VAL A 72 9.96 15.55 65.58
CA VAL A 72 8.63 15.73 64.98
C VAL A 72 7.77 16.72 65.79
N GLN A 73 7.79 16.64 67.14
CA GLN A 73 7.03 17.54 68.02
C GLN A 73 7.54 18.98 67.98
N ASP A 74 8.84 19.15 67.72
CA ASP A 74 9.42 20.48 67.57
C ASP A 74 8.98 21.15 66.27
N PHE A 75 9.04 20.41 65.14
CA PHE A 75 8.65 20.93 63.83
C PHE A 75 7.15 21.19 63.73
N MET A 76 6.31 20.23 64.17
CA MET A 76 4.85 20.32 64.00
C MET A 76 4.14 21.34 64.92
N LYS A 77 4.86 22.00 65.85
CA LYS A 77 4.33 23.02 66.77
C LYS A 77 3.85 24.27 66.03
N ARG A 78 4.46 24.59 64.86
CA ARG A 78 4.18 25.79 64.06
C ARG A 78 2.82 25.79 63.34
N PHE A 79 2.04 24.72 63.39
CA PHE A 79 0.74 24.63 62.76
C PHE A 79 -0.31 24.78 63.84
N HIS A 80 -1.31 25.63 63.60
CA HIS A 80 -2.31 25.91 64.61
C HIS A 80 -3.70 25.50 64.13
N MET A 81 -4.58 25.30 65.11
CA MET A 81 -5.98 24.97 64.86
C MET A 81 -6.89 25.83 65.73
N HIS A 82 -8.12 26.00 65.28
CA HIS A 82 -9.13 26.78 65.98
C HIS A 82 -10.22 25.87 66.51
N ALA A 83 -10.49 25.97 67.82
CA ALA A 83 -11.55 25.17 68.44
C ALA A 83 -12.93 25.71 68.11
N SER A 84 -13.03 27.01 67.85
CA SER A 84 -14.30 27.65 67.52
C SER A 84 -14.01 28.85 66.64
N GLU A 85 -15.10 29.36 66.02
CA GLU A 85 -15.06 30.50 65.10
C GLU A 85 -14.57 31.78 65.79
N ASP A 86 -15.01 31.99 67.05
CA ASP A 86 -14.68 33.16 67.89
C ASP A 86 -13.17 33.28 68.14
N ASP A 87 -12.51 32.14 68.33
CA ASP A 87 -11.07 32.01 68.56
C ASP A 87 -10.29 32.53 67.34
N LYS A 88 -9.25 33.31 67.60
CA LYS A 88 -8.43 33.87 66.53
C LYS A 88 -6.98 33.41 66.59
N THR A 89 -6.34 33.51 67.76
CA THR A 89 -4.96 33.06 67.96
C THR A 89 -4.83 31.55 67.81
N GLY A 90 -5.77 30.80 68.37
CA GLY A 90 -5.75 29.35 68.27
C GLY A 90 -4.81 28.69 69.25
N SER A 91 -4.75 27.36 69.13
CA SER A 91 -3.93 26.49 69.93
C SER A 91 -3.17 25.59 68.94
N PRO A 92 -1.99 25.04 69.34
CA PRO A 92 -1.26 24.09 68.46
C PRO A 92 -2.03 22.84 68.05
N SER A 93 -1.87 22.48 66.78
CA SER A 93 -2.66 21.42 66.14
C SER A 93 -2.28 20.03 66.65
N THR A 94 -3.26 19.31 67.19
CA THR A 94 -3.10 17.92 67.58
C THR A 94 -3.65 16.97 66.53
N ALA A 95 -4.08 17.49 65.39
CA ALA A 95 -4.71 16.70 64.32
C ALA A 95 -3.76 16.63 63.14
N TRP A 96 -2.83 15.69 63.20
CA TRP A 96 -1.94 15.37 62.09
C TRP A 96 -1.49 13.93 62.25
N GLY A 97 -1.27 13.28 61.11
CA GLY A 97 -0.87 11.89 61.13
C GLY A 97 -1.09 11.22 59.80
N THR A 98 -1.56 9.97 59.80
CA THR A 98 -1.87 9.25 58.58
C THR A 98 -3.25 8.61 58.70
N LEU A 99 -3.98 8.62 57.59
CA LEU A 99 -5.29 7.99 57.49
C LEU A 99 -5.17 6.72 56.64
N ARG A 100 -5.81 5.67 57.10
CA ARG A 100 -5.88 4.41 56.38
C ARG A 100 -7.27 4.29 55.78
N PHE A 101 -7.34 4.17 54.46
CA PHE A 101 -8.63 4.06 53.77
C PHE A 101 -8.87 2.58 53.38
N PRO A 102 -10.07 1.99 53.56
CA PRO A 102 -10.35 0.60 53.14
C PRO A 102 -10.01 0.36 51.67
N THR A 103 -9.50 -0.85 51.38
CA THR A 103 -9.02 -1.41 50.10
C THR A 103 -7.81 -0.65 49.49
N LYS A 104 -7.12 0.19 50.26
CA LYS A 104 -5.92 0.91 49.87
C LYS A 104 -4.79 0.46 50.78
N GLU A 105 -3.68 0.02 50.18
CA GLU A 105 -2.55 -0.48 50.94
C GLU A 105 -1.79 0.62 51.68
N ALA A 106 -1.56 1.76 51.02
CA ALA A 106 -0.77 2.82 51.64
C ALA A 106 -1.67 3.79 52.41
N THR A 107 -1.07 4.45 53.39
CA THR A 107 -1.75 5.47 54.19
C THR A 107 -1.42 6.86 53.70
N ALA A 108 -2.36 7.78 53.88
CA ALA A 108 -2.20 9.16 53.42
C ALA A 108 -2.03 10.12 54.58
N PRO A 109 -0.92 10.89 54.68
CA PRO A 109 -0.76 11.90 55.74
C PRO A 109 -1.81 13.01 55.68
N TYR A 110 -2.13 13.52 56.87
CA TYR A 110 -3.11 14.59 57.00
C TYR A 110 -2.57 15.63 57.97
N LEU A 111 -2.81 16.90 57.70
CA LEU A 111 -2.43 18.00 58.57
C LEU A 111 -3.57 19.01 58.61
N ARG A 112 -4.07 19.29 59.81
CA ARG A 112 -5.08 20.32 60.02
C ARG A 112 -4.33 21.61 60.40
N LEU A 113 -4.45 22.61 59.56
CA LEU A 113 -3.68 23.84 59.77
C LEU A 113 -4.57 25.05 59.59
N SER A 114 -4.26 26.15 60.25
CA SER A 114 -5.07 27.37 60.26
C SER A 114 -4.93 28.15 58.95
N VAL A 115 -5.86 29.10 58.75
CA VAL A 115 -5.82 30.03 57.61
C VAL A 115 -4.62 30.98 57.68
N ASN A 116 -4.15 31.35 58.88
CA ASN A 116 -3.05 32.29 59.03
C ASN A 116 -1.67 31.66 58.90
N ASP A 117 -1.59 30.33 58.80
CA ASP A 117 -0.34 29.60 58.68
C ASP A 117 0.37 29.85 57.36
N ASP A 118 1.69 29.80 57.42
CA ASP A 118 2.58 30.02 56.28
C ASP A 118 2.48 28.85 55.32
N PRO A 119 2.15 29.07 54.03
CA PRO A 119 2.17 27.99 53.02
C PRO A 119 3.54 27.34 52.77
N GLU A 120 4.64 28.06 53.02
CA GLU A 120 6.00 27.50 52.97
C GLU A 120 6.21 26.39 54.00
N ASP A 121 5.59 26.52 55.19
CA ASP A 121 5.65 25.50 56.24
C ASP A 121 4.92 24.23 55.83
N ALA A 122 3.74 24.39 55.19
CA ALA A 122 2.96 23.29 54.64
C ALA A 122 3.70 22.61 53.50
N LEU A 123 4.40 23.41 52.66
CA LEU A 123 5.25 22.93 51.59
C LEU A 123 6.42 22.11 52.13
N LEU A 124 7.03 22.57 53.24
CA LEU A 124 8.08 21.87 53.97
C LEU A 124 7.59 20.54 54.55
N PHE A 125 6.34 20.53 55.04
CA PHE A 125 5.68 19.31 55.54
C PHE A 125 5.52 18.25 54.45
N VAL A 126 5.05 18.66 53.23
CA VAL A 126 4.87 17.75 52.08
C VAL A 126 6.22 17.20 51.60
N LYS A 127 7.25 18.09 51.53
CA LYS A 127 8.65 17.73 51.21
C LYS A 127 9.24 16.78 52.23
N ALA A 128 8.92 16.99 53.52
CA ALA A 128 9.38 16.13 54.61
C ALA A 128 8.79 14.72 54.53
N MET A 129 7.48 14.61 54.17
CA MET A 129 6.82 13.32 53.97
C MET A 129 7.44 12.52 52.82
N LEU A 130 7.64 13.21 51.65
CA LEU A 130 8.25 12.61 50.47
C LEU A 130 9.71 12.23 50.73
N ALA A 131 10.44 13.10 51.45
CA ALA A 131 11.82 12.88 51.83
C ALA A 131 11.96 11.71 52.79
N GLN A 132 10.99 11.55 53.71
CA GLN A 132 10.96 10.42 54.62
C GLN A 132 10.71 9.11 53.89
N LYS A 133 9.72 9.09 52.99
CA LYS A 133 9.33 7.84 52.33
C LYS A 133 10.32 7.40 51.25
N TYR A 134 10.78 8.33 50.41
CA TYR A 134 11.58 7.96 49.25
C TYR A 134 13.05 8.34 49.35
N GLY A 135 13.51 8.79 50.51
CA GLY A 135 14.89 9.22 50.64
C GLY A 135 15.05 10.67 50.25
N GLU A 136 16.26 11.20 50.53
CA GLU A 136 16.62 12.60 50.26
C GLU A 136 16.60 12.93 48.77
N THR A 137 17.08 12.01 47.93
CA THR A 137 17.13 12.23 46.48
C THR A 137 15.86 11.73 45.78
N TYR A 138 14.69 12.14 46.24
CA TYR A 138 13.42 11.85 45.58
C TYR A 138 13.25 12.76 44.36
N ASP A 139 12.43 12.28 43.43
CA ASP A 139 12.15 12.97 42.16
C ASP A 139 11.38 14.26 42.42
N ARG A 140 12.06 15.39 42.26
CA ARG A 140 11.45 16.71 42.42
C ARG A 140 10.45 16.98 41.29
N PRO A 141 9.32 17.66 41.57
CA PRO A 141 8.35 17.94 40.51
C PRO A 141 8.80 19.06 39.57
N SER A 142 8.64 18.81 38.28
CA SER A 142 8.82 19.85 37.28
C SER A 142 7.50 20.42 36.82
N LEU A 143 6.38 20.07 37.48
CA LEU A 143 5.06 20.53 37.09
C LEU A 143 4.10 20.43 38.28
N ILE A 144 3.32 21.49 38.48
CA ILE A 144 2.25 21.54 39.48
C ILE A 144 0.92 21.61 38.72
N LEU A 145 0.10 20.58 38.85
CA LEU A 145 -1.18 20.47 38.15
C LEU A 145 -2.30 20.74 39.14
N SER A 146 -2.93 21.90 39.02
CA SER A 146 -4.07 22.26 39.85
C SER A 146 -5.38 21.86 39.16
N VAL A 147 -6.16 21.00 39.79
CA VAL A 147 -7.41 20.55 39.18
C VAL A 147 -8.55 21.26 39.91
N THR A 148 -9.30 22.07 39.17
CA THR A 148 -10.44 22.80 39.70
C THR A 148 -11.66 22.47 38.84
N GLY A 149 -12.83 22.74 39.39
CA GLY A 149 -14.02 22.50 38.62
C GLY A 149 -15.21 22.26 39.53
N GLY A 150 -16.10 21.40 39.03
CA GLY A 150 -17.39 21.15 39.65
C GLY A 150 -17.29 20.44 40.98
N ALA A 151 -17.95 21.01 41.99
CA ALA A 151 -18.02 20.33 43.29
C ALA A 151 -19.00 19.17 43.25
N ARG A 152 -20.15 19.34 42.59
CA ARG A 152 -21.15 18.29 42.48
C ARG A 152 -20.71 17.23 41.47
N ASN A 153 -21.27 16.03 41.65
CA ASN A 153 -20.98 14.86 40.80
C ASN A 153 -21.47 15.05 39.37
N PHE A 154 -20.67 14.56 38.42
CA PHE A 154 -21.01 14.69 36.97
C PHE A 154 -20.47 13.51 36.18
N THR A 155 -21.15 13.14 35.09
CA THR A 155 -20.75 12.03 34.24
C THR A 155 -20.26 12.63 32.92
N LEU A 156 -19.08 12.21 32.48
CA LEU A 156 -18.47 12.63 31.23
C LEU A 156 -18.61 11.53 30.17
N PRO A 157 -18.60 11.88 28.87
CA PRO A 157 -18.53 10.85 27.78
C PRO A 157 -17.27 9.99 27.86
N PRO A 158 -17.36 8.66 27.54
CA PRO A 158 -16.21 7.72 27.68
C PRO A 158 -14.93 8.03 26.90
N ARG A 159 -15.06 8.54 25.67
CA ARG A 159 -13.92 8.95 24.85
C ARG A 159 -13.19 10.15 25.46
N LEU A 160 -13.98 11.14 25.91
CA LEU A 160 -13.46 12.34 26.57
C LEU A 160 -12.78 12.01 27.89
N GLU A 161 -13.40 11.13 28.70
CA GLU A 161 -12.88 10.65 29.99
C GLU A 161 -11.58 9.88 29.82
N THR A 162 -11.54 9.02 28.78
CA THR A 162 -10.37 8.23 28.40
C THR A 162 -9.21 9.14 27.99
N ALA A 163 -9.52 10.19 27.18
CA ALA A 163 -8.53 11.18 26.71
C ALA A 163 -7.92 12.00 27.86
N ILE A 164 -8.78 12.49 28.79
CA ILE A 164 -8.37 13.26 29.97
C ILE A 164 -7.51 12.41 30.91
N ALA A 165 -7.96 11.15 31.15
CA ALA A 165 -7.28 10.16 32.00
C ALA A 165 -5.90 9.79 31.46
N LYS A 166 -5.82 9.50 30.15
CA LYS A 166 -4.57 9.13 29.45
C LYS A 166 -3.56 10.27 29.47
N GLY A 167 -4.03 11.50 29.11
CA GLY A 167 -3.18 12.69 29.08
C GLY A 167 -2.65 13.11 30.45
N LEU A 168 -3.54 13.10 31.47
CA LEU A 168 -3.20 13.45 32.85
C LEU A 168 -2.22 12.44 33.47
N ARG A 169 -2.44 11.13 33.21
CA ARG A 169 -1.54 10.06 33.66
C ARG A 169 -0.15 10.16 33.02
N LEU A 170 -0.10 10.43 31.69
CA LEU A 170 1.15 10.61 30.95
C LEU A 170 1.95 11.81 31.45
N ALA A 171 1.25 12.97 31.65
CA ALA A 171 1.86 14.20 32.14
C ALA A 171 2.39 14.04 33.57
N ALA A 172 1.60 13.39 34.44
CA ALA A 172 1.95 13.15 35.83
C ALA A 172 3.13 12.18 35.96
N GLN A 173 3.13 11.09 35.14
CA GLN A 173 4.21 10.12 35.24
C GLN A 173 5.49 10.64 34.58
N ARG A 174 5.41 11.49 33.55
CA ARG A 174 6.61 12.01 32.92
C ARG A 174 7.25 13.16 33.68
N THR A 175 6.45 14.02 34.32
CA THR A 175 7.04 15.18 34.99
C THR A 175 7.18 15.05 36.49
N ASN A 176 6.75 13.91 37.09
CA ASN A 176 6.63 13.66 38.56
C ASN A 176 5.80 14.74 39.27
N ALA A 177 4.71 15.17 38.59
CA ALA A 177 3.91 16.34 38.93
C ALA A 177 3.16 16.24 40.25
N TRP A 178 3.02 17.37 40.92
CA TRP A 178 2.17 17.46 42.10
C TRP A 178 0.77 17.90 41.68
N VAL A 179 -0.20 17.03 41.90
CA VAL A 179 -1.59 17.31 41.55
C VAL A 179 -2.31 17.81 42.78
N VAL A 180 -2.81 19.05 42.72
CA VAL A 180 -3.50 19.66 43.84
C VAL A 180 -4.98 19.78 43.49
N THR A 181 -5.83 19.10 44.27
CA THR A 181 -7.28 19.18 44.09
C THR A 181 -7.94 19.58 45.41
N GLY A 182 -9.27 19.54 45.44
CA GLY A 182 -10.02 19.80 46.65
C GLY A 182 -10.02 18.68 47.65
N GLY A 183 -9.79 17.43 47.22
CA GLY A 183 -9.67 16.32 48.16
C GLY A 183 -10.94 15.61 48.61
N THR A 184 -12.12 16.03 48.18
CA THR A 184 -13.36 15.37 48.59
C THR A 184 -13.81 14.32 47.58
N ASN A 185 -14.71 13.44 48.02
CA ASN A 185 -15.14 12.29 47.20
C ASN A 185 -16.37 12.57 46.35
N THR A 186 -16.34 13.67 45.61
CA THR A 186 -17.41 14.11 44.71
C THR A 186 -16.74 14.78 43.53
N GLY A 187 -17.37 14.66 42.35
CA GLY A 187 -17.03 15.42 41.14
C GLY A 187 -15.64 15.23 40.55
N VAL A 188 -15.01 16.38 40.21
CA VAL A 188 -13.73 16.45 39.52
C VAL A 188 -12.57 15.94 40.40
N MET A 189 -12.67 16.13 41.73
CA MET A 189 -11.72 15.63 42.71
C MET A 189 -11.70 14.10 42.77
N LYS A 190 -12.91 13.50 42.80
CA LYS A 190 -13.11 12.05 42.75
C LYS A 190 -12.64 11.47 41.42
N LEU A 191 -12.91 12.21 40.32
CA LEU A 191 -12.50 11.85 38.97
C LEU A 191 -10.97 11.84 38.81
N THR A 192 -10.30 12.86 39.37
CA THR A 192 -8.83 12.99 39.37
C THR A 192 -8.19 11.88 40.20
N GLY A 193 -8.83 11.55 41.33
CA GLY A 193 -8.46 10.41 42.19
C GLY A 193 -8.53 9.08 41.46
N GLN A 194 -9.60 8.89 40.66
CA GLN A 194 -9.80 7.70 39.83
C GLN A 194 -8.72 7.59 38.74
N ILE A 195 -8.33 8.75 38.15
CA ILE A 195 -7.26 8.79 37.15
C ILE A 195 -5.91 8.40 37.78
N MET A 196 -5.60 8.94 38.96
CA MET A 196 -4.33 8.64 39.62
C MET A 196 -4.27 7.28 40.31
N GLU A 197 -5.43 6.63 40.52
CA GLU A 197 -5.51 5.29 41.12
C GLU A 197 -4.81 4.25 40.26
N ALA A 198 -5.03 4.32 38.92
CA ALA A 198 -4.36 3.42 37.97
C ALA A 198 -2.85 3.69 37.89
N LEU A 199 -2.45 4.96 38.11
CA LEU A 199 -1.05 5.38 38.12
C LEU A 199 -0.32 4.80 39.32
N SER A 200 -1.01 4.75 40.47
CA SER A 200 -0.45 4.14 41.69
C SER A 200 -0.31 2.61 41.61
N LYS A 201 -1.03 1.95 40.69
CA LYS A 201 -0.99 0.50 40.48
C LYS A 201 0.02 0.10 39.40
N THR A 202 0.04 0.81 38.27
CA THR A 202 0.91 0.45 37.15
C THR A 202 2.37 0.86 37.32
N GLN A 203 2.69 1.70 38.30
CA GLN A 203 4.05 2.19 38.49
C GLN A 203 4.55 1.85 39.90
N SER A 204 5.83 1.50 39.99
CA SER A 204 6.45 1.15 41.26
C SER A 204 7.34 2.32 41.70
N HIS A 205 7.78 2.22 42.98
CA HIS A 205 8.60 3.20 43.73
C HIS A 205 7.76 4.48 43.71
N PHE A 206 8.21 5.58 43.08
CA PHE A 206 7.59 6.90 43.22
C PHE A 206 6.22 6.95 42.58
N ILE A 207 5.26 7.42 43.35
CA ILE A 207 3.90 7.70 42.91
C ILE A 207 3.71 9.20 43.08
N PRO A 208 3.38 9.95 42.00
CA PRO A 208 3.13 11.42 42.09
C PRO A 208 2.00 11.75 43.05
N PRO A 209 2.21 12.70 44.00
CA PRO A 209 1.19 13.01 45.01
C PRO A 209 -0.08 13.64 44.45
N THR A 210 -1.20 13.26 45.06
CA THR A 210 -2.50 13.84 44.78
C THR A 210 -2.89 14.57 46.06
N ILE A 211 -2.44 15.81 46.18
CA ILE A 211 -2.64 16.59 47.40
C ILE A 211 -4.05 17.12 47.41
N GLY A 212 -4.78 16.88 48.50
CA GLY A 212 -6.10 17.44 48.65
C GLY A 212 -6.18 18.50 49.72
N ILE A 213 -6.47 19.73 49.30
CA ILE A 213 -6.61 20.85 50.22
C ILE A 213 -8.11 21.12 50.40
N ALA A 214 -8.60 20.88 51.61
CA ALA A 214 -10.02 20.97 51.91
C ALA A 214 -10.26 21.78 53.15
N THR A 215 -11.45 22.41 53.20
CA THR A 215 -11.92 23.10 54.40
C THR A 215 -12.25 22.03 55.45
N TYR A 216 -11.75 22.21 56.68
CA TYR A 216 -11.93 21.24 57.76
C TYR A 216 -13.39 21.17 58.23
N GLY A 217 -14.13 22.27 58.12
CA GLY A 217 -15.50 22.41 58.65
C GLY A 217 -16.59 21.60 57.96
N VAL A 218 -16.30 20.95 56.83
CA VAL A 218 -17.27 20.15 56.09
C VAL A 218 -16.89 18.69 56.05
N ILE A 219 -15.77 18.29 56.65
CA ILE A 219 -15.22 16.94 56.51
C ILE A 219 -15.78 16.02 57.57
N ILE A 220 -16.34 14.87 57.13
CA ILE A 220 -16.83 13.81 57.99
C ILE A 220 -15.67 13.17 58.74
N GLY A 221 -15.82 12.99 60.06
CA GLY A 221 -14.79 12.37 60.85
C GLY A 221 -13.70 13.27 61.35
N GLY A 222 -13.94 14.59 61.38
CA GLY A 222 -12.96 15.56 61.90
C GLY A 222 -12.67 15.39 63.38
N ASP A 223 -13.70 15.09 64.17
CA ASP A 223 -13.59 14.87 65.62
C ASP A 223 -12.74 13.64 65.94
N ASP A 224 -12.90 12.56 65.14
CA ASP A 224 -12.11 11.34 65.28
C ASP A 224 -10.64 11.60 64.99
N MET A 225 -10.36 12.40 63.96
CA MET A 225 -8.99 12.77 63.59
C MET A 225 -8.35 13.69 64.63
N THR A 226 -9.14 14.60 65.22
CA THR A 226 -8.60 15.54 66.20
C THR A 226 -8.25 14.88 67.53
N ARG A 227 -9.15 14.02 68.04
CA ARG A 227 -8.98 13.37 69.34
C ARG A 227 -7.87 12.32 69.33
N GLY A 228 -6.99 12.37 70.34
CA GLY A 228 -5.91 11.44 70.53
C GLY A 228 -4.59 12.14 70.71
N GLU A 229 -3.51 11.36 70.72
CA GLU A 229 -2.14 11.86 70.85
C GLU A 229 -1.45 11.76 69.49
N PRO A 230 -0.98 12.89 68.88
CA PRO A 230 -0.41 12.85 67.53
C PRO A 230 1.05 12.36 67.51
N PRO A 231 1.54 11.66 66.47
CA PRO A 231 0.75 11.35 65.29
C PRO A 231 -0.15 10.12 65.36
N LYS A 232 -1.15 10.03 64.48
CA LYS A 232 -2.06 8.87 64.39
C LYS A 232 -1.57 7.98 63.26
N ILE A 233 -0.89 6.90 63.61
CA ILE A 233 -0.33 6.01 62.59
C ILE A 233 -1.43 5.03 62.17
N GLY A 234 -1.76 5.03 60.88
CA GLY A 234 -2.74 4.12 60.28
C GLY A 234 -4.16 4.23 60.80
N LEU A 235 -4.64 5.46 61.04
CA LEU A 235 -5.98 5.71 61.56
C LEU A 235 -7.06 5.34 60.54
N GLU A 236 -8.05 4.58 61.00
CA GLU A 236 -9.14 4.15 60.14
C GLU A 236 -10.10 5.30 59.86
N TYR A 237 -10.40 5.51 58.59
CA TYR A 237 -11.34 6.55 58.17
C TYR A 237 -12.63 5.87 57.78
N GLU A 238 -13.73 6.28 58.40
CA GLU A 238 -15.04 5.68 58.15
C GLU A 238 -15.88 6.70 57.41
N MET A 239 -15.87 6.60 56.07
CA MET A 239 -16.65 7.47 55.21
C MET A 239 -18.16 7.24 55.32
N HIS A 240 -18.59 6.03 55.70
CA HIS A 240 -20.00 5.70 55.83
C HIS A 240 -20.59 5.99 57.20
N LYS A 241 -19.75 6.38 58.17
CA LYS A 241 -20.19 6.71 59.51
C LYS A 241 -21.05 7.99 59.51
N LYS A 242 -22.13 7.98 60.29
CA LYS A 242 -23.10 9.07 60.25
C LYS A 242 -22.62 10.18 61.17
N ASP A 243 -21.93 11.15 60.60
CA ASP A 243 -21.61 12.38 61.30
C ASP A 243 -22.77 13.35 61.09
N PRO A 244 -23.36 13.89 62.18
CA PRO A 244 -24.55 14.70 62.03
C PRO A 244 -24.45 16.04 61.32
N PRO A 245 -23.62 17.05 61.66
CA PRO A 245 -23.70 18.36 61.00
C PRO A 245 -22.99 18.41 59.64
N LYS A 246 -21.96 17.60 59.44
CA LYS A 246 -21.16 17.61 58.24
C LYS A 246 -21.54 16.44 57.35
N THR A 247 -21.42 16.63 56.03
CA THR A 247 -21.84 15.58 55.10
C THR A 247 -20.91 15.34 53.91
N THR A 248 -19.72 15.92 53.89
CA THR A 248 -18.82 15.78 52.75
C THR A 248 -17.61 14.93 53.12
N PRO A 249 -17.45 13.71 52.59
CA PRO A 249 -16.28 12.89 52.94
C PRO A 249 -15.07 13.12 52.05
N LEU A 250 -13.91 12.70 52.56
CA LEU A 250 -12.66 12.77 51.83
C LEU A 250 -12.56 11.68 50.77
N ASP A 251 -11.88 12.02 49.67
CA ASP A 251 -11.61 11.05 48.61
C ASP A 251 -10.53 10.08 49.05
N ASP A 252 -10.77 8.78 48.88
CA ASP A 252 -9.84 7.76 49.36
C ASP A 252 -8.61 7.57 48.48
N ASN A 253 -8.58 8.14 47.28
CA ASN A 253 -7.47 7.99 46.36
C ASN A 253 -6.45 9.13 46.44
N HIS A 254 -6.64 10.10 47.32
CA HIS A 254 -5.69 11.19 47.47
C HIS A 254 -4.58 10.80 48.43
N ASN A 255 -3.35 11.15 48.06
CA ASN A 255 -2.18 10.70 48.80
C ASN A 255 -1.78 11.56 49.99
N LEU A 256 -2.33 12.77 50.12
CA LEU A 256 -1.97 13.69 51.23
C LEU A 256 -3.11 14.68 51.41
N PHE A 257 -3.38 15.13 52.64
CA PHE A 257 -4.51 15.99 52.96
C PHE A 257 -4.08 17.19 53.79
N LEU A 258 -4.50 18.37 53.37
CA LEU A 258 -4.33 19.60 54.12
C LEU A 258 -5.71 20.13 54.45
N LEU A 259 -6.10 20.03 55.73
CA LEU A 259 -7.39 20.50 56.21
C LEU A 259 -7.22 21.90 56.77
N VAL A 260 -7.66 22.88 56.01
CA VAL A 260 -7.59 24.29 56.39
C VAL A 260 -8.75 24.62 57.31
N ASP A 261 -8.45 25.15 58.48
CA ASP A 261 -9.43 25.37 59.53
C ASP A 261 -9.50 26.87 59.83
N ASP A 262 -10.72 27.36 60.02
CA ASP A 262 -10.96 28.73 60.46
C ASP A 262 -11.92 28.83 61.63
N GLY A 263 -12.32 27.69 62.20
CA GLY A 263 -13.27 27.64 63.29
C GLY A 263 -14.72 27.56 62.87
N SER A 264 -15.01 27.68 61.58
CA SER A 264 -16.38 27.60 61.08
C SER A 264 -16.79 26.15 60.84
N THR A 265 -18.09 25.93 60.70
CA THR A 265 -18.66 24.63 60.44
C THR A 265 -19.62 24.75 59.27
N ASN A 266 -19.53 23.79 58.31
CA ASN A 266 -20.36 23.64 57.11
C ASN A 266 -20.33 24.87 56.19
N LYS A 267 -19.16 25.49 56.07
CA LYS A 267 -18.93 26.60 55.15
C LYS A 267 -17.84 26.21 54.18
N PHE A 268 -18.08 26.44 52.89
CA PHE A 268 -17.17 26.05 51.83
C PHE A 268 -16.40 27.28 51.30
N GLY A 269 -15.35 26.99 50.54
CA GLY A 269 -14.56 28.02 49.88
C GLY A 269 -13.55 28.74 50.76
N LYS A 270 -13.30 28.24 51.97
CA LYS A 270 -12.36 28.85 52.90
C LYS A 270 -10.90 28.51 52.60
N GLU A 271 -10.64 27.53 51.75
CA GLU A 271 -9.30 27.04 51.49
C GLU A 271 -8.68 27.49 50.16
N ILE A 272 -9.41 28.33 49.38
CA ILE A 272 -9.06 28.75 48.00
C ILE A 272 -7.77 29.57 47.94
N LYS A 273 -7.67 30.61 48.81
CA LYS A 273 -6.52 31.51 48.91
C LYS A 273 -5.23 30.80 49.34
N PHE A 274 -5.35 29.90 50.35
CA PHE A 274 -4.22 29.09 50.82
C PHE A 274 -3.75 28.11 49.75
N ARG A 275 -4.71 27.53 48.99
CA ARG A 275 -4.41 26.59 47.90
C ARG A 275 -3.63 27.27 46.78
N ALA A 276 -4.07 28.50 46.40
CA ALA A 276 -3.42 29.33 45.39
C ALA A 276 -2.02 29.75 45.84
N ALA A 277 -1.89 30.13 47.12
CA ALA A 277 -0.62 30.52 47.74
C ALA A 277 0.36 29.35 47.81
N PHE A 278 -0.15 28.14 48.14
CA PHE A 278 0.64 26.92 48.23
C PHE A 278 1.18 26.50 46.86
N GLU A 279 0.33 26.59 45.81
CA GLU A 279 0.74 26.29 44.43
C GLU A 279 1.80 27.27 43.93
N ASN A 280 1.62 28.58 44.23
CA ASN A 280 2.60 29.62 43.87
C ASN A 280 3.92 29.41 44.61
N ALA A 281 3.86 29.03 45.91
CA ALA A 281 5.04 28.76 46.75
C ALA A 281 5.82 27.55 46.24
N ALA A 282 5.10 26.49 45.85
CA ALA A 282 5.67 25.29 45.25
C ALA A 282 6.32 25.60 43.91
N GLY A 283 5.64 26.44 43.09
CA GLY A 283 6.16 26.88 41.80
C GLY A 283 7.45 27.68 41.91
N GLN A 284 7.53 28.60 42.89
CA GLN A 284 8.77 29.35 43.13
C GLN A 284 9.88 28.45 43.67
N ALA A 285 9.54 27.52 44.59
CA ALA A 285 10.53 26.64 45.22
C ALA A 285 11.15 25.64 44.25
N PHE A 286 10.36 24.98 43.39
CA PHE A 286 10.93 24.00 42.48
C PHE A 286 11.25 24.53 41.09
N ALA A 287 11.06 25.84 40.85
CA ALA A 287 11.21 26.56 39.56
C ALA A 287 10.41 25.90 38.43
N ALA A 288 9.19 25.46 38.76
CA ALA A 288 8.24 24.71 37.98
C ALA A 288 6.97 25.49 37.65
N PRO A 289 6.46 25.41 36.40
CA PRO A 289 5.19 26.06 36.06
C PRO A 289 3.98 25.44 36.76
N VAL A 290 3.02 26.30 37.08
CA VAL A 290 1.75 25.90 37.66
C VAL A 290 0.72 25.92 36.55
N VAL A 291 0.05 24.79 36.30
CA VAL A 291 -0.94 24.67 35.24
C VAL A 291 -2.27 24.32 35.89
N THR A 292 -3.27 25.19 35.73
CA THR A 292 -4.60 24.94 36.22
C THR A 292 -5.38 24.19 35.14
N ILE A 293 -6.21 23.21 35.54
CA ILE A 293 -7.06 22.44 34.60
C ILE A 293 -8.51 22.63 35.03
N VAL A 294 -9.36 23.04 34.07
CA VAL A 294 -10.77 23.35 34.35
C VAL A 294 -11.65 22.32 33.63
N VAL A 295 -12.33 21.47 34.42
CA VAL A 295 -13.29 20.49 33.94
C VAL A 295 -14.63 20.79 34.61
N GLN A 296 -15.66 20.99 33.79
CA GLN A 296 -16.98 21.52 34.17
C GLN A 296 -16.79 22.77 35.02
N GLY A 297 -17.36 22.79 36.20
CA GLY A 297 -17.27 23.96 37.06
C GLY A 297 -18.54 24.78 37.14
N GLY A 298 -18.70 25.46 38.27
CA GLY A 298 -19.83 26.33 38.50
C GLY A 298 -19.42 27.79 38.39
N PRO A 299 -20.23 28.71 38.96
CA PRO A 299 -19.89 30.16 38.95
C PRO A 299 -18.58 30.56 39.64
N GLY A 300 -18.20 29.89 40.74
CA GLY A 300 -16.96 30.18 41.44
C GLY A 300 -15.72 29.74 40.71
N THR A 301 -15.84 28.72 39.85
CA THR A 301 -14.75 28.21 39.00
C THR A 301 -14.30 29.27 37.98
N LEU A 302 -15.27 30.08 37.49
CA LEU A 302 -15.03 31.23 36.60
C LEU A 302 -14.16 32.29 37.28
N GLY A 303 -14.48 32.60 38.55
CA GLY A 303 -13.68 33.53 39.35
C GLY A 303 -12.30 32.98 39.68
N THR A 304 -12.22 31.66 39.94
CA THR A 304 -10.97 30.95 40.20
C THR A 304 -10.03 30.99 38.98
N ALA A 305 -10.60 30.73 37.78
CA ALA A 305 -9.91 30.82 36.50
C ALA A 305 -9.47 32.25 36.18
N LEU A 306 -10.33 33.23 36.53
CA LEU A 306 -10.05 34.66 36.41
C LEU A 306 -8.86 35.07 37.27
N GLN A 307 -8.83 34.57 38.52
CA GLN A 307 -7.73 34.78 39.46
C GLN A 307 -6.44 34.17 38.91
N ALA A 308 -6.55 32.95 38.34
CA ALA A 308 -5.41 32.24 37.73
C ALA A 308 -4.82 32.99 36.54
N VAL A 309 -5.67 33.52 35.64
CA VAL A 309 -5.15 34.24 34.47
C VAL A 309 -4.64 35.65 34.83
N ARG A 310 -5.16 36.27 35.92
CA ARG A 310 -4.62 37.57 36.33
C ARG A 310 -3.21 37.47 36.92
N GLN A 311 -2.91 36.37 37.64
CA GLN A 311 -1.57 36.19 38.20
C GLN A 311 -0.57 35.54 37.21
N GLY A 312 -0.92 35.36 35.94
CA GLY A 312 -0.01 34.80 34.96
C GLY A 312 0.01 33.29 34.89
N THR A 313 -0.79 32.59 35.69
CA THR A 313 -0.82 31.14 35.67
C THR A 313 -1.66 30.65 34.49
N PRO A 314 -1.10 29.82 33.58
CA PRO A 314 -1.90 29.27 32.47
C PRO A 314 -2.99 28.29 32.89
N ILE A 315 -4.06 28.25 32.10
CA ILE A 315 -5.19 27.35 32.32
C ILE A 315 -5.42 26.48 31.08
N VAL A 316 -5.89 25.26 31.34
CA VAL A 316 -6.26 24.28 30.31
C VAL A 316 -7.74 24.00 30.52
N VAL A 317 -8.56 24.46 29.60
CA VAL A 317 -10.01 24.33 29.67
C VAL A 317 -10.46 23.12 28.86
N VAL A 318 -11.13 22.17 29.49
CA VAL A 318 -11.62 20.96 28.79
C VAL A 318 -12.96 21.25 28.15
N ASP A 319 -12.96 21.50 26.83
CA ASP A 319 -14.18 21.70 26.07
C ASP A 319 -14.98 20.40 25.95
N GLY A 320 -16.31 20.52 25.93
CA GLY A 320 -17.20 19.38 25.86
C GLY A 320 -17.59 18.76 27.18
N SER A 321 -17.04 19.24 28.29
CA SER A 321 -17.40 18.75 29.62
C SER A 321 -18.59 19.48 30.22
N GLY A 322 -19.09 20.51 29.55
CA GLY A 322 -20.31 21.19 29.97
C GLY A 322 -20.00 22.32 30.95
N LEU A 323 -21.02 23.15 31.17
CA LEU A 323 -21.14 24.24 32.19
C LEU A 323 -20.08 25.31 31.96
N ALA A 324 -19.30 25.70 32.99
CA ALA A 324 -18.37 26.84 32.96
C ALA A 324 -17.21 26.63 32.00
N ALA A 325 -16.77 25.36 31.85
CA ALA A 325 -15.73 24.99 30.89
C ALA A 325 -16.20 25.26 29.46
N ASP A 326 -17.47 24.92 29.16
CA ASP A 326 -18.09 25.23 27.86
C ASP A 326 -18.22 26.73 27.65
N VAL A 327 -18.54 27.47 28.74
CA VAL A 327 -18.65 28.94 28.70
C VAL A 327 -17.29 29.59 28.39
N LEU A 328 -16.22 29.12 29.08
CA LEU A 328 -14.85 29.58 28.87
C LEU A 328 -14.31 29.23 27.49
N ALA A 329 -14.59 27.98 27.04
CA ALA A 329 -14.20 27.49 25.73
C ALA A 329 -14.91 28.25 24.61
N TYR A 330 -16.19 28.58 24.77
CA TYR A 330 -16.94 29.38 23.77
C TYR A 330 -16.31 30.75 23.74
N ALA A 331 -16.19 31.37 24.88
CA ALA A 331 -15.65 32.73 24.94
C ALA A 331 -14.27 32.84 24.26
N TYR A 332 -13.42 31.85 24.41
CA TYR A 332 -12.07 31.90 23.83
C TYR A 332 -12.23 31.69 22.35
N ASN A 333 -13.00 30.69 22.01
CA ASN A 333 -13.21 30.37 20.61
C ASN A 333 -13.85 31.53 19.85
N PHE A 334 -14.75 32.27 20.52
CA PHE A 334 -15.36 33.46 19.93
C PHE A 334 -14.30 34.55 19.73
N MET A 335 -13.42 34.74 20.71
CA MET A 335 -12.47 35.83 20.60
C MET A 335 -11.21 35.50 19.80
N HIS A 336 -10.82 34.23 19.68
CA HIS A 336 -9.49 33.94 19.13
C HIS A 336 -9.41 32.93 17.99
N ASN A 337 -10.31 31.94 17.96
CA ASN A 337 -10.21 30.78 17.04
C ASN A 337 -10.54 31.18 15.60
N PRO A 338 -9.66 30.93 14.63
CA PRO A 338 -9.94 31.33 13.24
C PRO A 338 -10.72 30.33 12.40
N LEU A 339 -11.16 29.22 12.95
CA LEU A 339 -11.82 28.18 12.13
C LEU A 339 -13.18 28.68 11.67
N THR A 340 -13.85 27.95 10.79
CA THR A 340 -15.12 28.37 10.18
C THR A 340 -16.33 28.20 11.09
N ARG A 341 -16.39 27.12 11.89
CA ARG A 341 -17.54 26.81 12.75
C ARG A 341 -17.70 27.74 13.95
N PHE A 342 -16.74 28.65 14.08
CA PHE A 342 -16.69 29.57 15.23
C PHE A 342 -16.97 30.98 14.74
N LYS A 343 -17.30 31.11 13.48
CA LYS A 343 -17.67 32.41 12.92
C LYS A 343 -19.11 32.82 13.23
N SER A 344 -19.97 31.87 13.56
CA SER A 344 -21.35 32.14 13.95
C SER A 344 -21.50 32.40 15.45
N TYR A 345 -20.41 32.34 16.21
CA TYR A 345 -20.40 32.61 17.64
C TYR A 345 -20.66 34.10 17.89
N THR A 346 -21.56 34.38 18.82
CA THR A 346 -21.97 35.73 19.16
C THR A 346 -22.02 35.87 20.68
N ILE A 347 -21.94 37.12 21.13
CA ILE A 347 -22.07 37.47 22.55
C ILE A 347 -23.48 37.16 23.08
N ASP A 348 -24.52 37.33 22.21
CA ASP A 348 -25.92 37.04 22.54
C ASP A 348 -26.16 35.55 22.80
N ASP A 349 -25.61 34.68 21.94
CA ASP A 349 -25.69 33.22 22.13
C ASP A 349 -24.88 32.76 23.34
N LEU A 350 -23.75 33.44 23.59
CA LEU A 350 -22.92 33.21 24.78
C LEU A 350 -23.69 33.56 26.06
N ARG A 351 -24.42 34.69 26.04
CA ARG A 351 -25.27 35.15 27.14
C ARG A 351 -26.42 34.17 27.40
N GLN A 352 -27.00 33.64 26.30
CA GLN A 352 -28.05 32.61 26.34
C GLN A 352 -27.52 31.31 26.95
N LYS A 353 -26.28 30.93 26.58
CA LYS A 353 -25.59 29.75 27.12
C LYS A 353 -25.32 29.86 28.63
N VAL A 354 -24.86 31.05 29.07
CA VAL A 354 -24.59 31.38 30.49
C VAL A 354 -25.91 31.32 31.29
N ALA A 355 -26.98 31.88 30.70
CA ALA A 355 -28.32 31.90 31.29
C ALA A 355 -28.91 30.48 31.41
N GLN A 356 -28.71 29.63 30.41
CA GLN A 356 -29.24 28.27 30.49
C GLN A 356 -28.43 27.39 31.44
N THR A 357 -27.12 27.63 31.56
CA THR A 357 -26.31 26.78 32.44
C THR A 357 -26.32 27.23 33.91
N PHE A 358 -25.87 28.48 34.17
CA PHE A 358 -25.70 29.01 35.57
C PHE A 358 -26.98 29.60 36.17
N ASN A 359 -28.02 29.83 35.40
CA ASN A 359 -29.34 30.39 35.76
C ASN A 359 -29.30 31.57 36.74
N PRO A 360 -28.78 32.77 36.37
CA PRO A 360 -28.75 33.89 37.32
C PRO A 360 -30.13 34.45 37.68
N LYS A 361 -30.20 35.01 38.89
CA LYS A 361 -31.45 35.60 39.37
C LYS A 361 -31.73 36.92 38.68
N SER A 362 -30.69 37.74 38.48
CA SER A 362 -30.82 39.07 37.93
C SER A 362 -29.98 39.22 36.67
N SER A 363 -30.39 40.18 35.83
CA SER A 363 -29.70 40.52 34.58
C SER A 363 -28.29 41.06 34.81
N GLN A 364 -28.11 41.84 35.89
CA GLN A 364 -26.81 42.40 36.30
C GLN A 364 -25.80 41.32 36.65
N GLN A 365 -26.28 40.23 37.31
CA GLN A 365 -25.48 39.05 37.63
C GLN A 365 -24.99 38.33 36.38
N LEU A 366 -25.88 38.23 35.38
CA LEU A 366 -25.60 37.66 34.06
C LEU A 366 -24.56 38.49 33.30
N THR A 367 -24.70 39.83 33.40
CA THR A 367 -23.78 40.80 32.80
C THR A 367 -22.37 40.70 33.42
N ASN A 368 -22.30 40.58 34.76
CA ASN A 368 -21.04 40.42 35.49
C ASN A 368 -20.34 39.09 35.18
N LEU A 369 -21.11 37.98 35.10
CA LEU A 369 -20.59 36.66 34.72
C LEU A 369 -20.04 36.65 33.29
N LEU A 370 -20.79 37.28 32.35
CA LEU A 370 -20.37 37.41 30.95
C LEU A 370 -19.09 38.25 30.81
N ASP A 371 -19.02 39.37 31.57
CA ASP A 371 -17.87 40.27 31.58
C ASP A 371 -16.63 39.60 32.15
N SER A 372 -16.80 38.83 33.24
CA SER A 372 -15.72 38.06 33.86
C SER A 372 -15.21 36.95 32.93
N ALA A 373 -16.13 36.25 32.23
CA ALA A 373 -15.81 35.20 31.26
C ALA A 373 -15.02 35.75 30.07
N LEU A 374 -15.42 36.94 29.58
CA LEU A 374 -14.69 37.60 28.51
C LEU A 374 -13.35 38.14 28.99
N GLU A 375 -13.27 38.51 30.28
CA GLU A 375 -12.02 39.01 30.86
C GLU A 375 -10.98 37.90 31.05
N CYS A 376 -11.44 36.65 31.20
CA CYS A 376 -10.50 35.51 31.46
C CYS A 376 -9.74 35.14 30.18
N VAL A 377 -10.38 35.25 29.02
CA VAL A 377 -9.79 34.81 27.77
C VAL A 377 -9.24 35.97 26.93
N GLN A 378 -8.92 37.10 27.61
CA GLN A 378 -8.33 38.29 26.98
C GLN A 378 -6.94 38.01 26.40
N ASP A 379 -6.12 37.27 27.13
CA ASP A 379 -4.78 36.95 26.70
C ASP A 379 -4.86 35.54 26.11
N PRO A 380 -4.67 35.37 24.79
CA PRO A 380 -4.78 34.02 24.17
C PRO A 380 -3.72 33.00 24.59
N ASN A 381 -2.57 33.45 25.08
CA ASN A 381 -1.49 32.55 25.47
C ASN A 381 -1.83 31.83 26.78
N LEU A 382 -2.51 32.50 27.70
CA LEU A 382 -2.75 31.96 29.03
C LEU A 382 -3.91 30.97 29.10
N VAL A 383 -4.67 30.77 28.02
CA VAL A 383 -5.79 29.84 28.00
C VAL A 383 -5.51 28.85 26.88
N VAL A 384 -5.59 27.55 27.17
CA VAL A 384 -5.45 26.50 26.17
C VAL A 384 -6.70 25.64 26.28
N VAL A 385 -7.45 25.54 25.19
CA VAL A 385 -8.71 24.80 25.17
C VAL A 385 -8.49 23.46 24.49
N TYR A 386 -8.77 22.38 25.21
CA TYR A 386 -8.69 21.03 24.67
C TYR A 386 -10.09 20.57 24.27
N SER A 387 -10.24 20.20 23.00
CA SER A 387 -11.51 19.73 22.45
C SER A 387 -11.27 18.47 21.64
N LEU A 388 -12.18 17.49 21.77
CA LEU A 388 -12.08 16.19 21.10
C LEU A 388 -12.20 16.29 19.58
N GLN A 389 -13.14 17.08 19.07
CA GLN A 389 -13.35 17.20 17.63
C GLN A 389 -12.33 18.07 16.90
N GLU A 390 -11.44 18.78 17.61
CA GLU A 390 -10.43 19.62 17.01
C GLU A 390 -9.02 19.11 17.23
N SER A 391 -8.65 18.82 18.47
CA SER A 391 -7.29 18.40 18.78
C SER A 391 -7.08 16.91 18.51
N GLY A 392 -7.81 16.05 19.22
CA GLY A 392 -7.62 14.61 19.08
C GLY A 392 -7.61 13.93 20.43
N ILE A 393 -7.73 12.59 20.42
CA ILE A 393 -7.81 11.79 21.63
C ILE A 393 -6.49 11.77 22.40
N ASP A 394 -5.36 11.76 21.70
CA ASP A 394 -4.05 11.64 22.33
C ASP A 394 -3.30 12.97 22.32
N GLU A 395 -4.01 14.09 22.52
CA GLU A 395 -3.43 15.42 22.43
C GLU A 395 -3.61 16.26 23.70
N PHE A 396 -4.08 15.66 24.80
CA PHE A 396 -4.29 16.40 26.05
C PHE A 396 -2.96 16.78 26.71
N ASP A 397 -1.99 15.85 26.69
CA ASP A 397 -0.62 16.11 27.16
C ASP A 397 0.09 17.17 26.31
N ASP A 398 -0.22 17.24 25.01
CA ASP A 398 0.26 18.30 24.12
C ASP A 398 -0.29 19.67 24.52
N CYS A 399 -1.57 19.70 24.94
CA CYS A 399 -2.21 20.91 25.47
C CYS A 399 -1.56 21.38 26.76
N ILE A 400 -1.21 20.42 27.64
CA ILE A 400 -0.50 20.68 28.89
C ILE A 400 0.90 21.26 28.60
N LEU A 401 1.59 20.70 27.59
CA LEU A 401 2.92 21.17 27.16
C LEU A 401 2.88 22.58 26.53
N LYS A 402 1.80 22.89 25.76
CA LYS A 402 1.58 24.22 25.20
C LYS A 402 1.32 25.25 26.30
N ALA A 403 0.56 24.85 27.34
CA ALA A 403 0.33 25.68 28.53
C ALA A 403 1.65 25.95 29.28
N ILE A 404 2.52 24.92 29.37
CA ILE A 404 3.84 25.03 30.01
C ILE A 404 4.73 26.01 29.25
N PHE A 405 4.78 25.89 27.90
CA PHE A 405 5.55 26.78 27.03
C PHE A 405 5.02 28.20 27.00
N SER A 406 3.71 28.38 27.17
CA SER A 406 3.13 29.71 27.24
C SER A 406 3.37 30.42 28.59
N SER A 407 3.77 29.69 29.63
CA SER A 407 4.01 30.24 30.96
C SER A 407 5.34 30.99 31.01
N GLN A 408 5.62 31.60 32.17
CA GLN A 408 6.86 32.34 32.36
C GLN A 408 7.91 31.39 32.94
N GLY A 409 9.01 31.22 32.20
CA GLY A 409 10.08 30.36 32.64
C GLY A 409 11.26 30.47 31.70
N LYS A 410 12.38 29.94 32.15
CA LYS A 410 13.61 29.96 31.38
C LYS A 410 13.54 28.95 30.23
N LEU A 411 14.31 29.25 29.17
CA LEU A 411 14.34 28.47 27.92
C LEU A 411 14.84 27.04 28.12
N GLY A 412 15.87 26.87 28.97
CA GLY A 412 16.42 25.55 29.31
C GLY A 412 15.43 24.64 30.01
N ASN A 413 14.66 25.20 30.95
CA ASN A 413 13.60 24.50 31.67
C ASN A 413 12.47 24.07 30.73
N LYS A 414 12.12 24.94 29.77
CA LYS A 414 11.09 24.66 28.76
C LYS A 414 11.52 23.56 27.79
N LEU A 415 12.82 23.57 27.42
CA LEU A 415 13.42 22.48 26.63
C LEU A 415 13.42 21.15 27.38
N LYS A 416 13.69 21.20 28.72
CA LYS A 416 13.60 20.02 29.59
C LYS A 416 12.19 19.44 29.64
N GLN A 417 11.17 20.33 29.76
CA GLN A 417 9.75 19.92 29.73
C GLN A 417 9.36 19.32 28.40
N ALA A 418 9.83 19.91 27.29
CA ALA A 418 9.63 19.36 25.93
C ALA A 418 10.28 17.99 25.78
N MET A 419 11.41 17.80 26.48
CA MET A 419 12.13 16.50 26.44
C MET A 419 11.28 15.48 27.20
N TYR A 420 10.73 15.87 28.36
CA TYR A 420 9.92 14.94 29.17
C TYR A 420 8.71 14.39 28.41
N PHE A 421 8.00 15.25 27.67
CA PHE A 421 6.81 14.81 26.94
C PHE A 421 7.09 14.10 25.61
N ASP A 422 8.38 14.00 25.20
CA ASP A 422 8.89 13.36 23.96
C ASP A 422 8.30 14.01 22.70
N GLN A 423 8.45 15.33 22.61
CA GLN A 423 8.01 16.16 21.49
C GLN A 423 9.23 16.86 20.91
N LEU A 424 9.88 16.18 19.97
CA LEU A 424 11.11 16.66 19.33
C LEU A 424 10.86 17.89 18.44
N ASP A 425 9.71 17.91 17.74
CA ASP A 425 9.33 19.00 16.82
C ASP A 425 9.12 20.32 17.55
N VAL A 426 8.51 20.26 18.75
CA VAL A 426 8.27 21.41 19.63
C VAL A 426 9.59 22.03 20.09
N ALA A 427 10.55 21.17 20.46
CA ALA A 427 11.91 21.57 20.87
C ALA A 427 12.69 22.19 19.71
N LYS A 428 12.56 21.62 18.50
CA LYS A 428 13.18 22.14 17.28
C LYS A 428 12.65 23.53 16.92
N ARG A 429 11.32 23.71 16.99
CA ARG A 429 10.66 24.99 16.73
C ARG A 429 11.05 26.05 17.76
N ALA A 430 11.14 25.64 19.05
CA ALA A 430 11.56 26.51 20.15
C ALA A 430 13.02 26.97 19.99
N LEU A 431 13.91 26.04 19.61
CA LEU A 431 15.33 26.35 19.35
C LEU A 431 15.50 27.28 18.15
N SER A 432 14.74 27.01 17.06
CA SER A 432 14.77 27.85 15.86
C SER A 432 14.25 29.26 16.11
N GLU A 433 13.14 29.37 16.88
CA GLU A 433 12.56 30.66 17.26
C GLU A 433 13.49 31.45 18.18
N ALA A 434 14.13 30.77 19.14
CA ALA A 434 15.11 31.38 20.04
C ALA A 434 16.35 31.84 19.28
N SER A 435 16.81 31.03 18.31
CA SER A 435 17.92 31.35 17.42
C SER A 435 17.63 32.56 16.54
N LYS A 436 16.39 32.67 16.03
CA LYS A 436 16.03 33.79 15.18
C LYS A 436 15.87 35.09 15.96
N ASN A 437 15.37 35.02 17.20
CA ASN A 437 15.09 36.22 18.00
C ASN A 437 16.30 36.75 18.80
N GLY A 438 17.53 36.34 18.47
CA GLY A 438 18.71 36.85 19.12
C GLY A 438 18.96 36.36 20.53
N GLN A 439 18.38 35.24 20.92
CA GLN A 439 18.58 34.65 22.25
C GLN A 439 19.61 33.52 22.25
N HIS A 440 20.66 33.65 21.42
CA HIS A 440 21.69 32.62 21.18
C HIS A 440 22.53 32.33 22.43
N ASN A 441 22.73 33.37 23.27
CA ASN A 441 23.52 33.30 24.51
C ASN A 441 22.86 32.34 25.50
N GLU A 442 21.52 32.43 25.63
CA GLU A 442 20.75 31.55 26.52
C GLU A 442 20.79 30.09 26.05
N ILE A 443 20.82 29.88 24.72
CA ILE A 443 20.93 28.56 24.06
C ILE A 443 22.25 27.90 24.44
N ALA A 444 23.36 28.66 24.30
CA ALA A 444 24.70 28.20 24.67
C ALA A 444 24.84 28.00 26.18
N ALA A 445 24.16 28.84 26.98
CA ALA A 445 24.19 28.71 28.43
C ALA A 445 23.41 27.48 28.92
N CYS A 446 22.38 27.03 28.20
CA CYS A 446 21.55 25.93 28.68
C CYS A 446 21.76 24.61 27.96
N ILE A 447 22.55 24.60 26.86
CA ILE A 447 22.78 23.43 26.00
C ILE A 447 23.46 22.27 26.73
N ASN A 448 24.41 22.58 27.66
CA ASN A 448 25.15 21.60 28.45
C ASN A 448 24.21 20.86 29.41
N ASP A 449 23.39 21.63 30.15
CA ASP A 449 22.43 21.09 31.12
C ASP A 449 21.31 20.32 30.43
N ASN A 450 20.89 20.79 29.24
CA ASN A 450 19.88 20.12 28.43
C ASN A 450 20.38 18.79 27.87
N LEU A 451 21.66 18.75 27.43
CA LEU A 451 22.31 17.53 26.98
C LEU A 451 22.45 16.51 28.10
N MET A 452 22.82 16.99 29.32
CA MET A 452 22.91 16.17 30.53
C MET A 452 21.56 15.56 30.92
N ALA A 453 20.51 16.39 30.87
CA ALA A 453 19.13 16.00 31.18
C ALA A 453 18.60 14.98 30.17
N ALA A 454 18.94 15.19 28.88
CA ALA A 454 18.60 14.27 27.80
C ALA A 454 19.26 12.90 27.98
N MET A 455 20.53 12.90 28.43
CA MET A 455 21.22 11.64 28.74
C MET A 455 20.60 10.89 29.92
N MET A 456 20.22 11.63 30.99
CA MET A 456 19.64 11.00 32.20
C MET A 456 18.26 10.37 31.96
N HIS A 457 17.41 11.02 31.17
CA HIS A 457 16.02 10.61 31.02
C HIS A 457 15.75 9.70 29.81
N ASN A 458 16.81 9.22 29.14
CA ASN A 458 16.84 8.25 28.02
C ASN A 458 16.04 8.76 26.81
N LYS A 459 16.54 9.86 26.23
CA LYS A 459 15.98 10.47 25.02
C LYS A 459 17.07 10.64 23.97
N PRO A 460 17.42 9.56 23.21
CA PRO A 460 18.54 9.60 22.24
C PRO A 460 18.41 10.60 21.08
N HIS A 461 17.18 10.83 20.60
CA HIS A 461 16.91 11.80 19.52
C HIS A 461 17.23 13.21 19.98
N PHE A 462 16.87 13.53 21.24
CA PHE A 462 17.20 14.80 21.87
C PHE A 462 18.71 14.95 22.08
N VAL A 463 19.42 13.83 22.38
CA VAL A 463 20.88 13.79 22.51
C VAL A 463 21.55 14.18 21.20
N GLU A 464 21.04 13.62 20.07
CA GLU A 464 21.49 13.97 18.70
C GLU A 464 21.21 15.44 18.37
N LEU A 465 20.01 15.91 18.75
CA LEU A 465 19.57 17.29 18.53
C LEU A 465 20.44 18.31 19.28
N TYR A 466 20.73 18.05 20.57
CA TYR A 466 21.55 18.96 21.37
C TYR A 466 23.01 18.92 20.96
N LEU A 467 23.54 17.72 20.60
CA LEU A 467 24.91 17.59 20.10
C LEU A 467 25.12 18.26 18.74
N GLY A 468 24.06 18.33 17.91
CA GLY A 468 24.18 18.99 16.61
C GLY A 468 24.34 20.50 16.66
N PHE A 469 23.88 21.16 17.74
CA PHE A 469 23.98 22.62 17.86
C PHE A 469 25.23 23.06 18.63
N ASP A 470 26.39 22.59 18.15
CA ASP A 470 27.77 22.96 18.55
C ASP A 470 28.06 22.79 20.04
N ALA A 471 27.53 21.72 20.62
CA ALA A 471 27.75 21.37 22.02
C ALA A 471 28.81 20.28 22.07
N LYS A 472 30.01 20.65 22.55
CA LYS A 472 31.13 19.72 22.65
C LYS A 472 30.86 18.66 23.72
N ILE A 473 31.09 17.40 23.35
CA ILE A 473 30.81 16.24 24.18
C ILE A 473 31.74 16.18 25.40
N TYR A 474 32.98 16.61 25.26
CA TYR A 474 33.96 16.58 26.34
C TYR A 474 33.95 17.83 27.22
N GLU A 475 32.94 18.69 27.09
CA GLU A 475 32.77 19.89 27.89
C GLU A 475 31.59 19.78 28.85
N LEU A 476 31.12 18.56 29.14
CA LEU A 476 30.05 18.34 30.11
C LEU A 476 30.50 18.69 31.52
N LYS A 477 29.56 19.17 32.33
CA LYS A 477 29.83 19.57 33.70
C LYS A 477 28.84 18.94 34.67
N PRO A 478 29.29 18.46 35.84
CA PRO A 478 28.35 17.91 36.83
C PRO A 478 27.48 18.99 37.47
N SER A 479 26.28 18.59 37.88
CA SER A 479 25.32 19.48 38.55
C SER A 479 25.83 19.93 39.92
N GLU A 480 26.38 19.02 40.71
CA GLU A 480 26.91 19.32 42.03
C GLU A 480 28.42 19.56 41.96
N GLU A 481 28.98 19.94 43.11
CA GLU A 481 30.41 20.20 43.25
C GLU A 481 31.06 19.04 44.00
N VAL A 482 32.14 18.51 43.44
CA VAL A 482 32.85 17.38 44.00
C VAL A 482 33.77 17.83 45.15
N ALA A 483 33.79 17.04 46.22
CA ALA A 483 34.71 17.26 47.33
C ALA A 483 36.12 16.87 46.89
N LYS A 484 37.12 17.51 47.52
CA LYS A 484 38.53 17.22 47.25
C LYS A 484 38.92 15.83 47.73
N THR A 485 39.77 15.15 46.96
CA THR A 485 40.20 13.80 47.24
C THR A 485 41.72 13.73 47.33
N ASN A 486 42.24 12.96 48.31
CA ASN A 486 43.67 12.75 48.49
C ASN A 486 44.33 11.95 47.36
N ILE A 487 43.57 11.13 46.63
CA ILE A 487 44.08 10.33 45.52
C ILE A 487 44.39 11.23 44.33
N THR A 488 45.61 11.07 43.78
CA THR A 488 46.03 11.90 42.65
C THR A 488 45.36 11.48 41.33
N ALA A 489 44.99 10.20 41.20
CA ALA A 489 44.30 9.70 40.00
C ALA A 489 42.89 10.28 39.88
N LEU A 490 42.17 10.37 41.01
CA LEU A 490 40.82 10.91 41.04
C LEU A 490 40.82 12.42 40.80
N ASP A 491 41.85 13.12 41.31
CA ASP A 491 41.95 14.57 41.14
C ASP A 491 42.36 14.96 39.73
N GLU A 492 43.02 14.06 38.98
CA GLU A 492 43.42 14.33 37.60
C GLU A 492 42.24 14.32 36.61
N LEU A 493 41.08 13.74 37.03
CA LEU A 493 39.89 13.52 36.19
C LEU A 493 39.22 14.82 35.76
N PRO A 494 38.83 14.94 34.46
CA PRO A 494 38.10 16.15 34.01
C PRO A 494 36.64 16.21 34.47
N SER A 495 35.96 17.30 34.07
CA SER A 495 34.58 17.59 34.46
C SER A 495 33.56 16.60 33.88
N PHE A 496 33.78 16.18 32.62
CA PHE A 496 32.87 15.24 31.95
C PHE A 496 32.93 13.84 32.56
N ALA A 497 34.08 13.44 33.14
CA ALA A 497 34.20 12.19 33.90
C ALA A 497 33.31 12.19 35.14
N LEU A 498 33.25 13.34 35.83
CA LEU A 498 32.36 13.57 36.96
C LEU A 498 30.90 13.60 36.52
N ALA A 499 30.65 14.10 35.29
CA ALA A 499 29.30 14.09 34.70
C ALA A 499 28.80 12.67 34.41
N ILE A 500 29.67 11.78 33.85
CA ILE A 500 29.37 10.36 33.62
C ILE A 500 29.13 9.63 34.95
N GLU A 501 29.92 10.01 35.99
CA GLU A 501 29.78 9.52 37.36
C GLU A 501 28.41 9.92 37.96
N GLU A 502 27.93 11.14 37.65
CA GLU A 502 26.60 11.62 38.03
C GLU A 502 25.47 10.84 37.37
N LEU A 503 25.71 10.37 36.12
CA LEU A 503 24.71 9.58 35.32
C LEU A 503 24.65 8.18 35.88
N TYR A 504 25.76 7.65 36.36
CA TYR A 504 25.84 6.36 37.08
C TYR A 504 25.16 6.42 38.45
N LYS A 505 25.38 7.54 39.18
CA LYS A 505 24.78 7.77 40.50
C LYS A 505 23.25 7.86 40.43
N ARG A 506 22.73 8.60 39.43
CA ARG A 506 21.27 8.75 39.26
C ARG A 506 20.63 7.41 38.91
N GLU A 507 21.27 6.62 38.03
CA GLU A 507 20.77 5.29 37.68
C GLU A 507 20.88 4.30 38.86
N ALA A 508 21.93 4.46 39.69
CA ALA A 508 22.21 3.55 40.78
C ALA A 508 21.26 3.70 41.96
N LYS A 509 20.77 4.93 42.24
CA LYS A 509 19.89 5.21 43.38
C LYS A 509 18.48 4.61 43.28
N LYS A 510 18.05 4.14 42.09
CA LYS A 510 16.77 3.47 41.87
C LYS A 510 16.75 2.12 42.59
N PRO A 511 15.57 1.69 43.11
CA PRO A 511 15.49 0.36 43.77
C PRO A 511 15.74 -0.81 42.83
N HIS A 512 16.48 -1.81 43.36
CA HIS A 512 16.87 -3.09 42.74
C HIS A 512 17.60 -2.90 41.40
N SER A 513 18.43 -1.86 41.35
CA SER A 513 19.21 -1.51 40.17
C SER A 513 20.45 -2.39 40.08
N HIS A 514 20.64 -2.97 38.90
CA HIS A 514 21.75 -3.89 38.61
C HIS A 514 23.13 -3.23 38.58
N VAL A 515 23.19 -1.90 38.38
CA VAL A 515 24.44 -1.13 38.38
C VAL A 515 25.08 -1.18 39.78
N GLN A 516 24.26 -0.94 40.83
CA GLN A 516 24.66 -0.97 42.24
C GLN A 516 25.09 -2.37 42.66
N ARG A 517 24.34 -3.40 42.20
CA ARG A 517 24.64 -4.81 42.45
C ARG A 517 25.96 -5.24 41.80
N LEU A 518 26.20 -4.77 40.56
CA LEU A 518 27.44 -5.03 39.81
C LEU A 518 28.67 -4.44 40.51
N VAL A 519 28.54 -3.17 40.96
CA VAL A 519 29.61 -2.45 41.68
C VAL A 519 29.90 -3.11 43.03
N SER A 520 28.84 -3.50 43.78
CA SER A 520 28.99 -4.17 45.08
C SER A 520 29.59 -5.58 44.95
N LEU A 521 29.15 -6.36 43.95
CA LEU A 521 29.67 -7.71 43.74
C LEU A 521 31.03 -7.74 43.06
N SER A 522 31.50 -6.60 42.50
CA SER A 522 32.83 -6.51 41.88
C SER A 522 33.98 -6.75 42.87
N ASN A 523 33.80 -6.34 44.14
CA ASN A 523 34.74 -6.41 45.28
C ASN A 523 36.07 -5.70 44.98
N THR A 524 35.98 -4.42 44.66
CA THR A 524 37.14 -3.58 44.35
C THR A 524 37.09 -2.28 45.15
N ASP A 525 38.23 -1.58 45.22
CA ASP A 525 38.32 -0.28 45.87
C ASP A 525 37.94 0.83 44.88
N VAL A 526 38.22 2.09 45.26
CA VAL A 526 37.89 3.29 44.46
C VAL A 526 38.63 3.37 43.12
N LEU A 527 39.80 2.75 43.00
CA LEU A 527 40.56 2.79 41.76
C LEU A 527 40.30 1.56 40.90
N GLY A 528 39.40 0.67 41.35
CA GLY A 528 39.01 -0.49 40.60
C GLY A 528 39.89 -1.71 40.73
N ARG A 529 41.00 -1.64 41.47
CA ARG A 529 41.88 -2.78 41.68
C ARG A 529 41.24 -3.88 42.52
N HIS A 530 41.48 -5.14 42.15
CA HIS A 530 40.86 -6.31 42.79
C HIS A 530 41.55 -6.62 44.13
N TYR A 531 41.27 -5.79 45.14
CA TYR A 531 41.83 -5.95 46.47
C TYR A 531 40.79 -5.99 47.59
N ARG A 532 39.52 -5.71 47.29
CA ARG A 532 38.33 -5.66 48.17
C ARG A 532 38.47 -4.73 49.38
N GLY A 546 38.42 4.39 55.26
CA GLY A 546 38.17 4.86 53.90
C GLY A 546 36.83 4.44 53.36
N ARG A 547 35.88 4.20 54.30
CA ARG A 547 34.51 3.81 53.95
C ARG A 547 33.76 4.90 53.21
N ASP A 548 33.96 6.18 53.64
CA ASP A 548 33.33 7.37 53.07
C ASP A 548 33.73 7.58 51.62
N LEU A 549 35.03 7.40 51.32
CA LEU A 549 35.53 7.46 49.95
C LEU A 549 35.02 6.28 49.12
N ALA A 550 34.83 5.12 49.75
CA ALA A 550 34.35 3.95 49.05
C ALA A 550 32.85 3.99 48.75
N ASN A 551 32.07 4.84 49.42
CA ASN A 551 30.65 4.95 49.10
C ASN A 551 30.25 6.23 48.38
N THR A 552 30.82 7.39 48.72
CA THR A 552 30.47 8.65 48.05
C THR A 552 30.95 8.72 46.60
N ARG A 553 32.08 8.10 46.28
CA ARG A 553 32.62 8.10 44.92
C ARG A 553 32.80 6.68 44.39
N ALA A 554 31.80 5.83 44.67
CA ALA A 554 31.79 4.43 44.24
C ALA A 554 31.54 4.22 42.75
N TYR A 555 31.11 5.25 42.01
CA TYR A 555 30.78 5.09 40.61
C TYR A 555 31.66 5.95 39.70
N ASN A 556 32.92 6.17 40.08
CA ASN A 556 33.89 6.86 39.25
C ASN A 556 34.25 6.00 38.02
N VAL A 557 34.69 6.68 36.95
CA VAL A 557 34.88 6.11 35.62
C VAL A 557 36.02 5.08 35.54
N LEU A 558 37.08 5.27 36.37
CA LEU A 558 38.23 4.36 36.40
C LEU A 558 37.84 3.00 36.96
N ARG A 559 37.04 3.01 38.05
CA ARG A 559 36.52 1.82 38.69
C ARG A 559 35.58 1.04 37.77
N MET A 560 34.70 1.78 37.04
CA MET A 560 33.79 1.21 36.04
C MET A 560 34.54 0.60 34.86
N ASP A 561 35.64 1.26 34.43
CA ASP A 561 36.56 0.78 33.40
C ASP A 561 37.18 -0.56 33.79
N GLN A 562 37.61 -0.67 35.07
CA GLN A 562 38.14 -1.92 35.63
C GLN A 562 37.09 -3.04 35.67
N ILE A 563 35.83 -2.70 36.06
CA ILE A 563 34.72 -3.67 36.13
C ILE A 563 34.38 -4.21 34.73
N PHE A 564 34.29 -3.31 33.72
CA PHE A 564 34.05 -3.68 32.32
C PHE A 564 35.22 -4.49 31.75
N ALA A 565 36.45 -4.12 32.18
CA ALA A 565 37.68 -4.83 31.82
C ALA A 565 37.66 -6.28 32.29
N ARG A 566 37.25 -6.51 33.55
CA ARG A 566 37.04 -7.88 34.05
C ARG A 566 35.90 -8.60 33.33
N LEU A 567 34.86 -7.86 32.88
CA LEU A 567 33.79 -8.48 32.10
C LEU A 567 34.24 -8.97 30.72
N VAL A 568 35.18 -8.26 30.04
CA VAL A 568 35.59 -8.68 28.68
C VAL A 568 36.44 -9.96 28.73
N SER A 569 37.61 -9.89 29.34
CA SER A 569 38.58 -11.00 29.40
C SER A 569 39.56 -10.75 30.53
N LYS A 570 40.59 -11.59 30.61
CA LYS A 570 41.59 -11.50 31.66
C LYS A 570 42.69 -10.49 31.35
N ASP A 571 42.75 -9.95 30.13
CA ASP A 571 43.83 -9.04 29.76
C ASP A 571 43.34 -7.75 29.11
N PHE A 572 42.10 -7.34 29.41
CA PHE A 572 41.63 -6.01 29.01
C PHE A 572 42.27 -4.96 29.91
N SER A 573 42.89 -3.95 29.32
CA SER A 573 43.45 -2.83 30.08
C SER A 573 43.35 -1.61 29.18
N VAL A 574 42.25 -0.86 29.32
CA VAL A 574 42.00 0.33 28.51
C VAL A 574 42.89 1.49 28.97
N ASN A 575 43.59 2.10 28.01
CA ASN A 575 44.55 3.16 28.30
C ASN A 575 43.87 4.51 28.16
N ARG A 576 43.80 5.24 29.26
CA ARG A 576 43.21 6.57 29.30
C ARG A 576 44.31 7.62 29.40
N ASP A 577 44.07 8.76 28.77
CA ASP A 577 45.02 9.87 28.79
C ASP A 577 44.17 11.12 29.02
N PHE A 578 43.99 11.47 30.29
CA PHE A 578 43.21 12.64 30.68
C PHE A 578 44.02 13.94 30.67
N THR A 579 45.32 13.87 30.36
CA THR A 579 46.16 15.07 30.29
C THR A 579 45.89 15.91 29.05
N ILE A 580 45.33 15.33 27.98
CA ILE A 580 45.06 16.04 26.73
C ILE A 580 43.91 17.05 26.80
N TYR A 581 43.10 17.06 27.86
CA TYR A 581 41.98 17.98 28.02
C TYR A 581 42.39 19.30 28.67
N ASP A 582 43.66 19.44 29.04
CA ASP A 582 44.20 20.70 29.55
C ASP A 582 44.34 21.71 28.43
N SER A 583 44.29 23.01 28.80
CA SER A 583 44.38 24.12 27.84
C SER A 583 45.73 24.27 27.14
N LYS A 584 46.81 23.67 27.67
CA LYS A 584 48.16 23.73 27.09
C LYS A 584 48.31 22.91 25.79
N TYR A 585 47.37 22.02 25.48
CA TYR A 585 47.43 21.14 24.31
C TYR A 585 46.53 21.62 23.17
N ASP A 586 46.00 22.84 23.25
CA ASP A 586 45.08 23.40 22.23
C ASP A 586 45.74 23.61 20.86
N LYS A 587 47.05 23.85 20.82
CA LYS A 587 47.76 24.09 19.56
C LYS A 587 47.97 22.84 18.72
N VAL A 588 47.83 21.65 19.31
CA VAL A 588 47.97 20.34 18.62
C VAL A 588 46.84 20.18 17.60
N PRO A 589 47.14 19.78 16.31
CA PRO A 589 46.11 19.75 15.26
C PRO A 589 44.95 18.78 15.40
N GLY A 590 45.24 17.49 15.55
CA GLY A 590 44.21 16.48 15.54
C GLY A 590 43.55 16.16 16.86
N ILE A 591 43.96 16.89 17.93
CA ILE A 591 43.58 16.65 19.33
C ILE A 591 42.06 16.76 19.54
N GLN A 592 41.39 17.68 18.79
CA GLN A 592 39.96 17.96 18.79
C GLN A 592 39.14 16.73 18.40
N PHE A 593 39.69 15.91 17.48
CA PHE A 593 39.08 14.62 17.20
C PHE A 593 39.23 13.66 18.39
N ARG A 594 40.49 13.55 18.91
CA ARG A 594 40.91 12.63 19.99
C ARG A 594 40.14 12.86 21.29
N ARG A 595 40.11 14.15 21.74
CA ARG A 595 39.33 14.67 22.89
C ARG A 595 37.86 14.32 22.78
N THR A 596 37.31 14.40 21.55
CA THR A 596 35.94 13.98 21.29
C THR A 596 35.80 12.48 21.50
N ALA A 597 36.68 11.70 20.78
CA ALA A 597 36.59 10.25 20.55
C ALA A 597 36.59 9.41 21.82
N GLN A 598 37.63 9.65 22.65
CA GLN A 598 37.88 9.09 23.99
C GLN A 598 36.68 9.28 24.90
N ALA A 599 36.18 10.56 24.94
CA ALA A 599 35.01 11.02 25.70
C ALA A 599 33.77 10.23 25.35
N SER A 600 33.56 10.12 24.01
CA SER A 600 32.48 9.39 23.33
C SER A 600 32.45 7.95 23.78
N HIS A 601 33.68 7.34 23.81
CA HIS A 601 34.01 5.97 24.22
C HIS A 601 33.50 5.66 25.61
N MET A 602 33.79 6.60 26.56
CA MET A 602 33.44 6.50 27.97
C MET A 602 31.93 6.48 28.17
N LEU A 603 31.25 7.41 27.45
CA LEU A 603 29.80 7.52 27.38
C LEU A 603 29.17 6.28 26.77
N PHE A 604 29.85 5.69 25.78
CA PHE A 604 29.39 4.45 25.09
C PHE A 604 29.41 3.31 26.07
N LEU A 605 30.45 3.22 26.85
CA LEU A 605 30.55 2.18 27.90
C LEU A 605 29.41 2.27 28.89
N TRP A 606 29.05 3.53 29.26
CA TRP A 606 27.92 3.84 30.16
C TRP A 606 26.61 3.39 29.53
N ALA A 607 26.46 3.69 28.23
CA ALA A 607 25.31 3.30 27.43
C ALA A 607 25.24 1.78 27.22
N ILE A 608 26.35 1.07 27.35
CA ILE A 608 26.29 -0.41 27.23
C ILE A 608 25.84 -0.91 28.59
N CYS A 609 26.30 -0.27 29.65
CA CYS A 609 25.92 -0.66 31.00
C CYS A 609 24.43 -0.49 31.27
N LEU A 610 23.80 0.57 30.77
CA LEU A 610 22.37 0.78 31.07
C LEU A 610 21.52 0.09 29.99
N ASP A 611 22.13 -0.48 28.95
CA ASP A 611 21.50 -1.23 27.85
C ASP A 611 20.58 -0.31 27.03
N ARG A 612 21.07 0.90 26.76
CA ARG A 612 20.39 1.88 25.91
C ARG A 612 21.10 1.82 24.56
N PHE A 613 20.53 1.02 23.63
CA PHE A 613 21.16 0.65 22.35
C PHE A 613 21.35 1.84 21.40
N ARG A 614 20.38 2.77 21.39
CA ARG A 614 20.34 3.90 20.45
C ARG A 614 21.45 4.92 20.75
N MET A 615 21.60 5.28 22.04
CA MET A 615 22.70 6.15 22.47
C MET A 615 24.06 5.47 22.31
N ALA A 616 24.12 4.14 22.56
CA ALA A 616 25.31 3.31 22.35
C ALA A 616 25.78 3.35 20.90
N ARG A 617 24.82 3.20 19.97
CA ARG A 617 25.06 3.26 18.54
C ARG A 617 25.51 4.67 18.11
N HIS A 618 24.90 5.71 18.72
CA HIS A 618 25.27 7.11 18.44
C HIS A 618 26.68 7.46 18.92
N PHE A 619 27.04 7.06 20.16
CA PHE A 619 28.39 7.31 20.69
C PHE A 619 29.43 6.42 20.02
N TRP A 620 29.02 5.23 19.59
CA TRP A 620 29.85 4.33 18.79
C TRP A 620 30.16 4.96 17.43
N LEU A 621 29.15 5.60 16.82
CA LEU A 621 29.33 6.30 15.55
C LEU A 621 30.21 7.56 15.67
N ILE A 622 30.06 8.32 16.78
CA ILE A 622 30.87 9.54 17.02
C ILE A 622 32.36 9.22 17.19
N GLY A 623 32.68 8.20 17.98
CA GLY A 623 34.05 7.83 18.24
C GLY A 623 34.70 7.04 17.12
N ASP A 624 35.88 6.51 17.42
CA ASP A 624 36.61 5.73 16.44
C ASP A 624 36.73 4.31 16.99
N GLN A 625 37.49 3.46 16.26
CA GLN A 625 37.77 2.04 16.52
C GLN A 625 36.47 1.25 16.62
N SER A 626 35.66 1.35 15.55
CA SER A 626 34.25 0.92 15.47
C SER A 626 34.06 -0.59 15.65
N ILE A 627 34.90 -1.38 14.97
CA ILE A 627 34.80 -2.84 14.91
C ILE A 627 35.09 -3.47 16.27
N ILE A 628 36.20 -3.03 16.90
CA ILE A 628 36.68 -3.52 18.18
C ILE A 628 35.72 -3.14 19.31
N ASN A 629 35.17 -1.92 19.26
CA ASN A 629 34.19 -1.41 20.23
C ASN A 629 32.85 -2.15 20.14
N ALA A 630 32.43 -2.50 18.91
CA ALA A 630 31.22 -3.30 18.71
C ALA A 630 31.37 -4.72 19.26
N LEU A 631 32.55 -5.36 19.03
CA LEU A 631 32.88 -6.68 19.59
C LEU A 631 32.93 -6.66 21.13
N VAL A 632 33.56 -5.61 21.69
CA VAL A 632 33.68 -5.38 23.14
C VAL A 632 32.29 -5.17 23.76
N ALA A 633 31.43 -4.40 23.05
CA ALA A 633 30.04 -4.11 23.42
C ALA A 633 29.18 -5.37 23.46
N SER A 634 29.36 -6.23 22.44
CA SER A 634 28.68 -7.53 22.33
C SER A 634 29.08 -8.45 23.48
N ARG A 635 30.39 -8.48 23.79
CA ARG A 635 30.95 -9.27 24.89
C ARG A 635 30.46 -8.82 26.27
N ILE A 636 30.40 -7.52 26.50
CA ILE A 636 29.96 -6.97 27.81
C ILE A 636 28.47 -7.27 28.00
N LEU A 637 27.64 -7.01 27.00
CA LEU A 637 26.20 -7.30 27.08
C LEU A 637 25.91 -8.80 27.26
N GLU A 638 26.66 -9.66 26.54
CA GLU A 638 26.54 -11.13 26.68
C GLU A 638 26.97 -11.61 28.07
N ARG A 639 28.06 -11.06 28.62
CA ARG A 639 28.53 -11.45 29.96
C ARG A 639 27.63 -10.90 31.06
N LEU A 640 27.10 -9.67 30.86
CA LEU A 640 26.18 -9.05 31.81
C LEU A 640 24.85 -9.78 31.87
N SER A 641 24.35 -10.27 30.70
CA SER A 641 23.08 -11.00 30.62
C SER A 641 23.06 -12.33 31.42
N THR A 642 24.22 -12.95 31.67
CA THR A 642 24.34 -14.14 32.49
C THR A 642 25.07 -13.87 33.80
N HIS A 643 25.28 -12.61 34.16
CA HIS A 643 25.99 -12.22 35.37
C HIS A 643 25.08 -12.37 36.59
N ARG A 644 25.70 -12.43 37.78
CA ARG A 644 25.01 -12.52 39.06
C ARG A 644 24.21 -11.27 39.42
N ALA A 645 24.59 -10.10 38.88
CA ALA A 645 23.88 -8.86 39.19
C ALA A 645 22.57 -8.72 38.44
N LEU A 646 22.36 -9.48 37.37
CA LEU A 646 21.18 -9.38 36.54
C LEU A 646 20.18 -10.51 36.77
N GLN A 647 20.47 -11.46 37.67
CA GLN A 647 19.51 -12.51 37.94
C GLN A 647 18.48 -11.98 38.94
N GLY A 648 17.22 -12.31 38.69
CA GLY A 648 16.14 -11.83 39.49
C GLY A 648 14.84 -11.92 38.71
N PRO A 649 13.70 -12.07 39.42
CA PRO A 649 12.38 -12.20 38.74
C PRO A 649 11.94 -11.02 37.87
N HIS A 650 12.32 -9.81 38.25
CA HIS A 650 11.90 -8.56 37.61
C HIS A 650 12.84 -8.14 36.47
N LEU A 651 13.99 -8.79 36.34
CA LEU A 651 15.04 -8.38 35.40
C LEU A 651 15.06 -9.14 34.08
N ALA A 652 14.08 -10.04 33.86
CA ALA A 652 14.02 -10.99 32.73
C ALA A 652 14.06 -10.30 31.35
N GLU A 653 13.21 -9.28 31.18
CA GLU A 653 13.10 -8.57 29.88
C GLU A 653 14.40 -7.82 29.67
N GLU A 654 14.89 -7.15 30.69
CA GLU A 654 16.19 -6.46 30.67
C GLU A 654 17.30 -7.36 30.12
N ARG A 655 17.40 -8.59 30.68
CA ARG A 655 18.35 -9.65 30.27
C ARG A 655 18.22 -10.00 28.78
N ALA A 656 16.94 -10.24 28.35
CA ALA A 656 16.55 -10.54 26.96
C ALA A 656 17.01 -9.43 26.01
N LYS A 657 16.73 -8.17 26.42
CA LYS A 657 17.11 -6.93 25.73
C LYS A 657 18.63 -6.87 25.51
N MET A 658 19.41 -7.17 26.58
CA MET A 658 20.89 -7.24 26.57
C MET A 658 21.42 -8.20 25.49
N GLN A 659 20.91 -9.47 25.51
CA GLN A 659 21.26 -10.49 24.49
C GLN A 659 20.96 -10.03 23.07
N HIS A 660 19.74 -9.47 22.86
CA HIS A 660 19.28 -8.89 21.60
C HIS A 660 20.22 -7.79 21.08
N ASN A 661 20.53 -6.81 21.96
CA ASN A 661 21.45 -5.69 21.68
C ASN A 661 22.86 -6.17 21.34
N ALA A 662 23.35 -7.19 22.11
CA ALA A 662 24.63 -7.89 21.91
C ALA A 662 24.74 -8.43 20.49
N LYS A 663 23.67 -9.17 20.08
CA LYS A 663 23.53 -9.77 18.75
C LYS A 663 23.59 -8.70 17.66
N LYS A 664 22.86 -7.57 17.88
CA LYS A 664 22.83 -6.40 16.98
C LYS A 664 24.22 -5.79 16.78
N PHE A 665 24.96 -5.59 17.89
CA PHE A 665 26.33 -5.05 17.87
C PHE A 665 27.30 -5.98 17.13
N GLU A 666 27.14 -7.31 17.35
CA GLU A 666 27.88 -8.35 16.62
C GLU A 666 27.68 -8.22 15.11
N GLU A 667 26.40 -8.03 14.69
CA GLU A 667 25.99 -7.79 13.28
C GLU A 667 26.67 -6.55 12.71
N LEU A 668 26.68 -5.45 13.50
CA LEU A 668 27.39 -4.19 13.16
C LEU A 668 28.88 -4.41 12.90
N ALA A 669 29.56 -5.15 13.81
CA ALA A 669 30.99 -5.50 13.71
C ALA A 669 31.32 -6.29 12.44
N VAL A 670 30.42 -7.23 12.09
CA VAL A 670 30.48 -8.04 10.87
C VAL A 670 30.28 -7.15 9.65
N GLY A 671 29.25 -6.28 9.71
CA GLY A 671 28.83 -5.43 8.60
C GLY A 671 29.89 -4.43 8.16
N VAL A 672 30.43 -3.66 9.14
CA VAL A 672 31.55 -2.71 8.95
C VAL A 672 32.77 -3.43 8.36
N LEU A 673 33.11 -4.64 8.94
CA LEU A 673 34.20 -5.53 8.48
C LEU A 673 34.05 -5.93 7.00
N GLY A 674 32.81 -6.35 6.65
CA GLY A 674 32.40 -6.68 5.28
C GLY A 674 32.58 -5.53 4.31
N GLU A 675 32.13 -4.33 4.74
CA GLU A 675 32.29 -3.08 3.98
C GLU A 675 33.76 -2.76 3.69
N CYS A 676 34.62 -2.91 4.72
CA CYS A 676 36.08 -2.75 4.63
C CYS A 676 36.67 -3.71 3.60
N HIS A 677 36.27 -5.00 3.67
CA HIS A 677 36.73 -6.03 2.74
C HIS A 677 36.21 -5.78 1.32
N GLY A 678 35.01 -5.17 1.20
CA GLY A 678 34.49 -4.78 -0.10
C GLY A 678 35.25 -3.63 -0.71
N SER A 679 35.73 -2.70 0.12
CA SER A 679 36.34 -1.49 -0.44
C SER A 679 37.80 -1.75 -0.82
N ASP A 680 38.59 -2.28 0.10
CA ASP A 680 40.01 -2.53 -0.12
C ASP A 680 40.33 -3.68 0.81
N SER A 681 40.50 -4.89 0.25
CA SER A 681 40.77 -6.12 1.02
C SER A 681 42.12 -6.11 1.74
N HIS A 682 43.16 -5.58 1.06
CA HIS A 682 44.51 -5.47 1.61
C HIS A 682 44.58 -4.50 2.79
N MET A 683 43.90 -3.34 2.67
CA MET A 683 43.82 -2.35 3.73
C MET A 683 43.00 -2.87 4.91
N ALA A 684 41.96 -3.67 4.61
CA ALA A 684 41.16 -4.36 5.62
C ALA A 684 41.99 -5.40 6.38
N SER A 685 42.88 -6.10 5.64
CA SER A 685 43.82 -7.06 6.24
C SER A 685 44.82 -6.36 7.15
N GLU A 686 45.31 -5.17 6.73
CA GLU A 686 46.18 -4.32 7.53
C GLU A 686 45.47 -3.84 8.80
N MET A 687 44.18 -3.49 8.67
CA MET A 687 43.32 -3.10 9.78
C MET A 687 43.13 -4.25 10.78
N LEU A 688 42.87 -5.47 10.27
CA LEU A 688 42.70 -6.64 11.13
C LEU A 688 44.01 -7.09 11.75
N HIS A 689 45.15 -6.78 11.13
CA HIS A 689 46.47 -7.11 11.66
C HIS A 689 47.06 -6.05 12.56
N SER A 690 46.44 -4.88 12.65
CA SER A 690 46.99 -3.77 13.43
C SER A 690 46.87 -4.02 14.93
N LYS A 691 47.97 -3.95 15.66
CA LYS A 691 47.90 -4.11 17.13
C LYS A 691 47.34 -2.82 17.69
N ASN A 692 46.43 -2.88 18.65
CA ASN A 692 45.76 -1.65 19.10
C ASN A 692 46.34 -1.20 20.43
N ASP A 693 46.82 0.04 20.51
CA ASP A 693 47.51 0.48 21.75
C ASP A 693 46.50 0.43 22.89
N MET A 694 45.31 0.97 22.66
CA MET A 694 44.24 0.79 23.66
C MET A 694 43.85 -0.66 23.46
N PHE A 695 43.34 -1.36 24.46
CA PHE A 695 43.03 -2.80 24.27
C PHE A 695 44.29 -3.67 24.39
N ASN A 696 45.38 -3.14 24.92
CA ASN A 696 46.60 -3.95 25.22
C ASN A 696 47.34 -4.55 24.03
N LYS A 697 47.42 -3.84 22.91
CA LYS A 697 48.25 -4.32 21.77
C LYS A 697 47.82 -5.70 21.28
N LYS A 698 46.54 -6.03 21.37
CA LYS A 698 46.07 -7.30 20.77
C LYS A 698 45.47 -6.98 19.42
N ASN A 699 45.70 -7.83 18.42
CA ASN A 699 44.99 -7.56 17.13
C ASN A 699 43.49 -7.78 17.31
N ALA A 700 42.68 -7.23 16.41
CA ALA A 700 41.22 -7.33 16.49
C ALA A 700 40.68 -8.76 16.43
N ILE A 701 41.38 -9.67 15.74
CA ILE A 701 40.99 -11.07 15.64
C ILE A 701 41.12 -11.76 17.01
N ASN A 702 42.18 -11.40 17.76
CA ASN A 702 42.41 -11.83 19.14
C ASN A 702 41.29 -11.34 20.07
N ILE A 703 40.84 -10.10 19.84
CA ILE A 703 39.71 -9.48 20.55
C ILE A 703 38.43 -10.25 20.28
N ALA A 704 38.19 -10.59 18.99
CA ALA A 704 37.02 -11.33 18.50
C ALA A 704 36.95 -12.75 19.05
N TYR A 705 38.10 -13.43 19.11
CA TYR A 705 38.19 -14.76 19.70
C TYR A 705 37.94 -14.70 21.21
N ASP A 706 38.51 -13.68 21.88
CA ASP A 706 38.29 -13.47 23.30
C ASP A 706 36.85 -13.07 23.60
N ALA A 707 36.18 -12.38 22.67
CA ALA A 707 34.77 -12.04 22.83
C ALA A 707 33.81 -13.14 22.43
N LYS A 708 34.33 -14.29 21.93
CA LYS A 708 33.60 -15.49 21.47
C LYS A 708 32.58 -15.15 20.38
N SER A 709 32.97 -14.26 19.47
CA SER A 709 32.14 -13.84 18.36
C SER A 709 32.37 -14.81 17.20
N LEU A 710 31.51 -15.84 17.17
CA LEU A 710 31.55 -16.89 16.16
C LEU A 710 31.26 -16.37 14.75
N ALA A 711 30.33 -15.40 14.67
CA ALA A 711 29.93 -14.76 13.40
C ALA A 711 31.07 -13.99 12.75
N PHE A 712 31.86 -13.27 13.57
CA PHE A 712 33.02 -12.51 13.08
C PHE A 712 34.12 -13.43 12.57
N LEU A 713 34.39 -14.52 13.29
CA LEU A 713 35.43 -15.48 12.94
C LEU A 713 35.07 -16.28 11.69
N SER A 714 33.78 -16.52 11.45
CA SER A 714 33.34 -17.27 10.28
C SER A 714 33.22 -16.43 9.02
N HIS A 715 33.41 -15.10 9.12
CA HIS A 715 33.31 -14.19 7.98
C HIS A 715 34.46 -14.45 7.00
N PRO A 716 34.22 -14.33 5.67
CA PRO A 716 35.29 -14.57 4.65
C PRO A 716 36.54 -13.69 4.73
N ALA A 717 36.38 -12.42 5.17
CA ALA A 717 37.49 -11.49 5.32
C ALA A 717 38.46 -11.93 6.41
N THR A 718 37.91 -12.31 7.58
CA THR A 718 38.68 -12.81 8.73
C THR A 718 39.38 -14.11 8.40
N GLN A 719 38.68 -15.01 7.68
CA GLN A 719 39.21 -16.31 7.23
C GLN A 719 40.33 -16.15 6.21
N SER A 720 40.20 -15.15 5.32
CA SER A 720 41.23 -14.80 4.35
C SER A 720 42.51 -14.30 5.02
N VAL A 721 42.36 -13.46 6.06
CA VAL A 721 43.50 -12.97 6.87
C VAL A 721 44.20 -14.13 7.61
N ILE A 722 43.39 -15.07 8.18
CA ILE A 722 43.88 -16.27 8.90
C ILE A 722 44.63 -17.22 7.95
N ASN A 723 44.12 -17.39 6.72
CA ASN A 723 44.79 -18.19 5.67
C ASN A 723 46.10 -17.54 5.21
N ALA A 724 46.09 -16.20 5.06
CA ALA A 724 47.30 -15.43 4.76
C ALA A 724 48.36 -15.57 5.86
N ASP A 725 47.92 -15.57 7.13
CA ASP A 725 48.78 -15.85 8.28
C ASP A 725 49.31 -17.28 8.28
N TRP A 726 48.45 -18.24 7.86
CA TRP A 726 48.82 -19.66 7.73
C TRP A 726 49.96 -19.87 6.73
N TYR A 727 49.86 -19.24 5.55
CA TYR A 727 50.89 -19.49 4.54
C TYR A 727 52.14 -18.64 4.73
N GLY A 728 52.12 -17.63 5.64
CA GLY A 728 53.25 -16.76 5.91
C GLY A 728 53.68 -15.94 4.72
N HIS A 729 54.99 -15.92 4.44
CA HIS A 729 55.55 -15.21 3.28
C HIS A 729 55.62 -16.09 2.03
N LEU A 730 54.57 -16.89 1.85
CA LEU A 730 54.51 -17.78 0.69
C LEU A 730 53.27 -17.39 -0.09
N LYS A 731 53.16 -17.87 -1.33
CA LYS A 731 52.00 -17.54 -2.17
C LYS A 731 50.80 -18.35 -1.66
N SER A 732 49.59 -17.90 -1.98
CA SER A 732 48.40 -18.66 -1.57
C SER A 732 48.03 -19.84 -2.48
N VAL A 733 48.58 -19.94 -3.71
CA VAL A 733 48.27 -21.02 -4.63
C VAL A 733 49.04 -22.32 -4.36
N THR A 734 49.92 -22.34 -3.35
CA THR A 734 50.70 -23.52 -2.98
C THR A 734 49.82 -24.63 -2.41
N SER A 735 50.04 -25.85 -2.90
CA SER A 735 49.28 -27.03 -2.49
C SER A 735 50.05 -27.78 -1.41
N PHE A 736 49.38 -28.80 -0.85
CA PHE A 736 49.92 -29.69 0.18
C PHE A 736 51.17 -30.43 -0.30
N TRP A 737 51.10 -30.97 -1.53
CA TRP A 737 52.18 -31.75 -2.14
C TRP A 737 53.42 -30.90 -2.44
N ALA A 738 53.22 -29.64 -2.90
CA ALA A 738 54.31 -28.71 -3.22
C ALA A 738 55.12 -28.33 -1.97
N VAL A 739 54.43 -27.98 -0.87
CA VAL A 739 55.07 -27.62 0.39
C VAL A 739 55.74 -28.84 1.03
N LEU A 740 55.09 -30.03 0.91
CA LEU A 740 55.64 -31.30 1.40
C LEU A 740 56.91 -31.71 0.63
N PHE A 741 56.90 -31.52 -0.70
CA PHE A 741 58.04 -31.79 -1.58
C PHE A 741 59.19 -30.85 -1.30
N ALA A 742 58.87 -29.55 -1.10
CA ALA A 742 59.86 -28.54 -0.72
C ALA A 742 60.45 -28.81 0.66
N PHE A 743 59.63 -29.34 1.59
CA PHE A 743 60.10 -29.79 2.90
C PHE A 743 61.07 -30.96 2.77
N PHE A 744 60.78 -31.89 1.84
CA PHE A 744 61.64 -33.06 1.71
C PHE A 744 62.88 -32.77 0.87
N PHE A 745 62.76 -31.84 -0.08
CA PHE A 745 63.85 -31.45 -0.99
C PHE A 745 64.06 -29.94 -0.85
N PRO A 746 64.84 -29.50 0.17
CA PRO A 746 65.03 -28.04 0.38
C PRO A 746 65.85 -27.32 -0.69
N PHE A 747 66.94 -27.95 -1.15
CA PHE A 747 67.85 -27.33 -2.10
C PHE A 747 67.44 -27.50 -3.55
N PHE A 748 66.32 -28.18 -3.82
CA PHE A 748 65.87 -28.44 -5.17
C PHE A 748 64.51 -27.84 -5.51
N VAL A 749 63.79 -27.28 -4.54
CA VAL A 749 62.45 -26.76 -4.83
C VAL A 749 62.32 -25.28 -4.44
N LEU A 750 63.12 -24.85 -3.46
CA LEU A 750 63.12 -23.44 -3.02
C LEU A 750 63.56 -22.40 -4.07
N PRO A 751 64.62 -22.54 -4.89
CA PRO A 751 64.93 -21.50 -5.89
C PRO A 751 63.82 -21.39 -6.94
N PHE A 752 63.20 -22.50 -7.32
CA PHE A 752 62.18 -22.57 -8.36
C PHE A 752 60.77 -22.33 -7.81
N ILE A 753 60.65 -21.51 -6.76
CA ILE A 753 59.38 -21.19 -6.13
C ILE A 753 59.24 -19.68 -6.02
N ASN A 754 57.99 -19.23 -5.89
CA ASN A 754 57.64 -17.82 -5.78
C ASN A 754 57.30 -17.49 -4.34
N PHE A 755 57.91 -16.42 -3.82
CA PHE A 755 57.77 -16.03 -2.42
C PHE A 755 57.04 -14.68 -2.36
N SER A 756 55.73 -14.74 -2.14
CA SER A 756 54.90 -13.55 -2.04
C SER A 756 55.11 -12.83 -0.70
N GLY A 787 73.27 -17.48 -2.90
CA GLY A 787 73.70 -16.23 -2.30
C GLY A 787 73.23 -16.07 -0.87
N ALA A 788 73.98 -15.26 -0.11
CA ALA A 788 73.68 -14.96 1.30
C ALA A 788 72.37 -14.21 1.46
N HIS A 789 72.09 -13.25 0.58
CA HIS A 789 70.86 -12.47 0.64
C HIS A 789 69.64 -13.23 0.14
N ARG A 790 69.80 -14.30 -0.64
CA ARG A 790 68.67 -15.01 -1.22
C ARG A 790 68.30 -16.31 -0.49
N LEU A 791 69.27 -17.24 -0.36
CA LEU A 791 69.07 -18.59 0.21
C LEU A 791 68.69 -18.56 1.69
N ARG A 792 69.40 -17.72 2.48
CA ARG A 792 69.18 -17.56 3.92
C ARG A 792 67.80 -16.95 4.19
N ARG A 793 67.42 -15.97 3.35
CA ARG A 793 66.11 -15.32 3.43
C ARG A 793 64.97 -16.29 3.12
N LYS A 794 65.13 -17.13 2.07
CA LYS A 794 64.12 -18.14 1.72
C LYS A 794 63.98 -19.23 2.79
N PHE A 795 65.12 -19.67 3.37
CA PHE A 795 65.13 -20.64 4.46
C PHE A 795 64.51 -20.08 5.73
N ALA A 796 64.80 -18.81 6.05
CA ALA A 796 64.23 -18.17 7.23
C ALA A 796 62.75 -17.85 7.05
N LYS A 797 62.28 -17.62 5.82
CA LYS A 797 60.87 -17.30 5.62
C LYS A 797 59.97 -18.53 5.51
N PHE A 798 60.42 -19.54 4.73
CA PHE A 798 59.61 -20.75 4.46
C PHE A 798 59.40 -21.61 5.71
N TYR A 799 60.43 -21.79 6.52
CA TYR A 799 60.37 -22.68 7.67
C TYR A 799 59.86 -22.00 8.94
N SER A 800 59.59 -20.69 8.90
CA SER A 800 58.94 -19.99 9.99
C SER A 800 57.43 -19.94 9.83
N ALA A 801 56.93 -20.35 8.66
CA ALA A 801 55.50 -20.36 8.36
C ALA A 801 54.77 -21.42 9.22
N PRO A 802 53.59 -21.08 9.77
CA PRO A 802 52.78 -22.07 10.54
C PRO A 802 52.34 -23.32 9.78
N TYR A 803 52.13 -23.19 8.46
CA TYR A 803 51.76 -24.30 7.59
C TYR A 803 52.85 -25.36 7.51
N THR A 804 54.11 -24.90 7.38
CA THR A 804 55.30 -25.76 7.33
C THR A 804 55.52 -26.50 8.65
N ARG A 805 55.31 -25.79 9.78
CA ARG A 805 55.39 -26.37 11.12
C ARG A 805 54.29 -27.40 11.38
N PHE A 806 53.07 -27.11 10.87
CA PHE A 806 51.94 -28.05 10.93
C PHE A 806 52.22 -29.32 10.14
N ILE A 807 52.81 -29.17 8.93
CA ILE A 807 53.16 -30.29 8.05
C ILE A 807 54.28 -31.13 8.68
N SER A 808 55.27 -30.47 9.31
CA SER A 808 56.37 -31.12 10.04
C SER A 808 55.88 -31.91 11.25
N ASP A 809 54.94 -31.32 12.01
CA ASP A 809 54.30 -31.99 13.14
C ASP A 809 53.45 -33.19 12.70
N LEU A 810 52.70 -33.05 11.62
CA LEU A 810 51.91 -34.16 11.04
C LEU A 810 52.87 -35.29 10.67
N LEU A 811 53.85 -35.04 9.80
CA LEU A 811 54.78 -36.06 9.35
C LEU A 811 55.49 -36.74 10.51
N SER A 812 55.89 -35.94 11.51
CA SER A 812 56.54 -36.43 12.74
C SER A 812 55.66 -37.36 13.54
N HIS A 813 54.38 -36.98 13.71
CA HIS A 813 53.41 -37.80 14.45
C HIS A 813 53.07 -39.07 13.67
N PHE A 814 53.03 -38.97 12.31
CA PHE A 814 52.81 -40.13 11.45
C PHE A 814 53.96 -41.14 11.54
N VAL A 815 55.18 -40.65 11.63
CA VAL A 815 56.36 -41.55 11.77
C VAL A 815 56.28 -42.15 13.16
N LEU A 816 55.99 -41.34 14.15
CA LEU A 816 55.83 -41.84 15.52
C LEU A 816 54.81 -42.98 15.64
N CYS A 817 53.65 -42.81 14.97
CA CYS A 817 52.60 -43.84 14.90
C CYS A 817 53.08 -45.12 14.20
N VAL A 818 53.75 -44.98 13.03
CA VAL A 818 54.27 -46.12 12.24
C VAL A 818 55.38 -46.88 12.99
N VAL A 819 56.35 -46.13 13.57
CA VAL A 819 57.51 -46.69 14.29
C VAL A 819 57.07 -47.36 15.60
N THR A 820 56.13 -46.71 16.33
CA THR A 820 55.59 -47.25 17.58
C THR A 820 54.72 -48.48 17.30
N SER A 821 53.97 -48.47 16.17
CA SER A 821 53.18 -49.60 15.68
C SER A 821 54.04 -50.80 15.34
N TYR A 822 55.19 -50.56 14.66
CA TYR A 822 56.20 -51.57 14.36
C TYR A 822 56.80 -52.16 15.63
N PHE A 823 57.09 -51.28 16.61
CA PHE A 823 57.68 -51.65 17.91
C PHE A 823 56.75 -52.58 18.70
N VAL A 824 55.44 -52.29 18.69
CA VAL A 824 54.43 -53.09 19.44
C VAL A 824 54.09 -54.37 18.68
N LEU A 825 54.21 -54.40 17.35
CA LEU A 825 54.00 -55.65 16.61
C LEU A 825 55.19 -56.61 16.68
N ASP A 826 56.41 -56.11 16.55
CA ASP A 826 57.61 -56.94 16.65
C ASP A 826 57.82 -57.30 18.11
N LYS A 827 58.40 -58.49 18.34
CA LYS A 827 58.62 -59.01 19.68
C LYS A 827 59.69 -58.21 20.43
N LEU A 828 59.50 -58.12 21.73
CA LEU A 828 60.47 -57.44 22.58
C LEU A 828 61.66 -58.35 22.83
N GLU A 829 62.83 -57.75 22.91
CA GLU A 829 64.06 -58.47 23.18
C GLU A 829 64.29 -58.59 24.68
N ASP A 830 65.30 -59.39 25.04
CA ASP A 830 65.68 -59.62 26.44
C ASP A 830 66.37 -58.43 27.12
N THR A 831 66.75 -57.39 26.39
CA THR A 831 67.28 -56.13 26.90
C THR A 831 66.49 -55.02 26.23
N ILE A 832 66.76 -53.78 26.63
CA ILE A 832 66.11 -52.62 26.04
C ILE A 832 66.70 -52.37 24.66
N SER A 833 65.85 -52.44 23.63
CA SER A 833 66.31 -52.32 22.25
C SER A 833 66.54 -50.88 21.87
N ALA A 834 67.17 -50.69 20.70
CA ALA A 834 67.50 -49.36 20.15
C ALA A 834 66.27 -48.52 19.81
N ILE A 835 65.23 -49.16 19.24
CA ILE A 835 63.96 -48.53 18.89
C ILE A 835 63.21 -48.06 20.14
N GLU A 836 63.33 -48.82 21.25
CA GLU A 836 62.78 -48.48 22.57
C GLU A 836 63.43 -47.21 23.14
N TRP A 837 64.77 -47.10 22.99
CA TRP A 837 65.51 -45.91 23.42
C TRP A 837 65.13 -44.67 22.61
N ILE A 838 64.95 -44.83 21.28
CA ILE A 838 64.51 -43.76 20.36
C ILE A 838 63.12 -43.25 20.73
N LEU A 839 62.19 -44.19 21.02
CA LEU A 839 60.83 -43.87 21.48
C LEU A 839 60.81 -43.22 22.86
N LEU A 840 61.74 -43.65 23.75
CA LEU A 840 61.89 -43.04 25.09
C LEU A 840 62.30 -41.56 25.01
N VAL A 841 63.30 -41.25 24.14
CA VAL A 841 63.79 -39.88 23.87
C VAL A 841 62.68 -39.03 23.24
N TRP A 842 61.94 -39.64 22.29
CA TRP A 842 60.80 -39.04 21.56
C TRP A 842 59.66 -38.65 22.51
N PHE A 843 59.28 -39.55 23.42
CA PHE A 843 58.18 -39.24 24.36
C PHE A 843 58.58 -38.33 25.51
N VAL A 844 59.86 -38.30 25.86
CA VAL A 844 60.31 -37.31 26.87
C VAL A 844 60.16 -35.96 26.18
N ALA A 845 60.59 -35.89 24.93
CA ALA A 845 60.53 -34.65 24.13
C ALA A 845 59.10 -34.18 24.05
N LEU A 846 58.21 -35.09 23.77
CA LEU A 846 56.77 -34.81 23.70
C LEU A 846 56.22 -34.31 25.04
N LEU A 847 56.68 -34.93 26.14
CA LEU A 847 56.31 -34.52 27.51
C LEU A 847 56.78 -33.11 27.84
N LEU A 848 58.03 -32.78 27.43
CA LEU A 848 58.59 -31.43 27.59
C LEU A 848 57.84 -30.39 26.77
N GLU A 849 57.41 -30.78 25.54
CA GLU A 849 56.59 -29.94 24.68
C GLU A 849 55.21 -29.67 25.31
N GLU A 850 54.61 -30.71 25.95
CA GLU A 850 53.36 -30.57 26.69
C GLU A 850 53.50 -29.65 27.91
N LEU A 851 54.64 -29.76 28.64
CA LEU A 851 54.96 -28.86 29.76
C LEU A 851 55.12 -27.41 29.31
N ARG A 852 55.79 -27.21 28.14
CA ARG A 852 55.98 -25.90 27.52
C ARG A 852 54.63 -25.29 27.13
N GLN A 853 53.72 -26.13 26.60
CA GLN A 853 52.35 -25.74 26.28
C GLN A 853 51.57 -25.36 27.55
N MET A 854 51.79 -26.10 28.66
CA MET A 854 51.18 -25.76 29.96
C MET A 854 51.62 -24.39 30.47
N ILE A 855 52.94 -24.10 30.37
CA ILE A 855 53.49 -22.81 30.83
C ILE A 855 53.02 -21.65 29.96
N PHE A 856 53.07 -21.78 28.64
CA PHE A 856 52.75 -20.62 27.76
C PHE A 856 51.28 -20.50 27.32
N CYS A 857 50.34 -21.27 27.87
CA CYS A 857 48.94 -21.07 27.53
C CYS A 857 48.31 -20.03 28.46
N ASP A 858 47.01 -19.83 28.28
CA ASP A 858 46.16 -18.96 29.10
C ASP A 858 45.57 -19.71 30.30
N GLY A 859 46.42 -20.37 31.08
CA GLY A 859 46.04 -21.10 32.26
C GLY A 859 45.94 -22.60 32.02
N ILE A 860 45.94 -23.34 33.12
CA ILE A 860 45.85 -24.81 33.16
C ILE A 860 44.49 -25.29 32.62
N ALA A 861 43.42 -24.53 32.92
CA ALA A 861 42.05 -24.78 32.47
C ALA A 861 41.89 -24.69 30.95
N GLU A 862 42.52 -23.69 30.32
CA GLU A 862 42.52 -23.50 28.87
C GLU A 862 43.21 -24.65 28.15
N TYR A 863 44.30 -25.17 28.73
CA TYR A 863 45.06 -26.29 28.12
C TYR A 863 44.29 -27.58 28.30
N ILE A 864 43.72 -27.80 29.49
CA ILE A 864 43.01 -29.04 29.77
C ILE A 864 41.61 -29.09 29.15
N SER A 865 41.07 -27.94 28.68
CA SER A 865 39.80 -27.89 27.97
C SER A 865 39.86 -28.64 26.63
N ASP A 866 41.00 -28.51 25.92
CA ASP A 866 41.23 -29.15 24.62
C ASP A 866 41.32 -30.66 24.80
N THR A 867 40.64 -31.41 23.92
CA THR A 867 40.64 -32.88 23.99
C THR A 867 41.95 -33.50 23.53
N TRP A 868 42.67 -32.85 22.59
CA TRP A 868 43.95 -33.33 22.07
C TRP A 868 45.06 -33.26 23.11
N ASN A 869 45.03 -32.25 24.00
CA ASN A 869 45.95 -32.17 25.14
C ASN A 869 45.72 -33.30 26.14
N ARG A 870 44.44 -33.65 26.37
CA ARG A 870 44.06 -34.79 27.22
C ARG A 870 44.55 -36.11 26.63
N LEU A 871 44.41 -36.26 25.30
CA LEU A 871 44.91 -37.41 24.54
C LEU A 871 46.44 -37.51 24.61
N ASP A 872 47.13 -36.34 24.58
CA ASP A 872 48.58 -36.25 24.72
C ASP A 872 49.05 -36.75 26.08
N LEU A 873 48.35 -36.31 27.16
CA LEU A 873 48.66 -36.73 28.54
C LEU A 873 48.43 -38.22 28.78
N ILE A 874 47.30 -38.76 28.26
CA ILE A 874 46.97 -40.19 28.32
C ILE A 874 48.00 -41.02 27.55
N MET A 875 48.39 -40.55 26.34
CA MET A 875 49.42 -41.12 25.46
C MET A 875 50.80 -41.29 26.13
N ILE A 876 51.29 -40.17 26.72
CA ILE A 876 52.59 -40.11 27.43
C ILE A 876 52.59 -41.03 28.66
N THR A 877 51.46 -40.98 29.43
CA THR A 877 51.25 -41.79 30.65
C THR A 877 51.25 -43.30 30.37
N LEU A 878 50.53 -43.72 29.29
CA LEU A 878 50.44 -45.12 28.83
C LEU A 878 51.80 -45.68 28.40
N PHE A 879 52.56 -44.89 27.63
CA PHE A 879 53.91 -45.29 27.16
C PHE A 879 54.85 -45.47 28.34
N PHE A 880 54.85 -44.55 29.31
CA PHE A 880 55.77 -44.65 30.44
C PHE A 880 55.43 -45.81 31.38
N VAL A 881 54.14 -46.08 31.57
CA VAL A 881 53.75 -47.27 32.39
C VAL A 881 54.27 -48.51 31.66
N GLY A 882 53.91 -48.67 30.39
CA GLY A 882 54.36 -49.84 29.62
C GLY A 882 55.87 -50.02 29.57
N PHE A 883 56.61 -48.93 29.35
CA PHE A 883 58.09 -48.97 29.30
C PHE A 883 58.66 -49.36 30.66
N PHE A 884 58.21 -48.75 31.76
CA PHE A 884 58.74 -49.12 33.08
C PHE A 884 58.37 -50.54 33.47
N THR A 885 57.17 -51.01 33.04
CA THR A 885 56.74 -52.39 33.21
C THR A 885 57.69 -53.36 32.48
N HIS A 886 58.11 -53.01 31.26
CA HIS A 886 59.10 -53.81 30.54
C HIS A 886 60.49 -53.68 31.14
N ALA A 887 60.89 -52.46 31.52
CA ALA A 887 62.24 -52.17 31.97
C ALA A 887 62.56 -52.67 33.38
N SER A 888 61.52 -52.93 34.20
CA SER A 888 61.70 -53.50 35.54
C SER A 888 62.34 -54.89 35.50
N ASP A 889 61.91 -55.72 34.55
CA ASP A 889 62.47 -57.05 34.37
C ASP A 889 62.46 -57.40 32.89
N PRO A 890 63.49 -56.95 32.11
CA PRO A 890 63.49 -57.13 30.64
C PRO A 890 63.54 -58.57 30.12
N SER A 891 64.09 -59.50 30.90
CA SER A 891 64.15 -60.89 30.48
C SER A 891 62.91 -61.68 30.87
N ASN A 892 62.01 -61.09 31.64
CA ASN A 892 60.79 -61.76 32.09
C ASN A 892 59.79 -61.71 30.95
N GLN A 893 59.28 -62.89 30.58
CA GLN A 893 58.30 -63.04 29.50
C GLN A 893 56.95 -62.40 29.84
N ASP A 894 56.52 -62.56 31.10
CA ASP A 894 55.26 -62.01 31.62
C ASP A 894 55.24 -60.49 31.62
N SER A 895 56.36 -59.85 31.98
CA SER A 895 56.55 -58.39 31.95
C SER A 895 56.42 -57.83 30.54
N LYS A 896 57.00 -58.55 29.55
CA LYS A 896 56.90 -58.22 28.12
C LYS A 896 55.46 -58.28 27.63
N VAL A 897 54.72 -59.33 28.06
CA VAL A 897 53.31 -59.53 27.70
C VAL A 897 52.41 -58.43 28.27
N VAL A 898 52.61 -58.06 29.56
CA VAL A 898 51.85 -56.99 30.24
C VAL A 898 52.16 -55.61 29.63
N SER A 899 53.46 -55.39 29.29
CA SER A 899 53.96 -54.17 28.63
C SER A 899 53.34 -53.96 27.24
N LYS A 900 53.26 -55.05 26.44
CA LYS A 900 52.60 -55.00 25.13
C LYS A 900 51.09 -54.79 25.27
N GLY A 901 50.48 -55.34 26.34
CA GLY A 901 49.07 -55.12 26.66
C GLY A 901 48.74 -53.66 26.93
N ILE A 902 49.62 -52.97 27.68
CA ILE A 902 49.47 -51.53 27.94
C ILE A 902 49.73 -50.74 26.65
N HIS A 903 50.74 -51.18 25.88
CA HIS A 903 51.14 -50.52 24.64
C HIS A 903 50.14 -50.68 23.48
N ALA A 904 49.21 -51.64 23.56
CA ALA A 904 48.06 -51.75 22.65
C ALA A 904 47.15 -50.53 22.75
N PHE A 905 46.79 -50.16 24.00
CA PHE A 905 46.08 -48.92 24.34
C PHE A 905 46.84 -47.67 23.87
N LEU A 906 48.19 -47.68 24.03
CA LEU A 906 49.07 -46.59 23.53
C LEU A 906 48.94 -46.35 22.03
N VAL A 907 48.94 -47.44 21.23
CA VAL A 907 48.82 -47.38 19.76
C VAL A 907 47.44 -46.86 19.34
N VAL A 908 46.36 -47.32 19.93
CA VAL A 908 45.00 -46.83 19.58
C VAL A 908 44.95 -45.32 19.81
N VAL A 909 45.44 -44.84 20.93
CA VAL A 909 45.39 -43.40 21.26
C VAL A 909 46.27 -42.63 20.30
N LEU A 910 47.43 -43.17 19.95
CA LEU A 910 48.35 -42.52 18.99
C LEU A 910 47.64 -42.32 17.67
N TRP A 911 46.88 -43.30 17.23
CA TRP A 911 46.16 -43.19 15.96
C TRP A 911 44.94 -42.28 16.08
N LEU A 912 44.25 -42.28 17.25
CA LEU A 912 43.18 -41.33 17.55
C LEU A 912 43.71 -39.89 17.58
N ARG A 913 44.88 -39.68 18.21
CA ARG A 913 45.56 -38.38 18.28
C ARG A 913 45.99 -37.86 16.89
N PHE A 914 46.27 -38.78 15.92
CA PHE A 914 46.58 -38.44 14.51
C PHE A 914 45.42 -37.75 13.76
N MET A 915 44.15 -37.86 14.23
CA MET A 915 43.00 -37.17 13.64
C MET A 915 43.00 -35.66 13.83
N ARG A 916 43.85 -35.09 14.75
CA ARG A 916 44.01 -33.64 14.96
C ARG A 916 44.43 -32.88 13.69
N TYR A 917 45.21 -33.53 12.82
CA TYR A 917 45.73 -32.98 11.59
C TYR A 917 44.76 -33.10 10.42
N TYR A 918 43.61 -33.78 10.62
CA TYR A 918 42.53 -33.76 9.65
C TYR A 918 41.77 -32.45 9.63
N ALA A 919 41.84 -31.66 10.73
CA ALA A 919 41.11 -30.40 10.91
C ALA A 919 41.49 -29.28 9.94
N LEU A 920 42.67 -29.35 9.31
CA LEU A 920 43.08 -28.36 8.29
C LEU A 920 42.21 -28.46 7.05
N SER A 921 41.85 -29.69 6.67
CA SER A 921 41.07 -30.00 5.47
C SER A 921 39.65 -29.49 5.58
N LYS A 922 39.15 -28.93 4.46
CA LYS A 922 37.77 -28.44 4.38
C LYS A 922 36.73 -29.56 4.36
N ASN A 923 37.10 -30.81 4.08
CA ASN A 923 36.16 -31.91 4.12
C ASN A 923 36.23 -32.69 5.43
N LEU A 924 37.44 -33.06 5.90
CA LEU A 924 37.57 -33.95 7.05
C LEU A 924 37.34 -33.27 8.40
N GLY A 925 37.70 -31.99 8.51
CA GLY A 925 37.59 -31.19 9.73
C GLY A 925 36.19 -30.93 10.31
N PRO A 926 35.24 -30.41 9.49
CA PRO A 926 33.87 -30.28 9.94
C PRO A 926 33.23 -31.64 10.25
N LYS A 927 33.54 -32.67 9.49
CA LYS A 927 33.03 -34.03 9.71
C LYS A 927 33.50 -34.58 11.06
N LEU A 928 34.68 -34.19 11.51
CA LEU A 928 35.20 -34.62 12.83
C LEU A 928 34.45 -33.89 13.91
N ILE A 929 34.15 -32.62 13.72
CA ILE A 929 33.33 -31.86 14.67
C ILE A 929 31.92 -32.45 14.74
N MET A 930 31.39 -32.88 13.59
CA MET A 930 30.03 -33.50 13.54
C MET A 930 30.09 -34.88 14.21
N MET A 931 31.16 -35.64 14.00
CA MET A 931 31.32 -36.96 14.66
C MET A 931 31.28 -36.75 16.17
N MET A 932 32.03 -35.82 16.72
CA MET A 932 31.97 -35.49 18.15
C MET A 932 30.56 -35.07 18.59
N GLU A 933 29.79 -34.41 17.69
CA GLU A 933 28.38 -34.10 17.98
C GLU A 933 27.50 -35.36 18.01
N MET A 934 27.70 -36.29 17.07
CA MET A 934 26.91 -37.54 16.98
C MET A 934 27.22 -38.51 18.12
N MET A 935 28.35 -38.39 18.81
CA MET A 935 28.70 -39.21 19.98
C MET A 935 27.64 -39.19 21.10
N LYS A 936 26.91 -38.08 21.28
CA LYS A 936 25.82 -37.97 22.24
C LYS A 936 24.63 -38.86 21.85
N ASP A 937 24.30 -38.87 20.54
CA ASP A 937 23.29 -39.78 19.98
C ASP A 937 23.69 -41.24 20.12
N VAL A 938 25.00 -41.53 19.94
CA VAL A 938 25.58 -42.87 20.13
C VAL A 938 25.43 -43.31 21.59
N SER A 939 25.67 -42.37 22.53
CA SER A 939 25.52 -42.59 23.98
C SER A 939 24.06 -42.84 24.38
N THR A 940 23.13 -42.11 23.75
CA THR A 940 21.68 -42.28 23.90
C THR A 940 21.24 -43.68 23.46
N PHE A 941 21.77 -44.13 22.30
CA PHE A 941 21.56 -45.48 21.75
C PHE A 941 22.09 -46.56 22.68
N VAL A 942 23.27 -46.31 23.29
CA VAL A 942 23.93 -47.21 24.24
C VAL A 942 23.08 -47.39 25.50
N PHE A 943 22.52 -46.26 26.03
CA PHE A 943 21.64 -46.26 27.21
C PHE A 943 20.32 -47.00 26.95
N LEU A 944 19.74 -46.82 25.75
CA LEU A 944 18.55 -47.58 25.37
C LEU A 944 18.86 -49.06 25.13
N LEU A 945 20.01 -49.38 24.57
CA LEU A 945 20.33 -50.78 24.25
C LEU A 945 20.68 -51.56 25.52
N LEU A 946 21.28 -50.94 26.52
CA LEU A 946 21.71 -51.61 27.76
C LEU A 946 20.57 -52.37 28.44
N ILE A 947 19.35 -51.81 28.38
CA ILE A 947 18.11 -52.38 28.91
C ILE A 947 17.81 -53.74 28.28
N PHE A 948 17.68 -53.69 26.96
CA PHE A 948 17.36 -54.87 26.15
C PHE A 948 18.48 -55.90 26.26
N LEU A 949 19.72 -55.46 26.21
CA LEU A 949 20.89 -56.38 26.30
C LEU A 949 20.96 -57.09 27.64
N ILE A 950 20.91 -56.40 28.76
CA ILE A 950 21.00 -57.00 30.11
C ILE A 950 19.78 -57.89 30.33
N GLY A 951 18.60 -57.43 29.94
CA GLY A 951 17.39 -58.22 30.17
C GLY A 951 17.44 -59.52 29.43
N TYR A 952 17.83 -59.50 28.18
CA TYR A 952 17.93 -60.67 27.31
C TYR A 952 19.12 -61.56 27.72
N GLY A 953 20.28 -60.94 28.08
CA GLY A 953 21.48 -61.69 28.45
C GLY A 953 21.38 -62.51 29.71
N VAL A 954 20.81 -61.91 30.79
CA VAL A 954 20.56 -62.62 32.06
C VAL A 954 19.53 -63.73 31.84
N ALA A 955 18.42 -63.42 31.11
CA ALA A 955 17.34 -64.36 30.79
C ALA A 955 17.82 -65.54 29.94
N ALA A 956 18.59 -65.26 28.88
CA ALA A 956 19.10 -66.26 27.95
C ALA A 956 20.17 -67.15 28.58
N GLN A 957 21.10 -66.53 29.36
CA GLN A 957 22.16 -67.25 30.08
C GLN A 957 21.56 -68.17 31.15
N SER A 958 20.50 -67.70 31.82
CA SER A 958 19.77 -68.50 32.81
C SER A 958 19.03 -69.67 32.16
N LEU A 959 18.43 -69.46 30.98
CA LEU A 959 17.74 -70.54 30.28
C LEU A 959 18.72 -71.60 29.77
N LEU A 960 19.92 -71.19 29.33
CA LEU A 960 20.89 -72.14 28.78
C LEU A 960 21.54 -72.97 29.90
N SER A 961 21.85 -72.35 31.03
CA SER A 961 22.49 -73.04 32.16
C SER A 961 21.70 -72.78 33.45
N PRO A 962 20.61 -73.51 33.69
CA PRO A 962 19.80 -73.25 34.88
C PRO A 962 20.25 -73.92 36.17
N ASP A 963 21.35 -74.67 36.18
CA ASP A 963 21.77 -75.38 37.39
C ASP A 963 23.26 -75.21 37.61
N GLU A 964 23.72 -73.96 37.52
CA GLU A 964 25.14 -73.65 37.66
C GLU A 964 25.30 -72.55 38.69
N ASP A 965 26.34 -72.68 39.53
CA ASP A 965 26.74 -71.65 40.48
C ASP A 965 27.25 -70.42 39.73
N PHE A 966 26.90 -69.25 40.27
CA PHE A 966 27.32 -67.96 39.67
C PHE A 966 28.81 -67.77 39.82
N SER A 967 29.48 -67.34 38.78
CA SER A 967 30.90 -67.11 38.67
C SER A 967 31.10 -65.97 37.70
N SER A 968 32.38 -65.67 37.42
CA SER A 968 32.75 -64.65 36.43
C SER A 968 32.34 -65.02 35.01
N ARG A 969 32.35 -66.33 34.69
CA ARG A 969 31.93 -66.89 33.39
C ARG A 969 30.45 -66.65 33.09
N THR A 970 29.60 -66.62 34.13
CA THR A 970 28.19 -66.28 34.02
C THR A 970 28.00 -64.84 33.55
N PHE A 971 28.80 -63.91 34.11
CA PHE A 971 28.81 -62.49 33.76
C PHE A 971 29.30 -62.27 32.33
N ILE A 972 30.37 -63.01 31.94
CA ILE A 972 30.92 -62.98 30.58
C ILE A 972 29.90 -63.54 29.58
N GLY A 973 29.14 -64.59 29.98
CA GLY A 973 28.05 -65.12 29.17
C GLY A 973 26.88 -64.17 29.00
N VAL A 974 26.69 -63.32 30.01
CA VAL A 974 25.58 -62.34 29.98
C VAL A 974 25.94 -61.24 28.98
N LEU A 975 27.24 -60.89 28.84
CA LEU A 975 27.49 -59.75 27.93
C LEU A 975 27.99 -60.14 26.53
N PHE A 976 28.73 -61.23 26.37
CA PHE A 976 29.39 -61.50 25.07
C PHE A 976 28.46 -61.72 23.90
N ARG A 977 27.54 -62.65 24.00
CA ARG A 977 26.73 -62.94 22.81
C ARG A 977 25.71 -61.83 22.60
N PRO A 978 24.93 -61.36 23.59
CA PRO A 978 23.98 -60.28 23.31
C PRO A 978 24.53 -59.05 22.58
N TYR A 979 25.69 -58.53 22.96
CA TYR A 979 26.30 -57.34 22.36
C TYR A 979 26.68 -57.65 20.91
N PHE A 980 27.29 -58.79 20.64
CA PHE A 980 27.81 -59.10 19.28
C PHE A 980 26.65 -59.53 18.36
N GLN A 981 25.53 -59.92 18.93
CA GLN A 981 24.33 -60.30 18.13
C GLN A 981 23.70 -59.08 17.49
N ILE A 982 23.97 -57.88 17.98
CA ILE A 982 23.46 -56.64 17.33
C ILE A 982 24.22 -56.33 16.05
N TYR A 983 25.30 -57.04 15.77
CA TYR A 983 26.10 -56.82 14.55
C TYR A 983 25.94 -57.95 13.54
N GLY A 984 24.91 -58.81 13.61
CA GLY A 984 24.62 -59.88 12.69
C GLY A 984 25.26 -61.23 12.98
N GLU A 985 26.21 -61.32 13.90
CA GLU A 985 26.77 -62.62 14.27
C GLU A 985 25.80 -63.20 15.29
N LEU A 986 24.97 -64.15 14.87
CA LEU A 986 23.86 -64.59 15.71
C LEU A 986 24.16 -65.74 16.66
N PHE A 987 25.25 -66.51 16.42
CA PHE A 987 25.79 -67.62 17.27
C PHE A 987 24.82 -68.78 17.44
N LEU A 988 23.93 -68.99 16.45
CA LEU A 988 22.85 -70.00 16.47
C LEU A 988 23.34 -71.44 16.53
N ASP A 989 24.44 -71.75 15.82
CA ASP A 989 25.09 -73.05 15.94
C ASP A 989 25.66 -73.25 17.35
N ASP A 990 26.33 -72.21 17.88
CA ASP A 990 26.89 -72.23 19.24
C ASP A 990 25.81 -72.28 20.32
N LEU A 991 24.71 -71.52 20.13
CA LEU A 991 23.57 -71.53 21.05
C LEU A 991 22.85 -72.88 21.02
N ASN A 992 22.69 -73.45 19.82
CA ASN A 992 22.06 -74.76 19.65
C ASN A 992 22.90 -75.88 20.29
N SER A 993 24.23 -75.81 20.12
CA SER A 993 25.16 -76.74 20.74
C SER A 993 25.15 -76.63 22.27
N GLU A 994 25.12 -75.39 22.79
CA GLU A 994 25.08 -75.12 24.22
C GLU A 994 23.75 -75.57 24.86
N ALA A 995 22.65 -75.51 24.12
CA ALA A 995 21.32 -75.92 24.59
C ALA A 995 21.11 -77.43 24.74
N ASN A 996 22.05 -78.27 24.26
CA ASN A 996 22.04 -79.76 24.28
C ASN A 996 20.82 -80.33 23.55
N CYS A 997 20.47 -79.72 22.42
CA CYS A 997 19.40 -80.18 21.56
C CYS A 997 20.00 -81.01 20.43
N LEU A 998 19.56 -82.26 20.33
CA LEU A 998 20.17 -83.24 19.43
C LEU A 998 19.42 -83.44 18.13
N GLY A 999 18.29 -82.75 17.92
CA GLY A 999 17.52 -82.92 16.71
C GLY A 999 18.17 -82.28 15.50
N ASP A 1000 17.80 -82.79 14.31
CA ASP A 1000 18.23 -82.21 13.04
C ASP A 1000 17.67 -80.80 12.84
N THR A 1001 16.40 -80.60 13.16
CA THR A 1001 15.83 -79.27 13.20
C THR A 1001 16.36 -78.57 14.45
N PRO A 1002 16.88 -77.31 14.34
CA PRO A 1002 17.46 -76.59 15.49
C PRO A 1002 16.46 -76.33 16.63
N PHE A 1003 16.99 -76.46 17.87
CA PHE A 1003 16.30 -76.27 19.16
C PHE A 1003 15.09 -77.20 19.31
N THR A 1004 15.26 -78.45 18.87
CA THR A 1004 14.30 -79.54 19.05
C THR A 1004 15.03 -80.73 19.63
N GLU A 1005 14.23 -81.59 20.30
CA GLU A 1005 14.63 -82.80 21.04
C GLU A 1005 15.68 -82.48 22.11
N CYS A 1006 15.34 -81.50 22.95
CA CYS A 1006 16.19 -81.04 24.03
C CYS A 1006 15.83 -81.72 25.35
N SER A 1007 16.82 -81.71 26.27
CA SER A 1007 16.66 -82.28 27.61
C SER A 1007 15.64 -81.51 28.44
N ARG A 1008 15.66 -80.18 28.35
CA ARG A 1008 14.73 -79.30 29.05
C ARG A 1008 13.89 -78.55 28.03
N GLU A 1009 12.60 -78.42 28.31
CA GLU A 1009 11.73 -77.71 27.39
C GLU A 1009 11.85 -76.19 27.45
N THR A 1010 12.39 -75.64 28.54
CA THR A 1010 12.54 -74.19 28.71
C THR A 1010 13.57 -73.57 27.78
N VAL A 1011 14.66 -74.31 27.47
CA VAL A 1011 15.78 -73.81 26.65
C VAL A 1011 15.37 -73.62 25.17
N ARG A 1012 14.26 -74.25 24.72
CA ARG A 1012 13.65 -74.06 23.41
C ARG A 1012 13.04 -72.66 23.22
N MET A 1013 12.83 -71.87 24.32
CA MET A 1013 12.46 -70.47 24.26
C MET A 1013 13.64 -69.55 23.94
N VAL A 1014 14.87 -70.02 23.88
CA VAL A 1014 15.99 -69.09 23.63
C VAL A 1014 15.85 -68.47 22.22
N PRO A 1015 15.59 -69.22 21.13
CA PRO A 1015 15.42 -68.59 19.82
C PRO A 1015 14.35 -67.50 19.78
N PHE A 1016 13.30 -67.61 20.62
CA PHE A 1016 12.18 -66.63 20.70
C PHE A 1016 12.62 -65.36 21.39
N PHE A 1017 13.16 -65.48 22.57
CA PHE A 1017 13.76 -64.35 23.30
C PHE A 1017 14.68 -63.55 22.41
N LEU A 1018 15.56 -64.29 21.67
CA LEU A 1018 16.49 -63.76 20.67
C LEU A 1018 15.72 -63.05 19.58
N ALA A 1019 14.60 -63.68 19.13
CA ALA A 1019 13.65 -63.18 18.13
C ALA A 1019 13.05 -61.84 18.54
N VAL A 1020 12.75 -61.67 19.84
CA VAL A 1020 12.27 -60.40 20.31
C VAL A 1020 13.39 -59.37 20.33
N TYR A 1021 14.58 -59.80 20.84
CA TYR A 1021 15.76 -58.96 21.15
C TYR A 1021 16.33 -58.25 19.92
N ILE A 1022 16.62 -59.00 18.85
CA ILE A 1022 17.13 -58.42 17.60
C ILE A 1022 16.03 -57.64 16.86
N LEU A 1023 14.73 -57.92 17.14
CA LEU A 1023 13.67 -57.05 16.68
C LEU A 1023 13.75 -55.73 17.44
N GLY A 1024 14.03 -55.82 18.75
CA GLY A 1024 14.20 -54.61 19.54
C GLY A 1024 15.46 -53.83 19.22
N SER A 1025 16.58 -54.54 19.01
CA SER A 1025 17.87 -53.86 18.85
C SER A 1025 18.18 -53.43 17.41
N ASN A 1026 18.01 -54.32 16.44
CA ASN A 1026 18.41 -54.03 15.06
C ASN A 1026 17.31 -53.33 14.27
N VAL A 1027 16.10 -53.86 14.34
CA VAL A 1027 14.96 -53.32 13.61
C VAL A 1027 14.53 -51.97 14.20
N LEU A 1028 14.48 -51.87 15.53
CA LEU A 1028 13.91 -50.68 16.13
C LEU A 1028 14.98 -49.64 16.50
N LEU A 1029 15.99 -50.01 17.31
CA LEU A 1029 16.93 -49.04 17.88
C LEU A 1029 17.95 -48.49 16.87
N VAL A 1030 18.48 -49.35 16.00
CA VAL A 1030 19.47 -48.97 14.99
C VAL A 1030 18.88 -48.01 13.95
N ASN A 1031 17.64 -48.28 13.51
CA ASN A 1031 16.94 -47.44 12.54
C ASN A 1031 16.54 -46.08 13.16
N LEU A 1032 16.18 -46.11 14.45
CA LEU A 1032 15.93 -44.90 15.26
C LEU A 1032 17.18 -44.04 15.37
N LEU A 1033 18.35 -44.70 15.53
CA LEU A 1033 19.66 -44.04 15.57
C LEU A 1033 19.99 -43.36 14.23
N ILE A 1034 19.62 -44.02 13.10
CA ILE A 1034 19.77 -43.48 11.74
C ILE A 1034 18.94 -42.20 11.59
N ALA A 1035 17.69 -42.22 12.11
CA ALA A 1035 16.79 -41.05 12.11
C ALA A 1035 17.32 -39.88 12.96
N MET A 1036 17.87 -40.20 14.16
CA MET A 1036 18.50 -39.20 15.06
C MET A 1036 19.75 -38.59 14.44
N PHE A 1037 20.56 -39.42 13.76
CA PHE A 1037 21.76 -38.97 13.03
C PHE A 1037 21.42 -38.03 11.88
N ASN A 1038 20.37 -38.35 11.11
CA ASN A 1038 19.92 -37.50 9.99
C ASN A 1038 19.39 -36.15 10.44
N ASP A 1039 18.57 -36.14 11.51
CA ASP A 1039 18.01 -34.92 12.11
C ASP A 1039 19.09 -34.05 12.71
N THR A 1040 20.02 -34.69 13.47
CA THR A 1040 21.14 -34.06 14.14
C THR A 1040 22.09 -33.44 13.11
N TYR A 1041 22.31 -34.17 11.99
CA TYR A 1041 23.15 -33.74 10.87
C TYR A 1041 22.63 -32.46 10.23
N MET A 1042 21.31 -32.45 9.87
CA MET A 1042 20.64 -31.28 9.31
C MET A 1042 20.61 -30.09 10.28
N LYS A 1043 20.54 -30.35 11.60
CA LYS A 1043 20.48 -29.26 12.56
C LYS A 1043 21.85 -28.58 12.75
N VAL A 1044 22.95 -29.34 12.85
CA VAL A 1044 24.19 -28.73 13.37
C VAL A 1044 25.35 -28.73 12.37
N GLN A 1045 25.10 -29.01 11.05
CA GLN A 1045 26.17 -28.94 10.02
C GLN A 1045 26.77 -27.53 9.81
N GLU A 1046 25.92 -26.48 9.79
CA GLU A 1046 26.37 -25.09 9.62
C GLU A 1046 27.13 -24.59 10.84
N ALA A 1047 26.69 -25.00 12.05
CA ALA A 1047 27.38 -24.71 13.31
C ALA A 1047 28.75 -25.38 13.36
N ALA A 1048 28.85 -26.60 12.81
CA ALA A 1048 30.14 -27.30 12.69
C ALA A 1048 31.10 -26.57 11.76
N GLU A 1049 30.58 -26.03 10.65
CA GLU A 1049 31.39 -25.21 9.72
C GLU A 1049 31.91 -23.94 10.39
N ASP A 1050 31.04 -23.27 11.18
CA ASP A 1050 31.42 -22.07 11.94
C ASP A 1050 32.47 -22.37 13.02
N LEU A 1051 32.28 -23.49 13.74
CA LEU A 1051 33.21 -23.96 14.76
C LEU A 1051 34.55 -24.37 14.16
N TRP A 1052 34.53 -24.94 12.93
CA TRP A 1052 35.73 -25.28 12.17
C TRP A 1052 36.51 -24.04 11.77
N ARG A 1053 35.78 -22.97 11.39
CA ARG A 1053 36.39 -21.69 11.07
C ARG A 1053 37.01 -21.01 12.30
N LYS A 1054 36.43 -21.21 13.49
CA LYS A 1054 37.07 -20.73 14.72
C LYS A 1054 38.33 -21.55 15.06
N GLN A 1055 38.24 -22.90 14.89
CA GLN A 1055 39.37 -23.82 15.10
C GLN A 1055 40.53 -23.65 14.10
N ASN A 1056 40.23 -23.07 12.92
CA ASN A 1056 41.24 -22.66 11.94
C ASN A 1056 42.18 -21.60 12.54
N TYR A 1057 41.60 -20.63 13.24
CA TYR A 1057 42.38 -19.58 13.94
C TYR A 1057 43.12 -20.21 15.10
N GLU A 1058 42.48 -21.12 15.83
CA GLU A 1058 43.08 -21.81 16.99
C GLU A 1058 44.32 -22.61 16.58
N LEU A 1059 44.23 -23.33 15.46
CA LEU A 1059 45.36 -24.08 14.91
C LEU A 1059 46.45 -23.14 14.39
N CYS A 1060 46.06 -22.04 13.71
CA CYS A 1060 47.01 -21.02 13.24
C CYS A 1060 47.79 -20.35 14.37
N ALA A 1061 47.07 -19.99 15.46
CA ALA A 1061 47.65 -19.42 16.68
C ALA A 1061 48.56 -20.40 17.40
N GLU A 1062 48.15 -21.68 17.45
CA GLU A 1062 48.93 -22.74 18.10
C GLU A 1062 50.25 -22.99 17.37
N TYR A 1063 50.19 -23.04 16.04
CA TYR A 1063 51.39 -23.33 15.21
C TYR A 1063 52.26 -22.09 14.99
N LYS A 1064 51.75 -20.88 15.23
CA LYS A 1064 52.66 -19.72 15.24
C LYS A 1064 53.70 -19.78 16.35
N ASP A 1065 53.30 -20.18 17.55
CA ASP A 1065 54.22 -20.14 18.69
C ASP A 1065 55.02 -21.41 18.88
N ARG A 1066 54.64 -22.49 18.24
CA ARG A 1066 55.33 -23.77 18.37
C ARG A 1066 56.66 -23.72 17.60
N PRO A 1067 57.76 -24.28 18.16
CA PRO A 1067 59.03 -24.39 17.41
C PRO A 1067 58.88 -25.27 16.17
N PHE A 1068 59.71 -25.01 15.15
CA PHE A 1068 59.56 -25.70 13.85
C PHE A 1068 60.07 -27.13 13.89
N LEU A 1069 61.10 -27.38 14.67
CA LEU A 1069 61.75 -28.70 14.70
C LEU A 1069 60.80 -29.81 15.14
N PRO A 1070 60.66 -30.92 14.36
CA PRO A 1070 59.74 -32.00 14.70
C PRO A 1070 59.96 -32.67 16.07
N ALA A 1071 59.04 -33.56 16.46
CA ALA A 1071 59.03 -34.18 17.82
C ALA A 1071 60.33 -34.83 18.34
N PRO A 1072 61.07 -35.74 17.64
CA PRO A 1072 62.24 -36.30 18.27
C PRO A 1072 63.20 -35.11 18.47
N PHE A 1073 63.48 -34.36 17.39
CA PHE A 1073 64.50 -33.28 17.35
C PHE A 1073 64.06 -31.97 17.99
N ILE A 1074 62.95 -31.94 18.71
CA ILE A 1074 62.46 -30.71 19.39
C ILE A 1074 63.21 -30.48 20.71
N LEU A 1075 63.98 -31.45 21.23
CA LEU A 1075 64.82 -31.29 22.42
C LEU A 1075 65.89 -30.22 22.23
N LEU A 1076 66.45 -30.13 21.01
CA LEU A 1076 67.42 -29.10 20.63
C LEU A 1076 66.79 -27.71 20.68
N ALA A 1077 65.54 -27.59 20.20
CA ALA A 1077 64.75 -26.37 20.27
C ALA A 1077 64.43 -25.98 21.71
N HIS A 1078 64.12 -27.00 22.55
CA HIS A 1078 63.81 -26.81 23.98
C HIS A 1078 65.02 -26.30 24.76
N VAL A 1079 66.20 -26.90 24.54
CA VAL A 1079 67.43 -26.47 25.21
C VAL A 1079 67.89 -25.11 24.67
N HIS A 1080 67.61 -24.80 23.38
CA HIS A 1080 67.89 -23.49 22.81
C HIS A 1080 67.04 -22.39 23.45
N MET A 1081 65.72 -22.65 23.65
CA MET A 1081 64.82 -21.70 24.35
C MET A 1081 65.20 -21.51 25.81
N LEU A 1082 65.58 -22.62 26.50
CA LEU A 1082 66.07 -22.58 27.88
C LEU A 1082 67.38 -21.79 27.99
N PHE A 1083 68.27 -21.95 26.99
CA PHE A 1083 69.51 -21.18 26.89
C PHE A 1083 69.25 -19.69 26.70
N MET A 1084 68.25 -19.33 25.86
CA MET A 1084 67.85 -17.92 25.69
C MET A 1084 67.25 -17.32 26.97
N ARG A 1085 66.40 -18.08 27.69
CA ARG A 1085 65.83 -17.63 28.97
C ARG A 1085 66.90 -17.46 30.05
N LEU A 1086 67.86 -18.41 30.13
CA LEU A 1086 68.98 -18.31 31.07
C LEU A 1086 69.91 -17.15 30.71
N LEU A 1087 70.11 -16.90 29.41
CA LEU A 1087 71.02 -15.83 28.94
C LEU A 1087 70.32 -14.47 28.99
N ARG A 1088 69.00 -14.44 29.19
CA ARG A 1088 68.30 -13.14 29.30
C ARG A 1088 67.95 -12.83 30.75
N LEU A 1089 67.74 -13.86 31.58
CA LEU A 1089 67.46 -13.62 32.98
C LEU A 1089 68.73 -13.44 33.81
N CYS A 1090 69.67 -14.37 33.69
CA CYS A 1090 70.90 -14.32 34.48
C CYS A 1090 72.01 -13.54 33.78
N GLY A 1091 72.36 -13.94 32.56
CA GLY A 1091 73.41 -13.29 31.79
C GLY A 1091 73.12 -11.85 31.37
N VAL A 1092 71.86 -11.58 30.95
CA VAL A 1092 71.27 -10.32 30.46
C VAL A 1092 72.06 -9.73 29.29
N HIS A 1093 72.53 -10.61 28.40
CA HIS A 1093 73.31 -10.20 27.24
C HIS A 1093 72.47 -9.94 26.00
N THR A 1094 71.14 -10.04 26.09
CA THR A 1094 70.25 -9.80 24.96
C THR A 1094 68.91 -9.31 25.48
N GLN A 1095 68.03 -8.94 24.55
CA GLN A 1095 66.70 -8.45 24.86
C GLN A 1095 65.76 -8.88 23.73
N GLU A 1096 64.57 -8.28 23.72
CA GLU A 1096 63.56 -8.57 22.72
C GLU A 1096 63.38 -7.36 21.82
N HIS A 1097 63.22 -7.60 20.52
CA HIS A 1097 63.06 -6.53 19.54
C HIS A 1097 61.76 -6.74 18.75
N GLU A 1098 61.09 -5.63 18.45
CA GLU A 1098 59.85 -5.65 17.70
C GLU A 1098 59.77 -4.41 16.83
N LYS A 1099 58.69 -4.29 16.07
CA LYS A 1099 58.49 -3.16 15.17
C LYS A 1099 57.18 -2.47 15.52
N ILE A 1100 57.21 -1.15 15.53
CA ILE A 1100 56.05 -0.33 15.88
C ILE A 1100 55.63 0.46 14.65
N GLN A 1101 54.33 0.41 14.35
CA GLN A 1101 53.72 1.10 13.21
C GLN A 1101 53.79 2.63 13.35
N ASP A 1102 54.04 3.31 12.23
CA ASP A 1102 54.08 4.77 12.17
C ASP A 1102 52.68 5.35 12.32
N ASP A 1103 52.61 6.62 12.75
CA ASP A 1103 51.36 7.36 12.96
C ASP A 1103 50.56 7.59 11.66
N GLU A 1104 51.27 7.70 10.52
CA GLU A 1104 50.67 7.92 9.20
C GLU A 1104 49.79 6.74 8.76
N THR A 1105 50.33 5.51 8.87
CA THR A 1105 49.55 4.32 8.52
C THR A 1105 48.42 4.05 9.53
N LYS A 1106 48.60 4.41 10.82
CA LYS A 1106 47.55 4.29 11.84
C LYS A 1106 46.38 5.23 11.57
N ARG A 1107 46.67 6.49 11.22
CA ARG A 1107 45.61 7.44 10.86
C ARG A 1107 44.96 7.08 9.52
N LYS A 1108 45.72 6.46 8.59
CA LYS A 1108 45.17 5.93 7.33
C LYS A 1108 44.17 4.79 7.57
N ILE A 1109 44.51 3.84 8.46
CA ILE A 1109 43.63 2.73 8.88
C ILE A 1109 42.39 3.26 9.61
N THR A 1110 42.59 4.27 10.49
CA THR A 1110 41.53 4.93 11.26
C THR A 1110 40.53 5.65 10.35
N THR A 1111 41.04 6.40 9.34
CA THR A 1111 40.27 7.12 8.33
C THR A 1111 39.46 6.16 7.45
N PHE A 1112 40.11 5.05 7.04
CA PHE A 1112 39.52 3.95 6.26
C PHE A 1112 38.36 3.28 6.99
N GLU A 1113 38.57 2.99 8.30
CA GLU A 1113 37.58 2.34 9.16
C GLU A 1113 36.36 3.23 9.42
N GLU A 1114 36.58 4.54 9.66
CA GLU A 1114 35.49 5.51 9.86
C GLU A 1114 34.66 5.71 8.61
N LEU A 1115 35.34 5.84 7.44
CA LEU A 1115 34.71 5.98 6.13
C LEU A 1115 33.85 4.77 5.76
N ASN A 1116 34.38 3.56 6.02
CA ASN A 1116 33.65 2.33 5.77
C ASN A 1116 32.50 2.11 6.75
N THR A 1117 32.64 2.61 8.01
CA THR A 1117 31.57 2.60 9.00
C THR A 1117 30.38 3.44 8.55
N ASP A 1118 30.66 4.68 8.08
CA ASP A 1118 29.64 5.59 7.53
C ASP A 1118 29.00 5.03 6.26
N LYS A 1119 29.82 4.43 5.38
CA LYS A 1119 29.40 3.81 4.13
C LYS A 1119 28.46 2.62 4.37
N PHE A 1120 28.77 1.81 5.39
CA PHE A 1120 27.94 0.62 5.76
C PHE A 1120 26.61 1.11 6.32
N LEU A 1121 26.65 2.11 7.18
CA LEU A 1121 25.42 2.67 7.78
C LEU A 1121 24.49 3.28 6.73
N ARG A 1122 25.05 4.00 5.74
CA ARG A 1122 24.27 4.52 4.60
C ARG A 1122 23.65 3.39 3.77
N ARG A 1123 24.44 2.34 3.46
CA ARG A 1123 23.97 1.17 2.69
C ARG A 1123 22.90 0.38 3.46
N TRP A 1124 23.11 0.24 4.78
CA TRP A 1124 22.21 -0.45 5.73
C TRP A 1124 20.88 0.27 5.86
N GLU A 1125 20.94 1.62 5.96
CA GLU A 1125 19.76 2.48 6.00
C GLU A 1125 18.96 2.38 4.70
N ARG A 1126 19.67 2.41 3.54
CA ARG A 1126 19.04 2.29 2.21
C ARG A 1126 18.37 0.92 2.02
N GLU A 1127 19.04 -0.16 2.47
CA GLU A 1127 18.54 -1.54 2.42
C GLU A 1127 17.32 -1.72 3.32
N ARG A 1128 17.34 -1.10 4.52
CA ARG A 1128 16.19 -1.21 5.41
C ARG A 1128 15.00 -0.39 4.87
N GLN A 1129 15.27 0.71 4.16
CA GLN A 1129 14.17 1.45 3.51
C GLN A 1129 13.64 0.76 2.25
N GLU A 1130 14.36 -0.20 1.67
CA GLU A 1130 13.82 -0.90 0.49
C GLU A 1130 13.06 -2.17 0.85
N MET A 1131 12.98 -2.51 2.13
CA MET A 1131 12.18 -3.66 2.58
C MET A 1131 10.69 -3.39 2.42
N LEU A 1132 9.94 -4.49 2.24
CA LEU A 1132 8.49 -4.46 2.03
C LEU A 1132 7.71 -3.91 3.22
N GLU A 1133 8.08 -4.32 4.44
CA GLU A 1133 7.45 -3.90 5.70
C GLU A 1133 7.57 -2.40 5.94
N ALA A 1134 8.78 -1.86 5.73
CA ALA A 1134 9.10 -0.44 5.88
C ALA A 1134 8.36 0.41 4.86
N ARG A 1135 8.29 -0.06 3.61
CA ARG A 1135 7.59 0.64 2.53
C ARG A 1135 6.08 0.69 2.75
N VAL A 1136 5.49 -0.43 3.25
CA VAL A 1136 4.06 -0.51 3.58
C VAL A 1136 3.73 0.42 4.75
N LYS A 1137 4.61 0.44 5.79
CA LYS A 1137 4.52 1.32 6.97
C LYS A 1137 4.62 2.80 6.59
N MET A 1138 5.58 3.11 5.69
CA MET A 1138 5.83 4.46 5.17
C MET A 1138 4.65 4.97 4.36
N THR A 1139 4.06 4.06 3.53
CA THR A 1139 2.87 4.33 2.71
C THR A 1139 1.64 4.63 3.58
N ASN A 1140 1.48 3.87 4.69
CA ASN A 1140 0.39 4.02 5.66
C ASN A 1140 0.47 5.38 6.38
N ASP A 1141 1.66 5.75 6.90
CA ASP A 1141 1.90 7.05 7.57
C ASP A 1141 1.71 8.23 6.61
N ASN A 1142 2.15 8.07 5.35
CA ASN A 1142 1.99 9.08 4.30
C ASN A 1142 0.53 9.33 3.95
N VAL A 1143 -0.28 8.26 3.88
CA VAL A 1143 -1.73 8.41 3.59
C VAL A 1143 -2.41 9.09 4.78
N VAL A 1144 -2.04 8.75 6.02
CA VAL A 1144 -2.58 9.40 7.23
C VAL A 1144 -2.29 10.93 7.24
N GLN A 1145 -1.03 11.30 6.92
CA GLN A 1145 -0.61 12.71 6.77
C GLN A 1145 -1.32 13.41 5.59
N ALA A 1146 -1.60 12.65 4.52
CA ALA A 1146 -2.38 13.10 3.36
C ALA A 1146 -3.81 13.46 3.74
N MET A 1147 -4.45 12.64 4.57
CA MET A 1147 -5.79 13.02 5.04
C MET A 1147 -5.70 14.25 5.95
N GLY A 1148 -4.68 14.39 6.81
CA GLY A 1148 -4.48 15.61 7.59
C GLY A 1148 -4.47 16.87 6.73
N MET A 1149 -3.76 16.78 5.59
CA MET A 1149 -3.69 17.87 4.60
C MET A 1149 -5.06 18.10 3.96
N MET A 1150 -5.83 17.05 3.73
CA MET A 1150 -7.21 17.19 3.19
C MET A 1150 -8.16 17.78 4.25
N ASP A 1151 -7.94 17.52 5.54
CA ASP A 1151 -8.70 18.18 6.62
C ASP A 1151 -8.48 19.69 6.61
N GLN A 1152 -7.33 20.07 6.07
CA GLN A 1152 -7.04 21.52 5.92
C GLN A 1152 -7.71 22.03 4.66
N LEU A 1153 -7.65 21.27 3.58
CA LEU A 1153 -8.36 21.67 2.34
C LEU A 1153 -9.84 21.85 2.68
N LEU A 1154 -10.52 20.81 3.16
CA LEU A 1154 -11.99 20.93 3.38
C LEU A 1154 -12.30 22.10 4.31
N GLU A 1155 -11.44 22.37 5.30
CA GLU A 1155 -11.74 23.43 6.27
C GLU A 1155 -11.77 24.72 5.50
N HIS A 1156 -10.66 25.04 4.88
CA HIS A 1156 -10.54 26.23 4.03
C HIS A 1156 -11.68 26.31 2.98
N MET A 1157 -12.10 25.20 2.39
CA MET A 1157 -13.13 25.28 1.33
C MET A 1157 -14.46 25.69 1.96
N ILE A 1158 -14.74 25.21 3.17
CA ILE A 1158 -15.97 25.62 3.88
C ILE A 1158 -15.81 27.11 4.22
N SER A 1159 -14.71 27.49 4.81
CA SER A 1159 -14.42 28.92 5.02
C SER A 1159 -14.81 29.78 3.81
N PHE A 1160 -14.51 29.34 2.59
CA PHE A 1160 -14.94 30.15 1.42
C PHE A 1160 -16.43 30.03 1.18
N ARG A 1161 -16.99 28.85 1.44
CA ARG A 1161 -18.45 28.70 1.30
C ARG A 1161 -19.19 29.69 2.18
N PHE A 1162 -18.67 29.93 3.38
CA PHE A 1162 -19.29 30.88 4.32
C PHE A 1162 -19.04 32.26 3.78
N SER A 1163 -17.79 32.51 3.40
CA SER A 1163 -17.40 33.83 2.89
C SER A 1163 -18.24 34.29 1.70
N LEU A 1164 -18.50 33.37 0.75
CA LEU A 1164 -19.36 33.67 -0.41
C LEU A 1164 -20.82 33.84 0.02
N ASP A 1165 -21.27 33.07 1.03
CA ASP A 1165 -22.62 33.22 1.57
C ASP A 1165 -22.83 34.58 2.23
N GLN A 1166 -21.86 35.06 3.03
CA GLN A 1166 -21.99 36.41 3.61
C GLN A 1166 -21.67 37.52 2.62
N GLN A 1167 -21.02 37.21 1.48
CA GLN A 1167 -20.74 38.23 0.46
C GLN A 1167 -21.98 38.61 -0.36
N ALA A 1168 -23.05 37.82 -0.31
CA ALA A 1168 -24.27 38.12 -1.04
C ALA A 1168 -25.37 38.70 -0.15
N THR A 1169 -25.30 38.48 1.16
CA THR A 1169 -26.28 39.02 2.10
C THR A 1169 -25.88 40.40 2.62
N LYS A 1170 -24.72 40.92 2.22
CA LYS A 1170 -24.28 42.22 2.68
C LYS A 1170 -24.40 43.26 1.57
N ILE A 1197 -39.25 55.64 5.76
CA ILE A 1197 -40.69 55.63 6.00
C ILE A 1197 -41.18 54.21 6.22
N ASN A 1198 -40.59 53.25 5.48
CA ASN A 1198 -40.93 51.84 5.59
C ASN A 1198 -40.12 51.14 6.70
N ARG A 1199 -40.34 51.57 7.94
CA ARG A 1199 -39.65 51.01 9.09
C ARG A 1199 -40.62 51.00 10.27
N LEU A 1200 -40.82 49.84 10.87
CA LEU A 1200 -41.81 49.67 11.91
C LEU A 1200 -41.18 48.94 13.09
N ASN A 1201 -41.48 49.39 14.31
CA ASN A 1201 -40.96 48.80 15.53
C ASN A 1201 -42.15 48.18 16.25
N SER A 1202 -42.17 46.85 16.33
CA SER A 1202 -43.25 46.08 16.94
C SER A 1202 -42.87 45.46 18.28
N ALA A 1203 -41.81 45.97 18.93
CA ALA A 1203 -41.37 45.48 20.24
C ALA A 1203 -42.35 45.80 21.37
N VAL A 1204 -43.22 46.82 21.21
CA VAL A 1204 -44.24 47.22 22.19
C VAL A 1204 -45.29 46.10 22.41
N ALA A 1205 -45.56 45.26 21.39
CA ALA A 1205 -46.46 44.12 21.47
C ALA A 1205 -45.95 43.00 22.38
N VAL A 1206 -44.64 42.89 22.59
CA VAL A 1206 -44.05 41.81 23.35
C VAL A 1206 -43.92 42.27 24.80
N HIS A 1207 -43.27 43.41 25.02
CA HIS A 1207 -43.00 43.86 26.38
C HIS A 1207 -44.21 44.56 26.99
N GLY A 1208 -44.65 45.66 26.36
CA GLY A 1208 -45.78 46.40 26.87
C GLY A 1208 -45.40 47.76 27.42
N HIS A 1209 -45.87 48.82 26.72
CA HIS A 1209 -45.84 50.26 27.03
C HIS A 1209 -44.48 50.97 26.95
N THR A 1210 -43.38 50.22 26.80
CA THR A 1210 -41.95 50.60 26.67
C THR A 1210 -41.47 51.67 27.65
N ALA A 1211 -40.87 52.78 27.15
CA ALA A 1211 -40.44 53.99 27.90
C ALA A 1211 -39.37 53.66 28.95
N GLU A 1212 -38.29 53.04 28.48
CA GLU A 1212 -37.16 52.72 29.37
C GLU A 1212 -36.37 53.96 29.76
N ALA A 1213 -36.07 54.85 28.77
CA ALA A 1213 -35.33 56.13 28.88
C ALA A 1213 -33.94 55.98 29.50
N ALA A 1214 -33.26 54.87 29.14
CA ALA A 1214 -31.93 54.56 29.65
C ALA A 1214 -30.80 55.28 28.91
N GLU A 1215 -31.10 56.03 27.85
CA GLU A 1215 -30.09 56.73 27.04
C GLU A 1215 -29.39 57.83 27.83
N TRP A 1216 -30.15 58.52 28.69
CA TRP A 1216 -29.69 59.68 29.44
C TRP A 1216 -28.65 59.29 30.49
N TYR A 1217 -27.61 60.09 30.64
CA TYR A 1217 -26.52 59.75 31.52
C TYR A 1217 -26.68 60.45 32.86
N VAL A 1218 -26.54 59.68 33.93
CA VAL A 1218 -26.54 60.18 35.30
C VAL A 1218 -25.21 59.75 35.92
N PRO A 1219 -24.36 60.69 36.36
CA PRO A 1219 -23.06 60.33 36.99
C PRO A 1219 -23.23 59.65 38.35
N PRO A 1220 -22.26 58.82 38.80
CA PRO A 1220 -22.33 58.20 40.14
C PRO A 1220 -22.32 59.21 41.30
N GLU A 1221 -22.93 58.77 42.42
CA GLU A 1221 -23.19 59.62 43.60
C GLU A 1221 -21.91 60.14 44.26
N GLU A 1222 -20.91 59.27 44.41
CA GLU A 1222 -19.67 59.69 45.03
C GLU A 1222 -18.76 60.22 43.93
N TYR A 1223 -18.35 61.49 44.06
CA TYR A 1223 -17.40 62.11 43.13
C TYR A 1223 -16.03 61.46 43.25
N PRO A 1224 -15.38 61.09 42.13
CA PRO A 1224 -14.05 60.45 42.20
C PRO A 1224 -12.99 61.39 42.75
N LYS A 1225 -12.09 60.82 43.58
CA LYS A 1225 -10.90 61.43 44.22
C LYS A 1225 -11.22 62.67 45.09
N SER A 1226 -12.44 62.79 45.62
CA SER A 1226 -12.90 63.92 46.39
C SER A 1226 -12.99 63.68 47.89
N GLY A 1227 -12.58 62.49 48.35
CA GLY A 1227 -12.70 62.14 49.75
C GLY A 1227 -14.13 61.97 50.25
N GLY A 1228 -14.99 61.32 49.47
CA GLY A 1228 -16.33 61.01 49.92
C GLY A 1228 -17.39 62.08 49.73
N VAL A 1229 -17.10 63.15 48.96
CA VAL A 1229 -18.09 64.19 48.70
C VAL A 1229 -19.13 63.66 47.74
N LYS A 1230 -20.41 63.81 48.10
CA LYS A 1230 -21.52 63.26 47.34
C LYS A 1230 -22.36 64.35 46.69
N ARG A 1231 -22.82 64.07 45.46
CA ARG A 1231 -23.71 64.97 44.72
C ARG A 1231 -25.13 64.99 45.29
N TYR A 1232 -25.99 65.76 44.63
CA TYR A 1232 -27.42 65.77 44.93
C TYR A 1232 -28.09 64.83 43.94
N LEU A 1233 -28.61 63.68 44.36
CA LEU A 1233 -29.14 62.65 43.42
C LEU A 1233 -30.26 63.18 42.53
N ILE A 1234 -30.33 62.71 41.29
CA ILE A 1234 -31.41 63.12 40.36
C ILE A 1234 -31.81 61.90 39.53
N ASP A 1235 -33.09 61.50 39.54
CA ASP A 1235 -33.51 60.43 38.65
C ASP A 1235 -33.16 60.76 37.21
N ALA A 1236 -32.99 59.71 36.38
CA ALA A 1236 -32.67 59.84 34.96
C ALA A 1236 -33.76 60.47 34.09
N SER A 1237 -35.00 60.56 34.56
CA SER A 1237 -36.11 61.19 33.86
C SER A 1237 -36.24 62.67 34.19
N MET A 1238 -35.31 63.21 34.98
CA MET A 1238 -35.32 64.61 35.37
C MET A 1238 -34.12 65.39 34.88
N VAL A 1239 -33.23 64.77 34.09
CA VAL A 1239 -31.95 65.39 33.63
C VAL A 1239 -32.11 66.52 32.61
N PRO A 1240 -32.88 66.46 31.49
CA PRO A 1240 -32.86 67.55 30.51
C PRO A 1240 -33.30 68.95 30.97
N LEU A 1241 -32.82 70.03 30.37
CA LEU A 1241 -33.10 71.42 30.74
C LEU A 1241 -34.47 71.93 30.32
N SER A 1242 -35.19 71.24 29.42
CA SER A 1242 -36.55 71.64 29.05
C SER A 1242 -37.52 71.40 30.19
N ILE A 1243 -37.31 70.35 30.98
CA ILE A 1243 -38.15 70.00 32.12
C ILE A 1243 -37.80 70.97 33.25
N MET A 1244 -38.81 71.39 34.03
CA MET A 1244 -38.67 72.44 35.05
C MET A 1244 -37.82 71.99 36.23
N CYS A 1245 -38.27 70.94 36.98
CA CYS A 1245 -37.71 70.34 38.21
C CYS A 1245 -37.46 71.35 39.33
N PRO A 1246 -38.51 71.89 40.01
CA PRO A 1246 -38.31 72.95 41.03
C PRO A 1246 -37.52 72.57 42.28
N SER A 1247 -37.38 71.27 42.61
CA SER A 1247 -36.68 70.82 43.82
C SER A 1247 -35.19 70.57 43.59
N TYR A 1248 -34.58 71.23 42.62
CA TYR A 1248 -33.18 71.02 42.24
C TYR A 1248 -32.28 71.86 43.14
N ASP A 1249 -31.51 71.21 44.00
CA ASP A 1249 -30.58 71.89 44.92
C ASP A 1249 -29.20 71.25 44.82
N PRO A 1250 -28.40 71.58 43.79
CA PRO A 1250 -27.07 70.97 43.65
C PRO A 1250 -26.06 71.50 44.65
N VAL A 1251 -24.99 70.72 44.85
CA VAL A 1251 -23.92 71.09 45.77
C VAL A 1251 -22.76 71.69 44.97
N GLU A 1252 -22.18 72.77 45.49
CA GLU A 1252 -21.07 73.43 44.85
C GLU A 1252 -19.76 72.91 45.44
N TYR A 1253 -18.97 72.22 44.64
CA TYR A 1253 -17.71 71.66 45.11
C TYR A 1253 -16.64 71.85 44.05
N THR A 1254 -15.48 72.34 44.49
CA THR A 1254 -14.30 72.48 43.65
C THR A 1254 -13.15 71.79 44.36
N HIS A 1255 -12.42 70.93 43.61
CA HIS A 1255 -11.28 70.15 44.10
C HIS A 1255 -10.13 71.07 44.53
N PRO A 1256 -9.36 70.69 45.59
CA PRO A 1256 -8.17 71.48 46.01
C PRO A 1256 -7.07 71.65 44.98
N SER A 1257 -6.86 70.65 44.12
CA SER A 1257 -5.88 70.73 43.03
C SER A 1257 -6.24 71.81 42.02
N VAL A 1258 -7.53 71.89 41.65
CA VAL A 1258 -8.02 72.92 40.73
C VAL A 1258 -8.00 74.30 41.40
N ALA A 1259 -8.38 74.37 42.69
CA ALA A 1259 -8.40 75.60 43.48
C ALA A 1259 -7.02 76.16 43.84
N ALA A 1260 -5.92 75.41 43.65
CA ALA A 1260 -4.56 75.83 43.88
C ALA A 1260 -3.96 76.66 42.75
N GLN A 1261 -4.74 76.71 41.65
CA GLN A 1261 -4.49 77.52 40.42
C GLN A 1261 -3.31 77.13 39.53
N PRO A 1262 -3.20 75.92 38.92
CA PRO A 1262 -2.12 75.65 37.96
C PRO A 1262 -2.25 76.36 36.60
N VAL A 1263 -1.35 76.01 35.69
CA VAL A 1263 -1.30 76.62 34.35
C VAL A 1263 -2.51 76.21 33.48
N TRP A 1264 -3.06 75.01 33.70
CA TRP A 1264 -4.15 74.52 32.86
C TRP A 1264 -5.52 74.84 33.44
N ALA A 1265 -5.58 75.64 34.50
CA ALA A 1265 -6.83 75.98 35.17
C ALA A 1265 -7.25 77.41 34.85
N ASP A 1266 -8.52 77.58 34.51
CA ASP A 1266 -9.12 78.89 34.25
C ASP A 1266 -9.26 79.74 35.54
N PRO A 1267 -9.32 81.09 35.42
CA PRO A 1267 -9.59 81.95 36.59
C PRO A 1267 -10.95 81.70 37.25
N ALA A 1268 -10.98 81.90 38.59
CA ALA A 1268 -12.15 81.65 39.43
C ALA A 1268 -13.38 82.52 39.13
N ASP A 1269 -13.20 83.69 38.50
CA ASP A 1269 -14.32 84.54 38.13
C ASP A 1269 -14.51 84.37 36.63
N PRO A 1270 -15.57 83.69 36.17
CA PRO A 1270 -15.74 83.44 34.73
C PRO A 1270 -16.38 84.58 33.93
N ARG A 1271 -16.55 85.78 34.52
CA ARG A 1271 -17.21 86.90 33.83
C ARG A 1271 -16.38 87.47 32.69
N LYS A 1272 -15.06 87.34 32.76
CA LYS A 1272 -14.18 87.83 31.70
C LYS A 1272 -13.89 86.77 30.64
N ILE A 1273 -14.45 85.58 30.77
CA ILE A 1273 -14.22 84.50 29.83
C ILE A 1273 -15.32 84.55 28.78
N LYS A 1274 -14.93 84.50 27.51
CA LYS A 1274 -15.88 84.47 26.40
C LYS A 1274 -16.06 83.05 25.90
N PHE A 1275 -17.30 82.57 25.91
CA PHE A 1275 -17.60 81.21 25.49
C PHE A 1275 -18.15 81.24 24.06
N ASN A 1276 -18.30 80.04 23.48
CA ASN A 1276 -18.78 79.66 22.14
C ASN A 1276 -17.89 80.11 20.96
N VAL A 1277 -16.74 80.75 21.20
CA VAL A 1277 -15.80 81.20 20.19
C VAL A 1277 -14.41 80.85 20.71
N LYS A 1278 -13.42 80.85 19.80
CA LYS A 1278 -12.03 80.61 20.17
C LYS A 1278 -11.49 81.78 21.00
N ASP A 1279 -11.13 81.52 22.25
CA ASP A 1279 -10.72 82.59 23.16
C ASP A 1279 -9.23 82.48 23.49
N GLU A 1280 -8.56 83.62 23.55
CA GLU A 1280 -7.13 83.68 23.83
C GLU A 1280 -6.89 84.03 25.29
N VAL A 1281 -6.32 83.09 26.05
CA VAL A 1281 -5.88 83.37 27.42
C VAL A 1281 -4.36 83.26 27.44
N ASN A 1282 -3.71 84.39 27.85
CA ASN A 1282 -2.24 84.64 27.88
C ASN A 1282 -1.56 84.42 26.53
N GLY A 1283 -2.27 84.79 25.46
CA GLY A 1283 -1.86 84.63 24.08
C GLY A 1283 -2.01 83.23 23.52
N LYS A 1284 -2.60 82.30 24.28
CA LYS A 1284 -2.79 80.92 23.85
C LYS A 1284 -4.26 80.68 23.51
N VAL A 1285 -4.50 79.98 22.41
CA VAL A 1285 -5.85 79.75 21.92
C VAL A 1285 -6.50 78.57 22.67
N VAL A 1286 -7.78 78.73 23.04
CA VAL A 1286 -8.62 77.71 23.65
C VAL A 1286 -9.87 77.67 22.78
N ASP A 1287 -10.36 76.44 22.51
CA ASP A 1287 -11.48 76.18 21.59
C ASP A 1287 -12.78 76.82 22.05
N ARG A 1288 -13.30 76.39 23.22
CA ARG A 1288 -14.50 76.82 23.94
C ARG A 1288 -15.84 76.63 23.20
N THR A 1289 -15.89 75.88 22.11
CA THR A 1289 -17.12 75.66 21.36
C THR A 1289 -17.62 74.24 21.60
N SER A 1290 -18.90 74.13 21.93
CA SER A 1290 -19.52 72.85 22.21
C SER A 1290 -20.19 72.30 20.95
N CYS A 1291 -20.22 70.97 20.85
CA CYS A 1291 -20.87 70.28 19.74
C CYS A 1291 -22.40 70.20 19.86
N HIS A 1292 -22.99 70.67 20.97
CA HIS A 1292 -24.43 70.75 21.15
C HIS A 1292 -25.04 71.76 20.18
N PRO A 1293 -26.12 71.42 19.44
CA PRO A 1293 -26.75 72.36 18.49
C PRO A 1293 -27.33 73.64 19.09
N SER A 1294 -27.86 73.58 20.32
CA SER A 1294 -28.42 74.75 20.97
C SER A 1294 -27.33 75.73 21.40
N GLY A 1295 -26.18 75.22 21.83
CA GLY A 1295 -25.10 76.04 22.34
C GLY A 1295 -25.12 76.11 23.86
N ILE A 1296 -24.17 76.87 24.40
CA ILE A 1296 -24.02 77.04 25.83
C ILE A 1296 -24.74 78.32 26.24
N SER A 1297 -25.58 78.23 27.27
CA SER A 1297 -26.28 79.38 27.81
C SER A 1297 -25.57 79.86 29.06
N ILE A 1298 -25.50 81.17 29.23
CA ILE A 1298 -24.75 81.80 30.32
C ILE A 1298 -25.74 82.24 31.39
N ASP A 1299 -25.51 81.79 32.63
CA ASP A 1299 -26.30 82.23 33.79
C ASP A 1299 -26.02 83.70 34.09
N SER A 1300 -27.07 84.48 34.29
CA SER A 1300 -26.93 85.92 34.50
C SER A 1300 -26.40 86.28 35.88
N ASN A 1301 -26.75 85.48 36.91
CA ASN A 1301 -26.40 85.79 38.30
C ASN A 1301 -24.91 85.67 38.60
N THR A 1302 -24.28 84.57 38.18
CA THR A 1302 -22.90 84.31 38.54
C THR A 1302 -21.93 84.33 37.36
N GLY A 1303 -22.43 84.30 36.13
CA GLY A 1303 -21.60 84.25 34.94
C GLY A 1303 -21.08 82.88 34.55
N ARG A 1304 -21.39 81.83 35.32
CA ARG A 1304 -20.94 80.49 35.03
C ARG A 1304 -21.71 79.90 33.84
N PRO A 1305 -21.05 79.09 33.00
CA PRO A 1305 -21.78 78.38 31.93
C PRO A 1305 -22.69 77.29 32.47
N ILE A 1306 -23.73 76.98 31.68
CA ILE A 1306 -24.71 75.96 32.01
C ILE A 1306 -24.56 74.84 30.99
N ASN A 1307 -24.45 73.60 31.49
CA ASN A 1307 -24.26 72.37 30.71
C ASN A 1307 -25.51 72.13 29.85
N PRO A 1308 -25.39 72.09 28.52
CA PRO A 1308 -26.56 71.87 27.67
C PRO A 1308 -27.02 70.42 27.61
N TRP A 1309 -26.18 69.49 28.05
CA TRP A 1309 -26.45 68.06 27.97
C TRP A 1309 -27.22 67.52 29.16
N GLY A 1310 -27.63 68.38 30.09
CA GLY A 1310 -28.49 68.01 31.18
C GLY A 1310 -27.91 68.37 32.53
N ARG A 1311 -28.68 68.04 33.55
CA ARG A 1311 -28.28 68.28 34.93
C ARG A 1311 -27.45 67.10 35.44
N THR A 1312 -26.49 67.42 36.31
CA THR A 1312 -25.65 66.40 36.96
C THR A 1312 -25.72 66.48 38.47
N GLY A 1313 -26.57 67.33 39.03
CA GLY A 1313 -26.70 67.47 40.47
C GLY A 1313 -25.53 68.10 41.18
N MET A 1314 -24.74 68.92 40.49
CA MET A 1314 -23.49 69.49 41.04
C MET A 1314 -23.05 70.71 40.24
N THR A 1315 -22.87 71.84 40.91
CA THR A 1315 -22.29 73.04 40.33
C THR A 1315 -20.80 73.12 40.68
N GLY A 1316 -20.14 74.15 40.18
CA GLY A 1316 -18.71 74.31 40.37
C GLY A 1316 -17.92 73.53 39.33
N ARG A 1317 -16.60 73.63 39.43
CA ARG A 1317 -15.74 73.00 38.42
C ARG A 1317 -15.35 71.57 38.74
N GLY A 1318 -15.30 71.20 40.02
CA GLY A 1318 -14.88 69.87 40.45
C GLY A 1318 -13.42 69.60 40.12
N LEU A 1319 -13.16 68.45 39.49
CA LEU A 1319 -11.80 68.08 39.09
C LEU A 1319 -11.37 68.70 37.77
N LEU A 1320 -12.28 69.34 37.05
CA LEU A 1320 -11.99 69.90 35.75
C LEU A 1320 -11.47 71.32 35.86
N GLY A 1321 -10.43 71.63 35.09
CA GLY A 1321 -9.75 72.90 35.26
C GLY A 1321 -10.35 74.07 34.51
N LYS A 1322 -11.11 73.80 33.45
CA LYS A 1322 -11.62 74.86 32.60
C LYS A 1322 -13.13 74.94 32.73
N TRP A 1323 -13.64 76.17 32.88
CA TRP A 1323 -15.08 76.44 32.85
C TRP A 1323 -15.66 76.09 31.49
N GLY A 1324 -16.79 75.40 31.50
CA GLY A 1324 -17.43 75.05 30.25
C GLY A 1324 -16.87 73.79 29.65
N VAL A 1325 -16.52 73.88 28.38
CA VAL A 1325 -16.12 72.71 27.62
C VAL A 1325 -14.64 72.42 27.88
N ASN A 1326 -14.38 71.24 28.43
CA ASN A 1326 -13.03 70.70 28.50
C ASN A 1326 -12.85 69.82 27.27
N GLN A 1327 -12.03 70.28 26.34
CA GLN A 1327 -11.82 69.56 25.09
C GLN A 1327 -10.85 68.43 25.35
N ALA A 1328 -11.27 67.21 25.08
CA ALA A 1328 -10.42 66.05 25.19
C ALA A 1328 -10.22 65.47 23.80
N ALA A 1329 -9.06 64.87 23.60
CA ALA A 1329 -8.76 64.17 22.36
C ALA A 1329 -8.47 62.72 22.71
N ASP A 1330 -9.14 61.82 22.02
CA ASP A 1330 -8.92 60.38 22.17
C ASP A 1330 -8.31 59.80 20.90
N THR A 1331 -7.39 58.87 21.10
CA THR A 1331 -6.63 58.24 20.02
C THR A 1331 -6.98 56.76 19.96
N VAL A 1332 -7.70 56.35 18.92
CA VAL A 1332 -8.04 54.94 18.74
C VAL A 1332 -7.13 54.42 17.64
N VAL A 1333 -6.06 53.74 18.03
CA VAL A 1333 -5.15 53.12 17.07
C VAL A 1333 -5.63 51.68 16.86
N THR A 1334 -6.06 51.37 15.65
CA THR A 1334 -6.71 50.11 15.34
C THR A 1334 -5.96 49.31 14.30
N ARG A 1335 -6.18 48.01 14.36
CA ARG A 1335 -5.68 47.08 13.37
C ARG A 1335 -6.68 45.93 13.31
N TRP A 1336 -6.67 45.22 12.19
CA TRP A 1336 -7.54 44.07 12.03
C TRP A 1336 -6.99 42.92 12.89
N LYS A 1337 -7.89 42.23 13.59
CA LYS A 1337 -7.48 41.08 14.40
C LYS A 1337 -7.18 39.92 13.49
N ARG A 1338 -5.91 39.51 13.45
CA ARG A 1338 -5.44 38.48 12.53
C ARG A 1338 -4.93 37.28 13.28
N SER A 1339 -5.09 36.10 12.66
CA SER A 1339 -4.53 34.85 13.24
C SER A 1339 -3.13 34.65 12.65
N PRO A 1340 -2.24 33.80 13.24
CA PRO A 1340 -0.92 33.54 12.66
C PRO A 1340 -0.89 33.39 11.13
N ASP A 1341 -1.77 32.55 10.57
CA ASP A 1341 -1.80 32.32 9.13
C ASP A 1341 -2.00 33.59 8.29
N GLY A 1342 -2.40 34.72 8.90
CA GLY A 1342 -2.59 35.99 8.23
C GLY A 1342 -4.02 36.35 7.89
N SER A 1343 -4.96 35.41 8.02
CA SER A 1343 -6.36 35.68 7.73
C SER A 1343 -7.02 36.52 8.83
N ILE A 1344 -7.84 37.48 8.41
CA ILE A 1344 -8.54 38.37 9.34
C ILE A 1344 -9.66 37.59 10.01
N LEU A 1345 -9.78 37.72 11.34
CA LEU A 1345 -10.84 37.08 12.10
C LEU A 1345 -12.20 37.70 11.78
N GLU A 1346 -13.21 36.85 11.61
CA GLU A 1346 -14.54 37.31 11.20
C GLU A 1346 -15.60 36.80 12.16
N ARG A 1347 -16.40 37.71 12.71
CA ARG A 1347 -17.51 37.36 13.58
C ARG A 1347 -18.73 38.14 13.12
N ASP A 1348 -19.88 37.45 13.08
CA ASP A 1348 -21.23 37.93 12.67
C ASP A 1348 -21.21 38.51 11.22
N GLY A 1349 -20.40 37.90 10.34
CA GLY A 1349 -20.26 38.34 8.97
C GLY A 1349 -19.47 39.61 8.74
N LYS A 1350 -18.79 40.14 9.76
CA LYS A 1350 -18.01 41.36 9.68
C LYS A 1350 -16.61 41.09 10.22
N LYS A 1351 -15.65 41.85 9.72
CA LYS A 1351 -14.27 41.74 10.18
C LYS A 1351 -14.10 42.34 11.58
N VAL A 1352 -13.24 41.72 12.38
CA VAL A 1352 -13.08 42.05 13.79
C VAL A 1352 -11.91 43.02 13.94
N LEU A 1353 -12.12 44.12 14.67
CA LEU A 1353 -11.09 45.11 14.93
C LEU A 1353 -10.34 44.80 16.21
N GLU A 1354 -9.28 45.57 16.46
CA GLU A 1354 -8.47 45.45 17.67
C GLU A 1354 -7.86 46.81 17.95
N PHE A 1355 -7.99 47.29 19.19
CA PHE A 1355 -7.54 48.64 19.54
C PHE A 1355 -6.63 48.60 20.76
N VAL A 1356 -5.78 49.62 20.85
CA VAL A 1356 -4.86 49.76 21.98
C VAL A 1356 -5.64 50.33 23.16
N ALA A 1357 -5.65 49.62 24.27
CA ALA A 1357 -6.38 50.02 25.46
C ALA A 1357 -5.46 50.13 26.66
N ILE A 1358 -5.66 51.18 27.45
CA ILE A 1358 -4.85 51.42 28.63
C ILE A 1358 -5.69 51.25 29.89
N GLN A 1359 -5.04 50.79 30.95
CA GLN A 1359 -5.68 50.67 32.25
C GLN A 1359 -5.37 51.94 33.05
N ARG A 1360 -6.41 52.73 33.35
CA ARG A 1360 -6.27 54.02 34.02
C ARG A 1360 -5.75 53.90 35.44
N GLN A 1361 -4.94 54.90 35.85
CA GLN A 1361 -4.35 54.91 37.18
C GLN A 1361 -5.39 55.21 38.26
N ASP A 1362 -6.35 56.09 37.95
CA ASP A 1362 -7.27 56.60 38.98
C ASP A 1362 -8.39 55.61 39.34
N ASN A 1363 -9.05 54.99 38.35
CA ASN A 1363 -10.21 54.16 38.65
C ASN A 1363 -10.12 52.70 38.21
N LYS A 1364 -8.96 52.28 37.65
CA LYS A 1364 -8.59 50.91 37.20
C LYS A 1364 -9.60 50.30 36.21
N MET A 1365 -10.13 51.12 35.32
CA MET A 1365 -10.96 50.68 34.21
C MET A 1365 -10.22 50.91 32.91
N TRP A 1366 -10.34 49.95 31.99
CA TRP A 1366 -9.72 50.03 30.68
C TRP A 1366 -10.38 51.13 29.85
N ALA A 1367 -9.58 51.79 29.01
CA ALA A 1367 -10.02 52.98 28.30
C ALA A 1367 -9.17 53.22 27.07
N ILE A 1368 -9.66 54.12 26.24
CA ILE A 1368 -8.94 54.61 25.08
C ILE A 1368 -7.93 55.66 25.55
N PRO A 1369 -6.65 55.61 25.08
CA PRO A 1369 -5.67 56.66 25.42
C PRO A 1369 -6.11 58.04 24.94
N GLY A 1370 -5.87 59.05 25.75
CA GLY A 1370 -6.29 60.38 25.38
C GLY A 1370 -6.19 61.29 26.57
N GLY A 1371 -6.42 62.57 26.31
CA GLY A 1371 -6.29 63.54 27.37
C GLY A 1371 -6.79 64.89 26.93
N PHE A 1372 -6.81 65.81 27.89
CA PHE A 1372 -7.31 67.16 27.69
C PHE A 1372 -6.41 67.96 26.76
N VAL A 1373 -7.03 68.79 25.93
CA VAL A 1373 -6.31 69.64 24.99
C VAL A 1373 -5.68 70.81 25.75
N ASP A 1374 -4.35 70.93 25.64
CA ASP A 1374 -3.59 71.97 26.31
C ASP A 1374 -3.83 73.33 25.63
N ASN A 1375 -3.45 74.39 26.35
CA ASN A 1375 -3.63 75.76 25.88
C ASN A 1375 -2.69 76.08 24.72
N GLY A 1376 -3.22 76.69 23.67
CA GLY A 1376 -2.42 77.09 22.51
C GLY A 1376 -2.07 75.98 21.54
N GLU A 1377 -2.63 74.79 21.70
CA GLU A 1377 -2.36 73.65 20.82
C GLU A 1377 -3.66 73.07 20.31
N ASP A 1378 -3.55 72.32 19.22
CA ASP A 1378 -4.70 71.75 18.52
C ASP A 1378 -4.84 70.27 18.85
N VAL A 1379 -5.86 69.64 18.27
CA VAL A 1379 -6.19 68.23 18.47
C VAL A 1379 -5.12 67.29 17.87
N ALA A 1380 -4.48 67.76 16.77
CA ALA A 1380 -3.43 67.06 16.01
C ALA A 1380 -2.21 66.70 16.85
N LEU A 1381 -1.67 67.70 17.55
CA LEU A 1381 -0.54 67.51 18.46
C LEU A 1381 -0.95 66.69 19.68
N THR A 1382 -2.15 66.98 20.22
CA THR A 1382 -2.67 66.44 21.49
C THR A 1382 -2.90 64.93 21.45
N SER A 1383 -3.53 64.44 20.35
CA SER A 1383 -3.89 63.04 20.14
C SER A 1383 -2.66 62.14 20.08
N GLY A 1384 -1.70 62.57 19.24
CA GLY A 1384 -0.43 61.88 19.07
C GLY A 1384 0.43 61.90 20.33
N ARG A 1385 0.53 63.08 20.99
CA ARG A 1385 1.33 63.30 22.21
C ARG A 1385 0.83 62.47 23.40
N GLU A 1386 -0.51 62.44 23.60
CA GLU A 1386 -1.12 61.65 24.67
C GLU A 1386 -0.97 60.15 24.42
N PHE A 1387 -1.01 59.71 23.16
CA PHE A 1387 -0.84 58.28 22.82
C PHE A 1387 0.60 57.85 23.06
N MET A 1388 1.58 58.67 22.70
CA MET A 1388 2.98 58.32 23.02
C MET A 1388 3.24 58.35 24.54
N GLU A 1389 2.69 59.34 25.26
CA GLU A 1389 2.90 59.42 26.71
C GLU A 1389 2.21 58.28 27.47
N GLU A 1390 0.97 57.95 27.11
CA GLU A 1390 0.22 56.98 27.92
C GLU A 1390 0.39 55.54 27.45
N ALA A 1391 0.09 55.27 26.17
CA ALA A 1391 0.14 53.90 25.63
C ALA A 1391 1.57 53.42 25.41
N LEU A 1392 2.45 54.31 24.97
CA LEU A 1392 3.82 53.94 24.65
C LEU A 1392 4.82 54.27 25.76
N GLY A 1393 4.48 55.19 26.67
CA GLY A 1393 5.41 55.62 27.69
C GLY A 1393 6.59 56.45 27.26
N MET A 1394 6.43 57.21 26.17
CA MET A 1394 7.55 57.98 25.55
C MET A 1394 7.88 59.30 26.26
N GLY A 1395 7.21 59.64 27.35
CA GLY A 1395 7.52 60.81 28.14
C GLY A 1395 8.73 60.63 29.03
N THR A 1396 8.60 59.81 30.08
CA THR A 1396 9.70 59.59 31.01
C THR A 1396 9.78 58.13 31.47
N SER A 1397 9.31 57.18 30.64
CA SER A 1397 9.27 55.80 31.10
C SER A 1397 9.75 54.77 30.08
N ALA A 1398 10.42 55.19 29.00
CA ALA A 1398 10.90 54.26 27.99
C ALA A 1398 12.14 54.81 27.31
N ASP A 1399 12.91 53.91 26.71
CA ASP A 1399 14.11 54.30 25.97
C ASP A 1399 13.73 54.93 24.63
N LEU A 1400 14.68 55.68 24.06
CA LEU A 1400 14.50 56.39 22.79
C LEU A 1400 14.36 55.44 21.60
N MET A 1401 13.38 55.75 20.73
CA MET A 1401 13.11 54.96 19.54
C MET A 1401 14.16 55.17 18.46
N SER A 1402 14.31 54.14 17.62
CA SER A 1402 15.19 54.16 16.47
C SER A 1402 14.65 55.11 15.39
N ALA A 1403 15.55 55.52 14.47
CA ALA A 1403 15.24 56.45 13.38
C ALA A 1403 14.25 55.90 12.34
N GLU A 1404 14.11 54.58 12.21
CA GLU A 1404 13.15 53.97 11.30
C GLU A 1404 11.80 53.71 11.97
N SER A 1405 11.80 53.43 13.29
CA SER A 1405 10.56 53.26 14.07
C SER A 1405 9.79 54.57 14.19
N LYS A 1406 10.49 55.70 14.34
CA LYS A 1406 9.88 57.03 14.35
C LYS A 1406 9.23 57.37 13.01
N ASP A 1407 9.89 56.99 11.90
CA ASP A 1407 9.34 57.15 10.55
C ASP A 1407 8.11 56.27 10.33
N SER A 1408 8.14 55.03 10.88
CA SER A 1408 7.00 54.11 10.84
C SER A 1408 5.80 54.65 11.62
N LEU A 1409 6.07 55.20 12.82
CA LEU A 1409 5.03 55.80 13.67
C LEU A 1409 4.45 57.06 13.03
N ALA A 1410 5.32 57.86 12.38
CA ALA A 1410 4.91 59.05 11.63
C ALA A 1410 4.06 58.68 10.42
N ALA A 1411 4.41 57.59 9.73
CA ALA A 1411 3.62 57.05 8.62
C ALA A 1411 2.25 56.57 9.09
N LEU A 1412 2.21 55.93 10.27
CA LEU A 1412 0.96 55.51 10.91
C LEU A 1412 0.08 56.71 11.29
N PHE A 1413 0.70 57.77 11.78
CA PHE A 1413 0.00 58.94 12.30
C PHE A 1413 -0.36 59.96 11.23
N SER A 1414 0.08 59.75 9.98
CA SER A 1414 -0.21 60.71 8.92
C SER A 1414 -1.59 60.56 8.30
N SER A 1415 -2.28 59.45 8.55
CA SER A 1415 -3.60 59.20 7.97
C SER A 1415 -4.60 58.92 9.09
N GLY A 1416 -5.19 59.97 9.62
CA GLY A 1416 -6.19 59.85 10.68
C GLY A 1416 -7.49 60.53 10.28
N THR A 1417 -8.61 59.92 10.67
CA THR A 1417 -9.94 60.43 10.36
C THR A 1417 -10.65 60.72 11.67
N ILE A 1418 -11.20 61.93 11.78
CA ILE A 1418 -12.00 62.31 12.94
C ILE A 1418 -13.35 61.63 12.79
N VAL A 1419 -13.61 60.63 13.63
CA VAL A 1419 -14.83 59.85 13.48
C VAL A 1419 -16.01 60.42 14.26
N ALA A 1420 -15.77 61.09 15.39
CA ALA A 1420 -16.85 61.61 16.22
C ALA A 1420 -16.34 62.78 17.05
N ARG A 1421 -17.26 63.66 17.42
CA ARG A 1421 -17.03 64.75 18.37
C ARG A 1421 -18.26 64.80 19.26
N ILE A 1422 -18.19 64.10 20.40
CA ILE A 1422 -19.38 63.84 21.20
C ILE A 1422 -19.17 64.32 22.63
N TYR A 1423 -20.23 64.26 23.43
CA TYR A 1423 -20.17 64.62 24.86
C TYR A 1423 -19.74 63.38 25.60
N CYS A 1424 -19.04 63.52 26.70
CA CYS A 1424 -18.48 62.34 27.36
C CYS A 1424 -19.21 62.04 28.67
N GLU A 1425 -19.69 60.80 28.83
CA GLU A 1425 -20.35 60.34 30.06
C GLU A 1425 -19.30 60.06 31.10
N ASP A 1426 -18.49 61.03 31.43
CA ASP A 1426 -17.41 61.11 32.40
C ASP A 1426 -17.98 61.42 33.77
N PRO A 1427 -17.67 60.61 34.81
CA PRO A 1427 -18.17 60.89 36.19
C PRO A 1427 -17.70 62.20 36.84
N ARG A 1428 -16.64 62.86 36.34
CA ARG A 1428 -16.14 64.13 36.84
C ARG A 1428 -16.90 65.34 36.31
N ASN A 1429 -17.86 65.14 35.39
CA ASN A 1429 -18.64 66.22 34.78
C ASN A 1429 -19.54 66.91 35.79
N THR A 1430 -19.64 68.24 35.67
CA THR A 1430 -20.56 69.01 36.50
C THR A 1430 -21.47 69.86 35.62
N ASP A 1431 -22.27 70.74 36.25
CA ASP A 1431 -23.14 71.64 35.51
C ASP A 1431 -22.41 72.82 34.90
N ASN A 1432 -21.20 73.13 35.38
CA ASN A 1432 -20.44 74.27 34.88
C ASN A 1432 -19.12 73.86 34.23
N ALA A 1433 -18.83 72.57 34.15
CA ALA A 1433 -17.61 72.07 33.52
C ALA A 1433 -17.88 70.65 33.07
N TRP A 1434 -17.76 70.39 31.77
CA TRP A 1434 -18.04 69.08 31.22
C TRP A 1434 -17.01 68.76 30.15
N VAL A 1435 -16.74 67.47 29.98
CA VAL A 1435 -15.74 67.01 29.01
C VAL A 1435 -16.43 66.68 27.69
N GLU A 1436 -15.91 67.21 26.60
CA GLU A 1436 -16.37 66.86 25.25
C GLU A 1436 -15.18 66.38 24.45
N THR A 1437 -15.34 65.27 23.73
CA THR A 1437 -14.22 64.58 23.11
C THR A 1437 -14.29 64.66 21.60
N THR A 1438 -13.09 64.78 21.02
CA THR A 1438 -12.87 64.57 19.59
C THR A 1438 -12.09 63.26 19.48
N CYS A 1439 -12.62 62.33 18.69
CA CYS A 1439 -12.03 61.02 18.55
C CYS A 1439 -11.31 60.91 17.21
N VAL A 1440 -10.03 60.52 17.25
CA VAL A 1440 -9.22 60.37 16.05
C VAL A 1440 -8.84 58.91 15.92
N ASN A 1441 -9.15 58.32 14.77
CA ASN A 1441 -8.89 56.91 14.51
C ASN A 1441 -7.70 56.79 13.57
N PHE A 1442 -6.69 56.04 13.99
CA PHE A 1442 -5.54 55.71 13.16
C PHE A 1442 -5.63 54.23 12.85
N HIS A 1443 -6.04 53.90 11.63
CA HIS A 1443 -6.27 52.51 11.26
C HIS A 1443 -5.09 52.01 10.43
N ASP A 1444 -4.60 50.82 10.78
CA ASP A 1444 -3.52 50.17 10.05
C ASP A 1444 -4.11 49.03 9.22
N GLU A 1445 -4.32 49.31 7.92
CA GLU A 1445 -4.91 48.35 6.98
C GLU A 1445 -3.99 47.15 6.76
N SER A 1446 -2.71 47.40 6.52
CA SER A 1446 -1.76 46.30 6.31
C SER A 1446 -1.35 45.64 7.61
N GLY A 1447 -1.28 46.39 8.71
CA GLY A 1447 -0.83 45.86 9.97
C GLY A 1447 0.66 45.95 10.23
N ARG A 1448 1.42 46.54 9.30
CA ARG A 1448 2.88 46.64 9.44
C ARG A 1448 3.30 47.63 10.52
N HIS A 1449 2.71 48.83 10.52
CA HIS A 1449 3.04 49.90 11.47
C HIS A 1449 2.60 49.57 12.90
N ALA A 1450 1.43 48.90 13.05
CA ALA A 1450 0.89 48.52 14.35
C ALA A 1450 1.75 47.46 15.04
N ALA A 1451 2.32 46.54 14.25
CA ALA A 1451 3.18 45.46 14.77
C ALA A 1451 4.52 45.94 15.32
N ARG A 1452 4.98 47.14 14.95
CA ARG A 1452 6.23 47.72 15.42
C ARG A 1452 6.08 48.49 16.72
N LEU A 1453 4.88 48.57 17.28
CA LEU A 1453 4.66 49.31 18.51
C LEU A 1453 5.02 48.44 19.71
N LYS A 1454 5.83 48.99 20.60
CA LYS A 1454 6.20 48.30 21.84
C LYS A 1454 5.35 48.90 22.94
N LEU A 1455 4.21 48.25 23.22
CA LEU A 1455 3.24 48.75 24.18
C LEU A 1455 3.75 48.61 25.61
N GLN A 1456 3.75 49.73 26.34
CA GLN A 1456 4.26 49.78 27.71
C GLN A 1456 3.60 50.99 28.36
N GLY A 1457 2.77 50.74 29.39
CA GLY A 1457 2.07 51.77 30.13
C GLY A 1457 2.93 52.79 30.85
N GLY A 1458 2.62 54.08 30.62
CA GLY A 1458 3.36 55.16 31.24
C GLY A 1458 2.38 56.24 31.66
N ASP A 1459 2.98 57.18 32.36
CA ASP A 1459 2.24 58.36 32.83
C ASP A 1459 1.10 57.89 33.70
N ASP A 1460 -0.06 58.32 33.31
CA ASP A 1460 -1.33 58.04 34.04
C ASP A 1460 -1.98 56.80 33.45
N ALA A 1461 -1.19 55.77 33.23
CA ALA A 1461 -1.69 54.48 32.79
C ALA A 1461 -0.81 53.37 33.37
N GLU A 1462 -1.45 52.29 33.83
CA GLU A 1462 -0.70 51.19 34.44
C GLU A 1462 -0.24 50.15 33.42
N HIS A 1463 -1.16 49.63 32.60
CA HIS A 1463 -0.85 48.61 31.63
C HIS A 1463 -1.56 48.95 30.33
N ALA A 1464 -0.94 48.60 29.20
CA ALA A 1464 -1.50 48.83 27.87
C ALA A 1464 -1.44 47.54 27.06
N ARG A 1465 -2.50 47.26 26.29
CA ARG A 1465 -2.56 46.02 25.54
C ARG A 1465 -3.48 46.17 24.33
N TRP A 1466 -3.27 45.29 23.35
CA TRP A 1466 -4.18 45.16 22.22
C TRP A 1466 -5.40 44.36 22.66
N MET A 1467 -6.54 45.03 22.55
CA MET A 1467 -7.82 44.47 23.03
C MET A 1467 -8.81 44.37 21.88
N MET A 1468 -9.64 43.34 21.91
CA MET A 1468 -10.62 43.12 20.85
C MET A 1468 -11.83 44.04 21.02
N VAL A 1469 -12.34 44.57 19.90
CA VAL A 1469 -13.46 45.50 19.90
C VAL A 1469 -14.73 44.71 19.73
N HIS A 1470 -15.65 44.84 20.68
CA HIS A 1470 -16.98 44.24 20.59
C HIS A 1470 -17.94 45.07 21.41
N GLY A 1471 -19.24 44.78 21.26
CA GLY A 1471 -20.28 45.56 21.90
C GLY A 1471 -20.46 45.33 23.39
N GLY A 1472 -19.87 44.27 23.94
CA GLY A 1472 -20.01 43.97 25.35
C GLY A 1472 -18.87 44.48 26.21
N LEU A 1473 -18.10 45.44 25.69
CA LEU A 1473 -16.95 45.97 26.41
C LEU A 1473 -17.37 46.89 27.54
N ASN A 1474 -16.69 46.78 28.67
CA ASN A 1474 -16.95 47.61 29.83
C ASN A 1474 -15.78 48.58 29.96
N LEU A 1475 -15.92 49.76 29.37
CA LEU A 1475 -14.87 50.75 29.34
C LEU A 1475 -15.29 52.01 30.08
N PHE A 1476 -14.29 52.84 30.36
CA PHE A 1476 -14.47 54.10 31.08
C PHE A 1476 -15.20 55.09 30.18
N ALA A 1477 -16.13 55.84 30.79
CA ALA A 1477 -16.93 56.98 30.24
C ALA A 1477 -17.73 56.53 29.02
N SER A 1478 -17.74 57.28 27.93
CA SER A 1478 -18.50 56.93 26.73
C SER A 1478 -17.59 56.42 25.63
N HIS A 1479 -16.54 55.67 25.98
CA HIS A 1479 -15.60 55.13 25.01
C HIS A 1479 -16.18 54.00 24.14
N ARG A 1480 -17.23 53.32 24.63
CA ARG A 1480 -17.97 52.33 23.85
C ARG A 1480 -18.68 52.98 22.65
N THR A 1481 -19.22 54.19 22.85
CA THR A 1481 -19.81 55.02 21.80
C THR A 1481 -18.77 55.42 20.75
N LEU A 1482 -17.56 55.77 21.22
CA LEU A 1482 -16.42 56.11 20.35
C LEU A 1482 -15.98 54.92 19.51
N LEU A 1483 -15.92 53.72 20.12
CA LEU A 1483 -15.58 52.48 19.43
C LEU A 1483 -16.66 52.07 18.44
N GLN A 1484 -17.94 52.35 18.78
CA GLN A 1484 -19.09 52.16 17.90
C GLN A 1484 -18.96 53.02 16.65
N HIS A 1485 -18.55 54.29 16.83
CA HIS A 1485 -18.29 55.22 15.72
C HIS A 1485 -17.14 54.76 14.82
N VAL A 1486 -16.05 54.22 15.43
CA VAL A 1486 -14.89 53.67 14.70
C VAL A 1486 -15.29 52.46 13.86
N THR A 1487 -16.07 51.53 14.46
CA THR A 1487 -16.53 50.34 13.74
C THR A 1487 -17.60 50.67 12.70
N SER A 1488 -18.42 51.69 12.96
CA SER A 1488 -19.41 52.15 11.99
C SER A 1488 -18.71 52.71 10.75
N ALA A 1489 -17.64 53.49 10.97
CA ALA A 1489 -16.87 54.08 9.87
C ALA A 1489 -16.08 53.03 9.08
N LEU A 1490 -15.56 52.00 9.75
CA LEU A 1490 -14.74 50.99 9.10
C LEU A 1490 -15.48 49.73 8.67
N ASN A 1491 -16.80 49.66 8.93
CA ASN A 1491 -17.73 48.52 8.67
C ASN A 1491 -17.24 47.24 9.35
N ALA A 1492 -16.84 47.39 10.61
CA ALA A 1492 -16.32 46.32 11.44
C ALA A 1492 -17.39 45.80 12.40
N TYR A 1493 -17.07 44.67 13.04
CA TYR A 1493 -17.95 44.03 14.01
C TYR A 1493 -18.08 44.85 15.29
N PHE A 1494 -19.29 44.97 15.81
CA PHE A 1494 -19.52 45.63 17.12
C PHE A 1494 -20.79 45.03 17.70
N SER B 51 -52.99 -31.64 4.14
CA SER B 51 -52.98 -32.69 5.14
C SER B 51 -54.26 -32.65 5.98
N VAL B 52 -54.13 -32.83 7.29
CA VAL B 52 -55.28 -32.80 8.20
C VAL B 52 -55.69 -31.35 8.43
N ALA B 53 -56.97 -31.04 8.20
CA ALA B 53 -57.52 -29.71 8.39
C ALA B 53 -57.53 -29.29 9.85
N ALA B 54 -57.17 -28.02 10.10
CA ALA B 54 -57.15 -27.46 11.45
C ALA B 54 -58.56 -27.30 12.01
N LYS B 55 -58.72 -27.63 13.29
CA LYS B 55 -60.00 -27.49 13.96
C LYS B 55 -60.01 -26.41 15.03
N THR B 56 -58.85 -26.08 15.61
CA THR B 56 -58.74 -25.08 16.66
C THR B 56 -57.58 -24.14 16.37
N LEU B 57 -57.73 -22.90 16.85
CA LEU B 57 -56.75 -21.85 16.64
C LEU B 57 -56.50 -21.11 17.95
N LEU B 58 -55.27 -20.60 18.09
CA LEU B 58 -54.89 -19.84 19.31
C LEU B 58 -55.04 -18.34 19.04
N ILE B 59 -56.20 -17.77 19.37
CA ILE B 59 -56.49 -16.36 19.13
C ILE B 59 -56.02 -15.57 20.34
N GLU B 60 -55.19 -14.55 20.09
CA GLU B 60 -54.63 -13.71 21.13
C GLU B 60 -55.69 -12.84 21.80
N ASN B 61 -55.62 -12.77 23.14
CA ASN B 61 -56.53 -12.00 23.97
C ASN B 61 -56.29 -10.49 23.78
N GLU B 62 -57.34 -9.70 24.10
CA GLU B 62 -57.28 -8.23 24.06
C GLU B 62 -56.29 -7.61 25.05
N ASP B 63 -55.95 -8.31 26.14
CA ASP B 63 -54.94 -7.90 27.11
C ASP B 63 -53.51 -7.93 26.56
N GLY B 64 -53.25 -8.69 25.49
CA GLY B 64 -51.92 -8.82 24.93
C GLY B 64 -50.96 -9.66 25.72
N LYS B 65 -51.45 -10.51 26.61
CA LYS B 65 -50.61 -11.36 27.43
C LYS B 65 -50.84 -12.85 27.25
N GLY B 66 -51.88 -13.27 26.55
CA GLY B 66 -52.12 -14.70 26.37
C GLY B 66 -52.96 -14.99 25.15
N SER B 67 -53.01 -16.28 24.81
CA SER B 67 -53.76 -16.78 23.66
C SER B 67 -54.72 -17.86 24.12
N THR B 68 -55.96 -17.79 23.66
CA THR B 68 -56.96 -18.79 24.00
C THR B 68 -57.23 -19.72 22.81
N ARG B 69 -57.47 -20.99 23.11
CA ARG B 69 -57.77 -21.97 22.09
C ARG B 69 -59.27 -21.95 21.83
N MET B 70 -59.66 -21.75 20.57
CA MET B 70 -61.07 -21.79 20.21
C MET B 70 -61.23 -22.40 18.83
N GLU B 71 -62.45 -22.91 18.57
CA GLU B 71 -62.81 -23.58 17.32
C GLU B 71 -62.72 -22.63 16.14
N VAL B 72 -62.29 -23.18 14.99
CA VAL B 72 -62.08 -22.43 13.75
C VAL B 72 -63.38 -21.83 13.20
N GLN B 73 -64.50 -22.60 13.23
CA GLN B 73 -65.81 -22.14 12.75
C GLN B 73 -66.40 -21.04 13.63
N ASP B 74 -66.07 -21.05 14.92
CA ASP B 74 -66.51 -20.01 15.84
C ASP B 74 -65.79 -18.69 15.57
N PHE B 75 -64.44 -18.74 15.41
CA PHE B 75 -63.65 -17.53 15.16
C PHE B 75 -63.92 -16.93 13.78
N MET B 76 -63.96 -17.76 12.72
CA MET B 76 -64.08 -17.27 11.33
C MET B 76 -65.48 -16.75 10.95
N LYS B 77 -66.50 -16.85 11.84
CA LYS B 77 -67.85 -16.37 11.62
C LYS B 77 -67.91 -14.84 11.48
N ARG B 78 -66.97 -14.11 12.13
CA ARG B 78 -66.93 -12.64 12.18
C ARG B 78 -66.52 -11.96 10.86
N PHE B 79 -66.15 -12.71 9.81
CA PHE B 79 -65.76 -12.16 8.53
C PHE B 79 -66.94 -12.36 7.57
N HIS B 80 -67.30 -11.31 6.85
CA HIS B 80 -68.45 -11.36 5.97
C HIS B 80 -68.06 -11.16 4.51
N MET B 81 -68.94 -11.62 3.62
CA MET B 81 -68.78 -11.46 2.19
C MET B 81 -70.09 -11.00 1.57
N HIS B 82 -69.97 -10.35 0.41
CA HIS B 82 -71.12 -9.85 -0.32
C HIS B 82 -71.29 -10.63 -1.62
N ALA B 83 -72.50 -11.16 -1.82
CA ALA B 83 -72.81 -11.90 -3.04
C ALA B 83 -72.99 -10.97 -4.23
N SER B 84 -73.44 -9.74 -3.99
CA SER B 84 -73.66 -8.76 -5.03
C SER B 84 -73.44 -7.37 -4.46
N GLU B 85 -73.34 -6.40 -5.37
CA GLU B 85 -73.11 -4.97 -5.05
C GLU B 85 -74.25 -4.39 -4.22
N ASP B 86 -75.51 -4.77 -4.56
CA ASP B 86 -76.74 -4.31 -3.91
C ASP B 86 -76.79 -4.66 -2.42
N ASP B 87 -76.29 -5.87 -2.09
CA ASP B 87 -76.21 -6.40 -0.73
C ASP B 87 -75.30 -5.53 0.13
N LYS B 88 -75.74 -5.24 1.35
CA LYS B 88 -74.96 -4.41 2.27
C LYS B 88 -74.57 -5.14 3.55
N THR B 89 -75.52 -5.80 4.21
CA THR B 89 -75.26 -6.59 5.42
C THR B 89 -74.36 -7.79 5.13
N GLY B 90 -74.62 -8.50 4.04
CA GLY B 90 -73.83 -9.64 3.66
C GLY B 90 -74.18 -10.91 4.40
N SER B 91 -73.42 -11.95 4.09
CA SER B 91 -73.54 -13.28 4.66
C SER B 91 -72.15 -13.68 5.13
N PRO B 92 -72.03 -14.61 6.13
CA PRO B 92 -70.70 -15.09 6.57
C PRO B 92 -69.86 -15.75 5.48
N SER B 93 -68.55 -15.43 5.50
CA SER B 93 -67.61 -15.80 4.45
C SER B 93 -67.31 -17.30 4.45
N THR B 94 -67.57 -17.96 3.32
CA THR B 94 -67.19 -19.34 3.10
C THR B 94 -65.91 -19.46 2.30
N ALA B 95 -65.25 -18.34 1.99
CA ALA B 95 -64.05 -18.32 1.16
C ALA B 95 -62.86 -17.96 2.04
N TRP B 96 -62.30 -18.99 2.69
CA TRP B 96 -61.05 -18.87 3.42
C TRP B 96 -60.41 -20.24 3.47
N GLY B 97 -59.08 -20.25 3.49
CA GLY B 97 -58.36 -21.51 3.50
C GLY B 97 -56.91 -21.31 3.08
N THR B 98 -56.38 -22.24 2.29
CA THR B 98 -55.02 -22.15 1.77
C THR B 98 -55.03 -22.42 0.27
N LEU B 99 -54.19 -21.69 -0.45
CA LEU B 99 -53.99 -21.86 -1.88
C LEU B 99 -52.63 -22.49 -2.11
N ARG B 100 -52.61 -23.47 -3.02
CA ARG B 100 -51.38 -24.12 -3.43
C ARG B 100 -51.03 -23.59 -4.82
N PHE B 101 -49.83 -23.01 -4.94
CA PHE B 101 -49.39 -22.44 -6.24
C PHE B 101 -48.38 -23.41 -6.86
N PRO B 102 -48.41 -23.73 -8.18
CA PRO B 102 -47.41 -24.60 -8.83
C PRO B 102 -45.99 -24.11 -8.60
N THR B 103 -45.06 -25.08 -8.43
CA THR B 103 -43.62 -24.99 -8.15
C THR B 103 -43.28 -24.33 -6.80
N LYS B 104 -44.25 -24.18 -5.89
CA LYS B 104 -44.09 -23.64 -4.54
C LYS B 104 -44.48 -24.74 -3.56
N GLU B 105 -43.57 -25.04 -2.63
CA GLU B 105 -43.80 -26.11 -1.66
C GLU B 105 -44.85 -25.73 -0.62
N ALA B 106 -44.81 -24.52 -0.10
CA ALA B 106 -45.74 -24.12 0.95
C ALA B 106 -47.02 -23.52 0.36
N THR B 107 -48.10 -23.61 1.14
CA THR B 107 -49.38 -23.04 0.78
C THR B 107 -49.59 -21.70 1.47
N ALA B 108 -50.35 -20.83 0.82
CA ALA B 108 -50.60 -19.49 1.33
C ALA B 108 -52.05 -19.33 1.78
N PRO B 109 -52.35 -18.99 3.06
CA PRO B 109 -53.74 -18.73 3.50
C PRO B 109 -54.39 -17.55 2.80
N TYR B 110 -55.70 -17.68 2.65
CA TYR B 110 -56.50 -16.63 2.00
C TYR B 110 -57.75 -16.39 2.81
N LEU B 111 -58.18 -15.15 2.93
CA LEU B 111 -59.42 -14.77 3.60
C LEU B 111 -60.11 -13.71 2.78
N ARG B 112 -61.36 -13.98 2.40
CA ARG B 112 -62.21 -13.01 1.72
C ARG B 112 -63.04 -12.32 2.78
N LEU B 113 -62.83 -11.02 2.92
CA LEU B 113 -63.50 -10.29 4.01
C LEU B 113 -64.09 -8.98 3.47
N SER B 114 -65.15 -8.48 4.09
CA SER B 114 -65.88 -7.30 3.63
C SER B 114 -65.12 -6.01 3.95
N VAL B 115 -65.56 -4.93 3.32
CA VAL B 115 -65.04 -3.58 3.58
C VAL B 115 -65.38 -3.08 4.99
N ASN B 116 -66.51 -3.51 5.57
CA ASN B 116 -66.94 -3.06 6.89
C ASN B 116 -66.29 -3.82 8.04
N ASP B 117 -65.55 -4.88 7.75
CA ASP B 117 -64.89 -5.70 8.76
C ASP B 117 -63.76 -4.97 9.49
N ASP B 118 -63.59 -5.35 10.75
CA ASP B 118 -62.60 -4.78 11.64
C ASP B 118 -61.20 -5.22 11.21
N PRO B 119 -60.26 -4.29 10.94
CA PRO B 119 -58.86 -4.68 10.65
C PRO B 119 -58.11 -5.39 11.77
N GLU B 120 -58.51 -5.18 13.04
CA GLU B 120 -57.99 -5.91 14.20
C GLU B 120 -58.28 -7.41 14.10
N ASP B 121 -59.47 -7.78 13.58
CA ASP B 121 -59.86 -9.18 13.37
C ASP B 121 -58.99 -9.85 12.31
N ALA B 122 -58.71 -9.12 11.22
CA ALA B 122 -57.82 -9.57 10.16
C ALA B 122 -56.38 -9.72 10.66
N LEU B 123 -55.96 -8.77 11.53
CA LEU B 123 -54.66 -8.81 12.21
C LEU B 123 -54.54 -10.03 13.12
N LEU B 124 -55.64 -10.36 13.84
CA LEU B 124 -55.75 -11.56 14.68
C LEU B 124 -55.66 -12.84 13.87
N PHE B 125 -56.27 -12.82 12.66
CA PHE B 125 -56.20 -13.94 11.71
C PHE B 125 -54.76 -14.22 11.25
N VAL B 126 -54.01 -13.15 10.89
CA VAL B 126 -52.60 -13.27 10.44
C VAL B 126 -51.71 -13.79 11.59
N LYS B 127 -51.93 -13.24 12.81
CA LYS B 127 -51.25 -13.67 14.05
C LYS B 127 -51.56 -15.12 14.39
N ALA B 128 -52.83 -15.54 14.16
CA ALA B 128 -53.27 -16.92 14.39
C ALA B 128 -52.59 -17.90 13.43
N MET B 129 -52.45 -17.52 12.14
CA MET B 129 -51.72 -18.35 11.15
C MET B 129 -50.25 -18.53 11.52
N LEU B 130 -49.57 -17.42 11.86
CA LEU B 130 -48.16 -17.44 12.28
C LEU B 130 -47.96 -18.22 13.58
N ALA B 131 -48.90 -18.02 14.53
CA ALA B 131 -48.90 -18.71 15.82
C ALA B 131 -49.12 -20.22 15.64
N GLN B 132 -49.99 -20.59 14.68
CA GLN B 132 -50.23 -22.00 14.36
C GLN B 132 -48.99 -22.66 13.75
N LYS B 133 -48.36 -21.98 12.77
CA LYS B 133 -47.25 -22.60 12.05
C LYS B 133 -45.95 -22.62 12.86
N TYR B 134 -45.62 -21.52 13.55
CA TYR B 134 -44.32 -21.41 14.20
C TYR B 134 -44.37 -21.48 15.71
N GLY B 135 -45.51 -21.81 16.30
CA GLY B 135 -45.61 -21.82 17.75
C GLY B 135 -45.98 -20.45 18.28
N GLU B 136 -46.29 -20.43 19.60
CA GLU B 136 -46.68 -19.22 20.32
C GLU B 136 -45.57 -18.17 20.36
N THR B 137 -44.32 -18.60 20.56
CA THR B 137 -43.19 -17.68 20.64
C THR B 137 -42.53 -17.46 19.28
N TYR B 138 -43.32 -17.09 18.27
CA TYR B 138 -42.81 -16.71 16.96
C TYR B 138 -42.23 -15.30 17.02
N ASP B 139 -41.32 -15.01 16.08
CA ASP B 139 -40.62 -13.73 15.97
C ASP B 139 -41.59 -12.63 15.58
N ARG B 140 -41.91 -11.75 16.55
CA ARG B 140 -42.79 -10.61 16.31
C ARG B 140 -42.12 -9.58 15.41
N PRO B 141 -42.87 -8.92 14.51
CA PRO B 141 -42.24 -7.92 13.63
C PRO B 141 -41.92 -6.61 14.35
N SER B 142 -40.71 -6.12 14.11
CA SER B 142 -40.34 -4.78 14.55
C SER B 142 -40.44 -3.77 13.42
N LEU B 143 -41.00 -4.16 12.27
CA LEU B 143 -41.10 -3.28 11.11
C LEU B 143 -42.21 -3.76 10.19
N ILE B 144 -43.02 -2.81 9.71
CA ILE B 144 -44.07 -3.05 8.72
C ILE B 144 -43.67 -2.30 7.46
N LEU B 145 -43.39 -3.03 6.38
CA LEU B 145 -42.94 -2.48 5.11
C LEU B 145 -44.10 -2.52 4.12
N SER B 146 -44.65 -1.35 3.82
CA SER B 146 -45.72 -1.23 2.84
C SER B 146 -45.14 -0.91 1.46
N VAL B 147 -45.37 -1.77 0.48
CA VAL B 147 -44.83 -1.55 -0.85
C VAL B 147 -45.97 -1.09 -1.74
N THR B 148 -45.86 0.13 -2.26
CA THR B 148 -46.85 0.72 -3.15
C THR B 148 -46.14 1.15 -4.42
N GLY B 149 -46.91 1.36 -5.46
CA GLY B 149 -46.32 1.82 -6.69
C GLY B 149 -47.18 1.41 -7.89
N GLY B 150 -46.45 1.17 -8.99
CA GLY B 150 -47.06 0.93 -10.28
C GLY B 150 -47.84 -0.37 -10.36
N ALA B 151 -49.10 -0.28 -10.82
CA ALA B 151 -49.88 -1.48 -11.05
C ALA B 151 -49.42 -2.21 -12.31
N ARG B 152 -49.12 -1.47 -13.37
CA ARG B 152 -48.67 -2.06 -14.62
C ARG B 152 -47.21 -2.51 -14.51
N ASN B 153 -46.85 -3.48 -15.37
CA ASN B 153 -45.51 -4.06 -15.42
C ASN B 153 -44.46 -3.05 -15.87
N PHE B 154 -43.27 -3.15 -15.24
CA PHE B 154 -42.16 -2.24 -15.57
C PHE B 154 -40.81 -2.92 -15.38
N THR B 155 -39.80 -2.51 -16.15
CA THR B 155 -38.45 -3.07 -16.08
C THR B 155 -37.56 -2.01 -15.47
N LEU B 156 -36.79 -2.39 -14.47
CA LEU B 156 -35.82 -1.54 -13.79
C LEU B 156 -34.40 -1.87 -14.24
N PRO B 157 -33.45 -0.91 -14.16
CA PRO B 157 -32.01 -1.22 -14.39
C PRO B 157 -31.45 -2.25 -13.40
N PRO B 158 -30.54 -3.17 -13.86
CA PRO B 158 -30.02 -4.28 -13.01
C PRO B 158 -29.32 -3.89 -11.70
N ARG B 159 -28.52 -2.80 -11.71
CA ARG B 159 -27.84 -2.30 -10.52
C ARG B 159 -28.84 -1.80 -9.48
N LEU B 160 -29.85 -1.03 -9.95
CA LEU B 160 -30.92 -0.49 -9.12
C LEU B 160 -31.79 -1.59 -8.52
N GLU B 161 -32.13 -2.61 -9.35
CA GLU B 161 -32.93 -3.78 -8.97
C GLU B 161 -32.19 -4.62 -7.93
N THR B 162 -30.88 -4.81 -8.13
CA THR B 162 -29.99 -5.52 -7.22
C THR B 162 -29.89 -4.81 -5.87
N ALA B 163 -29.78 -3.47 -5.90
CA ALA B 163 -29.71 -2.62 -4.70
C ALA B 163 -31.00 -2.67 -3.87
N ILE B 164 -32.17 -2.55 -4.54
CA ILE B 164 -33.51 -2.62 -3.90
C ILE B 164 -33.75 -4.00 -3.30
N ALA B 165 -33.39 -5.07 -4.06
CA ALA B 165 -33.54 -6.47 -3.66
C ALA B 165 -32.68 -6.82 -2.44
N LYS B 166 -31.40 -6.39 -2.48
CA LYS B 166 -30.44 -6.62 -1.39
C LYS B 166 -30.85 -5.90 -0.11
N GLY B 167 -31.22 -4.61 -0.23
CA GLY B 167 -31.66 -3.80 0.92
C GLY B 167 -32.95 -4.27 1.56
N LEU B 168 -33.95 -4.61 0.71
CA LEU B 168 -35.25 -5.10 1.16
C LEU B 168 -35.13 -6.47 1.85
N ARG B 169 -34.31 -7.38 1.27
CA ARG B 169 -34.02 -8.70 1.86
C ARG B 169 -33.31 -8.59 3.21
N LEU B 170 -32.29 -7.69 3.30
CA LEU B 170 -31.56 -7.44 4.54
C LEU B 170 -32.46 -6.89 5.64
N ALA B 171 -33.29 -5.88 5.29
CA ALA B 171 -34.24 -5.24 6.23
C ALA B 171 -35.30 -6.24 6.73
N ALA B 172 -35.85 -7.04 5.79
CA ALA B 172 -36.87 -8.04 6.09
C ALA B 172 -36.31 -9.17 6.96
N GLN B 173 -35.09 -9.65 6.65
CA GLN B 173 -34.52 -10.75 7.43
C GLN B 173 -34.00 -10.27 8.80
N ARG B 174 -33.56 -9.00 8.93
CA ARG B 174 -33.08 -8.53 10.22
C ARG B 174 -34.20 -8.10 11.15
N THR B 175 -35.30 -7.55 10.63
CA THR B 175 -36.35 -7.06 11.53
C THR B 175 -37.56 -7.97 11.66
N ASN B 176 -37.57 -9.13 10.95
CA ASN B 176 -38.73 -10.06 10.78
C ASN B 176 -39.99 -9.35 10.29
N ALA B 177 -39.80 -8.41 9.36
CA ALA B 177 -40.78 -7.42 8.90
C ALA B 177 -41.98 -8.04 8.18
N TRP B 178 -43.14 -7.40 8.37
CA TRP B 178 -44.32 -7.75 7.59
C TRP B 178 -44.39 -6.86 6.36
N VAL B 179 -44.30 -7.47 5.18
CA VAL B 179 -44.36 -6.76 3.93
C VAL B 179 -45.77 -6.81 3.38
N VAL B 180 -46.40 -5.66 3.23
CA VAL B 180 -47.78 -5.56 2.76
C VAL B 180 -47.77 -4.96 1.36
N THR B 181 -48.23 -5.73 0.37
CA THR B 181 -48.35 -5.24 -1.00
C THR B 181 -49.76 -5.46 -1.51
N GLY B 182 -49.97 -5.20 -2.81
CA GLY B 182 -51.25 -5.44 -3.42
C GLY B 182 -51.57 -6.89 -3.72
N GLY B 183 -50.54 -7.75 -3.85
CA GLY B 183 -50.78 -9.17 -4.01
C GLY B 183 -51.01 -9.72 -5.41
N THR B 184 -51.03 -8.88 -6.45
CA THR B 184 -51.26 -9.35 -7.80
C THR B 184 -49.94 -9.61 -8.55
N ASN B 185 -50.02 -10.37 -9.65
CA ASN B 185 -48.83 -10.81 -10.38
C ASN B 185 -48.44 -9.85 -11.51
N THR B 186 -48.33 -8.55 -11.19
CA THR B 186 -47.95 -7.51 -12.12
C THR B 186 -47.15 -6.48 -11.30
N GLY B 187 -46.18 -5.84 -11.96
CA GLY B 187 -45.46 -4.66 -11.46
C GLY B 187 -44.66 -4.83 -10.18
N VAL B 188 -44.83 -3.84 -9.28
CA VAL B 188 -44.06 -3.72 -8.04
C VAL B 188 -44.40 -4.85 -7.05
N MET B 189 -45.65 -5.35 -7.07
CA MET B 189 -46.09 -6.49 -6.25
C MET B 189 -45.40 -7.78 -6.66
N LYS B 190 -45.30 -8.02 -7.98
CA LYS B 190 -44.59 -9.16 -8.57
C LYS B 190 -43.08 -9.06 -8.30
N LEU B 191 -42.55 -7.82 -8.38
CA LEU B 191 -41.15 -7.50 -8.11
C LEU B 191 -40.77 -7.78 -6.65
N THR B 192 -41.64 -7.37 -5.71
CA THR B 192 -41.49 -7.58 -4.26
C THR B 192 -41.54 -9.08 -3.93
N GLY B 193 -42.46 -9.80 -4.62
CA GLY B 193 -42.57 -11.25 -4.55
C GLY B 193 -41.30 -11.97 -4.99
N GLN B 194 -40.70 -11.48 -6.09
CA GLN B 194 -39.42 -11.99 -6.62
C GLN B 194 -38.27 -11.75 -5.63
N ILE B 195 -38.28 -10.59 -4.96
CA ILE B 195 -37.28 -10.27 -3.92
C ILE B 195 -37.40 -11.22 -2.73
N MET B 196 -38.64 -11.46 -2.26
CA MET B 196 -38.87 -12.32 -1.10
C MET B 196 -38.78 -13.81 -1.40
N GLU B 197 -38.82 -14.19 -2.70
CA GLU B 197 -38.69 -15.60 -3.12
C GLU B 197 -37.32 -16.17 -2.74
N ALA B 198 -36.24 -15.38 -2.96
CA ALA B 198 -34.89 -15.79 -2.58
C ALA B 198 -34.72 -15.85 -1.05
N LEU B 199 -35.47 -15.00 -0.33
CA LEU B 199 -35.46 -14.98 1.14
C LEU B 199 -36.09 -16.24 1.70
N SER B 200 -37.16 -16.73 1.05
CA SER B 200 -37.82 -17.97 1.45
C SER B 200 -36.98 -19.24 1.16
N LYS B 201 -35.98 -19.16 0.28
CA LYS B 201 -35.08 -20.25 -0.07
C LYS B 201 -33.79 -20.25 0.76
N THR B 202 -33.18 -19.08 0.95
CA THR B 202 -31.90 -18.99 1.67
C THR B 202 -32.03 -19.06 3.19
N GLN B 203 -33.23 -18.95 3.74
CA GLN B 203 -33.43 -18.95 5.19
C GLN B 203 -34.38 -20.06 5.60
N SER B 204 -34.09 -20.69 6.75
CA SER B 204 -34.91 -21.77 7.28
C SER B 204 -35.72 -21.23 8.44
N HIS B 205 -36.70 -22.07 8.88
CA HIS B 205 -37.70 -21.83 9.93
C HIS B 205 -38.44 -20.58 9.48
N PHE B 206 -38.37 -19.44 10.19
CA PHE B 206 -39.24 -18.29 9.97
C PHE B 206 -38.93 -17.59 8.64
N ILE B 207 -39.97 -17.39 7.85
CA ILE B 207 -39.94 -16.63 6.63
C ILE B 207 -40.85 -15.43 6.85
N PRO B 208 -40.35 -14.19 6.71
CA PRO B 208 -41.19 -12.96 6.87
C PRO B 208 -42.35 -12.92 5.90
N PRO B 209 -43.59 -12.68 6.37
CA PRO B 209 -44.77 -12.72 5.49
C PRO B 209 -44.81 -11.63 4.43
N THR B 210 -45.31 -12.01 3.26
CA THR B 210 -45.56 -11.08 2.16
C THR B 210 -47.08 -11.07 2.01
N ILE B 211 -47.72 -10.20 2.77
CA ILE B 211 -49.18 -10.13 2.83
C ILE B 211 -49.67 -9.38 1.60
N GLY B 212 -50.60 -9.98 0.86
CA GLY B 212 -51.19 -9.30 -0.26
C GLY B 212 -52.65 -8.95 -0.04
N ILE B 213 -52.95 -7.67 0.01
CA ILE B 213 -54.30 -7.17 0.20
C ILE B 213 -54.83 -6.72 -1.15
N ALA B 214 -55.83 -7.42 -1.68
CA ALA B 214 -56.33 -7.18 -3.02
C ALA B 214 -57.85 -7.10 -3.01
N THR B 215 -58.38 -6.35 -3.97
CA THR B 215 -59.82 -6.29 -4.22
C THR B 215 -60.23 -7.64 -4.81
N TYR B 216 -61.30 -8.24 -4.25
CA TYR B 216 -61.77 -9.56 -4.68
C TYR B 216 -62.37 -9.53 -6.09
N GLY B 217 -62.94 -8.40 -6.51
CA GLY B 217 -63.68 -8.26 -7.77
C GLY B 217 -62.86 -8.32 -9.06
N VAL B 218 -61.52 -8.34 -8.97
CA VAL B 218 -60.64 -8.39 -10.13
C VAL B 218 -59.82 -9.68 -10.18
N ILE B 219 -59.98 -10.56 -9.19
CA ILE B 219 -59.10 -11.72 -9.03
C ILE B 219 -59.65 -12.92 -9.80
N ILE B 220 -58.79 -13.51 -10.66
CA ILE B 220 -59.08 -14.72 -11.41
C ILE B 220 -59.23 -15.90 -10.45
N GLY B 221 -60.29 -16.70 -10.62
CA GLY B 221 -60.49 -17.85 -9.78
C GLY B 221 -61.21 -17.61 -8.47
N GLY B 222 -61.92 -16.47 -8.34
CA GLY B 222 -62.68 -16.16 -7.14
C GLY B 222 -63.83 -17.12 -6.86
N ASP B 223 -64.51 -17.55 -7.94
CA ASP B 223 -65.62 -18.50 -7.85
C ASP B 223 -65.16 -19.88 -7.36
N ASP B 224 -63.98 -20.32 -7.83
CA ASP B 224 -63.37 -21.58 -7.40
C ASP B 224 -63.02 -21.55 -5.92
N MET B 225 -62.49 -20.41 -5.44
CA MET B 225 -62.15 -20.23 -4.03
C MET B 225 -63.39 -20.14 -3.16
N THR B 226 -64.47 -19.52 -3.65
CA THR B 226 -65.69 -19.35 -2.86
C THR B 226 -66.46 -20.67 -2.68
N ARG B 227 -66.61 -21.45 -3.77
CA ARG B 227 -67.38 -22.70 -3.76
C ARG B 227 -66.67 -23.81 -2.97
N GLY B 228 -67.43 -24.48 -2.10
CA GLY B 228 -66.95 -25.60 -1.31
C GLY B 228 -67.26 -25.39 0.16
N GLU B 229 -66.72 -26.29 0.98
CA GLU B 229 -66.86 -26.26 2.44
C GLU B 229 -65.55 -25.79 3.07
N PRO B 230 -65.49 -24.64 3.79
CA PRO B 230 -64.23 -24.11 4.31
C PRO B 230 -63.75 -24.83 5.58
N PRO B 231 -62.44 -24.98 5.84
CA PRO B 231 -61.40 -24.45 4.99
C PRO B 231 -60.98 -25.30 3.79
N LYS B 232 -60.35 -24.71 2.77
CA LYS B 232 -59.85 -25.41 1.60
C LYS B 232 -58.36 -25.68 1.80
N ILE B 233 -58.01 -26.90 2.16
CA ILE B 233 -56.62 -27.23 2.44
C ILE B 233 -55.95 -27.58 1.12
N GLY B 234 -54.90 -26.85 0.78
CA GLY B 234 -54.09 -27.06 -0.43
C GLY B 234 -54.81 -26.93 -1.75
N LEU B 235 -55.70 -25.94 -1.87
CA LEU B 235 -56.46 -25.69 -3.09
C LEU B 235 -55.58 -25.23 -4.25
N GLU B 236 -55.76 -25.88 -5.40
CA GLU B 236 -54.97 -25.55 -6.59
C GLU B 236 -55.45 -24.24 -7.20
N TYR B 237 -54.51 -23.33 -7.45
CA TYR B 237 -54.80 -22.06 -8.07
C TYR B 237 -54.34 -22.13 -9.52
N GLU B 238 -55.24 -21.86 -10.45
CA GLU B 238 -54.94 -21.94 -11.88
C GLU B 238 -54.93 -20.52 -12.43
N MET B 239 -53.74 -19.93 -12.47
CA MET B 239 -53.54 -18.58 -13.00
C MET B 239 -53.77 -18.49 -14.51
N HIS B 240 -53.56 -19.59 -15.25
CA HIS B 240 -53.72 -19.62 -16.70
C HIS B 240 -55.13 -19.95 -17.15
N LYS B 241 -56.03 -20.31 -16.22
CA LYS B 241 -57.42 -20.63 -16.54
C LYS B 241 -58.17 -19.39 -17.01
N LYS B 242 -58.99 -19.55 -18.04
CA LYS B 242 -59.65 -18.42 -18.68
C LYS B 242 -60.91 -18.08 -17.91
N ASP B 243 -60.78 -17.13 -16.98
CA ASP B 243 -61.94 -16.55 -16.32
C ASP B 243 -62.42 -15.38 -17.19
N PRO B 244 -63.71 -15.35 -17.59
CA PRO B 244 -64.17 -14.36 -18.51
C PRO B 244 -64.20 -12.89 -18.08
N PRO B 245 -64.87 -12.42 -16.99
CA PRO B 245 -64.95 -10.98 -16.73
C PRO B 245 -63.72 -10.39 -16.04
N LYS B 246 -62.98 -11.20 -15.29
CA LYS B 246 -61.83 -10.74 -14.52
C LYS B 246 -60.54 -11.17 -15.23
N THR B 247 -59.49 -10.36 -15.08
CA THR B 247 -58.25 -10.65 -15.80
C THR B 247 -56.97 -10.45 -14.99
N THR B 248 -57.06 -10.22 -13.68
CA THR B 248 -55.86 -9.95 -12.88
C THR B 248 -55.58 -11.12 -11.94
N PRO B 249 -54.50 -11.88 -12.12
CA PRO B 249 -54.21 -13.01 -11.22
C PRO B 249 -53.38 -12.62 -10.00
N LEU B 250 -53.42 -13.50 -9.00
CA LEU B 250 -52.64 -13.34 -7.79
C LEU B 250 -51.18 -13.72 -7.99
N ASP B 251 -50.31 -13.02 -7.28
CA ASP B 251 -48.88 -13.33 -7.29
C ASP B 251 -48.61 -14.60 -6.50
N ASP B 252 -47.87 -15.55 -7.10
CA ASP B 252 -47.64 -16.84 -6.47
C ASP B 252 -46.59 -16.82 -5.36
N ASN B 253 -45.84 -15.73 -5.19
CA ASN B 253 -44.80 -15.63 -4.18
C ASN B 253 -45.27 -14.96 -2.89
N HIS B 254 -46.54 -14.58 -2.78
CA HIS B 254 -47.06 -13.95 -1.58
C HIS B 254 -47.51 -15.03 -0.60
N ASN B 255 -47.18 -14.83 0.67
CA ASN B 255 -47.41 -15.83 1.69
C ASN B 255 -48.79 -15.82 2.32
N LEU B 256 -49.58 -14.77 2.13
CA LEU B 256 -50.92 -14.66 2.74
C LEU B 256 -51.74 -13.68 1.92
N PHE B 257 -53.05 -13.88 1.81
CA PHE B 257 -53.94 -13.09 0.95
C PHE B 257 -55.17 -12.62 1.71
N LEU B 258 -55.45 -11.33 1.62
CA LEU B 258 -56.68 -10.74 2.14
C LEU B 258 -57.44 -10.15 0.95
N LEU B 259 -58.55 -10.81 0.58
CA LEU B 259 -59.38 -10.39 -0.54
C LEU B 259 -60.53 -9.55 0.02
N VAL B 260 -60.42 -8.24 -0.16
CA VAL B 260 -61.43 -7.30 0.31
C VAL B 260 -62.56 -7.24 -0.71
N ASP B 261 -63.78 -7.46 -0.24
CA ASP B 261 -64.94 -7.60 -1.12
C ASP B 261 -65.95 -6.51 -0.78
N ASP B 262 -66.55 -5.93 -1.81
CA ASP B 262 -67.63 -4.96 -1.66
C ASP B 262 -68.83 -5.28 -2.54
N GLY B 263 -68.82 -6.43 -3.22
CA GLY B 263 -69.87 -6.80 -4.12
C GLY B 263 -69.70 -6.35 -5.56
N SER B 264 -68.70 -5.50 -5.83
CA SER B 264 -68.45 -5.02 -7.18
C SER B 264 -67.59 -6.01 -7.95
N THR B 265 -67.55 -5.80 -9.27
CA THR B 265 -66.78 -6.64 -10.19
C THR B 265 -65.99 -5.70 -11.10
N ASN B 266 -64.69 -6.04 -11.29
CA ASN B 266 -63.70 -5.34 -12.15
C ASN B 266 -63.53 -3.86 -11.80
N LYS B 267 -63.54 -3.56 -10.51
CA LYS B 267 -63.26 -2.22 -10.01
C LYS B 267 -62.07 -2.28 -9.07
N PHE B 268 -61.12 -1.37 -9.28
CA PHE B 268 -59.88 -1.34 -8.52
C PHE B 268 -59.92 -0.24 -7.46
N GLY B 269 -58.95 -0.30 -6.55
CA GLY B 269 -58.78 0.69 -5.51
C GLY B 269 -59.72 0.61 -4.34
N LYS B 270 -60.46 -0.48 -4.20
CA LYS B 270 -61.42 -0.65 -3.12
C LYS B 270 -60.78 -1.11 -1.81
N GLU B 271 -59.53 -1.55 -1.84
CA GLU B 271 -58.86 -2.11 -0.67
C GLU B 271 -57.84 -1.19 0.00
N ILE B 272 -57.69 0.06 -0.48
CA ILE B 272 -56.66 1.04 -0.05
C ILE B 272 -56.83 1.47 1.41
N LYS B 273 -58.06 1.85 1.80
CA LYS B 273 -58.42 2.29 3.16
C LYS B 273 -58.23 1.19 4.20
N PHE B 274 -58.67 -0.04 3.87
CA PHE B 274 -58.51 -1.21 4.74
C PHE B 274 -57.04 -1.58 4.91
N ARG B 275 -56.24 -1.45 3.83
CA ARG B 275 -54.80 -1.72 3.83
C ARG B 275 -54.05 -0.76 4.75
N ALA B 276 -54.40 0.55 4.64
CA ALA B 276 -53.85 1.61 5.48
C ALA B 276 -54.21 1.41 6.95
N ALA B 277 -55.48 1.05 7.21
CA ALA B 277 -56.01 0.77 8.55
C ALA B 277 -55.35 -0.47 9.18
N PHE B 278 -55.12 -1.52 8.37
CA PHE B 278 -54.46 -2.76 8.79
C PHE B 278 -53.00 -2.51 9.17
N GLU B 279 -52.27 -1.71 8.35
CA GLU B 279 -50.88 -1.33 8.64
C GLU B 279 -50.77 -0.50 9.92
N ASN B 280 -51.70 0.47 10.11
CA ASN B 280 -51.76 1.28 11.33
C ASN B 280 -52.09 0.44 12.57
N ALA B 281 -53.02 -0.52 12.42
CA ALA B 281 -53.42 -1.44 13.49
C ALA B 281 -52.27 -2.35 13.91
N ALA B 282 -51.53 -2.87 12.92
CA ALA B 282 -50.33 -3.69 13.13
C ALA B 282 -49.23 -2.88 13.82
N GLY B 283 -49.05 -1.62 13.38
CA GLY B 283 -48.09 -0.71 13.98
C GLY B 283 -48.38 -0.38 15.44
N GLN B 284 -49.65 -0.15 15.77
CA GLN B 284 -50.03 0.07 17.18
C GLN B 284 -49.88 -1.19 18.01
N ALA B 285 -50.27 -2.37 17.45
CA ALA B 285 -50.22 -3.64 18.17
C ALA B 285 -48.79 -4.11 18.50
N PHE B 286 -47.87 -4.02 17.54
CA PHE B 286 -46.52 -4.51 17.79
C PHE B 286 -45.53 -3.43 18.23
N ALA B 287 -46.00 -2.17 18.39
CA ALA B 287 -45.22 -0.93 18.71
C ALA B 287 -44.05 -0.72 17.73
N ALA B 288 -44.33 -0.98 16.44
CA ALA B 288 -43.42 -0.99 15.31
C ALA B 288 -43.72 0.11 14.30
N PRO B 289 -42.69 0.79 13.77
CA PRO B 289 -42.92 1.80 12.72
C PRO B 289 -43.40 1.20 11.41
N VAL B 290 -44.24 1.96 10.71
CA VAL B 290 -44.73 1.61 9.39
C VAL B 290 -43.95 2.43 8.38
N VAL B 291 -43.29 1.76 7.43
CA VAL B 291 -42.48 2.45 6.42
C VAL B 291 -43.06 2.11 5.05
N THR B 292 -43.50 3.14 4.33
CA THR B 292 -44.02 2.98 2.98
C THR B 292 -42.84 3.09 2.01
N ILE B 293 -42.82 2.25 0.96
CA ILE B 293 -41.78 2.29 -0.07
C ILE B 293 -42.47 2.56 -1.42
N VAL B 294 -41.98 3.56 -2.15
CA VAL B 294 -42.58 4.00 -3.41
C VAL B 294 -41.60 3.71 -4.55
N VAL B 295 -41.97 2.77 -5.41
CA VAL B 295 -41.21 2.41 -6.62
C VAL B 295 -42.15 2.62 -7.81
N GLN B 296 -41.70 3.43 -8.76
CA GLN B 296 -42.50 3.97 -9.89
C GLN B 296 -43.80 4.53 -9.34
N GLY B 297 -44.91 4.07 -9.88
CA GLY B 297 -46.20 4.56 -9.45
C GLY B 297 -46.88 5.47 -10.45
N GLY B 298 -48.20 5.49 -10.41
CA GLY B 298 -49.01 6.35 -11.24
C GLY B 298 -49.57 7.52 -10.46
N PRO B 299 -50.64 8.17 -10.97
CA PRO B 299 -51.29 9.30 -10.25
C PRO B 299 -51.88 8.97 -8.88
N GLY B 300 -52.42 7.77 -8.68
CA GLY B 300 -52.98 7.39 -7.39
C GLY B 300 -51.94 7.11 -6.32
N THR B 301 -50.71 6.74 -6.74
CA THR B 301 -49.57 6.52 -5.85
C THR B 301 -49.15 7.81 -5.14
N LEU B 302 -49.28 8.95 -5.85
CA LEU B 302 -49.06 10.30 -5.33
C LEU B 302 -50.02 10.65 -4.20
N GLY B 303 -51.31 10.32 -4.39
CA GLY B 303 -52.33 10.49 -3.36
C GLY B 303 -52.14 9.56 -2.17
N THR B 304 -51.69 8.31 -2.45
CA THR B 304 -51.36 7.31 -1.44
C THR B 304 -50.19 7.78 -0.55
N ALA B 305 -49.14 8.30 -1.19
CA ALA B 305 -47.97 8.88 -0.52
C ALA B 305 -48.34 10.12 0.28
N LEU B 306 -49.25 10.94 -0.27
CA LEU B 306 -49.81 12.13 0.38
C LEU B 306 -50.55 11.76 1.66
N GLN B 307 -51.37 10.70 1.58
CA GLN B 307 -52.11 10.14 2.70
C GLN B 307 -51.15 9.62 3.78
N ALA B 308 -50.07 8.95 3.34
CA ALA B 308 -49.03 8.41 4.22
C ALA B 308 -48.29 9.52 4.98
N VAL B 309 -47.91 10.60 4.28
CA VAL B 309 -47.19 11.70 4.95
C VAL B 309 -48.11 12.56 5.83
N ARG B 310 -49.42 12.62 5.53
CA ARG B 310 -50.33 13.37 6.39
C ARG B 310 -50.56 12.66 7.74
N GLN B 311 -50.60 11.32 7.74
CA GLN B 311 -50.77 10.58 8.99
C GLN B 311 -49.46 10.32 9.76
N GLY B 312 -48.34 10.92 9.36
CA GLY B 312 -47.08 10.76 10.05
C GLY B 312 -46.26 9.54 9.66
N THR B 313 -46.74 8.73 8.73
CA THR B 313 -46.01 7.53 8.30
C THR B 313 -44.89 7.94 7.34
N PRO B 314 -43.63 7.60 7.63
CA PRO B 314 -42.52 7.89 6.69
C PRO B 314 -42.57 7.10 5.39
N ILE B 315 -42.02 7.71 4.33
CA ILE B 315 -41.95 7.12 3.00
C ILE B 315 -40.50 7.07 2.53
N VAL B 316 -40.19 6.05 1.75
CA VAL B 316 -38.89 5.85 1.11
C VAL B 316 -39.15 5.84 -0.39
N VAL B 317 -38.71 6.87 -1.08
CA VAL B 317 -38.95 7.04 -2.50
C VAL B 317 -37.71 6.57 -3.27
N VAL B 318 -37.89 5.61 -4.17
CA VAL B 318 -36.78 5.07 -4.98
C VAL B 318 -36.57 5.96 -6.21
N ASP B 319 -35.57 6.83 -6.16
CA ASP B 319 -35.21 7.68 -7.30
C ASP B 319 -34.59 6.83 -8.42
N GLY B 320 -34.84 7.23 -9.66
CA GLY B 320 -34.36 6.53 -10.82
C GLY B 320 -35.24 5.42 -11.35
N SER B 321 -36.34 5.12 -10.67
CA SER B 321 -37.29 4.11 -11.12
C SER B 321 -38.34 4.67 -12.07
N GLY B 322 -38.38 5.99 -12.28
CA GLY B 322 -39.25 6.60 -13.25
C GLY B 322 -40.58 6.96 -12.63
N LEU B 323 -41.36 7.77 -13.39
CA LEU B 323 -42.78 8.17 -13.19
C LEU B 323 -42.94 8.95 -11.88
N ALA B 324 -43.89 8.55 -11.01
CA ALA B 324 -44.30 9.30 -9.80
C ALA B 324 -43.19 9.36 -8.76
N ALA B 325 -42.36 8.29 -8.69
CA ALA B 325 -41.20 8.25 -7.81
C ALA B 325 -40.18 9.31 -8.21
N ASP B 326 -39.95 9.47 -9.53
CA ASP B 326 -39.09 10.53 -10.07
C ASP B 326 -39.66 11.91 -9.79
N VAL B 327 -41.00 12.04 -9.87
CA VAL B 327 -41.71 13.30 -9.58
C VAL B 327 -41.56 13.70 -8.10
N LEU B 328 -41.76 12.71 -7.19
CA LEU B 328 -41.60 12.90 -5.74
C LEU B 328 -40.14 13.19 -5.34
N ALA B 329 -39.20 12.46 -5.95
CA ALA B 329 -37.77 12.65 -5.75
C ALA B 329 -37.30 14.01 -6.24
N TYR B 330 -37.78 14.48 -7.38
CA TYR B 330 -37.44 15.82 -7.90
C TYR B 330 -37.99 16.84 -6.93
N ALA B 331 -39.26 16.73 -6.61
CA ALA B 331 -39.90 17.70 -5.72
C ALA B 331 -39.16 17.84 -4.39
N TYR B 332 -38.66 16.74 -3.84
CA TYR B 332 -37.98 16.78 -2.54
C TYR B 332 -36.64 17.41 -2.77
N ASN B 333 -35.97 16.93 -3.79
CA ASN B 333 -34.64 17.45 -4.10
C ASN B 333 -34.67 18.94 -4.42
N PHE B 334 -35.74 19.40 -5.07
CA PHE B 334 -35.92 20.82 -5.33
C PHE B 334 -36.11 21.60 -4.04
N MET B 335 -36.93 21.05 -3.12
CA MET B 335 -37.22 21.80 -1.90
C MET B 335 -36.17 21.66 -0.81
N HIS B 336 -35.37 20.58 -0.78
CA HIS B 336 -34.56 20.32 0.42
C HIS B 336 -33.07 20.07 0.20
N ASN B 337 -32.71 19.46 -0.93
CA ASN B 337 -31.34 18.95 -1.17
C ASN B 337 -30.35 20.10 -1.41
N PRO B 338 -29.25 20.19 -0.65
CA PRO B 338 -28.30 21.30 -0.84
C PRO B 338 -27.20 21.08 -1.87
N LEU B 339 -27.20 19.97 -2.59
CA LEU B 339 -26.09 19.70 -3.52
C LEU B 339 -26.16 20.65 -4.70
N THR B 340 -25.15 20.64 -5.56
CA THR B 340 -25.02 21.59 -6.68
C THR B 340 -25.91 21.26 -7.87
N ARG B 341 -26.06 19.96 -8.19
CA ARG B 341 -26.83 19.51 -9.37
C ARG B 341 -28.35 19.69 -9.26
N PHE B 342 -28.75 20.17 -8.08
CA PHE B 342 -30.19 20.32 -7.76
C PHE B 342 -30.49 21.80 -7.65
N LYS B 343 -29.53 22.64 -7.96
CA LYS B 343 -29.76 24.09 -7.97
C LYS B 343 -30.44 24.59 -9.24
N SER B 344 -30.40 23.82 -10.33
CA SER B 344 -31.08 24.15 -11.57
C SER B 344 -32.50 23.63 -11.63
N TYR B 345 -32.95 22.95 -10.57
CA TYR B 345 -34.32 22.43 -10.47
C TYR B 345 -35.31 23.59 -10.30
N THR B 346 -36.38 23.54 -11.08
CA THR B 346 -37.41 24.58 -11.10
C THR B 346 -38.77 23.92 -11.09
N ILE B 347 -39.76 24.70 -10.66
CA ILE B 347 -41.18 24.29 -10.67
C ILE B 347 -41.69 24.09 -12.10
N ASP B 348 -41.20 24.90 -13.06
CA ASP B 348 -41.55 24.80 -14.49
C ASP B 348 -41.08 23.49 -15.12
N ASP B 349 -39.83 23.08 -14.84
CA ASP B 349 -39.28 21.81 -15.30
C ASP B 349 -39.96 20.62 -14.63
N LEU B 350 -40.35 20.79 -13.36
CA LEU B 350 -41.12 19.80 -12.60
C LEU B 350 -42.51 19.60 -13.22
N ARG B 351 -43.15 20.71 -13.62
CA ARG B 351 -44.47 20.71 -14.30
C ARG B 351 -44.38 20.04 -15.66
N GLN B 352 -43.27 20.29 -16.39
CA GLN B 352 -42.95 19.65 -17.67
C GLN B 352 -42.76 18.14 -17.51
N LYS B 353 -42.06 17.73 -16.43
CA LYS B 353 -41.83 16.33 -16.07
C LYS B 353 -43.14 15.60 -15.75
N VAL B 354 -44.04 16.25 -14.97
CA VAL B 354 -45.37 15.72 -14.61
C VAL B 354 -46.23 15.56 -15.86
N ALA B 355 -46.17 16.57 -16.76
CA ALA B 355 -46.88 16.56 -18.04
C ALA B 355 -46.39 15.47 -18.99
N GLN B 356 -45.07 15.24 -19.04
CA GLN B 356 -44.56 14.19 -19.93
C GLN B 356 -44.81 12.79 -19.37
N THR B 357 -44.83 12.63 -18.04
CA THR B 357 -45.04 11.29 -17.47
C THR B 357 -46.51 10.91 -17.33
N PHE B 358 -47.29 11.71 -16.55
CA PHE B 358 -48.72 11.39 -16.21
C PHE B 358 -49.73 11.86 -17.27
N ASN B 359 -49.34 12.67 -18.24
CA ASN B 359 -50.12 13.24 -19.35
C ASN B 359 -51.55 13.70 -18.97
N PRO B 360 -51.73 14.77 -18.16
CA PRO B 360 -53.10 15.21 -17.80
C PRO B 360 -53.90 15.78 -18.97
N LYS B 361 -55.22 15.64 -18.87
CA LYS B 361 -56.10 16.16 -19.91
C LYS B 361 -56.22 17.69 -19.82
N SER B 362 -56.28 18.22 -18.61
CA SER B 362 -56.49 19.64 -18.38
C SER B 362 -55.36 20.22 -17.55
N SER B 363 -55.17 21.54 -17.70
CA SER B 363 -54.15 22.31 -16.97
C SER B 363 -54.41 22.33 -15.46
N GLN B 364 -55.69 22.36 -15.06
CA GLN B 364 -56.11 22.35 -13.65
C GLN B 364 -55.73 21.03 -12.97
N GLN B 365 -55.82 19.91 -13.71
CA GLN B 365 -55.41 18.58 -13.25
C GLN B 365 -53.90 18.53 -13.00
N LEU B 366 -53.12 19.15 -13.90
CA LEU B 366 -51.67 19.30 -13.81
C LEU B 366 -51.28 20.14 -12.60
N THR B 367 -52.05 21.24 -12.37
CA THR B 367 -51.85 22.14 -11.22
C THR B 367 -52.12 21.43 -9.90
N ASN B 368 -53.20 20.61 -9.83
CA ASN B 368 -53.55 19.82 -8.64
C ASN B 368 -52.52 18.73 -8.34
N LEU B 369 -52.03 18.04 -9.39
CA LEU B 369 -50.97 17.02 -9.25
C LEU B 369 -49.66 17.62 -8.75
N LEU B 370 -49.28 18.79 -9.31
CA LEU B 370 -48.09 19.53 -8.90
C LEU B 370 -48.17 20.01 -7.45
N ASP B 371 -49.36 20.54 -7.07
CA ASP B 371 -49.64 21.01 -5.71
C ASP B 371 -49.61 19.89 -4.68
N SER B 372 -50.18 18.72 -5.04
CA SER B 372 -50.17 17.53 -4.20
C SER B 372 -48.75 16.98 -4.02
N ALA B 373 -47.96 16.97 -5.11
CA ALA B 373 -46.55 16.52 -5.10
C ALA B 373 -45.69 17.42 -4.22
N LEU B 374 -45.91 18.73 -4.29
CA LEU B 374 -45.19 19.68 -3.43
C LEU B 374 -45.68 19.58 -1.97
N GLU B 375 -46.94 19.20 -1.78
CA GLU B 375 -47.49 19.04 -0.44
C GLU B 375 -46.96 17.79 0.27
N CYS B 376 -46.53 16.77 -0.50
CA CYS B 376 -46.05 15.49 0.09
C CYS B 376 -44.66 15.67 0.71
N VAL B 377 -43.81 16.51 0.09
CA VAL B 377 -42.43 16.65 0.52
C VAL B 377 -42.21 17.92 1.35
N GLN B 378 -43.29 18.44 1.97
CA GLN B 378 -43.25 19.61 2.86
C GLN B 378 -42.39 19.37 4.10
N ASP B 379 -42.54 18.20 4.71
CA ASP B 379 -41.80 17.86 5.90
C ASP B 379 -40.62 17.02 5.44
N PRO B 380 -39.36 17.51 5.55
CA PRO B 380 -38.18 16.74 5.06
C PRO B 380 -37.88 15.45 5.81
N ASN B 381 -38.35 15.30 7.06
CA ASN B 381 -38.08 14.12 7.85
C ASN B 381 -38.89 12.93 7.36
N LEU B 382 -40.12 13.16 6.90
CA LEU B 382 -41.02 12.07 6.55
C LEU B 382 -40.78 11.48 5.16
N VAL B 383 -39.87 12.04 4.35
CA VAL B 383 -39.57 11.53 3.02
C VAL B 383 -38.08 11.22 3.01
N VAL B 384 -37.70 10.03 2.58
CA VAL B 384 -36.31 9.64 2.42
C VAL B 384 -36.16 9.15 0.98
N VAL B 385 -35.30 9.79 0.21
CA VAL B 385 -35.11 9.48 -1.20
C VAL B 385 -33.83 8.67 -1.36
N TYR B 386 -33.97 7.46 -1.92
CA TYR B 386 -32.84 6.61 -2.21
C TYR B 386 -32.48 6.75 -3.69
N SER B 387 -31.23 7.12 -3.96
CA SER B 387 -30.73 7.30 -5.32
C SER B 387 -29.36 6.63 -5.44
N LEU B 388 -29.15 5.96 -6.59
CA LEU B 388 -27.92 5.21 -6.86
C LEU B 388 -26.68 6.11 -6.96
N GLN B 389 -26.78 7.23 -7.67
CA GLN B 389 -25.63 8.12 -7.86
C GLN B 389 -25.29 8.98 -6.66
N GLU B 390 -26.11 9.00 -5.60
CA GLU B 390 -25.85 9.79 -4.40
C GLU B 390 -25.56 8.93 -3.18
N SER B 391 -26.43 7.96 -2.89
CA SER B 391 -26.27 7.15 -1.68
C SER B 391 -25.27 6.01 -1.89
N GLY B 392 -25.57 5.11 -2.81
CA GLY B 392 -24.72 3.95 -3.02
C GLY B 392 -25.53 2.68 -3.18
N ILE B 393 -24.88 1.61 -3.66
CA ILE B 393 -25.55 0.33 -3.93
C ILE B 393 -25.99 -0.38 -2.64
N ASP B 394 -25.21 -0.28 -1.57
CA ASP B 394 -25.49 -0.99 -0.33
C ASP B 394 -26.02 -0.05 0.75
N GLU B 395 -26.84 0.93 0.37
CA GLU B 395 -27.34 1.95 1.29
C GLU B 395 -28.85 2.03 1.36
N PHE B 396 -29.59 1.07 0.77
CA PHE B 396 -31.05 1.10 0.80
C PHE B 396 -31.59 0.76 2.19
N ASP B 397 -30.97 -0.21 2.87
CA ASP B 397 -31.29 -0.54 4.26
C ASP B 397 -30.98 0.60 5.23
N ASP B 398 -29.94 1.41 4.92
CA ASP B 398 -29.63 2.63 5.65
C ASP B 398 -30.72 3.68 5.50
N CYS B 399 -31.30 3.79 4.29
CA CYS B 399 -32.45 4.66 4.01
C CYS B 399 -33.68 4.23 4.78
N ILE B 400 -33.92 2.90 4.87
CA ILE B 400 -35.01 2.31 5.66
C ILE B 400 -34.83 2.62 7.15
N LEU B 401 -33.58 2.53 7.66
CA LEU B 401 -33.24 2.85 9.05
C LEU B 401 -33.40 4.35 9.37
N LYS B 402 -33.05 5.24 8.40
CA LYS B 402 -33.27 6.69 8.55
C LYS B 402 -34.76 7.02 8.60
N ALA B 403 -35.56 6.32 7.78
CA ALA B 403 -37.02 6.46 7.81
C ALA B 403 -37.59 5.99 9.15
N ILE B 404 -37.03 4.91 9.71
CA ILE B 404 -37.43 4.37 11.03
C ILE B 404 -37.13 5.38 12.14
N PHE B 405 -35.91 5.96 12.12
CA PHE B 405 -35.48 6.96 13.10
C PHE B 405 -36.24 8.28 12.97
N SER B 406 -36.67 8.63 11.76
CA SER B 406 -37.48 9.83 11.57
C SER B 406 -38.93 9.66 12.01
N SER B 407 -39.40 8.43 12.22
CA SER B 407 -40.79 8.15 12.62
C SER B 407 -41.00 8.44 14.11
N GLN B 408 -42.25 8.29 14.56
CA GLN B 408 -42.58 8.52 15.95
C GLN B 408 -42.44 7.21 16.73
N GLY B 409 -41.56 7.21 17.71
CA GLY B 409 -41.34 6.03 18.52
C GLY B 409 -40.41 6.35 19.67
N LYS B 410 -40.36 5.41 20.63
CA LYS B 410 -39.51 5.55 21.80
C LYS B 410 -38.05 5.33 21.43
N LEU B 411 -37.17 5.95 22.24
CA LEU B 411 -35.71 5.95 22.03
C LEU B 411 -35.09 4.55 22.13
N GLY B 412 -35.59 3.74 23.08
CA GLY B 412 -35.14 2.35 23.26
C GLY B 412 -35.45 1.45 22.08
N ASN B 413 -36.66 1.61 21.50
CA ASN B 413 -37.09 0.89 20.30
C ASN B 413 -36.24 1.27 19.10
N LYS B 414 -35.90 2.58 18.97
CA LYS B 414 -35.05 3.09 17.89
C LYS B 414 -33.62 2.57 17.99
N LEU B 415 -33.10 2.48 19.23
CA LEU B 415 -31.80 1.86 19.50
C LEU B 415 -31.80 0.38 19.16
N LYS B 416 -32.91 -0.34 19.45
CA LYS B 416 -33.09 -1.75 19.06
C LYS B 416 -33.07 -1.92 17.54
N GLN B 417 -33.76 -1.03 16.80
CA GLN B 417 -33.77 -1.03 15.33
C GLN B 417 -32.39 -0.75 14.75
N ALA B 418 -31.66 0.20 15.35
CA ALA B 418 -30.26 0.49 14.99
C ALA B 418 -29.35 -0.72 15.25
N MET B 419 -29.68 -1.47 16.29
CA MET B 419 -28.89 -2.69 16.62
C MET B 419 -29.18 -3.75 15.55
N TYR B 420 -30.45 -3.90 15.15
CA TYR B 420 -30.80 -4.90 14.14
C TYR B 420 -30.08 -4.69 12.81
N PHE B 421 -29.97 -3.45 12.34
CA PHE B 421 -29.32 -3.17 11.06
C PHE B 421 -27.78 -3.12 11.12
N ASP B 422 -27.17 -3.29 12.31
CA ASP B 422 -25.72 -3.30 12.61
C ASP B 422 -25.05 -1.98 12.20
N GLN B 423 -25.60 -0.88 12.70
CA GLN B 423 -25.13 0.48 12.48
C GLN B 423 -24.79 1.10 13.83
N LEU B 424 -23.54 0.88 14.26
CA LEU B 424 -23.04 1.33 15.56
C LEU B 424 -22.92 2.85 15.65
N ASP B 425 -22.50 3.49 14.53
CA ASP B 425 -22.32 4.94 14.43
C ASP B 425 -23.63 5.72 14.61
N VAL B 426 -24.72 5.18 14.03
CA VAL B 426 -26.08 5.73 14.12
C VAL B 426 -26.57 5.73 15.57
N ALA B 427 -26.32 4.60 16.27
CA ALA B 427 -26.64 4.41 17.68
C ALA B 427 -25.85 5.36 18.58
N LYS B 428 -24.54 5.53 18.28
CA LYS B 428 -23.65 6.46 19.01
C LYS B 428 -24.11 7.91 18.87
N ARG B 429 -24.48 8.31 17.63
CA ARG B 429 -24.98 9.66 17.34
C ARG B 429 -26.33 9.91 18.02
N ALA B 430 -27.21 8.89 18.03
CA ALA B 430 -28.52 8.96 18.69
C ALA B 430 -28.39 9.10 20.20
N LEU B 431 -27.46 8.32 20.81
CA LEU B 431 -27.17 8.39 22.25
C LEU B 431 -26.58 9.73 22.64
N SER B 432 -25.63 10.25 21.83
CA SER B 432 -25.00 11.56 22.05
C SER B 432 -26.00 12.70 21.94
N GLU B 433 -26.89 12.65 20.91
CA GLU B 433 -27.94 13.64 20.71
C GLU B 433 -28.97 13.63 21.85
N ALA B 434 -29.36 12.41 22.29
CA ALA B 434 -30.27 12.24 23.42
C ALA B 434 -29.66 12.73 24.73
N SER B 435 -28.36 12.47 24.91
CA SER B 435 -27.58 12.94 26.06
C SER B 435 -27.48 14.46 26.10
N LYS B 436 -27.28 15.09 24.93
CA LYS B 436 -27.15 16.54 24.86
C LYS B 436 -28.49 17.25 25.08
N ASN B 437 -29.60 16.65 24.60
CA ASN B 437 -30.91 17.30 24.67
C ASN B 437 -31.67 17.06 25.99
N GLY B 438 -31.00 16.62 27.06
CA GLY B 438 -31.63 16.44 28.36
C GLY B 438 -32.56 15.26 28.49
N GLN B 439 -32.42 14.24 27.63
CA GLN B 439 -33.24 13.04 27.68
C GLN B 439 -32.52 11.88 28.36
N HIS B 440 -31.70 12.17 29.39
CA HIS B 440 -30.85 11.21 30.10
C HIS B 440 -31.65 10.14 30.87
N ASN B 441 -32.84 10.52 31.35
CA ASN B 441 -33.74 9.66 32.10
C ASN B 441 -34.22 8.50 31.23
N GLU B 442 -34.59 8.79 29.96
CA GLU B 442 -35.03 7.79 29.01
C GLU B 442 -33.92 6.81 28.64
N ILE B 443 -32.65 7.31 28.59
CA ILE B 443 -31.44 6.54 28.33
C ILE B 443 -31.22 5.50 29.42
N ALA B 444 -31.31 5.95 30.69
CA ALA B 444 -31.19 5.08 31.86
C ALA B 444 -32.36 4.10 31.97
N ALA B 445 -33.57 4.54 31.57
CA ALA B 445 -34.75 3.68 31.57
C ALA B 445 -34.68 2.58 30.51
N CYS B 446 -34.00 2.82 29.37
CA CYS B 446 -34.00 1.84 28.29
C CYS B 446 -32.69 1.07 28.13
N ILE B 447 -31.63 1.46 28.86
CA ILE B 447 -30.28 0.89 28.74
C ILE B 447 -30.23 -0.61 29.11
N ASN B 448 -31.03 -1.04 30.12
CA ASN B 448 -31.11 -2.42 30.58
C ASN B 448 -31.71 -3.32 29.49
N ASP B 449 -32.86 -2.90 28.92
CA ASP B 449 -33.57 -3.61 27.86
C ASP B 449 -32.76 -3.65 26.56
N ASN B 450 -32.04 -2.55 26.28
CA ASN B 450 -31.19 -2.46 25.10
C ASN B 450 -29.98 -3.38 25.22
N LEU B 451 -29.38 -3.48 26.43
CA LEU B 451 -28.28 -4.40 26.71
C LEU B 451 -28.72 -5.86 26.60
N MET B 452 -29.94 -6.16 27.09
CA MET B 452 -30.58 -7.48 26.98
C MET B 452 -30.82 -7.89 25.53
N ALA B 453 -31.35 -6.94 24.74
CA ALA B 453 -31.63 -7.12 23.32
C ALA B 453 -30.34 -7.32 22.51
N ALA B 454 -29.28 -6.57 22.87
CA ALA B 454 -27.96 -6.69 22.27
C ALA B 454 -27.34 -8.06 22.54
N MET B 455 -27.52 -8.58 23.77
CA MET B 455 -27.06 -9.94 24.11
C MET B 455 -27.80 -11.01 23.32
N MET B 456 -29.14 -10.89 23.17
CA MET B 456 -29.96 -11.89 22.47
C MET B 456 -29.66 -11.98 20.97
N HIS B 457 -29.44 -10.85 20.31
CA HIS B 457 -29.31 -10.80 18.85
C HIS B 457 -27.88 -10.88 18.33
N ASN B 458 -26.90 -11.16 19.22
CA ASN B 458 -25.45 -11.38 18.96
C ASN B 458 -24.79 -10.16 18.30
N LYS B 459 -24.76 -9.06 19.08
CA LYS B 459 -24.11 -7.82 18.68
C LYS B 459 -23.13 -7.38 19.76
N PRO B 460 -21.89 -7.96 19.78
CA PRO B 460 -20.90 -7.67 20.86
C PRO B 460 -20.43 -6.21 20.98
N HIS B 461 -20.31 -5.50 19.85
CA HIS B 461 -19.92 -4.09 19.82
C HIS B 461 -20.96 -3.22 20.53
N PHE B 462 -22.24 -3.53 20.28
CA PHE B 462 -23.36 -2.89 20.97
C PHE B 462 -23.39 -3.21 22.46
N VAL B 463 -22.98 -4.44 22.84
CA VAL B 463 -22.85 -4.87 24.25
C VAL B 463 -21.81 -4.01 24.97
N GLU B 464 -20.63 -3.79 24.31
CA GLU B 464 -19.57 -2.90 24.82
C GLU B 464 -20.05 -1.45 24.94
N LEU B 465 -20.80 -0.98 23.91
CA LEU B 465 -21.36 0.37 23.86
C LEU B 465 -22.37 0.63 24.99
N TYR B 466 -23.31 -0.31 25.21
CA TYR B 466 -24.31 -0.16 26.27
C TYR B 466 -23.70 -0.31 27.66
N LEU B 467 -22.73 -1.23 27.83
CA LEU B 467 -22.01 -1.39 29.11
C LEU B 467 -21.16 -0.17 29.46
N GLY B 468 -20.63 0.55 28.46
CA GLY B 468 -19.83 1.74 28.72
C GLY B 468 -20.60 2.93 29.28
N PHE B 469 -21.91 3.01 29.05
CA PHE B 469 -22.73 4.14 29.53
C PHE B 469 -23.41 3.82 30.87
N ASP B 470 -22.58 3.43 31.85
CA ASP B 470 -22.90 3.22 33.29
C ASP B 470 -24.05 2.25 33.55
N ALA B 471 -24.10 1.19 32.76
CA ALA B 471 -25.09 0.12 32.90
C ALA B 471 -24.43 -1.05 33.63
N LYS B 472 -24.83 -1.26 34.89
CA LYS B 472 -24.30 -2.33 35.72
C LYS B 472 -24.74 -3.69 35.19
N ILE B 473 -23.76 -4.59 35.06
CA ILE B 473 -23.94 -5.92 34.49
C ILE B 473 -24.82 -6.81 35.39
N TYR B 474 -24.71 -6.67 36.71
CA TYR B 474 -25.47 -7.47 37.67
C TYR B 474 -26.85 -6.88 38.00
N GLU B 475 -27.31 -5.87 37.26
CA GLU B 475 -28.62 -5.26 37.44
C GLU B 475 -29.57 -5.57 36.29
N LEU B 476 -29.29 -6.62 35.51
CA LEU B 476 -30.16 -7.07 34.43
C LEU B 476 -31.48 -7.61 34.99
N LYS B 477 -32.56 -7.42 34.23
CA LYS B 477 -33.89 -7.86 34.63
C LYS B 477 -34.56 -8.65 33.51
N PRO B 478 -35.25 -9.76 33.84
CA PRO B 478 -35.98 -10.51 32.81
C PRO B 478 -37.20 -9.75 32.28
N SER B 479 -37.53 -10.03 31.01
CA SER B 479 -38.69 -9.42 30.35
C SER B 479 -40.02 -9.87 30.98
N GLU B 480 -40.14 -11.15 31.29
CA GLU B 480 -41.35 -11.70 31.89
C GLU B 480 -41.18 -11.81 33.41
N GLU B 481 -42.26 -12.23 34.08
CA GLU B 481 -42.28 -12.39 35.52
C GLU B 481 -42.25 -13.87 35.85
N VAL B 482 -41.35 -14.26 36.74
CA VAL B 482 -41.17 -15.66 37.12
C VAL B 482 -42.23 -16.07 38.15
N ALA B 483 -42.76 -17.29 37.97
CA ALA B 483 -43.66 -17.89 38.94
C ALA B 483 -42.88 -18.31 40.19
N LYS B 484 -43.57 -18.32 41.33
CA LYS B 484 -42.99 -18.74 42.61
C LYS B 484 -42.66 -20.23 42.63
N THR B 485 -41.53 -20.56 43.24
CA THR B 485 -41.04 -21.94 43.29
C THR B 485 -40.84 -22.37 44.73
N ASN B 486 -41.22 -23.62 45.04
CA ASN B 486 -41.06 -24.22 46.37
C ASN B 486 -39.59 -24.44 46.77
N ILE B 487 -38.69 -24.57 45.79
CA ILE B 487 -37.26 -24.78 46.05
C ILE B 487 -36.63 -23.49 46.58
N THR B 488 -35.89 -23.60 47.68
CA THR B 488 -35.27 -22.43 48.29
C THR B 488 -34.04 -21.96 47.52
N ALA B 489 -33.34 -22.86 46.81
CA ALA B 489 -32.19 -22.50 45.99
C ALA B 489 -32.58 -21.65 44.79
N LEU B 490 -33.70 -22.00 44.14
CA LEU B 490 -34.20 -21.25 42.99
C LEU B 490 -34.75 -19.89 43.40
N ASP B 491 -35.37 -19.81 44.58
CA ASP B 491 -35.92 -18.55 45.07
C ASP B 491 -34.85 -17.57 45.54
N GLU B 492 -33.66 -18.08 45.92
CA GLU B 492 -32.54 -17.24 46.35
C GLU B 492 -31.88 -16.47 45.19
N LEU B 493 -32.12 -16.90 43.94
CA LEU B 493 -31.49 -16.41 42.71
C LEU B 493 -31.85 -14.95 42.41
N PRO B 494 -30.87 -14.09 42.04
CA PRO B 494 -31.19 -12.70 41.66
C PRO B 494 -31.83 -12.56 40.29
N SER B 495 -32.13 -11.29 39.91
CA SER B 495 -32.83 -10.95 38.67
C SER B 495 -32.00 -11.25 37.43
N PHE B 496 -30.68 -10.99 37.49
CA PHE B 496 -29.77 -11.22 36.35
C PHE B 496 -29.61 -12.71 36.03
N ALA B 497 -29.73 -13.59 37.04
CA ALA B 497 -29.76 -15.04 36.83
C ALA B 497 -30.96 -15.48 36.00
N LEU B 498 -32.12 -14.87 36.28
CA LEU B 498 -33.34 -15.06 35.49
C LEU B 498 -33.19 -14.49 34.08
N ALA B 499 -32.44 -13.38 33.95
CA ALA B 499 -32.13 -12.79 32.65
C ALA B 499 -31.25 -13.70 31.77
N ILE B 500 -30.21 -14.34 32.36
CA ILE B 500 -29.35 -15.33 31.68
C ILE B 500 -30.17 -16.57 31.29
N GLU B 501 -31.11 -16.97 32.17
CA GLU B 501 -32.09 -18.04 31.91
C GLU B 501 -33.00 -17.72 30.72
N GLU B 502 -33.41 -16.43 30.59
CA GLU B 502 -34.19 -15.95 29.44
C GLU B 502 -33.39 -16.00 28.12
N LEU B 503 -32.07 -15.79 28.20
CA LEU B 503 -31.14 -15.82 27.03
C LEU B 503 -30.95 -17.26 26.59
N TYR B 504 -30.92 -18.19 27.53
CA TYR B 504 -30.89 -19.63 27.27
C TYR B 504 -32.21 -20.13 26.66
N LYS B 505 -33.35 -19.65 27.18
CA LYS B 505 -34.69 -19.99 26.69
C LYS B 505 -34.91 -19.54 25.24
N ARG B 506 -34.50 -18.29 24.92
CA ARG B 506 -34.64 -17.75 23.56
C ARG B 506 -33.78 -18.54 22.56
N GLU B 507 -32.55 -18.89 22.96
CA GLU B 507 -31.67 -19.71 22.11
C GLU B 507 -32.18 -21.15 21.97
N ALA B 508 -32.80 -21.67 23.03
CA ALA B 508 -33.24 -23.07 23.08
C ALA B 508 -34.48 -23.33 22.22
N LYS B 509 -35.39 -22.35 22.10
CA LYS B 509 -36.66 -22.50 21.34
C LYS B 509 -36.48 -22.63 19.82
N LYS B 510 -35.31 -22.32 19.26
CA LYS B 510 -34.99 -22.46 17.85
C LYS B 510 -34.94 -23.95 17.46
N PRO B 511 -35.34 -24.32 16.22
CA PRO B 511 -35.28 -25.74 15.80
C PRO B 511 -33.86 -26.28 15.70
N HIS B 512 -33.71 -27.55 16.15
CA HIS B 512 -32.48 -28.36 16.18
C HIS B 512 -31.32 -27.68 16.90
N SER B 513 -31.66 -26.98 17.99
CA SER B 513 -30.70 -26.26 18.82
C SER B 513 -29.99 -27.21 19.76
N HIS B 514 -28.66 -27.14 19.76
CA HIS B 514 -27.79 -28.00 20.57
C HIS B 514 -27.87 -27.73 22.08
N VAL B 515 -28.36 -26.55 22.50
CA VAL B 515 -28.54 -26.20 23.91
C VAL B 515 -29.61 -27.09 24.54
N GLN B 516 -30.75 -27.25 23.83
CA GLN B 516 -31.89 -28.09 24.24
C GLN B 516 -31.50 -29.58 24.28
N ARG B 517 -30.72 -30.02 23.28
CA ARG B 517 -30.17 -31.38 23.19
C ARG B 517 -29.21 -31.68 24.32
N LEU B 518 -28.33 -30.72 24.66
CA LEU B 518 -27.38 -30.83 25.77
C LEU B 518 -28.08 -30.97 27.13
N VAL B 519 -29.10 -30.12 27.36
CA VAL B 519 -29.92 -30.13 28.58
C VAL B 519 -30.70 -31.45 28.72
N SER B 520 -31.32 -31.91 27.61
CA SER B 520 -32.07 -33.18 27.58
C SER B 520 -31.18 -34.40 27.78
N LEU B 521 -30.00 -34.44 27.12
CA LEU B 521 -29.09 -35.57 27.26
C LEU B 521 -28.28 -35.54 28.55
N SER B 522 -28.28 -34.42 29.30
CA SER B 522 -27.59 -34.33 30.59
C SER B 522 -28.14 -35.27 31.65
N ASN B 523 -29.47 -35.56 31.61
CA ASN B 523 -30.26 -36.41 32.52
C ASN B 523 -30.15 -35.98 33.99
N THR B 524 -30.52 -34.72 34.25
CA THR B 524 -30.48 -34.13 35.59
C THR B 524 -31.82 -33.47 35.89
N ASP B 525 -32.03 -33.17 37.18
CA ASP B 525 -33.23 -32.45 37.64
C ASP B 525 -32.98 -30.93 37.55
N VAL B 526 -33.89 -30.15 38.18
CA VAL B 526 -33.85 -28.68 38.16
C VAL B 526 -32.63 -28.08 38.87
N LEU B 527 -32.03 -28.80 39.84
CA LEU B 527 -30.87 -28.29 40.55
C LEU B 527 -29.57 -28.82 39.96
N GLY B 528 -29.65 -29.56 38.85
CA GLY B 528 -28.49 -30.06 38.14
C GLY B 528 -27.87 -31.34 38.66
N ARG B 529 -28.38 -31.90 39.76
CA ARG B 529 -27.86 -33.15 40.32
C ARG B 529 -28.14 -34.36 39.41
N HIS B 530 -27.15 -35.25 39.29
CA HIS B 530 -27.23 -36.41 38.39
C HIS B 530 -28.12 -37.52 38.99
N TYR B 531 -29.44 -37.28 38.96
CA TYR B 531 -30.41 -38.23 39.48
C TYR B 531 -31.50 -38.61 38.49
N ARG B 532 -31.59 -37.94 37.34
CA ARG B 532 -32.55 -38.09 36.22
C ARG B 532 -34.03 -37.97 36.63
N GLY B 546 -43.55 -33.45 39.17
CA GLY B 546 -42.66 -32.30 39.04
C GLY B 546 -42.20 -32.08 37.61
N ARG B 547 -43.02 -32.54 36.66
CA ARG B 547 -42.75 -32.39 35.23
C ARG B 547 -42.78 -30.93 34.78
N ASP B 548 -43.74 -30.15 35.33
CA ASP B 548 -43.94 -28.72 35.04
C ASP B 548 -42.72 -27.89 35.45
N LEU B 549 -42.18 -28.16 36.64
CA LEU B 549 -40.96 -27.53 37.14
C LEU B 549 -39.75 -27.96 36.31
N ALA B 550 -39.75 -29.21 35.82
CA ALA B 550 -38.64 -29.71 35.01
C ALA B 550 -38.64 -29.18 33.58
N ASN B 551 -39.76 -28.64 33.08
CA ASN B 551 -39.75 -28.08 31.72
C ASN B 551 -39.82 -26.56 31.67
N THR B 552 -40.60 -25.90 32.56
CA THR B 552 -40.70 -24.43 32.54
C THR B 552 -39.43 -23.73 33.01
N ARG B 553 -38.66 -24.34 33.90
CA ARG B 553 -37.42 -23.76 34.41
C ARG B 553 -36.24 -24.70 34.18
N ALA B 554 -36.21 -25.32 32.99
CA ALA B 554 -35.17 -26.25 32.61
C ALA B 554 -33.82 -25.60 32.28
N TYR B 555 -33.76 -24.28 32.14
CA TYR B 555 -32.53 -23.61 31.75
C TYR B 555 -32.04 -22.63 32.80
N ASN B 556 -32.29 -22.92 34.09
CA ASN B 556 -31.75 -22.14 35.20
C ASN B 556 -30.23 -22.29 35.27
N VAL B 557 -29.58 -21.28 35.86
CA VAL B 557 -28.11 -21.11 35.87
C VAL B 557 -27.38 -22.17 36.69
N LEU B 558 -28.00 -22.69 37.77
CA LEU B 558 -27.42 -23.70 38.64
C LEU B 558 -27.29 -25.03 37.90
N ARG B 559 -28.35 -25.40 37.16
CA ARG B 559 -28.39 -26.62 36.34
C ARG B 559 -27.36 -26.56 35.22
N MET B 560 -27.23 -25.38 34.56
CA MET B 560 -26.24 -25.14 33.50
C MET B 560 -24.81 -25.19 34.03
N ASP B 561 -24.61 -24.68 35.27
CA ASP B 561 -23.33 -24.74 36.00
C ASP B 561 -22.92 -26.20 36.24
N GLN B 562 -23.89 -27.03 36.65
CA GLN B 562 -23.67 -28.47 36.83
C GLN B 562 -23.33 -29.19 35.51
N ILE B 563 -24.02 -28.84 34.40
CA ILE B 563 -23.78 -29.43 33.07
C ILE B 563 -22.36 -29.09 32.57
N PHE B 564 -21.96 -27.79 32.71
CA PHE B 564 -20.60 -27.32 32.36
C PHE B 564 -19.54 -27.95 33.26
N ALA B 565 -19.89 -28.16 34.54
CA ALA B 565 -19.05 -28.82 35.53
C ALA B 565 -18.75 -30.27 35.14
N ARG B 566 -19.78 -31.01 34.69
CA ARG B 566 -19.56 -32.35 34.13
C ARG B 566 -18.76 -32.33 32.83
N LEU B 567 -18.91 -31.26 32.02
CA LEU B 567 -18.09 -31.11 30.80
C LEU B 567 -16.60 -30.90 31.08
N VAL B 568 -16.22 -30.18 32.16
CA VAL B 568 -14.80 -29.93 32.42
C VAL B 568 -14.06 -31.19 32.90
N SER B 569 -14.45 -31.72 34.06
CA SER B 569 -13.80 -32.88 34.67
C SER B 569 -14.75 -33.48 35.71
N LYS B 570 -14.23 -34.44 36.47
CA LYS B 570 -15.02 -35.13 37.48
C LYS B 570 -15.09 -34.39 38.81
N ASP B 571 -14.30 -33.31 38.99
CA ASP B 571 -14.27 -32.62 40.27
C ASP B 571 -14.42 -31.11 40.13
N PHE B 572 -15.06 -30.64 39.06
CA PHE B 572 -15.45 -29.24 38.97
C PHE B 572 -16.64 -28.98 39.87
N SER B 573 -16.53 -27.96 40.74
CA SER B 573 -17.66 -27.56 41.59
C SER B 573 -17.49 -26.06 41.82
N VAL B 574 -18.15 -25.26 40.96
CA VAL B 574 -18.08 -23.81 41.04
C VAL B 574 -18.91 -23.29 42.21
N ASN B 575 -18.28 -22.45 43.03
CA ASN B 575 -18.90 -21.94 44.24
C ASN B 575 -19.56 -20.59 43.95
N ARG B 576 -20.86 -20.54 44.11
CA ARG B 576 -21.65 -19.33 43.90
C ARG B 576 -22.07 -18.75 45.24
N ASP B 577 -22.13 -17.43 45.31
CA ASP B 577 -22.56 -16.74 46.53
C ASP B 577 -23.50 -15.64 46.05
N PHE B 578 -24.80 -15.96 45.99
CA PHE B 578 -25.82 -15.02 45.57
C PHE B 578 -26.32 -14.12 46.70
N THR B 579 -25.83 -14.31 47.93
CA THR B 579 -26.23 -13.47 49.05
C THR B 579 -25.62 -12.07 49.00
N ILE B 580 -24.50 -11.88 48.29
CA ILE B 580 -23.83 -10.58 48.19
C ILE B 580 -24.56 -9.52 47.38
N TYR B 581 -25.60 -9.88 46.61
CA TYR B 581 -26.35 -8.96 45.80
C TYR B 581 -27.50 -8.29 46.56
N ASP B 582 -27.68 -8.64 47.82
CA ASP B 582 -28.66 -8.00 48.69
C ASP B 582 -28.18 -6.60 49.08
N SER B 583 -29.14 -5.72 49.38
CA SER B 583 -28.85 -4.32 49.75
C SER B 583 -28.12 -4.15 51.08
N LYS B 584 -28.11 -5.14 51.97
CA LYS B 584 -27.43 -5.10 53.26
C LYS B 584 -25.90 -5.14 53.18
N TYR B 585 -25.33 -5.50 52.03
CA TYR B 585 -23.89 -5.64 51.82
C TYR B 585 -23.29 -4.47 51.07
N ASP B 586 -24.03 -3.36 50.89
CA ASP B 586 -23.59 -2.19 50.13
C ASP B 586 -22.42 -1.46 50.80
N LYS B 587 -22.30 -1.52 52.14
CA LYS B 587 -21.23 -0.83 52.85
C LYS B 587 -19.85 -1.49 52.70
N VAL B 588 -19.79 -2.75 52.25
CA VAL B 588 -18.55 -3.49 52.02
C VAL B 588 -17.76 -2.84 50.88
N PRO B 589 -16.42 -2.59 51.03
CA PRO B 589 -15.66 -1.83 50.01
C PRO B 589 -15.48 -2.45 48.62
N GLY B 590 -14.92 -3.66 48.56
CA GLY B 590 -14.58 -4.27 47.30
C GLY B 590 -15.66 -5.07 46.61
N ILE B 591 -16.87 -5.11 47.21
CA ILE B 591 -18.02 -5.93 46.80
C ILE B 591 -18.49 -5.62 45.38
N GLN B 592 -18.40 -4.32 44.98
CA GLN B 592 -18.76 -3.77 43.66
C GLN B 592 -17.94 -4.39 42.54
N PHE B 593 -16.67 -4.73 42.83
CA PHE B 593 -15.88 -5.51 41.89
C PHE B 593 -16.41 -6.95 41.79
N ARG B 594 -16.60 -7.60 42.99
CA ARG B 594 -17.02 -9.00 43.15
C ARG B 594 -18.36 -9.31 42.52
N ARG B 595 -19.38 -8.47 42.84
CA ARG B 595 -20.73 -8.46 42.25
C ARG B 595 -20.70 -8.35 40.73
N THR B 596 -19.78 -7.53 40.20
CA THR B 596 -19.57 -7.44 38.77
C THR B 596 -19.01 -8.76 38.22
N ALA B 597 -17.89 -9.23 38.85
CA ALA B 597 -16.98 -10.29 38.36
C ALA B 597 -17.67 -11.64 38.17
N GLN B 598 -18.33 -12.11 39.24
CA GLN B 598 -19.17 -13.31 39.35
C GLN B 598 -20.23 -13.36 38.27
N ALA B 599 -20.96 -12.21 38.13
CA ALA B 599 -22.03 -11.96 37.15
C ALA B 599 -21.53 -12.15 35.74
N SER B 600 -20.35 -11.51 35.48
CA SER B 600 -19.58 -11.53 34.23
C SER B 600 -19.27 -12.95 33.82
N HIS B 601 -18.80 -13.73 34.84
CA HIS B 601 -18.42 -15.15 34.78
C HIS B 601 -19.54 -16.02 34.24
N MET B 602 -20.76 -15.79 34.79
CA MET B 602 -21.99 -16.53 34.46
C MET B 602 -22.38 -16.31 33.01
N LEU B 603 -22.32 -15.01 32.59
CA LEU B 603 -22.54 -14.57 31.21
C LEU B 603 -21.50 -15.12 30.27
N PHE B 604 -20.26 -15.26 30.74
CA PHE B 604 -19.14 -15.82 29.95
C PHE B 604 -19.40 -17.28 29.67
N LEU B 605 -19.88 -17.99 30.67
CA LEU B 605 -20.24 -19.40 30.50
C LEU B 605 -21.31 -19.59 29.44
N TRP B 606 -22.32 -18.66 29.45
CA TRP B 606 -23.40 -18.61 28.46
C TRP B 606 -22.85 -18.37 27.07
N ALA B 607 -21.90 -17.41 26.98
CA ALA B 607 -21.19 -17.08 25.75
C ALA B 607 -20.28 -18.20 25.28
N ILE B 608 -19.88 -19.11 26.14
CA ILE B 608 -19.06 -20.26 25.68
C ILE B 608 -20.05 -21.28 25.15
N CYS B 609 -21.19 -21.38 25.78
CA CYS B 609 -22.23 -22.33 25.33
C CYS B 609 -22.76 -21.99 23.95
N LEU B 610 -22.94 -20.72 23.62
CA LEU B 610 -23.54 -20.38 22.30
C LEU B 610 -22.40 -20.20 21.29
N ASP B 611 -21.14 -20.28 21.69
CA ASP B 611 -19.92 -20.18 20.86
C ASP B 611 -19.81 -18.78 20.21
N ARG B 612 -20.11 -17.77 21.01
CA ARG B 612 -19.97 -16.37 20.61
C ARG B 612 -18.67 -15.88 21.24
N PHE B 613 -17.56 -15.94 20.46
CA PHE B 613 -16.20 -15.71 20.95
C PHE B 613 -15.94 -14.29 21.43
N ARG B 614 -16.53 -13.30 20.76
CA ARG B 614 -16.29 -11.87 21.02
C ARG B 614 -16.87 -11.43 22.35
N MET B 615 -18.13 -11.83 22.63
CA MET B 615 -18.75 -11.57 23.93
C MET B 615 -18.08 -12.36 25.05
N ALA B 616 -17.63 -13.59 24.75
CA ALA B 616 -16.86 -14.44 25.67
C ALA B 616 -15.56 -13.78 26.09
N ARG B 617 -14.85 -13.20 25.11
CA ARG B 617 -13.61 -12.46 25.34
C ARG B 617 -13.87 -11.19 26.14
N HIS B 618 -14.99 -10.50 25.85
CA HIS B 618 -15.38 -9.28 26.58
C HIS B 618 -15.75 -9.56 28.05
N PHE B 619 -16.57 -10.60 28.30
CA PHE B 619 -16.94 -10.97 29.69
C PHE B 619 -15.76 -11.58 30.43
N TRP B 620 -14.86 -12.27 29.70
CA TRP B 620 -13.61 -12.77 30.25
C TRP B 620 -12.70 -11.62 30.69
N LEU B 621 -12.65 -10.55 29.89
CA LEU B 621 -11.88 -9.35 30.22
C LEU B 621 -12.47 -8.59 31.41
N ILE B 622 -13.82 -8.48 31.50
CA ILE B 622 -14.49 -7.78 32.61
C ILE B 622 -14.26 -8.47 33.96
N GLY B 623 -14.38 -9.79 34.00
CA GLY B 623 -14.21 -10.53 35.22
C GLY B 623 -12.76 -10.75 35.61
N ASP B 624 -12.57 -11.61 36.61
CA ASP B 624 -11.24 -11.93 37.10
C ASP B 624 -11.00 -13.41 36.83
N GLN B 625 -9.83 -13.89 37.33
CA GLN B 625 -9.30 -15.26 37.21
C GLN B 625 -9.21 -15.69 35.73
N SER B 626 -8.47 -14.86 34.97
CA SER B 626 -8.41 -14.88 33.49
C SER B 626 -7.86 -16.17 32.91
N ILE B 627 -6.75 -16.65 33.49
CA ILE B 627 -5.99 -17.82 32.99
C ILE B 627 -6.80 -19.10 33.13
N ILE B 628 -7.38 -19.31 34.33
CA ILE B 628 -8.17 -20.49 34.69
C ILE B 628 -9.47 -20.55 33.88
N ASN B 629 -10.11 -19.37 33.68
CA ASN B 629 -11.35 -19.24 32.89
C ASN B 629 -11.11 -19.51 31.41
N ALA B 630 -9.95 -19.06 30.88
CA ALA B 630 -9.57 -19.35 29.50
C ALA B 630 -9.31 -20.85 29.27
N LEU B 631 -8.63 -21.51 30.23
CA LEU B 631 -8.42 -22.98 30.19
C LEU B 631 -9.72 -23.76 30.28
N VAL B 632 -10.64 -23.32 31.17
CA VAL B 632 -11.96 -23.91 31.37
C VAL B 632 -12.81 -23.75 30.11
N ALA B 633 -12.72 -22.56 29.48
CA ALA B 633 -13.40 -22.20 28.23
C ALA B 633 -12.95 -23.06 27.05
N SER B 634 -11.61 -23.29 26.96
CA SER B 634 -10.99 -24.15 25.97
C SER B 634 -11.46 -25.60 26.13
N ARG B 635 -11.50 -26.08 27.39
CA ARG B 635 -11.97 -27.43 27.73
C ARG B 635 -13.44 -27.65 27.40
N ILE B 636 -14.29 -26.68 27.70
CA ILE B 636 -15.75 -26.81 27.45
C ILE B 636 -16.01 -26.81 25.95
N LEU B 637 -15.41 -25.90 25.20
CA LEU B 637 -15.56 -25.86 23.73
C LEU B 637 -15.02 -27.13 23.05
N GLU B 638 -13.86 -27.65 23.52
CA GLU B 638 -13.28 -28.89 23.01
C GLU B 638 -14.17 -30.11 23.31
N ARG B 639 -14.73 -30.18 24.53
CA ARG B 639 -15.61 -31.29 24.90
C ARG B 639 -16.96 -31.20 24.20
N LEU B 640 -17.48 -29.98 24.02
CA LEU B 640 -18.74 -29.75 23.33
C LEU B 640 -18.64 -30.07 21.84
N SER B 641 -17.48 -29.78 21.22
CA SER B 641 -17.24 -30.06 19.79
C SER B 641 -17.29 -31.55 19.43
N THR B 642 -17.01 -32.45 20.37
CA THR B 642 -17.09 -33.89 20.18
C THR B 642 -18.24 -34.51 20.99
N HIS B 643 -19.14 -33.69 21.53
CA HIS B 643 -20.25 -34.16 22.35
C HIS B 643 -21.38 -34.70 21.45
N ARG B 644 -22.26 -35.51 22.05
CA ARG B 644 -23.43 -36.09 21.38
C ARG B 644 -24.47 -35.05 20.97
N ALA B 645 -24.53 -33.90 21.63
CA ALA B 645 -25.52 -32.88 21.29
C ALA B 645 -25.14 -32.08 20.06
N LEU B 646 -23.87 -32.11 19.64
CA LEU B 646 -23.40 -31.33 18.49
C LEU B 646 -23.21 -32.17 17.24
N GLN B 647 -23.46 -33.47 17.28
CA GLN B 647 -23.32 -34.27 16.07
C GLN B 647 -24.59 -34.13 15.25
N GLY B 648 -24.41 -33.99 13.95
CA GLY B 648 -25.52 -33.75 13.05
C GLY B 648 -24.99 -33.15 11.76
N PRO B 649 -25.71 -33.37 10.62
CA PRO B 649 -25.27 -32.84 9.31
C PRO B 649 -25.18 -31.32 9.19
N HIS B 650 -26.03 -30.59 9.88
CA HIS B 650 -26.16 -29.14 9.82
C HIS B 650 -25.25 -28.42 10.81
N LEU B 651 -24.64 -29.14 11.75
CA LEU B 651 -23.88 -28.56 12.84
C LEU B 651 -22.37 -28.50 12.63
N ALA B 652 -21.88 -28.92 11.44
CA ALA B 652 -20.45 -29.10 11.11
C ALA B 652 -19.61 -27.83 11.30
N GLU B 653 -20.11 -26.72 10.76
CA GLU B 653 -19.35 -25.43 10.84
C GLU B 653 -19.33 -24.98 12.29
N GLU B 654 -20.46 -25.07 12.96
CA GLU B 654 -20.59 -24.78 14.39
C GLU B 654 -19.51 -25.48 15.20
N ARG B 655 -19.36 -26.81 14.98
CA ARG B 655 -18.33 -27.70 15.59
C ARG B 655 -16.92 -27.19 15.34
N ALA B 656 -16.63 -26.88 14.06
CA ALA B 656 -15.36 -26.31 13.56
C ALA B 656 -15.01 -25.02 14.29
N LYS B 657 -16.02 -24.12 14.37
CA LYS B 657 -15.97 -22.83 15.06
C LYS B 657 -15.59 -23.01 16.53
N MET B 658 -16.24 -23.99 17.22
CA MET B 658 -15.95 -24.36 18.63
C MET B 658 -14.49 -24.72 18.85
N GLN B 659 -13.95 -25.65 18.02
CA GLN B 659 -12.53 -26.06 18.07
C GLN B 659 -11.57 -24.88 17.88
N HIS B 660 -11.87 -24.05 16.85
CA HIS B 660 -11.14 -22.80 16.53
C HIS B 660 -11.10 -21.84 17.73
N ASN B 661 -12.29 -21.55 18.32
CA ASN B 661 -12.45 -20.69 19.50
C ASN B 661 -11.70 -21.22 20.72
N ALA B 662 -11.78 -22.57 20.92
CA ALA B 662 -11.07 -23.32 21.97
C ALA B 662 -9.57 -23.08 21.89
N LYS B 663 -9.03 -23.23 20.67
CA LYS B 663 -7.62 -23.01 20.33
C LYS B 663 -7.20 -21.58 20.67
N LYS B 664 -8.05 -20.60 20.28
CA LYS B 664 -7.86 -19.16 20.54
C LYS B 664 -7.77 -18.85 22.04
N PHE B 665 -8.71 -19.43 22.83
CA PHE B 665 -8.74 -19.27 24.29
C PHE B 665 -7.51 -19.88 24.96
N GLU B 666 -7.07 -21.06 24.46
CA GLU B 666 -5.81 -21.71 24.87
C GLU B 666 -4.61 -20.77 24.68
N GLU B 667 -4.54 -20.12 23.49
CA GLU B 667 -3.53 -19.10 23.15
C GLU B 667 -3.54 -17.93 24.13
N LEU B 668 -4.76 -17.43 24.45
CA LEU B 668 -4.98 -16.38 25.46
C LEU B 668 -4.40 -16.76 26.83
N ALA B 669 -4.72 -17.99 27.30
CA ALA B 669 -4.24 -18.54 28.58
C ALA B 669 -2.72 -18.62 28.67
N VAL B 670 -2.09 -19.01 27.53
CA VAL B 670 -0.63 -19.07 27.36
C VAL B 670 -0.05 -17.65 27.38
N GLY B 671 -0.69 -16.74 26.63
CA GLY B 671 -0.24 -15.37 26.43
C GLY B 671 -0.18 -14.55 27.71
N VAL B 672 -1.32 -14.54 28.47
CA VAL B 672 -1.45 -13.91 29.79
C VAL B 672 -0.40 -14.48 30.76
N LEU B 673 -0.25 -15.84 30.77
CA LEU B 673 0.76 -16.58 31.58
C LEU B 673 2.19 -16.12 31.29
N GLY B 674 2.50 -16.01 29.98
CA GLY B 674 3.78 -15.50 29.47
C GLY B 674 4.07 -14.09 29.93
N GLU B 675 3.05 -13.20 29.84
CA GLU B 675 3.10 -11.81 30.33
C GLU B 675 3.43 -11.73 31.82
N CYS B 676 2.74 -12.59 32.62
CA CYS B 676 2.98 -12.73 34.07
C CYS B 676 4.41 -13.12 34.35
N HIS B 677 4.92 -14.13 33.63
CA HIS B 677 6.31 -14.60 33.77
C HIS B 677 7.32 -13.55 33.30
N GLY B 678 6.93 -12.72 32.33
CA GLY B 678 7.77 -11.61 31.90
C GLY B 678 7.84 -10.51 32.94
N SER B 679 6.75 -10.27 33.67
CA SER B 679 6.73 -9.12 34.57
C SER B 679 7.42 -9.46 35.90
N ASP B 680 7.00 -10.56 36.53
CA ASP B 680 7.54 -10.97 37.82
C ASP B 680 7.35 -12.49 37.85
N SER B 681 8.47 -13.23 37.65
CA SER B 681 8.46 -14.71 37.60
C SER B 681 8.03 -15.35 38.92
N HIS B 682 8.51 -14.80 40.04
CA HIS B 682 8.19 -15.30 41.38
C HIS B 682 6.72 -15.12 41.73
N MET B 683 6.16 -13.95 41.39
CA MET B 683 4.74 -13.65 41.61
C MET B 683 3.86 -14.51 40.70
N ALA B 684 4.35 -14.79 39.47
CA ALA B 684 3.71 -15.70 38.52
C ALA B 684 3.70 -17.13 39.07
N SER B 685 4.80 -17.55 39.71
CA SER B 685 4.91 -18.84 40.38
C SER B 685 3.93 -18.96 41.55
N GLU B 686 3.80 -17.87 42.33
CA GLU B 686 2.82 -17.78 43.42
C GLU B 686 1.38 -17.87 42.88
N MET B 687 1.14 -17.23 41.73
CA MET B 687 -0.15 -17.30 41.03
C MET B 687 -0.47 -18.71 40.55
N LEU B 688 0.52 -19.39 39.96
CA LEU B 688 0.35 -20.77 39.50
C LEU B 688 0.23 -21.76 40.66
N HIS B 689 0.79 -21.43 41.83
CA HIS B 689 0.71 -22.28 43.01
C HIS B 689 -0.50 -22.01 43.88
N SER B 690 -1.26 -20.93 43.60
CA SER B 690 -2.38 -20.55 44.45
C SER B 690 -3.56 -21.50 44.29
N LYS B 691 -4.06 -22.06 45.39
CA LYS B 691 -5.24 -22.93 45.30
C LYS B 691 -6.45 -22.03 45.13
N ASN B 692 -7.36 -22.38 44.24
CA ASN B 692 -8.47 -21.44 43.94
C ASN B 692 -9.74 -21.89 44.65
N ASP B 693 -10.35 -21.01 45.44
CA ASP B 693 -11.53 -21.43 46.24
C ASP B 693 -12.62 -21.84 45.28
N MET B 694 -12.89 -21.00 44.29
CA MET B 694 -13.82 -21.43 43.22
C MET B 694 -12.99 -22.44 42.45
N PHE B 695 -13.57 -23.42 41.78
CA PHE B 695 -12.75 -24.45 41.09
C PHE B 695 -12.23 -25.51 42.07
N ASN B 696 -12.78 -25.58 43.28
CA ASN B 696 -12.45 -26.68 44.24
C ASN B 696 -11.02 -26.72 44.76
N LYS B 697 -10.39 -25.59 45.01
CA LYS B 697 -9.05 -25.58 45.66
C LYS B 697 -8.02 -26.36 44.87
N LYS B 698 -8.13 -26.41 43.54
CA LYS B 698 -7.07 -27.05 42.74
C LYS B 698 -6.16 -25.94 42.22
N ASN B 699 -4.85 -26.18 42.18
CA ASN B 699 -3.98 -25.14 41.57
C ASN B 699 -4.26 -25.09 40.06
N ALA B 700 -3.90 -23.98 39.41
CA ALA B 700 -4.14 -23.78 37.98
C ALA B 700 -3.47 -24.81 37.08
N ILE B 701 -2.33 -25.37 37.50
CA ILE B 701 -1.60 -26.39 36.73
C ILE B 701 -2.41 -27.69 36.70
N ASN B 702 -3.08 -28.01 37.83
CA ASN B 702 -4.01 -29.14 37.96
C ASN B 702 -5.21 -28.96 37.03
N ILE B 703 -5.70 -27.70 36.92
CA ILE B 703 -6.79 -27.31 36.03
C ILE B 703 -6.38 -27.53 34.58
N ALA B 704 -5.14 -27.08 34.24
CA ALA B 704 -4.55 -27.18 32.89
C ALA B 704 -4.33 -28.63 32.44
N TYR B 705 -3.86 -29.48 33.37
CA TYR B 705 -3.71 -30.91 33.12
C TYR B 705 -5.05 -31.58 32.92
N ASP B 706 -6.04 -31.20 33.76
CA ASP B 706 -7.41 -31.71 33.62
C ASP B 706 -8.09 -31.21 32.36
N ALA B 707 -7.72 -30.01 31.87
CA ALA B 707 -8.26 -29.50 30.62
C ALA B 707 -7.52 -29.99 29.38
N LYS B 708 -6.45 -30.79 29.57
CA LYS B 708 -5.57 -31.39 28.53
C LYS B 708 -4.96 -30.32 27.63
N SER B 709 -4.56 -29.21 28.23
CA SER B 709 -3.93 -28.10 27.52
C SER B 709 -2.45 -28.35 27.45
N LEU B 710 -2.03 -28.99 26.35
CA LEU B 710 -0.64 -29.36 26.09
C LEU B 710 0.25 -28.13 25.91
N ALA B 711 -0.29 -27.07 25.28
CA ALA B 711 0.42 -25.81 25.05
C ALA B 711 0.78 -25.09 26.35
N PHE B 712 -0.15 -25.10 27.31
CA PHE B 712 0.06 -24.47 28.63
C PHE B 712 1.13 -25.22 29.42
N LEU B 713 1.07 -26.55 29.40
CA LEU B 713 2.02 -27.39 30.14
C LEU B 713 3.42 -27.33 29.56
N SER B 714 3.55 -27.11 28.25
CA SER B 714 4.85 -27.04 27.60
C SER B 714 5.50 -25.67 27.68
N HIS B 715 4.80 -24.67 28.23
CA HIS B 715 5.30 -23.31 28.36
C HIS B 715 6.44 -23.27 29.38
N PRO B 716 7.50 -22.43 29.16
CA PRO B 716 8.65 -22.34 30.10
C PRO B 716 8.34 -21.92 31.54
N ALA B 717 7.32 -21.07 31.73
CA ALA B 717 6.89 -20.63 33.07
C ALA B 717 6.34 -21.76 33.90
N THR B 718 5.42 -22.56 33.29
CA THR B 718 4.81 -23.73 33.91
C THR B 718 5.84 -24.80 34.24
N GLN B 719 6.80 -25.03 33.31
CA GLN B 719 7.90 -25.98 33.45
C GLN B 719 8.87 -25.58 34.56
N SER B 720 9.12 -24.25 34.67
CA SER B 720 9.95 -23.69 35.74
C SER B 720 9.32 -23.91 37.12
N VAL B 721 7.98 -23.73 37.24
CA VAL B 721 7.23 -23.99 38.48
C VAL B 721 7.27 -25.49 38.84
N ILE B 722 7.13 -26.38 37.83
CA ILE B 722 7.17 -27.85 37.99
C ILE B 722 8.57 -28.32 38.44
N ASN B 723 9.64 -27.70 37.88
CA ASN B 723 11.02 -27.98 38.28
C ASN B 723 11.30 -27.49 39.71
N ALA B 724 10.76 -26.31 40.07
CA ALA B 724 10.84 -25.78 41.44
C ALA B 724 10.12 -26.71 42.43
N ASP B 725 8.97 -27.27 42.02
CA ASP B 725 8.26 -28.28 42.81
C ASP B 725 9.05 -29.58 42.92
N TRP B 726 9.74 -29.97 41.83
CA TRP B 726 10.61 -31.15 41.80
C TRP B 726 11.73 -31.06 42.82
N TYR B 727 12.43 -29.92 42.87
CA TYR B 727 13.57 -29.84 43.78
C TYR B 727 13.19 -29.50 45.22
N GLY B 728 11.92 -29.13 45.47
CA GLY B 728 11.42 -28.82 46.82
C GLY B 728 12.12 -27.61 47.44
N HIS B 729 12.54 -27.74 48.69
CA HIS B 729 13.27 -26.68 49.39
C HIS B 729 14.79 -26.79 49.20
N LEU B 730 15.16 -27.12 47.98
CA LEU B 730 16.59 -27.25 47.66
C LEU B 730 16.89 -26.24 46.56
N LYS B 731 18.15 -25.97 46.31
CA LYS B 731 18.54 -25.01 45.25
C LYS B 731 18.31 -25.67 43.90
N SER B 732 18.19 -24.87 42.84
CA SER B 732 18.02 -25.44 41.50
C SER B 732 19.32 -25.86 40.81
N VAL B 733 20.50 -25.43 41.29
CA VAL B 733 21.79 -25.79 40.68
C VAL B 733 22.31 -27.17 41.07
N THR B 734 21.60 -27.91 41.92
CA THR B 734 21.97 -29.25 42.36
C THR B 734 21.90 -30.27 41.22
N SER B 735 22.95 -31.08 41.10
CA SER B 735 23.07 -32.08 40.06
C SER B 735 22.63 -33.43 40.62
N PHE B 736 22.55 -34.42 39.70
CA PHE B 736 22.18 -35.81 40.01
C PHE B 736 23.15 -36.46 41.00
N TRP B 737 24.45 -36.25 40.77
CA TRP B 737 25.53 -36.81 41.59
C TRP B 737 25.57 -36.24 43.00
N ALA B 738 25.31 -34.92 43.13
CA ALA B 738 25.29 -34.22 44.43
C ALA B 738 24.17 -34.74 45.34
N VAL B 739 22.95 -34.85 44.79
CA VAL B 739 21.77 -35.35 45.53
C VAL B 739 21.93 -36.84 45.85
N LEU B 740 22.53 -37.61 44.90
CA LEU B 740 22.81 -39.04 45.10
C LEU B 740 23.87 -39.27 46.19
N PHE B 741 24.92 -38.42 46.20
CA PHE B 741 25.99 -38.46 47.20
C PHE B 741 25.45 -38.07 48.59
N ALA B 742 24.59 -37.04 48.63
CA ALA B 742 23.91 -36.61 49.86
C ALA B 742 22.97 -37.68 50.39
N PHE B 743 22.31 -38.41 49.46
CA PHE B 743 21.47 -39.56 49.82
C PHE B 743 22.32 -40.68 50.43
N PHE B 744 23.52 -40.91 49.89
CA PHE B 744 24.34 -42.01 50.40
C PHE B 744 25.11 -41.60 51.65
N PHE B 745 25.45 -40.31 51.78
CA PHE B 745 26.20 -39.77 52.90
C PHE B 745 25.37 -38.64 53.53
N PRO B 746 24.41 -38.97 54.41
CA PRO B 746 23.53 -37.92 55.00
C PRO B 746 24.23 -36.97 55.96
N PHE B 747 25.09 -37.48 56.83
CA PHE B 747 25.74 -36.68 57.86
C PHE B 747 27.02 -35.99 57.38
N PHE B 748 27.40 -36.16 56.12
CA PHE B 748 28.62 -35.57 55.59
C PHE B 748 28.40 -34.59 54.45
N VAL B 749 27.19 -34.47 53.91
CA VAL B 749 26.97 -33.60 52.77
C VAL B 749 25.89 -32.56 53.04
N LEU B 750 24.96 -32.87 53.96
CA LEU B 750 23.90 -31.94 54.33
C LEU B 750 24.34 -30.63 55.02
N PRO B 751 25.29 -30.56 55.99
CA PRO B 751 25.67 -29.25 56.56
C PRO B 751 26.36 -28.38 55.50
N PHE B 752 27.13 -28.96 54.59
CA PHE B 752 27.88 -28.25 53.57
C PHE B 752 27.08 -28.02 52.29
N ILE B 753 25.77 -27.85 52.42
CA ILE B 753 24.88 -27.64 51.29
C ILE B 753 24.01 -26.41 51.58
N ASN B 754 23.48 -25.83 50.50
CA ASN B 754 22.64 -24.64 50.55
C ASN B 754 21.19 -25.04 50.34
N PHE B 755 20.32 -24.55 51.21
CA PHE B 755 18.90 -24.91 51.22
C PHE B 755 18.07 -23.68 50.87
N SER B 756 17.71 -23.55 49.60
CA SER B 756 16.90 -22.42 49.13
C SER B 756 15.45 -22.56 49.54
N GLY B 787 22.42 -29.32 65.72
CA GLY B 787 21.36 -28.70 66.49
C GLY B 787 19.98 -29.20 66.11
N ALA B 788 19.04 -29.09 67.07
CA ALA B 788 17.66 -29.51 66.88
C ALA B 788 16.94 -28.68 65.82
N HIS B 789 17.18 -27.37 65.81
CA HIS B 789 16.55 -26.48 64.83
C HIS B 789 17.16 -26.57 63.43
N ARG B 790 18.38 -27.09 63.29
CA ARG B 790 19.06 -27.14 62.00
C ARG B 790 19.01 -28.50 61.31
N LEU B 791 19.51 -29.56 61.98
CA LEU B 791 19.66 -30.91 61.43
C LEU B 791 18.31 -31.56 61.12
N ARG B 792 17.34 -31.44 62.04
CA ARG B 792 15.99 -32.00 61.89
C ARG B 792 15.25 -31.33 60.74
N ARG B 793 15.41 -30.00 60.62
CA ARG B 793 14.83 -29.20 59.54
C ARG B 793 15.39 -29.60 58.17
N LYS B 794 16.74 -29.79 58.07
CA LYS B 794 17.39 -30.22 56.82
C LYS B 794 16.97 -31.64 56.41
N PHE B 795 16.88 -32.56 57.41
CA PHE B 795 16.43 -33.93 57.17
C PHE B 795 14.96 -33.97 56.75
N ALA B 796 14.10 -33.16 57.38
CA ALA B 796 12.69 -33.12 57.02
C ALA B 796 12.45 -32.42 55.67
N LYS B 797 13.33 -31.48 55.27
CA LYS B 797 13.11 -30.81 53.99
C LYS B 797 13.68 -31.57 52.80
N PHE B 798 14.92 -32.11 52.93
CA PHE B 798 15.61 -32.78 51.84
C PHE B 798 14.92 -34.09 51.41
N TYR B 799 14.49 -34.89 52.38
CA TYR B 799 13.93 -36.20 52.08
C TYR B 799 12.43 -36.17 51.80
N SER B 800 11.79 -35.02 51.90
CA SER B 800 10.39 -34.86 51.48
C SER B 800 10.28 -34.39 50.04
N ALA B 801 11.40 -34.02 49.42
CA ALA B 801 11.45 -33.56 48.04
C ALA B 801 11.13 -34.70 47.08
N PRO B 802 10.30 -34.45 46.03
CA PRO B 802 10.00 -35.48 45.00
C PRO B 802 11.20 -36.03 44.23
N TYR B 803 12.23 -35.20 44.04
CA TYR B 803 13.47 -35.59 43.36
C TYR B 803 14.22 -36.66 44.13
N THR B 804 14.30 -36.49 45.46
CA THR B 804 14.95 -37.44 46.37
C THR B 804 14.22 -38.78 46.41
N ARG B 805 12.88 -38.73 46.42
CA ARG B 805 12.02 -39.92 46.37
C ARG B 805 12.14 -40.66 45.03
N PHE B 806 12.25 -39.89 43.92
CA PHE B 806 12.48 -40.44 42.59
C PHE B 806 13.83 -41.16 42.50
N ILE B 807 14.87 -40.53 43.08
CA ILE B 807 16.23 -41.09 43.10
C ILE B 807 16.29 -42.36 43.96
N SER B 808 15.57 -42.35 45.10
CA SER B 808 15.44 -43.50 46.00
C SER B 808 14.71 -44.69 45.34
N ASP B 809 13.63 -44.38 44.61
CA ASP B 809 12.89 -45.38 43.82
C ASP B 809 13.72 -45.95 42.68
N LEU B 810 14.47 -45.11 41.97
CA LEU B 810 15.39 -45.56 40.91
C LEU B 810 16.41 -46.50 41.51
N LEU B 811 17.17 -46.06 42.51
CA LEU B 811 18.23 -46.89 43.12
C LEU B 811 17.67 -48.21 43.64
N SER B 812 16.48 -48.16 44.26
CA SER B 812 15.78 -49.34 44.78
C SER B 812 15.40 -50.32 43.68
N HIS B 813 14.88 -49.81 42.55
CA HIS B 813 14.50 -50.65 41.42
C HIS B 813 15.73 -51.22 40.73
N PHE B 814 16.83 -50.44 40.70
CA PHE B 814 18.12 -50.89 40.16
C PHE B 814 18.72 -52.03 40.99
N VAL B 815 18.58 -51.95 42.31
CA VAL B 815 19.09 -53.03 43.19
C VAL B 815 18.19 -54.23 42.98
N LEU B 816 16.89 -54.01 42.94
CA LEU B 816 15.93 -55.09 42.67
C LEU B 816 16.25 -55.86 41.39
N CYS B 817 16.55 -55.13 40.30
CA CYS B 817 16.95 -55.69 39.01
C CYS B 817 18.25 -56.50 39.10
N VAL B 818 19.29 -55.93 39.78
CA VAL B 818 20.61 -56.59 39.94
C VAL B 818 20.52 -57.84 40.82
N VAL B 819 19.81 -57.75 41.98
CA VAL B 819 19.64 -58.83 42.95
C VAL B 819 18.78 -59.97 42.37
N THR B 820 17.68 -59.60 41.66
CA THR B 820 16.79 -60.57 41.02
C THR B 820 17.51 -61.25 39.84
N SER B 821 18.35 -60.48 39.11
CA SER B 821 19.21 -60.99 38.01
C SER B 821 20.23 -62.01 38.51
N TYR B 822 20.86 -61.71 39.68
CA TYR B 822 21.79 -62.61 40.37
C TYR B 822 21.07 -63.90 40.81
N PHE B 823 19.85 -63.75 41.35
CA PHE B 823 19.02 -64.85 41.83
C PHE B 823 18.64 -65.81 40.70
N VAL B 824 18.31 -65.29 39.53
CA VAL B 824 17.90 -66.10 38.35
C VAL B 824 19.13 -66.69 37.66
N LEU B 825 20.29 -66.06 37.74
CA LEU B 825 21.53 -66.66 37.19
C LEU B 825 22.11 -67.76 38.07
N ASP B 826 22.18 -67.54 39.38
CA ASP B 826 22.68 -68.55 40.31
C ASP B 826 21.64 -69.66 40.45
N LYS B 827 22.11 -70.88 40.68
CA LYS B 827 21.26 -72.05 40.77
C LYS B 827 20.39 -72.02 42.04
N LEU B 828 19.19 -72.57 41.91
CA LEU B 828 18.29 -72.66 43.03
C LEU B 828 18.71 -73.81 43.94
N GLU B 829 18.52 -73.61 45.23
CA GLU B 829 18.84 -74.62 46.23
C GLU B 829 17.65 -75.55 46.43
N ASP B 830 17.88 -76.63 47.20
CA ASP B 830 16.87 -77.62 47.53
C ASP B 830 15.80 -77.15 48.52
N THR B 831 15.97 -75.99 49.17
CA THR B 831 15.01 -75.34 50.03
C THR B 831 14.90 -73.89 49.54
N ILE B 832 13.99 -73.14 50.16
CA ILE B 832 13.83 -71.72 49.82
C ILE B 832 14.98 -70.93 50.44
N SER B 833 15.76 -70.27 49.59
CA SER B 833 16.96 -69.57 50.03
C SER B 833 16.60 -68.22 50.65
N ALA B 834 17.61 -67.60 51.28
CA ALA B 834 17.49 -66.30 51.95
C ALA B 834 17.16 -65.16 50.99
N ILE B 835 17.81 -65.15 49.81
CA ILE B 835 17.60 -64.17 48.74
C ILE B 835 16.18 -64.26 48.17
N GLU B 836 15.63 -65.49 48.10
CA GLU B 836 14.24 -65.76 47.69
C GLU B 836 13.23 -65.17 48.67
N TRP B 837 13.51 -65.28 49.98
CA TRP B 837 12.67 -64.69 51.03
C TRP B 837 12.69 -63.16 50.98
N ILE B 838 13.88 -62.57 50.74
CA ILE B 838 14.07 -61.11 50.60
C ILE B 838 13.29 -60.57 49.39
N LEU B 839 13.36 -61.29 48.25
CA LEU B 839 12.62 -60.96 47.04
C LEU B 839 11.11 -61.13 47.23
N LEU B 840 10.68 -62.14 48.01
CA LEU B 840 9.27 -62.36 48.36
C LEU B 840 8.68 -61.19 49.15
N VAL B 841 9.41 -60.71 50.18
CA VAL B 841 9.05 -59.55 51.01
C VAL B 841 9.01 -58.26 50.17
N TRP B 842 10.01 -58.12 49.26
CA TRP B 842 10.16 -57.00 48.33
C TRP B 842 8.98 -56.91 47.34
N PHE B 843 8.57 -58.04 46.76
CA PHE B 843 7.46 -58.02 45.81
C PHE B 843 6.08 -57.95 46.46
N VAL B 844 5.96 -58.38 47.70
CA VAL B 844 4.68 -58.19 48.42
C VAL B 844 4.58 -56.69 48.63
N ALA B 845 5.68 -56.07 49.04
CA ALA B 845 5.75 -54.62 49.30
C ALA B 845 5.37 -53.87 48.05
N LEU B 846 5.91 -54.28 46.95
CA LEU B 846 5.61 -53.70 45.63
C LEU B 846 4.14 -53.84 45.27
N LEU B 847 3.56 -55.03 45.56
CA LEU B 847 2.15 -55.33 45.32
C LEU B 847 1.24 -54.44 46.18
N LEU B 848 1.62 -54.22 47.46
CA LEU B 848 0.90 -53.32 48.37
C LEU B 848 0.98 -51.86 47.90
N GLU B 849 2.15 -51.47 47.37
CA GLU B 849 2.35 -50.14 46.79
C GLU B 849 1.46 -49.94 45.56
N GLU B 850 1.33 -50.98 44.71
CA GLU B 850 0.43 -50.97 43.55
C GLU B 850 -1.03 -50.87 43.96
N LEU B 851 -1.43 -51.58 45.04
CA LEU B 851 -2.79 -51.49 45.60
C LEU B 851 -3.08 -50.10 46.15
N ARG B 852 -2.08 -49.49 46.83
CA ARG B 852 -2.16 -48.11 47.36
C ARG B 852 -2.35 -47.11 46.21
N GLN B 853 -1.62 -47.33 45.11
CA GLN B 853 -1.75 -46.54 43.88
C GLN B 853 -3.13 -46.71 43.25
N MET B 854 -3.69 -47.94 43.28
CA MET B 854 -5.06 -48.19 42.81
C MET B 854 -6.11 -47.42 43.63
N ILE B 855 -5.97 -47.42 44.96
CA ILE B 855 -6.90 -46.72 45.86
C ILE B 855 -6.80 -45.20 45.70
N PHE B 856 -5.59 -44.63 45.69
CA PHE B 856 -5.46 -43.15 45.68
C PHE B 856 -5.38 -42.50 44.30
N CYS B 857 -5.60 -43.21 43.19
CA CYS B 857 -5.65 -42.56 41.88
C CYS B 857 -7.04 -42.03 41.58
N ASP B 858 -7.19 -41.49 40.38
CA ASP B 858 -8.46 -41.00 39.81
C ASP B 858 -9.20 -42.11 39.07
N GLY B 859 -9.41 -43.25 39.72
CA GLY B 859 -10.13 -44.38 39.18
C GLY B 859 -9.19 -45.46 38.66
N ILE B 860 -9.78 -46.66 38.49
CA ILE B 860 -9.10 -47.87 38.01
C ILE B 860 -8.60 -47.68 36.56
N ALA B 861 -9.41 -46.96 35.75
CA ALA B 861 -9.11 -46.63 34.34
C ALA B 861 -7.88 -45.74 34.18
N GLU B 862 -7.74 -44.73 35.06
CA GLU B 862 -6.59 -43.82 35.07
C GLU B 862 -5.29 -44.56 35.42
N TYR B 863 -5.37 -45.52 36.32
CA TYR B 863 -4.18 -46.31 36.76
C TYR B 863 -3.81 -47.30 35.67
N ILE B 864 -4.81 -47.96 35.08
CA ILE B 864 -4.54 -48.99 34.06
C ILE B 864 -4.21 -48.39 32.69
N SER B 865 -4.46 -47.08 32.48
CA SER B 865 -4.06 -46.38 31.25
C SER B 865 -2.55 -46.33 31.09
N ASP B 866 -1.83 -46.11 32.20
CA ASP B 866 -0.37 -46.02 32.23
C ASP B 866 0.25 -47.39 31.91
N THR B 867 1.26 -47.40 31.03
CA THR B 867 1.91 -48.65 30.64
C THR B 867 2.83 -49.22 31.73
N TRP B 868 3.41 -48.35 32.57
CA TRP B 868 4.29 -48.78 33.66
C TRP B 868 3.55 -49.50 34.77
N ASN B 869 2.29 -49.12 35.03
CA ASN B 869 1.42 -49.84 35.96
C ASN B 869 1.08 -51.24 35.45
N ARG B 870 0.85 -51.36 34.12
CA ARG B 870 0.63 -52.66 33.46
C ARG B 870 1.85 -53.55 33.57
N LEU B 871 3.05 -52.96 33.37
CA LEU B 871 4.34 -53.63 33.53
C LEU B 871 4.56 -54.10 34.97
N ASP B 872 4.13 -53.26 35.94
CA ASP B 872 4.20 -53.59 37.38
C ASP B 872 3.34 -54.80 37.72
N LEU B 873 2.09 -54.85 37.18
CA LEU B 873 1.16 -55.97 37.40
C LEU B 873 1.66 -57.27 36.77
N ILE B 874 2.19 -57.20 35.52
CA ILE B 874 2.78 -58.35 34.82
C ILE B 874 4.02 -58.87 35.57
N MET B 875 4.88 -57.93 36.07
CA MET B 875 6.09 -58.19 36.88
C MET B 875 5.80 -58.97 38.17
N ILE B 876 4.82 -58.47 38.97
CA ILE B 876 4.39 -59.07 40.24
C ILE B 876 3.78 -60.46 40.01
N THR B 877 2.92 -60.58 38.96
CA THR B 877 2.24 -61.82 38.55
C THR B 877 3.23 -62.92 38.13
N LEU B 878 4.24 -62.56 37.30
CA LEU B 878 5.31 -63.47 36.84
C LEU B 878 6.17 -64.00 37.99
N PHE B 879 6.56 -63.11 38.92
CA PHE B 879 7.36 -63.51 40.10
C PHE B 879 6.59 -64.48 40.98
N PHE B 880 5.32 -64.21 41.24
CA PHE B 880 4.52 -65.08 42.12
C PHE B 880 4.23 -66.46 41.51
N VAL B 881 4.02 -66.49 40.18
CA VAL B 881 3.83 -67.81 39.50
C VAL B 881 5.15 -68.58 39.66
N GLY B 882 6.28 -67.97 39.24
CA GLY B 882 7.58 -68.64 39.35
C GLY B 882 7.95 -69.11 40.76
N PHE B 883 7.70 -68.25 41.75
CA PHE B 883 7.99 -68.59 43.17
C PHE B 883 7.11 -69.76 43.63
N PHE B 884 5.80 -69.71 43.38
CA PHE B 884 4.93 -70.80 43.82
C PHE B 884 5.24 -72.10 43.09
N THR B 885 5.65 -72.00 41.80
CA THR B 885 6.13 -73.14 41.01
C THR B 885 7.36 -73.78 41.65
N HIS B 886 8.31 -72.95 42.12
CA HIS B 886 9.48 -73.47 42.84
C HIS B 886 9.11 -73.98 44.24
N ALA B 887 8.23 -73.25 44.95
CA ALA B 887 7.93 -73.55 46.35
C ALA B 887 7.01 -74.75 46.54
N SER B 888 6.28 -75.16 45.48
CA SER B 888 5.44 -76.36 45.52
C SER B 888 6.25 -77.63 45.75
N ASP B 889 7.40 -77.74 45.10
CA ASP B 889 8.31 -78.88 45.28
C ASP B 889 9.74 -78.39 45.14
N PRO B 890 10.34 -77.85 46.24
CA PRO B 890 11.70 -77.24 46.17
C PRO B 890 12.85 -78.18 45.82
N SER B 891 12.73 -79.47 46.11
CA SER B 891 13.79 -80.42 45.79
C SER B 891 13.65 -81.00 44.38
N ASN B 892 12.55 -80.71 43.70
CA ASN B 892 12.31 -81.22 42.35
C ASN B 892 13.11 -80.37 41.38
N GLN B 893 13.94 -81.04 40.55
CA GLN B 893 14.78 -80.39 39.55
C GLN B 893 13.96 -79.72 38.44
N ASP B 894 12.89 -80.41 38.00
CA ASP B 894 11.99 -79.95 36.94
C ASP B 894 11.23 -78.68 37.33
N SER B 895 10.80 -78.59 38.60
CA SER B 895 10.12 -77.40 39.16
C SER B 895 11.04 -76.18 39.17
N LYS B 896 12.33 -76.40 39.52
CA LYS B 896 13.37 -75.38 39.50
C LYS B 896 13.60 -74.85 38.08
N VAL B 897 13.64 -75.76 37.09
CA VAL B 897 13.83 -75.44 35.67
C VAL B 897 12.65 -74.61 35.11
N VAL B 898 11.40 -75.02 35.43
CA VAL B 898 10.17 -74.33 35.01
C VAL B 898 10.07 -72.93 35.67
N SER B 899 10.45 -72.86 36.97
CA SER B 899 10.49 -71.62 37.76
C SER B 899 11.48 -70.61 37.21
N LYS B 900 12.68 -71.07 36.82
CA LYS B 900 13.68 -70.21 36.17
C LYS B 900 13.23 -69.77 34.77
N GLY B 901 12.48 -70.65 34.06
CA GLY B 901 11.89 -70.29 32.77
C GLY B 901 10.87 -69.16 32.85
N ILE B 902 10.04 -69.17 33.89
CA ILE B 902 9.09 -68.08 34.15
C ILE B 902 9.85 -66.82 34.59
N HIS B 903 10.87 -67.01 35.43
CA HIS B 903 11.67 -65.92 35.97
C HIS B 903 12.60 -65.23 34.95
N ALA B 904 12.85 -65.87 33.78
CA ALA B 904 13.52 -65.22 32.64
C ALA B 904 12.68 -64.06 32.10
N PHE B 905 11.37 -64.33 31.88
CA PHE B 905 10.35 -63.31 31.54
C PHE B 905 10.26 -62.22 32.59
N LEU B 906 10.35 -62.59 33.89
CA LEU B 906 10.37 -61.65 35.03
C LEU B 906 11.52 -60.64 34.94
N VAL B 907 12.74 -61.12 34.62
CA VAL B 907 13.95 -60.30 34.50
C VAL B 907 13.83 -59.33 33.31
N VAL B 908 13.39 -59.78 32.15
CA VAL B 908 13.25 -58.88 30.97
C VAL B 908 12.29 -57.74 31.33
N VAL B 909 11.17 -58.04 31.96
CA VAL B 909 10.16 -57.00 32.30
C VAL B 909 10.76 -56.07 33.35
N LEU B 910 11.49 -56.60 34.32
CA LEU B 910 12.14 -55.77 35.35
C LEU B 910 13.06 -54.76 34.70
N TRP B 911 13.81 -55.18 33.69
CA TRP B 911 14.73 -54.26 33.02
C TRP B 911 13.99 -53.30 32.09
N LEU B 912 12.88 -53.77 31.45
CA LEU B 912 12.00 -52.88 30.67
C LEU B 912 11.34 -51.83 31.57
N ARG B 913 10.89 -52.25 32.77
CA ARG B 913 10.28 -51.36 33.77
C ARG B 913 11.28 -50.31 34.30
N PHE B 914 12.61 -50.64 34.31
CA PHE B 914 13.69 -49.70 34.67
C PHE B 914 13.82 -48.46 33.73
N MET B 915 13.27 -48.52 32.49
CA MET B 915 13.26 -47.38 31.56
C MET B 915 12.35 -46.24 31.97
N ARG B 916 11.43 -46.42 32.95
CA ARG B 916 10.55 -45.39 33.52
C ARG B 916 11.34 -44.19 34.09
N TYR B 917 12.52 -44.45 34.65
CA TYR B 917 13.38 -43.47 35.29
C TYR B 917 14.29 -42.76 34.29
N TYR B 918 14.28 -43.17 33.02
CA TYR B 918 14.94 -42.41 31.95
C TYR B 918 14.18 -41.14 31.58
N ALA B 919 12.87 -41.07 31.88
CA ALA B 919 11.97 -39.96 31.53
C ALA B 919 12.32 -38.61 32.17
N LEU B 920 13.07 -38.60 33.28
CA LEU B 920 13.51 -37.36 33.92
C LEU B 920 14.51 -36.60 33.04
N SER B 921 15.38 -37.36 32.36
CA SER B 921 16.43 -36.82 31.50
C SER B 921 15.88 -36.12 30.27
N LYS B 922 16.47 -34.98 29.92
CA LYS B 922 16.09 -34.23 28.73
C LYS B 922 16.50 -34.90 27.41
N ASN B 923 17.40 -35.88 27.43
CA ASN B 923 17.78 -36.61 26.23
C ASN B 923 17.05 -37.94 26.12
N LEU B 924 17.01 -38.75 27.18
CA LEU B 924 16.48 -40.11 27.08
C LEU B 924 14.96 -40.20 27.08
N GLY B 925 14.29 -39.28 27.77
CA GLY B 925 12.83 -39.23 27.90
C GLY B 925 12.00 -38.98 26.63
N PRO B 926 12.29 -37.92 25.84
CA PRO B 926 11.62 -37.73 24.58
C PRO B 926 11.93 -38.88 23.60
N LYS B 927 13.15 -39.42 23.60
CA LYS B 927 13.54 -40.54 22.74
C LYS B 927 12.73 -41.79 23.06
N LEU B 928 12.33 -41.96 24.31
CA LEU B 928 11.50 -43.12 24.73
C LEU B 928 10.09 -42.91 24.21
N ILE B 929 9.60 -41.69 24.28
CA ILE B 929 8.27 -41.36 23.70
C ILE B 929 8.28 -41.58 22.19
N MET B 930 9.40 -41.21 21.54
CA MET B 930 9.55 -41.41 20.07
C MET B 930 9.65 -42.91 19.76
N MET B 931 10.37 -43.67 20.59
CA MET B 931 10.48 -45.14 20.39
C MET B 931 9.07 -45.74 20.43
N MET B 932 8.26 -45.41 21.43
CA MET B 932 6.87 -45.87 21.47
C MET B 932 6.06 -45.42 20.24
N GLU B 933 6.40 -44.25 19.66
CA GLU B 933 5.77 -43.83 18.40
C GLU B 933 6.24 -44.68 17.21
N MET B 934 7.52 -45.01 17.14
CA MET B 934 8.09 -45.83 16.03
C MET B 934 7.64 -47.29 16.09
N MET B 935 7.17 -47.79 17.23
CA MET B 935 6.62 -49.16 17.36
C MET B 935 5.49 -49.49 16.36
N LYS B 936 4.68 -48.47 15.96
CA LYS B 936 3.63 -48.65 14.96
C LYS B 936 4.23 -48.91 13.57
N ASP B 937 5.30 -48.18 13.23
CA ASP B 937 6.07 -48.42 12.00
C ASP B 937 6.74 -49.79 11.98
N VAL B 938 7.22 -50.22 13.16
CA VAL B 938 7.81 -51.56 13.37
C VAL B 938 6.76 -52.65 13.12
N SER B 939 5.52 -52.41 13.63
CA SER B 939 4.37 -53.30 13.45
C SER B 939 3.93 -53.39 11.99
N THR B 940 3.96 -52.24 11.28
CA THR B 940 3.68 -52.15 9.83
C THR B 940 4.68 -52.97 9.02
N PHE B 941 5.98 -52.87 9.40
CA PHE B 941 7.10 -53.66 8.81
C PHE B 941 6.90 -55.15 9.06
N VAL B 942 6.44 -55.52 10.27
CA VAL B 942 6.18 -56.91 10.67
C VAL B 942 5.04 -57.50 9.83
N PHE B 943 3.96 -56.73 9.62
CA PHE B 943 2.81 -57.13 8.77
C PHE B 943 3.20 -57.32 7.31
N LEU B 944 4.04 -56.42 6.77
CA LEU B 944 4.56 -56.58 5.42
C LEU B 944 5.53 -57.76 5.32
N LEU B 945 6.37 -57.99 6.33
CA LEU B 945 7.37 -59.06 6.25
C LEU B 945 6.72 -60.43 6.39
N LEU B 946 5.66 -60.57 7.16
CA LEU B 946 4.97 -61.86 7.40
C LEU B 946 4.59 -62.58 6.12
N ILE B 947 4.19 -61.81 5.10
CA ILE B 947 3.81 -62.28 3.76
C ILE B 947 4.98 -63.02 3.09
N PHE B 948 6.08 -62.26 2.96
CA PHE B 948 7.30 -62.75 2.30
C PHE B 948 7.88 -63.90 3.10
N LEU B 949 7.89 -63.81 4.42
CA LEU B 949 8.46 -64.86 5.30
C LEU B 949 7.68 -66.17 5.20
N ILE B 950 6.36 -66.15 5.36
CA ILE B 950 5.50 -67.37 5.30
C ILE B 950 5.57 -67.94 3.89
N GLY B 951 5.51 -67.10 2.88
CA GLY B 951 5.50 -67.60 1.50
C GLY B 951 6.78 -68.30 1.18
N TYR B 952 7.90 -67.73 1.54
CA TYR B 952 9.24 -68.29 1.31
C TYR B 952 9.51 -69.49 2.22
N GLY B 953 9.07 -69.42 3.50
CA GLY B 953 9.32 -70.49 4.47
C GLY B 953 8.62 -71.80 4.17
N VAL B 954 7.32 -71.74 3.80
CA VAL B 954 6.55 -72.91 3.39
C VAL B 954 7.11 -73.51 2.09
N ALA B 955 7.42 -72.61 1.11
CA ALA B 955 7.98 -73.00 -0.20
C ALA B 955 9.38 -73.64 -0.08
N ALA B 956 10.26 -73.03 0.73
CA ALA B 956 11.63 -73.49 0.93
C ALA B 956 11.70 -74.79 1.73
N GLN B 957 10.86 -74.90 2.80
CA GLN B 957 10.76 -76.09 3.63
C GLN B 957 10.21 -77.27 2.84
N SER B 958 9.23 -76.99 1.95
CA SER B 958 8.68 -78.00 1.06
C SER B 958 9.69 -78.48 0.02
N LEU B 959 10.50 -77.55 -0.52
CA LEU B 959 11.53 -77.94 -1.50
C LEU B 959 12.64 -78.77 -0.86
N LEU B 960 13.00 -78.46 0.41
CA LEU B 960 14.08 -79.19 1.07
C LEU B 960 13.64 -80.58 1.48
N SER B 961 12.41 -80.73 1.97
CA SER B 961 11.88 -82.02 2.43
C SER B 961 10.53 -82.29 1.77
N PRO B 962 10.52 -82.79 0.52
CA PRO B 962 9.23 -83.01 -0.17
C PRO B 962 8.54 -84.33 0.10
N ASP B 963 9.07 -85.19 0.95
CA ASP B 963 8.45 -86.50 1.18
C ASP B 963 8.39 -86.80 2.68
N GLU B 964 7.93 -85.83 3.46
CA GLU B 964 7.89 -85.96 4.90
C GLU B 964 6.48 -85.61 5.39
N ASP B 965 5.98 -86.40 6.36
CA ASP B 965 4.73 -86.11 7.04
C ASP B 965 4.84 -84.82 7.86
N PHE B 966 3.75 -84.05 7.85
CA PHE B 966 3.69 -82.77 8.59
C PHE B 966 3.70 -83.04 10.08
N SER B 967 4.49 -82.28 10.82
CA SER B 967 4.69 -82.37 12.25
C SER B 967 5.00 -80.96 12.74
N SER B 968 5.28 -80.85 14.04
CA SER B 968 5.67 -79.59 14.65
C SER B 968 7.02 -79.07 14.13
N ARG B 969 7.94 -79.99 13.77
CA ARG B 969 9.25 -79.68 13.19
C ARG B 969 9.17 -79.00 11.84
N THR B 970 8.13 -79.33 11.05
CA THR B 970 7.84 -78.68 9.77
C THR B 970 7.51 -77.20 9.98
N PHE B 971 6.69 -76.89 11.01
CA PHE B 971 6.29 -75.53 11.40
C PHE B 971 7.49 -74.72 11.91
N ILE B 972 8.35 -75.37 12.73
CA ILE B 972 9.60 -74.78 13.24
C ILE B 972 10.57 -74.50 12.08
N GLY B 973 10.61 -75.39 11.09
CA GLY B 973 11.41 -75.18 9.87
C GLY B 973 10.90 -74.05 9.00
N VAL B 974 9.60 -73.82 9.07
CA VAL B 974 8.96 -72.73 8.27
C VAL B 974 9.33 -71.39 8.90
N LEU B 975 9.48 -71.34 10.24
CA LEU B 975 9.75 -69.98 10.77
C LEU B 975 11.20 -69.69 11.13
N PHE B 976 12.00 -70.67 11.53
CA PHE B 976 13.34 -70.37 12.08
C PHE B 976 14.31 -69.74 11.09
N ARG B 977 14.54 -70.34 9.96
CA ARG B 977 15.58 -69.80 9.08
C ARG B 977 15.06 -68.55 8.40
N PRO B 978 13.86 -68.49 7.78
CA PRO B 978 13.41 -67.25 7.17
C PRO B 978 13.51 -65.97 8.02
N TYR B 979 13.12 -66.00 9.28
CA TYR B 979 13.14 -64.85 10.17
C TYR B 979 14.59 -64.43 10.43
N PHE B 980 15.48 -65.37 10.71
CA PHE B 980 16.88 -65.04 11.08
C PHE B 980 17.69 -64.67 9.85
N GLN B 981 17.23 -65.04 8.67
CA GLN B 981 17.91 -64.68 7.41
C GLN B 981 17.76 -63.18 7.12
N ILE B 982 16.80 -62.51 7.70
CA ILE B 982 16.65 -61.04 7.53
C ILE B 982 17.72 -60.29 8.34
N TYR B 983 18.48 -60.97 9.18
CA TYR B 983 19.55 -60.33 9.97
C TYR B 983 20.95 -60.72 9.50
N GLY B 984 21.13 -61.23 8.29
CA GLY B 984 22.41 -61.58 7.70
C GLY B 984 22.93 -62.99 7.95
N GLU B 985 22.33 -63.75 8.85
CA GLU B 985 22.75 -65.14 9.05
C GLU B 985 22.01 -65.92 7.98
N LEU B 986 22.70 -66.32 6.91
CA LEU B 986 22.02 -66.87 5.75
C LEU B 986 21.82 -68.38 5.74
N PHE B 987 22.57 -69.13 6.58
CA PHE B 987 22.48 -70.60 6.81
C PHE B 987 22.76 -71.43 5.55
N LEU B 988 23.58 -70.90 4.62
CA LEU B 988 23.88 -71.50 3.32
C LEU B 988 24.61 -72.84 3.41
N ASP B 989 25.55 -72.96 4.36
CA ASP B 989 26.18 -74.25 4.64
C ASP B 989 25.17 -75.27 5.16
N ASP B 990 24.30 -74.84 6.10
CA ASP B 990 23.23 -75.67 6.66
C ASP B 990 22.18 -76.04 5.62
N LEU B 991 21.78 -75.06 4.77
CA LEU B 991 20.83 -75.29 3.68
C LEU B 991 21.39 -76.23 2.62
N ASN B 992 22.69 -76.05 2.29
CA ASN B 992 23.39 -76.91 1.33
C ASN B 992 23.52 -78.34 1.84
N SER B 993 23.83 -78.50 3.14
CA SER B 993 23.89 -79.81 3.79
C SER B 993 22.53 -80.49 3.84
N GLU B 994 21.48 -79.72 4.16
CA GLU B 994 20.11 -80.23 4.22
C GLU B 994 19.57 -80.63 2.83
N ALA B 995 20.01 -79.95 1.76
CA ALA B 995 19.61 -80.24 0.39
C ALA B 995 20.18 -81.52 -0.22
N ASN B 996 21.16 -82.19 0.45
CA ASN B 996 21.88 -83.42 0.03
C ASN B 996 22.59 -83.24 -1.30
N CYS B 997 23.20 -82.08 -1.50
CA CYS B 997 24.01 -81.77 -2.68
C CYS B 997 25.47 -82.02 -2.34
N LEU B 998 26.11 -82.90 -3.10
CA LEU B 998 27.44 -83.38 -2.79
C LEU B 998 28.55 -82.72 -3.60
N GLY B 999 28.20 -81.78 -4.50
CA GLY B 999 29.21 -81.12 -5.31
C GLY B 999 30.04 -80.11 -4.53
N ASP B 1000 31.24 -79.84 -5.05
CA ASP B 1000 32.11 -78.80 -4.50
C ASP B 1000 31.50 -77.42 -4.65
N THR B 1001 30.93 -77.13 -5.83
CA THR B 1001 30.15 -75.91 -6.01
C THR B 1001 28.83 -76.09 -5.28
N PRO B 1002 28.39 -75.11 -4.44
CA PRO B 1002 27.13 -75.25 -3.67
C PRO B 1002 25.88 -75.40 -4.54
N PHE B 1003 24.96 -76.26 -4.05
CA PHE B 1003 23.65 -76.62 -4.64
C PHE B 1003 23.80 -77.19 -6.06
N THR B 1004 24.81 -78.04 -6.23
CA THR B 1004 25.05 -78.81 -7.45
C THR B 1004 25.24 -80.27 -7.06
N GLU B 1005 24.97 -81.15 -8.06
CA GLU B 1005 25.00 -82.62 -7.99
C GLU B 1005 24.09 -83.14 -6.88
N CYS B 1006 22.83 -82.69 -6.92
CA CYS B 1006 21.81 -83.04 -5.95
C CYS B 1006 20.97 -84.21 -6.45
N SER B 1007 20.33 -84.89 -5.49
CA SER B 1007 19.43 -86.02 -5.77
C SER B 1007 18.18 -85.58 -6.52
N ARG B 1008 17.60 -84.44 -6.15
CA ARG B 1008 16.43 -83.88 -6.79
C ARG B 1008 16.81 -82.54 -7.42
N GLU B 1009 16.30 -82.28 -8.62
CA GLU B 1009 16.61 -81.02 -9.29
C GLU B 1009 15.82 -79.84 -8.75
N THR B 1010 14.69 -80.06 -8.05
CA THR B 1010 13.86 -78.97 -7.53
C THR B 1010 14.51 -78.21 -6.38
N VAL B 1011 15.30 -78.91 -5.54
CA VAL B 1011 15.94 -78.33 -4.34
C VAL B 1011 17.05 -77.31 -4.71
N ARG B 1012 17.58 -77.36 -5.95
CA ARG B 1012 18.51 -76.38 -6.52
C ARG B 1012 17.89 -74.99 -6.72
N MET B 1013 16.54 -74.87 -6.70
CA MET B 1013 15.84 -73.59 -6.68
C MET B 1013 15.84 -72.93 -5.29
N VAL B 1014 16.30 -73.56 -4.24
CA VAL B 1014 16.25 -72.91 -2.91
C VAL B 1014 17.11 -71.65 -2.91
N PRO B 1015 18.38 -71.63 -3.37
CA PRO B 1015 19.17 -70.41 -3.39
C PRO B 1015 18.51 -69.25 -4.13
N PHE B 1016 17.67 -69.54 -5.15
CA PHE B 1016 16.94 -68.52 -5.97
C PHE B 1016 15.80 -67.91 -5.19
N PHE B 1017 14.94 -68.74 -4.67
CA PHE B 1017 13.84 -68.32 -3.78
C PHE B 1017 14.36 -67.40 -2.69
N LEU B 1018 15.49 -67.83 -2.06
CA LEU B 1018 16.22 -67.08 -1.04
C LEU B 1018 16.70 -65.76 -1.60
N ALA B 1019 17.22 -65.80 -2.87
CA ALA B 1019 17.68 -64.65 -3.66
C ALA B 1019 16.58 -63.63 -3.87
N VAL B 1020 15.34 -64.10 -4.09
CA VAL B 1020 14.22 -63.17 -4.20
C VAL B 1020 13.88 -62.59 -2.83
N TYR B 1021 13.85 -63.47 -1.79
CA TYR B 1021 13.34 -63.20 -0.43
C TYR B 1021 14.13 -62.10 0.28
N ILE B 1022 15.47 -62.24 0.35
CA ILE B 1022 16.33 -61.22 0.97
C ILE B 1022 16.41 -59.95 0.10
N LEU B 1023 16.11 -60.05 -1.21
CA LEU B 1023 15.90 -58.85 -2.01
C LEU B 1023 14.61 -58.17 -1.55
N GLY B 1024 13.58 -58.97 -1.28
CA GLY B 1024 12.33 -58.42 -0.78
C GLY B 1024 12.43 -57.90 0.64
N SER B 1025 13.13 -58.62 1.52
CA SER B 1025 13.12 -58.26 2.93
C SER B 1025 14.19 -57.24 3.32
N ASN B 1026 15.45 -57.44 2.90
CA ASN B 1026 16.54 -56.57 3.35
C ASN B 1026 16.70 -55.34 2.47
N VAL B 1027 16.72 -55.55 1.15
CA VAL B 1027 16.91 -54.46 0.20
C VAL B 1027 15.67 -53.56 0.15
N LEU B 1028 14.47 -54.15 0.15
CA LEU B 1028 13.27 -53.35 -0.05
C LEU B 1028 12.61 -52.93 1.26
N LEU B 1029 12.27 -53.87 2.14
CA LEU B 1029 11.44 -53.57 3.32
C LEU B 1029 12.18 -52.82 4.44
N VAL B 1030 13.44 -53.20 4.71
CA VAL B 1030 14.29 -52.59 5.75
C VAL B 1030 14.61 -51.13 5.42
N ASN B 1031 14.93 -50.85 4.15
CA ASN B 1031 15.23 -49.49 3.67
C ASN B 1031 13.98 -48.60 3.67
N LEU B 1032 12.81 -49.21 3.34
CA LEU B 1032 11.50 -48.56 3.44
C LEU B 1032 11.18 -48.19 4.88
N LEU B 1033 11.53 -49.08 5.83
CA LEU B 1033 11.37 -48.84 7.27
C LEU B 1033 12.24 -47.67 7.74
N ILE B 1034 13.47 -47.55 7.19
CA ILE B 1034 14.40 -46.43 7.46
C ILE B 1034 13.78 -45.11 7.00
N ALA B 1035 13.15 -45.12 5.80
CA ALA B 1035 12.43 -43.96 5.26
C ALA B 1035 11.21 -43.55 6.10
N MET B 1036 10.42 -44.55 6.55
CA MET B 1036 9.27 -44.33 7.45
C MET B 1036 9.68 -43.78 8.81
N PHE B 1037 10.80 -44.29 9.36
CA PHE B 1037 11.39 -43.82 10.62
C PHE B 1037 11.85 -42.37 10.53
N ASN B 1038 12.51 -42.00 9.41
CA ASN B 1038 12.98 -40.63 9.19
C ASN B 1038 11.85 -39.61 9.05
N ASP B 1039 10.80 -39.99 8.29
CA ASP B 1039 9.61 -39.16 8.10
C ASP B 1039 8.82 -38.98 9.38
N THR B 1040 8.64 -40.11 10.10
CA THR B 1040 7.93 -40.19 11.38
C THR B 1040 8.64 -39.36 12.43
N TYR B 1041 10.00 -39.44 12.43
CA TYR B 1041 10.89 -38.69 13.33
C TYR B 1041 10.71 -37.19 13.16
N MET B 1042 10.81 -36.69 11.90
CA MET B 1042 10.62 -35.28 11.55
C MET B 1042 9.20 -34.79 11.87
N LYS B 1043 8.19 -35.68 11.75
CA LYS B 1043 6.82 -35.26 12.01
C LYS B 1043 6.52 -35.11 13.51
N VAL B 1044 6.98 -36.04 14.37
CA VAL B 1044 6.42 -36.07 15.73
C VAL B 1044 7.46 -35.81 16.84
N GLN B 1045 8.69 -35.31 16.50
CA GLN B 1045 9.71 -34.96 17.53
C GLN B 1045 9.28 -33.82 18.48
N GLU B 1046 8.66 -32.75 17.95
CA GLU B 1046 8.20 -31.61 18.75
C GLU B 1046 7.01 -31.99 19.65
N ALA B 1047 6.11 -32.85 19.13
CA ALA B 1047 5.00 -33.42 19.89
C ALA B 1047 5.49 -34.32 21.03
N ALA B 1048 6.59 -35.06 20.79
CA ALA B 1048 7.24 -35.86 21.83
C ALA B 1048 7.82 -35.00 22.95
N GLU B 1049 8.42 -33.85 22.57
CA GLU B 1049 8.94 -32.88 23.55
C GLU B 1049 7.82 -32.29 24.42
N ASP B 1050 6.69 -31.94 23.78
CA ASP B 1050 5.50 -31.43 24.47
C ASP B 1050 4.89 -32.47 25.42
N LEU B 1051 4.79 -33.72 24.94
CA LEU B 1051 4.29 -34.85 25.73
C LEU B 1051 5.22 -35.17 26.91
N TRP B 1052 6.54 -35.02 26.70
CA TRP B 1052 7.55 -35.18 27.75
C TRP B 1052 7.40 -34.10 28.84
N ARG B 1053 7.09 -32.87 28.42
CA ARG B 1053 6.83 -31.78 29.35
C ARG B 1053 5.54 -32.00 30.16
N LYS B 1054 4.51 -32.64 29.55
CA LYS B 1054 3.33 -33.02 30.34
C LYS B 1054 3.65 -34.16 31.33
N GLN B 1055 4.43 -35.18 30.87
CA GLN B 1055 4.88 -36.30 31.72
C GLN B 1055 5.83 -35.88 32.85
N ASN B 1056 6.51 -34.73 32.71
CA ASN B 1056 7.30 -34.11 33.77
C ASN B 1056 6.42 -33.76 34.96
N TYR B 1057 5.25 -33.18 34.68
CA TYR B 1057 4.26 -32.86 35.73
C TYR B 1057 3.68 -34.14 36.29
N GLU B 1058 3.41 -35.12 35.45
CA GLU B 1058 2.85 -36.43 35.87
C GLU B 1058 3.78 -37.15 36.83
N LEU B 1059 5.08 -37.15 36.53
CA LEU B 1059 6.10 -37.74 37.39
C LEU B 1059 6.26 -36.95 38.69
N CYS B 1060 6.22 -35.59 38.61
CA CYS B 1060 6.29 -34.72 39.79
C CYS B 1060 5.09 -34.93 40.73
N ALA B 1061 3.88 -35.03 40.17
CA ALA B 1061 2.64 -35.31 40.90
C ALA B 1061 2.64 -36.70 41.52
N GLU B 1062 3.17 -37.70 40.78
CA GLU B 1062 3.25 -39.08 41.25
C GLU B 1062 4.22 -39.20 42.44
N TYR B 1063 5.37 -38.55 42.35
CA TYR B 1063 6.40 -38.62 43.41
C TYR B 1063 6.11 -37.68 44.57
N LYS B 1064 5.24 -36.68 44.43
CA LYS B 1064 4.80 -35.93 45.60
C LYS B 1064 4.04 -36.79 46.62
N ASP B 1065 3.14 -37.66 46.14
CA ASP B 1065 2.28 -38.41 47.06
C ASP B 1065 2.87 -39.74 47.50
N ARG B 1066 3.91 -40.22 46.82
CA ARG B 1066 4.52 -41.50 47.13
C ARG B 1066 5.36 -41.35 48.41
N PRO B 1067 5.33 -42.35 49.33
CA PRO B 1067 6.22 -42.34 50.51
C PRO B 1067 7.70 -42.39 50.11
N PHE B 1068 8.57 -41.85 50.97
CA PHE B 1068 10.00 -41.71 50.62
C PHE B 1068 10.75 -43.02 50.71
N LEU B 1069 10.36 -43.86 51.65
CA LEU B 1069 11.09 -45.12 51.92
C LEU B 1069 11.10 -46.05 50.70
N PRO B 1070 12.30 -46.54 50.27
CA PRO B 1070 12.40 -47.40 49.08
C PRO B 1070 11.60 -48.70 49.13
N ALA B 1071 11.55 -49.45 48.03
CA ALA B 1071 10.68 -50.65 47.87
C ALA B 1071 10.77 -51.74 48.96
N PRO B 1072 11.93 -52.29 49.41
CA PRO B 1072 11.84 -53.35 50.39
C PRO B 1072 11.25 -52.69 51.65
N PHE B 1073 11.84 -51.57 52.10
CA PHE B 1073 11.49 -50.89 53.38
C PHE B 1073 10.23 -50.03 53.31
N ILE B 1074 9.43 -50.13 52.26
CA ILE B 1074 8.16 -49.36 52.14
C ILE B 1074 7.04 -50.02 52.94
N LEU B 1075 7.19 -51.25 53.44
CA LEU B 1075 6.22 -51.93 54.31
C LEU B 1075 6.03 -51.19 55.63
N LEU B 1076 7.11 -50.61 56.16
CA LEU B 1076 7.09 -49.76 57.36
C LEU B 1076 6.25 -48.51 57.14
N ALA B 1077 6.42 -47.88 55.97
CA ALA B 1077 5.63 -46.72 55.54
C ALA B 1077 4.16 -47.09 55.36
N HIS B 1078 3.89 -48.28 54.79
CA HIS B 1078 2.54 -48.80 54.58
C HIS B 1078 1.79 -49.05 55.89
N VAL B 1079 2.47 -49.70 56.86
CA VAL B 1079 1.86 -49.96 58.18
C VAL B 1079 1.73 -48.66 58.98
N HIS B 1080 2.64 -47.68 58.76
CA HIS B 1080 2.52 -46.36 59.39
C HIS B 1080 1.30 -45.59 58.87
N MET B 1081 1.05 -45.62 57.54
CA MET B 1081 -0.14 -44.99 56.95
C MET B 1081 -1.44 -45.68 57.38
N LEU B 1082 -1.41 -47.02 57.47
CA LEU B 1082 -2.54 -47.82 57.98
C LEU B 1082 -2.83 -47.51 59.45
N PHE B 1083 -1.75 -47.32 60.24
CA PHE B 1083 -1.85 -46.92 61.64
C PHE B 1083 -2.47 -45.53 61.79
N MET B 1084 -2.07 -44.58 60.91
CA MET B 1084 -2.69 -43.23 60.91
C MET B 1084 -4.17 -43.25 60.52
N ARG B 1085 -4.54 -44.07 59.50
CA ARG B 1085 -5.96 -44.23 59.10
C ARG B 1085 -6.80 -44.88 60.20
N LEU B 1086 -6.25 -45.92 60.87
CA LEU B 1086 -6.92 -46.57 61.98
C LEU B 1086 -7.06 -45.64 63.19
N LEU B 1087 -6.04 -44.81 63.42
CA LEU B 1087 -6.02 -43.88 64.58
C LEU B 1087 -6.83 -42.62 64.27
N ARG B 1088 -7.22 -42.41 63.03
CA ARG B 1088 -8.07 -41.23 62.70
C ARG B 1088 -9.52 -41.65 62.48
N LEU B 1089 -9.75 -42.88 62.02
CA LEU B 1089 -11.12 -43.34 61.83
C LEU B 1089 -11.71 -43.91 63.12
N CYS B 1090 -11.01 -44.82 63.77
CA CYS B 1090 -11.52 -45.47 64.98
C CYS B 1090 -11.13 -44.72 66.26
N GLY B 1091 -9.82 -44.49 66.45
CA GLY B 1091 -9.34 -43.78 67.63
C GLY B 1091 -9.73 -42.32 67.72
N VAL B 1092 -9.70 -41.60 66.58
CA VAL B 1092 -9.98 -40.17 66.35
C VAL B 1092 -9.15 -39.25 67.24
N HIS B 1093 -7.88 -39.62 67.44
CA HIS B 1093 -6.96 -38.86 68.28
C HIS B 1093 -6.16 -37.81 67.51
N THR B 1094 -6.40 -37.65 66.21
CA THR B 1094 -5.69 -36.67 65.42
C THR B 1094 -6.58 -36.24 64.26
N GLN B 1095 -6.09 -35.26 63.50
CA GLN B 1095 -6.81 -34.71 62.36
C GLN B 1095 -5.79 -34.27 61.32
N GLU B 1096 -6.24 -33.50 60.34
CA GLU B 1096 -5.40 -33.00 59.26
C GLU B 1096 -5.27 -31.49 59.41
N HIS B 1097 -4.06 -30.99 59.16
CA HIS B 1097 -3.77 -29.57 59.26
C HIS B 1097 -3.19 -29.05 57.96
N GLU B 1098 -3.58 -27.82 57.61
CA GLU B 1098 -3.13 -27.18 56.38
C GLU B 1098 -3.00 -25.69 56.64
N LYS B 1099 -2.56 -24.95 55.62
CA LYS B 1099 -2.38 -23.51 55.70
C LYS B 1099 -3.23 -22.83 54.64
N ILE B 1100 -3.89 -21.73 55.03
CA ILE B 1100 -4.77 -20.98 54.15
C ILE B 1100 -4.17 -19.60 53.93
N GLN B 1101 -4.09 -19.19 52.66
CA GLN B 1101 -3.55 -17.90 52.25
C GLN B 1101 -4.41 -16.73 52.72
N ASP B 1102 -3.74 -15.65 53.13
CA ASP B 1102 -4.39 -14.42 53.56
C ASP B 1102 -5.03 -13.70 52.37
N ASP B 1103 -6.04 -12.87 52.67
CA ASP B 1103 -6.77 -12.08 51.66
C ASP B 1103 -5.91 -11.04 50.93
N GLU B 1104 -4.88 -10.51 51.63
CA GLU B 1104 -3.95 -9.51 51.08
C GLU B 1104 -3.13 -10.07 49.91
N THR B 1105 -2.52 -11.25 50.10
CA THR B 1105 -1.76 -11.89 49.01
C THR B 1105 -2.65 -12.38 47.88
N LYS B 1106 -3.92 -12.80 48.17
CA LYS B 1106 -4.90 -13.18 47.15
C LYS B 1106 -5.30 -12.01 46.26
N ARG B 1107 -5.59 -10.84 46.88
CA ARG B 1107 -5.90 -9.64 46.11
C ARG B 1107 -4.67 -9.10 45.36
N LYS B 1108 -3.45 -9.30 45.92
CA LYS B 1108 -2.21 -8.97 45.22
C LYS B 1108 -2.01 -9.81 43.94
N ILE B 1109 -2.26 -11.13 44.04
CA ILE B 1109 -2.19 -12.06 42.90
C ILE B 1109 -3.27 -11.74 41.86
N THR B 1110 -4.49 -11.40 42.34
CA THR B 1110 -5.65 -11.01 41.52
C THR B 1110 -5.38 -9.72 40.72
N THR B 1111 -4.80 -8.70 41.42
CA THR B 1111 -4.42 -7.40 40.84
C THR B 1111 -3.31 -7.56 39.78
N PHE B 1112 -2.31 -8.42 40.10
CA PHE B 1112 -1.19 -8.79 39.22
C PHE B 1112 -1.68 -9.46 37.94
N GLU B 1113 -2.62 -10.42 38.08
CA GLU B 1113 -3.18 -11.19 36.97
C GLU B 1113 -4.02 -10.32 36.04
N GLU B 1114 -4.85 -9.40 36.62
CA GLU B 1114 -5.67 -8.46 35.83
C GLU B 1114 -4.82 -7.45 35.06
N LEU B 1115 -3.78 -6.91 35.73
CA LEU B 1115 -2.82 -5.96 35.14
C LEU B 1115 -2.04 -6.60 33.99
N ASN B 1116 -1.59 -7.85 34.17
CA ASN B 1116 -0.88 -8.57 33.12
C ASN B 1116 -1.80 -9.00 31.98
N THR B 1117 -3.09 -9.27 32.28
CA THR B 1117 -4.10 -9.55 31.25
C THR B 1117 -4.32 -8.36 30.33
N ASP B 1118 -4.49 -7.15 30.93
CA ASP B 1118 -4.62 -5.89 30.19
C ASP B 1118 -3.36 -5.55 29.38
N LYS B 1119 -2.18 -5.77 30.01
CA LYS B 1119 -0.87 -5.55 29.40
C LYS B 1119 -0.62 -6.45 28.18
N PHE B 1120 -1.06 -7.71 28.27
CA PHE B 1120 -0.92 -8.69 27.17
C PHE B 1120 -1.84 -8.29 26.03
N LEU B 1121 -3.06 -7.90 26.36
CA LEU B 1121 -4.04 -7.48 25.34
C LEU B 1121 -3.59 -6.23 24.57
N ARG B 1122 -3.00 -5.25 25.29
CA ARG B 1122 -2.41 -4.06 24.66
C ARG B 1122 -1.24 -4.42 23.74
N ARG B 1123 -0.33 -5.32 24.22
CA ARG B 1123 0.83 -5.78 23.45
C ARG B 1123 0.39 -6.58 22.21
N TRP B 1124 -0.63 -7.44 22.39
CA TRP B 1124 -1.25 -8.28 21.37
C TRP B 1124 -1.92 -7.46 20.28
N GLU B 1125 -2.67 -6.41 20.70
CA GLU B 1125 -3.30 -5.45 19.80
C GLU B 1125 -2.27 -4.69 18.98
N ARG B 1126 -1.17 -4.23 19.64
CA ARG B 1126 -0.07 -3.50 18.99
C ARG B 1126 0.66 -4.38 17.96
N GLU B 1127 0.90 -5.66 18.33
CA GLU B 1127 1.54 -6.66 17.48
C GLU B 1127 0.69 -7.00 16.27
N ARG B 1128 -0.64 -7.11 16.48
CA ARG B 1128 -1.54 -7.42 15.36
C ARG B 1128 -1.66 -6.20 14.43
N GLN B 1129 -1.55 -4.96 14.97
CA GLN B 1129 -1.53 -3.78 14.10
C GLN B 1129 -0.19 -3.58 13.37
N GLU B 1130 0.90 -4.24 13.81
CA GLU B 1130 2.15 -4.08 13.07
C GLU B 1130 2.36 -5.15 12.01
N MET B 1131 1.41 -6.08 11.85
CA MET B 1131 1.48 -7.08 10.79
C MET B 1131 1.25 -6.44 9.42
N LEU B 1132 1.83 -7.09 8.40
CA LEU B 1132 1.77 -6.63 7.01
C LEU B 1132 0.36 -6.62 6.42
N GLU B 1133 -0.43 -7.68 6.70
CA GLU B 1133 -1.81 -7.83 6.22
C GLU B 1133 -2.74 -6.74 6.75
N ALA B 1134 -2.63 -6.46 8.06
CA ALA B 1134 -3.42 -5.44 8.75
C ALA B 1134 -3.08 -4.03 8.25
N ARG B 1135 -1.78 -3.77 8.03
CA ARG B 1135 -1.30 -2.48 7.53
C ARG B 1135 -1.75 -2.22 6.09
N VAL B 1136 -1.72 -3.26 5.24
CA VAL B 1136 -2.19 -3.18 3.85
C VAL B 1136 -3.71 -2.94 3.80
N LYS B 1137 -4.46 -3.67 4.66
CA LYS B 1137 -5.91 -3.51 4.84
C LYS B 1137 -6.30 -2.12 5.34
N MET B 1138 -5.54 -1.61 6.33
CA MET B 1138 -5.72 -0.28 6.92
C MET B 1138 -5.46 0.82 5.90
N THR B 1139 -4.41 0.63 5.07
CA THR B 1139 -4.01 1.53 3.98
C THR B 1139 -5.09 1.62 2.91
N ASN B 1140 -5.68 0.44 2.56
CA ASN B 1140 -6.77 0.32 1.58
C ASN B 1140 -8.04 1.06 2.02
N ASP B 1141 -8.48 0.82 3.29
CA ASP B 1141 -9.65 1.50 3.88
C ASP B 1141 -9.45 3.01 4.00
N ASN B 1142 -8.22 3.43 4.36
CA ASN B 1142 -7.85 4.84 4.46
C ASN B 1142 -7.90 5.56 3.11
N VAL B 1143 -7.43 4.89 2.05
CA VAL B 1143 -7.48 5.49 0.68
C VAL B 1143 -8.94 5.59 0.24
N VAL B 1144 -9.78 4.58 0.52
CA VAL B 1144 -11.23 4.62 0.21
C VAL B 1144 -11.93 5.82 0.90
N GLN B 1145 -11.65 6.00 2.21
CA GLN B 1145 -12.14 7.16 2.99
C GLN B 1145 -11.60 8.50 2.47
N ALA B 1146 -10.34 8.48 1.97
CA ALA B 1146 -9.69 9.62 1.33
C ALA B 1146 -10.42 10.05 0.05
N MET B 1147 -10.82 9.10 -0.76
CA MET B 1147 -11.62 9.47 -1.95
C MET B 1147 -12.99 9.99 -1.51
N GLY B 1148 -13.64 9.44 -0.48
CA GLY B 1148 -14.89 10.00 0.06
C GLY B 1148 -14.76 11.47 0.40
N MET B 1149 -13.62 11.84 1.04
CA MET B 1149 -13.31 13.22 1.38
C MET B 1149 -13.08 14.07 0.12
N MET B 1150 -12.48 13.47 -0.92
CA MET B 1150 -12.31 14.19 -2.21
C MET B 1150 -13.65 14.34 -2.94
N ASP B 1151 -14.60 13.41 -2.79
CA ASP B 1151 -15.96 13.57 -3.33
C ASP B 1151 -16.66 14.76 -2.71
N GLN B 1152 -16.22 15.11 -1.50
CA GLN B 1152 -16.76 16.31 -0.83
C GLN B 1152 -16.04 17.54 -1.36
N LEU B 1153 -14.71 17.45 -1.53
CA LEU B 1153 -13.96 18.58 -2.13
C LEU B 1153 -14.58 18.89 -3.50
N LEU B 1154 -14.59 17.94 -4.42
CA LEU B 1154 -15.05 18.23 -5.79
C LEU B 1154 -16.47 18.79 -5.76
N GLU B 1155 -17.31 18.32 -4.85
CA GLU B 1155 -18.73 18.77 -4.83
C GLU B 1155 -18.70 20.24 -4.51
N HIS B 1156 -18.16 20.57 -3.38
CA HIS B 1156 -18.00 21.96 -2.96
C HIS B 1156 -17.32 22.83 -4.05
N MET B 1157 -16.33 22.31 -4.76
CA MET B 1157 -15.61 23.14 -5.76
C MET B 1157 -16.57 23.46 -6.91
N ILE B 1158 -17.41 22.51 -7.29
CA ILE B 1158 -18.42 22.76 -8.35
C ILE B 1158 -19.39 23.77 -7.79
N SER B 1159 -19.93 23.54 -6.61
CA SER B 1159 -20.77 24.56 -5.95
C SER B 1159 -20.21 25.97 -6.11
N PHE B 1160 -18.92 26.17 -5.96
CA PHE B 1160 -18.37 27.54 -6.17
C PHE B 1160 -18.34 27.89 -7.65
N ARG B 1161 -18.06 26.91 -8.51
CA ARG B 1161 -18.10 27.19 -9.95
C ARG B 1161 -19.46 27.72 -10.38
N PHE B 1162 -20.52 27.18 -9.79
CA PHE B 1162 -21.90 27.62 -10.12
C PHE B 1162 -22.05 28.99 -9.49
N SER B 1163 -21.66 29.11 -8.24
CA SER B 1163 -21.83 30.38 -7.52
C SER B 1163 -21.15 31.55 -8.23
N LEU B 1164 -19.92 31.35 -8.74
CA LEU B 1164 -19.23 32.38 -9.51
C LEU B 1164 -19.90 32.63 -10.86
N ASP B 1165 -20.45 31.56 -11.48
CA ASP B 1165 -21.19 31.72 -12.74
C ASP B 1165 -22.47 32.55 -12.55
N GLN B 1166 -23.24 32.30 -11.48
CA GLN B 1166 -24.41 33.15 -11.22
C GLN B 1166 -24.07 34.51 -10.62
N GLN B 1167 -22.84 34.70 -10.11
CA GLN B 1167 -22.43 36.01 -9.59
C GLN B 1167 -22.11 37.02 -10.69
N ALA B 1168 -21.91 36.58 -11.94
CA ALA B 1168 -21.62 37.48 -13.04
C ALA B 1168 -22.84 37.74 -13.92
N THR B 1169 -23.85 36.87 -13.89
CA THR B 1169 -25.07 37.07 -14.66
C THR B 1169 -26.14 37.84 -13.90
N LYS B 1170 -25.87 38.22 -12.66
CA LYS B 1170 -26.84 38.96 -11.86
C LYS B 1170 -26.41 40.42 -11.72
N ILE B 1197 -38.39 51.82 -22.58
CA ILE B 1197 -38.81 52.01 -23.97
C ILE B 1197 -38.38 50.83 -24.83
N ASN B 1198 -37.20 50.29 -24.52
CA ASN B 1198 -36.64 49.13 -25.24
C ASN B 1198 -37.11 47.80 -24.63
N ARG B 1199 -38.42 47.57 -24.70
CA ARG B 1199 -39.04 46.35 -24.16
C ARG B 1199 -40.18 45.97 -25.08
N LEU B 1200 -40.16 44.73 -25.57
CA LEU B 1200 -41.13 44.28 -26.56
C LEU B 1200 -41.68 42.92 -26.12
N ASN B 1201 -42.99 42.73 -26.26
CA ASN B 1201 -43.66 41.49 -25.90
C ASN B 1201 -44.17 40.88 -27.21
N SER B 1202 -43.57 39.74 -27.58
CA SER B 1202 -43.88 39.04 -28.82
C SER B 1202 -44.67 37.75 -28.59
N ALA B 1203 -45.31 37.60 -27.43
CA ALA B 1203 -46.13 36.42 -27.12
C ALA B 1203 -47.41 36.31 -27.95
N VAL B 1204 -47.91 37.43 -28.51
CA VAL B 1204 -49.09 37.49 -29.37
C VAL B 1204 -48.90 36.68 -30.67
N ALA B 1205 -47.66 36.58 -31.19
CA ALA B 1205 -47.29 35.79 -32.36
C ALA B 1205 -47.44 34.28 -32.16
N VAL B 1206 -47.37 33.80 -30.92
CA VAL B 1206 -47.39 32.37 -30.62
C VAL B 1206 -48.85 31.97 -30.36
N HIS B 1207 -49.49 32.66 -29.41
CA HIS B 1207 -50.85 32.27 -29.01
C HIS B 1207 -51.89 32.82 -29.98
N GLY B 1208 -51.95 34.14 -30.11
CA GLY B 1208 -52.94 34.74 -30.99
C GLY B 1208 -54.01 35.50 -30.25
N HIS B 1209 -54.01 36.84 -30.42
CA HIS B 1209 -54.99 37.87 -29.99
C HIS B 1209 -55.07 38.20 -28.50
N THR B 1210 -54.40 37.41 -27.63
CA THR B 1210 -54.24 37.47 -26.17
C THR B 1210 -55.54 37.74 -25.40
N ALA B 1211 -55.56 38.79 -24.53
CA ALA B 1211 -56.74 39.30 -23.77
C ALA B 1211 -57.31 38.26 -22.81
N GLU B 1212 -56.44 37.73 -21.95
CA GLU B 1212 -56.85 36.76 -20.93
C GLU B 1212 -57.68 37.40 -19.83
N ALA B 1213 -57.22 38.58 -19.32
CA ALA B 1213 -57.84 39.43 -18.26
C ALA B 1213 -58.06 38.66 -16.95
N ALA B 1214 -57.13 37.78 -16.60
CA ALA B 1214 -57.18 36.96 -15.40
C ALA B 1214 -56.75 37.68 -14.13
N GLU B 1215 -56.26 38.94 -14.23
CA GLU B 1215 -55.73 39.69 -13.09
C GLU B 1215 -56.84 40.04 -12.10
N TRP B 1216 -58.04 40.35 -12.62
CA TRP B 1216 -59.18 40.81 -11.85
C TRP B 1216 -59.73 39.71 -10.95
N TYR B 1217 -60.09 40.07 -9.73
CA TYR B 1217 -60.52 39.08 -8.74
C TYR B 1217 -62.03 39.01 -8.70
N VAL B 1218 -62.54 37.79 -8.74
CA VAL B 1218 -63.96 37.49 -8.59
C VAL B 1218 -64.09 36.52 -7.41
N PRO B 1219 -64.80 36.88 -6.33
CA PRO B 1219 -64.96 35.97 -5.16
C PRO B 1219 -65.80 34.75 -5.50
N PRO B 1220 -65.63 33.62 -4.76
CA PRO B 1220 -66.50 32.42 -4.98
C PRO B 1220 -67.97 32.65 -4.67
N GLU B 1221 -68.83 31.86 -5.37
CA GLU B 1221 -70.28 32.00 -5.36
C GLU B 1221 -70.90 31.81 -3.98
N GLU B 1222 -70.46 30.80 -3.24
CA GLU B 1222 -71.01 30.54 -1.93
C GLU B 1222 -70.18 31.35 -0.93
N TYR B 1223 -70.85 32.23 -0.19
CA TYR B 1223 -70.21 33.02 0.87
C TYR B 1223 -69.78 32.11 2.02
N PRO B 1224 -68.53 32.23 2.52
CA PRO B 1224 -68.07 31.38 3.64
C PRO B 1224 -68.86 31.63 4.92
N LYS B 1225 -69.14 30.53 5.65
CA LYS B 1225 -69.80 30.44 6.96
C LYS B 1225 -71.21 31.08 7.01
N SER B 1226 -71.90 31.18 5.88
CA SER B 1226 -73.20 31.83 5.75
C SER B 1226 -74.37 30.87 5.64
N GLY B 1227 -74.13 29.57 5.71
CA GLY B 1227 -75.17 28.57 5.52
C GLY B 1227 -75.73 28.50 4.11
N GLY B 1228 -74.88 28.55 3.10
CA GLY B 1228 -75.32 28.36 1.73
C GLY B 1228 -75.84 29.58 1.00
N VAL B 1229 -75.67 30.79 1.55
CA VAL B 1229 -76.12 32.02 0.89
C VAL B 1229 -75.19 32.31 -0.29
N LYS B 1230 -75.77 32.53 -1.47
CA LYS B 1230 -75.03 32.72 -2.71
C LYS B 1230 -75.12 34.14 -3.23
N ARG B 1231 -74.01 34.65 -3.77
CA ARG B 1231 -73.95 35.97 -4.39
C ARG B 1231 -74.66 36.01 -5.75
N TYR B 1232 -74.61 37.18 -6.37
CA TYR B 1232 -75.10 37.35 -7.74
C TYR B 1232 -73.90 37.24 -8.66
N LEU B 1233 -73.77 36.19 -9.47
CA LEU B 1233 -72.53 35.94 -10.27
C LEU B 1233 -72.22 37.08 -11.22
N ILE B 1234 -70.93 37.35 -11.43
CA ILE B 1234 -70.50 38.41 -12.38
C ILE B 1234 -69.25 37.92 -13.11
N ASP B 1235 -69.27 37.86 -14.45
CA ASP B 1235 -68.04 37.54 -15.16
C ASP B 1235 -66.91 38.47 -14.76
N ALA B 1236 -65.66 37.99 -14.90
CA ALA B 1236 -64.45 38.76 -14.59
C ALA B 1236 -64.18 39.97 -15.48
N SER B 1237 -64.82 40.08 -16.64
CA SER B 1237 -64.70 41.21 -17.55
C SER B 1237 -65.75 42.29 -17.27
N MET B 1238 -66.54 42.13 -16.21
CA MET B 1238 -67.56 43.09 -15.84
C MET B 1238 -67.35 43.72 -14.48
N VAL B 1239 -66.23 43.41 -13.80
CA VAL B 1239 -65.93 43.88 -12.41
C VAL B 1239 -65.64 45.37 -12.28
N PRO B 1240 -64.78 46.07 -13.05
CA PRO B 1240 -64.47 47.47 -12.76
C PRO B 1240 -65.62 48.50 -12.80
N LEU B 1241 -65.56 49.59 -12.05
CA LEU B 1241 -66.61 50.61 -11.93
C LEU B 1241 -66.72 51.56 -13.13
N SER B 1242 -65.71 51.61 -14.02
CA SER B 1242 -65.80 52.44 -15.23
C SER B 1242 -66.82 51.87 -16.20
N ILE B 1243 -66.94 50.55 -16.27
CA ILE B 1243 -67.87 49.86 -17.15
C ILE B 1243 -69.26 49.99 -16.53
N MET B 1244 -70.29 50.17 -17.38
CA MET B 1244 -71.65 50.48 -16.94
C MET B 1244 -72.33 49.30 -16.21
N CYS B 1245 -72.51 48.15 -16.93
CA CYS B 1245 -73.19 46.91 -16.53
C CYS B 1245 -74.62 47.11 -15.99
N PRO B 1246 -75.61 47.43 -16.84
CA PRO B 1246 -76.98 47.73 -16.34
C PRO B 1246 -77.75 46.59 -15.67
N SER B 1247 -77.36 45.32 -15.88
CA SER B 1247 -78.07 44.18 -15.31
C SER B 1247 -77.53 43.74 -13.94
N TYR B 1248 -76.91 44.66 -13.19
CA TYR B 1248 -76.28 44.36 -11.91
C TYR B 1248 -77.32 44.41 -10.80
N ASP B 1249 -77.62 43.24 -10.22
CA ASP B 1249 -78.59 43.14 -9.12
C ASP B 1249 -77.98 42.34 -7.97
N PRO B 1250 -77.13 42.97 -7.14
CA PRO B 1250 -76.51 42.24 -6.02
C PRO B 1250 -77.47 41.94 -4.88
N VAL B 1251 -77.09 40.96 -4.06
CA VAL B 1251 -77.89 40.54 -2.92
C VAL B 1251 -77.33 41.18 -1.65
N GLU B 1252 -78.22 41.68 -0.80
CA GLU B 1252 -77.82 42.31 0.45
C GLU B 1252 -77.88 41.28 1.57
N TYR B 1253 -76.71 40.95 2.13
CA TYR B 1253 -76.66 39.97 3.20
C TYR B 1253 -75.68 40.43 4.27
N THR B 1254 -76.11 40.36 5.52
CA THR B 1254 -75.27 40.64 6.67
C THR B 1254 -75.36 39.44 7.62
N HIS B 1255 -74.19 38.96 8.07
CA HIS B 1255 -74.06 37.81 8.96
C HIS B 1255 -74.70 38.08 10.33
N PRO B 1256 -75.29 37.06 10.99
CA PRO B 1256 -75.87 37.23 12.35
C PRO B 1256 -74.90 37.65 13.44
N SER B 1257 -73.63 37.21 13.35
CA SER B 1257 -72.58 37.62 14.30
C SER B 1257 -72.30 39.11 14.22
N VAL B 1258 -72.23 39.66 13.00
CA VAL B 1258 -72.03 41.10 12.79
C VAL B 1258 -73.27 41.89 13.20
N ALA B 1259 -74.46 41.37 12.87
CA ALA B 1259 -75.76 41.99 13.20
C ALA B 1259 -76.13 41.96 14.69
N ALA B 1260 -75.43 41.19 15.53
CA ALA B 1260 -75.62 41.11 16.97
C ALA B 1260 -74.96 42.25 17.75
N GLN B 1261 -74.16 43.03 16.99
CA GLN B 1261 -73.47 44.27 17.43
C GLN B 1261 -72.33 44.14 18.44
N PRO B 1262 -71.21 43.43 18.21
CA PRO B 1262 -70.08 43.47 19.16
C PRO B 1262 -69.29 44.78 19.20
N VAL B 1263 -68.19 44.77 19.97
CA VAL B 1263 -67.34 45.95 20.14
C VAL B 1263 -66.58 46.32 18.86
N TRP B 1264 -66.26 45.35 18.00
CA TRP B 1264 -65.48 45.61 16.81
C TRP B 1264 -66.34 45.89 15.59
N ALA B 1265 -67.66 46.02 15.76
CA ALA B 1265 -68.59 46.24 14.68
C ALA B 1265 -69.08 47.68 14.65
N ASP B 1266 -69.08 48.28 13.46
CA ASP B 1266 -69.58 49.62 13.24
C ASP B 1266 -71.12 49.69 13.35
N PRO B 1267 -71.70 50.89 13.66
CA PRO B 1267 -73.17 51.05 13.65
C PRO B 1267 -73.82 50.81 12.29
N ALA B 1268 -75.06 50.31 12.33
CA ALA B 1268 -75.85 49.91 11.16
C ALA B 1268 -76.20 51.06 10.20
N ASP B 1269 -76.22 52.31 10.69
CA ASP B 1269 -76.49 53.47 9.84
C ASP B 1269 -75.15 54.14 9.57
N PRO B 1270 -74.58 54.04 8.36
CA PRO B 1270 -73.25 54.63 8.11
C PRO B 1270 -73.24 56.12 7.78
N ARG B 1271 -74.35 56.85 7.95
CA ARG B 1271 -74.42 58.28 7.61
C ARG B 1271 -73.59 59.15 8.54
N LYS B 1272 -73.38 58.72 9.78
CA LYS B 1272 -72.59 59.47 10.74
C LYS B 1272 -71.11 59.08 10.72
N ILE B 1273 -70.73 58.15 9.85
CA ILE B 1273 -69.35 57.68 9.77
C ILE B 1273 -68.64 58.51 8.70
N LYS B 1274 -67.46 59.04 9.04
CA LYS B 1274 -66.65 59.81 8.11
C LYS B 1274 -65.55 58.91 7.54
N PHE B 1275 -65.51 58.79 6.22
CA PHE B 1275 -64.53 57.96 5.54
C PHE B 1275 -63.42 58.84 4.99
N ASN B 1276 -62.34 58.18 4.52
CA ASN B 1276 -61.08 58.68 3.93
C ASN B 1276 -60.15 59.45 4.88
N VAL B 1277 -60.49 59.59 6.17
CA VAL B 1277 -59.71 60.28 7.18
C VAL B 1277 -59.77 59.40 8.43
N LYS B 1278 -58.84 59.65 9.36
CA LYS B 1278 -58.82 58.96 10.64
C LYS B 1278 -60.01 59.39 11.50
N ASP B 1279 -60.91 58.44 11.80
CA ASP B 1279 -62.14 58.76 12.50
C ASP B 1279 -62.15 58.17 13.90
N GLU B 1280 -62.67 58.93 14.86
CA GLU B 1280 -62.70 58.52 16.25
C GLU B 1280 -64.09 57.99 16.61
N VAL B 1281 -64.20 56.71 16.92
CA VAL B 1281 -65.44 56.14 17.44
C VAL B 1281 -65.17 55.69 18.88
N ASN B 1282 -65.96 56.26 19.81
CA ASN B 1282 -65.89 56.14 21.30
C ASN B 1282 -64.51 56.50 21.86
N GLY B 1283 -63.89 57.51 21.26
CA GLY B 1283 -62.57 57.99 21.60
C GLY B 1283 -61.43 57.15 21.05
N LYS B 1284 -61.71 56.13 20.25
CA LYS B 1284 -60.70 55.25 19.69
C LYS B 1284 -60.52 55.56 18.20
N VAL B 1285 -59.26 55.59 17.76
CA VAL B 1285 -58.94 55.96 16.39
C VAL B 1285 -59.10 54.74 15.46
N VAL B 1286 -59.69 54.98 14.28
CA VAL B 1286 -59.84 54.00 13.21
C VAL B 1286 -59.27 54.70 11.97
N ASP B 1287 -58.51 53.94 11.16
CA ASP B 1287 -57.76 54.44 10.00
C ASP B 1287 -58.69 55.03 8.93
N ARG B 1288 -59.55 54.17 8.34
CA ARG B 1288 -60.58 54.43 7.31
C ARG B 1288 -60.05 54.96 5.96
N THR B 1289 -58.74 54.91 5.68
CA THR B 1289 -58.19 55.38 4.42
C THR B 1289 -57.78 54.20 3.57
N SER B 1290 -58.19 54.23 2.31
CA SER B 1290 -57.91 53.17 1.37
C SER B 1290 -56.66 53.51 0.56
N CYS B 1291 -55.92 52.45 0.16
CA CYS B 1291 -54.74 52.61 -0.68
C CYS B 1291 -55.03 52.84 -2.16
N HIS B 1292 -56.31 52.77 -2.58
CA HIS B 1292 -56.72 53.06 -3.95
C HIS B 1292 -56.49 54.54 -4.27
N PRO B 1293 -55.85 54.87 -5.42
CA PRO B 1293 -55.59 56.29 -5.79
C PRO B 1293 -56.82 57.17 -5.98
N SER B 1294 -57.93 56.60 -6.48
CA SER B 1294 -59.16 57.36 -6.70
C SER B 1294 -59.85 57.70 -5.38
N GLY B 1295 -59.78 56.80 -4.40
CA GLY B 1295 -60.46 56.98 -3.13
C GLY B 1295 -61.78 56.25 -3.10
N ILE B 1296 -62.47 56.41 -1.98
CA ILE B 1296 -63.76 55.76 -1.76
C ILE B 1296 -64.86 56.77 -2.10
N SER B 1297 -65.82 56.35 -2.91
CA SER B 1297 -66.96 57.19 -3.26
C SER B 1297 -68.16 56.77 -2.43
N ILE B 1298 -68.94 57.76 -2.00
CA ILE B 1298 -70.07 57.54 -1.10
C ILE B 1298 -71.36 57.59 -1.91
N ASP B 1299 -72.16 56.52 -1.79
CA ASP B 1299 -73.48 56.47 -2.40
C ASP B 1299 -74.42 57.47 -1.73
N SER B 1300 -75.15 58.24 -2.53
CA SER B 1300 -76.01 59.29 -1.99
C SER B 1300 -77.30 58.76 -1.36
N ASN B 1301 -77.82 57.64 -1.89
CA ASN B 1301 -79.11 57.10 -1.46
C ASN B 1301 -79.08 56.52 -0.05
N THR B 1302 -78.09 55.68 0.25
CA THR B 1302 -78.05 54.97 1.52
C THR B 1302 -76.90 55.38 2.43
N GLY B 1303 -75.91 56.11 1.93
CA GLY B 1303 -74.74 56.50 2.68
C GLY B 1303 -73.66 55.45 2.81
N ARG B 1304 -73.85 54.25 2.24
CA ARG B 1304 -72.86 53.19 2.30
C ARG B 1304 -71.67 53.49 1.38
N PRO B 1305 -70.45 53.10 1.78
CA PRO B 1305 -69.30 53.24 0.87
C PRO B 1305 -69.36 52.26 -0.30
N ILE B 1306 -68.71 52.64 -1.39
CA ILE B 1306 -68.63 51.85 -2.61
C ILE B 1306 -67.18 51.40 -2.78
N ASN B 1307 -66.99 50.09 -3.00
CA ASN B 1307 -65.68 49.45 -3.17
C ASN B 1307 -65.02 49.96 -4.45
N PRO B 1308 -63.84 50.59 -4.36
CA PRO B 1308 -63.19 51.11 -5.58
C PRO B 1308 -62.50 50.04 -6.40
N TRP B 1309 -62.27 48.85 -5.85
CA TRP B 1309 -61.54 47.78 -6.49
C TRP B 1309 -62.43 46.89 -7.36
N GLY B 1310 -63.70 47.22 -7.50
CA GLY B 1310 -64.59 46.54 -8.41
C GLY B 1310 -65.83 46.02 -7.73
N ARG B 1311 -66.68 45.37 -8.54
CA ARG B 1311 -67.91 44.78 -8.07
C ARG B 1311 -67.64 43.36 -7.58
N THR B 1312 -68.39 42.95 -6.55
CA THR B 1312 -68.31 41.60 -6.02
C THR B 1312 -69.66 40.88 -6.03
N GLY B 1313 -70.69 41.51 -6.61
CA GLY B 1313 -72.01 40.89 -6.67
C GLY B 1313 -72.76 40.79 -5.36
N MET B 1314 -72.45 41.66 -4.38
CA MET B 1314 -72.99 41.55 -3.03
C MET B 1314 -72.83 42.88 -2.29
N THR B 1315 -73.94 43.43 -1.79
CA THR B 1315 -73.95 44.59 -0.91
C THR B 1315 -74.05 44.14 0.54
N GLY B 1316 -74.03 45.11 1.46
CA GLY B 1316 -74.06 44.82 2.87
C GLY B 1316 -72.66 44.54 3.40
N ARG B 1317 -72.58 44.28 4.70
CA ARG B 1317 -71.28 44.09 5.34
C ARG B 1317 -70.78 42.65 5.33
N GLY B 1318 -71.70 41.67 5.31
CA GLY B 1318 -71.35 40.25 5.36
C GLY B 1318 -70.70 39.87 6.68
N LEU B 1319 -69.55 39.19 6.61
CA LEU B 1319 -68.83 38.79 7.81
C LEU B 1319 -67.92 39.88 8.36
N LEU B 1320 -67.78 40.99 7.66
CA LEU B 1320 -66.88 42.06 8.06
C LEU B 1320 -67.60 43.06 8.95
N GLY B 1321 -66.93 43.48 10.02
CA GLY B 1321 -67.59 44.29 11.02
C GLY B 1321 -67.61 45.77 10.75
N LYS B 1322 -66.71 46.28 9.92
CA LYS B 1322 -66.57 47.71 9.70
C LYS B 1322 -66.96 48.03 8.28
N TRP B 1323 -67.76 49.09 8.12
CA TRP B 1323 -68.10 49.65 6.81
C TRP B 1323 -66.84 50.20 6.13
N GLY B 1324 -66.70 49.87 4.85
CA GLY B 1324 -65.56 50.37 4.12
C GLY B 1324 -64.33 49.52 4.30
N VAL B 1325 -63.23 50.16 4.64
CA VAL B 1325 -61.94 49.49 4.70
C VAL B 1325 -61.79 48.79 6.04
N ASN B 1326 -61.64 47.48 6.00
CA ASN B 1326 -61.22 46.69 7.15
C ASN B 1326 -59.72 46.56 7.06
N GLN B 1327 -59.02 47.23 7.97
CA GLN B 1327 -57.57 47.23 7.94
C GLN B 1327 -57.07 45.94 8.58
N ALA B 1328 -56.30 45.18 7.83
CA ALA B 1328 -55.71 43.97 8.34
C ALA B 1328 -54.19 44.15 8.34
N ALA B 1329 -53.54 43.51 9.29
CA ALA B 1329 -52.10 43.50 9.37
C ALA B 1329 -51.64 42.06 9.27
N ASP B 1330 -50.70 41.81 8.37
CA ASP B 1330 -50.10 40.50 8.19
C ASP B 1330 -48.63 40.54 8.59
N THR B 1331 -48.19 39.47 9.24
CA THR B 1331 -46.84 39.33 9.77
C THR B 1331 -46.12 38.21 9.03
N VAL B 1332 -45.14 38.57 8.21
CA VAL B 1332 -44.35 37.58 7.50
C VAL B 1332 -43.01 37.51 8.22
N VAL B 1333 -42.83 36.50 9.06
CA VAL B 1333 -41.57 36.28 9.75
C VAL B 1333 -40.76 35.31 8.90
N THR B 1334 -39.63 35.77 8.38
CA THR B 1334 -38.84 35.03 7.40
C THR B 1334 -37.44 34.74 7.89
N ARG B 1335 -36.89 33.68 7.33
CA ARG B 1335 -35.50 33.31 7.54
C ARG B 1335 -35.04 32.61 6.26
N TRP B 1336 -33.73 32.61 6.06
CA TRP B 1336 -33.17 31.92 4.92
C TRP B 1336 -33.25 30.42 5.14
N LYS B 1337 -33.65 29.68 4.11
CA LYS B 1337 -33.71 28.23 4.20
C LYS B 1337 -32.31 27.66 4.16
N ARG B 1338 -31.89 27.07 5.27
CA ARG B 1338 -30.53 26.58 5.43
C ARG B 1338 -30.49 25.07 5.61
N SER B 1339 -29.40 24.46 5.12
CA SER B 1339 -29.19 23.01 5.33
C SER B 1339 -28.38 22.83 6.62
N PRO B 1340 -28.32 21.63 7.24
CA PRO B 1340 -27.49 21.41 8.44
C PRO B 1340 -26.11 22.07 8.40
N ASP B 1341 -25.34 21.86 7.32
CA ASP B 1341 -24.00 22.42 7.20
C ASP B 1341 -23.94 23.95 7.34
N GLY B 1342 -25.08 24.67 7.26
CA GLY B 1342 -25.16 26.11 7.42
C GLY B 1342 -25.27 26.89 6.13
N SER B 1343 -25.07 26.26 4.98
CA SER B 1343 -25.17 26.95 3.71
C SER B 1343 -26.62 27.21 3.31
N ILE B 1344 -26.87 28.41 2.77
CA ILE B 1344 -28.20 28.83 2.35
C ILE B 1344 -28.57 28.08 1.08
N LEU B 1345 -29.79 27.54 1.03
CA LEU B 1345 -30.30 26.86 -0.16
C LEU B 1345 -30.53 27.84 -1.30
N GLU B 1346 -30.14 27.44 -2.51
CA GLU B 1346 -30.20 28.32 -3.67
C GLU B 1346 -30.94 27.65 -4.81
N ARG B 1347 -31.98 28.31 -5.33
CA ARG B 1347 -32.74 27.81 -6.47
C ARG B 1347 -32.92 28.96 -7.45
N ASP B 1348 -32.71 28.67 -8.75
CA ASP B 1348 -32.81 29.58 -9.92
C ASP B 1348 -31.84 30.79 -9.77
N GLY B 1349 -30.68 30.57 -9.16
CA GLY B 1349 -29.69 31.62 -8.94
C GLY B 1349 -30.00 32.61 -7.84
N LYS B 1350 -31.03 32.35 -7.02
CA LYS B 1350 -31.44 33.24 -5.93
C LYS B 1350 -31.55 32.42 -4.66
N LYS B 1351 -31.35 33.09 -3.52
CA LYS B 1351 -31.47 32.45 -2.22
C LYS B 1351 -32.94 32.20 -1.88
N VAL B 1352 -33.18 31.08 -1.20
CA VAL B 1352 -34.53 30.58 -0.93
C VAL B 1352 -34.95 31.05 0.46
N LEU B 1353 -36.15 31.63 0.57
CA LEU B 1353 -36.70 32.10 1.83
C LEU B 1353 -37.55 31.00 2.49
N GLU B 1354 -37.97 31.28 3.72
CA GLU B 1354 -38.82 30.38 4.49
C GLU B 1354 -39.64 31.21 5.46
N PHE B 1355 -40.96 30.99 5.48
CA PHE B 1355 -41.84 31.83 6.28
C PHE B 1355 -42.73 30.97 7.17
N VAL B 1356 -43.19 31.57 8.27
CA VAL B 1356 -44.08 30.91 9.21
C VAL B 1356 -45.48 30.95 8.65
N ALA B 1357 -46.10 29.78 8.46
CA ALA B 1357 -47.42 29.67 7.88
C ALA B 1357 -48.35 28.94 8.82
N ILE B 1358 -49.58 29.43 8.93
CA ILE B 1358 -50.59 28.85 9.79
C ILE B 1358 -51.71 28.24 8.96
N GLN B 1359 -52.29 27.17 9.48
CA GLN B 1359 -53.46 26.55 8.86
C GLN B 1359 -54.70 27.12 9.52
N ARG B 1360 -55.51 27.84 8.73
CA ARG B 1360 -56.71 28.54 9.23
C ARG B 1360 -57.79 27.59 9.72
N GLN B 1361 -58.50 28.02 10.78
CA GLN B 1361 -59.56 27.21 11.37
C GLN B 1361 -60.79 27.15 10.47
N ASP B 1362 -61.11 28.25 9.78
CA ASP B 1362 -62.37 28.33 9.06
C ASP B 1362 -62.37 27.59 7.71
N ASN B 1363 -61.32 27.72 6.90
CA ASN B 1363 -61.34 27.15 5.56
C ASN B 1363 -60.23 26.14 5.25
N LYS B 1364 -59.38 25.82 6.25
CA LYS B 1364 -58.25 24.84 6.21
C LYS B 1364 -57.26 25.07 5.05
N MET B 1365 -56.99 26.34 4.76
CA MET B 1365 -55.95 26.73 3.81
C MET B 1365 -54.83 27.42 4.57
N TRP B 1366 -53.59 27.13 4.17
CA TRP B 1366 -52.41 27.73 4.77
C TRP B 1366 -52.34 29.22 4.42
N ALA B 1367 -51.83 30.01 5.35
CA ALA B 1367 -51.88 31.47 5.23
C ALA B 1367 -50.82 32.11 6.11
N ILE B 1368 -50.60 33.39 5.85
CA ILE B 1368 -49.74 34.24 6.67
C ILE B 1368 -50.51 34.62 7.93
N PRO B 1369 -49.89 34.54 9.13
CA PRO B 1369 -50.55 35.02 10.37
C PRO B 1369 -50.87 36.51 10.31
N GLY B 1370 -52.03 36.87 10.82
CA GLY B 1370 -52.44 38.26 10.79
C GLY B 1370 -53.89 38.38 11.14
N GLY B 1371 -54.32 39.62 11.26
CA GLY B 1371 -55.70 39.85 11.67
C GLY B 1371 -56.06 41.30 11.54
N PHE B 1372 -57.34 41.56 11.79
CA PHE B 1372 -57.90 42.91 11.67
C PHE B 1372 -57.37 43.85 12.75
N VAL B 1373 -57.16 45.10 12.35
CA VAL B 1373 -56.67 46.13 13.26
C VAL B 1373 -57.79 46.55 14.20
N ASP B 1374 -57.55 46.41 15.51
CA ASP B 1374 -58.52 46.76 16.54
C ASP B 1374 -58.65 48.28 16.67
N ASN B 1375 -59.73 48.71 17.32
CA ASN B 1375 -60.02 50.13 17.52
C ASN B 1375 -59.03 50.78 18.50
N GLY B 1376 -58.52 51.95 18.12
CA GLY B 1376 -57.61 52.68 18.98
C GLY B 1376 -56.17 52.20 19.01
N GLU B 1377 -55.81 51.25 18.14
CA GLU B 1377 -54.46 50.71 18.08
C GLU B 1377 -53.93 50.78 16.65
N ASP B 1378 -52.61 50.70 16.54
CA ASP B 1378 -51.91 50.85 15.28
C ASP B 1378 -51.49 49.48 14.74
N VAL B 1379 -50.83 49.49 13.58
CA VAL B 1379 -50.36 48.28 12.88
C VAL B 1379 -49.22 47.59 13.64
N ALA B 1380 -48.40 48.39 14.36
CA ALA B 1380 -47.25 47.98 15.17
C ALA B 1380 -47.61 46.97 16.26
N LEU B 1381 -48.62 47.32 17.08
CA LEU B 1381 -49.12 46.44 18.12
C LEU B 1381 -49.83 45.22 17.52
N THR B 1382 -50.62 45.46 16.45
CA THR B 1382 -51.53 44.47 15.85
C THR B 1382 -50.79 43.30 15.21
N SER B 1383 -49.71 43.60 14.44
CA SER B 1383 -48.87 42.62 13.71
C SER B 1383 -48.20 41.63 14.66
N GLY B 1384 -47.54 42.20 15.68
CA GLY B 1384 -46.87 41.44 16.72
C GLY B 1384 -47.82 40.62 17.56
N ARG B 1385 -48.96 41.23 17.99
CA ARG B 1385 -49.97 40.60 18.84
C ARG B 1385 -50.66 39.42 18.16
N GLU B 1386 -51.04 39.59 16.88
CA GLU B 1386 -51.65 38.51 16.08
C GLU B 1386 -50.67 37.38 15.81
N PHE B 1387 -49.39 37.68 15.64
CA PHE B 1387 -48.37 36.62 15.41
C PHE B 1387 -48.14 35.82 16.68
N MET B 1388 -48.08 36.47 17.85
CA MET B 1388 -47.97 35.70 19.10
C MET B 1388 -49.24 34.88 19.39
N GLU B 1389 -50.43 35.45 19.13
CA GLU B 1389 -51.68 34.73 19.38
C GLU B 1389 -51.88 33.55 18.43
N GLU B 1390 -51.60 33.72 17.14
CA GLU B 1390 -51.93 32.68 16.17
C GLU B 1390 -50.78 31.69 15.93
N ALA B 1391 -49.61 32.19 15.55
CA ALA B 1391 -48.48 31.34 15.21
C ALA B 1391 -47.83 30.73 16.45
N LEU B 1392 -47.75 31.50 17.54
CA LEU B 1392 -47.07 31.05 18.75
C LEU B 1392 -48.04 30.53 19.82
N GLY B 1393 -49.32 30.89 19.75
CA GLY B 1393 -50.26 30.51 20.79
C GLY B 1393 -50.12 31.16 22.14
N MET B 1394 -49.59 32.39 22.17
CA MET B 1394 -49.26 33.09 23.44
C MET B 1394 -50.46 33.74 24.13
N GLY B 1395 -51.67 33.61 23.60
CA GLY B 1395 -52.88 34.11 24.24
C GLY B 1395 -53.36 33.22 25.37
N THR B 1396 -53.88 32.04 25.04
CA THR B 1396 -54.40 31.13 26.05
C THR B 1396 -54.06 29.68 25.75
N SER B 1397 -52.95 29.42 25.02
CA SER B 1397 -52.68 28.05 24.61
C SER B 1397 -51.21 27.62 24.77
N ALA B 1398 -50.40 28.36 25.52
CA ALA B 1398 -49.00 28.00 25.71
C ALA B 1398 -48.50 28.54 27.04
N ASP B 1399 -47.42 27.93 27.54
CA ASP B 1399 -46.79 28.36 28.78
C ASP B 1399 -46.01 29.67 28.55
N LEU B 1400 -45.75 30.37 29.67
CA LEU B 1400 -45.04 31.65 29.65
C LEU B 1400 -43.57 31.52 29.24
N MET B 1401 -43.14 32.43 28.37
CA MET B 1401 -41.77 32.46 27.88
C MET B 1401 -40.77 32.94 28.92
N SER B 1402 -39.53 32.50 28.77
CA SER B 1402 -38.41 32.92 29.61
C SER B 1402 -38.05 34.38 29.32
N ALA B 1403 -37.33 34.99 30.28
CA ALA B 1403 -36.88 36.39 30.21
C ALA B 1403 -35.88 36.69 29.09
N GLU B 1404 -35.14 35.68 28.60
CA GLU B 1404 -34.22 35.88 27.50
C GLU B 1404 -34.87 35.60 26.13
N SER B 1405 -35.87 34.70 26.08
CA SER B 1405 -36.63 34.45 24.86
C SER B 1405 -37.50 35.63 24.47
N LYS B 1406 -38.08 36.32 25.46
CA LYS B 1406 -38.84 37.57 25.24
C LYS B 1406 -37.95 38.67 24.67
N ASP B 1407 -36.71 38.79 25.18
CA ASP B 1407 -35.72 39.75 24.67
C ASP B 1407 -35.30 39.40 23.25
N SER B 1408 -35.14 38.09 22.95
CA SER B 1408 -34.83 37.61 21.60
C SER B 1408 -35.96 37.91 20.61
N LEU B 1409 -37.22 37.69 21.04
CA LEU B 1409 -38.39 37.98 20.21
C LEU B 1409 -38.57 39.48 20.00
N ALA B 1410 -38.26 40.29 21.04
CA ALA B 1410 -38.27 41.74 20.95
C ALA B 1410 -37.19 42.26 20.01
N ALA B 1411 -36.00 41.62 20.04
CA ALA B 1411 -34.90 41.93 19.11
C ALA B 1411 -35.29 41.60 17.67
N LEU B 1412 -35.99 40.47 17.48
CA LEU B 1412 -36.52 40.08 16.17
C LEU B 1412 -37.57 41.07 15.66
N PHE B 1413 -38.43 41.54 16.55
CA PHE B 1413 -39.56 42.41 16.20
C PHE B 1413 -39.19 43.89 16.12
N SER B 1414 -37.96 44.26 16.46
CA SER B 1414 -37.55 45.66 16.43
C SER B 1414 -37.17 46.15 15.04
N SER B 1415 -36.94 45.27 14.08
CA SER B 1415 -36.53 45.66 12.73
C SER B 1415 -37.50 45.07 11.72
N GLY B 1416 -38.56 45.80 11.44
CA GLY B 1416 -39.56 45.39 10.46
C GLY B 1416 -39.76 46.44 9.39
N THR B 1417 -39.97 45.98 8.17
CA THR B 1417 -40.16 46.85 7.01
C THR B 1417 -41.53 46.59 6.42
N ILE B 1418 -42.31 47.65 6.23
CA ILE B 1418 -43.62 47.54 5.59
C ILE B 1418 -43.36 47.36 4.09
N VAL B 1419 -43.63 46.16 3.59
CA VAL B 1419 -43.30 45.86 2.20
C VAL B 1419 -44.43 46.20 1.23
N ALA B 1420 -45.69 46.11 1.66
CA ALA B 1420 -46.83 46.36 0.79
C ALA B 1420 -48.03 46.78 1.61
N ARG B 1421 -48.93 47.53 0.96
CA ARG B 1421 -50.24 47.89 1.50
C ARG B 1421 -51.23 47.74 0.35
N ILE B 1422 -51.85 46.57 0.25
CA ILE B 1422 -52.59 46.20 -0.96
C ILE B 1422 -54.01 45.80 -0.59
N TYR B 1423 -54.83 45.58 -1.62
CA TYR B 1423 -56.23 45.14 -1.44
C TYR B 1423 -56.18 43.63 -1.35
N CYS B 1424 -57.09 43.03 -0.61
CA CYS B 1424 -56.99 41.58 -0.39
C CYS B 1424 -58.06 40.81 -1.15
N GLU B 1425 -57.67 39.82 -1.93
CA GLU B 1425 -58.59 38.96 -2.68
C GLU B 1425 -59.19 37.94 -1.72
N ASP B 1426 -59.83 38.39 -0.67
CA ASP B 1426 -60.52 37.72 0.40
C ASP B 1426 -61.95 37.40 -0.03
N PRO B 1427 -62.39 36.12 0.05
CA PRO B 1427 -63.78 35.76 -0.32
C PRO B 1427 -64.92 36.41 0.51
N ARG B 1428 -64.64 36.98 1.69
CA ARG B 1428 -65.63 37.65 2.52
C ARG B 1428 -65.88 39.10 2.11
N ASN B 1429 -65.15 39.62 1.11
CA ASN B 1429 -65.27 40.99 0.65
C ASN B 1429 -66.62 41.25 -0.02
N THR B 1430 -67.18 42.43 0.24
CA THR B 1430 -68.42 42.85 -0.42
C THR B 1430 -68.22 44.21 -1.08
N ASP B 1431 -69.31 44.79 -1.59
CA ASP B 1431 -69.26 46.12 -2.21
C ASP B 1431 -69.21 47.23 -1.19
N ASN B 1432 -69.58 46.98 0.06
CA ASN B 1432 -69.59 48.01 1.10
C ASN B 1432 -68.65 47.71 2.24
N ALA B 1433 -67.89 46.61 2.18
CA ALA B 1433 -66.92 46.25 3.20
C ALA B 1433 -65.87 45.37 2.54
N TRP B 1434 -64.62 45.81 2.57
CA TRP B 1434 -63.54 45.07 1.93
C TRP B 1434 -62.30 45.12 2.82
N VAL B 1435 -61.48 44.09 2.73
CA VAL B 1435 -60.27 43.97 3.55
C VAL B 1435 -59.09 44.53 2.77
N GLU B 1436 -58.33 45.44 3.39
CA GLU B 1436 -57.08 45.94 2.84
C GLU B 1436 -55.96 45.69 3.84
N THR B 1437 -54.83 45.16 3.36
CA THR B 1437 -53.80 44.68 4.24
C THR B 1437 -52.53 45.53 4.18
N THR B 1438 -51.91 45.67 5.34
CA THR B 1438 -50.56 46.18 5.48
C THR B 1438 -49.70 44.98 5.87
N CYS B 1439 -48.65 44.74 5.09
CA CYS B 1439 -47.78 43.59 5.30
C CYS B 1439 -46.49 44.03 5.94
N VAL B 1440 -46.12 43.40 7.07
CA VAL B 1440 -44.89 43.72 7.79
C VAL B 1440 -44.00 42.48 7.75
N ASN B 1441 -42.78 42.65 7.27
CA ASN B 1441 -41.82 41.57 7.13
C ASN B 1441 -40.77 41.69 8.23
N PHE B 1442 -40.61 40.63 9.01
CA PHE B 1442 -39.56 40.53 10.01
C PHE B 1442 -38.57 39.48 9.52
N HIS B 1443 -37.43 39.92 9.01
CA HIS B 1443 -36.46 39.03 8.41
C HIS B 1443 -35.32 38.77 9.39
N ASP B 1444 -34.96 37.51 9.54
CA ASP B 1444 -33.85 37.10 10.40
C ASP B 1444 -32.66 36.72 9.51
N GLU B 1445 -31.73 37.66 9.36
CA GLU B 1445 -30.54 37.49 8.52
C GLU B 1445 -29.61 36.40 9.06
N SER B 1446 -29.33 36.44 10.37
CA SER B 1446 -28.47 35.44 10.99
C SER B 1446 -29.19 34.12 11.22
N GLY B 1447 -30.49 34.16 11.50
CA GLY B 1447 -31.25 32.96 11.82
C GLY B 1447 -31.27 32.57 13.28
N ARG B 1448 -30.65 33.37 14.16
CA ARG B 1448 -30.60 33.06 15.58
C ARG B 1448 -31.95 33.23 16.28
N HIS B 1449 -32.63 34.37 16.04
CA HIS B 1449 -33.92 34.68 16.66
C HIS B 1449 -35.04 33.77 16.17
N ALA B 1450 -35.02 33.40 14.88
CA ALA B 1450 -36.04 32.53 14.28
C ALA B 1450 -35.97 31.11 14.82
N ALA B 1451 -34.76 30.62 15.12
CA ALA B 1451 -34.54 29.27 15.66
C ALA B 1451 -35.04 29.09 17.10
N ARG B 1452 -35.24 30.17 17.85
CA ARG B 1452 -35.73 30.12 19.22
C ARG B 1452 -37.25 30.13 19.31
N LEU B 1453 -37.95 30.18 18.17
CA LEU B 1453 -39.41 30.20 18.19
C LEU B 1453 -39.95 28.79 18.33
N LYS B 1454 -40.87 28.60 19.27
CA LYS B 1454 -41.53 27.31 19.47
C LYS B 1454 -42.90 27.42 18.82
N LEU B 1455 -42.99 26.99 17.56
CA LEU B 1455 -44.22 27.13 16.77
C LEU B 1455 -45.30 26.16 17.25
N GLN B 1456 -46.46 26.71 17.58
CA GLN B 1456 -47.58 25.94 18.10
C GLN B 1456 -48.84 26.73 17.81
N GLY B 1457 -49.71 26.19 16.96
CA GLY B 1457 -50.97 26.82 16.58
C GLY B 1457 -51.96 27.10 17.69
N GLY B 1458 -52.45 28.34 17.74
CA GLY B 1458 -53.39 28.76 18.75
C GLY B 1458 -54.43 29.66 18.11
N ASP B 1459 -55.40 29.95 18.96
CA ASP B 1459 -56.50 30.84 18.57
C ASP B 1459 -57.18 30.25 17.36
N ASP B 1460 -57.26 31.07 16.35
CA ASP B 1460 -57.93 30.74 15.07
C ASP B 1460 -56.91 30.17 14.11
N ALA B 1461 -56.11 29.26 14.57
CA ALA B 1461 -55.17 28.52 13.74
C ALA B 1461 -54.99 27.12 14.29
N GLU B 1462 -54.95 26.13 13.40
CA GLU B 1462 -54.80 24.74 13.83
C GLU B 1462 -53.35 24.29 13.97
N HIS B 1463 -52.54 24.49 12.93
CA HIS B 1463 -51.15 24.08 12.93
C HIS B 1463 -50.31 25.20 12.32
N ALA B 1464 -49.08 25.35 12.80
CA ALA B 1464 -48.14 26.34 12.30
C ALA B 1464 -46.80 25.69 12.01
N ARG B 1465 -46.17 26.09 10.89
CA ARG B 1465 -44.92 25.47 10.48
C ARG B 1465 -44.10 26.41 9.62
N TRP B 1466 -42.79 26.14 9.56
CA TRP B 1466 -41.91 26.83 8.62
C TRP B 1466 -42.09 26.21 7.25
N MET B 1467 -42.49 27.08 6.32
CA MET B 1467 -42.83 26.65 4.95
C MET B 1467 -41.95 27.37 3.95
N MET B 1468 -41.60 26.69 2.87
CA MET B 1468 -40.74 27.28 1.85
C MET B 1468 -41.51 28.24 0.94
N VAL B 1469 -40.89 29.35 0.57
CA VAL B 1469 -41.53 30.37 -0.24
C VAL B 1469 -41.18 30.10 -1.70
N HIS B 1470 -42.21 29.91 -2.53
CA HIS B 1470 -42.04 29.77 -3.97
C HIS B 1470 -43.31 30.25 -4.66
N GLY B 1471 -43.23 30.37 -5.99
CA GLY B 1471 -44.33 30.93 -6.77
C GLY B 1471 -45.51 30.00 -6.98
N GLY B 1472 -45.37 28.71 -6.69
CA GLY B 1472 -46.46 27.76 -6.86
C GLY B 1472 -47.27 27.49 -5.62
N LEU B 1473 -47.17 28.37 -4.63
CA LEU B 1473 -47.87 28.19 -3.36
C LEU B 1473 -49.36 28.46 -3.51
N ASN B 1474 -50.17 27.63 -2.85
CA ASN B 1474 -51.62 27.79 -2.86
C ASN B 1474 -52.02 28.25 -1.47
N LEU B 1475 -52.11 29.57 -1.30
CA LEU B 1475 -52.41 30.16 -0.02
C LEU B 1475 -53.73 30.92 -0.07
N PHE B 1476 -54.22 31.25 1.13
CA PHE B 1476 -55.48 31.95 1.31
C PHE B 1476 -55.32 33.39 0.85
N ALA B 1477 -56.36 33.91 0.17
CA ALA B 1477 -56.58 35.31 -0.30
C ALA B 1477 -55.43 35.74 -1.21
N SER B 1478 -54.87 36.94 -1.04
CA SER B 1478 -53.78 37.44 -1.88
C SER B 1478 -52.45 37.38 -1.17
N HIS B 1479 -52.22 36.34 -0.35
CA HIS B 1479 -50.96 36.18 0.38
C HIS B 1479 -49.77 35.83 -0.49
N ARG B 1480 -50.01 35.26 -1.68
CA ARG B 1480 -48.97 35.00 -2.68
C ARG B 1480 -48.37 36.30 -3.20
N THR B 1481 -49.23 37.33 -3.38
CA THR B 1481 -48.81 38.69 -3.76
C THR B 1481 -47.96 39.33 -2.66
N LEU B 1482 -48.34 39.10 -1.39
CA LEU B 1482 -47.60 39.57 -0.22
C LEU B 1482 -46.22 38.93 -0.13
N LEU B 1483 -46.14 37.62 -0.38
CA LEU B 1483 -44.88 36.87 -0.42
C LEU B 1483 -44.00 37.28 -1.59
N GLN B 1484 -44.64 37.62 -2.73
CA GLN B 1484 -43.97 38.18 -3.91
C GLN B 1484 -43.29 39.51 -3.56
N HIS B 1485 -44.01 40.36 -2.82
CA HIS B 1485 -43.48 41.65 -2.35
C HIS B 1485 -42.31 41.48 -1.37
N VAL B 1486 -42.39 40.48 -0.46
CA VAL B 1486 -41.32 40.14 0.49
C VAL B 1486 -40.06 39.66 -0.24
N THR B 1487 -40.23 38.75 -1.22
CA THR B 1487 -39.10 38.23 -2.01
C THR B 1487 -38.54 39.28 -2.97
N SER B 1488 -39.40 40.18 -3.47
CA SER B 1488 -38.94 41.28 -4.31
C SER B 1488 -38.05 42.24 -3.52
N ALA B 1489 -38.45 42.53 -2.27
CA ALA B 1489 -37.68 43.40 -1.39
C ALA B 1489 -36.37 42.77 -0.94
N LEU B 1490 -36.36 41.46 -0.70
CA LEU B 1490 -35.17 40.77 -0.19
C LEU B 1490 -34.30 40.11 -1.26
N ASN B 1491 -34.69 40.22 -2.54
CA ASN B 1491 -34.06 39.62 -3.75
C ASN B 1491 -33.92 38.10 -3.60
N ALA B 1492 -35.02 37.49 -3.17
CA ALA B 1492 -35.12 36.06 -2.94
C ALA B 1492 -35.86 35.37 -4.09
N TYR B 1493 -35.80 34.03 -4.08
CA TYR B 1493 -36.44 33.20 -5.09
C TYR B 1493 -37.96 33.25 -4.96
N PHE B 1494 -38.67 33.35 -6.08
CA PHE B 1494 -40.14 33.28 -6.10
C PHE B 1494 -40.54 32.77 -7.48
N SER C 51 3.83 -16.47 -59.50
CA SER C 51 3.49 -17.87 -59.76
C SER C 51 2.55 -17.97 -60.96
N VAL C 52 1.54 -18.83 -60.87
CA VAL C 52 0.57 -19.01 -61.95
C VAL C 52 -0.40 -17.84 -61.94
N ALA C 53 -0.56 -17.19 -63.09
CA ALA C 53 -1.47 -16.05 -63.26
C ALA C 53 -2.92 -16.46 -63.13
N ALA C 54 -3.71 -15.62 -62.44
CA ALA C 54 -5.13 -15.85 -62.24
C ALA C 54 -5.91 -15.69 -63.54
N LYS C 55 -6.87 -16.59 -63.76
CA LYS C 55 -7.71 -16.53 -64.94
C LYS C 55 -9.16 -16.19 -64.64
N THR C 56 -9.63 -16.48 -63.43
CA THR C 56 -11.01 -16.23 -63.03
C THR C 56 -11.05 -15.55 -61.66
N LEU C 57 -12.09 -14.74 -61.46
CA LEU C 57 -12.28 -13.98 -60.23
C LEU C 57 -13.73 -14.10 -59.78
N LEU C 58 -13.91 -14.03 -58.45
CA LEU C 58 -15.27 -14.11 -57.85
C LEU C 58 -15.80 -12.69 -57.60
N ILE C 59 -16.54 -12.13 -58.55
CA ILE C 59 -17.08 -10.78 -58.46
C ILE C 59 -18.43 -10.85 -57.77
N GLU C 60 -18.57 -10.06 -56.70
CA GLU C 60 -19.80 -10.03 -55.91
C GLU C 60 -20.97 -9.42 -56.68
N ASN C 61 -22.13 -10.07 -56.57
CA ASN C 61 -23.37 -9.66 -57.22
C ASN C 61 -23.91 -8.36 -56.59
N GLU C 62 -24.74 -7.64 -57.37
CA GLU C 62 -25.42 -6.42 -56.92
C GLU C 62 -26.42 -6.64 -55.78
N ASP C 63 -26.95 -7.86 -55.62
CA ASP C 63 -27.84 -8.24 -54.52
C ASP C 63 -27.12 -8.30 -53.17
N GLY C 64 -25.80 -8.44 -53.15
CA GLY C 64 -25.05 -8.55 -51.91
C GLY C 64 -25.16 -9.87 -51.19
N LYS C 65 -25.59 -10.92 -51.89
CA LYS C 65 -25.74 -12.24 -51.29
C LYS C 65 -24.89 -13.33 -51.92
N GLY C 66 -24.24 -13.07 -53.05
CA GLY C 66 -23.42 -14.11 -53.66
C GLY C 66 -22.36 -13.54 -54.58
N SER C 67 -21.44 -14.42 -54.98
CA SER C 67 -20.33 -14.07 -55.86
C SER C 67 -20.34 -14.99 -57.07
N THR C 68 -20.17 -14.42 -58.26
CA THR C 68 -20.12 -15.19 -59.48
C THR C 68 -18.69 -15.29 -60.01
N ARG C 69 -18.36 -16.44 -60.58
CA ARG C 69 -17.04 -16.66 -61.15
C ARG C 69 -17.06 -16.18 -62.60
N MET C 70 -16.15 -15.27 -62.94
CA MET C 70 -16.04 -14.80 -64.32
C MET C 70 -14.58 -14.56 -64.65
N GLU C 71 -14.30 -14.58 -65.96
CA GLU C 71 -12.95 -14.41 -66.53
C GLU C 71 -12.38 -13.03 -66.21
N VAL C 72 -11.06 -12.99 -65.96
CA VAL C 72 -10.34 -11.77 -65.57
C VAL C 72 -10.37 -10.71 -66.68
N GLN C 73 -10.18 -11.10 -67.96
CA GLN C 73 -10.21 -10.19 -69.10
C GLN C 73 -11.59 -9.61 -69.36
N ASP C 74 -12.64 -10.35 -69.02
CA ASP C 74 -14.01 -9.87 -69.15
C ASP C 74 -14.32 -8.80 -68.09
N PHE C 75 -13.95 -9.06 -66.82
CA PHE C 75 -14.20 -8.10 -65.74
C PHE C 75 -13.36 -6.83 -65.86
N MET C 76 -12.05 -6.96 -66.13
CA MET C 76 -11.12 -5.82 -66.14
C MET C 76 -11.27 -4.88 -67.36
N LYS C 77 -12.13 -5.20 -68.35
CA LYS C 77 -12.39 -4.37 -69.53
C LYS C 77 -13.04 -3.03 -69.17
N ARG C 78 -13.81 -2.97 -68.06
CA ARG C 78 -14.56 -1.79 -67.62
C ARG C 78 -13.70 -0.64 -67.07
N PHE C 79 -12.39 -0.80 -66.93
CA PHE C 79 -11.49 0.23 -66.43
C PHE C 79 -10.76 0.82 -67.63
N HIS C 80 -10.70 2.15 -67.71
CA HIS C 80 -10.11 2.82 -68.85
C HIS C 80 -8.90 3.64 -68.44
N MET C 81 -8.05 3.92 -69.43
CA MET C 81 -6.88 4.75 -69.26
C MET C 81 -6.77 5.75 -70.41
N HIS C 82 -6.08 6.85 -70.13
CA HIS C 82 -5.87 7.91 -71.12
C HIS C 82 -4.41 7.97 -71.52
N ALA C 83 -4.16 7.90 -72.84
CA ALA C 83 -2.81 7.98 -73.35
C ALA C 83 -2.26 9.41 -73.30
N SER C 84 -3.15 10.40 -73.38
CA SER C 84 -2.78 11.80 -73.36
C SER C 84 -3.92 12.60 -72.76
N GLU C 85 -3.60 13.86 -72.40
CA GLU C 85 -4.54 14.82 -71.80
C GLU C 85 -5.72 15.13 -72.72
N ASP C 86 -5.43 15.27 -74.03
CA ASP C 86 -6.40 15.59 -75.09
C ASP C 86 -7.51 14.54 -75.21
N ASP C 87 -7.13 13.26 -75.05
CA ASP C 87 -8.02 12.10 -75.09
C ASP C 87 -9.04 12.18 -73.96
N LYS C 88 -10.30 11.88 -74.28
CA LYS C 88 -11.38 11.93 -73.30
C LYS C 88 -12.05 10.58 -73.09
N THR C 89 -12.44 9.90 -74.18
CA THR C 89 -13.04 8.57 -74.11
C THR C 89 -12.07 7.52 -73.59
N GLY C 90 -10.82 7.56 -74.04
CA GLY C 90 -9.81 6.63 -73.60
C GLY C 90 -9.88 5.27 -74.27
N SER C 91 -8.99 4.40 -73.82
CA SER C 91 -8.84 3.04 -74.29
C SER C 91 -8.83 2.16 -73.05
N PRO C 92 -9.20 0.85 -73.16
CA PRO C 92 -9.14 -0.09 -72.02
C PRO C 92 -7.74 -0.25 -71.39
N SER C 93 -7.72 -0.29 -70.05
CA SER C 93 -6.49 -0.26 -69.27
C SER C 93 -5.71 -1.57 -69.39
N THR C 94 -4.46 -1.47 -69.83
CA THR C 94 -3.53 -2.59 -69.85
C THR C 94 -2.59 -2.55 -68.66
N ALA C 95 -2.78 -1.62 -67.73
CA ALA C 95 -1.89 -1.44 -66.59
C ALA C 95 -2.63 -1.87 -65.32
N TRP C 96 -2.59 -3.18 -65.06
CA TRP C 96 -3.09 -3.74 -63.81
C TRP C 96 -2.35 -5.04 -63.56
N GLY C 97 -2.17 -5.35 -62.28
CA GLY C 97 -1.44 -6.56 -61.93
C GLY C 97 -0.95 -6.50 -60.49
N THR C 98 0.27 -6.99 -60.25
CA THR C 98 0.87 -6.94 -58.92
C THR C 98 2.29 -6.40 -59.03
N LEU C 99 2.68 -5.60 -58.04
CA LEU C 99 4.02 -5.05 -57.92
C LEU C 99 4.75 -5.75 -56.78
N ARG C 100 6.00 -6.11 -57.04
CA ARG C 100 6.86 -6.70 -56.04
C ARG C 100 7.85 -5.63 -55.59
N PHE C 101 7.84 -5.35 -54.29
CA PHE C 101 8.75 -4.32 -53.73
C PHE C 101 9.92 -5.02 -53.02
N PRO C 102 11.20 -4.59 -53.17
CA PRO C 102 12.33 -5.21 -52.46
C PRO C 102 12.12 -5.23 -50.96
N THR C 103 12.59 -6.33 -50.32
CA THR C 103 12.53 -6.73 -48.90
C THR C 103 11.10 -6.95 -48.37
N LYS C 104 10.10 -7.08 -49.25
CA LYS C 104 8.71 -7.36 -48.93
C LYS C 104 8.35 -8.69 -49.57
N GLU C 105 7.84 -9.63 -48.77
CA GLU C 105 7.50 -10.96 -49.25
C GLU C 105 6.26 -10.95 -50.15
N ALA C 106 5.22 -10.22 -49.77
CA ALA C 106 3.98 -10.23 -50.54
C ALA C 106 3.99 -9.14 -51.62
N THR C 107 3.20 -9.38 -52.67
CA THR C 107 3.04 -8.43 -53.75
C THR C 107 1.75 -7.63 -53.58
N ALA C 108 1.76 -6.41 -54.09
CA ALA C 108 0.62 -5.50 -53.96
C ALA C 108 -0.06 -5.28 -55.31
N PRO C 109 -1.38 -5.59 -55.47
CA PRO C 109 -2.09 -5.30 -56.73
C PRO C 109 -2.17 -3.82 -57.05
N TYR C 110 -2.18 -3.55 -58.35
CA TYR C 110 -2.27 -2.16 -58.83
C TYR C 110 -3.28 -2.11 -59.97
N LEU C 111 -4.05 -1.04 -60.05
CA LEU C 111 -5.01 -0.81 -61.12
C LEU C 111 -4.93 0.65 -61.52
N ARG C 112 -4.67 0.90 -62.79
CA ARG C 112 -4.68 2.25 -63.36
C ARG C 112 -6.07 2.46 -63.96
N LEU C 113 -6.80 3.42 -63.40
CA LEU C 113 -8.20 3.61 -63.83
C LEU C 113 -8.47 5.10 -64.05
N SER C 114 -9.41 5.43 -64.92
CA SER C 114 -9.71 6.79 -65.31
C SER C 114 -10.50 7.53 -64.23
N VAL C 115 -10.57 8.86 -64.37
CA VAL C 115 -11.37 9.72 -63.50
C VAL C 115 -12.88 9.48 -63.67
N ASN C 116 -13.33 9.08 -64.86
CA ASN C 116 -14.75 8.87 -65.11
C ASN C 116 -15.26 7.50 -64.69
N ASP C 117 -14.38 6.61 -64.26
CA ASP C 117 -14.73 5.25 -63.83
C ASP C 117 -15.55 5.23 -62.54
N ASP C 118 -16.42 4.23 -62.45
CA ASP C 118 -17.31 4.03 -61.32
C ASP C 118 -16.51 3.57 -60.11
N PRO C 119 -16.58 4.27 -58.96
CA PRO C 119 -15.92 3.79 -57.71
C PRO C 119 -16.42 2.44 -57.17
N GLU C 120 -17.67 2.06 -57.47
CA GLU C 120 -18.22 0.74 -57.15
C GLU C 120 -17.45 -0.38 -57.84
N ASP C 121 -17.00 -0.15 -59.09
CA ASP C 121 -16.20 -1.11 -59.86
C ASP C 121 -14.82 -1.32 -59.22
N ALA C 122 -14.21 -0.22 -58.77
CA ALA C 122 -12.93 -0.25 -58.05
C ALA C 122 -13.07 -0.95 -56.71
N LEU C 123 -14.22 -0.71 -56.03
CA LEU C 123 -14.58 -1.38 -54.77
C LEU C 123 -14.74 -2.88 -54.97
N LEU C 124 -15.37 -3.28 -56.09
CA LEU C 124 -15.51 -4.68 -56.52
C LEU C 124 -14.17 -5.34 -56.79
N PHE C 125 -13.24 -4.56 -57.40
CA PHE C 125 -11.87 -5.02 -57.65
C PHE C 125 -11.11 -5.33 -56.36
N VAL C 126 -11.21 -4.43 -55.34
CA VAL C 126 -10.55 -4.62 -54.03
C VAL C 126 -11.14 -5.83 -53.28
N LYS C 127 -12.49 -5.96 -53.34
CA LYS C 127 -13.24 -7.10 -52.78
C LYS C 127 -12.86 -8.41 -53.47
N ALA C 128 -12.65 -8.35 -54.80
CA ALA C 128 -12.24 -9.51 -55.59
C ALA C 128 -10.83 -9.98 -55.23
N MET C 129 -9.89 -9.04 -55.01
CA MET C 129 -8.52 -9.37 -54.55
C MET C 129 -8.52 -10.04 -53.18
N LEU C 130 -9.26 -9.45 -52.22
CA LEU C 130 -9.39 -10.00 -50.85
C LEU C 130 -10.09 -11.36 -50.85
N ALA C 131 -11.14 -11.47 -51.69
CA ALA C 131 -11.90 -12.72 -51.85
C ALA C 131 -11.05 -13.82 -52.48
N GLN C 132 -10.18 -13.44 -53.43
CA GLN C 132 -9.25 -14.39 -54.04
C GLN C 132 -8.21 -14.89 -53.04
N LYS C 133 -7.60 -13.97 -52.27
CA LYS C 133 -6.51 -14.35 -51.38
C LYS C 133 -6.99 -15.08 -50.12
N TYR C 134 -8.08 -14.60 -49.49
CA TYR C 134 -8.48 -15.13 -48.20
C TYR C 134 -9.75 -15.96 -48.24
N GLY C 135 -10.27 -16.28 -49.41
CA GLY C 135 -11.52 -17.01 -49.49
C GLY C 135 -12.71 -16.07 -49.46
N GLU C 136 -13.89 -16.66 -49.72
CA GLU C 136 -15.17 -15.95 -49.77
C GLU C 136 -15.55 -15.35 -48.41
N THR C 137 -15.32 -16.09 -47.33
CA THR C 137 -15.66 -15.62 -45.98
C THR C 137 -14.51 -14.88 -45.31
N TYR C 138 -13.94 -13.88 -46.00
CA TYR C 138 -12.93 -13.01 -45.42
C TYR C 138 -13.58 -11.99 -44.49
N ASP C 139 -12.78 -11.47 -43.55
CA ASP C 139 -13.21 -10.52 -42.53
C ASP C 139 -13.57 -9.19 -43.17
N ARG C 140 -14.87 -8.89 -43.22
CA ARG C 140 -15.37 -7.64 -43.76
C ARG C 140 -15.00 -6.46 -42.84
N PRO C 141 -14.67 -5.28 -43.41
CA PRO C 141 -14.31 -4.14 -42.55
C PRO C 141 -15.52 -3.51 -41.87
N SER C 142 -15.37 -3.24 -40.58
CA SER C 142 -16.35 -2.45 -39.86
C SER C 142 -15.89 -1.00 -39.68
N LEU C 143 -14.81 -0.61 -40.36
CA LEU C 143 -14.26 0.74 -40.24
C LEU C 143 -13.40 1.06 -41.46
N ILE C 144 -13.59 2.28 -41.99
CA ILE C 144 -12.79 2.83 -43.08
C ILE C 144 -12.01 4.01 -42.51
N LEU C 145 -10.68 3.89 -42.47
CA LEU C 145 -9.79 4.90 -41.90
C LEU C 145 -9.11 5.65 -43.04
N SER C 146 -9.51 6.88 -43.27
CA SER C 146 -8.90 7.73 -44.28
C SER C 146 -7.79 8.57 -43.66
N VAL C 147 -6.56 8.42 -44.13
CA VAL C 147 -5.44 9.17 -43.58
C VAL C 147 -5.08 10.26 -44.57
N THR C 148 -5.23 11.52 -44.14
CA THR C 148 -4.90 12.68 -44.94
C THR C 148 -3.92 13.54 -44.17
N GLY C 149 -3.25 14.42 -44.88
CA GLY C 149 -2.33 15.30 -44.21
C GLY C 149 -1.24 15.77 -45.16
N GLY C 150 -0.06 15.98 -44.55
CA GLY C 150 1.07 16.59 -45.23
C GLY C 150 1.65 15.72 -46.33
N ALA C 151 1.81 16.32 -47.52
CA ALA C 151 2.48 15.62 -48.61
C ALA C 151 3.98 15.56 -48.38
N ARG C 152 4.58 16.65 -47.92
CA ARG C 152 6.01 16.70 -47.65
C ARG C 152 6.36 15.95 -46.38
N ASN C 153 7.63 15.52 -46.31
CA ASN C 153 8.17 14.76 -45.18
C ASN C 153 8.22 15.59 -43.90
N PHE C 154 7.91 14.92 -42.77
CA PHE C 154 7.91 15.60 -41.46
C PHE C 154 8.30 14.63 -40.34
N THR C 155 8.92 15.14 -39.27
CA THR C 155 9.35 14.34 -38.13
C THR C 155 8.44 14.70 -36.97
N LEU C 156 7.88 13.70 -36.31
CA LEU C 156 7.03 13.84 -35.14
C LEU C 156 7.79 13.48 -33.87
N PRO C 157 7.40 14.02 -32.70
CA PRO C 157 7.97 13.56 -31.39
C PRO C 157 7.72 12.07 -31.12
N PRO C 158 8.71 11.35 -30.50
CA PRO C 158 8.61 9.87 -30.28
C PRO C 158 7.41 9.36 -29.48
N ARG C 159 7.00 10.09 -28.42
CA ARG C 159 5.83 9.74 -27.61
C ARG C 159 4.55 9.85 -28.41
N LEU C 160 4.41 10.95 -29.18
CA LEU C 160 3.27 11.20 -30.06
C LEU C 160 3.17 10.17 -31.18
N GLU C 161 4.33 9.84 -31.80
CA GLU C 161 4.45 8.86 -32.88
C GLU C 161 4.09 7.45 -32.38
N THR C 162 4.56 7.11 -31.17
CA THR C 162 4.27 5.86 -30.49
C THR C 162 2.78 5.72 -30.18
N ALA C 163 2.16 6.83 -29.70
CA ALA C 163 0.72 6.88 -29.39
C ALA C 163 -0.17 6.71 -30.63
N ILE C 164 0.17 7.41 -31.73
CA ILE C 164 -0.55 7.33 -33.03
C ILE C 164 -0.41 5.93 -33.62
N ALA C 165 0.82 5.37 -33.59
CA ALA C 165 1.13 4.03 -34.09
C ALA C 165 0.39 2.92 -33.35
N LYS C 166 0.41 3.01 -31.99
CA LYS C 166 -0.26 2.04 -31.11
C LYS C 166 -1.77 2.07 -31.29
N GLY C 167 -2.37 3.28 -31.30
CA GLY C 167 -3.81 3.46 -31.47
C GLY C 167 -4.33 3.02 -32.84
N LEU C 168 -3.59 3.40 -33.92
CA LEU C 168 -3.94 3.06 -35.29
C LEU C 168 -3.83 1.54 -35.53
N ARG C 169 -2.76 0.91 -34.99
CA ARG C 169 -2.57 -0.55 -35.07
C ARG C 169 -3.67 -1.31 -34.33
N LEU C 170 -4.04 -0.85 -33.11
CA LEU C 170 -5.11 -1.46 -32.30
C LEU C 170 -6.46 -1.36 -33.00
N ALA C 171 -6.79 -0.16 -33.54
CA ALA C 171 -8.04 0.10 -34.27
C ALA C 171 -8.15 -0.75 -35.53
N ALA C 172 -7.04 -0.80 -36.30
CA ALA C 172 -6.96 -1.56 -37.55
C ALA C 172 -7.06 -3.07 -37.30
N GLN C 173 -6.38 -3.57 -36.27
CA GLN C 173 -6.42 -5.01 -36.00
C GLN C 173 -7.74 -5.43 -35.35
N ARG C 174 -8.41 -4.55 -34.58
CA ARG C 174 -9.68 -4.93 -33.96
C ARG C 174 -10.86 -4.82 -34.91
N THR C 175 -10.85 -3.84 -35.83
CA THR C 175 -12.01 -3.66 -36.69
C THR C 175 -11.88 -4.22 -38.10
N ASN C 176 -10.70 -4.81 -38.44
CA ASN C 176 -10.27 -5.24 -39.80
C ASN C 176 -10.40 -4.11 -40.84
N ALA C 177 -10.03 -2.88 -40.42
CA ALA C 177 -10.28 -1.62 -41.10
C ALA C 177 -9.54 -1.49 -42.44
N TRP C 178 -10.20 -0.80 -43.37
CA TRP C 178 -9.54 -0.42 -44.62
C TRP C 178 -8.94 0.96 -44.47
N VAL C 179 -7.62 1.04 -44.57
CA VAL C 179 -6.89 2.30 -44.45
C VAL C 179 -6.63 2.84 -45.84
N VAL C 180 -7.16 4.02 -46.13
CA VAL C 180 -7.02 4.65 -47.44
C VAL C 180 -6.12 5.86 -47.28
N THR C 181 -4.95 5.84 -47.97
CA THR C 181 -4.04 6.98 -47.96
C THR C 181 -3.72 7.38 -49.39
N GLY C 182 -2.77 8.31 -49.55
CA GLY C 182 -2.31 8.72 -50.86
C GLY C 182 -1.40 7.74 -51.55
N GLY C 183 -0.71 6.87 -50.81
CA GLY C 183 0.10 5.83 -51.43
C GLY C 183 1.53 6.15 -51.82
N THR C 184 2.00 7.38 -51.64
CA THR C 184 3.37 7.73 -52.01
C THR C 184 4.33 7.61 -50.82
N ASN C 185 5.63 7.57 -51.13
CA ASN C 185 6.66 7.32 -50.11
C ASN C 185 7.21 8.61 -49.49
N THR C 186 6.32 9.48 -49.03
CA THR C 186 6.66 10.75 -48.39
C THR C 186 5.59 11.00 -47.34
N GLY C 187 5.99 11.66 -46.24
CA GLY C 187 5.08 12.21 -45.22
C GLY C 187 4.19 11.23 -44.46
N VAL C 188 2.91 11.62 -44.35
CA VAL C 188 1.89 10.91 -43.56
C VAL C 188 1.55 9.54 -44.17
N MET C 189 1.62 9.42 -45.51
CA MET C 189 1.42 8.16 -46.23
C MET C 189 2.51 7.14 -45.91
N LYS C 190 3.78 7.60 -45.92
CA LYS C 190 4.95 6.81 -45.55
C LYS C 190 4.90 6.41 -44.06
N LEU C 191 4.44 7.36 -43.23
CA LEU C 191 4.28 7.16 -41.77
C LEU C 191 3.22 6.10 -41.46
N THR C 192 2.08 6.15 -42.18
CA THR C 192 0.97 5.19 -42.06
C THR C 192 1.41 3.80 -42.51
N GLY C 193 2.21 3.76 -43.60
CA GLY C 193 2.85 2.55 -44.10
C GLY C 193 3.78 1.90 -43.08
N GLN C 194 4.58 2.74 -42.38
CA GLN C 194 5.47 2.30 -41.31
C GLN C 194 4.69 1.73 -40.12
N ILE C 195 3.53 2.35 -39.80
CA ILE C 195 2.64 1.86 -38.73
C ILE C 195 2.08 0.48 -39.09
N MET C 196 1.60 0.32 -40.34
CA MET C 196 0.99 -0.94 -40.76
C MET C 196 2.00 -2.05 -41.09
N GLU C 197 3.30 -1.69 -41.26
CA GLU C 197 4.37 -2.65 -41.52
C GLU C 197 4.54 -3.62 -40.35
N ALA C 198 4.50 -3.10 -39.10
CA ALA C 198 4.58 -3.93 -37.90
C ALA C 198 3.33 -4.81 -37.73
N LEU C 199 2.18 -4.32 -38.20
CA LEU C 199 0.91 -5.05 -38.17
C LEU C 199 0.96 -6.25 -39.10
N SER C 200 1.58 -6.08 -40.28
CA SER C 200 1.75 -7.17 -41.24
C SER C 200 2.75 -8.25 -40.78
N LYS C 201 3.63 -7.95 -39.82
CA LYS C 201 4.60 -8.88 -39.25
C LYS C 201 4.09 -9.59 -38.00
N THR C 202 3.44 -8.87 -37.09
CA THR C 202 2.99 -9.45 -35.82
C THR C 202 1.70 -10.26 -35.94
N GLN C 203 0.98 -10.18 -37.05
CA GLN C 203 -0.29 -10.89 -37.22
C GLN C 203 -0.24 -11.80 -38.42
N SER C 204 -0.87 -12.98 -38.30
CA SER C 204 -0.92 -13.96 -39.36
C SER C 204 -2.31 -13.94 -39.98
N HIS C 205 -2.42 -14.63 -41.14
CA HIS C 205 -3.60 -14.76 -42.02
C HIS C 205 -3.94 -13.32 -42.40
N PHE C 206 -5.10 -12.76 -42.02
CA PHE C 206 -5.60 -11.50 -42.54
C PHE C 206 -4.77 -10.31 -42.08
N ILE C 207 -4.35 -9.50 -43.04
CA ILE C 207 -3.67 -8.25 -42.83
C ILE C 207 -4.59 -7.17 -43.38
N PRO C 208 -5.00 -6.18 -42.56
CA PRO C 208 -5.88 -5.06 -43.03
C PRO C 208 -5.23 -4.27 -44.16
N PRO C 209 -5.96 -4.03 -45.28
CA PRO C 209 -5.36 -3.35 -46.44
C PRO C 209 -5.00 -1.89 -46.20
N THR C 210 -3.89 -1.49 -46.80
CA THR C 210 -3.44 -0.10 -46.81
C THR C 210 -3.55 0.33 -48.27
N ILE C 211 -4.74 0.79 -48.64
CA ILE C 211 -5.05 1.15 -50.02
C ILE C 211 -4.44 2.51 -50.31
N GLY C 212 -3.65 2.61 -51.39
CA GLY C 212 -3.12 3.88 -51.80
C GLY C 212 -3.71 4.37 -53.10
N ILE C 213 -4.43 5.48 -53.04
CA ILE C 213 -5.04 6.10 -54.20
C ILE C 213 -4.19 7.28 -54.61
N ALA C 214 -3.54 7.19 -55.77
CA ALA C 214 -2.59 8.20 -56.22
C ALA C 214 -2.87 8.59 -57.65
N THR C 215 -2.51 9.83 -57.98
CA THR C 215 -2.54 10.33 -59.35
C THR C 215 -1.44 9.62 -60.12
N TYR C 216 -1.79 9.07 -61.31
CA TYR C 216 -0.84 8.30 -62.12
C TYR C 216 0.25 9.18 -62.72
N GLY C 217 -0.03 10.47 -62.97
CA GLY C 217 0.87 11.40 -63.66
C GLY C 217 2.13 11.82 -62.91
N VAL C 218 2.27 11.46 -61.63
CA VAL C 218 3.43 11.83 -60.82
C VAL C 218 4.23 10.60 -60.38
N ILE C 219 3.79 9.40 -60.75
CA ILE C 219 4.36 8.16 -60.21
C ILE C 219 5.53 7.68 -61.08
N ILE C 220 6.68 7.45 -60.44
CA ILE C 220 7.88 6.90 -61.05
C ILE C 220 7.61 5.46 -61.51
N GLY C 221 7.99 5.13 -62.74
CA GLY C 221 7.80 3.79 -63.23
C GLY C 221 6.45 3.48 -63.84
N GLY C 222 5.68 4.51 -64.21
CA GLY C 222 4.37 4.32 -64.83
C GLY C 222 4.42 3.64 -66.20
N ASP C 223 5.46 3.98 -66.99
CA ASP C 223 5.68 3.39 -68.31
C ASP C 223 6.01 1.91 -68.23
N ASP C 224 6.81 1.52 -67.23
CA ASP C 224 7.15 0.12 -66.97
C ASP C 224 5.93 -0.70 -66.60
N MET C 225 5.05 -0.12 -65.77
CA MET C 225 3.79 -0.77 -65.37
C MET C 225 2.81 -0.87 -66.52
N THR C 226 2.77 0.13 -67.40
CA THR C 226 1.81 0.14 -68.52
C THR C 226 2.19 -0.87 -69.60
N ARG C 227 3.48 -0.92 -69.99
CA ARG C 227 3.97 -1.79 -71.07
C ARG C 227 3.95 -3.27 -70.68
N GLY C 228 3.41 -4.10 -71.57
CA GLY C 228 3.36 -5.54 -71.40
C GLY C 228 1.95 -6.06 -71.61
N GLU C 229 1.78 -7.35 -71.32
CA GLU C 229 0.49 -8.04 -71.42
C GLU C 229 -0.07 -8.27 -70.02
N PRO C 230 -1.26 -7.71 -69.64
CA PRO C 230 -1.77 -7.82 -68.28
C PRO C 230 -2.42 -9.18 -67.98
N PRO C 231 -2.37 -9.73 -66.76
CA PRO C 231 -1.74 -9.08 -65.63
C PRO C 231 -0.22 -9.26 -65.48
N LYS C 232 0.45 -8.39 -64.73
CA LYS C 232 1.88 -8.48 -64.45
C LYS C 232 2.07 -9.13 -63.10
N ILE C 233 2.41 -10.41 -63.09
CA ILE C 233 2.55 -11.13 -61.83
C ILE C 233 3.96 -10.90 -61.30
N GLY C 234 4.05 -10.35 -60.10
CA GLY C 234 5.32 -10.08 -59.40
C GLY C 234 6.28 -9.13 -60.08
N LEU C 235 5.75 -8.05 -60.67
CA LEU C 235 6.56 -7.04 -61.36
C LEU C 235 7.46 -6.27 -60.41
N GLU C 236 8.74 -6.17 -60.77
CA GLU C 236 9.71 -5.46 -59.95
C GLU C 236 9.52 -3.95 -60.06
N TYR C 237 9.43 -3.28 -58.92
CA TYR C 237 9.29 -1.84 -58.87
C TYR C 237 10.64 -1.26 -58.46
N GLU C 238 11.17 -0.35 -59.28
CA GLU C 238 12.47 0.25 -59.03
C GLU C 238 12.25 1.70 -58.66
N MET C 239 12.17 1.95 -57.35
CA MET C 239 12.00 3.30 -56.80
C MET C 239 13.22 4.20 -57.01
N HIS C 240 14.42 3.63 -57.13
CA HIS C 240 15.65 4.38 -57.32
C HIS C 240 15.99 4.65 -58.78
N LYS C 241 15.23 4.08 -59.71
CA LYS C 241 15.44 4.29 -61.15
C LYS C 241 15.11 5.72 -61.55
N LYS C 242 15.95 6.30 -62.39
CA LYS C 242 15.84 7.72 -62.73
C LYS C 242 14.81 7.88 -63.84
N ASP C 243 13.57 8.16 -63.45
CA ASP C 243 12.54 8.57 -64.40
C ASP C 243 12.64 10.08 -64.55
N PRO C 244 12.77 10.59 -65.80
CA PRO C 244 13.00 12.00 -65.98
C PRO C 244 11.89 13.00 -65.61
N PRO C 245 10.63 12.97 -66.11
CA PRO C 245 9.68 14.05 -65.79
C PRO C 245 9.00 13.91 -64.43
N LYS C 246 8.86 12.69 -63.92
CA LYS C 246 8.17 12.42 -62.68
C LYS C 246 9.18 12.14 -61.57
N THR C 247 8.81 12.49 -60.33
CA THR C 247 9.76 12.35 -59.23
C THR C 247 9.17 11.81 -57.93
N THR C 248 7.92 11.35 -57.93
CA THR C 248 7.29 10.89 -56.69
C THR C 248 7.11 9.37 -56.71
N PRO C 249 7.80 8.60 -55.89
CA PRO C 249 7.62 7.13 -55.90
C PRO C 249 6.52 6.64 -54.97
N LEU C 250 6.09 5.40 -55.24
CA LEU C 250 5.09 4.74 -54.42
C LEU C 250 5.68 4.21 -53.12
N ASP C 251 4.86 4.22 -52.07
CA ASP C 251 5.24 3.65 -50.79
C ASP C 251 5.24 2.13 -50.86
N ASP C 252 6.33 1.49 -50.41
CA ASP C 252 6.46 0.05 -50.53
C ASP C 252 5.66 -0.75 -49.50
N ASN C 253 5.10 -0.10 -48.48
CA ASN C 253 4.34 -0.76 -47.43
C ASN C 253 2.83 -0.77 -47.67
N HIS C 254 2.36 -0.22 -48.78
CA HIS C 254 0.94 -0.21 -49.09
C HIS C 254 0.56 -1.51 -49.81
N ASN C 255 -0.57 -2.07 -49.42
CA ASN C 255 -0.98 -3.38 -49.88
C ASN C 255 -1.75 -3.38 -51.21
N LEU C 256 -2.23 -2.24 -51.68
CA LEU C 256 -3.01 -2.16 -52.93
C LEU C 256 -2.91 -0.75 -53.47
N PHE C 257 -2.92 -0.56 -54.79
CA PHE C 257 -2.72 0.73 -55.44
C PHE C 257 -3.79 1.00 -56.48
N LEU C 258 -4.39 2.18 -56.40
CA LEU C 258 -5.31 2.68 -57.42
C LEU C 258 -4.70 3.94 -58.02
N LEU C 259 -4.24 3.84 -59.26
CA LEU C 259 -3.61 4.95 -59.97
C LEU C 259 -4.68 5.61 -60.84
N VAL C 260 -5.16 6.76 -60.39
CA VAL C 260 -6.17 7.52 -61.09
C VAL C 260 -5.51 8.35 -62.18
N ASP C 261 -5.99 8.20 -63.41
CA ASP C 261 -5.35 8.80 -64.58
C ASP C 261 -6.33 9.74 -65.24
N ASP C 262 -5.82 10.89 -65.69
CA ASP C 262 -6.60 11.86 -66.46
C ASP C 262 -5.87 12.32 -67.72
N GLY C 263 -4.72 11.71 -68.02
CA GLY C 263 -3.92 12.11 -69.17
C GLY C 263 -2.90 13.18 -68.90
N SER C 264 -2.92 13.79 -67.72
CA SER C 264 -1.97 14.84 -67.37
C SER C 264 -0.68 14.23 -66.82
N THR C 265 0.35 15.07 -66.76
CA THR C 265 1.66 14.68 -66.25
C THR C 265 2.11 15.75 -65.26
N ASN C 266 2.63 15.27 -64.10
CA ASN C 266 3.19 16.08 -62.98
C ASN C 266 2.18 17.08 -62.40
N LYS C 267 0.92 16.67 -62.30
CA LYS C 267 -0.12 17.46 -61.67
C LYS C 267 -0.71 16.66 -60.51
N PHE C 268 -0.84 17.30 -59.36
CA PHE C 268 -1.30 16.66 -58.14
C PHE C 268 -2.76 17.03 -57.86
N GLY C 269 -3.36 16.29 -56.94
CA GLY C 269 -4.71 16.55 -56.48
C GLY C 269 -5.83 16.08 -57.39
N LYS C 270 -5.52 15.28 -58.40
CA LYS C 270 -6.52 14.79 -59.35
C LYS C 270 -7.31 13.59 -58.83
N GLU C 271 -6.87 12.96 -57.74
CA GLU C 271 -7.49 11.75 -57.23
C GLU C 271 -8.37 11.94 -55.99
N ILE C 272 -8.55 13.18 -55.52
CA ILE C 272 -9.23 13.54 -54.25
C ILE C 272 -10.72 13.18 -54.27
N LYS C 273 -11.44 13.58 -55.34
CA LYS C 273 -12.87 13.31 -55.55
C LYS C 273 -13.20 11.82 -55.64
N PHE C 274 -12.37 11.08 -56.41
CA PHE C 274 -12.52 9.62 -56.55
C PHE C 274 -12.26 8.91 -55.22
N ARG C 275 -11.27 9.39 -54.45
CA ARG C 275 -10.91 8.84 -53.13
C ARG C 275 -12.05 9.00 -52.14
N ALA C 276 -12.67 10.21 -52.12
CA ALA C 276 -13.82 10.54 -51.29
C ALA C 276 -15.04 9.69 -51.66
N ALA C 277 -15.28 9.55 -52.98
CA ALA C 277 -16.36 8.74 -53.54
C ALA C 277 -16.20 7.24 -53.23
N PHE C 278 -14.94 6.74 -53.31
CA PHE C 278 -14.60 5.35 -53.00
C PHE C 278 -14.82 5.03 -51.52
N GLU C 279 -14.40 5.95 -50.62
CA GLU C 279 -14.62 5.81 -49.17
C GLU C 279 -16.11 5.81 -48.82
N ASN C 280 -16.89 6.72 -49.44
CA ASN C 280 -18.34 6.78 -49.26
C ASN C 280 -19.04 5.52 -49.78
N ALA C 281 -18.59 5.01 -50.95
CA ALA C 281 -19.11 3.78 -51.56
C ALA C 281 -18.84 2.56 -50.69
N ALA C 282 -17.62 2.47 -50.13
CA ALA C 282 -17.22 1.42 -49.20
C ALA C 282 -18.04 1.48 -47.91
N GLY C 283 -18.26 2.72 -47.40
CA GLY C 283 -19.06 2.95 -46.22
C GLY C 283 -20.52 2.54 -46.37
N GLN C 284 -21.12 2.83 -47.54
CA GLN C 284 -22.49 2.37 -47.82
C GLN C 284 -22.56 0.87 -48.00
N ALA C 285 -21.56 0.27 -48.70
CA ALA C 285 -21.55 -1.16 -48.99
C ALA C 285 -21.37 -2.03 -47.74
N PHE C 286 -20.44 -1.68 -46.85
CA PHE C 286 -20.22 -2.52 -45.67
C PHE C 286 -20.97 -2.06 -44.41
N ALA C 287 -21.80 -1.00 -44.53
CA ALA C 287 -22.56 -0.32 -43.43
C ALA C 287 -21.65 0.10 -42.27
N ALA C 288 -20.46 0.61 -42.63
CA ALA C 288 -19.35 0.99 -41.78
C ALA C 288 -19.06 2.48 -41.78
N PRO C 289 -18.79 3.09 -40.62
CA PRO C 289 -18.42 4.51 -40.58
C PRO C 289 -17.07 4.80 -41.22
N VAL C 290 -16.98 5.98 -41.85
CA VAL C 290 -15.75 6.48 -42.44
C VAL C 290 -15.17 7.50 -41.49
N VAL C 291 -13.93 7.30 -41.05
CA VAL C 291 -13.28 8.20 -40.10
C VAL C 291 -12.03 8.75 -40.78
N THR C 292 -11.99 10.08 -40.94
CA THR C 292 -10.83 10.75 -41.50
C THR C 292 -9.87 11.08 -40.36
N ILE C 293 -8.56 10.93 -40.58
CA ILE C 293 -7.52 11.26 -39.60
C ILE C 293 -6.61 12.33 -40.20
N VAL C 294 -6.41 13.43 -39.47
CA VAL C 294 -5.63 14.58 -39.95
C VAL C 294 -4.37 14.71 -39.11
N VAL C 295 -3.22 14.45 -39.74
CA VAL C 295 -1.89 14.61 -39.13
C VAL C 295 -1.12 15.60 -40.00
N GLN C 296 -0.63 16.68 -39.36
CA GLN C 296 -0.06 17.87 -40.01
C GLN C 296 -1.00 18.35 -41.09
N GLY C 297 -0.49 18.49 -42.30
CA GLY C 297 -1.30 18.97 -43.40
C GLY C 297 -0.99 20.39 -43.82
N GLY C 298 -1.25 20.67 -45.09
CA GLY C 298 -1.08 22.00 -45.64
C GLY C 298 -2.41 22.68 -45.86
N PRO C 299 -2.45 23.73 -46.72
CA PRO C 299 -3.72 24.44 -47.03
C PRO C 299 -4.84 23.59 -47.66
N GLY C 300 -4.50 22.61 -48.50
CA GLY C 300 -5.51 21.75 -49.12
C GLY C 300 -6.12 20.74 -48.18
N THR C 301 -5.39 20.38 -47.10
CA THR C 301 -5.87 19.48 -46.05
C THR C 301 -7.05 20.09 -45.28
N LEU C 302 -7.01 21.43 -45.10
CA LEU C 302 -8.09 22.23 -44.50
C LEU C 302 -9.38 22.14 -45.33
N GLY C 303 -9.25 22.27 -46.67
CA GLY C 303 -10.38 22.10 -47.57
C GLY C 303 -10.91 20.67 -47.62
N THR C 304 -10.00 19.68 -47.54
CA THR C 304 -10.31 18.26 -47.47
C THR C 304 -11.12 17.92 -46.20
N ALA C 305 -10.67 18.45 -45.05
CA ALA C 305 -11.34 18.33 -43.76
C ALA C 305 -12.70 19.03 -43.77
N LEU C 306 -12.77 20.19 -44.44
CA LEU C 306 -14.01 20.96 -44.64
C LEU C 306 -15.03 20.17 -45.43
N GLN C 307 -14.56 19.51 -46.51
CA GLN C 307 -15.37 18.63 -47.35
C GLN C 307 -15.88 17.44 -46.55
N ALA C 308 -15.00 16.87 -45.70
CA ALA C 308 -15.33 15.73 -44.82
C ALA C 308 -16.41 16.10 -43.79
N VAL C 309 -16.30 17.26 -43.16
CA VAL C 309 -17.30 17.66 -42.15
C VAL C 309 -18.62 18.13 -42.79
N ARG C 310 -18.59 18.63 -44.04
CA ARG C 310 -19.85 19.01 -44.70
C ARG C 310 -20.68 17.78 -45.09
N GLN C 311 -20.04 16.68 -45.49
CA GLN C 311 -20.76 15.45 -45.83
C GLN C 311 -21.10 14.55 -44.62
N GLY C 312 -20.87 15.01 -43.39
CA GLY C 312 -21.19 14.23 -42.21
C GLY C 312 -20.13 13.24 -41.76
N THR C 313 -19.00 13.16 -42.46
CA THR C 313 -17.94 12.23 -42.09
C THR C 313 -17.14 12.81 -40.91
N PRO C 314 -17.02 12.08 -39.79
CA PRO C 314 -16.20 12.57 -38.66
C PRO C 314 -14.70 12.61 -38.95
N ILE C 315 -14.01 13.53 -38.27
CA ILE C 315 -12.57 13.71 -38.39
C ILE C 315 -11.92 13.59 -37.01
N VAL C 316 -10.69 13.08 -37.00
CA VAL C 316 -9.85 12.96 -35.82
C VAL C 316 -8.60 13.78 -36.11
N VAL C 317 -8.45 14.89 -35.41
CA VAL C 317 -7.35 15.82 -35.62
C VAL C 317 -6.27 15.55 -34.57
N VAL C 318 -5.05 15.25 -35.02
CA VAL C 318 -3.93 14.98 -34.12
C VAL C 318 -3.28 16.30 -33.70
N ASP C 319 -3.59 16.77 -32.49
CA ASP C 319 -2.98 17.98 -31.94
C ASP C 319 -1.51 17.72 -31.59
N GLY C 320 -0.67 18.75 -31.75
CA GLY C 320 0.74 18.65 -31.49
C GLY C 320 1.60 18.20 -32.65
N SER C 321 1.00 17.85 -33.77
CA SER C 321 1.73 17.46 -34.98
C SER C 321 2.10 18.65 -35.85
N GLY C 322 1.63 19.86 -35.53
CA GLY C 322 2.03 21.06 -36.22
C GLY C 322 1.12 21.34 -37.40
N LEU C 323 1.25 22.57 -37.94
CA LEU C 323 0.65 23.11 -39.19
C LEU C 323 -0.87 23.12 -39.11
N ALA C 324 -1.57 22.55 -40.12
CA ALA C 324 -3.03 22.64 -40.29
C ALA C 324 -3.78 21.90 -39.18
N ALA C 325 -3.19 20.80 -38.68
CA ALA C 325 -3.75 20.06 -37.55
C ALA C 325 -3.76 20.91 -36.29
N ASP C 326 -2.68 21.67 -36.05
CA ASP C 326 -2.61 22.63 -34.94
C ASP C 326 -3.62 23.76 -35.12
N VAL C 327 -3.81 24.21 -36.37
CA VAL C 327 -4.79 25.26 -36.71
C VAL C 327 -6.22 24.78 -36.43
N LEU C 328 -6.56 23.55 -36.86
CA LEU C 328 -7.87 22.91 -36.64
C LEU C 328 -8.13 22.63 -35.16
N ALA C 329 -7.09 22.12 -34.46
CA ALA C 329 -7.14 21.86 -33.02
C ALA C 329 -7.32 23.13 -32.21
N TYR C 330 -6.65 24.22 -32.57
CA TYR C 330 -6.81 25.52 -31.88
C TYR C 330 -8.23 25.99 -32.12
N ALA C 331 -8.64 26.02 -33.37
CA ALA C 331 -9.98 26.51 -33.70
C ALA C 331 -11.07 25.77 -32.92
N TYR C 332 -10.93 24.47 -32.74
CA TYR C 332 -11.96 23.67 -32.04
C TYR C 332 -11.86 24.02 -30.59
N ASN C 333 -10.65 23.99 -30.10
CA ASN C 333 -10.43 24.28 -28.68
C ASN C 333 -10.90 25.69 -28.31
N PHE C 334 -10.73 26.64 -29.23
CA PHE C 334 -11.24 28.00 -29.02
C PHE C 334 -12.76 28.01 -28.97
N MET C 335 -13.41 27.27 -29.89
CA MET C 335 -14.86 27.33 -29.94
C MET C 335 -15.56 26.40 -28.95
N HIS C 336 -14.93 25.32 -28.48
CA HIS C 336 -15.71 24.32 -27.74
C HIS C 336 -15.16 23.88 -26.38
N ASN C 337 -13.83 23.88 -26.21
CA ASN C 337 -13.17 23.28 -25.04
C ASN C 337 -13.38 24.13 -23.77
N PRO C 338 -13.91 23.57 -22.68
CA PRO C 338 -14.14 24.37 -21.47
C PRO C 338 -12.98 24.48 -20.50
N LEU C 339 -11.82 23.93 -20.81
CA LEU C 339 -10.72 23.94 -19.83
C LEU C 339 -10.19 25.35 -19.66
N THR C 340 -9.29 25.55 -18.71
CA THR C 340 -8.78 26.89 -18.34
C THR C 340 -7.73 27.43 -19.31
N ARG C 341 -6.84 26.55 -19.82
CA ARG C 341 -5.73 26.96 -20.70
C ARG C 341 -6.15 27.39 -22.11
N PHE C 342 -7.46 27.28 -22.35
CA PHE C 342 -8.03 27.56 -23.68
C PHE C 342 -8.89 28.80 -23.57
N LYS C 343 -8.89 29.42 -22.43
CA LYS C 343 -9.63 30.68 -22.24
C LYS C 343 -8.89 31.91 -22.80
N SER C 344 -7.58 31.83 -22.97
CA SER C 344 -6.78 32.88 -23.57
C SER C 344 -6.70 32.80 -25.08
N TYR C 345 -7.33 31.80 -25.69
CA TYR C 345 -7.38 31.63 -27.13
C TYR C 345 -8.24 32.71 -27.77
N THR C 346 -7.73 33.31 -28.83
CA THR C 346 -8.37 34.41 -29.53
C THR C 346 -8.27 34.16 -31.03
N ILE C 347 -9.17 34.82 -31.77
CA ILE C 347 -9.18 34.79 -33.24
C ILE C 347 -7.94 35.48 -33.81
N ASP C 348 -7.43 36.53 -33.14
CA ASP C 348 -6.22 37.27 -33.52
C ASP C 348 -4.96 36.40 -33.44
N ASP C 349 -4.81 35.64 -32.34
CA ASP C 349 -3.69 34.71 -32.17
C ASP C 349 -3.79 33.53 -33.13
N LEU C 350 -5.03 33.10 -33.44
CA LEU C 350 -5.31 32.07 -34.44
C LEU C 350 -4.89 32.53 -35.83
N ARG C 351 -5.20 33.80 -36.16
CA ARG C 351 -4.83 34.44 -37.43
C ARG C 351 -3.31 34.56 -37.56
N GLN C 352 -2.64 34.90 -36.44
CA GLN C 352 -1.18 34.96 -36.33
C GLN C 352 -0.55 33.58 -36.55
N LYS C 353 -1.16 32.54 -35.97
CA LYS C 353 -0.74 31.14 -36.12
C LYS C 353 -0.85 30.65 -37.57
N VAL C 354 -1.99 31.00 -38.24
CA VAL C 354 -2.24 30.67 -39.66
C VAL C 354 -1.21 31.37 -40.56
N ALA C 355 -0.94 32.66 -40.24
CA ALA C 355 0.05 33.48 -40.96
C ALA C 355 1.47 32.95 -40.80
N GLN C 356 1.84 32.49 -39.58
CA GLN C 356 3.19 31.97 -39.39
C GLN C 356 3.36 30.58 -40.00
N THR C 357 2.30 29.76 -40.05
CA THR C 357 2.45 28.41 -40.61
C THR C 357 2.28 28.36 -42.12
N PHE C 358 1.10 28.78 -42.64
CA PHE C 358 0.75 28.67 -44.09
C PHE C 358 1.27 29.82 -44.96
N ASN C 359 1.76 30.91 -44.38
CA ASN C 359 2.30 32.13 -45.00
C ASN C 359 1.53 32.63 -46.23
N PRO C 360 0.28 33.14 -46.11
CA PRO C 360 -0.45 33.62 -47.30
C PRO C 360 0.15 34.87 -47.94
N LYS C 361 -0.08 35.00 -49.24
CA LYS C 361 0.42 36.16 -49.97
C LYS C 361 -0.42 37.41 -49.67
N SER C 362 -1.73 37.24 -49.56
CA SER C 362 -2.66 38.34 -49.37
C SER C 362 -3.49 38.14 -48.11
N SER C 363 -3.98 39.27 -47.58
CA SER C 363 -4.82 39.30 -46.37
C SER C 363 -6.16 38.59 -46.58
N GLN C 364 -6.72 38.71 -47.81
CA GLN C 364 -7.99 38.06 -48.19
C GLN C 364 -7.87 36.53 -48.16
N GLN C 365 -6.70 36.01 -48.57
CA GLN C 365 -6.37 34.58 -48.52
C GLN C 365 -6.33 34.07 -47.08
N LEU C 366 -5.74 34.88 -46.18
CA LEU C 366 -5.67 34.62 -44.75
C LEU C 366 -7.06 34.61 -44.11
N THR C 367 -7.91 35.56 -44.55
CA THR C 367 -9.31 35.68 -44.10
C THR C 367 -10.13 34.46 -44.53
N ASN C 368 -9.95 34.00 -45.79
CA ASN C 368 -10.64 32.81 -46.32
C ASN C 368 -10.20 31.52 -45.62
N LEU C 369 -8.88 31.37 -45.35
CA LEU C 369 -8.34 30.23 -44.61
C LEU C 369 -8.86 30.18 -43.17
N LEU C 370 -8.90 31.35 -42.50
CA LEU C 370 -9.43 31.48 -41.14
C LEU C 370 -10.92 31.16 -41.07
N ASP C 371 -11.69 31.66 -42.06
CA ASP C 371 -13.13 31.41 -42.18
C ASP C 371 -13.45 29.95 -42.44
N SER C 372 -12.66 29.29 -43.31
CA SER C 372 -12.80 27.87 -43.60
C SER C 372 -12.46 27.01 -42.38
N ALA C 373 -11.39 27.38 -41.64
CA ALA C 373 -10.96 26.70 -40.41
C ALA C 373 -12.03 26.79 -39.31
N LEU C 374 -12.65 27.96 -39.18
CA LEU C 374 -13.74 28.14 -38.22
C LEU C 374 -15.01 27.42 -38.69
N GLU C 375 -15.19 27.28 -40.01
CA GLU C 375 -16.34 26.58 -40.55
C GLU C 375 -16.24 25.06 -40.36
N CYS C 376 -15.02 24.53 -40.24
CA CYS C 376 -14.83 23.06 -40.12
C CYS C 376 -15.23 22.57 -38.72
N VAL C 377 -14.98 23.39 -37.69
CA VAL C 377 -15.21 22.98 -36.31
C VAL C 377 -16.51 23.56 -35.74
N GLN C 378 -17.46 23.90 -36.62
CA GLN C 378 -18.79 24.41 -36.26
C GLN C 378 -19.61 23.38 -35.47
N ASP C 379 -19.57 22.13 -35.92
CA ASP C 379 -20.31 21.06 -35.27
C ASP C 379 -19.32 20.35 -34.38
N PRO C 380 -19.46 20.42 -33.03
CA PRO C 380 -18.48 19.76 -32.12
C PRO C 380 -18.44 18.25 -32.17
N ASN C 381 -19.51 17.59 -32.63
CA ASN C 381 -19.57 16.13 -32.68
C ASN C 381 -18.68 15.58 -33.79
N LEU C 382 -18.59 16.29 -34.92
CA LEU C 382 -17.89 15.77 -36.09
C LEU C 382 -16.38 15.94 -36.03
N VAL C 383 -15.82 16.62 -35.02
CA VAL C 383 -14.38 16.82 -34.90
C VAL C 383 -14.00 16.24 -33.54
N VAL C 384 -12.98 15.39 -33.52
CA VAL C 384 -12.43 14.84 -32.29
C VAL C 384 -10.94 15.14 -32.30
N VAL C 385 -10.46 15.88 -31.31
CA VAL C 385 -9.07 16.30 -31.24
C VAL C 385 -8.34 15.43 -30.24
N TYR C 386 -7.28 14.75 -30.70
CA TYR C 386 -6.43 13.94 -29.84
C TYR C 386 -5.19 14.74 -29.49
N SER C 387 -4.94 14.91 -28.20
CA SER C 387 -3.79 15.65 -27.68
C SER C 387 -3.15 14.85 -26.56
N LEU C 388 -1.80 14.84 -26.56
CA LEU C 388 -1.01 14.08 -25.58
C LEU C 388 -1.17 14.59 -24.14
N GLN C 389 -1.14 15.92 -23.95
CA GLN C 389 -1.22 16.50 -22.61
C GLN C 389 -2.63 16.51 -22.02
N GLU C 390 -3.67 16.16 -22.78
CA GLU C 390 -5.04 16.14 -22.29
C GLU C 390 -5.62 14.74 -22.24
N SER C 391 -5.53 13.98 -23.33
CA SER C 391 -6.14 12.65 -23.37
C SER C 391 -5.25 11.59 -22.72
N GLY C 392 -4.05 11.39 -23.28
CA GLY C 392 -3.18 10.35 -22.78
C GLY C 392 -2.54 9.56 -23.90
N ILE C 393 -1.51 8.78 -23.58
CA ILE C 393 -0.74 8.00 -24.57
C ILE C 393 -1.57 6.85 -25.16
N ASP C 394 -2.42 6.21 -24.37
CA ASP C 394 -3.18 5.05 -24.80
C ASP C 394 -4.64 5.38 -25.03
N GLU C 395 -4.92 6.58 -25.57
CA GLU C 395 -6.29 7.06 -25.76
C GLU C 395 -6.63 7.42 -27.20
N PHE C 396 -5.76 7.09 -28.17
CA PHE C 396 -6.03 7.42 -29.56
C PHE C 396 -7.13 6.56 -30.16
N ASP C 397 -7.14 5.26 -29.81
CA ASP C 397 -8.23 4.34 -30.18
C ASP C 397 -9.57 4.73 -29.56
N ASP C 398 -9.53 5.32 -28.35
CA ASP C 398 -10.72 5.88 -27.70
C ASP C 398 -11.27 7.07 -28.47
N CYS C 399 -10.38 7.91 -29.02
CA CYS C 399 -10.74 9.04 -29.89
C CYS C 399 -11.39 8.56 -31.18
N ILE C 400 -10.85 7.46 -31.77
CA ILE C 400 -11.41 6.81 -32.96
C ILE C 400 -12.80 6.26 -32.68
N LEU C 401 -13.00 5.65 -31.48
CA LEU C 401 -14.30 5.12 -31.05
C LEU C 401 -15.34 6.23 -30.79
N LYS C 402 -14.89 7.38 -30.24
CA LYS C 402 -15.76 8.56 -30.05
C LYS C 402 -16.20 9.14 -31.40
N ALA C 403 -15.27 9.17 -32.36
CA ALA C 403 -15.59 9.58 -33.74
C ALA C 403 -16.60 8.63 -34.39
N ILE C 404 -16.46 7.31 -34.13
CA ILE C 404 -17.39 6.29 -34.64
C ILE C 404 -18.79 6.48 -34.06
N PHE C 405 -18.87 6.70 -32.72
CA PHE C 405 -20.13 6.93 -32.01
C PHE C 405 -20.79 8.26 -32.39
N SER C 406 -19.99 9.27 -32.73
CA SER C 406 -20.54 10.54 -33.20
C SER C 406 -21.06 10.49 -34.63
N SER C 407 -20.72 9.47 -35.42
CA SER C 407 -21.13 9.35 -36.82
C SER C 407 -22.58 8.86 -36.91
N GLN C 408 -23.09 8.78 -38.14
CA GLN C 408 -24.45 8.33 -38.38
C GLN C 408 -24.44 6.82 -38.59
N GLY C 409 -25.15 6.11 -37.72
CA GLY C 409 -25.23 4.67 -37.82
C GLY C 409 -26.22 4.13 -36.81
N LYS C 410 -26.57 2.85 -37.01
CA LYS C 410 -27.52 2.18 -36.13
C LYS C 410 -26.86 1.86 -34.78
N LEU C 411 -27.72 1.76 -33.75
CA LEU C 411 -27.32 1.54 -32.36
C LEU C 411 -26.61 0.19 -32.14
N GLY C 412 -27.12 -0.86 -32.82
CA GLY C 412 -26.52 -2.20 -32.76
C GLY C 412 -25.10 -2.27 -33.32
N ASN C 413 -24.88 -1.57 -34.45
CA ASN C 413 -23.57 -1.44 -35.08
C ASN C 413 -22.59 -0.70 -34.19
N LYS C 414 -23.07 0.37 -33.51
CA LYS C 414 -22.27 1.16 -32.58
C LYS C 414 -21.88 0.36 -31.34
N LEU C 415 -22.81 -0.47 -30.84
CA LEU C 415 -22.54 -1.41 -29.75
C LEU C 415 -21.52 -2.47 -30.15
N LYS C 416 -21.58 -2.95 -31.41
CA LYS C 416 -20.59 -3.88 -31.97
C LYS C 416 -19.19 -3.26 -32.03
N GLN C 417 -19.11 -1.98 -32.47
CA GLN C 417 -17.84 -1.22 -32.50
C GLN C 417 -17.28 -0.99 -31.11
N ALA C 418 -18.15 -0.68 -30.13
CA ALA C 418 -17.76 -0.56 -28.72
C ALA C 418 -17.24 -1.90 -28.17
N MET C 419 -17.81 -2.99 -28.67
CA MET C 419 -17.38 -4.34 -28.24
C MET C 419 -15.98 -4.60 -28.81
N TYR C 420 -15.77 -4.24 -30.09
CA TYR C 420 -14.46 -4.47 -30.72
C TYR C 420 -13.31 -3.78 -29.99
N PHE C 421 -13.51 -2.52 -29.55
CA PHE C 421 -12.45 -1.78 -28.86
C PHE C 421 -12.29 -2.11 -27.38
N ASP C 422 -13.13 -3.00 -26.82
CA ASP C 422 -13.16 -3.48 -25.42
C ASP C 422 -13.35 -2.33 -24.42
N GLN C 423 -14.41 -1.56 -24.65
CA GLN C 423 -14.81 -0.42 -23.83
C GLN C 423 -16.23 -0.69 -23.31
N LEU C 424 -16.29 -1.37 -22.16
CA LEU C 424 -17.55 -1.78 -21.54
C LEU C 424 -18.35 -0.59 -21.00
N ASP C 425 -17.65 0.42 -20.45
CA ASP C 425 -18.25 1.63 -19.88
C ASP C 425 -18.98 2.48 -20.92
N VAL C 426 -18.40 2.57 -22.14
CA VAL C 426 -18.95 3.29 -23.29
C VAL C 426 -20.26 2.64 -23.73
N ALA C 427 -20.27 1.29 -23.79
CA ALA C 427 -21.44 0.48 -24.13
C ALA C 427 -22.55 0.63 -23.08
N LYS C 428 -22.18 0.63 -21.79
CA LYS C 428 -23.12 0.83 -20.67
C LYS C 428 -23.79 2.20 -20.72
N ARG C 429 -22.98 3.25 -20.97
CA ARG C 429 -23.47 4.63 -21.11
C ARG C 429 -24.39 4.78 -22.33
N ALA C 430 -24.02 4.14 -23.46
CA ALA C 430 -24.82 4.15 -24.68
C ALA C 430 -26.17 3.45 -24.49
N LEU C 431 -26.17 2.29 -23.79
CA LEU C 431 -27.39 1.54 -23.48
C LEU C 431 -28.29 2.32 -22.52
N SER C 432 -27.71 2.95 -21.49
CA SER C 432 -28.45 3.78 -20.53
C SER C 432 -29.07 5.01 -21.18
N GLU C 433 -28.30 5.69 -22.06
CA GLU C 433 -28.78 6.85 -22.81
C GLU C 433 -29.89 6.47 -23.79
N ALA C 434 -29.74 5.34 -24.49
CA ALA C 434 -30.77 4.81 -25.39
C ALA C 434 -32.04 4.41 -24.65
N SER C 435 -31.87 3.80 -23.46
CA SER C 435 -32.96 3.42 -22.57
C SER C 435 -33.72 4.65 -22.04
N LYS C 436 -33.00 5.72 -21.72
CA LYS C 436 -33.64 6.93 -21.20
C LYS C 436 -34.37 7.70 -22.29
N ASN C 437 -33.85 7.70 -23.52
CA ASN C 437 -34.43 8.49 -24.61
C ASN C 437 -35.56 7.79 -25.38
N GLY C 438 -36.15 6.72 -24.83
CA GLY C 438 -37.28 6.04 -25.47
C GLY C 438 -36.95 5.20 -26.69
N GLN C 439 -35.69 4.78 -26.84
CA GLN C 439 -35.27 3.94 -27.95
C GLN C 439 -35.17 2.47 -27.57
N HIS C 440 -36.07 1.99 -26.68
CA HIS C 440 -36.07 0.63 -26.10
C HIS C 440 -36.33 -0.46 -27.14
N ASN C 441 -37.11 -0.12 -28.19
CA ASN C 441 -37.48 -1.03 -29.28
C ASN C 441 -36.23 -1.43 -30.07
N GLU C 442 -35.34 -0.45 -30.35
CA GLU C 442 -34.10 -0.70 -31.08
C GLU C 442 -33.13 -1.56 -30.28
N ILE C 443 -33.14 -1.40 -28.93
CA ILE C 443 -32.34 -2.19 -27.97
C ILE C 443 -32.74 -3.65 -28.02
N ALA C 444 -34.06 -3.91 -27.96
CA ALA C 444 -34.62 -5.26 -28.07
C ALA C 444 -34.41 -5.86 -29.46
N ALA C 445 -34.47 -5.02 -30.50
CA ALA C 445 -34.23 -5.48 -31.87
C ALA C 445 -32.77 -5.85 -32.13
N CYS C 446 -31.81 -5.23 -31.42
CA CYS C 446 -30.40 -5.47 -31.71
C CYS C 446 -29.68 -6.31 -30.66
N ILE C 447 -30.33 -6.60 -29.52
CA ILE C 447 -29.74 -7.32 -28.38
C ILE C 447 -29.31 -8.76 -28.74
N ASN C 448 -30.09 -9.46 -29.60
CA ASN C 448 -29.82 -10.82 -30.04
C ASN C 448 -28.53 -10.87 -30.89
N ASP C 449 -28.43 -9.97 -31.89
CA ASP C 449 -27.28 -9.87 -32.78
C ASP C 449 -26.03 -9.40 -32.04
N ASN C 450 -26.21 -8.50 -31.06
CA ASN C 450 -25.11 -8.01 -30.23
C ASN C 450 -24.57 -9.12 -29.31
N LEU C 451 -25.48 -9.94 -28.74
CA LEU C 451 -25.09 -11.10 -27.93
C LEU C 451 -24.34 -12.14 -28.75
N MET C 452 -24.81 -12.38 -30.00
CA MET C 452 -24.16 -13.28 -30.97
C MET C 452 -22.76 -12.81 -31.34
N ALA C 453 -22.63 -11.49 -31.60
CA ALA C 453 -21.37 -10.85 -31.94
C ALA C 453 -20.38 -10.88 -30.78
N ALA C 454 -20.89 -10.68 -29.55
CA ALA C 454 -20.11 -10.77 -28.32
C ALA C 454 -19.57 -12.18 -28.09
N MET C 455 -20.39 -13.21 -28.39
CA MET C 455 -19.95 -14.61 -28.30
C MET C 455 -18.86 -14.93 -29.32
N MET C 456 -19.00 -14.45 -30.58
CA MET C 456 -18.04 -14.73 -31.66
C MET C 456 -16.66 -14.10 -31.41
N HIS C 457 -16.61 -12.87 -30.90
CA HIS C 457 -15.37 -12.11 -30.79
C HIS C 457 -14.66 -12.23 -29.45
N ASN C 458 -15.13 -13.14 -28.57
CA ASN C 458 -14.56 -13.50 -27.24
C ASN C 458 -14.51 -12.30 -26.28
N LYS C 459 -15.70 -11.81 -25.95
CA LYS C 459 -15.88 -10.71 -24.98
C LYS C 459 -16.87 -11.12 -23.90
N PRO C 460 -16.41 -11.89 -22.87
CA PRO C 460 -17.33 -12.43 -21.82
C PRO C 460 -18.07 -11.39 -20.97
N HIS C 461 -17.44 -10.24 -20.68
CA HIS C 461 -18.05 -9.15 -19.92
C HIS C 461 -19.24 -8.57 -20.68
N PHE C 462 -19.08 -8.41 -22.00
CA PHE C 462 -20.16 -7.98 -22.89
C PHE C 462 -21.28 -9.01 -22.97
N VAL C 463 -20.94 -10.32 -22.91
CA VAL C 463 -21.91 -11.43 -22.87
C VAL C 463 -22.79 -11.32 -21.63
N GLU C 464 -22.15 -11.06 -20.45
CA GLU C 464 -22.86 -10.82 -19.17
C GLU C 464 -23.75 -9.58 -19.24
N LEU C 465 -23.22 -8.50 -19.85
CA LEU C 465 -23.93 -7.22 -20.02
C LEU C 465 -25.17 -7.36 -20.90
N TYR C 466 -25.04 -8.06 -22.05
CA TYR C 466 -26.18 -8.25 -22.97
C TYR C 466 -27.21 -9.23 -22.39
N LEU C 467 -26.75 -10.29 -21.71
CA LEU C 467 -27.65 -11.24 -21.04
C LEU C 467 -28.42 -10.61 -19.88
N GLY C 468 -27.84 -9.61 -19.19
CA GLY C 468 -28.52 -8.94 -18.10
C GLY C 468 -29.71 -8.07 -18.50
N PHE C 469 -29.75 -7.59 -19.75
CA PHE C 469 -30.85 -6.73 -20.21
C PHE C 469 -31.94 -7.53 -20.94
N ASP C 470 -32.46 -8.55 -20.22
CA ASP C 470 -33.65 -9.38 -20.55
C ASP C 470 -33.56 -10.07 -21.93
N ALA C 471 -32.37 -10.53 -22.28
CA ALA C 471 -32.12 -11.26 -23.51
C ALA C 471 -32.07 -12.75 -23.19
N LYS C 472 -33.11 -13.48 -23.61
CA LYS C 472 -33.21 -14.91 -23.37
C LYS C 472 -32.16 -15.67 -24.17
N ILE C 473 -31.45 -16.57 -23.48
CA ILE C 473 -30.33 -17.35 -24.02
C ILE C 473 -30.80 -18.34 -25.09
N TYR C 474 -31.98 -18.92 -24.93
CA TYR C 474 -32.52 -19.91 -25.86
C TYR C 474 -33.32 -19.29 -27.01
N GLU C 475 -33.25 -17.97 -27.19
CA GLU C 475 -33.91 -17.26 -28.28
C GLU C 475 -32.92 -16.72 -29.31
N LEU C 476 -31.68 -17.25 -29.33
CA LEU C 476 -30.68 -16.87 -30.32
C LEU C 476 -31.10 -17.30 -31.73
N LYS C 477 -30.70 -16.52 -32.73
CA LYS C 477 -31.04 -16.79 -34.12
C LYS C 477 -29.80 -16.72 -35.00
N PRO C 478 -29.64 -17.65 -35.96
CA PRO C 478 -28.49 -17.57 -36.89
C PRO C 478 -28.60 -16.40 -37.86
N SER C 479 -27.43 -15.90 -38.28
CA SER C 479 -27.35 -14.80 -39.24
C SER C 479 -27.87 -15.20 -40.63
N GLU C 480 -27.53 -16.39 -41.09
CA GLU C 480 -27.96 -16.89 -42.39
C GLU C 480 -29.18 -17.80 -42.23
N GLU C 481 -29.72 -18.25 -43.37
CA GLU C 481 -30.87 -19.13 -43.41
C GLU C 481 -30.42 -20.53 -43.78
N VAL C 482 -30.85 -21.51 -42.99
CA VAL C 482 -30.46 -22.90 -43.20
C VAL C 482 -31.30 -23.54 -44.31
N ALA C 483 -30.63 -24.33 -45.15
CA ALA C 483 -31.31 -25.12 -46.16
C ALA C 483 -32.05 -26.29 -45.51
N LYS C 484 -33.13 -26.73 -46.15
CA LYS C 484 -33.93 -27.87 -45.69
C LYS C 484 -33.16 -29.18 -45.77
N THR C 485 -33.35 -30.03 -44.77
CA THR C 485 -32.63 -31.30 -44.66
C THR C 485 -33.63 -32.45 -44.56
N ASN C 486 -33.33 -33.56 -45.26
CA ASN C 486 -34.15 -34.77 -45.24
C ASN C 486 -34.15 -35.48 -43.89
N ILE C 487 -33.11 -35.30 -43.07
CA ILE C 487 -33.01 -35.91 -41.74
C ILE C 487 -34.00 -35.26 -40.79
N THR C 488 -34.78 -36.09 -40.08
CA THR C 488 -35.79 -35.58 -39.16
C THR C 488 -35.16 -35.06 -37.85
N ALA C 489 -34.00 -35.60 -37.44
CA ALA C 489 -33.30 -35.14 -36.25
C ALA C 489 -32.75 -33.73 -36.42
N LEU C 490 -32.20 -33.43 -37.60
CA LEU C 490 -31.65 -32.11 -37.91
C LEU C 490 -32.76 -31.07 -38.05
N ASP C 491 -33.91 -31.47 -38.60
CA ASP C 491 -35.03 -30.56 -38.78
C ASP C 491 -35.75 -30.24 -37.48
N GLU C 492 -35.64 -31.11 -36.46
CA GLU C 492 -36.25 -30.90 -35.15
C GLU C 492 -35.54 -29.81 -34.32
N LEU C 493 -34.28 -29.46 -34.70
CA LEU C 493 -33.39 -28.56 -33.97
C LEU C 493 -33.90 -27.12 -33.94
N PRO C 494 -33.85 -26.44 -32.77
CA PRO C 494 -34.26 -25.02 -32.71
C PRO C 494 -33.26 -24.05 -33.31
N SER C 495 -33.60 -22.74 -33.27
CA SER C 495 -32.82 -21.67 -33.87
C SER C 495 -31.47 -21.46 -33.17
N PHE C 496 -31.45 -21.57 -31.83
CA PHE C 496 -30.22 -21.37 -31.04
C PHE C 496 -29.19 -22.48 -31.29
N ALA C 497 -29.64 -23.70 -31.62
CA ALA C 497 -28.75 -24.79 -32.05
C ALA C 497 -28.01 -24.45 -33.34
N LEU C 498 -28.71 -23.84 -34.29
CA LEU C 498 -28.14 -23.32 -35.53
C LEU C 498 -27.20 -22.15 -35.25
N ALA C 499 -27.52 -21.33 -34.23
CA ALA C 499 -26.64 -20.24 -33.80
C ALA C 499 -25.31 -20.73 -33.22
N ILE C 500 -25.34 -21.80 -32.38
CA ILE C 500 -24.13 -22.46 -31.83
C ILE C 500 -23.31 -23.10 -32.96
N GLU C 501 -24.01 -23.67 -33.97
CA GLU C 501 -23.42 -24.21 -35.20
C GLU C 501 -22.70 -23.13 -36.01
N GLU C 502 -23.28 -21.91 -36.06
CA GLU C 502 -22.65 -20.74 -36.70
C GLU C 502 -21.38 -20.28 -35.97
N LEU C 503 -21.35 -20.44 -34.64
CA LEU C 503 -20.19 -20.06 -33.77
C LEU C 503 -19.07 -21.07 -33.98
N TYR C 504 -19.41 -22.33 -34.19
CA TYR C 504 -18.48 -23.40 -34.56
C TYR C 504 -17.90 -23.20 -35.98
N LYS C 505 -18.77 -22.82 -36.93
CA LYS C 505 -18.39 -22.55 -38.32
C LYS C 505 -17.40 -21.38 -38.44
N ARG C 506 -17.68 -20.27 -37.71
CA ARG C 506 -16.80 -19.09 -37.73
C ARG C 506 -15.43 -19.42 -37.13
N GLU C 507 -15.40 -20.20 -36.03
CA GLU C 507 -14.14 -20.62 -35.42
C GLU C 507 -13.39 -21.63 -36.31
N ALA C 508 -14.13 -22.48 -37.02
CA ALA C 508 -13.56 -23.56 -37.83
C ALA C 508 -12.88 -23.06 -39.11
N LYS C 509 -13.39 -21.97 -39.72
CA LYS C 509 -12.88 -21.43 -40.98
C LYS C 509 -11.48 -20.79 -40.89
N LYS C 510 -10.97 -20.50 -39.68
CA LYS C 510 -9.65 -19.97 -39.44
C LYS C 510 -8.58 -21.01 -39.80
N PRO C 511 -7.39 -20.58 -40.32
CA PRO C 511 -6.32 -21.56 -40.65
C PRO C 511 -5.75 -22.27 -39.43
N HIS C 512 -5.49 -23.59 -39.62
CA HIS C 512 -4.92 -24.55 -38.65
C HIS C 512 -5.70 -24.61 -37.34
N SER C 513 -7.03 -24.53 -37.46
CA SER C 513 -7.94 -24.57 -36.33
C SER C 513 -8.17 -26.00 -35.89
N HIS C 514 -8.01 -26.24 -34.58
CA HIS C 514 -8.14 -27.56 -33.96
C HIS C 514 -9.57 -28.10 -33.95
N VAL C 515 -10.59 -27.23 -34.08
CA VAL C 515 -12.00 -27.63 -34.14
C VAL C 515 -12.27 -28.44 -35.40
N GLN C 516 -11.76 -27.96 -36.56
CA GLN C 516 -11.87 -28.62 -37.87
C GLN C 516 -11.11 -29.95 -37.89
N ARG C 517 -9.92 -29.97 -37.28
CA ARG C 517 -9.08 -31.17 -37.13
C ARG C 517 -9.75 -32.22 -36.26
N LEU C 518 -10.39 -31.80 -35.15
CA LEU C 518 -11.13 -32.68 -34.25
C LEU C 518 -12.34 -33.33 -34.92
N VAL C 519 -13.11 -32.52 -35.68
CA VAL C 519 -14.28 -32.98 -36.44
C VAL C 519 -13.87 -33.97 -37.56
N SER C 520 -12.79 -33.64 -38.29
CA SER C 520 -12.26 -34.50 -39.36
C SER C 520 -11.69 -35.82 -38.83
N LEU C 521 -10.92 -35.77 -37.72
CA LEU C 521 -10.34 -36.98 -37.15
C LEU C 521 -11.34 -37.80 -36.33
N SER C 522 -12.54 -37.26 -36.02
CA SER C 522 -13.57 -38.00 -35.30
C SER C 522 -14.10 -39.22 -36.07
N ASN C 523 -14.13 -39.13 -37.43
CA ASN C 523 -14.62 -40.13 -38.40
C ASN C 523 -16.07 -40.55 -38.15
N THR C 524 -16.97 -39.56 -38.17
CA THR C 524 -18.40 -39.77 -37.94
C THR C 524 -19.19 -39.08 -39.05
N ASP C 525 -20.48 -39.46 -39.15
CA ASP C 525 -21.41 -38.83 -40.10
C ASP C 525 -22.04 -37.58 -39.45
N VAL C 526 -23.10 -37.06 -40.10
CA VAL C 526 -23.81 -35.84 -39.66
C VAL C 526 -24.53 -35.98 -38.31
N LEU C 527 -24.91 -37.21 -37.91
CA LEU C 527 -25.59 -37.41 -36.64
C LEU C 527 -24.62 -37.83 -35.55
N GLY C 528 -23.32 -37.87 -35.85
CA GLY C 528 -22.28 -38.17 -34.88
C GLY C 528 -22.00 -39.63 -34.63
N ARG C 529 -22.75 -40.55 -35.24
CA ARG C 529 -22.53 -41.99 -35.07
C ARG C 529 -21.20 -42.45 -35.68
N HIS C 530 -20.51 -43.35 -34.98
CA HIS C 530 -19.17 -43.83 -35.38
C HIS C 530 -19.28 -44.86 -36.53
N TYR C 531 -19.58 -44.35 -37.73
CA TYR C 531 -19.70 -45.20 -38.92
C TYR C 531 -18.84 -44.75 -40.09
N ARG C 532 -18.20 -43.58 -40.01
CA ARG C 532 -17.31 -42.92 -41.00
C ARG C 532 -17.95 -42.70 -42.38
N GLY C 546 -23.83 -38.14 -50.28
CA GLY C 546 -24.13 -37.33 -49.11
C GLY C 546 -22.95 -36.51 -48.63
N ARG C 547 -22.04 -36.20 -49.56
CA ARG C 547 -20.85 -35.41 -49.29
C ARG C 547 -21.19 -33.96 -48.92
N ASP C 548 -22.19 -33.39 -49.63
CA ASP C 548 -22.67 -32.01 -49.44
C ASP C 548 -23.25 -31.81 -48.03
N LEU C 549 -24.05 -32.77 -47.57
CA LEU C 549 -24.59 -32.77 -46.22
C LEU C 549 -23.48 -32.97 -45.18
N ALA C 550 -22.45 -33.75 -45.53
CA ALA C 550 -21.35 -34.00 -44.61
C ALA C 550 -20.38 -32.82 -44.49
N ASN C 551 -20.39 -31.87 -45.43
CA ASN C 551 -19.50 -30.71 -45.30
C ASN C 551 -20.22 -29.40 -44.95
N THR C 552 -21.42 -29.14 -45.51
CA THR C 552 -22.14 -27.90 -45.20
C THR C 552 -22.70 -27.84 -43.78
N ARG C 553 -23.04 -28.98 -43.19
CA ARG C 553 -23.57 -29.04 -41.83
C ARG C 553 -22.73 -29.96 -40.96
N ALA C 554 -21.40 -29.87 -41.11
CA ALA C 554 -20.45 -30.67 -40.37
C ALA C 554 -20.28 -30.27 -38.91
N TYR C 555 -20.80 -29.12 -38.49
CA TYR C 555 -20.61 -28.64 -37.13
C TYR C 555 -21.92 -28.48 -36.38
N ASN C 556 -22.92 -29.32 -36.67
CA ASN C 556 -24.17 -29.37 -35.92
C ASN C 556 -23.92 -29.88 -34.50
N VAL C 557 -24.82 -29.48 -33.59
CA VAL C 557 -24.68 -29.68 -32.13
C VAL C 557 -24.75 -31.15 -31.70
N LEU C 558 -25.52 -31.99 -32.42
CA LEU C 558 -25.68 -33.41 -32.12
C LEU C 558 -24.36 -34.16 -32.37
N ARG C 559 -23.72 -33.84 -33.50
CA ARG C 559 -22.42 -34.42 -33.88
C ARG C 559 -21.33 -34.03 -32.89
N MET C 560 -21.32 -32.74 -32.47
CA MET C 560 -20.39 -32.21 -31.47
C MET C 560 -20.59 -32.84 -30.09
N ASP C 561 -21.88 -33.10 -29.74
CA ASP C 561 -22.27 -33.82 -28.51
C ASP C 561 -21.70 -35.24 -28.50
N GLN C 562 -21.78 -35.92 -29.66
CA GLN C 562 -21.19 -37.25 -29.84
C GLN C 562 -19.66 -37.25 -29.72
N ILE C 563 -18.99 -36.23 -30.31
CA ILE C 563 -17.52 -36.08 -30.26
C ILE C 563 -17.04 -35.86 -28.82
N PHE C 564 -17.74 -34.95 -28.07
CA PHE C 564 -17.46 -34.69 -26.65
C PHE C 564 -17.75 -35.91 -25.78
N ALA C 565 -18.81 -36.66 -26.15
CA ALA C 565 -19.19 -37.91 -25.51
C ALA C 565 -18.10 -38.97 -25.61
N ARG C 566 -17.51 -39.12 -26.81
CA ARG C 566 -16.34 -39.99 -26.98
C ARG C 566 -15.11 -39.48 -26.22
N LEU C 567 -14.96 -38.14 -26.09
CA LEU C 567 -13.87 -37.57 -25.29
C LEU C 567 -13.98 -37.88 -23.79
N VAL C 568 -15.20 -37.92 -23.21
CA VAL C 568 -15.33 -38.17 -21.77
C VAL C 568 -15.01 -39.62 -21.40
N SER C 569 -15.80 -40.58 -21.89
CA SER C 569 -15.65 -41.99 -21.57
C SER C 569 -16.40 -42.81 -22.62
N LYS C 570 -16.49 -44.11 -22.38
CA LYS C 570 -17.14 -45.03 -23.31
C LYS C 570 -18.65 -45.08 -23.14
N ASP C 571 -19.21 -44.47 -22.09
CA ASP C 571 -20.65 -44.57 -21.84
C ASP C 571 -21.30 -43.20 -21.58
N PHE C 572 -20.71 -42.12 -22.09
CA PHE C 572 -21.38 -40.83 -22.09
C PHE C 572 -22.47 -40.81 -23.15
N SER C 573 -23.69 -40.44 -22.75
CA SER C 573 -24.79 -40.30 -23.72
C SER C 573 -25.70 -39.22 -23.14
N VAL C 574 -25.46 -37.98 -23.57
CA VAL C 574 -26.23 -36.81 -23.12
C VAL C 574 -27.62 -36.80 -23.75
N ASN C 575 -28.64 -36.67 -22.91
CA ASN C 575 -30.02 -36.74 -23.34
C ASN C 575 -30.54 -35.33 -23.61
N ARG C 576 -30.90 -35.08 -24.85
CA ARG C 576 -31.44 -33.79 -25.28
C ARG C 576 -32.93 -33.91 -25.51
N ASP C 577 -33.65 -32.83 -25.21
CA ASP C 577 -35.10 -32.80 -25.41
C ASP C 577 -35.38 -31.43 -26.03
N PHE C 578 -35.38 -31.38 -27.36
CA PHE C 578 -35.64 -30.15 -28.10
C PHE C 578 -37.12 -29.88 -28.31
N THR C 579 -38.01 -30.78 -27.87
CA THR C 579 -39.45 -30.58 -28.00
C THR C 579 -40.00 -29.53 -27.04
N ILE C 580 -39.31 -29.25 -25.93
CA ILE C 580 -39.76 -28.28 -24.93
C ILE C 580 -39.70 -26.82 -25.37
N TYR C 581 -39.02 -26.49 -26.47
CA TYR C 581 -38.89 -25.13 -26.97
C TYR C 581 -40.06 -24.72 -27.87
N ASP C 582 -41.00 -25.62 -28.12
CA ASP C 582 -42.21 -25.32 -28.88
C ASP C 582 -43.15 -24.47 -28.03
N SER C 583 -44.00 -23.68 -28.70
CA SER C 583 -44.95 -22.78 -28.04
C SER C 583 -46.06 -23.49 -27.26
N LYS C 584 -46.34 -24.77 -27.51
CA LYS C 584 -47.36 -25.56 -26.82
C LYS C 584 -47.03 -25.89 -25.36
N TYR C 585 -45.78 -25.72 -24.93
CA TYR C 585 -45.31 -26.05 -23.59
C TYR C 585 -45.15 -24.82 -22.70
N ASP C 586 -45.66 -23.66 -23.12
CA ASP C 586 -45.51 -22.40 -22.39
C ASP C 586 -46.26 -22.39 -21.05
N LYS C 587 -47.36 -23.16 -20.93
CA LYS C 587 -48.15 -23.20 -19.70
C LYS C 587 -47.48 -23.97 -18.56
N VAL C 588 -46.47 -24.79 -18.84
CA VAL C 588 -45.70 -25.57 -17.86
C VAL C 588 -44.93 -24.62 -16.94
N PRO C 589 -44.98 -24.79 -15.58
CA PRO C 589 -44.36 -23.80 -14.66
C PRO C 589 -42.84 -23.64 -14.68
N GLY C 590 -42.10 -24.73 -14.48
CA GLY C 590 -40.67 -24.66 -14.33
C GLY C 590 -39.84 -24.72 -15.59
N ILE C 591 -40.54 -24.80 -16.77
CA ILE C 591 -39.96 -25.01 -18.11
C ILE C 591 -38.97 -23.92 -18.50
N GLN C 592 -39.25 -22.65 -18.06
CA GLN C 592 -38.45 -21.44 -18.28
C GLN C 592 -37.05 -21.56 -17.69
N PHE C 593 -36.93 -22.28 -16.55
CA PHE C 593 -35.62 -22.61 -16.02
C PHE C 593 -34.91 -23.63 -16.91
N ARG C 594 -35.65 -24.74 -17.26
CA ARG C 594 -35.16 -25.90 -18.04
C ARG C 594 -34.68 -25.52 -19.43
N ARG C 595 -35.53 -24.76 -20.18
CA ARG C 595 -35.24 -24.15 -21.48
C ARG C 595 -33.98 -23.28 -21.45
N THR C 596 -33.79 -22.54 -20.34
CA THR C 596 -32.57 -21.78 -20.15
C THR C 596 -31.37 -22.71 -19.98
N ALA C 597 -31.50 -23.67 -19.02
CA ALA C 597 -30.42 -24.50 -18.44
C ALA C 597 -29.70 -25.36 -19.46
N GLN C 598 -30.49 -26.16 -20.22
CA GLN C 598 -30.12 -27.02 -21.35
C GLN C 598 -29.33 -26.26 -22.40
N ALA C 599 -29.90 -25.08 -22.80
CA ALA C 599 -29.34 -24.13 -23.77
C ALA C 599 -27.97 -23.67 -23.37
N SER C 600 -27.87 -23.27 -22.06
CA SER C 600 -26.68 -22.81 -21.34
C SER C 600 -25.57 -23.85 -21.44
N HIS C 601 -25.99 -25.12 -21.18
CA HIS C 601 -25.19 -26.35 -21.21
C HIS C 601 -24.46 -26.54 -22.53
N MET C 602 -25.24 -26.37 -23.63
CA MET C 602 -24.78 -26.53 -25.02
C MET C 602 -23.71 -25.51 -25.36
N LEU C 603 -23.98 -24.24 -24.96
CA LEU C 603 -23.05 -23.11 -25.08
C LEU C 603 -21.81 -23.31 -24.25
N PHE C 604 -21.96 -23.95 -23.08
CA PHE C 604 -20.83 -24.26 -22.17
C PHE C 604 -19.91 -25.26 -22.82
N LEU C 605 -20.49 -26.25 -23.46
CA LEU C 605 -19.71 -27.26 -24.19
C LEU C 605 -18.87 -26.62 -25.29
N TRP C 606 -19.48 -25.64 -26.01
CA TRP C 606 -18.84 -24.84 -27.05
C TRP C 606 -17.68 -24.05 -26.48
N ALA C 607 -17.93 -23.42 -25.31
CA ALA C 607 -16.93 -22.67 -24.56
C ALA C 607 -15.83 -23.56 -24.00
N ILE C 608 -16.06 -24.85 -23.85
CA ILE C 608 -14.98 -25.74 -23.37
C ILE C 608 -14.17 -26.09 -24.61
N CYS C 609 -14.84 -26.25 -25.72
CA CYS C 609 -14.15 -26.56 -26.99
C CYS C 609 -13.21 -25.46 -27.43
N LEU C 610 -13.58 -24.19 -27.27
CA LEU C 610 -12.71 -23.10 -27.78
C LEU C 610 -11.75 -22.67 -26.66
N ASP C 611 -11.87 -23.24 -25.46
CA ASP C 611 -11.02 -23.00 -24.27
C ASP C 611 -11.13 -21.53 -23.80
N ARG C 612 -12.36 -21.04 -23.79
CA ARG C 612 -12.68 -19.71 -23.28
C ARG C 612 -13.27 -19.92 -21.89
N PHE C 613 -12.40 -19.81 -20.86
CA PHE C 613 -12.71 -20.18 -19.47
C PHE C 613 -13.79 -19.31 -18.83
N ARG C 614 -13.79 -18.01 -19.14
CA ARG C 614 -14.68 -17.02 -18.52
C ARG C 614 -16.13 -17.21 -18.94
N MET C 615 -16.36 -17.40 -20.25
CA MET C 615 -17.70 -17.72 -20.76
C MET C 615 -18.17 -19.10 -20.30
N ALA C 616 -17.23 -20.07 -20.20
CA ALA C 616 -17.49 -21.42 -19.68
C ALA C 616 -17.98 -21.37 -18.24
N ARG C 617 -17.31 -20.55 -17.42
CA ARG C 617 -17.68 -20.33 -16.01
C ARG C 617 -19.03 -19.64 -15.91
N HIS C 618 -19.30 -18.67 -16.81
CA HIS C 618 -20.58 -17.95 -16.84
C HIS C 618 -21.76 -18.85 -17.25
N PHE C 619 -21.59 -19.66 -18.31
CA PHE C 619 -22.65 -20.60 -18.74
C PHE C 619 -22.80 -21.76 -17.76
N TRP C 620 -21.70 -22.14 -17.09
CA TRP C 620 -21.73 -23.12 -16.02
C TRP C 620 -22.53 -22.60 -14.82
N LEU C 621 -22.37 -21.31 -14.50
CA LEU C 621 -23.12 -20.67 -13.43
C LEU C 621 -24.61 -20.51 -13.76
N ILE C 622 -24.94 -20.18 -15.03
CA ILE C 622 -26.34 -20.01 -15.47
C ILE C 622 -27.13 -21.33 -15.41
N GLY C 623 -26.53 -22.42 -15.88
CA GLY C 623 -27.19 -23.70 -15.90
C GLY C 623 -27.19 -24.41 -14.55
N ASP C 624 -27.59 -25.67 -14.58
CA ASP C 624 -27.64 -26.49 -13.38
C ASP C 624 -26.65 -27.62 -13.56
N GLN C 625 -26.66 -28.54 -12.56
CA GLN C 625 -25.80 -29.73 -12.42
C GLN C 625 -24.31 -29.35 -12.47
N SER C 626 -23.95 -28.43 -11.55
CA SER C 626 -22.67 -27.70 -11.52
C SER C 626 -21.45 -28.59 -11.35
N ILE C 627 -21.53 -29.54 -10.40
CA ILE C 627 -20.42 -30.41 -10.00
C ILE C 627 -20.03 -31.36 -11.13
N ILE C 628 -21.04 -32.03 -11.71
CA ILE C 628 -20.89 -33.01 -12.79
C ILE C 628 -20.37 -32.35 -14.07
N ASN C 629 -20.88 -31.14 -14.37
CA ASN C 629 -20.45 -30.34 -15.55
C ASN C 629 -19.02 -29.85 -15.41
N ALA C 630 -18.60 -29.47 -14.18
CA ALA C 630 -17.22 -29.07 -13.92
C ALA C 630 -16.25 -30.26 -14.08
N LEU C 631 -16.64 -31.45 -13.59
CA LEU C 631 -15.85 -32.69 -13.78
C LEU C 631 -15.74 -33.09 -15.25
N VAL C 632 -16.86 -32.99 -16.00
CA VAL C 632 -16.96 -33.28 -17.43
C VAL C 632 -16.08 -32.31 -18.22
N ALA C 633 -16.12 -31.02 -17.82
CA ALA C 633 -15.32 -29.93 -18.40
C ALA C 633 -13.82 -30.14 -18.23
N SER C 634 -13.43 -30.57 -17.00
CA SER C 634 -12.06 -30.92 -16.66
C SER C 634 -11.56 -32.09 -17.50
N ARG C 635 -12.41 -33.13 -17.65
CA ARG C 635 -12.10 -34.31 -18.45
C ARG C 635 -11.94 -34.00 -19.94
N ILE C 636 -12.81 -33.16 -20.48
CA ILE C 636 -12.75 -32.81 -21.93
C ILE C 636 -11.51 -31.98 -22.20
N LEU C 637 -11.22 -30.98 -21.40
CA LEU C 637 -10.01 -30.15 -21.55
C LEU C 637 -8.72 -30.97 -21.39
N GLU C 638 -8.68 -31.90 -20.41
CA GLU C 638 -7.55 -32.80 -20.20
C GLU C 638 -7.34 -33.76 -21.38
N ARG C 639 -8.44 -34.33 -21.91
CA ARG C 639 -8.34 -35.23 -23.06
C ARG C 639 -8.00 -34.50 -24.35
N LEU C 640 -8.52 -33.28 -24.52
CA LEU C 640 -8.24 -32.45 -25.68
C LEU C 640 -6.79 -31.98 -25.70
N SER C 641 -6.22 -31.67 -24.51
CA SER C 641 -4.82 -31.21 -24.38
C SER C 641 -3.78 -32.26 -24.84
N THR C 642 -4.11 -33.55 -24.80
CA THR C 642 -3.25 -34.63 -25.28
C THR C 642 -3.81 -35.30 -26.53
N HIS C 643 -4.82 -34.69 -27.17
CA HIS C 643 -5.46 -35.26 -28.35
C HIS C 643 -4.60 -34.99 -29.60
N ARG C 644 -4.85 -35.77 -30.65
CA ARG C 644 -4.18 -35.65 -31.95
C ARG C 644 -4.49 -34.34 -32.67
N ALA C 645 -5.64 -33.71 -32.41
CA ALA C 645 -6.00 -32.48 -33.09
C ALA C 645 -5.28 -31.26 -32.53
N LEU C 646 -4.71 -31.36 -31.33
CA LEU C 646 -4.04 -30.23 -30.68
C LEU C 646 -2.52 -30.31 -30.75
N GLN C 647 -1.96 -31.36 -31.34
CA GLN C 647 -0.50 -31.42 -31.45
C GLN C 647 -0.07 -30.60 -32.65
N GLY C 648 1.01 -29.85 -32.46
CA GLY C 648 1.49 -28.96 -33.46
C GLY C 648 2.38 -27.90 -32.82
N PRO C 649 3.35 -27.34 -33.60
CA PRO C 649 4.28 -26.32 -33.06
C PRO C 649 3.65 -25.02 -32.56
N HIS C 650 2.56 -24.58 -33.17
CA HIS C 650 1.88 -23.33 -32.89
C HIS C 650 0.82 -23.44 -31.81
N LEU C 651 0.47 -24.65 -31.40
CA LEU C 651 -0.64 -24.91 -30.49
C LEU C 651 -0.25 -25.09 -29.02
N ALA C 652 1.05 -24.94 -28.69
CA ALA C 652 1.64 -25.23 -27.37
C ALA C 652 0.99 -24.47 -26.22
N GLU C 653 0.82 -23.16 -26.40
CA GLU C 653 0.24 -22.30 -25.33
C GLU C 653 -1.22 -22.68 -25.16
N GLU C 654 -1.92 -22.85 -26.26
CA GLU C 654 -3.31 -23.32 -26.27
C GLU C 654 -3.49 -24.56 -25.41
N ARG C 655 -2.63 -25.58 -25.63
CA ARG C 655 -2.55 -26.85 -24.87
C ARG C 655 -2.38 -26.62 -23.38
N ALA C 656 -1.38 -25.77 -23.03
CA ALA C 656 -1.04 -25.34 -21.67
C ALA C 656 -2.25 -24.72 -20.97
N LYS C 657 -2.91 -23.78 -21.70
CA LYS C 657 -4.13 -23.08 -21.29
C LYS C 657 -5.25 -24.08 -20.94
N MET C 658 -5.45 -25.10 -21.82
CA MET C 658 -6.43 -26.19 -21.62
C MET C 658 -6.22 -26.94 -20.31
N GLN C 659 -4.97 -27.39 -20.06
CA GLN C 659 -4.59 -28.08 -18.80
C GLN C 659 -4.86 -27.21 -17.56
N HIS C 660 -4.43 -25.93 -17.64
CA HIS C 660 -4.66 -24.89 -16.60
C HIS C 660 -6.16 -24.73 -16.28
N ASN C 661 -6.99 -24.53 -17.34
CA ASN C 661 -8.44 -24.38 -17.24
C ASN C 661 -9.11 -25.63 -16.64
N ALA C 662 -8.63 -26.83 -17.08
CA ALA C 662 -9.05 -28.15 -16.58
C ALA C 662 -8.87 -28.24 -15.07
N LYS C 663 -7.66 -27.86 -14.62
CA LYS C 663 -7.27 -27.82 -13.21
C LYS C 663 -8.19 -26.90 -12.41
N LYS C 664 -8.47 -25.70 -12.97
CA LYS C 664 -9.38 -24.69 -12.39
C LYS C 664 -10.80 -25.23 -12.19
N PHE C 665 -11.34 -25.90 -13.24
CA PHE C 665 -12.67 -26.52 -13.20
C PHE C 665 -12.75 -27.64 -12.17
N GLU C 666 -11.68 -28.46 -12.07
CA GLU C 666 -11.51 -29.49 -11.03
C GLU C 666 -11.63 -28.88 -9.62
N GLU C 667 -10.92 -27.74 -9.40
CA GLU C 667 -10.97 -26.95 -8.16
C GLU C 667 -12.39 -26.48 -7.83
N LEU C 668 -13.10 -25.96 -8.87
CA LEU C 668 -14.52 -25.56 -8.78
C LEU C 668 -15.41 -26.71 -8.30
N ALA C 669 -15.26 -27.90 -8.93
CA ALA C 669 -16.02 -29.13 -8.60
C ALA C 669 -15.81 -29.58 -7.15
N VAL C 670 -14.55 -29.45 -6.67
CA VAL C 670 -14.15 -29.74 -5.28
C VAL C 670 -14.77 -28.71 -4.35
N GLY C 671 -14.67 -27.42 -4.73
CA GLY C 671 -15.11 -26.28 -3.92
C GLY C 671 -16.60 -26.28 -3.62
N VAL C 672 -17.43 -26.41 -4.70
CA VAL C 672 -18.89 -26.54 -4.63
C VAL C 672 -19.29 -27.75 -3.76
N LEU C 673 -18.60 -28.92 -3.99
CA LEU C 673 -18.76 -30.18 -3.20
C LEU C 673 -18.53 -29.95 -1.70
N GLY C 674 -17.41 -29.26 -1.39
CA GLY C 674 -17.03 -28.86 -0.04
C GLY C 674 -18.07 -27.99 0.64
N GLU C 675 -18.59 -26.99 -0.11
CA GLU C 675 -19.67 -26.10 0.33
C GLU C 675 -20.95 -26.88 0.69
N CYS C 676 -21.32 -27.85 -0.19
CA CYS C 676 -22.46 -28.76 0.03
C CYS C 676 -22.28 -29.56 1.32
N HIS C 677 -21.08 -30.13 1.51
CA HIS C 677 -20.76 -30.89 2.72
C HIS C 677 -20.72 -30.02 3.97
N GLY C 678 -20.36 -28.74 3.82
CA GLY C 678 -20.40 -27.80 4.90
C GLY C 678 -21.82 -27.43 5.29
N SER C 679 -22.74 -27.37 4.32
CA SER C 679 -24.08 -26.88 4.63
C SER C 679 -24.94 -27.99 5.22
N ASP C 680 -25.01 -29.13 4.54
CA ASP C 680 -25.83 -30.26 4.96
C ASP C 680 -25.13 -31.48 4.38
N SER C 681 -24.43 -32.25 5.24
CA SER C 681 -23.66 -33.44 4.83
C SER C 681 -24.54 -34.56 4.28
N HIS C 682 -25.70 -34.79 4.91
CA HIS C 682 -26.65 -35.83 4.49
C HIS C 682 -27.26 -35.52 3.13
N MET C 683 -27.63 -34.26 2.89
CA MET C 683 -28.18 -33.81 1.61
C MET C 683 -27.12 -33.85 0.51
N ALA C 684 -25.85 -33.55 0.89
CA ALA C 684 -24.69 -33.69 0.01
C ALA C 684 -24.46 -35.14 -0.38
N SER C 685 -24.64 -36.06 0.58
CA SER C 685 -24.55 -37.50 0.35
C SER C 685 -25.65 -37.98 -0.61
N GLU C 686 -26.87 -37.45 -0.43
CA GLU C 686 -28.00 -37.72 -1.33
C GLU C 686 -27.71 -37.21 -2.74
N MET C 687 -27.09 -36.02 -2.82
CA MET C 687 -26.66 -35.43 -4.10
C MET C 687 -25.60 -36.28 -4.80
N LEU C 688 -24.60 -36.76 -4.04
CA LEU C 688 -23.56 -37.63 -4.58
C LEU C 688 -24.08 -39.02 -4.95
N HIS C 689 -25.16 -39.47 -4.30
CA HIS C 689 -25.76 -40.77 -4.58
C HIS C 689 -26.84 -40.72 -5.66
N SER C 690 -27.24 -39.52 -6.10
CA SER C 690 -28.33 -39.38 -7.06
C SER C 690 -27.91 -39.82 -8.45
N LYS C 691 -28.65 -40.74 -9.06
CA LYS C 691 -28.33 -41.16 -10.45
C LYS C 691 -28.81 -40.05 -11.36
N ASN C 692 -28.02 -39.68 -12.35
CA ASN C 692 -28.40 -38.50 -13.17
C ASN C 692 -28.98 -38.95 -14.50
N ASP C 693 -30.19 -38.50 -14.84
CA ASP C 693 -30.84 -39.00 -16.07
C ASP C 693 -29.99 -38.60 -17.25
N MET C 694 -29.59 -37.33 -17.30
CA MET C 694 -28.61 -36.93 -18.33
C MET C 694 -27.32 -37.55 -17.81
N PHE C 695 -26.36 -37.88 -18.66
CA PHE C 695 -25.14 -38.56 -18.16
C PHE C 695 -25.37 -40.06 -17.93
N ASN C 696 -26.46 -40.62 -18.46
CA ASN C 696 -26.68 -42.10 -18.42
C ASN C 696 -26.89 -42.72 -17.04
N LYS C 697 -27.57 -42.05 -16.12
CA LYS C 697 -27.92 -42.68 -14.82
C LYS C 697 -26.70 -43.15 -14.06
N LYS C 698 -25.56 -42.48 -14.20
CA LYS C 698 -24.39 -42.83 -13.37
C LYS C 698 -24.35 -41.85 -12.20
N ASN C 699 -24.00 -42.33 -11.00
CA ASN C 699 -23.85 -41.34 -9.90
C ASN C 699 -22.63 -40.46 -10.18
N ALA C 700 -22.56 -39.29 -9.54
CA ALA C 700 -21.47 -38.33 -9.74
C ALA C 700 -20.08 -38.87 -9.40
N ILE C 701 -20.00 -39.80 -8.44
CA ILE C 701 -18.72 -40.41 -8.03
C ILE C 701 -18.18 -41.29 -9.17
N ASN C 702 -19.09 -41.98 -9.88
CA ASN C 702 -18.79 -42.78 -11.07
C ASN C 702 -18.26 -41.88 -12.20
N ILE C 703 -18.87 -40.68 -12.33
CA ILE C 703 -18.46 -39.64 -13.29
C ILE C 703 -17.06 -39.18 -12.98
N ALA C 704 -16.78 -38.91 -11.67
CA ALA C 704 -15.50 -38.44 -11.15
C ALA C 704 -14.37 -39.44 -11.35
N TYR C 705 -14.67 -40.73 -11.10
CA TYR C 705 -13.73 -41.82 -11.35
C TYR C 705 -13.43 -41.96 -12.83
N ASP C 706 -14.48 -41.87 -13.67
CA ASP C 706 -14.34 -41.91 -15.12
C ASP C 706 -13.59 -40.69 -15.67
N ALA C 707 -13.72 -39.54 -14.99
CA ALA C 707 -12.99 -38.35 -15.39
C ALA C 707 -11.56 -38.28 -14.83
N LYS C 708 -11.17 -39.28 -14.02
CA LYS C 708 -9.85 -39.43 -13.35
C LYS C 708 -9.50 -38.22 -12.50
N SER C 709 -10.51 -37.70 -11.80
CA SER C 709 -10.35 -36.55 -10.91
C SER C 709 -9.94 -37.06 -9.55
N LEU C 710 -8.61 -37.11 -9.34
CA LEU C 710 -7.99 -37.59 -8.11
C LEU C 710 -8.31 -36.69 -6.92
N ALA C 711 -8.38 -35.36 -7.16
CA ALA C 711 -8.69 -34.36 -6.14
C ALA C 711 -10.10 -34.51 -5.58
N PHE C 712 -11.07 -34.81 -6.46
CA PHE C 712 -12.47 -35.01 -6.06
C PHE C 712 -12.61 -36.28 -5.22
N LEU C 713 -11.95 -37.37 -5.63
CA LEU C 713 -12.03 -38.65 -4.94
C LEU C 713 -11.34 -38.62 -3.58
N SER C 714 -10.30 -37.79 -3.42
CA SER C 714 -9.58 -37.69 -2.17
C SER C 714 -10.22 -36.73 -1.17
N HIS C 715 -11.30 -36.03 -1.56
CA HIS C 715 -12.00 -35.09 -0.71
C HIS C 715 -12.71 -35.83 0.42
N PRO C 716 -12.77 -35.26 1.66
CA PRO C 716 -13.45 -35.93 2.81
C PRO C 716 -14.93 -36.25 2.65
N ALA C 717 -15.68 -35.42 1.91
CA ALA C 717 -17.11 -35.65 1.64
C ALA C 717 -17.35 -36.90 0.81
N THR C 718 -16.57 -37.04 -0.30
CA THR C 718 -16.62 -38.19 -1.19
C THR C 718 -16.22 -39.47 -0.48
N GLN C 719 -15.16 -39.40 0.36
CA GLN C 719 -14.64 -40.51 1.16
C GLN C 719 -15.64 -40.96 2.22
N SER C 720 -16.35 -39.98 2.82
CA SER C 720 -17.42 -40.25 3.79
C SER C 720 -18.59 -41.00 3.15
N VAL C 721 -18.98 -40.61 1.92
CA VAL C 721 -20.03 -41.30 1.15
C VAL C 721 -19.60 -42.74 0.79
N ILE C 722 -18.32 -42.92 0.39
CA ILE C 722 -17.72 -44.24 0.03
C ILE C 722 -17.66 -45.16 1.26
N ASN C 723 -17.32 -44.60 2.45
CA ASN C 723 -17.31 -45.34 3.71
C ASN C 723 -18.74 -45.74 4.14
N ALA C 724 -19.71 -44.82 3.95
CA ALA C 724 -21.12 -45.12 4.19
C ALA C 724 -21.63 -46.23 3.26
N ASP C 725 -21.19 -46.23 2.00
CA ASP C 725 -21.47 -47.31 1.06
C ASP C 725 -20.81 -48.62 1.47
N TRP C 726 -19.57 -48.54 2.00
CA TRP C 726 -18.83 -49.69 2.53
C TRP C 726 -19.57 -50.40 3.64
N TYR C 727 -20.07 -49.64 4.63
CA TYR C 727 -20.71 -50.29 5.76
C TYR C 727 -22.17 -50.66 5.52
N GLY C 728 -22.77 -50.21 4.39
CA GLY C 728 -24.16 -50.53 4.02
C GLY C 728 -25.17 -50.01 5.03
N HIS C 729 -26.12 -50.85 5.42
CA HIS C 729 -27.12 -50.50 6.43
C HIS C 729 -26.67 -50.83 7.87
N LEU C 730 -25.40 -50.56 8.11
CA LEU C 730 -24.85 -50.82 9.45
C LEU C 730 -24.35 -49.48 9.98
N LYS C 731 -24.07 -49.41 11.26
CA LYS C 731 -23.58 -48.16 11.88
C LYS C 731 -22.13 -47.96 11.46
N SER C 732 -21.63 -46.72 11.53
CA SER C 732 -20.24 -46.47 11.19
C SER C 732 -19.24 -46.75 12.32
N VAL C 733 -19.68 -46.92 13.58
CA VAL C 733 -18.78 -47.18 14.71
C VAL C 733 -18.36 -48.63 14.84
N THR C 734 -18.83 -49.53 13.98
CA THR C 734 -18.48 -50.95 13.98
C THR C 734 -17.02 -51.18 13.62
N SER C 735 -16.36 -52.03 14.40
CA SER C 735 -14.95 -52.34 14.23
C SER C 735 -14.83 -53.65 13.44
N PHE C 736 -13.57 -53.98 13.09
CA PHE C 736 -13.21 -55.21 12.36
C PHE C 736 -13.60 -56.47 13.13
N TRP C 737 -13.30 -56.46 14.44
CA TRP C 737 -13.55 -57.60 15.34
C TRP C 737 -15.04 -57.86 15.56
N ALA C 738 -15.84 -56.78 15.67
CA ALA C 738 -17.30 -56.87 15.86
C ALA C 738 -18.00 -57.51 14.66
N VAL C 739 -17.66 -57.05 13.44
CA VAL C 739 -18.23 -57.58 12.19
C VAL C 739 -17.74 -59.02 11.95
N LEU C 740 -16.46 -59.30 12.29
CA LEU C 740 -15.88 -60.64 12.19
C LEU C 740 -16.54 -61.63 13.16
N PHE C 741 -16.80 -61.17 14.40
CA PHE C 741 -17.48 -61.96 15.43
C PHE C 741 -18.94 -62.23 15.04
N ALA C 742 -19.62 -61.20 14.50
CA ALA C 742 -20.98 -61.33 13.99
C ALA C 742 -21.06 -62.28 12.80
N PHE C 743 -20.01 -62.26 11.95
CA PHE C 743 -19.88 -63.21 10.84
C PHE C 743 -19.72 -64.64 11.36
N PHE C 744 -18.96 -64.82 12.45
CA PHE C 744 -18.73 -66.17 12.95
C PHE C 744 -19.88 -66.65 13.82
N PHE C 745 -20.57 -65.73 14.50
CA PHE C 745 -21.69 -66.02 15.38
C PHE C 745 -22.90 -65.24 14.91
N PRO C 746 -23.65 -65.74 13.91
CA PRO C 746 -24.81 -64.98 13.36
C PRO C 746 -25.99 -64.84 14.30
N PHE C 747 -26.35 -65.91 15.01
CA PHE C 747 -27.53 -65.93 15.87
C PHE C 747 -27.26 -65.39 17.28
N PHE C 748 -26.04 -64.98 17.58
CA PHE C 748 -25.68 -64.48 18.90
C PHE C 748 -25.22 -63.03 18.94
N VAL C 749 -25.00 -62.38 17.80
CA VAL C 749 -24.49 -61.02 17.79
C VAL C 749 -25.40 -60.06 17.06
N LEU C 750 -26.18 -60.60 16.08
CA LEU C 750 -27.12 -59.78 15.32
C LEU C 750 -28.29 -59.14 16.12
N PRO C 751 -29.01 -59.80 17.07
CA PRO C 751 -30.07 -59.10 17.80
C PRO C 751 -29.50 -57.98 18.67
N PHE C 752 -28.31 -58.16 19.24
CA PHE C 752 -27.66 -57.23 20.14
C PHE C 752 -26.81 -56.19 19.41
N ILE C 753 -27.20 -55.82 18.19
CA ILE C 753 -26.48 -54.86 17.37
C ILE C 753 -27.47 -53.80 16.88
N ASN C 754 -26.91 -52.65 16.51
CA ASN C 754 -27.66 -51.51 16.02
C ASN C 754 -27.52 -51.40 14.51
N PHE C 755 -28.64 -51.25 13.82
CA PHE C 755 -28.68 -51.23 12.37
C PHE C 755 -29.12 -49.86 11.89
N SER C 756 -28.15 -49.01 11.56
CA SER C 756 -28.43 -47.65 11.09
C SER C 756 -28.94 -47.66 9.65
N GLY C 787 -38.39 -63.15 14.82
CA GLY C 787 -39.52 -62.80 13.98
C GLY C 787 -39.17 -62.71 12.50
N ALA C 788 -40.19 -62.90 11.65
CA ALA C 788 -40.03 -62.84 10.20
C ALA C 788 -39.64 -61.45 9.72
N HIS C 789 -40.24 -60.41 10.31
CA HIS C 789 -39.94 -59.03 9.92
C HIS C 789 -38.60 -58.52 10.45
N ARG C 790 -38.03 -59.16 11.48
CA ARG C 790 -36.80 -58.68 12.10
C ARG C 790 -35.55 -59.43 11.67
N LEU C 791 -35.53 -60.76 11.88
CA LEU C 791 -34.36 -61.64 11.64
C LEU C 791 -33.98 -61.71 10.17
N ARG C 792 -34.98 -61.87 9.28
CA ARG C 792 -34.79 -61.96 7.83
C ARG C 792 -34.25 -60.64 7.28
N ARG C 793 -34.78 -59.52 7.80
CA ARG C 793 -34.33 -58.17 7.44
C ARG C 793 -32.87 -57.92 7.84
N LYS C 794 -32.49 -58.33 9.08
CA LYS C 794 -31.10 -58.18 9.57
C LYS C 794 -30.12 -59.06 8.78
N PHE C 795 -30.54 -60.30 8.45
CA PHE C 795 -29.73 -61.22 7.64
C PHE C 795 -29.57 -60.71 6.21
N ALA C 796 -30.65 -60.17 5.61
CA ALA C 796 -30.57 -59.63 4.27
C ALA C 796 -29.81 -58.30 4.20
N LYS C 797 -29.79 -57.52 5.29
CA LYS C 797 -29.05 -56.25 5.24
C LYS C 797 -27.57 -56.40 5.56
N PHE C 798 -27.23 -57.18 6.61
CA PHE C 798 -25.85 -57.33 7.07
C PHE C 798 -24.95 -58.04 6.06
N TYR C 799 -25.45 -59.11 5.43
CA TYR C 799 -24.64 -59.91 4.53
C TYR C 799 -24.64 -59.41 3.09
N SER C 800 -25.40 -58.36 2.79
CA SER C 800 -25.33 -57.71 1.48
C SER C 800 -24.35 -56.54 1.47
N ALA C 801 -23.83 -56.17 2.64
CA ALA C 801 -22.86 -55.09 2.78
C ALA C 801 -21.52 -55.46 2.15
N PRO C 802 -20.88 -54.54 1.40
CA PRO C 802 -19.54 -54.79 0.82
C PRO C 802 -18.42 -55.11 1.80
N TYR C 803 -18.50 -54.56 3.02
CA TYR C 803 -17.54 -54.80 4.10
C TYR C 803 -17.56 -56.25 4.55
N THR C 804 -18.77 -56.82 4.69
CA THR C 804 -18.98 -58.22 5.08
C THR C 804 -18.46 -59.19 4.02
N ARG C 805 -18.71 -58.85 2.73
CA ARG C 805 -18.21 -59.61 1.58
C ARG C 805 -16.68 -59.56 1.48
N PHE C 806 -16.09 -58.38 1.76
CA PHE C 806 -14.64 -58.20 1.81
C PHE C 806 -14.01 -59.05 2.93
N ILE C 807 -14.65 -59.06 4.11
CA ILE C 807 -14.18 -59.84 5.26
C ILE C 807 -14.29 -61.35 4.98
N SER C 808 -15.38 -61.76 4.31
CA SER C 808 -15.60 -63.16 3.90
C SER C 808 -14.56 -63.63 2.86
N ASP C 809 -14.25 -62.76 1.89
CA ASP C 809 -13.20 -63.01 0.89
C ASP C 809 -11.82 -63.09 1.52
N LEU C 810 -11.51 -62.18 2.45
CA LEU C 810 -10.24 -62.21 3.20
C LEU C 810 -10.12 -63.54 3.94
N LEU C 811 -11.08 -63.87 4.81
CA LEU C 811 -11.03 -65.09 5.61
C LEU C 811 -10.92 -66.33 4.73
N SER C 812 -11.66 -66.34 3.60
CA SER C 812 -11.63 -67.42 2.61
C SER C 812 -10.26 -67.60 1.96
N HIS C 813 -9.63 -66.47 1.58
CA HIS C 813 -8.31 -66.49 0.97
C HIS C 813 -7.25 -66.88 1.99
N PHE C 814 -7.43 -66.46 3.26
CA PHE C 814 -6.54 -66.85 4.37
C PHE C 814 -6.61 -68.36 4.64
N VAL C 815 -7.79 -68.94 4.56
CA VAL C 815 -7.94 -70.40 4.78
C VAL C 815 -7.31 -71.08 3.58
N LEU C 816 -7.58 -70.59 2.39
CA LEU C 816 -6.97 -71.13 1.16
C LEU C 816 -5.45 -71.17 1.24
N CYS C 817 -4.83 -70.08 1.72
CA CYS C 817 -3.38 -69.98 1.92
C CYS C 817 -2.86 -70.98 2.95
N VAL C 818 -3.56 -71.09 4.12
CA VAL C 818 -3.17 -72.01 5.21
C VAL C 818 -3.32 -73.48 4.80
N VAL C 819 -4.47 -73.84 4.17
CA VAL C 819 -4.79 -75.19 3.73
C VAL C 819 -3.87 -75.65 2.58
N THR C 820 -3.61 -74.73 1.61
CA THR C 820 -2.72 -75.00 0.48
C THR C 820 -1.27 -75.11 0.96
N SER C 821 -0.89 -74.29 1.97
CA SER C 821 0.43 -74.34 2.63
C SER C 821 0.67 -75.67 3.36
N TYR C 822 -0.38 -76.16 4.06
CA TYR C 822 -0.39 -77.48 4.72
C TYR C 822 -0.25 -78.60 3.69
N PHE C 823 -0.97 -78.49 2.57
CA PHE C 823 -0.97 -79.46 1.47
C PHE C 823 0.41 -79.59 0.83
N VAL C 824 1.11 -78.48 0.63
CA VAL C 824 2.46 -78.45 -0.01
C VAL C 824 3.53 -78.86 1.01
N LEU C 825 3.33 -78.63 2.30
CA LEU C 825 4.29 -79.12 3.31
C LEU C 825 4.17 -80.62 3.60
N ASP C 826 2.94 -81.13 3.74
CA ASP C 826 2.72 -82.55 3.97
C ASP C 826 2.99 -83.31 2.67
N LYS C 827 3.47 -84.55 2.80
CA LYS C 827 3.83 -85.37 1.66
C LYS C 827 2.59 -85.81 0.86
N LEU C 828 2.79 -85.93 -0.45
CA LEU C 828 1.73 -86.38 -1.33
C LEU C 828 1.59 -87.89 -1.21
N GLU C 829 0.36 -88.36 -1.32
CA GLU C 829 0.05 -89.77 -1.27
C GLU C 829 0.14 -90.38 -2.66
N ASP C 830 0.05 -91.72 -2.71
CA ASP C 830 0.10 -92.49 -3.96
C ASP C 830 -1.14 -92.36 -4.84
N THR C 831 -2.24 -91.78 -4.35
CA THR C 831 -3.45 -91.46 -5.08
C THR C 831 -3.76 -90.00 -4.80
N ILE C 832 -4.80 -89.49 -5.47
CA ILE C 832 -5.23 -88.10 -5.24
C ILE C 832 -5.98 -88.03 -3.91
N SER C 833 -5.45 -87.22 -2.99
CA SER C 833 -5.99 -87.14 -1.64
C SER C 833 -7.23 -86.25 -1.61
N ALA C 834 -7.93 -86.30 -0.46
CA ALA C 834 -9.15 -85.54 -0.21
C ALA C 834 -8.95 -84.02 -0.23
N ILE C 835 -7.84 -83.56 0.38
CA ILE C 835 -7.44 -82.14 0.42
C ILE C 835 -7.12 -81.61 -0.99
N GLU C 836 -6.55 -82.47 -1.85
CA GLU C 836 -6.28 -82.17 -3.26
C GLU C 836 -7.56 -81.95 -4.06
N TRP C 837 -8.59 -82.79 -3.80
CA TRP C 837 -9.91 -82.65 -4.42
C TRP C 837 -10.61 -81.36 -4.00
N ILE C 838 -10.52 -81.02 -2.69
CA ILE C 838 -11.08 -79.78 -2.11
C ILE C 838 -10.44 -78.54 -2.74
N LEU C 839 -9.09 -78.57 -2.89
CA LEU C 839 -8.34 -77.50 -3.54
C LEU C 839 -8.65 -77.40 -5.03
N LEU C 840 -8.88 -78.55 -5.70
CA LEU C 840 -9.29 -78.59 -7.11
C LEU C 840 -10.63 -77.90 -7.35
N VAL C 841 -11.64 -78.20 -6.50
CA VAL C 841 -12.99 -77.58 -6.51
C VAL C 841 -12.91 -76.07 -6.22
N TRP C 842 -12.04 -75.71 -5.24
CA TRP C 842 -11.77 -74.34 -4.80
C TRP C 842 -11.15 -73.49 -5.93
N PHE C 843 -10.16 -74.04 -6.64
CA PHE C 843 -9.52 -73.28 -7.72
C PHE C 843 -10.33 -73.25 -9.03
N VAL C 844 -11.20 -74.22 -9.23
CA VAL C 844 -12.11 -74.15 -10.40
C VAL C 844 -13.05 -72.99 -10.09
N ALA C 845 -13.53 -72.94 -8.85
CA ALA C 845 -14.46 -71.89 -8.39
C ALA C 845 -13.82 -70.54 -8.57
N LEU C 846 -12.58 -70.43 -8.19
CA LEU C 846 -11.79 -69.20 -8.34
C LEU C 846 -11.63 -68.80 -9.80
N LEU C 847 -11.39 -69.81 -10.67
CA LEU C 847 -11.26 -69.61 -12.12
C LEU C 847 -12.57 -69.12 -12.73
N LEU C 848 -13.72 -69.68 -12.29
CA LEU C 848 -15.05 -69.24 -12.72
C LEU C 848 -15.35 -67.82 -12.25
N GLU C 849 -14.91 -67.48 -11.03
CA GLU C 849 -15.04 -66.13 -10.49
C GLU C 849 -14.22 -65.12 -11.31
N GLU C 850 -13.00 -65.53 -11.73
CA GLU C 850 -12.15 -64.72 -12.62
C GLU C 850 -12.78 -64.51 -13.99
N LEU C 851 -13.41 -65.58 -14.55
CA LEU C 851 -14.15 -65.49 -15.83
C LEU C 851 -15.35 -64.56 -15.71
N ARG C 852 -16.08 -64.62 -14.57
CA ARG C 852 -17.22 -63.73 -14.27
C ARG C 852 -16.76 -62.27 -14.20
N GLN C 853 -15.59 -62.05 -13.57
CA GLN C 853 -14.95 -60.73 -13.51
C GLN C 853 -14.54 -60.24 -14.90
N MET C 854 -14.05 -61.15 -15.77
CA MET C 854 -13.73 -60.81 -17.17
C MET C 854 -14.97 -60.36 -17.95
N ILE C 855 -16.10 -61.08 -17.79
CA ILE C 855 -17.35 -60.75 -18.48
C ILE C 855 -17.95 -59.43 -17.97
N PHE C 856 -18.03 -59.23 -16.66
CA PHE C 856 -18.73 -58.03 -16.13
C PHE C 856 -17.86 -56.80 -15.90
N CYS C 857 -16.59 -56.77 -16.33
CA CYS C 857 -15.80 -55.54 -16.22
C CYS C 857 -16.02 -54.63 -17.42
N ASP C 858 -15.28 -53.53 -17.44
CA ASP C 858 -15.23 -52.55 -18.54
C ASP C 858 -14.16 -52.93 -19.56
N GLY C 859 -14.19 -54.16 -20.06
CA GLY C 859 -13.28 -54.65 -21.07
C GLY C 859 -12.16 -55.48 -20.47
N ILE C 860 -11.52 -56.26 -21.36
CA ILE C 860 -10.40 -57.16 -21.05
C ILE C 860 -9.18 -56.37 -20.55
N ALA C 861 -8.96 -55.19 -21.14
CA ALA C 861 -7.87 -54.25 -20.79
C ALA C 861 -7.98 -53.71 -19.37
N GLU C 862 -9.21 -53.34 -18.94
CA GLU C 862 -9.49 -52.86 -17.59
C GLU C 862 -9.22 -53.94 -16.53
N TYR C 863 -9.53 -55.20 -16.85
CA TYR C 863 -9.34 -56.33 -15.92
C TYR C 863 -7.85 -56.67 -15.85
N ILE C 864 -7.18 -56.70 -16.99
CA ILE C 864 -5.77 -57.07 -17.04
C ILE C 864 -4.84 -55.94 -16.58
N SER C 865 -5.34 -54.69 -16.47
CA SER C 865 -4.57 -53.57 -15.92
C SER C 865 -4.22 -53.79 -14.45
N ASP C 866 -5.17 -54.34 -13.68
CA ASP C 866 -5.02 -54.61 -12.25
C ASP C 866 -3.97 -55.70 -12.03
N THR C 867 -3.05 -55.49 -11.07
CA THR C 867 -2.00 -56.46 -10.79
C THR C 867 -2.51 -57.71 -10.04
N TRP C 868 -3.57 -57.55 -9.24
CA TRP C 868 -4.16 -58.66 -8.48
C TRP C 868 -4.87 -59.67 -9.38
N ASN C 869 -5.47 -59.21 -10.48
CA ASN C 869 -6.05 -60.09 -11.50
C ASN C 869 -4.98 -60.91 -12.22
N ARG C 870 -3.82 -60.27 -12.50
CA ARG C 870 -2.65 -60.95 -13.07
C ARG C 870 -2.11 -62.02 -12.13
N LEU C 871 -2.05 -61.70 -10.82
CA LEU C 871 -1.65 -62.63 -9.76
C LEU C 871 -2.62 -63.80 -9.65
N ASP C 872 -3.93 -63.52 -9.81
CA ASP C 872 -4.99 -64.54 -9.82
C ASP C 872 -4.82 -65.52 -10.96
N LEU C 873 -4.52 -65.01 -12.19
CA LEU C 873 -4.30 -65.84 -13.38
C LEU C 873 -3.05 -66.71 -13.27
N ILE C 874 -1.94 -66.12 -12.76
CA ILE C 874 -0.68 -66.84 -12.51
C ILE C 874 -0.87 -67.94 -11.45
N MET C 875 -1.62 -67.61 -10.36
CA MET C 875 -2.01 -68.51 -9.25
C MET C 875 -2.77 -69.75 -9.72
N ILE C 876 -3.85 -69.54 -10.52
CA ILE C 876 -4.71 -70.60 -11.06
C ILE C 876 -3.92 -71.49 -12.03
N THR C 877 -3.10 -70.85 -12.91
CA THR C 877 -2.24 -71.52 -13.91
C THR C 877 -1.19 -72.43 -13.26
N LEU C 878 -0.50 -71.93 -12.21
CA LEU C 878 0.50 -72.68 -11.43
C LEU C 878 -0.08 -73.91 -10.72
N PHE C 879 -1.25 -73.74 -10.09
CA PHE C 879 -1.95 -74.85 -9.41
C PHE C 879 -2.34 -75.94 -10.40
N PHE C 880 -2.90 -75.57 -11.55
CA PHE C 880 -3.34 -76.58 -12.53
C PHE C 880 -2.19 -77.32 -13.19
N VAL C 881 -1.07 -76.62 -13.43
CA VAL C 881 0.14 -77.31 -13.98
C VAL C 881 0.58 -78.32 -12.92
N GLY C 882 0.81 -77.86 -11.68
CA GLY C 882 1.25 -78.76 -10.61
C GLY C 882 0.33 -79.95 -10.35
N PHE C 883 -0.97 -79.70 -10.34
CA PHE C 883 -1.98 -80.79 -10.13
C PHE C 883 -1.94 -81.79 -11.28
N PHE C 884 -1.95 -81.33 -12.54
CA PHE C 884 -1.92 -82.26 -13.66
C PHE C 884 -0.61 -83.03 -13.73
N THR C 885 0.51 -82.37 -13.33
CA THR C 885 1.82 -83.01 -13.19
C THR C 885 1.77 -84.15 -12.17
N HIS C 886 1.11 -83.92 -11.02
CA HIS C 886 0.94 -84.98 -10.02
C HIS C 886 -0.07 -86.04 -10.49
N ALA C 887 -1.17 -85.61 -11.13
CA ALA C 887 -2.27 -86.51 -11.48
C ALA C 887 -1.99 -87.39 -12.68
N SER C 888 -0.99 -87.03 -13.52
CA SER C 888 -0.56 -87.85 -14.65
C SER C 888 -0.01 -89.20 -14.20
N ASP C 889 0.78 -89.21 -13.14
CA ASP C 889 1.33 -90.45 -12.58
C ASP C 889 1.42 -90.30 -11.06
N PRO C 890 0.31 -90.55 -10.32
CA PRO C 890 0.28 -90.31 -8.85
C PRO C 890 1.22 -91.17 -8.00
N SER C 891 1.59 -92.36 -8.46
CA SER C 891 2.50 -93.22 -7.70
C SER C 891 3.96 -92.94 -8.02
N ASN C 892 4.24 -92.10 -9.01
CA ASN C 892 5.60 -91.77 -9.41
C ASN C 892 6.15 -90.74 -8.42
N GLN C 893 7.31 -91.05 -7.84
CA GLN C 893 7.97 -90.19 -6.86
C GLN C 893 8.47 -88.88 -7.48
N ASP C 894 9.03 -88.99 -8.71
CA ASP C 894 9.56 -87.86 -9.47
C ASP C 894 8.49 -86.84 -9.85
N SER C 895 7.29 -87.33 -10.22
CA SER C 895 6.12 -86.48 -10.54
C SER C 895 5.65 -85.68 -9.33
N LYS C 896 5.66 -86.32 -8.14
CA LYS C 896 5.34 -85.70 -6.86
C LYS C 896 6.33 -84.59 -6.52
N VAL C 897 7.63 -84.84 -6.75
CA VAL C 897 8.71 -83.88 -6.50
C VAL C 897 8.60 -82.65 -7.42
N VAL C 898 8.34 -82.87 -8.73
CA VAL C 898 8.17 -81.80 -9.73
C VAL C 898 6.90 -80.97 -9.44
N SER C 899 5.81 -81.66 -9.03
CA SER C 899 4.53 -81.07 -8.64
C SER C 899 4.66 -80.16 -7.43
N LYS C 900 5.41 -80.60 -6.40
CA LYS C 900 5.69 -79.78 -5.22
C LYS C 900 6.61 -78.60 -5.55
N GLY C 901 7.53 -78.79 -6.53
CA GLY C 901 8.37 -77.70 -7.02
C GLY C 901 7.59 -76.58 -7.69
N ILE C 902 6.57 -76.94 -8.48
CA ILE C 902 5.66 -75.96 -9.09
C ILE C 902 4.78 -75.31 -8.02
N HIS C 903 4.32 -76.13 -7.07
CA HIS C 903 3.44 -75.68 -5.99
C HIS C 903 4.12 -74.79 -4.93
N ALA C 904 5.47 -74.78 -4.88
CA ALA C 904 6.24 -73.80 -4.09
C ALA C 904 6.00 -72.37 -4.58
N PHE C 905 6.12 -72.19 -5.93
CA PHE C 905 5.75 -70.94 -6.62
C PHE C 905 4.30 -70.56 -6.41
N LEU C 906 3.38 -71.57 -6.40
CA LEU C 906 1.94 -71.37 -6.11
C LEU C 906 1.70 -70.74 -4.73
N VAL C 907 2.40 -71.26 -3.69
CA VAL C 907 2.29 -70.78 -2.31
C VAL C 907 2.81 -69.34 -2.17
N VAL C 908 3.96 -69.02 -2.74
CA VAL C 908 4.51 -67.63 -2.66
C VAL C 908 3.49 -66.67 -3.26
N VAL C 909 2.92 -66.98 -4.41
CA VAL C 909 1.96 -66.08 -5.09
C VAL C 909 0.70 -65.98 -4.24
N LEU C 910 0.24 -67.08 -3.67
CA LEU C 910 -0.95 -67.07 -2.80
C LEU C 910 -0.75 -66.10 -1.65
N TRP C 911 0.44 -66.10 -1.06
CA TRP C 911 0.71 -65.20 0.06
C TRP C 911 0.92 -63.76 -0.41
N LEU C 912 1.52 -63.57 -1.61
CA LEU C 912 1.62 -62.23 -2.24
C LEU C 912 0.23 -61.68 -2.57
N ARG C 913 -0.67 -62.55 -3.10
CA ARG C 913 -2.05 -62.19 -3.42
C ARG C 913 -2.87 -61.82 -2.16
N PHE C 914 -2.51 -62.39 -0.98
CA PHE C 914 -3.12 -62.04 0.33
C PHE C 914 -2.90 -60.56 0.77
N MET C 915 -1.90 -59.85 0.20
CA MET C 915 -1.65 -58.44 0.49
C MET C 915 -2.71 -57.49 -0.08
N ARG C 916 -3.60 -57.94 -0.99
CA ARG C 916 -4.74 -57.18 -1.55
C ARG C 916 -5.69 -56.66 -0.45
N TYR C 917 -5.86 -57.44 0.63
CA TYR C 917 -6.76 -57.14 1.73
C TYR C 917 -6.12 -56.25 2.78
N TYR C 918 -4.83 -55.92 2.63
CA TYR C 918 -4.18 -54.89 3.45
C TYR C 918 -4.61 -53.48 3.06
N ALA C 919 -5.10 -53.29 1.83
CA ALA C 919 -5.49 -51.99 1.26
C ALA C 919 -6.64 -51.28 1.97
N LEU C 920 -7.49 -52.01 2.71
CA LEU C 920 -8.57 -51.41 3.49
C LEU C 920 -8.04 -50.56 4.63
N SER C 921 -6.95 -51.02 5.25
CA SER C 921 -6.32 -50.37 6.40
C SER C 921 -5.69 -49.03 6.03
N LYS C 922 -5.86 -48.04 6.91
CA LYS C 922 -5.27 -46.72 6.72
C LYS C 922 -3.75 -46.69 6.91
N ASN C 923 -3.15 -47.71 7.51
CA ASN C 923 -1.70 -47.78 7.66
C ASN C 923 -1.06 -48.66 6.59
N LEU C 924 -1.57 -49.87 6.36
CA LEU C 924 -0.90 -50.84 5.47
C LEU C 924 -1.09 -50.55 3.98
N GLY C 925 -2.24 -50.00 3.60
CA GLY C 925 -2.60 -49.70 2.22
C GLY C 925 -1.77 -48.67 1.46
N PRO C 926 -1.56 -47.44 2.01
CA PRO C 926 -0.68 -46.48 1.40
C PRO C 926 0.77 -46.99 1.37
N LYS C 927 1.22 -47.71 2.39
CA LYS C 927 2.57 -48.29 2.45
C LYS C 927 2.79 -49.31 1.34
N LEU C 928 1.74 -50.00 0.93
CA LEU C 928 1.82 -50.99 -0.17
C LEU C 928 1.94 -50.24 -1.49
N ILE C 929 1.21 -49.15 -1.63
CA ILE C 929 1.34 -48.29 -2.82
C ILE C 929 2.74 -47.68 -2.91
N MET C 930 3.29 -47.30 -1.74
CA MET C 930 4.67 -46.74 -1.68
C MET C 930 5.69 -47.83 -1.99
N MET C 931 5.47 -49.05 -1.49
CA MET C 931 6.37 -50.19 -1.79
C MET C 931 6.42 -50.39 -3.30
N MET C 932 5.27 -50.45 -3.98
CA MET C 932 5.25 -50.55 -5.44
C MET C 932 5.96 -49.36 -6.12
N GLU C 933 5.93 -48.17 -5.49
CA GLU C 933 6.70 -47.03 -5.99
C GLU C 933 8.21 -47.23 -5.80
N MET C 934 8.64 -47.75 -4.66
CA MET C 934 10.08 -47.98 -4.35
C MET C 934 10.67 -49.12 -5.18
N MET C 935 9.87 -50.01 -5.75
CA MET C 935 10.35 -51.09 -6.64
C MET C 935 11.20 -50.59 -7.84
N LYS C 936 10.91 -49.37 -8.35
CA LYS C 936 11.70 -48.77 -9.43
C LYS C 936 13.11 -48.40 -8.95
N ASP C 937 13.21 -47.86 -7.73
CA ASP C 937 14.49 -47.59 -7.07
C ASP C 937 15.29 -48.87 -6.80
N VAL C 938 14.57 -49.95 -6.43
CA VAL C 938 15.14 -51.29 -6.22
C VAL C 938 15.72 -51.82 -7.54
N SER C 939 14.98 -51.62 -8.65
CA SER C 939 15.40 -52.00 -10.00
C SER C 939 16.62 -51.22 -10.48
N THR C 940 16.66 -49.91 -10.15
CA THR C 940 17.81 -49.03 -10.42
C THR C 940 19.07 -49.52 -9.69
N PHE C 941 18.90 -49.92 -8.41
CA PHE C 941 19.96 -50.51 -7.56
C PHE C 941 20.46 -51.83 -8.15
N VAL C 942 19.53 -52.65 -8.68
CA VAL C 942 19.83 -53.96 -9.29
C VAL C 942 20.67 -53.76 -10.56
N PHE C 943 20.30 -52.77 -11.40
CA PHE C 943 21.04 -52.41 -12.63
C PHE C 943 22.45 -51.90 -12.33
N LEU C 944 22.60 -51.07 -11.29
CA LEU C 944 23.92 -50.62 -10.86
C LEU C 944 24.73 -51.76 -10.24
N LEU C 945 24.11 -52.65 -9.48
CA LEU C 945 24.86 -53.72 -8.81
C LEU C 945 25.32 -54.78 -9.80
N LEU C 946 24.55 -55.06 -10.85
CA LEU C 946 24.88 -56.10 -11.85
C LEU C 946 26.27 -55.95 -12.44
N ILE C 947 26.70 -54.69 -12.64
CA ILE C 947 28.03 -54.31 -13.15
C ILE C 947 29.14 -54.84 -12.24
N PHE C 948 29.06 -54.38 -10.98
CA PHE C 948 30.05 -54.73 -9.95
C PHE C 948 30.02 -56.22 -9.69
N LEU C 949 28.84 -56.83 -9.63
CA LEU C 949 28.69 -58.27 -9.35
C LEU C 949 29.30 -59.12 -10.46
N ILE C 950 28.96 -58.90 -11.71
CA ILE C 950 29.47 -59.68 -12.87
C ILE C 950 30.97 -59.45 -12.99
N GLY C 951 31.42 -58.22 -12.84
CA GLY C 951 32.84 -57.92 -13.01
C GLY C 951 33.67 -58.63 -11.97
N TYR C 952 33.25 -58.59 -10.73
CA TYR C 952 33.92 -59.22 -9.60
C TYR C 952 33.77 -60.75 -9.65
N GLY C 953 32.58 -61.26 -10.02
CA GLY C 953 32.32 -62.70 -10.06
C GLY C 953 33.11 -63.47 -11.10
N VAL C 954 33.19 -62.93 -12.34
CA VAL C 954 34.00 -63.53 -13.41
C VAL C 954 35.49 -63.47 -13.05
N ALA C 955 35.95 -62.30 -12.53
CA ALA C 955 37.34 -62.06 -12.11
C ALA C 955 37.77 -62.97 -10.94
N ALA C 956 36.91 -63.08 -9.92
CA ALA C 956 37.18 -63.87 -8.71
C ALA C 956 37.14 -65.37 -8.99
N GLN C 957 36.15 -65.82 -9.80
CA GLN C 957 36.01 -67.22 -10.21
C GLN C 957 37.19 -67.66 -11.07
N SER C 958 37.66 -66.76 -11.95
CA SER C 958 38.83 -67.00 -12.78
C SER C 958 40.11 -67.09 -11.96
N LEU C 959 40.25 -66.23 -10.93
CA LEU C 959 41.43 -66.27 -10.06
C LEU C 959 41.46 -67.53 -9.21
N LEU C 960 40.28 -68.01 -8.76
CA LEU C 960 40.24 -69.20 -7.90
C LEU C 960 40.50 -70.48 -8.69
N SER C 961 39.97 -70.57 -9.91
CA SER C 961 40.13 -71.75 -10.77
C SER C 961 40.62 -71.33 -12.15
N PRO C 962 41.93 -71.10 -12.32
CA PRO C 962 42.44 -70.64 -13.62
C PRO C 962 42.74 -71.71 -14.65
N ASP C 963 42.53 -72.99 -14.36
CA ASP C 963 42.86 -74.05 -15.30
C ASP C 963 41.73 -75.07 -15.41
N GLU C 964 40.51 -74.55 -15.58
CA GLU C 964 39.33 -75.40 -15.63
C GLU C 964 38.53 -75.05 -16.88
N ASP C 965 38.01 -76.08 -17.55
CA ASP C 965 37.08 -75.93 -18.67
C ASP C 965 35.77 -75.30 -18.20
N PHE C 966 35.22 -74.41 -19.04
CA PHE C 966 33.96 -73.73 -18.73
C PHE C 966 32.81 -74.71 -18.77
N SER C 967 31.93 -74.64 -17.80
CA SER C 967 30.77 -75.50 -17.60
C SER C 967 29.71 -74.65 -16.91
N SER C 968 28.59 -75.29 -16.59
CA SER C 968 27.50 -74.65 -15.85
C SER C 968 27.90 -74.26 -14.42
N ARG C 969 28.81 -75.04 -13.79
CA ARG C 969 29.35 -74.78 -12.46
C ARG C 969 30.16 -73.50 -12.38
N THR C 970 30.84 -73.14 -13.48
CA THR C 970 31.57 -71.87 -13.61
C THR C 970 30.61 -70.68 -13.53
N PHE C 971 29.45 -70.78 -14.21
CA PHE C 971 28.39 -69.76 -14.22
C PHE C 971 27.74 -69.62 -12.83
N ILE C 972 27.49 -70.77 -12.17
CA ILE C 972 26.95 -70.83 -10.80
C ILE C 972 27.96 -70.21 -9.81
N GLY C 973 29.26 -70.45 -10.03
CA GLY C 973 30.32 -69.83 -9.22
C GLY C 973 30.42 -68.33 -9.42
N VAL C 974 30.06 -67.88 -10.62
CA VAL C 974 30.11 -66.43 -10.94
C VAL C 974 28.96 -65.73 -10.22
N LEU C 975 27.81 -66.40 -10.03
CA LEU C 975 26.73 -65.61 -9.40
C LEU C 975 26.51 -65.88 -7.91
N PHE C 976 26.76 -67.08 -7.40
CA PHE C 976 26.36 -67.42 -6.02
C PHE C 976 27.04 -66.60 -4.93
N ARG C 977 28.35 -66.58 -4.90
CA ARG C 977 28.99 -65.90 -3.77
C ARG C 977 28.88 -64.39 -3.94
N PRO C 978 29.20 -63.76 -5.10
CA PRO C 978 29.04 -62.32 -5.20
C PRO C 978 27.70 -61.72 -4.74
N TYR C 979 26.57 -62.31 -5.10
CA TYR C 979 25.25 -61.82 -4.75
C TYR C 979 25.04 -61.94 -3.24
N PHE C 980 25.40 -63.05 -2.63
CA PHE C 980 25.13 -63.29 -1.19
C PHE C 980 26.13 -62.53 -0.33
N GLN C 981 27.26 -62.11 -0.89
CA GLN C 981 28.26 -61.32 -0.17
C GLN C 981 27.75 -59.91 0.10
N ILE C 982 26.77 -59.43 -0.65
CA ILE C 982 26.17 -58.10 -0.38
C ILE C 982 25.27 -58.13 0.86
N TYR C 983 25.01 -59.29 1.42
CA TYR C 983 24.18 -59.41 2.63
C TYR C 983 24.99 -59.81 3.87
N GLY C 984 26.31 -59.64 3.89
CA GLY C 984 27.18 -59.91 5.01
C GLY C 984 27.74 -61.32 5.14
N GLU C 985 27.25 -62.28 4.37
CA GLU C 985 27.83 -63.64 4.39
C GLU C 985 29.02 -63.56 3.45
N LEU C 986 30.23 -63.49 3.99
CA LEU C 986 31.40 -63.20 3.17
C LEU C 986 32.11 -64.40 2.56
N PHE C 987 31.89 -65.61 3.10
CA PHE C 987 32.40 -66.93 2.61
C PHE C 987 33.92 -67.04 2.64
N LEU C 988 34.58 -66.29 3.55
CA LEU C 988 36.04 -66.19 3.65
C LEU C 988 36.74 -67.50 3.99
N ASP C 989 36.14 -68.32 4.88
CA ASP C 989 36.63 -69.67 5.15
C ASP C 989 36.53 -70.55 3.90
N ASP C 990 35.38 -70.48 3.20
CA ASP C 990 35.15 -71.22 1.96
C ASP C 990 36.05 -70.75 0.83
N LEU C 991 36.23 -69.41 0.69
CA LEU C 991 37.14 -68.83 -0.31
C LEU C 991 38.58 -69.18 -0.03
N ASN C 992 38.98 -69.16 1.26
CA ASN C 992 40.34 -69.52 1.68
C ASN C 992 40.63 -71.01 1.43
N SER C 993 39.64 -71.87 1.70
CA SER C 993 39.74 -73.31 1.42
C SER C 993 39.81 -73.59 -0.08
N GLU C 994 39.01 -72.88 -0.87
CA GLU C 994 39.00 -73.04 -2.32
C GLU C 994 40.29 -72.53 -2.97
N ALA C 995 40.94 -71.51 -2.38
CA ALA C 995 42.20 -70.95 -2.87
C ALA C 995 43.44 -71.83 -2.69
N ASN C 996 43.35 -72.94 -1.91
CA ASN C 996 44.41 -73.90 -1.56
C ASN C 996 45.59 -73.23 -0.86
N CYS C 997 45.28 -72.31 0.05
CA CYS C 997 46.27 -71.63 0.88
C CYS C 997 46.32 -72.33 2.23
N LEU C 998 47.51 -72.81 2.59
CA LEU C 998 47.69 -73.67 3.75
C LEU C 998 48.22 -72.94 4.98
N GLY C 999 48.47 -71.63 4.89
CA GLY C 999 49.00 -70.89 6.03
C GLY C 999 47.96 -70.64 7.11
N ASP C 1000 48.47 -70.42 8.33
CA ASP C 1000 47.61 -70.03 9.46
C ASP C 1000 46.97 -68.67 9.24
N THR C 1001 47.74 -67.71 8.75
CA THR C 1001 47.19 -66.44 8.32
C THR C 1001 46.45 -66.67 7.02
N PRO C 1002 45.17 -66.18 6.87
CA PRO C 1002 44.38 -66.41 5.64
C PRO C 1002 45.01 -65.81 4.38
N PHE C 1003 44.87 -66.57 3.27
CA PHE C 1003 45.35 -66.27 1.90
C PHE C 1003 46.87 -66.05 1.87
N THR C 1004 47.59 -66.88 2.61
CA THR C 1004 49.05 -66.94 2.60
C THR C 1004 49.47 -68.39 2.41
N GLU C 1005 50.71 -68.55 1.88
CA GLU C 1005 51.38 -69.81 1.51
C GLU C 1005 50.54 -70.60 0.51
N CYS C 1006 50.16 -69.93 -0.58
CA CYS C 1006 49.35 -70.49 -1.64
C CYS C 1006 50.22 -71.01 -2.77
N SER C 1007 49.64 -71.94 -3.55
CA SER C 1007 50.29 -72.52 -4.72
C SER C 1007 50.52 -71.48 -5.82
N ARG C 1008 49.56 -70.61 -6.06
CA ARG C 1008 49.65 -69.55 -7.05
C ARG C 1008 49.58 -68.20 -6.34
N GLU C 1009 50.40 -67.26 -6.78
CA GLU C 1009 50.41 -65.94 -6.15
C GLU C 1009 49.24 -65.06 -6.58
N THR C 1010 48.58 -65.36 -7.71
CA THR C 1010 47.46 -64.54 -8.21
C THR C 1010 46.20 -64.65 -7.36
N VAL C 1011 45.95 -65.84 -6.77
CA VAL C 1011 44.74 -66.12 -5.97
C VAL C 1011 44.72 -65.33 -4.64
N ARG C 1012 45.90 -64.85 -4.16
CA ARG C 1012 46.04 -63.96 -3.01
C ARG C 1012 45.43 -62.56 -3.23
N MET C 1013 45.15 -62.17 -4.50
CA MET C 1013 44.40 -60.97 -4.83
C MET C 1013 42.88 -61.13 -4.63
N VAL C 1014 42.37 -62.30 -4.34
CA VAL C 1014 40.90 -62.44 -4.18
C VAL C 1014 40.41 -61.59 -3.01
N PRO C 1015 40.99 -61.63 -1.80
CA PRO C 1015 40.53 -60.78 -0.70
C PRO C 1015 40.49 -59.28 -1.04
N PHE C 1016 41.38 -58.81 -1.94
CA PHE C 1016 41.47 -57.39 -2.38
C PHE C 1016 40.32 -57.03 -3.30
N PHE C 1017 40.15 -57.79 -4.34
CA PHE C 1017 39.01 -57.66 -5.28
C PHE C 1017 37.70 -57.57 -4.51
N LEU C 1018 37.55 -58.50 -3.52
CA LEU C 1018 36.42 -58.58 -2.60
C LEU C 1018 36.33 -57.30 -1.79
N ALA C 1019 37.51 -56.80 -1.33
CA ALA C 1019 37.70 -55.55 -0.58
C ALA C 1019 37.20 -54.34 -1.36
N VAL C 1020 37.43 -54.34 -2.69
CA VAL C 1020 36.90 -53.27 -3.52
C VAL C 1020 35.38 -53.41 -3.66
N TYR C 1021 34.92 -54.67 -3.91
CA TYR C 1021 33.55 -55.04 -4.31
C TYR C 1021 32.52 -54.68 -3.23
N ILE C 1022 32.73 -55.12 -1.98
CA ILE C 1022 31.83 -54.79 -0.86
C ILE C 1022 31.96 -53.31 -0.46
N LEU C 1023 33.08 -52.64 -0.80
CA LEU C 1023 33.15 -51.19 -0.69
C LEU C 1023 32.22 -50.58 -1.74
N GLY C 1024 32.23 -51.15 -2.95
CA GLY C 1024 31.33 -50.67 -3.98
C GLY C 1024 29.87 -51.00 -3.72
N SER C 1025 29.59 -52.21 -3.23
CA SER C 1025 28.20 -52.64 -3.12
C SER C 1025 27.52 -52.23 -1.80
N ASN C 1026 28.18 -52.46 -0.65
CA ASN C 1026 27.54 -52.22 0.64
C ASN C 1026 27.71 -50.79 1.12
N VAL C 1027 28.95 -50.28 1.04
CA VAL C 1027 29.25 -48.92 1.51
C VAL C 1027 28.66 -47.89 0.56
N LEU C 1028 28.77 -48.10 -0.75
CA LEU C 1028 28.36 -47.07 -1.70
C LEU C 1028 26.92 -47.24 -2.19
N LEU C 1029 26.58 -48.41 -2.76
CA LEU C 1029 25.29 -48.59 -3.45
C LEU C 1029 24.08 -48.71 -2.52
N VAL C 1030 24.23 -49.43 -1.40
CA VAL C 1030 23.18 -49.66 -0.41
C VAL C 1030 22.79 -48.35 0.29
N ASN C 1031 23.79 -47.53 0.65
CA ASN C 1031 23.58 -46.24 1.31
C ASN C 1031 22.95 -45.22 0.34
N LEU C 1032 23.35 -45.29 -0.95
CA LEU C 1032 22.73 -44.52 -2.04
C LEU C 1032 21.27 -44.88 -2.22
N LEU C 1033 20.95 -46.18 -2.11
CA LEU C 1033 19.58 -46.69 -2.17
C LEU C 1033 18.73 -46.16 -1.01
N ILE C 1034 19.33 -46.05 0.20
CA ILE C 1034 18.70 -45.48 1.40
C ILE C 1034 18.33 -44.00 1.15
N ALA C 1035 19.28 -43.25 0.53
CA ALA C 1035 19.06 -41.85 0.14
C ALA C 1035 17.94 -41.67 -0.91
N MET C 1036 17.93 -42.55 -1.93
CA MET C 1036 16.87 -42.58 -2.97
C MET C 1036 15.50 -42.92 -2.40
N PHE C 1037 15.46 -43.87 -1.45
CA PHE C 1037 14.24 -44.27 -0.73
C PHE C 1037 13.67 -43.14 0.11
N ASN C 1038 14.55 -42.39 0.82
CA ASN C 1038 14.14 -41.25 1.64
C ASN C 1038 13.58 -40.08 0.83
N ASP C 1039 14.25 -39.77 -0.30
CA ASP C 1039 13.83 -38.71 -1.22
C ASP C 1039 12.52 -39.05 -1.92
N THR C 1040 12.43 -40.32 -2.38
CA THR C 1040 11.26 -40.89 -3.07
C THR C 1040 10.06 -40.90 -2.14
N TYR C 1041 10.31 -41.27 -0.85
CA TYR C 1041 9.31 -41.31 0.23
C TYR C 1041 8.69 -39.94 0.47
N MET C 1042 9.55 -38.91 0.67
CA MET C 1042 9.12 -37.51 0.86
C MET C 1042 8.39 -36.96 -0.37
N LYS C 1043 8.77 -37.40 -1.58
CA LYS C 1043 8.13 -36.88 -2.78
C LYS C 1043 6.72 -37.47 -3.00
N VAL C 1044 6.51 -38.78 -2.80
CA VAL C 1044 5.28 -39.38 -3.31
C VAL C 1044 4.35 -39.97 -2.23
N GLN C 1045 4.59 -39.66 -0.91
CA GLN C 1045 3.70 -40.13 0.19
C GLN C 1045 2.26 -39.58 0.10
N GLU C 1046 2.08 -38.28 -0.23
CA GLU C 1046 0.77 -37.65 -0.34
C GLU C 1046 0.00 -38.17 -1.57
N ALA C 1047 0.73 -38.41 -2.68
CA ALA C 1047 0.19 -39.02 -3.89
C ALA C 1047 -0.27 -40.45 -3.64
N ALA C 1048 0.47 -41.19 -2.79
CA ALA C 1048 0.07 -42.54 -2.37
C ALA C 1048 -1.22 -42.53 -1.55
N GLU C 1049 -1.37 -41.52 -0.66
CA GLU C 1049 -2.60 -41.35 0.11
C GLU C 1049 -3.81 -41.05 -0.79
N ASP C 1050 -3.61 -40.18 -1.79
CA ASP C 1050 -4.64 -39.84 -2.79
C ASP C 1050 -5.03 -41.05 -3.64
N LEU C 1051 -4.02 -41.83 -4.08
CA LEU C 1051 -4.22 -43.05 -4.86
C LEU C 1051 -4.93 -44.13 -4.03
N TRP C 1052 -4.62 -44.20 -2.72
CA TRP C 1052 -5.29 -45.10 -1.77
C TRP C 1052 -6.77 -44.73 -1.61
N ARG C 1053 -7.07 -43.43 -1.57
CA ARG C 1053 -8.44 -42.95 -1.51
C ARG C 1053 -9.22 -43.25 -2.80
N LYS C 1054 -8.55 -43.25 -3.97
CA LYS C 1054 -9.22 -43.70 -5.20
C LYS C 1054 -9.45 -45.22 -5.19
N GLN C 1055 -8.44 -46.00 -4.72
CA GLN C 1055 -8.55 -47.47 -4.57
C GLN C 1055 -9.57 -47.92 -3.53
N ASN C 1056 -9.91 -47.05 -2.57
CA ASN C 1056 -11.01 -47.26 -1.62
C ASN C 1056 -12.34 -47.38 -2.34
N TYR C 1057 -12.56 -46.50 -3.32
CA TYR C 1057 -13.77 -46.56 -4.17
C TYR C 1057 -13.71 -47.78 -5.06
N GLU C 1058 -12.55 -48.09 -5.60
CA GLU C 1058 -12.35 -49.26 -6.48
C GLU C 1058 -12.68 -50.57 -5.77
N LEU C 1059 -12.22 -50.70 -4.52
CA LEU C 1059 -12.51 -51.86 -3.69
C LEU C 1059 -13.98 -51.91 -3.29
N CYS C 1060 -14.59 -50.74 -2.97
CA CYS C 1060 -16.02 -50.64 -2.64
C CYS C 1060 -16.91 -51.03 -3.83
N ALA C 1061 -16.57 -50.56 -5.04
CA ALA C 1061 -17.24 -50.88 -6.29
C ALA C 1061 -17.09 -52.35 -6.66
N GLU C 1062 -15.88 -52.92 -6.44
CA GLU C 1062 -15.60 -54.32 -6.72
C GLU C 1062 -16.40 -55.25 -5.80
N TYR C 1063 -16.47 -54.92 -4.52
CA TYR C 1063 -17.18 -55.76 -3.53
C TYR C 1063 -18.69 -55.52 -3.53
N LYS C 1064 -19.19 -54.43 -4.10
CA LYS C 1064 -20.64 -54.31 -4.30
C LYS C 1064 -21.20 -55.37 -5.25
N ASP C 1065 -20.50 -55.64 -6.36
CA ASP C 1065 -21.05 -56.54 -7.37
C ASP C 1065 -20.68 -58.00 -7.15
N ARG C 1066 -19.70 -58.29 -6.30
CA ARG C 1066 -19.25 -59.64 -6.04
C ARG C 1066 -20.29 -60.37 -5.18
N PRO C 1067 -20.59 -61.66 -5.47
CA PRO C 1067 -21.46 -62.46 -4.58
C PRO C 1067 -20.86 -62.62 -3.18
N PHE C 1068 -21.73 -62.81 -2.18
CA PHE C 1068 -21.28 -62.84 -0.77
C PHE C 1068 -20.60 -64.14 -0.41
N LEU C 1069 -21.05 -65.22 -0.99
CA LEU C 1069 -20.55 -66.57 -0.62
C LEU C 1069 -19.04 -66.71 -0.89
N PRO C 1070 -18.25 -67.17 0.13
CA PRO C 1070 -16.79 -67.28 -0.02
C PRO C 1070 -16.32 -68.20 -1.16
N ALA C 1071 -15.01 -68.25 -1.42
CA ALA C 1071 -14.42 -68.97 -2.58
C ALA C 1071 -14.80 -70.45 -2.78
N PRO C 1072 -14.74 -71.40 -1.81
CA PRO C 1072 -15.07 -72.76 -2.16
C PRO C 1072 -16.57 -72.73 -2.53
N PHE C 1073 -17.41 -72.17 -1.65
CA PHE C 1073 -18.90 -72.18 -1.77
C PHE C 1073 -19.46 -71.16 -2.76
N ILE C 1074 -18.63 -70.52 -3.57
CA ILE C 1074 -19.10 -69.54 -4.58
C ILE C 1074 -19.64 -70.24 -5.83
N LEU C 1075 -19.44 -71.56 -6.01
CA LEU C 1075 -20.00 -72.35 -7.10
C LEU C 1075 -21.52 -72.37 -7.07
N LEU C 1076 -22.10 -72.41 -5.86
CA LEU C 1076 -23.56 -72.33 -5.63
C LEU C 1076 -24.10 -70.98 -6.11
N ALA C 1077 -23.38 -69.90 -5.79
CA ALA C 1077 -23.71 -68.54 -6.25
C ALA C 1077 -23.60 -68.43 -7.76
N HIS C 1078 -22.57 -69.06 -8.36
CA HIS C 1078 -22.34 -69.07 -9.81
C HIS C 1078 -23.46 -69.79 -10.56
N VAL C 1079 -23.86 -70.98 -10.08
CA VAL C 1079 -24.96 -71.75 -10.70
C VAL C 1079 -26.30 -71.05 -10.47
N HIS C 1080 -26.46 -70.33 -9.33
CA HIS C 1080 -27.67 -69.53 -9.07
C HIS C 1080 -27.79 -68.35 -10.04
N MET C 1081 -26.67 -67.64 -10.32
CA MET C 1081 -26.66 -66.55 -11.30
C MET C 1081 -26.89 -67.05 -12.73
N LEU C 1082 -26.30 -68.21 -13.07
CA LEU C 1082 -26.52 -68.88 -14.36
C LEU C 1082 -27.98 -69.32 -14.53
N PHE C 1083 -28.58 -69.81 -13.43
CA PHE C 1083 -29.99 -70.19 -13.39
C PHE C 1083 -30.90 -68.97 -13.61
N MET C 1084 -30.55 -67.82 -12.98
CA MET C 1084 -31.31 -66.56 -13.21
C MET C 1084 -31.20 -66.06 -14.64
N ARG C 1085 -29.98 -66.12 -15.24
CA ARG C 1085 -29.78 -65.73 -16.65
C ARG C 1085 -30.53 -66.65 -17.62
N LEU C 1086 -30.50 -67.97 -17.37
CA LEU C 1086 -31.24 -68.94 -18.17
C LEU C 1086 -32.75 -68.75 -18.02
N LEU C 1087 -33.20 -68.42 -16.81
CA LEU C 1087 -34.65 -68.26 -16.52
C LEU C 1087 -35.13 -66.87 -16.97
N ARG C 1088 -34.23 -65.97 -17.31
CA ARG C 1088 -34.66 -64.64 -17.81
C ARG C 1088 -34.49 -64.54 -19.32
N LEU C 1089 -33.53 -65.28 -19.89
CA LEU C 1089 -33.35 -65.25 -21.33
C LEU C 1089 -34.26 -66.25 -22.04
N CYS C 1090 -34.27 -67.50 -21.60
CA CYS C 1090 -35.07 -68.54 -22.23
C CYS C 1090 -36.47 -68.66 -21.64
N GLY C 1091 -36.54 -68.87 -20.31
CA GLY C 1091 -37.83 -69.00 -19.63
C GLY C 1091 -38.69 -67.75 -19.62
N VAL C 1092 -38.06 -66.57 -19.40
CA VAL C 1092 -38.61 -65.21 -19.30
C VAL C 1092 -39.70 -65.10 -18.23
N HIS C 1093 -39.48 -65.78 -17.11
CA HIS C 1093 -40.43 -65.80 -16.00
C HIS C 1093 -40.17 -64.72 -14.96
N THR C 1094 -39.18 -63.86 -15.17
CA THR C 1094 -38.87 -62.79 -14.24
C THR C 1094 -38.23 -61.64 -15.00
N GLN C 1095 -37.99 -60.55 -14.27
CA GLN C 1095 -37.38 -59.35 -14.84
C GLN C 1095 -36.55 -58.67 -13.75
N GLU C 1096 -36.16 -57.43 -14.00
CA GLU C 1096 -35.35 -56.65 -13.08
C GLU C 1096 -36.20 -55.51 -12.53
N HIS C 1097 -36.05 -55.24 -11.24
CA HIS C 1097 -36.79 -54.17 -10.57
C HIS C 1097 -35.84 -53.20 -9.90
N GLU C 1098 -36.21 -51.91 -9.95
CA GLU C 1098 -35.40 -50.85 -9.36
C GLU C 1098 -36.34 -49.78 -8.83
N LYS C 1099 -35.76 -48.75 -8.22
CA LYS C 1099 -36.51 -47.64 -7.66
C LYS C 1099 -36.07 -46.33 -8.31
N ILE C 1100 -37.05 -45.49 -8.64
CA ILE C 1100 -36.79 -44.21 -9.29
C ILE C 1100 -37.19 -43.09 -8.34
N GLN C 1101 -36.29 -42.11 -8.19
CA GLN C 1101 -36.50 -40.96 -7.33
C GLN C 1101 -37.61 -40.04 -7.83
N ASP C 1102 -38.38 -39.51 -6.88
CA ASP C 1102 -39.46 -38.56 -7.17
C ASP C 1102 -38.89 -37.22 -7.61
N ASP C 1103 -39.72 -36.45 -8.35
CA ASP C 1103 -39.35 -35.12 -8.85
C ASP C 1103 -39.11 -34.08 -7.76
N GLU C 1104 -39.81 -34.22 -6.61
CA GLU C 1104 -39.69 -33.33 -5.45
C GLU C 1104 -38.28 -33.37 -4.84
N THR C 1105 -37.76 -34.58 -4.58
CA THR C 1105 -36.41 -34.71 -4.03
C THR C 1105 -35.33 -34.34 -5.05
N LYS C 1106 -35.57 -34.55 -6.37
CA LYS C 1106 -34.66 -34.12 -7.44
C LYS C 1106 -34.53 -32.60 -7.52
N ARG C 1107 -35.68 -31.89 -7.47
CA ARG C 1107 -35.67 -30.43 -7.46
C ARG C 1107 -35.10 -29.87 -6.15
N LYS C 1108 -35.29 -30.60 -5.02
CA LYS C 1108 -34.66 -30.24 -3.74
C LYS C 1108 -33.13 -30.32 -3.80
N ILE C 1109 -32.60 -31.41 -4.39
CA ILE C 1109 -31.15 -31.61 -4.61
C ILE C 1109 -30.59 -30.56 -5.57
N THR C 1110 -31.35 -30.26 -6.65
CA THR C 1110 -31.02 -29.26 -7.66
C THR C 1110 -30.93 -27.83 -7.08
N THR C 1111 -31.93 -27.48 -6.23
CA THR C 1111 -32.01 -26.20 -5.52
C THR C 1111 -30.86 -26.03 -4.52
N PHE C 1112 -30.56 -27.13 -3.78
CA PHE C 1112 -29.45 -27.23 -2.82
C PHE C 1112 -28.10 -27.01 -3.50
N GLU C 1113 -27.90 -27.67 -4.66
CA GLU C 1113 -26.66 -27.61 -5.43
C GLU C 1113 -26.42 -26.22 -6.02
N GLU C 1114 -27.49 -25.58 -6.55
CA GLU C 1114 -27.40 -24.21 -7.10
C GLU C 1114 -27.11 -23.17 -6.02
N LEU C 1115 -27.79 -23.30 -4.86
CA LEU C 1115 -27.60 -22.43 -3.69
C LEU C 1115 -26.18 -22.52 -3.14
N ASN C 1116 -25.66 -23.76 -3.04
CA ASN C 1116 -24.28 -23.97 -2.57
C ASN C 1116 -23.24 -23.54 -3.59
N THR C 1117 -23.56 -23.62 -4.90
CA THR C 1117 -22.70 -23.10 -5.98
C THR C 1117 -22.53 -21.58 -5.88
N ASP C 1118 -23.67 -20.86 -5.69
CA ASP C 1118 -23.66 -19.40 -5.49
C ASP C 1118 -22.96 -18.99 -4.20
N LYS C 1119 -23.20 -19.76 -3.12
CA LYS C 1119 -22.59 -19.55 -1.81
C LYS C 1119 -21.06 -19.72 -1.84
N PHE C 1120 -20.58 -20.73 -2.60
CA PHE C 1120 -19.14 -20.99 -2.75
C PHE C 1120 -18.50 -19.87 -3.55
N LEU C 1121 -19.16 -19.44 -4.61
CA LEU C 1121 -18.64 -18.36 -5.46
C LEU C 1121 -18.54 -17.03 -4.70
N ARG C 1122 -19.54 -16.71 -3.86
CA ARG C 1122 -19.50 -15.53 -2.97
C ARG C 1122 -18.35 -15.62 -1.97
N ARG C 1123 -18.18 -16.82 -1.33
CA ARG C 1123 -17.11 -17.06 -0.34
C ARG C 1123 -15.73 -16.98 -1.00
N TRP C 1124 -15.62 -17.56 -2.22
CA TRP C 1124 -14.42 -17.59 -3.06
C TRP C 1124 -14.00 -16.20 -3.50
N GLU C 1125 -14.98 -15.39 -3.93
CA GLU C 1125 -14.78 -13.98 -4.30
C GLU C 1125 -14.30 -13.16 -3.12
N ARG C 1126 -14.93 -13.36 -1.92
CA ARG C 1126 -14.55 -12.68 -0.67
C ARG C 1126 -13.13 -13.03 -0.23
N GLU C 1127 -12.78 -14.33 -0.34
CA GLU C 1127 -11.45 -14.88 0.00
C GLU C 1127 -10.38 -14.33 -0.95
N ARG C 1128 -10.71 -14.24 -2.25
CA ARG C 1128 -9.75 -13.71 -3.21
C ARG C 1128 -9.57 -12.20 -3.01
N GLN C 1129 -10.62 -11.48 -2.57
CA GLN C 1129 -10.45 -10.06 -2.24
C GLN C 1129 -9.72 -9.82 -0.91
N GLU C 1130 -9.60 -10.83 -0.04
CA GLU C 1130 -8.85 -10.61 1.20
C GLU C 1130 -7.38 -10.98 1.09
N MET C 1131 -6.93 -11.46 -0.07
CA MET C 1131 -5.53 -11.75 -0.31
C MET C 1131 -4.70 -10.46 -0.37
N LEU C 1132 -3.42 -10.60 -0.01
CA LEU C 1132 -2.46 -9.49 0.04
C LEU C 1132 -2.18 -8.86 -1.33
N GLU C 1133 -2.02 -9.71 -2.37
CA GLU C 1133 -1.75 -9.28 -3.76
C GLU C 1133 -2.88 -8.45 -4.35
N ALA C 1134 -4.13 -8.91 -4.14
CA ALA C 1134 -5.34 -8.24 -4.61
C ALA C 1134 -5.55 -6.90 -3.91
N ARG C 1135 -5.30 -6.86 -2.59
CA ARG C 1135 -5.43 -5.64 -1.79
C ARG C 1135 -4.39 -4.58 -2.17
N VAL C 1136 -3.15 -5.02 -2.44
CA VAL C 1136 -2.06 -4.12 -2.90
C VAL C 1136 -2.38 -3.56 -4.30
N LYS C 1137 -2.88 -4.44 -5.20
CA LYS C 1137 -3.34 -4.08 -6.56
C LYS C 1137 -4.51 -3.10 -6.54
N MET C 1138 -5.48 -3.36 -5.65
CA MET C 1138 -6.67 -2.52 -5.45
C MET C 1138 -6.30 -1.15 -4.92
N THR C 1139 -5.33 -1.11 -3.98
CA THR C 1139 -4.79 0.11 -3.38
C THR C 1139 -4.07 0.98 -4.41
N ASN C 1140 -3.29 0.32 -5.30
CA ASN C 1140 -2.55 0.96 -6.40
C ASN C 1140 -3.50 1.63 -7.42
N ASP C 1141 -4.54 0.88 -7.87
CA ASP C 1141 -5.55 1.39 -8.81
C ASP C 1141 -6.37 2.54 -8.21
N ASN C 1142 -6.69 2.42 -6.90
CA ASN C 1142 -7.42 3.46 -6.16
C ASN C 1142 -6.62 4.76 -6.04
N VAL C 1143 -5.31 4.65 -5.79
CA VAL C 1143 -4.44 5.86 -5.70
C VAL C 1143 -4.33 6.49 -7.09
N VAL C 1144 -4.22 5.71 -8.17
CA VAL C 1144 -4.18 6.23 -9.55
C VAL C 1144 -5.48 7.02 -9.89
N GLN C 1145 -6.65 6.43 -9.54
CA GLN C 1145 -7.96 7.09 -9.69
C GLN C 1145 -8.09 8.34 -8.81
N ALA C 1146 -7.46 8.31 -7.62
CA ALA C 1146 -7.38 9.44 -6.69
C ALA C 1146 -6.60 10.61 -7.30
N MET C 1147 -5.50 10.34 -7.96
CA MET C 1147 -4.78 11.43 -8.65
C MET C 1147 -5.63 11.95 -9.82
N GLY C 1148 -6.35 11.10 -10.57
CA GLY C 1148 -7.27 11.56 -11.62
C GLY C 1148 -8.27 12.58 -11.09
N MET C 1149 -8.82 12.30 -9.88
CA MET C 1149 -9.74 13.20 -9.21
C MET C 1149 -9.05 14.50 -8.78
N MET C 1150 -7.77 14.40 -8.38
CA MET C 1150 -6.98 15.63 -8.04
C MET C 1150 -6.64 16.42 -9.30
N ASP C 1151 -6.46 15.79 -10.46
CA ASP C 1151 -6.29 16.50 -11.74
C ASP C 1151 -7.53 17.33 -12.08
N GLN C 1152 -8.66 16.90 -11.54
CA GLN C 1152 -9.91 17.66 -11.72
C GLN C 1152 -9.95 18.79 -10.71
N LEU C 1153 -9.55 18.51 -9.46
CA LEU C 1153 -9.48 19.59 -8.44
C LEU C 1153 -8.55 20.69 -8.97
N LEU C 1154 -7.29 20.38 -9.25
CA LEU C 1154 -6.34 21.43 -9.65
C LEU C 1154 -6.86 22.19 -10.86
N GLU C 1155 -7.54 21.52 -11.78
CA GLU C 1155 -8.00 22.20 -13.03
C GLU C 1155 -8.99 23.25 -12.59
N HIS C 1156 -10.04 22.81 -11.96
CA HIS C 1156 -11.06 23.71 -11.42
C HIS C 1156 -10.45 24.84 -10.55
N MET C 1157 -9.43 24.56 -9.75
CA MET C 1157 -8.87 25.60 -8.85
C MET C 1157 -8.19 26.67 -9.70
N ILE C 1158 -7.53 26.27 -10.78
CA ILE C 1158 -6.90 27.24 -11.70
C ILE C 1158 -8.03 28.01 -12.36
N SER C 1159 -9.01 27.33 -12.92
CA SER C 1159 -10.21 28.02 -13.44
C SER C 1159 -10.67 29.14 -12.52
N PHE C 1160 -10.69 28.94 -11.21
CA PHE C 1160 -11.12 30.06 -10.33
C PHE C 1160 -10.01 31.11 -10.23
N ARG C 1161 -8.75 30.68 -10.24
CA ARG C 1161 -7.65 31.66 -10.22
C ARG C 1161 -7.76 32.62 -11.40
N PHE C 1162 -8.16 32.11 -12.56
CA PHE C 1162 -8.31 32.95 -13.77
C PHE C 1162 -9.55 33.80 -13.54
N SER C 1163 -10.61 33.16 -13.10
CA SER C 1163 -11.89 33.88 -12.91
C SER C 1163 -11.76 35.07 -11.95
N LEU C 1164 -11.02 34.89 -10.84
CA LEU C 1164 -10.77 35.99 -9.90
C LEU C 1164 -9.84 37.03 -10.50
N ASP C 1165 -8.86 36.60 -11.33
CA ASP C 1165 -7.98 37.54 -12.03
C ASP C 1165 -8.75 38.42 -13.02
N GLN C 1166 -9.66 37.83 -13.81
CA GLN C 1166 -10.48 38.66 -14.71
C GLN C 1166 -11.60 39.41 -13.99
N GLN C 1167 -11.95 39.02 -12.75
CA GLN C 1167 -12.98 39.74 -12.00
C GLN C 1167 -12.49 41.07 -11.43
N ALA C 1168 -11.17 41.31 -11.39
CA ALA C 1168 -10.62 42.56 -10.88
C ALA C 1168 -10.18 43.50 -12.00
N THR C 1169 -9.94 42.99 -13.20
CA THR C 1169 -9.56 43.81 -14.34
C THR C 1169 -10.76 44.31 -15.15
N LYS C 1170 -11.97 43.92 -14.76
CA LYS C 1170 -13.16 44.34 -15.48
C LYS C 1170 -13.94 45.38 -14.67
N ILE C 1197 -12.10 63.08 -23.31
CA ILE C 1197 -11.07 64.04 -23.68
C ILE C 1197 -9.69 63.41 -23.60
N ASN C 1198 -9.50 62.54 -22.61
CA ASN C 1198 -8.23 61.83 -22.39
C ASN C 1198 -8.17 60.53 -23.20
N ARG C 1199 -8.20 60.66 -24.53
CA ARG C 1199 -8.16 59.52 -25.44
C ARG C 1199 -7.36 59.93 -26.66
N LEU C 1200 -6.32 59.15 -26.98
CA LEU C 1200 -5.41 59.51 -28.06
C LEU C 1200 -5.19 58.29 -28.94
N ASN C 1201 -5.18 58.49 -30.25
CA ASN C 1201 -4.99 57.43 -31.23
C ASN C 1201 -3.65 57.70 -31.91
N SER C 1202 -2.68 56.83 -31.65
CA SER C 1202 -1.31 56.95 -32.17
C SER C 1202 -0.99 55.95 -33.26
N ALA C 1203 -2.02 55.36 -33.91
CA ALA C 1203 -1.83 54.41 -35.01
C ALA C 1203 -1.26 55.04 -36.28
N VAL C 1204 -1.41 56.37 -36.46
CA VAL C 1204 -0.88 57.12 -37.61
C VAL C 1204 0.66 57.09 -37.66
N ALA C 1205 1.33 56.99 -36.50
CA ALA C 1205 2.79 56.85 -36.40
C ALA C 1205 3.33 55.54 -36.94
N VAL C 1206 2.52 54.49 -36.98
CA VAL C 1206 2.97 53.16 -37.39
C VAL C 1206 2.71 53.01 -38.88
N HIS C 1207 1.47 53.24 -39.31
CA HIS C 1207 1.10 53.01 -40.71
C HIS C 1207 1.49 54.20 -41.58
N GLY C 1208 0.95 55.37 -41.29
CA GLY C 1208 1.26 56.54 -42.08
C GLY C 1208 0.08 57.03 -42.90
N HIS C 1209 -0.43 58.23 -42.54
CA HIS C 1209 -1.45 59.07 -43.20
C HIS C 1209 -2.91 58.59 -43.15
N THR C 1210 -3.15 57.34 -42.71
CA THR C 1210 -4.42 56.61 -42.51
C THR C 1210 -5.41 56.72 -43.68
N ALA C 1211 -6.68 57.15 -43.40
CA ALA C 1211 -7.75 57.44 -44.37
C ALA C 1211 -8.15 56.21 -45.20
N GLU C 1212 -8.50 55.13 -44.48
CA GLU C 1212 -8.95 53.90 -45.13
C GLU C 1212 -10.35 54.05 -45.73
N ALA C 1213 -11.29 54.66 -44.95
CA ALA C 1213 -12.71 54.95 -45.30
C ALA C 1213 -13.50 53.69 -45.70
N ALA C 1214 -13.20 52.57 -45.04
CA ALA C 1214 -13.85 51.29 -45.29
C ALA C 1214 -15.23 51.13 -44.65
N GLU C 1215 -15.67 52.11 -43.83
CA GLU C 1215 -16.95 52.03 -43.11
C GLU C 1215 -18.14 52.06 -44.07
N TRP C 1216 -18.02 52.84 -45.15
CA TRP C 1216 -19.09 53.09 -46.11
C TRP C 1216 -19.41 51.83 -46.92
N TYR C 1217 -20.69 51.59 -47.15
CA TYR C 1217 -21.11 50.35 -47.80
C TYR C 1217 -21.35 50.61 -49.28
N VAL C 1218 -20.79 49.73 -50.10
CA VAL C 1218 -21.00 49.73 -51.55
C VAL C 1218 -21.54 48.35 -51.90
N PRO C 1219 -22.76 48.25 -52.47
CA PRO C 1219 -23.33 46.93 -52.84
C PRO C 1219 -22.58 46.28 -54.01
N PRO C 1220 -22.61 44.93 -54.14
CA PRO C 1220 -21.98 44.24 -55.29
C PRO C 1220 -22.58 44.60 -56.65
N GLU C 1221 -21.73 44.50 -57.69
CA GLU C 1221 -22.04 44.93 -59.06
C GLU C 1221 -23.22 44.20 -59.68
N GLU C 1222 -23.28 42.89 -59.50
CA GLU C 1222 -24.37 42.11 -60.09
C GLU C 1222 -25.49 42.09 -59.06
N TYR C 1223 -26.66 42.59 -59.45
CA TYR C 1223 -27.86 42.55 -58.60
C TYR C 1223 -28.33 41.11 -58.42
N PRO C 1224 -28.63 40.67 -57.16
CA PRO C 1224 -29.08 39.29 -56.94
C PRO C 1224 -30.43 39.00 -57.60
N LYS C 1225 -30.56 37.78 -58.16
CA LYS C 1225 -31.75 37.18 -58.80
C LYS C 1225 -32.32 38.00 -59.98
N SER C 1226 -31.51 38.82 -60.64
CA SER C 1226 -31.92 39.72 -61.71
C SER C 1226 -31.53 39.24 -63.10
N GLY C 1227 -30.91 38.07 -63.21
CA GLY C 1227 -30.42 37.58 -64.49
C GLY C 1227 -29.27 38.37 -65.08
N GLY C 1228 -28.29 38.74 -64.26
CA GLY C 1228 -27.09 39.40 -64.76
C GLY C 1228 -27.15 40.89 -64.95
N VAL C 1229 -28.20 41.57 -64.45
CA VAL C 1229 -28.29 43.03 -64.56
C VAL C 1229 -27.29 43.67 -63.60
N LYS C 1230 -26.48 44.60 -64.13
CA LYS C 1230 -25.39 45.21 -63.38
C LYS C 1230 -25.66 46.68 -63.10
N ARG C 1231 -25.28 47.14 -61.90
CA ARG C 1231 -25.39 48.53 -61.49
C ARG C 1231 -24.35 49.43 -62.20
N TYR C 1232 -24.39 50.71 -61.84
CA TYR C 1232 -23.37 51.66 -62.29
C TYR C 1232 -22.34 51.78 -61.17
N LEU C 1233 -21.11 51.29 -61.35
CA LEU C 1233 -20.12 51.23 -60.25
C LEU C 1233 -19.82 52.59 -59.65
N ILE C 1234 -19.55 52.63 -58.34
CA ILE C 1234 -19.21 53.91 -57.65
C ILE C 1234 -18.15 53.60 -56.60
N ASP C 1235 -16.97 54.24 -56.66
CA ASP C 1235 -16.01 54.07 -55.58
C ASP C 1235 -16.64 54.38 -54.23
N ALA C 1236 -16.10 53.77 -53.16
CA ALA C 1236 -16.56 53.98 -51.78
C ALA C 1236 -16.35 55.38 -51.21
N SER C 1237 -15.51 56.22 -51.82
CA SER C 1237 -15.27 57.59 -51.41
C SER C 1237 -16.20 58.57 -52.12
N MET C 1238 -17.15 58.07 -52.91
CA MET C 1238 -18.10 58.90 -53.63
C MET C 1238 -19.54 58.67 -53.22
N VAL C 1239 -19.79 57.81 -52.22
CA VAL C 1239 -21.17 57.43 -51.78
C VAL C 1239 -21.97 58.52 -51.10
N PRO C 1240 -21.51 59.31 -50.09
CA PRO C 1240 -22.41 60.25 -49.40
C PRO C 1240 -23.06 61.37 -50.23
N LEU C 1241 -24.24 61.88 -49.86
CA LEU C 1241 -25.00 62.89 -50.59
C LEU C 1241 -24.46 64.32 -50.47
N SER C 1242 -23.56 64.60 -49.49
CA SER C 1242 -22.95 65.93 -49.38
C SER C 1242 -21.99 66.19 -50.54
N ILE C 1243 -21.30 65.15 -51.01
CA ILE C 1243 -20.34 65.25 -52.11
C ILE C 1243 -21.16 65.35 -53.40
N MET C 1244 -20.68 66.16 -54.36
CA MET C 1244 -21.42 66.50 -55.58
C MET C 1244 -21.56 65.30 -56.54
N CYS C 1245 -20.41 64.76 -57.03
CA CYS C 1245 -20.25 63.67 -58.01
C CYS C 1245 -21.03 63.88 -59.32
N PRO C 1246 -20.62 64.80 -60.21
CA PRO C 1246 -21.41 65.11 -61.44
C PRO C 1246 -21.54 63.98 -62.48
N SER C 1247 -20.67 62.96 -62.45
CA SER C 1247 -20.71 61.88 -63.43
C SER C 1247 -21.58 60.69 -62.99
N TYR C 1248 -22.58 60.92 -62.15
CA TYR C 1248 -23.43 59.88 -61.60
C TYR C 1248 -24.57 59.57 -62.56
N ASP C 1249 -24.54 58.37 -63.16
CA ASP C 1249 -25.58 57.94 -64.11
C ASP C 1249 -26.08 56.55 -63.72
N PRO C 1250 -26.97 56.45 -62.71
CA PRO C 1250 -27.47 55.13 -62.28
C PRO C 1250 -28.45 54.51 -63.28
N VAL C 1251 -28.60 53.20 -63.16
CA VAL C 1251 -29.51 52.44 -64.03
C VAL C 1251 -30.82 52.19 -63.28
N GLU C 1252 -31.93 52.36 -63.99
CA GLU C 1252 -33.25 52.15 -63.41
C GLU C 1252 -33.71 50.73 -63.72
N TYR C 1253 -33.85 49.91 -62.69
CA TYR C 1253 -34.27 48.52 -62.88
C TYR C 1253 -35.27 48.15 -61.80
N THR C 1254 -36.37 47.53 -62.21
CA THR C 1254 -37.37 46.99 -61.30
C THR C 1254 -37.59 45.53 -61.70
N HIS C 1255 -37.57 44.64 -60.70
CA HIS C 1255 -37.75 43.19 -60.86
C HIS C 1255 -39.15 42.86 -61.38
N PRO C 1256 -39.29 41.81 -62.22
CA PRO C 1256 -40.64 41.37 -62.70
C PRO C 1256 -41.63 40.95 -61.62
N SER C 1257 -41.15 40.34 -60.53
CA SER C 1257 -42.00 39.96 -59.40
C SER C 1257 -42.62 41.17 -58.71
N VAL C 1258 -41.83 42.23 -58.52
CA VAL C 1258 -42.33 43.49 -57.94
C VAL C 1258 -43.26 44.21 -58.91
N ALA C 1259 -42.91 44.21 -60.21
CA ALA C 1259 -43.70 44.85 -61.28
C ALA C 1259 -45.01 44.14 -61.62
N ALA C 1260 -45.24 42.91 -61.14
CA ALA C 1260 -46.47 42.14 -61.33
C ALA C 1260 -47.60 42.54 -60.37
N GLN C 1261 -47.20 43.40 -59.40
CA GLN C 1261 -48.09 44.04 -58.38
C GLN C 1261 -48.71 43.16 -57.31
N PRO C 1262 -47.99 42.44 -56.43
CA PRO C 1262 -48.65 41.73 -55.31
C PRO C 1262 -49.21 42.62 -54.20
N VAL C 1263 -49.68 41.97 -53.12
CA VAL C 1263 -50.29 42.66 -51.98
C VAL C 1263 -49.25 43.46 -51.18
N TRP C 1264 -48.00 43.03 -51.15
CA TRP C 1264 -46.98 43.69 -50.33
C TRP C 1264 -46.20 44.74 -51.12
N ALA C 1265 -46.62 45.06 -52.34
CA ALA C 1265 -45.94 46.01 -53.21
C ALA C 1265 -46.70 47.32 -53.29
N ASP C 1266 -45.98 48.42 -53.14
CA ASP C 1266 -46.52 49.76 -53.28
C ASP C 1266 -46.90 50.10 -54.73
N PRO C 1267 -47.84 51.07 -54.96
CA PRO C 1267 -48.15 51.54 -56.32
C PRO C 1267 -46.96 52.18 -57.05
N ALA C 1268 -46.94 52.02 -58.38
CA ALA C 1268 -45.85 52.48 -59.27
C ALA C 1268 -45.66 54.00 -59.30
N ASP C 1269 -46.68 54.79 -58.97
CA ASP C 1269 -46.57 56.24 -58.93
C ASP C 1269 -46.47 56.64 -57.47
N PRO C 1270 -45.30 57.05 -56.97
CA PRO C 1270 -45.17 57.37 -55.54
C PRO C 1270 -45.62 58.77 -55.13
N ARG C 1271 -46.30 59.53 -55.99
CA ARG C 1271 -46.71 60.91 -55.69
C ARG C 1271 -47.82 60.96 -54.63
N LYS C 1272 -48.63 59.92 -54.52
CA LYS C 1272 -49.71 59.86 -53.54
C LYS C 1272 -49.26 59.23 -52.23
N ILE C 1273 -48.00 58.82 -52.12
CA ILE C 1273 -47.49 58.16 -50.92
C ILE C 1273 -46.87 59.24 -50.03
N LYS C 1274 -47.24 59.24 -48.75
CA LYS C 1274 -46.68 60.18 -47.78
C LYS C 1274 -45.59 59.49 -46.98
N PHE C 1275 -44.39 60.06 -46.99
CA PHE C 1275 -43.26 59.50 -46.28
C PHE C 1275 -43.04 60.26 -44.99
N ASN C 1276 -42.15 59.73 -44.14
CA ASN C 1276 -41.69 60.15 -42.80
C ASN C 1276 -42.75 60.09 -41.68
N VAL C 1277 -43.97 59.63 -41.95
CA VAL C 1277 -45.06 59.49 -40.99
C VAL C 1277 -45.71 58.14 -41.26
N LYS C 1278 -46.49 57.66 -40.29
CA LYS C 1278 -47.24 56.42 -40.43
C LYS C 1278 -48.36 56.60 -41.45
N ASP C 1279 -48.29 55.86 -42.56
CA ASP C 1279 -49.24 56.04 -43.65
C ASP C 1279 -50.15 54.83 -43.79
N GLU C 1280 -51.43 55.09 -44.05
CA GLU C 1280 -52.43 54.03 -44.18
C GLU C 1280 -52.69 53.72 -45.66
N VAL C 1281 -52.34 52.52 -46.09
CA VAL C 1281 -52.70 52.06 -47.44
C VAL C 1281 -53.66 50.88 -47.28
N ASN C 1282 -54.87 51.05 -47.87
CA ASN C 1282 -56.07 50.17 -47.81
C ASN C 1282 -56.52 49.87 -46.37
N GLY C 1283 -56.40 50.88 -45.51
CA GLY C 1283 -56.72 50.81 -44.11
C GLY C 1283 -55.67 50.14 -43.24
N LYS C 1284 -54.52 49.77 -43.80
CA LYS C 1284 -53.45 49.11 -43.08
C LYS C 1284 -52.30 50.08 -42.85
N VAL C 1285 -51.75 50.06 -41.63
CA VAL C 1285 -50.70 51.00 -41.25
C VAL C 1285 -49.33 50.51 -41.75
N VAL C 1286 -48.53 51.45 -42.28
CA VAL C 1286 -47.15 51.22 -42.71
C VAL C 1286 -46.35 52.31 -41.99
N ASP C 1287 -45.17 51.93 -41.48
CA ASP C 1287 -44.30 52.78 -40.65
C ASP C 1287 -43.81 54.02 -41.40
N ARG C 1288 -43.02 53.82 -42.46
CA ARG C 1288 -42.41 54.80 -43.40
C ARG C 1288 -41.44 55.80 -42.77
N THR C 1289 -40.99 55.61 -41.54
CA THR C 1289 -40.05 56.53 -40.90
C THR C 1289 -38.67 55.90 -40.85
N SER C 1290 -37.68 56.67 -41.26
CA SER C 1290 -36.30 56.21 -41.28
C SER C 1290 -35.58 56.63 -40.01
N CYS C 1291 -34.61 55.80 -39.59
CA CYS C 1291 -33.79 56.10 -38.42
C CYS C 1291 -32.66 57.12 -38.67
N HIS C 1292 -32.47 57.56 -39.93
CA HIS C 1292 -31.51 58.60 -40.27
C HIS C 1292 -31.93 59.94 -39.66
N PRO C 1293 -31.01 60.66 -38.96
CA PRO C 1293 -31.35 61.97 -38.34
C PRO C 1293 -31.80 63.07 -39.29
N SER C 1294 -31.26 63.10 -40.52
CA SER C 1294 -31.65 64.12 -41.50
C SER C 1294 -33.05 63.87 -42.05
N GLY C 1295 -33.43 62.60 -42.21
CA GLY C 1295 -34.71 62.25 -42.78
C GLY C 1295 -34.59 61.93 -44.26
N ILE C 1296 -35.73 61.63 -44.87
CA ILE C 1296 -35.81 61.27 -46.28
C ILE C 1296 -36.18 62.52 -47.07
N SER C 1297 -35.42 62.82 -48.12
CA SER C 1297 -35.71 63.94 -48.99
C SER C 1297 -36.41 63.44 -50.25
N ILE C 1298 -37.38 64.21 -50.73
CA ILE C 1298 -38.23 63.81 -51.85
C ILE C 1298 -37.75 64.55 -53.10
N ASP C 1299 -37.45 63.79 -54.16
CA ASP C 1299 -37.10 64.36 -55.46
C ASP C 1299 -38.32 65.05 -56.07
N SER C 1300 -38.13 66.27 -56.57
CA SER C 1300 -39.24 67.05 -57.10
C SER C 1300 -39.72 66.57 -58.48
N ASN C 1301 -38.79 66.04 -59.30
CA ASN C 1301 -39.09 65.66 -60.68
C ASN C 1301 -40.02 64.44 -60.78
N THR C 1302 -39.71 63.37 -60.06
CA THR C 1302 -40.44 62.12 -60.18
C THR C 1302 -41.24 61.73 -58.95
N GLY C 1303 -41.01 62.38 -57.81
CA GLY C 1303 -41.67 62.03 -56.56
C GLY C 1303 -41.09 60.87 -55.80
N ARG C 1304 -40.04 60.22 -56.32
CA ARG C 1304 -39.42 59.08 -55.66
C ARG C 1304 -38.60 59.54 -54.45
N PRO C 1305 -38.56 58.74 -53.37
CA PRO C 1305 -37.67 59.07 -52.25
C PRO C 1305 -36.20 58.87 -52.59
N ILE C 1306 -35.35 59.61 -51.88
CA ILE C 1306 -33.90 59.56 -52.04
C ILE C 1306 -33.31 58.96 -50.77
N ASN C 1307 -32.45 57.94 -50.94
CA ASN C 1307 -31.79 57.20 -49.86
C ASN C 1307 -30.84 58.14 -49.10
N PRO C 1308 -31.03 58.36 -47.80
CA PRO C 1308 -30.16 59.27 -47.06
C PRO C 1308 -28.82 58.66 -46.70
N TRP C 1309 -28.67 57.33 -46.79
CA TRP C 1309 -27.47 56.62 -46.39
C TRP C 1309 -26.43 56.53 -47.50
N GLY C 1310 -26.66 57.15 -48.64
CA GLY C 1310 -25.69 57.26 -49.69
C GLY C 1310 -26.21 56.76 -51.02
N ARG C 1311 -25.33 56.83 -52.01
CA ARG C 1311 -25.64 56.37 -53.36
C ARG C 1311 -25.31 54.88 -53.48
N THR C 1312 -26.10 54.18 -54.28
CA THR C 1312 -25.89 52.77 -54.57
C THR C 1312 -25.74 52.48 -56.06
N GLY C 1313 -25.71 53.53 -56.90
CA GLY C 1313 -25.56 53.35 -58.32
C GLY C 1313 -26.75 52.76 -59.06
N MET C 1314 -27.95 52.89 -58.50
CA MET C 1314 -29.16 52.24 -59.03
C MET C 1314 -30.42 52.91 -58.51
N THR C 1315 -31.28 53.36 -59.42
CA THR C 1315 -32.61 53.87 -59.09
C THR C 1315 -33.65 52.78 -59.29
N GLY C 1316 -34.90 53.10 -59.00
CA GLY C 1316 -35.98 52.14 -59.07
C GLY C 1316 -36.08 51.32 -57.79
N ARG C 1317 -37.05 50.42 -57.76
CA ARG C 1317 -37.30 49.63 -56.55
C ARG C 1317 -36.51 48.34 -56.46
N GLY C 1318 -36.15 47.75 -57.61
CA GLY C 1318 -35.45 46.47 -57.66
C GLY C 1318 -36.29 45.32 -57.12
N LEU C 1319 -35.71 44.55 -56.19
CA LEU C 1319 -36.43 43.43 -55.58
C LEU C 1319 -37.30 43.84 -54.40
N LEU C 1320 -37.22 45.09 -53.98
CA LEU C 1320 -37.95 45.57 -52.81
C LEU C 1320 -39.32 46.11 -53.22
N GLY C 1321 -40.34 45.75 -52.45
CA GLY C 1321 -41.69 46.05 -52.84
C GLY C 1321 -42.20 47.42 -52.47
N LYS C 1322 -41.60 48.06 -51.47
CA LYS C 1322 -42.09 49.33 -50.95
C LYS C 1322 -41.09 50.42 -51.27
N TRP C 1323 -41.60 51.56 -51.76
CA TRP C 1323 -40.81 52.77 -51.94
C TRP C 1323 -40.30 53.29 -50.61
N GLY C 1324 -39.02 53.64 -50.58
CA GLY C 1324 -38.46 54.18 -49.36
C GLY C 1324 -38.00 53.11 -48.41
N VAL C 1325 -38.45 53.22 -47.17
CA VAL C 1325 -37.97 52.35 -46.11
C VAL C 1325 -38.75 51.04 -46.13
N ASN C 1326 -38.03 49.94 -46.34
CA ASN C 1326 -38.58 48.61 -46.13
C ASN C 1326 -38.20 48.22 -44.72
N GLN C 1327 -39.20 48.15 -43.85
CA GLN C 1327 -38.96 47.83 -42.46
C GLN C 1327 -38.79 46.33 -42.32
N ALA C 1328 -37.65 45.91 -41.80
CA ALA C 1328 -37.40 44.51 -41.53
C ALA C 1328 -37.27 44.33 -40.03
N ALA C 1329 -37.66 43.16 -39.56
CA ALA C 1329 -37.50 42.78 -38.17
C ALA C 1329 -36.63 41.55 -38.12
N ASP C 1330 -35.59 41.59 -37.30
CA ASP C 1330 -34.70 40.47 -37.07
C ASP C 1330 -34.83 39.97 -35.65
N THR C 1331 -34.79 38.64 -35.51
CA THR C 1331 -34.97 37.96 -34.24
C THR C 1331 -33.68 37.26 -33.86
N VAL C 1332 -33.00 37.75 -32.84
CA VAL C 1332 -31.78 37.12 -32.36
C VAL C 1332 -32.15 36.38 -31.07
N VAL C 1333 -32.36 35.08 -31.16
CA VAL C 1333 -32.64 34.26 -29.99
C VAL C 1333 -31.31 33.73 -29.49
N THR C 1334 -30.91 34.12 -28.29
CA THR C 1334 -29.59 33.83 -27.75
C THR C 1334 -29.65 33.03 -26.47
N ARG C 1335 -28.56 32.32 -26.24
CA ARG C 1335 -28.34 31.59 -25.00
C ARG C 1335 -26.84 31.58 -24.76
N TRP C 1336 -26.46 31.39 -23.51
CA TRP C 1336 -25.05 31.27 -23.18
C TRP C 1336 -24.52 29.94 -23.65
N LYS C 1337 -23.33 29.94 -24.26
CA LYS C 1337 -22.71 28.72 -24.72
C LYS C 1337 -22.18 27.95 -23.52
N ARG C 1338 -22.77 26.80 -23.25
CA ARG C 1338 -22.46 26.01 -22.07
C ARG C 1338 -21.86 24.66 -22.44
N SER C 1339 -20.98 24.16 -21.57
CA SER C 1339 -20.40 22.81 -21.76
C SER C 1339 -21.30 21.82 -21.01
N PRO C 1340 -21.24 20.49 -21.26
CA PRO C 1340 -22.02 19.50 -20.50
C PRO C 1340 -22.09 19.76 -18.99
N ASP C 1341 -20.95 19.97 -18.33
CA ASP C 1341 -20.91 20.20 -16.89
C ASP C 1341 -21.78 21.38 -16.41
N GLY C 1342 -22.24 22.26 -17.32
CA GLY C 1342 -23.10 23.39 -17.00
C GLY C 1342 -22.39 24.73 -16.92
N SER C 1343 -21.07 24.75 -16.92
CA SER C 1343 -20.32 26.01 -16.85
C SER C 1343 -20.34 26.75 -18.18
N ILE C 1344 -20.51 28.07 -18.10
CA ILE C 1344 -20.56 28.93 -19.28
C ILE C 1344 -19.16 29.06 -19.87
N LEU C 1345 -19.03 28.91 -21.19
CA LEU C 1345 -17.77 29.05 -21.88
C LEU C 1345 -17.30 30.52 -21.86
N GLU C 1346 -16.02 30.73 -21.61
CA GLU C 1346 -15.47 32.07 -21.45
C GLU C 1346 -14.27 32.26 -22.37
N ARG C 1347 -14.32 33.31 -23.20
CA ARG C 1347 -13.21 33.66 -24.08
C ARG C 1347 -12.97 35.15 -23.97
N ASP C 1348 -11.68 35.53 -23.86
CA ASP C 1348 -11.14 36.90 -23.73
C ASP C 1348 -11.72 37.62 -22.47
N GLY C 1349 -11.94 36.87 -21.40
CA GLY C 1349 -12.49 37.39 -20.16
C GLY C 1349 -13.98 37.72 -20.17
N LYS C 1350 -14.71 37.31 -21.21
CA LYS C 1350 -16.13 37.58 -21.35
C LYS C 1350 -16.85 36.27 -21.66
N LYS C 1351 -18.11 36.20 -21.26
CA LYS C 1351 -18.93 35.02 -21.52
C LYS C 1351 -19.33 34.96 -23.00
N VAL C 1352 -19.40 33.74 -23.53
CA VAL C 1352 -19.60 33.49 -24.95
C VAL C 1352 -21.08 33.25 -25.21
N LEU C 1353 -21.64 33.95 -26.21
CA LEU C 1353 -23.04 33.81 -26.59
C LEU C 1353 -23.20 32.74 -27.68
N GLU C 1354 -24.45 32.43 -27.99
CA GLU C 1354 -24.81 31.48 -29.04
C GLU C 1354 -26.17 31.85 -29.59
N PHE C 1355 -26.29 31.96 -30.92
CA PHE C 1355 -27.52 32.44 -31.53
C PHE C 1355 -28.00 31.47 -32.59
N VAL C 1356 -29.31 31.50 -32.85
CA VAL C 1356 -29.92 30.66 -33.86
C VAL C 1356 -29.68 31.30 -35.22
N ALA C 1357 -29.03 30.57 -36.13
CA ALA C 1357 -28.69 31.07 -37.45
C ALA C 1357 -29.28 30.19 -38.53
N ILE C 1358 -29.81 30.82 -39.56
CA ILE C 1358 -30.41 30.12 -40.69
C ILE C 1358 -29.57 30.29 -41.94
N GLN C 1359 -29.58 29.26 -42.79
CA GLN C 1359 -28.93 29.33 -44.09
C GLN C 1359 -29.97 29.74 -45.12
N ARG C 1360 -29.77 30.93 -45.71
CA ARG C 1360 -30.72 31.52 -46.66
C ARG C 1360 -30.85 30.71 -47.96
N GLN C 1361 -32.07 30.69 -48.50
CA GLN C 1361 -32.35 29.95 -49.72
C GLN C 1361 -31.74 30.63 -50.95
N ASP C 1362 -31.73 31.96 -50.97
CA ASP C 1362 -31.35 32.70 -52.18
C ASP C 1362 -29.83 32.77 -52.41
N ASN C 1363 -29.04 33.07 -51.38
CA ASN C 1363 -27.61 33.29 -51.57
C ASN C 1363 -26.68 32.37 -50.78
N LYS C 1364 -27.25 31.40 -50.03
CA LYS C 1364 -26.56 30.36 -49.21
C LYS C 1364 -25.53 30.92 -48.22
N MET C 1365 -25.86 32.06 -47.62
CA MET C 1365 -25.07 32.64 -46.53
C MET C 1365 -25.90 32.57 -45.25
N TRP C 1366 -25.22 32.26 -44.15
CA TRP C 1366 -25.84 32.18 -42.83
C TRP C 1366 -26.27 33.57 -42.37
N ALA C 1367 -27.37 33.64 -41.65
CA ALA C 1367 -28.00 34.92 -41.31
C ALA C 1367 -28.89 34.76 -40.09
N ILE C 1368 -29.27 35.90 -39.54
CA ILE C 1368 -30.26 36.00 -38.47
C ILE C 1368 -31.65 35.83 -39.08
N PRO C 1369 -32.55 35.01 -38.49
CA PRO C 1369 -33.94 34.91 -38.96
C PRO C 1369 -34.67 36.25 -38.87
N GLY C 1370 -35.47 36.54 -39.88
CA GLY C 1370 -36.18 37.80 -39.90
C GLY C 1370 -36.77 38.04 -41.25
N GLY C 1371 -37.55 39.09 -41.33
CA GLY C 1371 -38.22 39.38 -42.58
C GLY C 1371 -38.89 40.73 -42.54
N PHE C 1372 -39.43 41.11 -43.70
CA PHE C 1372 -40.08 42.41 -43.88
C PHE C 1372 -41.37 42.52 -43.09
N VAL C 1373 -41.62 43.71 -42.55
CA VAL C 1373 -42.83 43.98 -41.79
C VAL C 1373 -44.02 44.09 -42.74
N ASP C 1374 -45.03 43.25 -42.52
CA ASP C 1374 -46.23 43.22 -43.33
C ASP C 1374 -47.12 44.45 -43.05
N ASN C 1375 -48.06 44.70 -43.97
CA ASN C 1375 -48.97 45.83 -43.85
C ASN C 1375 -49.96 45.65 -42.71
N GLY C 1376 -50.15 46.69 -41.90
CA GLY C 1376 -51.10 46.66 -40.81
C GLY C 1376 -50.65 45.93 -39.56
N GLU C 1377 -49.40 45.50 -39.49
CA GLU C 1377 -48.87 44.79 -38.34
C GLU C 1377 -47.60 45.47 -37.83
N ASP C 1378 -47.26 45.16 -36.59
CA ASP C 1378 -46.14 45.78 -35.90
C ASP C 1378 -44.95 44.83 -35.86
N VAL C 1379 -43.85 45.30 -35.25
CA VAL C 1379 -42.59 44.55 -35.14
C VAL C 1379 -42.72 43.33 -34.22
N ALA C 1380 -43.61 43.44 -33.20
CA ALA C 1380 -43.91 42.41 -32.18
C ALA C 1380 -44.41 41.10 -32.80
N LEU C 1381 -45.43 41.20 -33.65
CA LEU C 1381 -45.98 40.04 -34.35
C LEU C 1381 -44.98 39.50 -35.38
N THR C 1382 -44.30 40.42 -36.10
CA THR C 1382 -43.43 40.13 -37.25
C THR C 1382 -42.19 39.32 -36.86
N SER C 1383 -41.52 39.72 -35.76
CA SER C 1383 -40.28 39.10 -35.23
C SER C 1383 -40.50 37.65 -34.83
N GLY C 1384 -41.56 37.44 -34.02
CA GLY C 1384 -41.96 36.13 -33.57
C GLY C 1384 -42.43 35.22 -34.69
N ARG C 1385 -43.28 35.76 -35.60
CA ARG C 1385 -43.86 35.03 -36.75
C ARG C 1385 -42.80 34.56 -37.74
N GLU C 1386 -41.83 35.45 -38.08
CA GLU C 1386 -40.72 35.10 -38.98
C GLU C 1386 -39.79 34.08 -38.34
N PHE C 1387 -39.58 34.14 -37.03
CA PHE C 1387 -38.71 33.15 -36.33
C PHE C 1387 -39.37 31.78 -36.32
N MET C 1388 -40.67 31.71 -36.06
CA MET C 1388 -41.35 30.40 -36.14
C MET C 1388 -41.39 29.85 -37.57
N GLU C 1389 -41.64 30.72 -38.58
CA GLU C 1389 -41.70 30.28 -39.97
C GLU C 1389 -40.32 29.84 -40.50
N GLU C 1390 -39.26 30.58 -40.21
CA GLU C 1390 -37.97 30.29 -40.82
C GLU C 1390 -37.10 29.34 -40.00
N ALA C 1391 -36.84 29.69 -38.74
CA ALA C 1391 -35.95 28.90 -37.88
C ALA C 1391 -36.62 27.62 -37.40
N LEU C 1392 -37.91 27.68 -37.10
CA LEU C 1392 -38.63 26.53 -36.54
C LEU C 1392 -39.43 25.76 -37.58
N GLY C 1393 -39.75 26.38 -38.72
CA GLY C 1393 -40.60 25.74 -39.72
C GLY C 1393 -42.06 25.56 -39.39
N MET C 1394 -42.61 26.43 -38.54
CA MET C 1394 -43.99 26.29 -38.02
C MET C 1394 -45.09 26.74 -38.98
N GLY C 1395 -44.76 27.18 -40.18
CA GLY C 1395 -45.73 27.53 -41.20
C GLY C 1395 -46.34 26.31 -41.89
N THR C 1396 -45.56 25.63 -42.72
CA THR C 1396 -46.05 24.46 -43.44
C THR C 1396 -45.03 23.35 -43.51
N SER C 1397 -44.11 23.26 -42.53
CA SER C 1397 -43.03 22.27 -42.65
C SER C 1397 -42.74 21.51 -41.35
N ALA C 1398 -43.62 21.56 -40.36
CA ALA C 1398 -43.39 20.85 -39.09
C ALA C 1398 -44.72 20.50 -38.44
N ASP C 1399 -44.67 19.50 -37.56
CA ASP C 1399 -45.84 19.08 -36.82
C ASP C 1399 -46.18 20.09 -35.72
N LEU C 1400 -47.44 20.05 -35.26
CA LEU C 1400 -47.95 20.95 -34.22
C LEU C 1400 -47.30 20.73 -32.85
N MET C 1401 -46.94 21.84 -32.20
CA MET C 1401 -46.32 21.80 -30.89
C MET C 1401 -47.29 21.45 -29.78
N SER C 1402 -46.76 20.88 -28.71
CA SER C 1402 -47.51 20.55 -27.51
C SER C 1402 -47.92 21.82 -26.76
N ALA C 1403 -48.94 21.66 -25.89
CA ALA C 1403 -49.49 22.76 -25.08
C ALA C 1403 -48.52 23.36 -24.06
N GLU C 1404 -47.50 22.62 -23.63
CA GLU C 1404 -46.51 23.14 -22.70
C GLU C 1404 -45.31 23.76 -23.43
N SER C 1405 -44.96 23.26 -24.63
CA SER C 1405 -43.92 23.85 -25.46
C SER C 1405 -44.30 25.23 -25.99
N LYS C 1406 -45.58 25.42 -26.34
CA LYS C 1406 -46.11 26.73 -26.74
C LYS C 1406 -46.04 27.75 -25.59
N ASP C 1407 -46.34 27.30 -24.36
CA ASP C 1407 -46.22 28.13 -23.16
C ASP C 1407 -44.77 28.49 -22.87
N SER C 1408 -43.85 27.52 -23.08
CA SER C 1408 -42.40 27.74 -22.93
C SER C 1408 -41.88 28.76 -23.95
N LEU C 1409 -42.33 28.64 -25.21
CA LEU C 1409 -41.95 29.57 -26.29
C LEU C 1409 -42.53 30.97 -26.05
N ALA C 1410 -43.77 31.02 -25.51
CA ALA C 1410 -44.41 32.28 -25.13
C ALA C 1410 -43.69 32.95 -23.96
N ALA C 1411 -43.22 32.14 -22.99
CA ALA C 1411 -42.41 32.62 -21.88
C ALA C 1411 -41.07 33.19 -22.36
N LEU C 1412 -40.45 32.50 -23.34
CA LEU C 1412 -39.23 32.97 -23.99
C LEU C 1412 -39.44 34.29 -24.74
N PHE C 1413 -40.57 34.41 -25.42
CA PHE C 1413 -40.88 35.56 -26.28
C PHE C 1413 -41.47 36.75 -25.52
N SER C 1414 -41.75 36.60 -24.23
CA SER C 1414 -42.36 37.69 -23.46
C SER C 1414 -41.35 38.72 -22.97
N SER C 1415 -40.06 38.44 -23.02
CA SER C 1415 -39.03 39.36 -22.54
C SER C 1415 -38.02 39.61 -23.65
N GLY C 1416 -38.31 40.60 -24.49
CA GLY C 1416 -37.42 40.98 -25.58
C GLY C 1416 -37.05 42.45 -25.50
N THR C 1417 -35.80 42.75 -25.85
CA THR C 1417 -35.28 44.11 -25.82
C THR C 1417 -34.86 44.50 -27.23
N ILE C 1418 -35.34 45.65 -27.69
CA ILE C 1418 -34.93 46.19 -28.99
C ILE C 1418 -33.52 46.75 -28.82
N VAL C 1419 -32.54 46.07 -29.41
CA VAL C 1419 -31.15 46.47 -29.20
C VAL C 1419 -30.67 47.51 -30.21
N ALA C 1420 -31.19 47.49 -31.44
CA ALA C 1420 -30.74 48.41 -32.49
C ALA C 1420 -31.83 48.60 -33.51
N ARG C 1421 -31.79 49.75 -34.19
CA ARG C 1421 -32.63 50.06 -35.34
C ARG C 1421 -31.72 50.75 -36.35
N ILE C 1422 -31.15 49.97 -37.27
CA ILE C 1422 -30.05 50.46 -38.09
C ILE C 1422 -30.38 50.26 -39.57
N TYR C 1423 -29.53 50.79 -40.44
CA TYR C 1423 -29.69 50.64 -41.90
C TYR C 1423 -29.01 49.34 -42.26
N CYS C 1424 -29.48 48.66 -43.29
CA CYS C 1424 -28.95 47.32 -43.58
C CYS C 1424 -28.09 47.32 -44.83
N GLU C 1425 -26.86 46.82 -44.74
CA GLU C 1425 -25.94 46.70 -45.88
C GLU C 1425 -26.36 45.49 -46.71
N ASP C 1426 -27.57 45.47 -47.18
CA ASP C 1426 -28.28 44.52 -48.01
C ASP C 1426 -27.95 44.79 -49.48
N PRO C 1427 -27.48 43.78 -50.25
CA PRO C 1427 -27.19 43.99 -51.70
C PRO C 1427 -28.39 44.36 -52.60
N ARG C 1428 -29.65 44.16 -52.15
CA ARG C 1428 -30.85 44.51 -52.91
C ARG C 1428 -31.24 45.97 -52.76
N ASN C 1429 -30.53 46.74 -51.93
CA ASN C 1429 -30.83 48.16 -51.68
C ASN C 1429 -30.60 49.01 -52.93
N THR C 1430 -31.49 49.98 -53.15
CA THR C 1430 -31.32 50.95 -54.23
C THR C 1430 -31.39 52.36 -53.68
N ASP C 1431 -31.40 53.35 -54.59
CA ASP C 1431 -31.53 54.75 -54.19
C ASP C 1431 -32.94 55.15 -53.81
N ASN C 1432 -33.95 54.37 -54.22
CA ASN C 1432 -35.33 54.69 -53.94
C ASN C 1432 -36.02 53.64 -53.09
N ALA C 1433 -35.31 52.59 -52.66
CA ALA C 1433 -35.86 51.55 -51.80
C ALA C 1433 -34.70 50.93 -51.05
N TRP C 1434 -34.74 51.00 -49.72
CA TRP C 1434 -33.67 50.47 -48.89
C TRP C 1434 -34.26 49.79 -47.67
N VAL C 1435 -33.55 48.79 -47.16
CA VAL C 1435 -34.01 48.01 -46.02
C VAL C 1435 -33.43 48.61 -44.74
N GLU C 1436 -34.29 48.85 -43.75
CA GLU C 1436 -33.87 49.29 -42.43
C GLU C 1436 -34.44 48.32 -41.40
N THR C 1437 -33.59 47.87 -40.46
CA THR C 1437 -33.95 46.78 -39.58
C THR C 1437 -34.11 47.24 -38.14
N THR C 1438 -35.09 46.61 -37.48
CA THR C 1438 -35.24 46.67 -36.04
C THR C 1438 -34.86 45.29 -35.53
N CYS C 1439 -33.91 45.24 -34.60
CA CYS C 1439 -33.39 43.99 -34.07
C CYS C 1439 -33.95 43.73 -32.69
N VAL C 1440 -34.55 42.56 -32.49
CA VAL C 1440 -35.14 42.17 -31.21
C VAL C 1440 -34.36 40.97 -30.68
N ASN C 1441 -33.84 41.09 -29.47
CA ASN C 1441 -33.04 40.05 -28.85
C ASN C 1441 -33.88 39.34 -27.79
N PHE C 1442 -34.00 38.03 -27.90
CA PHE C 1442 -34.65 37.20 -26.90
C PHE C 1442 -33.55 36.36 -26.24
N HIS C 1443 -33.16 36.74 -25.03
CA HIS C 1443 -32.05 36.09 -24.35
C HIS C 1443 -32.59 35.12 -23.31
N ASP C 1444 -32.05 33.92 -23.31
CA ASP C 1444 -32.40 32.88 -22.32
C ASP C 1444 -31.27 32.77 -21.31
N GLU C 1445 -31.46 33.41 -20.16
CA GLU C 1445 -30.47 33.43 -19.08
C GLU C 1445 -30.26 32.05 -18.46
N SER C 1446 -31.35 31.35 -18.17
CA SER C 1446 -31.26 30.01 -17.59
C SER C 1446 -30.92 28.96 -18.64
N GLY C 1447 -31.38 29.13 -19.87
CA GLY C 1447 -31.18 28.15 -20.92
C GLY C 1447 -32.24 27.09 -21.03
N ARG C 1448 -33.29 27.15 -20.19
CA ARG C 1448 -34.36 26.15 -20.20
C ARG C 1448 -35.25 26.23 -21.45
N HIS C 1449 -35.70 27.44 -21.79
CA HIS C 1449 -36.58 27.66 -22.94
C HIS C 1449 -35.89 27.42 -24.28
N ALA C 1450 -34.60 27.78 -24.38
CA ALA C 1450 -33.82 27.60 -25.60
C ALA C 1450 -33.58 26.13 -25.92
N ALA C 1451 -33.39 25.29 -24.88
CA ALA C 1451 -33.16 23.86 -25.02
C ALA C 1451 -34.38 23.08 -25.52
N ARG C 1452 -35.59 23.63 -25.41
CA ARG C 1452 -36.81 22.99 -25.87
C ARG C 1452 -37.12 23.28 -27.33
N LEU C 1453 -36.29 24.07 -28.01
CA LEU C 1453 -36.54 24.41 -29.41
C LEU C 1453 -36.04 23.29 -30.31
N LYS C 1454 -36.90 22.85 -31.23
CA LYS C 1454 -36.54 21.83 -32.20
C LYS C 1454 -36.26 22.56 -33.51
N LEU C 1455 -34.97 22.87 -33.74
CA LEU C 1455 -34.56 23.67 -34.89
C LEU C 1455 -34.66 22.87 -36.18
N GLN C 1456 -35.39 23.41 -37.15
CA GLN C 1456 -35.63 22.75 -38.43
C GLN C 1456 -35.97 23.84 -39.43
N GLY C 1457 -35.11 24.02 -40.44
CA GLY C 1457 -35.28 25.02 -41.49
C GLY C 1457 -36.54 24.90 -42.34
N GLY C 1458 -37.26 26.01 -42.47
CA GLY C 1458 -38.48 26.05 -43.25
C GLY C 1458 -38.54 27.35 -44.01
N ASP C 1459 -39.55 27.37 -44.86
CA ASP C 1459 -39.83 28.55 -45.68
C ASP C 1459 -38.61 28.84 -46.52
N ASP C 1460 -38.16 30.06 -46.37
CA ASP C 1460 -37.01 30.60 -47.14
C ASP C 1460 -35.73 30.40 -46.34
N ALA C 1461 -35.57 29.22 -45.80
CA ALA C 1461 -34.35 28.83 -45.11
C ALA C 1461 -34.10 27.34 -45.31
N GLU C 1462 -32.83 26.98 -45.56
CA GLU C 1462 -32.50 25.58 -45.78
C GLU C 1462 -32.18 24.81 -44.50
N HIS C 1463 -31.26 25.33 -43.69
CA HIS C 1463 -30.85 24.68 -42.46
C HIS C 1463 -30.74 25.73 -41.37
N ALA C 1464 -31.03 25.34 -40.12
CA ALA C 1464 -30.95 26.20 -38.97
C ALA C 1464 -30.17 25.51 -37.86
N ARG C 1465 -29.31 26.27 -37.17
CA ARG C 1465 -28.46 25.69 -36.14
C ARG C 1465 -28.05 26.74 -35.11
N TRP C 1466 -27.67 26.25 -33.92
CA TRP C 1466 -27.07 27.11 -32.90
C TRP C 1466 -25.62 27.35 -33.27
N MET C 1467 -25.31 28.63 -33.43
CA MET C 1467 -23.99 29.06 -33.89
C MET C 1467 -23.34 29.97 -32.88
N MET C 1468 -22.03 29.89 -32.75
CA MET C 1468 -21.31 30.71 -31.78
C MET C 1468 -21.12 32.15 -32.28
N VAL C 1469 -21.27 33.12 -31.38
CA VAL C 1469 -21.16 34.53 -31.74
C VAL C 1469 -19.73 34.97 -31.50
N HIS C 1470 -19.08 35.47 -32.56
CA HIS C 1470 -17.75 36.06 -32.46
C HIS C 1470 -17.60 37.10 -33.56
N GLY C 1471 -16.51 37.87 -33.48
CA GLY C 1471 -16.28 38.97 -34.40
C GLY C 1471 -15.83 38.58 -35.79
N GLY C 1472 -15.42 37.33 -36.00
CA GLY C 1472 -14.97 36.88 -37.31
C GLY C 1472 -16.03 36.20 -38.14
N LEU C 1473 -17.29 36.40 -37.79
CA LEU C 1473 -18.41 35.75 -38.48
C LEU C 1473 -18.64 36.38 -39.85
N ASN C 1474 -18.91 35.53 -40.84
CA ASN C 1474 -19.20 35.99 -42.19
C ASN C 1474 -20.69 35.75 -42.42
N LEU C 1475 -21.50 36.77 -42.16
CA LEU C 1475 -22.94 36.67 -42.27
C LEU C 1475 -23.47 37.61 -43.33
N PHE C 1476 -24.73 37.38 -43.69
CA PHE C 1476 -25.43 38.14 -44.71
C PHE C 1476 -25.72 39.53 -44.18
N ALA C 1477 -25.56 40.55 -45.05
CA ALA C 1477 -25.88 42.00 -44.88
C ALA C 1477 -25.13 42.57 -43.68
N SER C 1478 -25.78 43.35 -42.81
CA SER C 1478 -25.14 43.96 -41.64
C SER C 1478 -25.51 43.24 -40.36
N HIS C 1479 -25.67 41.91 -40.41
CA HIS C 1479 -26.02 41.11 -39.23
C HIS C 1479 -24.92 41.01 -38.19
N ARG C 1480 -23.65 41.19 -38.60
CA ARG C 1480 -22.51 41.27 -37.68
C ARG C 1480 -22.61 42.49 -36.76
N THR C 1481 -23.09 43.62 -37.31
CA THR C 1481 -23.38 44.84 -36.56
C THR C 1481 -24.50 44.62 -35.54
N LEU C 1482 -25.53 43.86 -35.95
CA LEU C 1482 -26.66 43.48 -35.08
C LEU C 1482 -26.20 42.59 -33.92
N LEU C 1483 -25.32 41.62 -34.22
CA LEU C 1483 -24.73 40.74 -33.21
C LEU C 1483 -23.80 41.48 -32.26
N GLN C 1484 -23.09 42.50 -32.81
CA GLN C 1484 -22.25 43.42 -32.03
C GLN C 1484 -23.08 44.19 -31.02
N HIS C 1485 -24.26 44.68 -31.47
CA HIS C 1485 -25.22 45.38 -30.60
C HIS C 1485 -25.78 44.47 -29.49
N VAL C 1486 -26.09 43.19 -29.83
CA VAL C 1486 -26.57 42.18 -28.86
C VAL C 1486 -25.51 41.88 -27.80
N THR C 1487 -24.24 41.67 -28.23
CA THR C 1487 -23.15 41.40 -27.30
C THR C 1487 -22.76 42.63 -26.49
N SER C 1488 -22.90 43.83 -27.09
CA SER C 1488 -22.65 45.07 -26.35
C SER C 1488 -23.66 45.25 -25.23
N ALA C 1489 -24.94 44.94 -25.52
CA ALA C 1489 -26.00 45.04 -24.52
C ALA C 1489 -25.88 43.99 -23.42
N LEU C 1490 -25.43 42.77 -23.76
CA LEU C 1490 -25.34 41.68 -22.79
C LEU C 1490 -23.97 41.49 -22.15
N ASN C 1491 -22.98 42.33 -22.52
CA ASN C 1491 -21.56 42.31 -22.10
C ASN C 1491 -20.91 40.94 -22.38
N ALA C 1492 -21.16 40.46 -23.60
CA ALA C 1492 -20.66 39.19 -24.08
C ALA C 1492 -19.45 39.38 -25.00
N TYR C 1493 -18.80 38.25 -25.30
CA TYR C 1493 -17.62 38.23 -26.16
C TYR C 1493 -17.99 38.53 -27.61
N PHE C 1494 -17.19 39.36 -28.27
CA PHE C 1494 -17.37 39.64 -29.72
C PHE C 1494 -15.99 40.01 -30.27
N SER D 51 59.67 16.21 -1.86
CA SER D 51 60.53 15.25 -2.56
C SER D 51 61.46 16.00 -3.52
N VAL D 52 61.65 15.47 -4.73
CA VAL D 52 62.51 16.09 -5.72
C VAL D 52 61.78 17.27 -6.35
N ALA D 53 62.42 18.44 -6.34
CA ALA D 53 61.86 19.67 -6.90
C ALA D 53 61.73 19.59 -8.42
N ALA D 54 60.60 20.11 -8.92
CA ALA D 54 60.33 20.13 -10.35
C ALA D 54 61.24 21.11 -11.09
N LYS D 55 61.72 20.69 -12.26
CA LYS D 55 62.57 21.53 -13.07
C LYS D 55 61.93 21.98 -14.38
N THR D 56 60.95 21.23 -14.89
CA THR D 56 60.27 21.55 -16.14
C THR D 56 58.76 21.40 -15.97
N LEU D 57 58.03 22.20 -16.74
CA LEU D 57 56.58 22.24 -16.69
C LEU D 57 56.02 22.23 -18.11
N LEU D 58 54.82 21.65 -18.25
CA LEU D 58 54.14 21.58 -19.57
C LEU D 58 53.15 22.73 -19.68
N ILE D 59 53.57 23.85 -20.26
CA ILE D 59 52.74 25.04 -20.41
C ILE D 59 51.98 24.93 -21.72
N GLU D 60 50.65 25.06 -21.63
CA GLU D 60 49.77 24.96 -22.79
C GLU D 60 49.95 26.12 -23.76
N ASN D 61 49.99 25.79 -25.05
CA ASN D 61 50.15 26.74 -26.14
C ASN D 61 48.89 27.60 -26.30
N GLU D 62 49.08 28.79 -26.92
CA GLU D 62 47.99 29.72 -27.23
C GLU D 62 46.96 29.18 -28.22
N ASP D 63 47.34 28.20 -29.08
CA ASP D 63 46.45 27.51 -30.01
C ASP D 63 45.43 26.61 -29.32
N GLY D 64 45.69 26.19 -28.07
CA GLY D 64 44.80 25.29 -27.35
C GLY D 64 44.82 23.85 -27.82
N LYS D 65 45.87 23.43 -28.52
CA LYS D 65 45.98 22.07 -29.01
C LYS D 65 47.18 21.30 -28.50
N GLY D 66 48.13 21.95 -27.82
CA GLY D 66 49.29 21.23 -27.33
C GLY D 66 49.96 21.93 -26.17
N SER D 67 50.88 21.22 -25.54
CA SER D 67 51.63 21.70 -24.39
C SER D 67 53.12 21.57 -24.66
N THR D 68 53.88 22.62 -24.38
CA THR D 68 55.32 22.60 -24.56
C THR D 68 56.04 22.47 -23.22
N ARG D 69 57.15 21.74 -23.23
CA ARG D 69 57.95 21.56 -22.01
C ARG D 69 58.94 22.71 -21.93
N MET D 70 58.94 23.43 -20.81
CA MET D 70 59.90 24.51 -20.61
C MET D 70 60.30 24.55 -19.15
N GLU D 71 61.47 25.15 -18.90
CA GLU D 71 62.08 25.28 -17.57
C GLU D 71 61.21 26.13 -16.65
N VAL D 72 61.18 25.74 -15.36
CA VAL D 72 60.36 26.38 -14.33
C VAL D 72 60.78 27.84 -14.08
N GLN D 73 62.11 28.14 -14.04
CA GLN D 73 62.63 29.48 -13.83
C GLN D 73 62.35 30.42 -15.01
N ASP D 74 62.26 29.85 -16.22
CA ASP D 74 61.92 30.63 -17.41
C ASP D 74 60.44 31.03 -17.39
N PHE D 75 59.54 30.08 -17.09
CA PHE D 75 58.10 30.37 -17.05
C PHE D 75 57.71 31.29 -15.90
N MET D 76 58.21 31.03 -14.68
CA MET D 76 57.80 31.78 -13.48
C MET D 76 58.35 33.22 -13.38
N LYS D 77 59.22 33.66 -14.32
CA LYS D 77 59.79 35.00 -14.37
C LYS D 77 58.72 36.08 -14.62
N ARG D 78 57.62 35.73 -15.32
CA ARG D 78 56.54 36.64 -15.72
C ARG D 78 55.64 37.13 -14.57
N PHE D 79 55.81 36.62 -13.34
CA PHE D 79 55.01 37.02 -12.20
C PHE D 79 55.87 37.96 -11.36
N HIS D 80 55.29 39.08 -10.94
CA HIS D 80 56.03 40.09 -10.21
C HIS D 80 55.46 40.29 -8.82
N MET D 81 56.30 40.84 -7.94
CA MET D 81 55.92 41.17 -6.58
C MET D 81 56.43 42.57 -6.23
N HIS D 82 55.76 43.19 -5.26
CA HIS D 82 56.12 44.53 -4.79
C HIS D 82 56.67 44.46 -3.37
N ALA D 83 57.85 45.02 -3.18
CA ALA D 83 58.47 45.06 -1.85
C ALA D 83 57.81 46.09 -0.95
N SER D 84 57.25 47.15 -1.54
CA SER D 84 56.60 48.21 -0.79
C SER D 84 55.52 48.82 -1.67
N GLU D 85 54.64 49.60 -1.01
CA GLU D 85 53.51 50.29 -1.65
C GLU D 85 53.96 51.29 -2.71
N ASP D 86 55.06 52.02 -2.42
CA ASP D 86 55.66 53.05 -3.28
C ASP D 86 56.11 52.50 -4.64
N ASP D 87 56.66 51.26 -4.62
CA ASP D 87 57.13 50.52 -5.78
C ASP D 87 55.97 50.23 -6.74
N LYS D 88 56.19 50.43 -8.03
CA LYS D 88 55.16 50.20 -9.04
C LYS D 88 55.54 49.13 -10.05
N THR D 89 56.75 49.21 -10.63
CA THR D 89 57.25 48.21 -11.57
C THR D 89 57.47 46.86 -10.90
N GLY D 90 58.03 46.85 -9.70
CA GLY D 90 58.26 45.63 -8.96
C GLY D 90 59.50 44.86 -9.42
N SER D 91 59.68 43.72 -8.78
CA SER D 91 60.78 42.79 -9.02
C SER D 91 60.15 41.43 -9.23
N PRO D 92 60.83 40.48 -9.95
CA PRO D 92 60.32 39.11 -10.11
C PRO D 92 60.08 38.34 -8.81
N SER D 93 58.96 37.61 -8.78
CA SER D 93 58.47 36.95 -7.56
C SER D 93 59.33 35.76 -7.17
N THR D 94 59.85 35.79 -5.95
CA THR D 94 60.57 34.67 -5.36
C THR D 94 59.67 33.87 -4.41
N ALA D 95 58.39 34.21 -4.34
CA ALA D 95 57.46 33.57 -3.42
C ALA D 95 56.47 32.72 -4.22
N TRP D 96 56.89 31.50 -4.53
CA TRP D 96 56.02 30.50 -5.14
C TRP D 96 56.57 29.13 -4.78
N GLY D 97 55.66 28.17 -4.65
CA GLY D 97 56.06 26.83 -4.28
C GLY D 97 54.87 26.03 -3.77
N THR D 98 55.10 25.22 -2.73
CA THR D 98 54.03 24.45 -2.11
C THR D 98 54.07 24.64 -0.59
N LEU D 99 52.89 24.70 0.01
CA LEU D 99 52.72 24.79 1.45
C LEU D 99 52.21 23.46 1.98
N ARG D 100 52.79 23.02 3.08
CA ARG D 100 52.37 21.82 3.78
C ARG D 100 51.61 22.26 5.02
N PHE D 101 50.35 21.82 5.12
CA PHE D 101 49.51 22.18 6.28
C PHE D 101 49.42 20.98 7.22
N PRO D 102 49.55 21.12 8.57
CA PRO D 102 49.41 19.99 9.52
C PRO D 102 48.10 19.24 9.32
N THR D 103 48.17 17.90 9.50
CA THR D 103 47.14 16.85 9.35
C THR D 103 46.57 16.71 7.93
N LYS D 104 47.23 17.28 6.91
CA LYS D 104 46.89 17.20 5.50
C LYS D 104 48.03 16.51 4.78
N GLU D 105 47.73 15.43 4.05
CA GLU D 105 48.74 14.66 3.35
C GLU D 105 49.32 15.41 2.15
N ALA D 106 48.48 16.05 1.35
CA ALA D 106 48.94 16.71 0.14
C ALA D 106 49.33 18.16 0.43
N THR D 107 50.23 18.68 -0.41
CA THR D 107 50.67 20.07 -0.34
C THR D 107 49.93 20.93 -1.35
N ALA D 108 49.76 22.20 -1.02
CA ALA D 108 49.03 23.13 -1.87
C ALA D 108 49.97 24.16 -2.49
N PRO D 109 50.05 24.28 -3.84
CA PRO D 109 50.87 25.33 -4.47
C PRO D 109 50.42 26.75 -4.15
N TYR D 110 51.39 27.64 -4.12
CA TYR D 110 51.11 29.06 -3.83
C TYR D 110 51.90 29.91 -4.81
N LEU D 111 51.33 31.00 -5.26
CA LEU D 111 51.98 31.97 -6.14
C LEU D 111 51.61 33.36 -5.68
N ARG D 112 52.63 34.17 -5.38
CA ARG D 112 52.45 35.58 -5.04
C ARG D 112 52.64 36.37 -6.33
N LEU D 113 51.58 37.04 -6.76
CA LEU D 113 51.63 37.73 -8.05
C LEU D 113 51.04 39.13 -7.92
N SER D 114 51.48 40.07 -8.74
CA SER D 114 51.10 41.47 -8.67
C SER D 114 49.69 41.69 -9.23
N VAL D 115 49.15 42.88 -8.92
CA VAL D 115 47.85 43.32 -9.45
C VAL D 115 47.88 43.55 -10.97
N ASN D 116 49.03 43.94 -11.54
CA ASN D 116 49.13 44.21 -12.97
C ASN D 116 49.36 42.97 -13.83
N ASP D 117 49.58 41.82 -13.20
CA ASP D 117 49.81 40.56 -13.91
C ASP D 117 48.60 40.06 -14.67
N ASP D 118 48.87 39.37 -15.77
CA ASP D 118 47.87 38.82 -16.66
C ASP D 118 47.18 37.64 -16.00
N PRO D 119 45.84 37.64 -15.86
CA PRO D 119 45.11 36.45 -15.33
C PRO D 119 45.22 35.17 -16.17
N GLU D 120 45.48 35.29 -17.49
CA GLU D 120 45.77 34.15 -18.36
C GLU D 120 47.04 33.41 -17.95
N ASP D 121 48.07 34.15 -17.47
CA ASP D 121 49.32 33.56 -16.97
C ASP D 121 49.08 32.76 -15.69
N ALA D 122 48.24 33.30 -14.79
CA ALA D 122 47.85 32.63 -13.56
C ALA D 122 47.02 31.38 -13.86
N LEU D 123 46.14 31.49 -14.89
CA LEU D 123 45.34 30.36 -15.39
C LEU D 123 46.23 29.25 -15.96
N LEU D 124 47.29 29.65 -16.69
CA LEU D 124 48.32 28.74 -17.22
C LEU D 124 49.09 28.04 -16.11
N PHE D 125 49.37 28.78 -15.02
CA PHE D 125 50.02 28.23 -13.82
C PHE D 125 49.18 27.13 -13.16
N VAL D 126 47.85 27.38 -12.98
CA VAL D 126 46.91 26.40 -12.38
C VAL D 126 46.79 25.14 -13.26
N LYS D 127 46.69 25.36 -14.60
CA LYS D 127 46.66 24.30 -15.62
C LYS D 127 47.95 23.48 -15.62
N ALA D 128 49.10 24.17 -15.43
CA ALA D 128 50.41 23.53 -15.36
C ALA D 128 50.55 22.64 -14.13
N MET D 129 50.04 23.10 -12.97
CA MET D 129 50.02 22.28 -11.73
C MET D 129 49.18 21.02 -11.87
N LEU D 130 47.95 21.17 -12.42
CA LEU D 130 47.03 20.05 -12.65
C LEU D 130 47.59 19.08 -13.71
N ALA D 131 48.20 19.65 -14.77
CA ALA D 131 48.83 18.88 -15.84
C ALA D 131 50.04 18.10 -15.33
N GLN D 132 50.81 18.71 -14.40
CA GLN D 132 51.94 18.03 -13.77
C GLN D 132 51.49 16.86 -12.90
N LYS D 133 50.47 17.10 -12.05
CA LYS D 133 50.07 16.08 -11.08
C LYS D 133 49.27 14.93 -11.72
N TYR D 134 48.32 15.25 -12.62
CA TYR D 134 47.42 14.23 -13.13
C TYR D 134 47.67 13.85 -14.59
N GLY D 135 48.75 14.31 -15.19
CA GLY D 135 48.98 14.02 -16.59
C GLY D 135 48.31 15.05 -17.49
N GLU D 136 48.64 14.96 -18.79
CA GLU D 136 48.13 15.86 -19.82
C GLU D 136 46.62 15.74 -20.01
N THR D 137 46.09 14.52 -19.96
CA THR D 137 44.66 14.29 -20.14
C THR D 137 43.89 14.30 -18.80
N TYR D 138 44.08 15.35 -18.01
CA TYR D 138 43.31 15.55 -16.79
C TYR D 138 41.91 16.05 -17.13
N ASP D 139 40.97 15.82 -16.20
CA ASP D 139 39.57 16.18 -16.33
C ASP D 139 39.40 17.69 -16.33
N ARG D 140 39.10 18.25 -17.50
CA ARG D 140 38.87 19.68 -17.65
C ARG D 140 37.56 20.10 -16.96
N PRO D 141 37.52 21.29 -16.34
CA PRO D 141 36.27 21.71 -15.67
C PRO D 141 35.19 22.15 -16.64
N SER D 142 33.98 21.68 -16.41
CA SER D 142 32.82 22.18 -17.12
C SER D 142 32.03 23.18 -16.28
N LEU D 143 32.58 23.61 -15.13
CA LEU D 143 31.90 24.55 -14.25
C LEU D 143 32.92 25.26 -13.35
N ILE D 144 32.74 26.57 -13.22
CA ILE D 144 33.53 27.41 -12.32
C ILE D 144 32.59 27.92 -11.23
N LEU D 145 32.81 27.50 -9.99
CA LEU D 145 31.97 27.85 -8.86
C LEU D 145 32.68 28.90 -8.01
N SER D 146 32.21 30.13 -8.07
CA SER D 146 32.75 31.22 -7.27
C SER D 146 31.98 31.34 -5.96
N VAL D 147 32.65 31.19 -4.83
CA VAL D 147 31.97 31.26 -3.54
C VAL D 147 32.34 32.61 -2.91
N THR D 148 31.33 33.45 -2.71
CA THR D 148 31.50 34.75 -2.09
C THR D 148 30.57 34.85 -0.90
N GLY D 149 30.84 35.80 -0.02
CA GLY D 149 29.98 35.97 1.11
C GLY D 149 30.73 36.61 2.27
N GLY D 150 30.29 36.20 3.46
CA GLY D 150 30.75 36.80 4.71
C GLY D 150 32.20 36.52 5.01
N ALA D 151 32.96 37.60 5.31
CA ALA D 151 34.33 37.43 5.74
C ALA D 151 34.40 36.93 7.18
N ARG D 152 33.56 37.46 8.06
CA ARG D 152 33.53 37.05 9.46
C ARG D 152 32.86 35.68 9.61
N ASN D 153 33.21 35.01 10.71
CA ASN D 153 32.70 33.68 11.04
C ASN D 153 31.21 33.70 11.34
N PHE D 154 30.52 32.63 10.90
CA PHE D 154 29.06 32.51 11.10
C PHE D 154 28.64 31.05 11.23
N THR D 155 27.57 30.79 11.98
CA THR D 155 27.05 29.44 12.19
C THR D 155 25.74 29.34 11.44
N LEU D 156 25.58 28.30 10.64
CA LEU D 156 24.38 28.00 9.88
C LEU D 156 23.59 26.87 10.54
N PRO D 157 22.25 26.80 10.33
CA PRO D 157 21.44 25.62 10.78
C PRO D 157 21.91 24.31 10.14
N PRO D 158 21.89 23.17 10.90
CA PRO D 158 22.41 21.86 10.41
C PRO D 158 21.80 21.29 9.13
N ARG D 159 20.46 21.44 8.96
CA ARG D 159 19.76 20.99 7.76
C ARG D 159 20.20 21.78 6.53
N LEU D 160 20.29 23.12 6.69
CA LEU D 160 20.74 24.04 5.64
C LEU D 160 22.20 23.79 5.26
N GLU D 161 23.06 23.57 6.26
CA GLU D 161 24.49 23.29 6.09
C GLU D 161 24.70 21.95 5.37
N THR D 162 23.91 20.94 5.75
CA THR D 162 23.90 19.61 5.15
C THR D 162 23.47 19.67 3.69
N ALA D 163 22.42 20.48 3.39
CA ALA D 163 21.90 20.69 2.03
C ALA D 163 22.91 21.38 1.10
N ILE D 164 23.57 22.45 1.60
CA ILE D 164 24.60 23.22 0.87
C ILE D 164 25.81 22.34 0.60
N ALA D 165 26.26 21.58 1.63
CA ALA D 165 27.40 20.66 1.57
C ALA D 165 27.19 19.53 0.58
N LYS D 166 25.99 18.89 0.63
CA LYS D 166 25.61 17.79 -0.26
C LYS D 166 25.51 18.24 -1.71
N GLY D 167 24.84 19.39 -1.95
CA GLY D 167 24.67 19.94 -3.30
C GLY D 167 25.98 20.40 -3.94
N LEU D 168 26.82 21.10 -3.15
CA LEU D 168 28.12 21.61 -3.60
C LEU D 168 29.09 20.45 -3.91
N ARG D 169 29.10 19.41 -3.04
CA ARG D 169 29.91 18.20 -3.26
C ARG D 169 29.49 17.44 -4.51
N LEU D 170 28.15 17.27 -4.71
CA LEU D 170 27.60 16.59 -5.89
C LEU D 170 27.94 17.34 -7.19
N ALA D 171 27.76 18.68 -7.19
CA ALA D 171 28.06 19.55 -8.33
C ALA D 171 29.54 19.52 -8.69
N ALA D 172 30.40 19.63 -7.65
CA ALA D 172 31.86 19.63 -7.80
C ALA D 172 32.37 18.28 -8.31
N GLN D 173 31.84 17.17 -7.77
CA GLN D 173 32.31 15.85 -8.19
C GLN D 173 31.76 15.46 -9.56
N ARG D 174 30.57 15.94 -9.95
CA ARG D 174 30.03 15.60 -11.26
C ARG D 174 30.60 16.44 -12.39
N THR D 175 30.90 17.72 -12.13
CA THR D 175 31.37 18.57 -13.22
C THR D 175 32.88 18.81 -13.25
N ASN D 176 33.64 18.23 -12.29
CA ASN D 176 35.08 18.49 -12.02
C ASN D 176 35.40 19.98 -11.86
N ALA D 177 34.49 20.70 -11.16
CA ALA D 177 34.42 22.15 -11.08
C ALA D 177 35.61 22.78 -10.35
N TRP D 178 35.96 23.98 -10.80
CA TRP D 178 36.95 24.79 -10.10
C TRP D 178 36.24 25.72 -9.14
N VAL D 179 36.49 25.54 -7.85
CA VAL D 179 35.87 26.36 -6.81
C VAL D 179 36.84 27.47 -6.43
N VAL D 180 36.43 28.71 -6.64
CA VAL D 180 37.27 29.88 -6.35
C VAL D 180 36.67 30.60 -5.15
N THR D 181 37.45 30.67 -4.05
CA THR D 181 37.02 31.41 -2.85
C THR D 181 38.10 32.40 -2.47
N GLY D 182 37.93 33.04 -1.31
CA GLY D 182 38.92 33.95 -0.78
C GLY D 182 40.14 33.29 -0.18
N GLY D 183 40.04 32.04 0.26
CA GLY D 183 41.21 31.32 0.74
C GLY D 183 41.61 31.47 2.20
N THR D 184 40.91 32.28 2.99
CA THR D 184 41.27 32.46 4.40
C THR D 184 40.46 31.54 5.31
N ASN D 185 40.94 31.37 6.54
CA ASN D 185 40.34 30.40 7.49
C ASN D 185 39.28 31.03 8.38
N THR D 186 38.32 31.71 7.78
CA THR D 186 37.19 32.36 8.44
C THR D 186 36.01 32.27 7.50
N GLY D 187 34.80 32.15 8.09
CA GLY D 187 33.52 32.28 7.38
C GLY D 187 33.21 31.28 6.27
N VAL D 188 32.72 31.83 5.15
CA VAL D 188 32.24 31.07 3.99
C VAL D 188 33.38 30.32 3.28
N MET D 189 34.60 30.89 3.29
CA MET D 189 35.81 30.27 2.75
C MET D 189 36.20 29.02 3.52
N LYS D 190 36.18 29.12 4.87
CA LYS D 190 36.43 28.01 5.79
C LYS D 190 35.35 26.93 5.66
N LEU D 191 34.09 27.38 5.49
CA LEU D 191 32.92 26.51 5.30
C LEU D 191 33.01 25.70 4.00
N THR D 192 33.43 26.37 2.90
CA THR D 192 33.62 25.77 1.58
C THR D 192 34.77 24.75 1.61
N GLY D 193 35.84 25.10 2.36
CA GLY D 193 36.96 24.21 2.63
C GLY D 193 36.55 22.94 3.37
N GLN D 194 35.67 23.09 4.38
CA GLN D 194 35.10 21.98 5.14
C GLN D 194 34.24 21.07 4.25
N ILE D 195 33.49 21.68 3.32
CA ILE D 195 32.68 20.92 2.36
C ILE D 195 33.57 20.09 1.42
N MET D 196 34.64 20.71 0.89
CA MET D 196 35.53 20.02 -0.03
C MET D 196 36.51 19.05 0.63
N GLU D 197 36.68 19.14 1.97
CA GLU D 197 37.55 18.24 2.73
C GLU D 197 37.05 16.80 2.66
N ALA D 198 35.72 16.59 2.79
CA ALA D 198 35.11 15.26 2.66
C ALA D 198 35.21 14.73 1.23
N LEU D 199 35.19 15.64 0.23
CA LEU D 199 35.33 15.30 -1.18
C LEU D 199 36.72 14.78 -1.48
N SER D 200 37.75 15.39 -0.85
CA SER D 200 39.12 14.94 -0.99
C SER D 200 39.42 13.59 -0.33
N LYS D 201 38.58 13.14 0.61
CA LYS D 201 38.69 11.87 1.32
C LYS D 201 37.91 10.75 0.65
N THR D 202 36.67 11.02 0.24
CA THR D 202 35.80 9.99 -0.33
C THR D 202 36.10 9.67 -1.80
N GLN D 203 36.90 10.46 -2.49
CA GLN D 203 37.20 10.25 -3.90
C GLN D 203 38.69 10.10 -4.13
N SER D 204 39.05 9.20 -5.05
CA SER D 204 40.45 8.96 -5.38
C SER D 204 40.75 9.60 -6.72
N HIS D 205 42.07 9.65 -7.04
CA HIS D 205 42.71 10.27 -8.22
C HIS D 205 42.27 11.73 -8.17
N PHE D 206 41.49 12.25 -9.13
CA PHE D 206 41.24 13.68 -9.28
C PHE D 206 40.38 14.23 -8.14
N ILE D 207 40.88 15.31 -7.54
CA ILE D 207 40.19 16.08 -6.53
C ILE D 207 39.98 17.46 -7.15
N PRO D 208 38.72 17.95 -7.26
CA PRO D 208 38.44 19.31 -7.81
C PRO D 208 39.12 20.41 -6.99
N PRO D 209 39.85 21.34 -7.65
CA PRO D 209 40.60 22.37 -6.91
C PRO D 209 39.74 23.37 -6.16
N THR D 210 40.22 23.77 -4.99
CA THR D 210 39.61 24.82 -4.19
C THR D 210 40.63 25.95 -4.20
N ILE D 211 40.55 26.80 -5.23
CA ILE D 211 41.50 27.87 -5.44
C ILE D 211 41.18 29.01 -4.50
N GLY D 212 42.17 29.47 -3.74
CA GLY D 212 41.98 30.61 -2.89
C GLY D 212 42.76 31.83 -3.34
N ILE D 213 42.05 32.87 -3.74
CA ILE D 213 42.65 34.12 -4.18
C ILE D 213 42.55 35.12 -3.04
N ALA D 214 43.69 35.49 -2.47
CA ALA D 214 43.72 36.35 -1.29
C ALA D 214 44.71 37.48 -1.48
N THR D 215 44.44 38.59 -0.79
CA THR D 215 45.36 39.72 -0.72
C THR D 215 46.55 39.28 0.13
N TYR D 216 47.78 39.52 -0.37
CA TYR D 216 49.00 39.09 0.32
C TYR D 216 49.25 39.88 1.61
N GLY D 217 48.79 41.14 1.68
CA GLY D 217 49.06 42.06 2.78
C GLY D 217 48.40 41.73 4.12
N VAL D 218 47.50 40.75 4.19
CA VAL D 218 46.81 40.38 5.42
C VAL D 218 47.16 38.96 5.85
N ILE D 219 48.00 38.26 5.10
CA ILE D 219 48.24 36.83 5.33
C ILE D 219 49.40 36.62 6.30
N ILE D 220 49.13 35.83 7.36
CA ILE D 220 50.12 35.43 8.35
C ILE D 220 51.17 34.53 7.69
N GLY D 221 52.46 34.81 7.94
CA GLY D 221 53.51 34.00 7.39
C GLY D 221 53.97 34.35 6.00
N GLY D 222 53.66 35.58 5.53
CA GLY D 222 54.09 36.03 4.20
C GLY D 222 55.59 36.15 4.06
N ASP D 223 56.27 36.61 5.12
CA ASP D 223 57.73 36.77 5.16
C ASP D 223 58.44 35.42 5.07
N ASP D 224 57.89 34.41 5.75
CA ASP D 224 58.42 33.03 5.71
C ASP D 224 58.31 32.44 4.31
N MET D 225 57.18 32.70 3.64
CA MET D 225 56.95 32.22 2.27
C MET D 225 57.85 32.95 1.26
N THR D 226 58.10 34.25 1.48
CA THR D 226 58.91 35.05 0.55
C THR D 226 60.39 34.68 0.62
N ARG D 227 60.94 34.55 1.83
CA ARG D 227 62.37 34.28 2.05
C ARG D 227 62.76 32.86 1.65
N GLY D 228 63.86 32.75 0.88
CA GLY D 228 64.41 31.48 0.44
C GLY D 228 64.63 31.48 -1.05
N GLU D 229 64.99 30.30 -1.57
CA GLU D 229 65.21 30.06 -3.00
C GLU D 229 64.04 29.28 -3.57
N PRO D 230 63.26 29.82 -4.56
CA PRO D 230 62.06 29.14 -5.05
C PRO D 230 62.38 28.01 -6.05
N PRO D 231 61.61 26.90 -6.13
CA PRO D 231 60.42 26.72 -5.31
C PRO D 231 60.62 26.15 -3.90
N LYS D 232 59.65 26.34 -3.01
CA LYS D 232 59.67 25.80 -1.64
C LYS D 232 58.87 24.52 -1.63
N ILE D 233 59.54 23.38 -1.64
CA ILE D 233 58.84 22.11 -1.68
C ILE D 233 58.49 21.71 -0.25
N GLY D 234 57.19 21.52 0.02
CA GLY D 234 56.67 21.10 1.31
C GLY D 234 56.93 22.03 2.48
N LEU D 235 56.82 23.34 2.26
CA LEU D 235 57.04 24.35 3.29
C LEU D 235 55.98 24.31 4.39
N GLU D 236 56.44 24.28 5.64
CA GLU D 236 55.54 24.23 6.78
C GLU D 236 54.87 25.58 7.00
N TYR D 237 53.54 25.56 7.13
CA TYR D 237 52.77 26.76 7.39
C TYR D 237 52.35 26.73 8.84
N GLU D 238 52.68 27.78 9.58
CA GLU D 238 52.38 27.86 11.00
C GLU D 238 51.30 28.92 11.19
N MET D 239 50.05 28.47 11.21
CA MET D 239 48.89 29.34 11.41
C MET D 239 48.82 29.92 12.83
N HIS D 240 49.39 29.24 13.83
CA HIS D 240 49.36 29.69 15.21
C HIS D 240 50.53 30.59 15.58
N LYS D 241 51.50 30.76 14.68
CA LYS D 241 52.65 31.63 14.92
C LYS D 241 52.24 33.09 14.99
N LYS D 242 52.82 33.83 15.94
CA LYS D 242 52.39 35.20 16.20
C LYS D 242 53.10 36.13 15.24
N ASP D 243 52.44 36.44 14.14
CA ASP D 243 52.89 37.49 13.24
C ASP D 243 52.29 38.80 13.73
N PRO D 244 53.13 39.84 13.98
CA PRO D 244 52.63 41.05 14.57
C PRO D 244 51.64 41.93 13.78
N PRO D 245 51.89 42.45 12.55
CA PRO D 245 50.94 43.38 11.94
C PRO D 245 49.73 42.72 11.28
N LYS D 246 49.88 41.48 10.81
CA LYS D 246 48.84 40.77 10.10
C LYS D 246 48.19 39.74 11.02
N THR D 247 46.90 39.48 10.79
CA THR D 247 46.17 38.58 11.67
C THR D 247 45.22 37.59 10.98
N THR D 248 45.26 37.49 9.65
CA THR D 248 44.33 36.61 8.94
C THR D 248 45.07 35.41 8.35
N PRO D 249 44.85 34.19 8.83
CA PRO D 249 45.56 33.03 8.26
C PRO D 249 44.84 32.39 7.09
N LEU D 250 45.60 31.59 6.33
CA LEU D 250 45.07 30.84 5.20
C LEU D 250 44.31 29.61 5.66
N ASP D 251 43.28 29.25 4.88
CA ASP D 251 42.52 28.04 5.12
C ASP D 251 43.33 26.82 4.71
N ASP D 252 43.43 25.82 5.59
CA ASP D 252 44.25 24.65 5.32
C ASP D 252 43.64 23.65 4.35
N ASN D 253 42.36 23.78 4.00
CA ASN D 253 41.68 22.86 3.11
C ASN D 253 41.65 23.31 1.66
N HIS D 254 42.27 24.44 1.34
CA HIS D 254 42.30 24.93 -0.04
C HIS D 254 43.49 24.31 -0.77
N ASN D 255 43.26 23.90 -2.01
CA ASN D 255 44.25 23.14 -2.77
C ASN D 255 45.26 24.00 -3.53
N LEU D 256 45.03 25.29 -3.68
CA LEU D 256 45.94 26.18 -4.44
C LEU D 256 45.72 27.61 -3.97
N PHE D 257 46.76 28.44 -3.95
CA PHE D 257 46.71 29.80 -3.42
C PHE D 257 47.30 30.80 -4.39
N LEU D 258 46.56 31.87 -4.65
CA LEU D 258 47.04 33.01 -5.42
C LEU D 258 47.04 34.23 -4.50
N LEU D 259 48.22 34.68 -4.10
CA LEU D 259 48.38 35.83 -3.22
C LEU D 259 48.63 37.06 -4.08
N VAL D 260 47.60 37.88 -4.22
CA VAL D 260 47.67 39.11 -5.01
C VAL D 260 48.30 40.21 -4.15
N ASP D 261 49.36 40.82 -4.68
CA ASP D 261 50.16 41.77 -3.93
C ASP D 261 50.11 43.12 -4.63
N ASP D 262 50.01 44.18 -3.83
CA ASP D 262 50.07 45.55 -4.34
C ASP D 262 51.04 46.42 -3.53
N GLY D 263 51.78 45.82 -2.60
CA GLY D 263 52.68 46.56 -1.74
C GLY D 263 52.08 47.08 -0.46
N SER D 264 50.77 46.99 -0.29
CA SER D 264 50.10 47.45 0.91
C SER D 264 50.12 46.38 2.00
N THR D 265 49.82 46.81 3.22
CA THR D 265 49.78 45.93 4.38
C THR D 265 48.48 46.20 5.12
N ASN D 266 47.80 45.10 5.51
CA ASN D 266 46.53 45.06 6.29
C ASN D 266 45.38 45.82 5.60
N LYS D 267 45.31 45.71 4.28
CA LYS D 267 44.21 46.27 3.50
C LYS D 267 43.53 45.14 2.74
N PHE D 268 42.20 45.11 2.81
CA PHE D 268 41.40 44.06 2.21
C PHE D 268 40.76 44.54 0.91
N GLY D 269 40.23 43.59 0.15
CA GLY D 269 39.51 43.87 -1.06
C GLY D 269 40.34 44.20 -2.29
N LYS D 270 41.65 43.98 -2.23
CA LYS D 270 42.55 44.29 -3.33
C LYS D 270 42.58 43.21 -4.41
N GLU D 271 42.02 42.03 -4.14
CA GLU D 271 42.08 40.90 -5.05
C GLU D 271 40.79 40.61 -5.83
N ILE D 272 39.75 41.44 -5.65
CA ILE D 272 38.38 41.24 -6.19
C ILE D 272 38.34 41.28 -7.73
N LYS D 273 38.95 42.32 -8.33
CA LYS D 273 39.03 42.52 -9.77
C LYS D 273 39.80 41.42 -10.49
N PHE D 274 40.95 41.01 -9.92
CA PHE D 274 41.77 39.91 -10.46
C PHE D 274 41.03 38.58 -10.38
N ARG D 275 40.28 38.36 -9.27
CA ARG D 275 39.48 37.15 -9.07
C ARG D 275 38.37 37.02 -10.11
N ALA D 276 37.67 38.15 -10.36
CA ALA D 276 36.60 38.25 -11.37
C ALA D 276 37.16 38.02 -12.78
N ALA D 277 38.32 38.63 -13.07
CA ALA D 277 39.03 38.49 -14.34
C ALA D 277 39.53 37.06 -14.58
N PHE D 278 40.03 36.40 -13.51
CA PHE D 278 40.51 35.02 -13.56
C PHE D 278 39.36 34.04 -13.82
N GLU D 279 38.20 34.24 -13.16
CA GLU D 279 37.00 33.43 -13.39
C GLU D 279 36.47 33.58 -14.81
N ASN D 280 36.43 34.83 -15.32
CA ASN D 280 36.02 35.11 -16.71
C ASN D 280 36.97 34.49 -17.72
N ALA D 281 38.30 34.57 -17.44
CA ALA D 281 39.35 33.99 -18.30
C ALA D 281 39.25 32.47 -18.36
N ALA D 282 39.00 31.84 -17.20
CA ALA D 282 38.79 30.39 -17.08
C ALA D 282 37.52 29.96 -17.82
N GLY D 283 36.45 30.77 -17.68
CA GLY D 283 35.19 30.53 -18.38
C GLY D 283 35.30 30.59 -19.90
N GLN D 284 36.07 31.58 -20.42
CA GLN D 284 36.32 31.65 -21.86
C GLN D 284 37.20 30.51 -22.34
N ALA D 285 38.25 30.15 -21.55
CA ALA D 285 39.20 29.11 -21.94
C ALA D 285 38.59 27.71 -21.97
N PHE D 286 37.79 27.34 -20.97
CA PHE D 286 37.23 25.98 -20.97
C PHE D 286 35.82 25.88 -21.54
N ALA D 287 35.26 27.00 -22.06
CA ALA D 287 33.87 27.17 -22.58
C ALA D 287 32.81 26.72 -21.58
N ALA D 288 33.05 27.06 -20.30
CA ALA D 288 32.31 26.68 -19.11
C ALA D 288 31.62 27.86 -18.43
N PRO D 289 30.37 27.70 -17.98
CA PRO D 289 29.69 28.78 -17.24
C PRO D 289 30.31 29.04 -15.87
N VAL D 290 30.28 30.32 -15.48
CA VAL D 290 30.73 30.76 -14.17
C VAL D 290 29.50 30.99 -13.32
N VAL D 291 29.41 30.31 -12.17
CA VAL D 291 28.26 30.43 -11.28
C VAL D 291 28.76 30.95 -9.94
N THR D 292 28.26 32.12 -9.54
CA THR D 292 28.58 32.71 -8.26
C THR D 292 27.59 32.18 -7.23
N ILE D 293 28.06 31.88 -6.00
CA ILE D 293 27.21 31.41 -4.90
C ILE D 293 27.35 32.40 -3.75
N VAL D 294 26.21 32.90 -3.24
CA VAL D 294 26.18 33.92 -2.19
C VAL D 294 25.58 33.31 -0.92
N VAL D 295 26.42 33.16 0.11
CA VAL D 295 26.03 32.69 1.43
C VAL D 295 26.40 33.79 2.44
N GLN D 296 25.41 34.23 3.20
CA GLN D 296 25.46 35.43 4.07
C GLN D 296 26.02 36.59 3.28
N GLY D 297 27.06 37.22 3.78
CA GLY D 297 27.64 38.36 3.11
C GLY D 297 27.35 39.68 3.78
N GLY D 298 28.26 40.63 3.59
CA GLY D 298 28.11 41.97 4.10
C GLY D 298 27.75 42.95 3.00
N PRO D 299 27.97 44.27 3.23
CA PRO D 299 27.68 45.30 2.19
C PRO D 299 28.46 45.17 0.88
N GLY D 300 29.72 44.72 0.92
CA GLY D 300 30.51 44.55 -0.29
C GLY D 300 30.12 43.36 -1.13
N THR D 301 29.49 42.35 -0.52
CA THR D 301 28.95 41.17 -1.20
C THR D 301 27.81 41.54 -2.15
N LEU D 302 27.00 42.55 -1.75
CA LEU D 302 25.93 43.14 -2.57
C LEU D 302 26.48 43.79 -3.85
N GLY D 303 27.58 44.55 -3.71
CA GLY D 303 28.27 45.13 -4.86
C GLY D 303 28.93 44.09 -5.75
N THR D 304 29.49 43.03 -5.13
CA THR D 304 30.08 41.88 -5.83
C THR D 304 29.04 41.13 -6.68
N ALA D 305 27.86 40.88 -6.08
CA ALA D 305 26.71 40.26 -6.74
C ALA D 305 26.15 41.14 -7.86
N LEU D 306 26.15 42.47 -7.62
CA LEU D 306 25.75 43.48 -8.60
C LEU D 306 26.67 43.47 -9.82
N GLN D 307 27.99 43.37 -9.56
CA GLN D 307 29.02 43.26 -10.59
C GLN D 307 28.83 41.97 -11.40
N ALA D 308 28.53 40.87 -10.69
CA ALA D 308 28.28 39.55 -11.30
C ALA D 308 27.05 39.56 -12.22
N VAL D 309 25.95 40.18 -11.78
CA VAL D 309 24.74 40.21 -12.63
C VAL D 309 24.85 41.22 -13.76
N ARG D 310 25.68 42.27 -13.63
CA ARG D 310 25.86 43.20 -14.76
C ARG D 310 26.68 42.58 -15.89
N GLN D 311 27.66 41.73 -15.58
CA GLN D 311 28.44 41.06 -16.62
C GLN D 311 27.80 39.76 -17.16
N GLY D 312 26.55 39.45 -16.80
CA GLY D 312 25.87 38.27 -17.30
C GLY D 312 26.14 36.98 -16.54
N THR D 313 26.95 37.02 -15.48
CA THR D 313 27.25 35.82 -14.71
C THR D 313 26.09 35.52 -13.76
N PRO D 314 25.49 34.32 -13.82
CA PRO D 314 24.42 33.95 -12.88
C PRO D 314 24.88 33.80 -11.43
N ILE D 315 23.96 34.06 -10.51
CA ILE D 315 24.19 33.94 -9.07
C ILE D 315 23.17 32.99 -8.45
N VAL D 316 23.61 32.29 -7.41
CA VAL D 316 22.78 31.39 -6.61
C VAL D 316 22.82 31.93 -5.19
N VAL D 317 21.70 32.46 -4.74
CA VAL D 317 21.59 33.09 -3.43
C VAL D 317 20.99 32.09 -2.44
N VAL D 318 21.71 31.80 -1.36
CA VAL D 318 21.24 30.86 -0.33
C VAL D 318 20.33 31.59 0.66
N ASP D 319 19.02 31.43 0.50
CA ASP D 319 18.05 32.00 1.43
C ASP D 319 18.11 31.28 2.78
N GLY D 320 17.86 32.03 3.86
CA GLY D 320 17.91 31.50 5.21
C GLY D 320 19.25 31.53 5.89
N SER D 321 20.30 31.96 5.19
CA SER D 321 21.63 32.09 5.77
C SER D 321 21.86 33.44 6.43
N GLY D 322 20.92 34.38 6.31
CA GLY D 322 20.97 35.64 7.02
C GLY D 322 21.71 36.69 6.18
N LEU D 323 21.58 37.95 6.64
CA LEU D 323 22.30 39.18 6.19
C LEU D 323 21.99 39.49 4.72
N ALA D 324 23.03 39.70 3.88
CA ALA D 324 22.90 40.18 2.49
C ALA D 324 22.20 39.17 1.59
N ALA D 325 22.40 37.86 1.87
CA ALA D 325 21.71 36.79 1.15
C ALA D 325 20.22 36.85 1.39
N ASP D 326 19.80 37.12 2.64
CA ASP D 326 18.39 37.32 3.00
C ASP D 326 17.83 38.57 2.33
N VAL D 327 18.65 39.63 2.24
CA VAL D 327 18.27 40.90 1.57
C VAL D 327 18.05 40.67 0.07
N LEU D 328 18.97 39.95 -0.59
CA LEU D 328 18.89 39.60 -2.01
C LEU D 328 17.72 38.66 -2.31
N ALA D 329 17.53 37.66 -1.44
CA ALA D 329 16.42 36.71 -1.54
C ALA D 329 15.07 37.39 -1.35
N TYR D 330 14.95 38.32 -0.42
CA TYR D 330 13.70 39.07 -0.21
C TYR D 330 13.45 39.90 -1.45
N ALA D 331 14.45 40.66 -1.86
CA ALA D 331 14.27 41.53 -3.02
C ALA D 331 13.80 40.76 -4.27
N TYR D 332 14.31 39.56 -4.48
CA TYR D 332 13.95 38.78 -5.68
C TYR D 332 12.54 38.29 -5.46
N ASN D 333 12.33 37.74 -4.29
CA ASN D 333 11.00 37.21 -3.97
C ASN D 333 9.92 38.28 -4.04
N PHE D 334 10.26 39.51 -3.64
CA PHE D 334 9.34 40.63 -3.74
C PHE D 334 9.06 40.97 -5.20
N MET D 335 10.10 40.96 -6.05
CA MET D 335 9.90 41.37 -7.42
C MET D 335 9.40 40.24 -8.34
N HIS D 336 9.62 38.97 -8.02
CA HIS D 336 9.36 37.93 -9.02
C HIS D 336 8.50 36.75 -8.60
N ASN D 337 8.55 36.36 -7.31
CA ASN D 337 7.95 35.12 -6.82
C ASN D 337 6.42 35.21 -6.77
N PRO D 338 5.68 34.30 -7.40
CA PRO D 338 4.21 34.39 -7.39
C PRO D 338 3.50 33.72 -6.23
N LEU D 339 4.22 33.17 -5.27
CA LEU D 339 3.55 32.42 -4.19
C LEU D 339 2.79 33.38 -3.29
N THR D 340 2.02 32.86 -2.35
CA THR D 340 1.12 33.66 -1.49
C THR D 340 1.85 34.38 -0.35
N ARG D 341 2.85 33.71 0.27
CA ARG D 341 3.58 34.25 1.43
C ARG D 341 4.50 35.43 1.11
N PHE D 342 4.57 35.75 -0.18
CA PHE D 342 5.48 36.80 -0.68
C PHE D 342 4.65 37.96 -1.17
N LYS D 343 3.35 37.89 -0.98
CA LYS D 343 2.46 39.00 -1.34
C LYS D 343 2.45 40.14 -0.32
N SER D 344 2.84 39.86 0.92
CA SER D 344 2.96 40.87 1.97
C SER D 344 4.30 41.57 1.99
N TYR D 345 5.22 41.18 1.10
CA TYR D 345 6.53 41.80 0.98
C TYR D 345 6.41 43.22 0.44
N THR D 346 7.11 44.15 1.08
CA THR D 346 7.07 45.57 0.74
C THR D 346 8.48 46.11 0.75
N ILE D 347 8.66 47.23 0.04
CA ILE D 347 9.92 47.97 0.00
C ILE D 347 10.27 48.55 1.37
N ASP D 348 9.26 48.97 2.15
CA ASP D 348 9.41 49.50 3.52
C ASP D 348 9.97 48.47 4.50
N ASP D 349 9.42 47.23 4.45
CA ASP D 349 9.90 46.12 5.27
C ASP D 349 11.29 45.66 4.85
N LEU D 350 11.57 45.74 3.53
CA LEU D 350 12.89 45.47 2.96
C LEU D 350 13.93 46.48 3.46
N ARG D 351 13.54 47.76 3.50
CA ARG D 351 14.36 48.87 4.02
C ARG D 351 14.65 48.70 5.51
N GLN D 352 13.62 48.24 6.26
CA GLN D 352 13.73 47.92 7.69
C GLN D 352 14.70 46.75 7.92
N LYS D 353 14.61 45.72 7.05
CA LYS D 353 15.50 44.55 7.09
C LYS D 353 16.97 44.92 6.81
N VAL D 354 17.20 45.81 5.81
CA VAL D 354 18.54 46.32 5.45
C VAL D 354 19.12 47.14 6.60
N ALA D 355 18.25 47.98 7.23
CA ALA D 355 18.61 48.80 8.38
C ALA D 355 18.95 47.96 9.63
N GLN D 356 18.21 46.88 9.87
CA GLN D 356 18.51 46.04 11.03
C GLN D 356 19.74 45.17 10.80
N THR D 357 20.01 44.75 9.56
CA THR D 357 21.17 43.89 9.32
C THR D 357 22.48 44.67 9.12
N PHE D 358 22.53 45.55 8.09
CA PHE D 358 23.78 46.28 7.70
C PHE D 358 24.03 47.57 8.50
N ASN D 359 23.08 48.06 9.27
CA ASN D 359 23.09 49.27 10.12
C ASN D 359 23.78 50.48 9.49
N PRO D 360 23.23 51.12 8.42
CA PRO D 360 23.90 52.30 7.82
C PRO D 360 23.91 53.53 8.73
N LYS D 361 24.94 54.36 8.53
CA LYS D 361 25.07 55.59 9.30
C LYS D 361 24.07 56.65 8.84
N SER D 362 23.86 56.75 7.53
CA SER D 362 23.01 57.77 6.94
C SER D 362 21.89 57.13 6.12
N SER D 363 20.81 57.90 5.96
CA SER D 363 19.64 57.50 5.17
C SER D 363 19.96 57.32 3.69
N GLN D 364 20.85 58.17 3.16
CA GLN D 364 21.31 58.11 1.76
C GLN D 364 22.06 56.81 1.46
N GLN D 365 22.85 56.33 2.44
CA GLN D 365 23.56 55.04 2.38
C GLN D 365 22.58 53.87 2.30
N LEU D 366 21.51 53.94 3.10
CA LEU D 366 20.41 52.98 3.12
C LEU D 366 19.66 52.95 1.79
N THR D 367 19.43 54.15 1.22
CA THR D 367 18.78 54.34 -0.07
C THR D 367 19.61 53.74 -1.21
N ASN D 368 20.95 53.96 -1.19
CA ASN D 368 21.88 53.40 -2.18
C ASN D 368 21.99 51.88 -2.10
N LEU D 369 22.03 51.32 -0.86
CA LEU D 369 22.04 49.87 -0.64
C LEU D 369 20.76 49.20 -1.13
N LEU D 370 19.60 49.84 -0.83
CA LEU D 370 18.28 49.36 -1.28
C LEU D 370 18.16 49.39 -2.81
N ASP D 371 18.64 50.49 -3.43
CA ASP D 371 18.64 50.67 -4.88
C ASP D 371 19.53 49.66 -5.60
N SER D 372 20.73 49.40 -5.01
CA SER D 372 21.65 48.40 -5.55
C SER D 372 21.09 46.98 -5.43
N ALA D 373 20.43 46.67 -4.29
CA ALA D 373 19.78 45.37 -4.04
C ALA D 373 18.63 45.12 -5.02
N LEU D 374 17.83 46.16 -5.30
CA LEU D 374 16.77 46.05 -6.29
C LEU D 374 17.32 45.99 -7.71
N GLU D 375 18.49 46.59 -7.94
CA GLU D 375 19.13 46.55 -9.26
C GLU D 375 19.72 45.17 -9.56
N CYS D 376 20.08 44.39 -8.53
CA CYS D 376 20.72 43.07 -8.75
C CYS D 376 19.70 42.04 -9.23
N VAL D 377 18.45 42.13 -8.76
CA VAL D 377 17.44 41.13 -9.06
C VAL D 377 16.47 41.60 -10.14
N GLN D 378 16.90 42.56 -10.99
CA GLN D 378 16.13 43.08 -12.12
C GLN D 378 15.85 42.01 -13.17
N ASP D 379 16.84 41.20 -13.48
CA ASP D 379 16.70 40.15 -14.48
C ASP D 379 16.45 38.87 -13.69
N PRO D 380 15.24 38.27 -13.79
CA PRO D 380 14.93 37.04 -13.01
C PRO D 380 15.72 35.80 -13.38
N ASN D 381 16.28 35.73 -14.60
CA ASN D 381 17.02 34.57 -15.05
C ASN D 381 18.38 34.49 -14.36
N LEU D 382 19.02 35.63 -14.11
CA LEU D 382 20.38 35.65 -13.59
C LEU D 382 20.48 35.42 -12.09
N VAL D 383 19.38 35.34 -11.35
CA VAL D 383 19.39 35.12 -9.92
C VAL D 383 18.57 33.86 -9.67
N VAL D 384 19.13 32.91 -8.93
CA VAL D 384 18.43 31.70 -8.52
C VAL D 384 18.53 31.62 -7.00
N VAL D 385 17.39 31.62 -6.33
CA VAL D 385 17.34 31.62 -4.87
C VAL D 385 17.02 30.22 -4.38
N TYR D 386 17.92 29.66 -3.57
CA TYR D 386 17.71 28.35 -2.95
C TYR D 386 17.20 28.56 -1.53
N SER D 387 16.05 27.97 -1.22
CA SER D 387 15.42 28.06 0.09
C SER D 387 14.96 26.68 0.52
N LEU D 388 15.16 26.37 1.81
CA LEU D 388 14.82 25.06 2.38
C LEU D 388 13.32 24.78 2.40
N GLN D 389 12.51 25.77 2.79
CA GLN D 389 11.06 25.58 2.89
C GLN D 389 10.32 25.60 1.55
N GLU D 390 10.99 25.93 0.44
CA GLU D 390 10.37 25.98 -0.88
C GLU D 390 10.93 24.91 -1.81
N SER D 391 12.25 24.83 -1.96
CA SER D 391 12.85 23.89 -2.90
C SER D 391 12.95 22.48 -2.32
N GLY D 392 13.70 22.33 -1.23
CA GLY D 392 13.93 21.01 -0.67
C GLY D 392 15.38 20.80 -0.29
N ILE D 393 15.64 19.75 0.50
CA ILE D 393 16.99 19.46 1.01
C ILE D 393 17.94 19.00 -0.11
N ASP D 394 17.44 18.24 -1.08
CA ASP D 394 18.27 17.68 -2.14
C ASP D 394 18.08 18.40 -3.46
N GLU D 395 17.91 19.73 -3.42
CA GLU D 395 17.61 20.52 -4.61
C GLU D 395 18.62 21.64 -4.86
N PHE D 396 19.74 21.68 -4.13
CA PHE D 396 20.74 22.73 -4.31
C PHE D 396 21.50 22.57 -5.63
N ASP D 397 21.84 21.32 -5.99
CA ASP D 397 22.44 20.99 -7.29
C ASP D 397 21.52 21.29 -8.46
N ASP D 398 20.19 21.14 -8.25
CA ASP D 398 19.17 21.54 -9.22
C ASP D 398 19.16 23.05 -9.45
N CYS D 399 19.36 23.82 -8.36
CA CYS D 399 19.50 25.29 -8.43
C CYS D 399 20.74 25.70 -9.21
N ILE D 400 21.86 24.98 -8.99
CA ILE D 400 23.12 25.18 -9.72
C ILE D 400 22.93 24.89 -11.22
N LEU D 401 22.18 23.81 -11.54
CA LEU D 401 21.87 23.44 -12.93
C LEU D 401 20.93 24.45 -13.63
N LYS D 402 19.96 25.02 -12.87
CA LYS D 402 19.09 26.10 -13.38
C LYS D 402 19.88 27.36 -13.68
N ALA D 403 20.85 27.68 -12.79
CA ALA D 403 21.77 28.81 -13.01
C ALA D 403 22.64 28.58 -14.26
N ILE D 404 23.09 27.34 -14.47
CA ILE D 404 23.88 26.94 -15.65
C ILE D 404 23.08 27.12 -16.93
N PHE D 405 21.81 26.63 -16.93
CA PHE D 405 20.90 26.74 -18.07
C PHE D 405 20.47 28.18 -18.35
N SER D 406 20.39 29.01 -17.32
CA SER D 406 20.08 30.42 -17.51
C SER D 406 21.24 31.24 -18.05
N SER D 407 22.47 30.73 -18.00
CA SER D 407 23.66 31.43 -18.47
C SER D 407 23.77 31.41 -20.00
N GLN D 408 24.77 32.09 -20.53
CA GLN D 408 24.99 32.14 -21.96
C GLN D 408 25.91 31.00 -22.36
N GLY D 409 25.41 30.12 -23.23
CA GLY D 409 26.19 29.00 -23.70
C GLY D 409 25.44 28.26 -24.78
N LYS D 410 26.19 27.38 -25.46
CA LYS D 410 25.62 26.58 -26.54
C LYS D 410 24.72 25.47 -25.98
N LEU D 411 23.75 25.05 -26.81
CA LEU D 411 22.73 24.06 -26.46
C LEU D 411 23.32 22.68 -26.14
N GLY D 412 24.34 22.27 -26.93
CA GLY D 412 25.04 20.99 -26.71
C GLY D 412 25.78 20.92 -25.38
N ASN D 413 26.43 22.03 -24.99
CA ASN D 413 27.11 22.16 -23.71
C ASN D 413 26.14 22.10 -22.54
N LYS D 414 24.95 22.74 -22.71
CA LYS D 414 23.89 22.73 -21.69
C LYS D 414 23.28 21.34 -21.52
N LEU D 415 23.12 20.61 -22.64
CA LEU D 415 22.69 19.21 -22.61
C LEU D 415 23.71 18.31 -21.92
N LYS D 416 25.03 18.57 -22.14
CA LYS D 416 26.11 17.87 -21.45
C LYS D 416 26.07 18.12 -19.93
N GLN D 417 25.83 19.38 -19.51
CA GLN D 417 25.68 19.74 -18.09
C GLN D 417 24.46 19.08 -17.46
N ALA D 418 23.33 19.03 -18.19
CA ALA D 418 22.13 18.31 -17.76
C ALA D 418 22.39 16.81 -17.62
N MET D 419 23.27 16.29 -18.47
CA MET D 419 23.64 14.85 -18.42
C MET D 419 24.47 14.62 -17.15
N TYR D 420 25.42 15.53 -16.87
CA TYR D 420 26.27 15.37 -15.69
C TYR D 420 25.48 15.32 -14.38
N PHE D 421 24.47 16.17 -14.22
CA PHE D 421 23.67 16.20 -12.98
C PHE D 421 22.60 15.12 -12.88
N ASP D 422 22.42 14.28 -13.94
CA ASP D 422 21.45 13.16 -14.06
C ASP D 422 20.00 13.65 -13.92
N GLN D 423 19.65 14.64 -14.73
CA GLN D 423 18.33 15.24 -14.80
C GLN D 423 17.80 15.08 -16.23
N LEU D 424 17.14 13.94 -16.44
CA LEU D 424 16.61 13.56 -17.76
C LEU D 424 15.44 14.44 -18.19
N ASP D 425 14.58 14.84 -17.24
CA ASP D 425 13.41 15.68 -17.48
C ASP D 425 13.77 17.08 -17.98
N VAL D 426 14.85 17.66 -17.40
CA VAL D 426 15.40 18.96 -17.77
C VAL D 426 15.90 18.95 -19.21
N ALA D 427 16.61 17.86 -19.58
CA ALA D 427 17.11 17.63 -20.94
C ALA D 427 15.98 17.46 -21.95
N LYS D 428 14.92 16.71 -21.57
CA LYS D 428 13.72 16.51 -22.39
C LYS D 428 12.98 17.82 -22.66
N ARG D 429 12.81 18.64 -21.61
CA ARG D 429 12.17 19.96 -21.72
C ARG D 429 13.00 20.92 -22.58
N ALA D 430 14.34 20.88 -22.42
CA ALA D 430 15.26 21.70 -23.21
C ALA D 430 15.23 21.33 -24.70
N LEU D 431 15.21 20.01 -24.99
CA LEU D 431 15.11 19.50 -26.37
C LEU D 431 13.78 19.85 -27.01
N SER D 432 12.67 19.71 -26.26
CA SER D 432 11.33 20.06 -26.73
C SER D 432 11.19 21.56 -27.00
N GLU D 433 11.72 22.40 -26.09
CA GLU D 433 11.72 23.85 -26.25
C GLU D 433 12.57 24.30 -27.44
N ALA D 434 13.75 23.68 -27.62
CA ALA D 434 14.62 23.95 -28.77
C ALA D 434 13.99 23.51 -30.08
N SER D 435 13.30 22.36 -30.06
CA SER D 435 12.55 21.83 -31.20
C SER D 435 11.38 22.74 -31.60
N LYS D 436 10.68 23.30 -30.60
CA LYS D 436 9.54 24.18 -30.87
C LYS D 436 9.98 25.54 -31.39
N ASN D 437 11.12 26.06 -30.92
CA ASN D 437 11.58 27.40 -31.28
C ASN D 437 12.41 27.47 -32.57
N GLY D 438 12.37 26.44 -33.42
CA GLY D 438 13.08 26.46 -34.69
C GLY D 438 14.58 26.32 -34.62
N GLN D 439 15.12 25.77 -33.54
CA GLN D 439 16.55 25.55 -33.38
C GLN D 439 16.96 24.11 -33.68
N HIS D 440 16.30 23.46 -34.66
CA HIS D 440 16.46 22.05 -35.01
C HIS D 440 17.85 21.73 -35.57
N ASN D 441 18.47 22.72 -36.26
CA ASN D 441 19.79 22.62 -36.87
C ASN D 441 20.85 22.41 -35.80
N GLU D 442 20.75 23.17 -34.69
CA GLU D 442 21.69 23.07 -33.56
C GLU D 442 21.58 21.72 -32.85
N ILE D 443 20.34 21.16 -32.80
CA ILE D 443 20.03 19.85 -32.22
C ILE D 443 20.74 18.74 -33.00
N ALA D 444 20.60 18.79 -34.35
CA ALA D 444 21.28 17.85 -35.25
C ALA D 444 22.80 18.03 -35.24
N ALA D 445 23.26 19.27 -35.08
CA ALA D 445 24.70 19.55 -35.01
C ALA D 445 25.33 19.04 -33.70
N CYS D 446 24.56 18.99 -32.60
CA CYS D 446 25.15 18.62 -31.31
C CYS D 446 24.78 17.22 -30.83
N ILE D 447 23.84 16.53 -31.52
CA ILE D 447 23.31 15.22 -31.12
C ILE D 447 24.40 14.12 -31.11
N ASN D 448 25.36 14.16 -32.05
CA ASN D 448 26.45 13.20 -32.17
C ASN D 448 27.39 13.31 -30.97
N ASP D 449 27.82 14.55 -30.64
CA ASP D 449 28.71 14.84 -29.52
C ASP D 449 28.05 14.56 -28.18
N ASN D 450 26.73 14.84 -28.09
CA ASN D 450 25.95 14.57 -26.89
C ASN D 450 25.79 13.07 -26.64
N LEU D 451 25.58 12.29 -27.73
CA LEU D 451 25.50 10.83 -27.66
C LEU D 451 26.84 10.21 -27.23
N MET D 452 27.95 10.77 -27.77
CA MET D 452 29.32 10.39 -27.41
C MET D 452 29.63 10.65 -25.94
N ALA D 453 29.23 11.84 -25.46
CA ALA D 453 29.40 12.28 -24.07
C ALA D 453 28.57 11.42 -23.12
N ALA D 454 27.34 11.07 -23.53
CA ALA D 454 26.44 10.19 -22.78
C ALA D 454 27.03 8.78 -22.64
N MET D 455 27.66 8.27 -23.72
CA MET D 455 28.35 6.96 -23.67
C MET D 455 29.55 6.99 -22.73
N MET D 456 30.37 8.06 -22.76
CA MET D 456 31.58 8.17 -21.92
C MET D 456 31.27 8.26 -20.42
N HIS D 457 30.23 9.00 -20.03
CA HIS D 457 29.96 9.30 -18.63
C HIS D 457 28.98 8.35 -17.95
N ASN D 458 28.60 7.25 -18.63
CA ASN D 458 27.73 6.14 -18.17
C ASN D 458 26.33 6.62 -17.78
N LYS D 459 25.61 7.13 -18.78
CA LYS D 459 24.22 7.57 -18.63
C LYS D 459 23.34 6.90 -19.68
N PRO D 460 22.91 5.62 -19.43
CA PRO D 460 22.13 4.84 -20.43
C PRO D 460 20.77 5.42 -20.86
N HIS D 461 20.06 6.09 -19.93
CA HIS D 461 18.78 6.74 -20.21
C HIS D 461 18.96 7.87 -21.21
N PHE D 462 20.03 8.65 -21.04
CA PHE D 462 20.42 9.70 -21.98
C PHE D 462 20.82 9.15 -23.34
N VAL D 463 21.46 7.96 -23.36
CA VAL D 463 21.83 7.23 -24.59
C VAL D 463 20.58 6.88 -25.39
N GLU D 464 19.53 6.34 -24.68
CA GLU D 464 18.22 6.04 -25.28
C GLU D 464 17.52 7.30 -25.79
N LEU D 465 17.59 8.39 -25.00
CA LEU D 465 17.01 9.70 -25.35
C LEU D 465 17.63 10.31 -26.60
N TYR D 466 18.98 10.31 -26.69
CA TYR D 466 19.68 10.87 -27.85
C TYR D 466 19.51 9.99 -29.09
N LEU D 467 19.51 8.66 -28.93
CA LEU D 467 19.27 7.73 -30.04
C LEU D 467 17.85 7.82 -30.59
N GLY D 468 16.86 8.17 -29.73
CA GLY D 468 15.49 8.31 -30.20
C GLY D 468 15.22 9.50 -31.12
N PHE D 469 16.04 10.55 -31.05
CA PHE D 469 15.85 11.75 -31.88
C PHE D 469 16.70 11.71 -33.16
N ASP D 470 16.51 10.62 -33.93
CA ASP D 470 17.02 10.35 -35.29
C ASP D 470 18.55 10.48 -35.43
N ALA D 471 19.26 10.01 -34.41
CA ALA D 471 20.71 9.98 -34.39
C ALA D 471 21.17 8.57 -34.74
N LYS D 472 21.74 8.42 -35.95
CA LYS D 472 22.22 7.14 -36.43
C LYS D 472 23.45 6.68 -35.63
N ILE D 473 23.39 5.42 -35.18
CA ILE D 473 24.41 4.82 -34.33
C ILE D 473 25.75 4.65 -35.07
N TYR D 474 25.72 4.35 -36.36
CA TYR D 474 26.92 4.13 -37.16
C TYR D 474 27.47 5.41 -37.79
N GLU D 475 26.99 6.59 -37.36
CA GLU D 475 27.47 7.88 -37.82
C GLU D 475 28.24 8.64 -36.74
N LEU D 476 28.71 7.94 -35.70
CA LEU D 476 29.53 8.54 -34.65
C LEU D 476 30.88 9.00 -35.19
N LYS D 477 31.42 10.07 -34.62
CA LYS D 477 32.69 10.64 -35.04
C LYS D 477 33.60 10.88 -33.84
N PRO D 478 34.91 10.57 -33.96
CA PRO D 478 35.84 10.85 -32.85
C PRO D 478 36.08 12.35 -32.66
N SER D 479 36.37 12.71 -31.41
CA SER D 479 36.67 14.10 -31.04
C SER D 479 37.96 14.60 -31.68
N GLU D 480 39.01 13.78 -31.67
CA GLU D 480 40.30 14.13 -32.25
C GLU D 480 40.43 13.57 -33.67
N GLU D 481 41.54 13.91 -34.33
CA GLU D 481 41.82 13.46 -35.68
C GLU D 481 42.90 12.39 -35.62
N VAL D 482 42.64 11.27 -36.29
CA VAL D 482 43.56 10.14 -36.31
C VAL D 482 44.70 10.37 -37.31
N ALA D 483 45.91 10.00 -36.89
CA ALA D 483 47.07 10.02 -37.78
C ALA D 483 46.97 8.88 -38.79
N LYS D 484 47.57 9.09 -39.97
CA LYS D 484 47.59 8.08 -41.03
C LYS D 484 48.44 6.87 -40.65
N THR D 485 47.96 5.69 -41.04
CA THR D 485 48.62 4.43 -40.70
C THR D 485 48.94 3.65 -41.96
N ASN D 486 50.13 3.03 -41.99
CA ASN D 486 50.58 2.20 -43.11
C ASN D 486 49.77 0.91 -43.28
N ILE D 487 49.14 0.41 -42.22
CA ILE D 487 48.33 -0.81 -42.26
C ILE D 487 47.03 -0.54 -43.02
N THR D 488 46.72 -1.42 -43.98
CA THR D 488 45.52 -1.24 -44.79
C THR D 488 44.24 -1.63 -44.03
N ALA D 489 44.33 -2.54 -43.05
CA ALA D 489 43.19 -2.94 -42.23
C ALA D 489 42.73 -1.80 -41.32
N LEU D 490 43.68 -1.07 -40.73
CA LEU D 490 43.38 0.06 -39.85
C LEU D 490 42.82 1.24 -40.64
N ASP D 491 43.31 1.45 -41.87
CA ASP D 491 42.84 2.55 -42.70
C ASP D 491 41.46 2.30 -43.28
N GLU D 492 41.04 1.03 -43.40
CA GLU D 492 39.71 0.67 -43.90
C GLU D 492 38.57 0.98 -42.90
N LEU D 493 38.92 1.19 -41.60
CA LEU D 493 37.99 1.35 -40.49
C LEU D 493 37.18 2.64 -40.59
N PRO D 494 35.85 2.59 -40.34
CA PRO D 494 35.04 3.82 -40.35
C PRO D 494 35.23 4.71 -39.12
N SER D 495 34.49 5.85 -39.11
CA SER D 495 34.60 6.87 -38.07
C SER D 495 34.10 6.38 -36.70
N PHE D 496 33.02 5.60 -36.69
CA PHE D 496 32.43 5.08 -35.44
C PHE D 496 33.35 4.06 -34.75
N ALA D 497 34.17 3.32 -35.52
CA ALA D 497 35.20 2.44 -34.97
C ALA D 497 36.25 3.22 -34.18
N LEU D 498 36.65 4.38 -34.72
CA LEU D 498 37.55 5.32 -34.04
C LEU D 498 36.89 5.93 -32.82
N ALA D 499 35.56 6.15 -32.88
CA ALA D 499 34.79 6.64 -31.74
C ALA D 499 34.75 5.63 -30.58
N ILE D 500 34.55 4.33 -30.88
CA ILE D 500 34.59 3.22 -29.89
C ILE D 500 36.00 3.10 -29.29
N GLU D 501 37.03 3.30 -30.14
CA GLU D 501 38.44 3.35 -29.74
C GLU D 501 38.72 4.51 -28.77
N GLU D 502 38.07 5.67 -29.00
CA GLU D 502 38.14 6.83 -28.09
C GLU D 502 37.48 6.55 -26.72
N LEU D 503 36.43 5.72 -26.71
CA LEU D 503 35.68 5.33 -25.47
C LEU D 503 36.53 4.35 -24.68
N TYR D 504 37.27 3.49 -25.35
CA TYR D 504 38.26 2.59 -24.75
C TYR D 504 39.47 3.36 -24.17
N LYS D 505 39.96 4.36 -24.92
CA LYS D 505 41.08 5.21 -24.50
C LYS D 505 40.76 6.02 -23.24
N ARG D 506 39.55 6.62 -23.19
CA ARG D 506 39.12 7.41 -22.03
C ARG D 506 38.98 6.52 -20.78
N GLU D 507 38.42 5.31 -20.95
CA GLU D 507 38.31 4.36 -19.84
C GLU D 507 39.67 3.82 -19.41
N ALA D 508 40.59 3.66 -20.36
CA ALA D 508 41.90 3.05 -20.12
C ALA D 508 42.86 3.97 -19.36
N LYS D 509 42.77 5.30 -19.56
CA LYS D 509 43.66 6.28 -18.94
C LYS D 509 43.48 6.45 -17.43
N LYS D 510 42.39 5.95 -16.84
CA LYS D 510 42.13 5.98 -15.40
C LYS D 510 43.11 5.06 -14.67
N PRO D 511 43.53 5.41 -13.42
CA PRO D 511 44.46 4.54 -12.66
C PRO D 511 43.85 3.19 -12.29
N HIS D 512 44.70 2.15 -12.40
CA HIS D 512 44.44 0.73 -12.08
C HIS D 512 43.22 0.17 -12.84
N SER D 513 43.07 0.60 -14.09
CA SER D 513 41.98 0.19 -14.96
C SER D 513 42.27 -1.17 -15.56
N HIS D 514 41.30 -2.08 -15.44
CA HIS D 514 41.40 -3.46 -15.92
C HIS D 514 41.43 -3.60 -17.45
N VAL D 515 40.96 -2.58 -18.19
CA VAL D 515 40.99 -2.56 -19.65
C VAL D 515 42.42 -2.54 -20.16
N GLN D 516 43.26 -1.65 -19.56
CA GLN D 516 44.69 -1.49 -19.87
C GLN D 516 45.48 -2.75 -19.50
N ARG D 517 45.14 -3.36 -18.34
CA ARG D 517 45.74 -4.61 -17.86
C ARG D 517 45.41 -5.78 -18.78
N LEU D 518 44.15 -5.85 -19.26
CA LEU D 518 43.69 -6.89 -20.19
C LEU D 518 44.41 -6.81 -21.54
N VAL D 519 44.54 -5.57 -22.08
CA VAL D 519 45.24 -5.30 -23.35
C VAL D 519 46.74 -5.63 -23.24
N SER D 520 47.38 -5.22 -22.11
CA SER D 520 48.81 -5.50 -21.87
C SER D 520 49.08 -6.99 -21.65
N LEU D 521 48.23 -7.70 -20.89
CA LEU D 521 48.42 -9.12 -20.65
C LEU D 521 47.98 -10.00 -21.82
N SER D 522 47.26 -9.44 -22.81
CA SER D 522 46.84 -10.20 -24.00
C SER D 522 48.02 -10.68 -24.86
N ASN D 523 49.13 -9.91 -24.89
CA ASN D 523 50.39 -10.13 -25.64
C ASN D 523 50.16 -10.28 -27.15
N THR D 524 49.54 -9.25 -27.74
CA THR D 524 49.24 -9.22 -29.17
C THR D 524 49.71 -7.91 -29.77
N ASP D 525 49.79 -7.87 -31.11
CA ASP D 525 50.14 -6.67 -31.85
C ASP D 525 48.88 -5.82 -32.12
N VAL D 526 49.01 -4.82 -33.01
CA VAL D 526 47.93 -3.87 -33.35
C VAL D 526 46.73 -4.53 -34.06
N LEU D 527 46.94 -5.66 -34.74
CA LEU D 527 45.85 -6.34 -35.42
C LEU D 527 45.27 -7.46 -34.58
N GLY D 528 45.74 -7.63 -33.36
CA GLY D 528 45.22 -8.60 -32.42
C GLY D 528 45.76 -10.02 -32.54
N ARG D 529 46.63 -10.29 -33.52
CA ARG D 529 47.23 -11.62 -33.69
C ARG D 529 48.19 -11.98 -32.56
N HIS D 530 48.13 -13.24 -32.12
CA HIS D 530 48.92 -13.73 -30.98
C HIS D 530 50.39 -13.96 -31.38
N TYR D 531 51.12 -12.86 -31.55
CA TYR D 531 52.53 -12.91 -31.92
C TYR D 531 53.45 -12.13 -30.99
N ARG D 532 52.90 -11.35 -30.05
CA ARG D 532 53.57 -10.49 -29.04
C ARG D 532 54.54 -9.46 -29.62
N GLY D 546 58.15 -0.30 -34.18
CA GLY D 546 56.71 -0.15 -34.23
C GLY D 546 56.07 0.02 -32.87
N ARG D 547 56.87 0.53 -31.92
CA ARG D 547 56.42 0.78 -30.55
C ARG D 547 55.35 1.87 -30.49
N ASP D 548 55.52 2.93 -31.31
CA ASP D 548 54.60 4.08 -31.39
C ASP D 548 53.21 3.65 -31.86
N LEU D 549 53.15 2.80 -32.89
CA LEU D 549 51.92 2.22 -33.38
C LEU D 549 51.30 1.27 -32.35
N ALA D 550 52.14 0.57 -31.57
CA ALA D 550 51.64 -0.35 -30.57
C ALA D 550 51.12 0.34 -29.32
N ASN D 551 51.44 1.62 -29.09
CA ASN D 551 50.90 2.31 -27.92
C ASN D 551 49.85 3.37 -28.24
N THR D 552 50.01 4.15 -29.33
CA THR D 552 49.03 5.18 -29.69
C THR D 552 47.69 4.62 -30.18
N ARG D 553 47.70 3.45 -30.81
CA ARG D 553 46.48 2.82 -31.31
C ARG D 553 46.32 1.41 -30.74
N ALA D 554 46.61 1.28 -29.44
CA ALA D 554 46.52 0.02 -28.72
C ALA D 554 45.08 -0.44 -28.43
N TYR D 555 44.09 0.41 -28.61
CA TYR D 555 42.71 0.06 -28.27
C TYR D 555 41.78 0.10 -29.47
N ASN D 556 42.29 -0.23 -30.66
CA ASN D 556 41.49 -0.37 -31.87
C ASN D 556 40.55 -1.58 -31.75
N VAL D 557 39.44 -1.52 -32.49
CA VAL D 557 38.32 -2.47 -32.39
C VAL D 557 38.65 -3.89 -32.84
N LEU D 558 39.57 -4.04 -33.82
CA LEU D 558 39.98 -5.34 -34.35
C LEU D 558 40.76 -6.12 -33.29
N ARG D 559 41.69 -5.42 -32.61
CA ARG D 559 42.49 -5.99 -31.52
C ARG D 559 41.62 -6.41 -30.34
N MET D 560 40.62 -5.57 -29.98
CA MET D 560 39.65 -5.86 -28.92
C MET D 560 38.76 -7.05 -29.26
N ASP D 561 38.38 -7.16 -30.56
CA ASP D 561 37.63 -8.30 -31.11
C ASP D 561 38.41 -9.61 -30.95
N GLN D 562 39.72 -9.55 -31.24
CA GLN D 562 40.62 -10.70 -31.04
C GLN D 562 40.75 -11.09 -29.56
N ILE D 563 40.86 -10.10 -28.65
CA ILE D 563 40.96 -10.33 -27.19
C ILE D 563 39.69 -11.00 -26.64
N PHE D 564 38.51 -10.47 -27.06
CA PHE D 564 37.19 -11.05 -26.69
C PHE D 564 37.01 -12.44 -27.29
N ALA D 565 37.54 -12.64 -28.51
CA ALA D 565 37.53 -13.92 -29.21
C ALA D 565 38.32 -14.98 -28.44
N ARG D 566 39.51 -14.62 -27.95
CA ARG D 566 40.26 -15.52 -27.05
C ARG D 566 39.56 -15.76 -25.72
N LEU D 567 38.81 -14.75 -25.21
CA LEU D 567 38.01 -14.94 -23.99
C LEU D 567 36.87 -15.94 -24.16
N VAL D 568 36.20 -16.00 -25.33
CA VAL D 568 35.06 -16.92 -25.50
C VAL D 568 35.51 -18.39 -25.57
N SER D 569 36.28 -18.74 -26.60
CA SER D 569 36.73 -20.12 -26.84
C SER D 569 37.92 -20.08 -27.80
N LYS D 570 38.33 -21.27 -28.24
CA LYS D 570 39.48 -21.40 -29.12
C LYS D 570 39.13 -21.19 -30.59
N ASP D 571 37.83 -21.10 -30.95
CA ASP D 571 37.45 -20.98 -32.35
C ASP D 571 36.46 -19.85 -32.60
N PHE D 572 36.46 -18.83 -31.75
CA PHE D 572 35.71 -17.61 -32.04
C PHE D 572 36.45 -16.80 -33.11
N SER D 573 35.73 -16.43 -34.18
CA SER D 573 36.32 -15.57 -35.22
C SER D 573 35.15 -14.76 -35.78
N VAL D 574 34.94 -13.56 -35.22
CA VAL D 574 33.86 -12.67 -35.64
C VAL D 574 34.19 -12.03 -36.99
N ASN D 575 33.24 -12.12 -37.92
CA ASN D 575 33.43 -11.65 -39.28
C ASN D 575 32.89 -10.23 -39.40
N ARG D 576 33.77 -9.29 -39.69
CA ARG D 576 33.42 -7.89 -39.88
C ARG D 576 33.45 -7.54 -41.35
N ASP D 577 32.55 -6.64 -41.75
CA ASP D 577 32.48 -6.19 -43.13
C ASP D 577 32.29 -4.67 -43.04
N PHE D 578 33.41 -3.95 -43.05
CA PHE D 578 33.40 -2.49 -42.98
C PHE D 578 33.21 -1.83 -44.34
N THR D 579 33.15 -2.60 -45.43
CA THR D 579 32.94 -2.04 -46.76
C THR D 579 31.51 -1.55 -46.99
N ILE D 580 30.53 -2.05 -46.23
CA ILE D 580 29.13 -1.65 -46.39
C ILE D 580 28.79 -0.24 -45.93
N TYR D 581 29.68 0.45 -45.21
CA TYR D 581 29.45 1.81 -44.73
C TYR D 581 29.85 2.87 -45.76
N ASP D 582 30.36 2.46 -46.91
CA ASP D 582 30.67 3.37 -48.00
C ASP D 582 29.38 3.85 -48.66
N SER D 583 29.44 5.04 -49.28
CA SER D 583 28.28 5.66 -49.94
C SER D 583 27.78 4.92 -51.19
N LYS D 584 28.59 4.04 -51.81
CA LYS D 584 28.22 3.27 -52.99
C LYS D 584 27.19 2.17 -52.73
N TYR D 585 26.93 1.80 -51.48
CA TYR D 585 26.02 0.74 -51.09
C TYR D 585 24.68 1.26 -50.59
N ASP D 586 24.39 2.56 -50.76
CA ASP D 586 23.16 3.19 -50.28
C ASP D 586 21.89 2.67 -50.98
N LYS D 587 22.00 2.22 -52.23
CA LYS D 587 20.85 1.73 -52.99
C LYS D 587 20.35 0.35 -52.53
N VAL D 588 21.15 -0.41 -51.78
CA VAL D 588 20.81 -1.73 -51.24
C VAL D 588 19.68 -1.59 -50.22
N PRO D 589 18.59 -2.42 -50.29
CA PRO D 589 17.41 -2.22 -49.41
C PRO D 589 17.58 -2.42 -47.90
N GLY D 590 18.06 -3.59 -47.49
CA GLY D 590 18.12 -3.93 -46.08
C GLY D 590 19.36 -3.51 -45.33
N ILE D 591 20.30 -2.81 -46.04
CA ILE D 591 21.64 -2.43 -45.57
C ILE D 591 21.59 -1.54 -44.32
N GLN D 592 20.55 -0.66 -44.24
CA GLN D 592 20.26 0.28 -43.15
C GLN D 592 20.03 -0.44 -41.82
N PHE D 593 19.43 -1.64 -41.88
CA PHE D 593 19.34 -2.48 -40.70
C PHE D 593 20.72 -3.03 -40.31
N ARG D 594 21.44 -3.59 -41.33
CA ARG D 594 22.76 -4.27 -41.19
C ARG D 594 23.84 -3.34 -40.64
N ARG D 595 23.98 -2.15 -41.27
CA ARG D 595 24.84 -1.03 -40.84
C ARG D 595 24.58 -0.61 -39.40
N THR D 596 23.30 -0.61 -39.00
CA THR D 596 22.94 -0.35 -37.61
C THR D 596 23.44 -1.47 -36.71
N ALA D 597 23.07 -2.73 -37.08
CA ALA D 597 23.15 -3.96 -36.25
C ALA D 597 24.56 -4.31 -35.80
N GLN D 598 25.48 -4.40 -36.80
CA GLN D 598 26.93 -4.61 -36.70
C GLN D 598 27.58 -3.62 -35.76
N ALA D 599 27.25 -2.31 -35.98
CA ALA D 599 27.70 -1.15 -35.21
C ALA D 599 27.33 -1.29 -33.75
N SER D 600 26.04 -1.65 -33.53
CA SER D 600 25.38 -1.91 -32.24
C SER D 600 26.15 -2.96 -31.46
N HIS D 601 26.49 -4.05 -32.20
CA HIS D 601 27.24 -5.23 -31.77
C HIS D 601 28.58 -4.87 -31.15
N MET D 602 29.32 -3.99 -31.87
CA MET D 602 30.66 -3.51 -31.49
C MET D 602 30.61 -2.73 -30.19
N LEU D 603 29.60 -1.82 -30.09
CA LEU D 603 29.29 -1.03 -28.90
C LEU D 603 28.87 -1.91 -27.75
N PHE D 604 28.16 -3.01 -28.03
CA PHE D 604 27.70 -3.98 -27.03
C PHE D 604 28.90 -4.68 -26.42
N LEU D 605 29.85 -5.04 -27.26
CA LEU D 605 31.09 -5.67 -26.79
C LEU D 605 31.85 -4.76 -25.84
N TRP D 606 31.88 -3.44 -26.17
CA TRP D 606 32.49 -2.39 -25.36
C TRP D 606 31.79 -2.29 -24.02
N ALA D 607 30.44 -2.32 -24.06
CA ALA D 607 29.58 -2.30 -22.88
C ALA D 607 29.71 -3.58 -22.06
N ILE D 608 30.17 -4.67 -22.63
CA ILE D 608 30.38 -5.89 -21.82
C ILE D 608 31.72 -5.73 -21.14
N CYS D 609 32.66 -5.13 -21.85
CA CYS D 609 34.01 -4.90 -21.30
C CYS D 609 33.98 -3.96 -20.12
N LEU D 610 33.17 -2.92 -20.12
CA LEU D 610 33.20 -1.95 -19.00
C LEU D 610 32.18 -2.39 -17.94
N ASP D 611 31.41 -3.45 -18.18
CA ASP D 611 30.41 -4.05 -17.28
C ASP D 611 29.26 -3.05 -16.98
N ARG D 612 28.83 -2.37 -18.03
CA ARG D 612 27.68 -1.46 -17.97
C ARG D 612 26.51 -2.23 -18.57
N PHE D 613 25.70 -2.86 -17.68
CA PHE D 613 24.64 -3.82 -18.06
C PHE D 613 23.50 -3.18 -18.85
N ARG D 614 23.13 -1.95 -18.50
CA ARG D 614 21.97 -1.25 -19.07
C ARG D 614 22.20 -0.87 -20.53
N MET D 615 23.38 -0.30 -20.83
CA MET D 615 23.77 0.00 -22.21
C MET D 615 23.98 -1.27 -23.02
N ALA D 616 24.52 -2.33 -22.39
CA ALA D 616 24.69 -3.66 -22.99
C ALA D 616 23.36 -4.26 -23.43
N ARG D 617 22.36 -4.15 -22.55
CA ARG D 617 20.99 -4.61 -22.81
C ARG D 617 20.35 -3.79 -23.93
N HIS D 618 20.60 -2.46 -23.94
CA HIS D 618 20.07 -1.57 -24.98
C HIS D 618 20.68 -1.84 -26.36
N PHE D 619 22.02 -2.00 -26.44
CA PHE D 619 22.68 -2.32 -27.71
C PHE D 619 22.39 -3.74 -28.16
N TRP D 620 22.19 -4.65 -27.20
CA TRP D 620 21.73 -6.01 -27.47
C TRP D 620 20.33 -6.02 -28.08
N LEU D 621 19.45 -5.16 -27.57
CA LEU D 621 18.10 -5.01 -28.10
C LEU D 621 18.08 -4.37 -29.49
N ILE D 622 18.95 -3.37 -29.75
CA ILE D 622 19.03 -2.69 -31.05
C ILE D 622 19.50 -3.64 -32.17
N GLY D 623 20.53 -4.43 -31.89
CA GLY D 623 21.08 -5.34 -32.88
C GLY D 623 20.27 -6.61 -33.05
N ASP D 624 20.86 -7.55 -33.77
CA ASP D 624 20.22 -8.83 -34.02
C ASP D 624 21.09 -9.90 -33.38
N GLN D 625 20.68 -11.18 -33.61
CA GLN D 625 21.28 -12.43 -33.11
C GLN D 625 21.36 -12.42 -31.58
N SER D 626 20.19 -12.21 -30.96
CA SER D 626 20.00 -11.91 -29.53
C SER D 626 20.48 -13.00 -28.60
N ILE D 627 20.12 -14.26 -28.92
CA ILE D 627 20.38 -15.44 -28.08
C ILE D 627 21.87 -15.73 -27.98
N ILE D 628 22.54 -15.75 -29.15
CA ILE D 628 23.97 -16.04 -29.28
C ILE D 628 24.82 -14.95 -28.63
N ASN D 629 24.41 -13.67 -28.80
CA ASN D 629 25.08 -12.51 -28.19
C ASN D 629 24.96 -12.50 -26.68
N ALA D 630 23.78 -12.91 -26.15
CA ALA D 630 23.57 -13.02 -24.71
C ALA D 630 24.45 -14.14 -24.10
N LEU D 631 24.55 -15.29 -24.79
CA LEU D 631 25.45 -16.39 -24.37
C LEU D 631 26.92 -15.99 -24.39
N VAL D 632 27.33 -15.27 -25.46
CA VAL D 632 28.69 -14.75 -25.66
C VAL D 632 29.02 -13.73 -24.57
N ALA D 633 28.04 -12.87 -24.24
CA ALA D 633 28.12 -11.84 -23.19
C ALA D 633 28.31 -12.45 -21.80
N SER D 634 27.54 -13.52 -21.52
CA SER D 634 27.62 -14.29 -20.29
C SER D 634 28.99 -14.94 -20.14
N ARG D 635 29.50 -15.53 -21.23
CA ARG D 635 30.82 -16.16 -21.28
C ARG D 635 31.97 -15.17 -21.06
N ILE D 636 31.89 -14.00 -21.68
CA ILE D 636 32.96 -12.98 -21.57
C ILE D 636 32.98 -12.43 -20.15
N LEU D 637 31.84 -12.09 -19.58
CA LEU D 637 31.75 -11.59 -18.20
C LEU D 637 32.22 -12.64 -17.17
N GLU D 638 31.84 -13.93 -17.37
CA GLU D 638 32.28 -15.03 -16.52
C GLU D 638 33.80 -15.26 -16.60
N ARG D 639 34.36 -15.21 -17.81
CA ARG D 639 35.80 -15.39 -18.00
C ARG D 639 36.60 -14.19 -17.49
N LEU D 640 36.06 -12.98 -17.67
CA LEU D 640 36.70 -11.75 -17.19
C LEU D 640 36.70 -11.68 -15.67
N SER D 641 35.62 -12.16 -15.02
CA SER D 641 35.51 -12.17 -13.54
C SER D 641 36.57 -13.02 -12.84
N THR D 642 37.12 -14.05 -13.50
CA THR D 642 38.19 -14.88 -12.96
C THR D 642 39.51 -14.66 -13.72
N HIS D 643 39.61 -13.61 -14.53
CA HIS D 643 40.79 -13.32 -15.33
C HIS D 643 41.85 -12.66 -14.45
N ARG D 644 43.12 -12.70 -14.92
CA ARG D 644 44.27 -12.08 -14.26
C ARG D 644 44.20 -10.56 -14.22
N ALA D 645 43.48 -9.91 -15.15
CA ALA D 645 43.40 -8.46 -15.18
C ALA D 645 42.44 -7.91 -14.14
N LEU D 646 41.54 -8.73 -13.60
CA LEU D 646 40.54 -8.28 -12.64
C LEU D 646 40.87 -8.66 -11.20
N GLN D 647 41.98 -9.34 -10.95
CA GLN D 647 42.33 -9.67 -9.57
C GLN D 647 43.02 -8.46 -8.95
N GLY D 648 42.66 -8.18 -7.70
CA GLY D 648 43.14 -7.02 -7.02
C GLY D 648 42.22 -6.68 -5.86
N PRO D 649 42.76 -6.04 -4.80
CA PRO D 649 41.93 -5.68 -3.61
C PRO D 649 40.77 -4.72 -3.86
N HIS D 650 40.91 -3.80 -4.80
CA HIS D 650 39.95 -2.75 -5.10
C HIS D 650 38.92 -3.17 -6.14
N LEU D 651 39.11 -4.31 -6.80
CA LEU D 651 38.28 -4.74 -7.92
C LEU D 651 37.17 -5.73 -7.57
N ALA D 652 37.01 -6.07 -6.27
CA ALA D 652 36.12 -7.12 -5.76
C ALA D 652 34.66 -6.94 -6.16
N GLU D 653 34.14 -5.73 -5.97
CA GLU D 653 32.71 -5.44 -6.26
C GLU D 653 32.53 -5.51 -7.77
N GLU D 654 33.44 -4.93 -8.52
CA GLU D 654 33.47 -5.00 -9.98
C GLU D 654 33.31 -6.43 -10.48
N ARG D 655 34.14 -7.36 -9.93
CA ARG D 655 34.13 -8.82 -10.19
C ARG D 655 32.76 -9.44 -9.93
N ALA D 656 32.20 -9.13 -8.73
CA ALA D 656 30.86 -9.55 -8.26
C ALA D 656 29.78 -9.13 -9.25
N LYS D 657 29.85 -7.83 -9.64
CA LYS D 657 28.96 -7.19 -10.62
C LYS D 657 28.98 -7.94 -11.96
N MET D 658 30.20 -8.29 -12.45
CA MET D 658 30.42 -9.08 -13.69
C MET D 658 29.69 -10.41 -13.66
N GLN D 659 29.90 -11.21 -12.57
CA GLN D 659 29.21 -12.51 -12.37
C GLN D 659 27.69 -12.37 -12.37
N HIS D 660 27.19 -11.36 -11.61
CA HIS D 660 25.76 -10.99 -11.53
C HIS D 660 25.16 -10.68 -12.92
N ASN D 661 25.85 -9.78 -13.69
CA ASN D 661 25.46 -9.39 -15.05
C ASN D 661 25.46 -10.58 -16.02
N ALA D 662 26.50 -11.45 -15.89
CA ALA D 662 26.66 -12.71 -16.64
C ALA D 662 25.44 -13.60 -16.47
N LYS D 663 25.05 -13.79 -15.18
CA LYS D 663 23.88 -14.58 -14.77
C LYS D 663 22.60 -14.02 -15.40
N LYS D 664 22.44 -12.68 -15.36
CA LYS D 664 21.31 -11.93 -15.95
C LYS D 664 21.19 -12.17 -17.46
N PHE D 665 22.34 -12.06 -18.18
CA PHE D 665 22.40 -12.29 -19.62
C PHE D 665 22.06 -13.74 -19.99
N GLU D 666 22.54 -14.71 -19.18
CA GLU D 666 22.18 -16.13 -19.28
C GLU D 666 20.66 -16.33 -19.20
N GLU D 667 20.02 -15.65 -18.20
CA GLU D 667 18.55 -15.63 -18.01
C GLU D 667 17.82 -15.10 -19.25
N LEU D 668 18.35 -13.97 -19.81
CA LEU D 668 17.85 -13.37 -21.06
C LEU D 668 17.87 -14.37 -22.22
N ALA D 669 19.02 -15.07 -22.41
CA ALA D 669 19.22 -16.08 -23.47
C ALA D 669 18.23 -17.24 -23.36
N VAL D 670 17.96 -17.67 -22.11
CA VAL D 670 16.98 -18.72 -21.77
C VAL D 670 15.57 -18.21 -22.08
N GLY D 671 15.28 -16.97 -21.63
CA GLY D 671 13.96 -16.35 -21.74
C GLY D 671 13.47 -16.17 -23.17
N VAL D 672 14.33 -15.53 -24.02
CA VAL D 672 14.11 -15.35 -25.46
C VAL D 672 13.90 -16.71 -26.15
N LEU D 673 14.77 -17.71 -25.81
CA LEU D 673 14.69 -19.11 -26.29
C LEU D 673 13.33 -19.76 -25.98
N GLY D 674 12.90 -19.60 -24.72
CA GLY D 674 11.60 -20.05 -24.21
C GLY D 674 10.44 -19.45 -24.97
N GLU D 675 10.50 -18.11 -25.21
CA GLU D 675 9.52 -17.36 -26.00
C GLU D 675 9.40 -17.91 -27.43
N CYS D 676 10.57 -18.18 -28.07
CA CYS D 676 10.66 -18.79 -29.41
C CYS D 676 9.97 -20.14 -29.44
N HIS D 677 10.27 -20.98 -28.42
CA HIS D 677 9.66 -22.32 -28.31
C HIS D 677 8.17 -22.25 -28.01
N GLY D 678 7.73 -21.19 -27.31
CA GLY D 678 6.32 -20.96 -27.09
C GLY D 678 5.59 -20.55 -28.35
N SER D 679 6.25 -19.78 -29.22
CA SER D 679 5.54 -19.24 -30.37
C SER D 679 5.45 -20.27 -31.50
N ASP D 680 6.58 -20.85 -31.89
CA ASP D 680 6.65 -21.82 -32.97
C ASP D 680 7.86 -22.68 -32.65
N SER D 681 7.61 -23.92 -32.16
CA SER D 681 8.66 -24.87 -31.75
C SER D 681 9.55 -25.31 -32.91
N HIS D 682 8.94 -25.57 -34.07
CA HIS D 682 9.66 -26.00 -35.28
C HIS D 682 10.59 -24.91 -35.81
N MET D 683 10.11 -23.66 -35.83
CA MET D 683 10.90 -22.50 -36.26
C MET D 683 12.03 -22.20 -35.27
N ALA D 684 11.75 -22.44 -33.96
CA ALA D 684 12.75 -22.34 -32.90
C ALA D 684 13.84 -23.41 -33.07
N SER D 685 13.44 -24.63 -33.48
CA SER D 685 14.36 -25.71 -33.79
C SER D 685 15.25 -25.38 -34.99
N GLU D 686 14.64 -24.76 -36.02
CA GLU D 686 15.37 -24.25 -37.20
C GLU D 686 16.37 -23.17 -36.81
N MET D 687 15.96 -22.29 -35.88
CA MET D 687 16.83 -21.24 -35.33
C MET D 687 18.01 -21.82 -34.56
N LEU D 688 17.75 -22.83 -33.72
CA LEU D 688 18.80 -23.50 -32.96
C LEU D 688 19.72 -24.34 -33.84
N HIS D 689 19.22 -24.81 -34.99
CA HIS D 689 20.00 -25.60 -35.92
C HIS D 689 20.74 -24.77 -36.97
N SER D 690 20.46 -23.46 -37.04
CA SER D 690 21.05 -22.60 -38.06
C SER D 690 22.52 -22.35 -37.81
N LYS D 691 23.38 -22.63 -38.78
CA LYS D 691 24.83 -22.33 -38.61
C LYS D 691 24.99 -20.83 -38.79
N ASN D 692 25.78 -20.19 -37.95
CA ASN D 692 25.84 -18.71 -38.01
C ASN D 692 27.11 -18.27 -38.72
N ASP D 693 26.99 -17.45 -39.76
CA ASP D 693 28.19 -17.08 -40.55
C ASP D 693 29.13 -16.33 -39.64
N MET D 694 28.61 -15.35 -38.91
CA MET D 694 29.45 -14.70 -37.88
C MET D 694 29.51 -15.77 -36.80
N PHE D 695 30.55 -15.83 -35.98
CA PHE D 695 30.65 -16.92 -34.98
C PHE D 695 31.15 -18.23 -35.60
N ASN D 696 31.71 -18.17 -36.81
CA ASN D 696 32.37 -19.36 -37.43
C ASN D 696 31.47 -20.54 -37.77
N LYS D 697 30.24 -20.31 -38.23
CA LYS D 697 29.39 -21.43 -38.71
C LYS D 697 29.15 -22.48 -37.65
N LYS D 698 29.12 -22.11 -36.37
CA LYS D 698 28.76 -23.09 -35.33
C LYS D 698 27.28 -22.89 -35.00
N ASN D 699 26.55 -23.98 -34.77
CA ASN D 699 25.14 -23.76 -34.34
C ASN D 699 25.13 -23.16 -32.93
N ALA D 700 24.02 -22.54 -32.54
CA ALA D 700 23.89 -21.89 -31.23
C ALA D 700 24.07 -22.82 -30.04
N ILE D 701 23.73 -24.10 -30.19
CA ILE D 701 23.87 -25.10 -29.12
C ILE D 701 25.36 -25.36 -28.86
N ASN D 702 26.17 -25.37 -29.94
CA ASN D 702 27.64 -25.48 -29.88
C ASN D 702 28.24 -24.27 -29.15
N ILE D 703 27.67 -23.07 -29.42
CA ILE D 703 28.04 -21.81 -28.76
C ILE D 703 27.76 -21.90 -27.26
N ALA D 704 26.55 -22.42 -26.91
CA ALA D 704 26.07 -22.57 -25.54
C ALA D 704 26.90 -23.57 -24.73
N TYR D 705 27.29 -24.69 -25.36
CA TYR D 705 28.18 -25.67 -24.76
C TYR D 705 29.57 -25.09 -24.54
N ASP D 706 30.07 -24.34 -25.54
CA ASP D 706 31.37 -23.67 -25.44
C ASP D 706 31.34 -22.55 -24.40
N ALA D 707 30.18 -21.91 -24.20
CA ALA D 707 30.04 -20.88 -23.18
C ALA D 707 29.76 -21.43 -21.78
N LYS D 708 29.62 -22.76 -21.64
CA LYS D 708 29.33 -23.53 -20.41
C LYS D 708 28.05 -23.05 -19.73
N SER D 709 27.04 -22.75 -20.54
CA SER D 709 25.73 -22.30 -20.07
C SER D 709 24.88 -23.52 -19.78
N LEU D 710 24.94 -23.95 -18.51
CA LEU D 710 24.21 -25.13 -18.03
C LEU D 710 22.70 -24.92 -18.07
N ALA D 711 22.25 -23.69 -17.78
CA ALA D 711 20.83 -23.31 -17.79
C ALA D 711 20.21 -23.41 -19.18
N PHE D 712 20.96 -22.99 -20.21
CA PHE D 712 20.49 -23.05 -21.60
C PHE D 712 20.38 -24.50 -22.07
N LEU D 713 21.37 -25.33 -21.73
CA LEU D 713 21.39 -26.74 -22.14
C LEU D 713 20.32 -27.56 -21.45
N SER D 714 19.94 -27.19 -20.22
CA SER D 714 18.93 -27.92 -19.48
C SER D 714 17.50 -27.49 -19.82
N HIS D 715 17.33 -26.47 -20.67
CA HIS D 715 16.02 -25.98 -21.08
C HIS D 715 15.31 -27.02 -21.94
N PRO D 716 13.96 -27.17 -21.82
CA PRO D 716 13.20 -28.16 -22.63
C PRO D 716 13.26 -28.02 -24.15
N ALA D 717 13.38 -26.78 -24.66
CA ALA D 717 13.50 -26.51 -26.10
C ALA D 717 14.78 -27.07 -26.69
N THR D 718 15.92 -26.78 -26.00
CA THR D 718 17.25 -27.26 -26.37
C THR D 718 17.33 -28.78 -26.32
N GLN D 719 16.74 -29.39 -25.27
CA GLN D 719 16.68 -30.83 -25.06
C GLN D 719 15.83 -31.53 -26.11
N SER D 720 14.73 -30.87 -26.53
CA SER D 720 13.87 -31.36 -27.61
C SER D 720 14.61 -31.39 -28.95
N VAL D 721 15.41 -30.34 -29.25
CA VAL D 721 16.25 -30.28 -30.46
C VAL D 721 17.33 -31.38 -30.44
N ILE D 722 17.96 -31.61 -29.26
CA ILE D 722 19.00 -32.64 -29.05
C ILE D 722 18.41 -34.06 -29.22
N ASN D 723 17.18 -34.28 -28.71
CA ASN D 723 16.46 -35.55 -28.89
C ASN D 723 16.07 -35.78 -30.36
N ALA D 724 15.63 -34.71 -31.04
CA ALA D 724 15.35 -34.76 -32.49
C ALA D 724 16.62 -35.09 -33.29
N ASP D 725 17.77 -34.53 -32.89
CA ASP D 725 19.06 -34.88 -33.47
C ASP D 725 19.46 -36.33 -33.18
N TRP D 726 19.15 -36.81 -31.96
CA TRP D 726 19.38 -38.20 -31.55
C TRP D 726 18.66 -39.19 -32.44
N TYR D 727 17.36 -38.96 -32.69
CA TYR D 727 16.62 -39.94 -33.47
C TYR D 727 16.78 -39.80 -34.97
N GLY D 728 17.43 -38.71 -35.45
CA GLY D 728 17.69 -38.48 -36.87
C GLY D 728 16.41 -38.34 -37.69
N HIS D 729 16.34 -39.03 -38.82
CA HIS D 729 15.16 -39.03 -39.68
C HIS D 729 14.16 -40.14 -39.31
N LEU D 730 14.01 -40.32 -38.01
CA LEU D 730 13.07 -41.36 -37.52
C LEU D 730 12.04 -40.64 -36.67
N LYS D 731 10.95 -41.30 -36.36
CA LYS D 731 9.89 -40.70 -35.54
C LYS D 731 10.36 -40.64 -34.09
N SER D 732 9.77 -39.76 -33.28
CA SER D 732 10.15 -39.69 -31.88
C SER D 732 9.48 -40.73 -30.97
N VAL D 733 8.41 -41.41 -31.41
CA VAL D 733 7.71 -42.41 -30.60
C VAL D 733 8.38 -43.78 -30.59
N THR D 734 9.49 -43.97 -31.30
CA THR D 734 10.24 -45.21 -31.35
C THR D 734 10.90 -45.56 -30.01
N SER D 735 10.74 -46.80 -29.59
CA SER D 735 11.26 -47.29 -28.33
C SER D 735 12.60 -48.00 -28.58
N PHE D 736 13.26 -48.37 -27.46
CA PHE D 736 14.55 -49.09 -27.46
C PHE D 736 14.44 -50.44 -28.15
N TRP D 737 13.37 -51.18 -27.84
CA TRP D 737 13.12 -52.52 -28.37
C TRP D 737 12.82 -52.52 -29.88
N ALA D 738 12.08 -51.51 -30.35
CA ALA D 738 11.73 -51.35 -31.78
C ALA D 738 12.96 -51.11 -32.65
N VAL D 739 13.83 -50.18 -32.23
CA VAL D 739 15.08 -49.84 -32.93
C VAL D 739 16.07 -51.01 -32.86
N LEU D 740 16.11 -51.71 -31.70
CA LEU D 740 16.96 -52.90 -31.50
C LEU D 740 16.50 -54.07 -32.39
N PHE D 741 15.17 -54.27 -32.50
CA PHE D 741 14.57 -55.30 -33.35
C PHE D 741 14.81 -55.00 -34.83
N ALA D 742 14.66 -53.71 -35.21
CA ALA D 742 14.96 -53.26 -36.57
C ALA D 742 16.43 -53.41 -36.92
N PHE D 743 17.32 -53.19 -35.92
CA PHE D 743 18.76 -53.43 -36.07
C PHE D 743 19.03 -54.92 -36.30
N PHE D 744 18.31 -55.80 -35.60
CA PHE D 744 18.58 -57.23 -35.73
C PHE D 744 17.90 -57.82 -36.96
N PHE D 745 16.75 -57.25 -37.36
CA PHE D 745 15.96 -57.70 -38.50
C PHE D 745 15.79 -56.52 -39.46
N PRO D 746 16.78 -56.27 -40.33
CA PRO D 746 16.70 -55.10 -41.24
C PRO D 746 15.65 -55.21 -42.33
N PHE D 747 15.50 -56.37 -42.95
CA PHE D 747 14.60 -56.57 -44.08
C PHE D 747 13.17 -56.91 -43.65
N PHE D 748 12.89 -56.99 -42.36
CA PHE D 748 11.58 -57.35 -41.86
C PHE D 748 10.90 -56.27 -41.02
N VAL D 749 11.59 -55.20 -40.65
CA VAL D 749 11.00 -54.18 -39.79
C VAL D 749 11.02 -52.80 -40.43
N LEU D 750 11.99 -52.56 -41.33
CA LEU D 750 12.11 -51.28 -42.03
C LEU D 750 10.93 -50.91 -42.97
N PRO D 751 10.33 -51.78 -43.82
CA PRO D 751 9.19 -51.34 -44.65
C PRO D 751 7.98 -51.00 -43.77
N PHE D 752 7.77 -51.71 -42.67
CA PHE D 752 6.63 -51.54 -41.77
C PHE D 752 6.88 -50.50 -40.69
N ILE D 753 7.69 -49.48 -40.99
CA ILE D 753 8.02 -48.42 -40.04
C ILE D 753 7.77 -47.07 -40.72
N ASN D 754 7.61 -46.05 -39.88
CA ASN D 754 7.35 -44.69 -40.30
C ASN D 754 8.61 -43.86 -40.16
N PHE D 755 8.96 -43.12 -41.21
CA PHE D 755 10.19 -42.35 -41.27
C PHE D 755 9.84 -40.86 -41.33
N SER D 756 9.86 -40.20 -40.17
CA SER D 756 9.56 -38.78 -40.08
C SER D 756 10.72 -37.93 -40.60
N GLY D 787 12.45 -51.30 -53.80
CA GLY D 787 12.82 -50.32 -54.80
C GLY D 787 14.09 -49.57 -54.47
N ALA D 788 14.76 -49.06 -55.52
CA ALA D 788 15.99 -48.29 -55.38
C ALA D 788 15.78 -46.97 -54.64
N HIS D 789 14.67 -46.28 -54.92
CA HIS D 789 14.38 -45.02 -54.27
C HIS D 789 13.88 -45.18 -52.83
N ARG D 790 13.39 -46.35 -52.43
CA ARG D 790 12.82 -46.55 -51.11
C ARG D 790 13.75 -47.24 -50.11
N LEU D 791 14.24 -48.45 -50.45
CA LEU D 791 15.05 -49.31 -49.57
C LEU D 791 16.41 -48.70 -49.24
N ARG D 792 17.09 -48.15 -50.27
CA ARG D 792 18.41 -47.51 -50.14
C ARG D 792 18.32 -46.26 -49.27
N ARG D 793 17.23 -45.48 -49.47
CA ARG D 793 16.95 -44.28 -48.68
C ARG D 793 16.71 -44.61 -47.20
N LYS D 794 15.91 -45.67 -46.92
CA LYS D 794 15.63 -46.11 -45.53
C LYS D 794 16.88 -46.64 -44.84
N PHE D 795 17.71 -47.42 -45.59
CA PHE D 795 18.99 -47.93 -45.07
C PHE D 795 19.98 -46.80 -44.81
N ALA D 796 20.06 -45.81 -45.71
CA ALA D 796 20.96 -44.69 -45.51
C ALA D 796 20.49 -43.73 -44.42
N LYS D 797 19.17 -43.65 -44.17
CA LYS D 797 18.70 -42.74 -43.12
C LYS D 797 18.73 -43.36 -41.73
N PHE D 798 18.28 -44.63 -41.59
CA PHE D 798 18.16 -45.30 -40.30
C PHE D 798 19.52 -45.56 -39.63
N TYR D 799 20.50 -46.00 -40.42
CA TYR D 799 21.80 -46.39 -39.88
C TYR D 799 22.78 -45.23 -39.77
N SER D 800 22.41 -44.04 -40.22
CA SER D 800 23.22 -42.84 -40.00
C SER D 800 22.80 -42.09 -38.73
N ALA D 801 21.70 -42.50 -38.11
CA ALA D 801 21.19 -41.89 -36.89
C ALA D 801 22.13 -42.18 -35.71
N PRO D 802 22.41 -41.16 -34.86
CA PRO D 802 23.25 -41.38 -33.64
C PRO D 802 22.73 -42.40 -32.64
N TYR D 803 21.40 -42.55 -32.54
CA TYR D 803 20.75 -43.53 -31.66
C TYR D 803 21.07 -44.96 -32.07
N THR D 804 21.05 -45.23 -33.38
CA THR D 804 21.36 -46.54 -33.96
C THR D 804 22.84 -46.90 -33.75
N ARG D 805 23.73 -45.91 -33.91
CA ARG D 805 25.17 -46.06 -33.66
C ARG D 805 25.47 -46.30 -32.18
N PHE D 806 24.74 -45.61 -31.28
CA PHE D 806 24.83 -45.80 -29.84
C PHE D 806 24.39 -47.22 -29.44
N ILE D 807 23.28 -47.70 -30.04
CA ILE D 807 22.76 -49.05 -29.78
C ILE D 807 23.72 -50.12 -30.28
N SER D 808 24.33 -49.88 -31.47
CA SER D 808 25.33 -50.76 -32.07
C SER D 808 26.61 -50.85 -31.21
N ASP D 809 27.07 -49.70 -30.70
CA ASP D 809 28.21 -49.63 -29.78
C ASP D 809 27.92 -50.32 -28.44
N LEU D 810 26.73 -50.13 -27.90
CA LEU D 810 26.30 -50.82 -26.66
C LEU D 810 26.33 -52.32 -26.90
N LEU D 811 25.60 -52.82 -27.89
CA LEU D 811 25.53 -54.27 -28.16
C LEU D 811 26.91 -54.86 -28.40
N SER D 812 27.77 -54.13 -29.13
CA SER D 812 29.15 -54.52 -29.43
C SER D 812 30.00 -54.63 -28.17
N HIS D 813 29.87 -53.64 -27.26
CA HIS D 813 30.61 -53.64 -26.01
C HIS D 813 30.10 -54.73 -25.07
N PHE D 814 28.77 -55.00 -25.11
CA PHE D 814 28.15 -56.09 -24.34
C PHE D 814 28.65 -57.46 -24.81
N VAL D 815 28.82 -57.63 -26.11
CA VAL D 815 29.33 -58.92 -26.65
C VAL D 815 30.79 -59.01 -26.24
N LEU D 816 31.52 -57.92 -26.39
CA LEU D 816 32.94 -57.88 -25.97
C LEU D 816 33.13 -58.29 -24.52
N CYS D 817 32.27 -57.77 -23.61
CA CYS D 817 32.27 -58.11 -22.19
C CYS D 817 31.96 -59.59 -21.94
N VAL D 818 30.91 -60.13 -22.63
CA VAL D 818 30.49 -61.54 -22.48
C VAL D 818 31.54 -62.51 -23.03
N VAL D 819 32.08 -62.23 -24.25
CA VAL D 819 33.08 -63.05 -24.93
C VAL D 819 34.42 -63.04 -24.19
N THR D 820 34.85 -61.84 -23.71
CA THR D 820 36.09 -61.68 -22.95
C THR D 820 35.95 -62.34 -21.57
N SER D 821 34.75 -62.27 -20.95
CA SER D 821 34.40 -62.95 -19.69
C SER D 821 34.48 -64.47 -19.83
N TYR D 822 33.95 -65.01 -20.95
CA TYR D 822 34.04 -66.43 -21.29
C TYR D 822 35.49 -66.86 -21.48
N PHE D 823 36.28 -66.03 -22.17
CA PHE D 823 37.70 -66.27 -22.45
C PHE D 823 38.52 -66.35 -21.17
N VAL D 824 38.26 -65.49 -20.20
CA VAL D 824 39.00 -65.44 -18.90
C VAL D 824 38.50 -66.54 -17.97
N LEU D 825 37.25 -66.97 -18.07
CA LEU D 825 36.77 -68.12 -17.27
C LEU D 825 37.25 -69.47 -17.78
N ASP D 826 37.18 -69.69 -19.10
CA ASP D 826 37.65 -70.94 -19.69
C ASP D 826 39.19 -70.96 -19.67
N LYS D 827 39.76 -72.15 -19.54
CA LYS D 827 41.20 -72.33 -19.43
C LYS D 827 41.90 -72.00 -20.75
N LEU D 828 43.11 -71.47 -20.62
CA LEU D 828 43.92 -71.16 -21.78
C LEU D 828 44.54 -72.43 -22.32
N GLU D 829 44.68 -72.48 -23.64
CA GLU D 829 45.28 -73.61 -24.32
C GLU D 829 46.79 -73.42 -24.41
N ASP D 830 47.48 -74.48 -24.87
CA ASP D 830 48.93 -74.49 -25.05
C ASP D 830 49.43 -73.65 -26.23
N THR D 831 48.55 -73.17 -27.12
CA THR D 831 48.84 -72.27 -28.21
C THR D 831 47.83 -71.13 -28.11
N ILE D 832 47.98 -70.13 -28.98
CA ILE D 832 47.05 -69.00 -29.02
C ILE D 832 45.75 -69.47 -29.69
N SER D 833 44.65 -69.38 -28.95
CA SER D 833 43.37 -69.90 -29.42
C SER D 833 42.72 -68.90 -30.38
N ALA D 834 41.64 -69.38 -31.04
CA ALA D 834 40.87 -68.60 -32.01
C ALA D 834 40.17 -67.38 -31.40
N ILE D 835 39.59 -67.55 -30.19
CA ILE D 835 38.92 -66.50 -29.43
C ILE D 835 39.91 -65.40 -29.00
N GLU D 836 41.16 -65.80 -28.70
CA GLU D 836 42.27 -64.88 -28.38
C GLU D 836 42.65 -64.01 -29.57
N TRP D 837 42.67 -64.60 -30.78
CA TRP D 837 42.94 -63.87 -32.03
C TRP D 837 41.83 -62.87 -32.35
N ILE D 838 40.55 -63.28 -32.14
CA ILE D 838 39.36 -62.43 -32.34
C ILE D 838 39.39 -61.22 -31.39
N LEU D 839 39.74 -61.46 -30.11
CA LEU D 839 39.88 -60.42 -29.10
C LEU D 839 41.07 -59.50 -29.40
N LEU D 840 42.17 -60.05 -29.95
CA LEU D 840 43.34 -59.27 -30.38
C LEU D 840 42.99 -58.27 -31.49
N VAL D 841 42.25 -58.73 -32.52
CA VAL D 841 41.75 -57.92 -33.65
C VAL D 841 40.78 -56.83 -33.15
N TRP D 842 39.89 -57.23 -32.21
CA TRP D 842 38.89 -56.39 -31.57
C TRP D 842 39.53 -55.24 -30.76
N PHE D 843 40.56 -55.54 -29.96
CA PHE D 843 41.21 -54.51 -29.17
C PHE D 843 42.19 -53.63 -29.97
N VAL D 844 42.71 -54.13 -31.07
CA VAL D 844 43.53 -53.26 -31.94
C VAL D 844 42.55 -52.26 -32.53
N ALA D 845 41.39 -52.75 -32.96
CA ALA D 845 40.33 -51.91 -33.56
C ALA D 845 39.92 -50.84 -32.58
N LEU D 846 39.73 -51.22 -31.34
CA LEU D 846 39.38 -50.30 -30.26
C LEU D 846 40.46 -49.26 -30.02
N LEU D 847 41.74 -49.70 -30.08
CA LEU D 847 42.90 -48.82 -29.93
C LEU D 847 42.98 -47.80 -31.07
N LEU D 848 42.70 -48.24 -32.32
CA LEU D 848 42.65 -47.35 -33.49
C LEU D 848 41.50 -46.35 -33.39
N GLU D 849 40.36 -46.80 -32.84
CA GLU D 849 39.21 -45.93 -32.59
C GLU D 849 39.54 -44.86 -31.54
N GLU D 850 40.29 -45.25 -30.49
CA GLU D 850 40.78 -44.31 -29.47
C GLU D 850 41.76 -43.29 -30.04
N LEU D 851 42.67 -43.74 -30.95
CA LEU D 851 43.60 -42.85 -31.66
C LEU D 851 42.86 -41.86 -32.56
N ARG D 852 41.80 -42.34 -33.25
CA ARG D 852 40.93 -41.52 -34.11
C ARG D 852 40.22 -40.44 -33.27
N GLN D 853 39.76 -40.84 -32.07
CA GLN D 853 39.16 -39.93 -31.10
C GLN D 853 40.16 -38.90 -30.59
N MET D 854 41.43 -39.31 -30.38
CA MET D 854 42.51 -38.38 -30.02
C MET D 854 42.76 -37.32 -31.10
N ILE D 855 42.82 -37.75 -32.37
CA ILE D 855 43.05 -36.85 -33.51
C ILE D 855 41.87 -35.88 -33.71
N PHE D 856 40.64 -36.37 -33.71
CA PHE D 856 39.48 -35.49 -34.05
C PHE D 856 38.82 -34.79 -32.86
N CYS D 857 39.36 -34.83 -31.66
CA CYS D 857 38.79 -34.05 -30.56
C CYS D 857 39.34 -32.63 -30.55
N ASP D 858 38.93 -31.88 -29.53
CA ASP D 858 39.39 -30.51 -29.24
C ASP D 858 40.62 -30.53 -28.33
N GLY D 859 41.65 -31.28 -28.70
CA GLY D 859 42.90 -31.37 -27.97
C GLY D 859 42.97 -32.62 -27.12
N ILE D 860 44.21 -32.95 -26.73
CA ILE D 860 44.56 -34.10 -25.89
C ILE D 860 43.93 -33.98 -24.49
N ALA D 861 43.89 -32.73 -23.96
CA ALA D 861 43.29 -32.39 -22.66
C ALA D 861 41.79 -32.65 -22.59
N GLU D 862 41.06 -32.30 -23.67
CA GLU D 862 39.62 -32.53 -23.78
C GLU D 862 39.29 -34.03 -23.80
N TYR D 863 40.13 -34.83 -24.45
CA TYR D 863 39.92 -36.30 -24.55
C TYR D 863 40.25 -36.94 -23.20
N ILE D 864 41.35 -36.52 -22.60
CA ILE D 864 41.80 -37.13 -21.33
C ILE D 864 40.99 -36.64 -20.12
N SER D 865 40.20 -35.55 -20.27
CA SER D 865 39.30 -35.08 -19.20
C SER D 865 38.20 -36.10 -18.91
N ASP D 866 37.67 -36.74 -19.95
CA ASP D 866 36.60 -37.73 -19.85
C ASP D 866 37.11 -38.99 -19.14
N THR D 867 36.33 -39.50 -18.18
CA THR D 867 36.73 -40.69 -17.43
C THR D 867 36.62 -41.99 -18.24
N TRP D 868 35.69 -42.04 -19.20
CA TRP D 868 35.50 -43.22 -20.06
C TRP D 868 36.65 -43.44 -21.03
N ASN D 869 37.27 -42.35 -21.51
CA ASN D 869 38.49 -42.42 -22.32
C ASN D 869 39.68 -42.97 -21.52
N ARG D 870 39.79 -42.56 -20.24
CA ARG D 870 40.78 -43.09 -19.31
C ARG D 870 40.60 -44.57 -19.07
N LEU D 871 39.32 -45.00 -18.88
CA LEU D 871 38.93 -46.40 -18.75
C LEU D 871 39.26 -47.21 -20.00
N ASP D 872 39.06 -46.59 -21.18
CA ASP D 872 39.40 -47.21 -22.48
C ASP D 872 40.90 -47.47 -22.60
N LEU D 873 41.74 -46.48 -22.20
CA LEU D 873 43.20 -46.60 -22.24
C LEU D 873 43.73 -47.66 -21.26
N ILE D 874 43.18 -47.68 -20.02
CA ILE D 874 43.52 -48.69 -19.00
C ILE D 874 43.11 -50.10 -19.46
N MET D 875 41.90 -50.22 -20.08
CA MET D 875 41.34 -51.45 -20.67
C MET D 875 42.23 -52.07 -21.75
N ILE D 876 42.64 -51.24 -22.75
CA ILE D 876 43.50 -51.64 -23.88
C ILE D 876 44.89 -52.05 -23.38
N THR D 877 45.45 -51.26 -22.43
CA THR D 877 46.77 -51.48 -21.80
C THR D 877 46.83 -52.81 -21.02
N LEU D 878 45.79 -53.10 -20.21
CA LEU D 878 45.65 -54.34 -19.43
C LEU D 878 45.55 -55.59 -20.31
N PHE D 879 44.75 -55.51 -21.38
CA PHE D 879 44.61 -56.63 -22.35
C PHE D 879 45.92 -56.93 -23.03
N PHE D 880 46.64 -55.90 -23.48
CA PHE D 880 47.91 -56.12 -24.21
C PHE D 880 49.02 -56.66 -23.31
N VAL D 881 49.06 -56.21 -22.05
CA VAL D 881 50.05 -56.77 -21.08
C VAL D 881 49.71 -58.25 -20.92
N GLY D 882 48.46 -58.56 -20.54
CA GLY D 882 48.05 -59.96 -20.34
C GLY D 882 48.28 -60.87 -21.54
N PHE D 883 47.94 -60.38 -22.73
CA PHE D 883 48.13 -61.15 -23.99
C PHE D 883 49.62 -61.40 -24.24
N PHE D 884 50.47 -60.37 -24.15
CA PHE D 884 51.90 -60.57 -24.40
C PHE D 884 52.53 -61.46 -23.35
N THR D 885 52.04 -61.38 -22.08
CA THR D 885 52.44 -62.27 -20.99
C THR D 885 52.12 -63.73 -21.33
N HIS D 886 50.92 -63.98 -21.89
CA HIS D 886 50.56 -65.33 -22.32
C HIS D 886 51.33 -65.74 -23.59
N ALA D 887 51.49 -64.82 -24.54
CA ALA D 887 52.06 -65.13 -25.85
C ALA D 887 53.57 -65.30 -25.84
N SER D 888 54.26 -64.80 -24.80
CA SER D 888 55.70 -64.99 -24.63
C SER D 888 56.07 -66.46 -24.45
N ASP D 889 55.29 -67.19 -23.68
CA ASP D 889 55.50 -68.63 -23.48
C ASP D 889 54.14 -69.30 -23.31
N PRO D 890 53.46 -69.64 -24.44
CA PRO D 890 52.08 -70.20 -24.37
C PRO D 890 51.91 -71.55 -23.69
N SER D 891 52.96 -72.38 -23.66
CA SER D 891 52.87 -73.69 -23.01
C SER D 891 53.23 -73.62 -21.53
N ASN D 892 53.71 -72.48 -21.06
CA ASN D 892 54.10 -72.31 -19.66
C ASN D 892 52.83 -72.09 -18.84
N GLN D 893 52.65 -72.91 -17.79
CA GLN D 893 51.50 -72.85 -16.90
C GLN D 893 51.47 -71.55 -16.08
N ASP D 894 52.66 -71.13 -15.60
CA ASP D 894 52.84 -69.93 -14.80
C ASP D 894 52.50 -68.65 -15.55
N SER D 895 52.87 -68.59 -16.85
CA SER D 895 52.54 -67.47 -17.75
C SER D 895 51.04 -67.33 -17.96
N LYS D 896 50.34 -68.47 -18.10
CA LYS D 896 48.89 -68.55 -18.22
C LYS D 896 48.20 -68.02 -16.96
N VAL D 897 48.72 -68.40 -15.78
CA VAL D 897 48.21 -67.98 -14.48
C VAL D 897 48.37 -66.46 -14.26
N VAL D 898 49.56 -65.91 -14.60
CA VAL D 898 49.87 -64.47 -14.49
C VAL D 898 49.01 -63.65 -15.48
N SER D 899 48.83 -64.19 -16.71
CA SER D 899 48.00 -63.61 -17.78
C SER D 899 46.54 -63.51 -17.38
N LYS D 900 45.99 -64.58 -16.77
CA LYS D 900 44.62 -64.57 -16.25
C LYS D 900 44.47 -63.62 -15.05
N GLY D 901 45.54 -63.49 -14.24
CA GLY D 901 45.56 -62.52 -13.14
C GLY D 901 45.46 -61.07 -13.60
N ILE D 902 46.15 -60.73 -14.69
CA ILE D 902 46.05 -59.40 -15.31
C ILE D 902 44.67 -59.23 -15.96
N HIS D 903 44.20 -60.29 -16.62
CA HIS D 903 42.92 -60.28 -17.32
C HIS D 903 41.67 -60.24 -16.40
N ALA D 904 41.84 -60.56 -15.10
CA ALA D 904 40.79 -60.33 -14.08
C ALA D 904 40.48 -58.84 -13.93
N PHE D 905 41.56 -58.02 -13.80
CA PHE D 905 41.48 -56.55 -13.82
C PHE D 905 40.89 -56.02 -15.11
N LEU D 906 41.23 -56.65 -16.27
CA LEU D 906 40.66 -56.32 -17.60
C LEU D 906 39.13 -56.46 -17.63
N VAL D 907 38.61 -57.58 -17.08
CA VAL D 907 37.17 -57.87 -17.03
C VAL D 907 36.43 -56.86 -16.14
N VAL D 908 36.93 -56.57 -14.95
CA VAL D 908 36.26 -55.58 -14.05
C VAL D 908 36.15 -54.24 -14.78
N VAL D 909 37.20 -53.78 -15.43
CA VAL D 909 37.19 -52.47 -16.12
C VAL D 909 36.22 -52.55 -17.30
N LEU D 910 36.20 -53.65 -18.02
CA LEU D 910 35.26 -53.82 -19.15
C LEU D 910 33.84 -53.66 -18.66
N TRP D 911 33.51 -54.22 -17.51
CA TRP D 911 32.15 -54.12 -17.00
C TRP D 911 31.88 -52.73 -16.41
N LEU D 912 32.91 -52.09 -15.80
CA LEU D 912 32.80 -50.68 -15.36
C LEU D 912 32.60 -49.75 -16.55
N ARG D 913 33.34 -49.99 -17.66
CA ARG D 913 33.23 -49.22 -18.90
C ARG D 913 31.84 -49.38 -19.56
N PHE D 914 31.16 -50.54 -19.35
CA PHE D 914 29.78 -50.79 -19.82
C PHE D 914 28.70 -49.85 -19.20
N MET D 915 28.99 -49.19 -18.05
CA MET D 915 28.09 -48.21 -17.43
C MET D 915 27.94 -46.91 -18.20
N ARG D 916 28.81 -46.61 -19.20
CA ARG D 916 28.74 -45.44 -20.09
C ARG D 916 27.40 -45.37 -20.85
N TYR D 917 26.83 -46.52 -21.21
CA TYR D 917 25.60 -46.65 -21.97
C TYR D 917 24.36 -46.58 -21.09
N TYR D 918 24.53 -46.54 -19.76
CA TYR D 918 23.42 -46.25 -18.84
C TYR D 918 22.99 -44.78 -18.88
N ALA D 919 23.88 -43.88 -19.33
CA ALA D 919 23.67 -42.43 -19.36
C ALA D 919 22.53 -41.94 -20.26
N LEU D 920 22.12 -42.75 -21.26
CA LEU D 920 20.99 -42.41 -22.13
C LEU D 920 19.67 -42.41 -21.36
N SER D 921 19.54 -43.36 -20.43
CA SER D 921 18.34 -43.55 -19.62
C SER D 921 18.09 -42.40 -18.67
N LYS D 922 16.82 -41.99 -18.54
CA LYS D 922 16.43 -40.94 -17.61
C LYS D 922 16.48 -41.34 -16.14
N ASN D 923 16.56 -42.64 -15.83
CA ASN D 923 16.70 -43.09 -14.45
C ASN D 923 18.14 -43.41 -14.09
N LEU D 924 18.86 -44.18 -14.92
CA LEU D 924 20.20 -44.67 -14.55
C LEU D 924 21.30 -43.63 -14.69
N GLY D 925 21.18 -42.71 -15.65
CA GLY D 925 22.16 -41.67 -15.94
C GLY D 925 22.43 -40.62 -14.87
N PRO D 926 21.39 -39.93 -14.34
CA PRO D 926 21.58 -39.02 -13.23
C PRO D 926 22.08 -39.75 -11.98
N LYS D 927 21.63 -40.97 -11.72
CA LYS D 927 22.07 -41.78 -10.57
C LYS D 927 23.55 -42.09 -10.66
N LEU D 928 24.09 -42.23 -11.87
CA LEU D 928 25.53 -42.49 -12.08
C LEU D 928 26.30 -41.21 -11.78
N ILE D 929 25.78 -40.08 -12.19
CA ILE D 929 26.39 -38.78 -11.85
C ILE D 929 26.39 -38.55 -10.34
N MET D 930 25.28 -38.96 -9.69
CA MET D 930 25.16 -38.83 -8.21
C MET D 930 26.13 -39.81 -7.53
N MET D 931 26.27 -41.03 -8.07
CA MET D 931 27.22 -42.02 -7.51
C MET D 931 28.62 -41.42 -7.54
N MET D 932 29.06 -40.86 -8.68
CA MET D 932 30.35 -40.18 -8.75
C MET D 932 30.46 -39.01 -7.76
N GLU D 933 29.33 -38.34 -7.45
CA GLU D 933 29.32 -37.31 -6.41
C GLU D 933 29.49 -37.91 -5.01
N MET D 934 28.83 -39.02 -4.72
CA MET D 934 28.90 -39.69 -3.39
C MET D 934 30.25 -40.35 -3.14
N MET D 935 31.07 -40.61 -4.16
CA MET D 935 32.44 -41.15 -4.01
C MET D 935 33.35 -40.31 -3.08
N LYS D 936 33.14 -38.97 -3.04
CA LYS D 936 33.89 -38.09 -2.14
C LYS D 936 33.52 -38.35 -0.67
N ASP D 937 32.22 -38.55 -0.41
CA ASP D 937 31.73 -38.96 0.92
C ASP D 937 32.24 -40.33 1.34
N VAL D 938 32.35 -41.25 0.36
CA VAL D 938 32.92 -42.60 0.55
C VAL D 938 34.39 -42.50 0.94
N SER D 939 35.13 -41.58 0.27
CA SER D 939 36.55 -41.30 0.53
C SER D 939 36.76 -40.68 1.91
N THR D 940 35.85 -39.77 2.32
CA THR D 940 35.81 -39.16 3.66
C THR D 940 35.62 -40.22 4.75
N PHE D 941 34.69 -41.18 4.50
CA PHE D 941 34.43 -42.34 5.38
C PHE D 941 35.66 -43.24 5.49
N VAL D 942 36.37 -43.44 4.36
CA VAL D 942 37.59 -44.27 4.29
C VAL D 942 38.70 -43.64 5.13
N PHE D 943 38.88 -42.30 5.02
CA PHE D 943 39.87 -41.54 5.81
C PHE D 943 39.58 -41.59 7.31
N LEU D 944 38.30 -41.47 7.70
CA LEU D 944 37.92 -41.61 9.10
C LEU D 944 38.08 -43.06 9.59
N LEU D 945 37.77 -44.05 8.76
CA LEU D 945 37.84 -45.45 9.20
C LEU D 945 39.28 -45.92 9.33
N LEU D 946 40.19 -45.43 8.51
CA LEU D 946 41.62 -45.85 8.52
C LEU D 946 42.26 -45.73 9.89
N ILE D 947 41.88 -44.69 10.64
CA ILE D 947 42.33 -44.41 12.01
C ILE D 947 41.98 -45.55 12.96
N PHE D 948 40.67 -45.81 13.02
CA PHE D 948 40.11 -46.85 13.90
C PHE D 948 40.62 -48.21 13.47
N LEU D 949 40.68 -48.48 12.18
CA LEU D 949 41.13 -49.79 11.64
C LEU D 949 42.60 -50.06 11.98
N ILE D 950 43.51 -49.15 11.68
CA ILE D 950 44.97 -49.31 11.95
C ILE D 950 45.18 -49.39 13.45
N GLY D 951 44.52 -48.55 14.22
CA GLY D 951 44.74 -48.53 15.67
C GLY D 951 44.32 -49.84 16.29
N TYR D 952 43.18 -50.36 15.91
CA TYR D 952 42.62 -51.61 16.42
C TYR D 952 43.39 -52.82 15.86
N GLY D 953 43.78 -52.78 14.56
CA GLY D 953 44.48 -53.88 13.92
C GLY D 953 45.87 -54.17 14.45
N VAL D 954 46.68 -53.11 14.66
CA VAL D 954 48.02 -53.22 15.25
C VAL D 954 47.92 -53.70 16.71
N ALA D 955 46.96 -53.10 17.47
CA ALA D 955 46.70 -53.43 18.88
C ALA D 955 46.21 -54.88 19.08
N ALA D 956 45.26 -55.31 18.24
CA ALA D 956 44.66 -56.64 18.31
C ALA D 956 45.63 -57.73 17.86
N GLN D 957 46.38 -57.47 16.77
CA GLN D 957 47.40 -58.38 16.24
C GLN D 957 48.54 -58.56 17.24
N SER D 958 48.93 -57.47 17.92
CA SER D 958 49.93 -57.51 18.97
C SER D 958 49.47 -58.29 20.20
N LEU D 959 48.19 -58.13 20.58
CA LEU D 959 47.65 -58.88 21.72
C LEU D 959 47.55 -60.37 21.43
N LEU D 960 47.21 -60.74 20.17
CA LEU D 960 47.06 -62.15 19.82
C LEU D 960 48.41 -62.86 19.71
N SER D 961 49.41 -62.19 19.15
CA SER D 961 50.74 -62.77 18.97
C SER D 961 51.80 -61.82 19.54
N PRO D 962 52.04 -61.83 20.86
CA PRO D 962 53.01 -60.88 21.44
C PRO D 962 54.46 -61.31 21.42
N ASP D 963 54.81 -62.47 20.87
CA ASP D 963 56.19 -62.94 20.89
C ASP D 963 56.61 -63.47 19.53
N GLU D 964 56.31 -62.68 18.49
CA GLU D 964 56.59 -63.09 17.13
C GLU D 964 57.36 -61.98 16.43
N ASP D 965 58.36 -62.37 15.63
CA ASP D 965 59.10 -61.45 14.77
C ASP D 965 58.19 -60.89 13.68
N PHE D 966 58.39 -59.60 13.38
CA PHE D 966 57.59 -58.91 12.35
C PHE D 966 57.93 -59.45 10.98
N SER D 967 56.93 -59.70 10.17
CA SER D 967 57.00 -60.25 8.83
C SER D 967 55.83 -59.66 8.05
N SER D 968 55.70 -60.11 6.80
CA SER D 968 54.57 -59.72 5.94
C SER D 968 53.23 -60.22 6.46
N ARG D 969 53.21 -61.39 7.13
CA ARG D 969 52.03 -61.99 7.75
C ARG D 969 51.45 -61.15 8.88
N THR D 970 52.32 -60.43 9.60
CA THR D 970 51.92 -59.48 10.65
C THR D 970 51.11 -58.33 10.05
N PHE D 971 51.57 -57.79 8.90
CA PHE D 971 50.90 -56.72 8.15
C PHE D 971 49.55 -57.17 7.59
N ILE D 972 49.52 -58.41 7.05
CA ILE D 972 48.28 -59.04 6.54
C ILE D 972 47.29 -59.26 7.69
N GLY D 973 47.79 -59.64 8.88
CA GLY D 973 46.96 -59.78 10.08
C GLY D 973 46.40 -58.46 10.58
N VAL D 974 47.16 -57.39 10.33
CA VAL D 974 46.73 -56.03 10.77
C VAL D 974 45.58 -55.57 9.87
N LEU D 975 45.58 -55.97 8.58
CA LEU D 975 44.48 -55.40 7.76
C LEU D 975 43.31 -56.34 7.51
N PHE D 976 43.50 -57.65 7.43
CA PHE D 976 42.42 -58.55 6.98
C PHE D 976 41.19 -58.59 7.88
N ARG D 977 41.36 -58.88 9.14
CA ARG D 977 40.15 -59.05 9.97
C ARG D 977 39.54 -57.68 10.26
N PRO D 978 40.27 -56.63 10.72
CA PRO D 978 39.63 -55.35 10.96
C PRO D 978 38.73 -54.80 9.83
N TYR D 979 39.15 -54.84 8.58
CA TYR D 979 38.40 -54.32 7.45
C TYR D 979 37.13 -55.16 7.24
N PHE D 980 37.22 -56.47 7.30
CA PHE D 980 36.06 -57.35 7.01
C PHE D 980 35.11 -57.39 8.19
N GLN D 981 35.56 -57.01 9.37
CA GLN D 981 34.70 -56.95 10.57
C GLN D 981 33.70 -55.80 10.47
N ILE D 982 33.95 -54.80 9.64
CA ILE D 982 32.96 -53.70 9.43
C ILE D 982 31.79 -54.17 8.57
N TYR D 983 31.84 -55.36 8.01
CA TYR D 983 30.73 -55.90 7.21
C TYR D 983 29.99 -57.05 7.91
N GLY D 984 30.10 -57.21 9.22
CA GLY D 984 29.40 -58.21 10.01
C GLY D 984 30.08 -59.57 10.16
N GLU D 985 31.13 -59.86 9.42
CA GLU D 985 31.87 -61.12 9.61
C GLU D 985 32.82 -60.83 10.76
N LEU D 986 32.51 -61.33 11.95
CA LEU D 986 33.25 -60.92 13.14
C LEU D 986 34.46 -61.76 13.49
N PHE D 987 34.58 -62.99 12.95
CA PHE D 987 35.72 -63.94 13.08
C PHE D 987 35.99 -64.39 14.52
N LEU D 988 34.94 -64.39 15.37
CA LEU D 988 35.03 -64.68 16.81
C LEU D 988 35.49 -66.10 17.13
N ASP D 989 35.03 -67.09 16.34
CA ASP D 989 35.55 -68.47 16.45
C ASP D 989 37.03 -68.53 16.09
N ASP D 990 37.42 -67.85 15.00
CA ASP D 990 38.81 -67.76 14.55
C ASP D 990 39.69 -67.00 15.52
N LEU D 991 39.18 -65.86 16.06
CA LEU D 991 39.89 -65.07 17.07
C LEU D 991 40.05 -65.83 18.37
N ASN D 992 39.00 -66.56 18.79
CA ASN D 992 39.02 -67.38 20.00
C ASN D 992 40.02 -68.55 19.87
N SER D 993 40.05 -69.18 18.69
CA SER D 993 41.01 -70.25 18.38
C SER D 993 42.44 -69.73 18.36
N GLU D 994 42.66 -68.55 17.76
CA GLU D 994 43.97 -67.92 17.68
C GLU D 994 44.48 -67.46 19.06
N ALA D 995 43.58 -67.07 19.97
CA ALA D 995 43.92 -66.63 21.32
C ALA D 995 44.38 -67.73 22.28
N ASN D 996 44.25 -69.03 21.90
CA ASN D 996 44.59 -70.24 22.68
C ASN D 996 43.84 -70.32 24.00
N CYS D 997 42.56 -69.95 23.97
CA CYS D 997 41.66 -70.04 25.12
C CYS D 997 40.86 -71.33 25.00
N LEU D 998 40.97 -72.17 26.02
CA LEU D 998 40.43 -73.52 25.99
C LEU D 998 39.10 -73.67 26.72
N GLY D 999 38.57 -72.60 27.32
CA GLY D 999 37.32 -72.69 28.04
C GLY D 999 36.10 -72.80 27.13
N ASP D 1000 35.03 -73.37 27.70
CA ASP D 1000 33.74 -73.44 27.00
C ASP D 1000 33.14 -72.06 26.75
N THR D 1001 33.22 -71.18 27.75
CA THR D 1001 32.87 -69.79 27.55
C THR D 1001 33.99 -69.13 26.75
N PRO D 1002 33.68 -68.38 25.65
CA PRO D 1002 34.72 -67.75 24.81
C PRO D 1002 35.60 -66.75 25.55
N PHE D 1003 36.91 -66.77 25.19
CA PHE D 1003 38.01 -65.92 25.71
C PHE D 1003 38.16 -66.06 27.23
N THR D 1004 38.04 -67.30 27.72
CA THR D 1004 38.31 -67.67 29.10
C THR D 1004 39.25 -68.86 29.11
N GLU D 1005 39.98 -69.00 30.25
CA GLU D 1005 41.02 -70.00 30.55
C GLU D 1005 42.14 -69.96 29.50
N CYS D 1006 42.67 -68.75 29.31
CA CYS D 1006 43.74 -68.49 28.35
C CYS D 1006 45.10 -68.52 29.02
N SER D 1007 46.13 -68.76 28.20
CA SER D 1007 47.53 -68.78 28.65
C SER D 1007 47.99 -67.41 29.14
N ARG D 1008 47.62 -66.34 28.44
CA ARG D 1008 47.96 -64.98 28.79
C ARG D 1008 46.68 -64.22 29.11
N GLU D 1009 46.72 -63.39 30.15
CA GLU D 1009 45.53 -62.63 30.52
C GLU D 1009 45.27 -61.42 29.63
N THR D 1010 46.29 -60.93 28.90
CA THR D 1010 46.14 -59.75 28.03
C THR D 1010 45.28 -60.00 26.81
N VAL D 1011 45.32 -61.23 26.25
CA VAL D 1011 44.59 -61.61 25.02
C VAL D 1011 43.05 -61.63 25.24
N ARG D 1012 42.59 -61.75 26.51
CA ARG D 1012 41.18 -61.63 26.91
C ARG D 1012 40.60 -60.23 26.70
N MET D 1013 41.45 -59.18 26.51
CA MET D 1013 41.02 -57.85 26.11
C MET D 1013 40.69 -57.76 24.61
N VAL D 1014 40.94 -58.76 23.80
CA VAL D 1014 40.65 -58.63 22.35
C VAL D 1014 39.15 -58.42 22.13
N PRO D 1015 38.22 -59.21 22.71
CA PRO D 1015 36.79 -58.96 22.51
C PRO D 1015 36.34 -57.54 22.87
N PHE D 1016 37.02 -56.89 23.84
CA PHE D 1016 36.70 -55.51 24.31
C PHE D 1016 37.14 -54.48 23.28
N PHE D 1017 38.38 -54.53 22.89
CA PHE D 1017 38.94 -53.68 21.81
C PHE D 1017 38.03 -53.72 20.59
N LEU D 1018 37.62 -54.96 20.21
CA LEU D 1018 36.69 -55.25 19.12
C LEU D 1018 35.36 -54.59 19.39
N ALA D 1019 34.90 -54.68 20.68
CA ALA D 1019 33.68 -54.07 21.20
C ALA D 1019 33.68 -52.56 21.04
N VAL D 1020 34.85 -51.92 21.24
CA VAL D 1020 34.95 -50.49 21.00
C VAL D 1020 34.90 -50.20 19.50
N TYR D 1021 35.67 -51.00 18.71
CA TYR D 1021 35.97 -50.80 17.28
C TYR D 1021 34.71 -50.82 16.41
N ILE D 1022 33.89 -51.89 16.52
CA ILE D 1022 32.63 -51.98 15.76
C ILE D 1022 31.58 -51.00 16.30
N LEU D 1023 31.72 -50.52 17.55
CA LEU D 1023 30.92 -49.39 18.01
C LEU D 1023 31.37 -48.14 17.26
N GLY D 1024 32.68 -47.99 17.09
CA GLY D 1024 33.20 -46.86 16.34
C GLY D 1024 32.91 -46.94 14.85
N SER D 1025 33.04 -48.13 14.26
CA SER D 1025 32.94 -48.23 12.81
C SER D 1025 31.51 -48.42 12.29
N ASN D 1026 30.74 -49.35 12.88
CA ASN D 1026 29.42 -49.68 12.35
C ASN D 1026 28.33 -48.77 12.92
N VAL D 1027 28.32 -48.60 14.25
CA VAL D 1027 27.32 -47.78 14.91
C VAL D 1027 27.52 -46.29 14.61
N LEU D 1028 28.77 -45.83 14.63
CA LEU D 1028 29.01 -44.39 14.50
C LEU D 1028 29.30 -43.96 13.06
N LEU D 1029 30.31 -44.55 12.41
CA LEU D 1029 30.79 -44.05 11.11
C LEU D 1029 29.86 -44.36 9.92
N VAL D 1030 29.29 -45.58 9.89
CA VAL D 1030 28.38 -46.04 8.83
C VAL D 1030 27.08 -45.23 8.83
N ASN D 1031 26.52 -44.97 10.02
CA ASN D 1031 25.29 -44.19 10.18
C ASN D 1031 25.52 -42.70 9.83
N LEU D 1032 26.72 -42.18 10.17
CA LEU D 1032 27.18 -40.85 9.77
C LEU D 1032 27.29 -40.73 8.26
N LEU D 1033 27.78 -41.79 7.60
CA LEU D 1033 27.87 -41.88 6.15
C LEU D 1033 26.48 -41.85 5.49
N ILE D 1034 25.49 -42.51 6.12
CA ILE D 1034 24.08 -42.52 5.69
C ILE D 1034 23.51 -41.09 5.74
N ALA D 1035 23.82 -40.35 6.83
CA ALA D 1035 23.43 -38.94 7.00
C ALA D 1035 24.07 -38.01 5.95
N MET D 1036 25.38 -38.21 5.68
CA MET D 1036 26.11 -37.46 4.64
C MET D 1036 25.58 -37.72 3.23
N PHE D 1037 25.22 -38.99 2.95
CA PHE D 1037 24.62 -39.42 1.69
C PHE D 1037 23.25 -38.79 1.47
N ASN D 1038 22.41 -38.73 2.53
CA ASN D 1038 21.08 -38.12 2.45
C ASN D 1038 21.12 -36.61 2.22
N ASP D 1039 22.04 -35.92 2.93
CA ASP D 1039 22.24 -34.48 2.79
C ASP D 1039 22.80 -34.11 1.42
N THR D 1040 23.81 -34.90 0.99
CA THR D 1040 24.49 -34.76 -0.30
C THR D 1040 23.52 -34.97 -1.44
N TYR D 1041 22.63 -36.00 -1.28
CA TYR D 1041 21.58 -36.37 -2.24
C TYR D 1041 20.61 -35.22 -2.46
N MET D 1042 20.05 -34.67 -1.35
CA MET D 1042 19.14 -33.50 -1.38
C MET D 1042 19.81 -32.26 -1.96
N LYS D 1043 21.12 -32.08 -1.73
CA LYS D 1043 21.80 -30.89 -2.23
C LYS D 1043 22.05 -30.94 -3.74
N VAL D 1044 22.49 -32.09 -4.30
CA VAL D 1044 23.04 -32.04 -5.66
C VAL D 1044 22.25 -32.89 -6.69
N GLN D 1045 21.01 -33.37 -6.35
CA GLN D 1045 20.17 -34.11 -7.31
C GLN D 1045 19.74 -33.29 -8.56
N GLU D 1046 19.36 -32.01 -8.38
CA GLU D 1046 18.94 -31.13 -9.47
C GLU D 1046 20.13 -30.75 -10.38
N ALA D 1047 21.32 -30.55 -9.76
CA ALA D 1047 22.57 -30.31 -10.47
C ALA D 1047 22.99 -31.52 -11.30
N ALA D 1048 22.74 -32.74 -10.77
CA ALA D 1048 22.97 -33.98 -11.51
C ALA D 1048 22.07 -34.11 -12.73
N GLU D 1049 20.80 -33.70 -12.59
CA GLU D 1049 19.85 -33.67 -13.72
C GLU D 1049 20.29 -32.69 -14.81
N ASP D 1050 20.76 -31.51 -14.40
CA ASP D 1050 21.28 -30.48 -15.31
C ASP D 1050 22.55 -30.95 -16.04
N LEU D 1051 23.46 -31.60 -15.29
CA LEU D 1051 24.70 -32.17 -15.82
C LEU D 1051 24.41 -33.32 -16.78
N TRP D 1052 23.37 -34.13 -16.48
CA TRP D 1052 22.89 -35.21 -17.35
C TRP D 1052 22.35 -34.66 -18.67
N ARG D 1053 21.63 -33.53 -18.60
CA ARG D 1053 21.13 -32.86 -19.80
C ARG D 1053 22.26 -32.28 -20.65
N LYS D 1054 23.36 -31.82 -20.03
CA LYS D 1054 24.54 -31.40 -20.81
C LYS D 1054 25.24 -32.62 -21.44
N GLN D 1055 25.38 -33.73 -20.68
CA GLN D 1055 25.96 -35.00 -21.18
C GLN D 1055 25.13 -35.68 -22.27
N ASN D 1056 23.82 -35.38 -22.35
CA ASN D 1056 22.94 -35.80 -23.44
C ASN D 1056 23.42 -35.23 -24.77
N TYR D 1057 23.79 -33.95 -24.76
CA TYR D 1057 24.36 -33.29 -25.95
C TYR D 1057 25.73 -33.84 -26.25
N GLU D 1058 26.53 -34.08 -25.22
CA GLU D 1058 27.89 -34.65 -25.36
C GLU D 1058 27.87 -36.02 -26.02
N LEU D 1059 26.94 -36.88 -25.59
CA LEU D 1059 26.75 -38.20 -26.17
C LEU D 1059 26.21 -38.11 -27.59
N CYS D 1060 25.26 -37.18 -27.86
CA CYS D 1060 24.71 -36.94 -29.20
C CYS D 1060 25.79 -36.46 -30.18
N ALA D 1061 26.64 -35.52 -29.73
CA ALA D 1061 27.77 -34.99 -30.51
C ALA D 1061 28.83 -36.05 -30.77
N GLU D 1062 29.10 -36.91 -29.75
CA GLU D 1062 30.08 -37.98 -29.86
C GLU D 1062 29.63 -39.04 -30.87
N TYR D 1063 28.36 -39.42 -30.82
CA TYR D 1063 27.81 -40.46 -31.72
C TYR D 1063 27.46 -39.93 -33.10
N LYS D 1064 27.33 -38.61 -33.30
CA LYS D 1064 27.22 -38.10 -34.66
C LYS D 1064 28.47 -38.36 -35.50
N ASP D 1065 29.66 -38.17 -34.93
CA ASP D 1065 30.89 -38.27 -35.72
C ASP D 1065 31.48 -39.67 -35.76
N ARG D 1066 31.03 -40.56 -34.88
CA ARG D 1066 31.55 -41.92 -34.80
C ARG D 1066 31.02 -42.73 -35.99
N PRO D 1067 31.85 -43.59 -36.63
CA PRO D 1067 31.34 -44.51 -37.67
C PRO D 1067 30.32 -45.50 -37.12
N PHE D 1068 29.42 -45.98 -37.99
CA PHE D 1068 28.29 -46.83 -37.53
C PHE D 1068 28.73 -48.24 -37.22
N LEU D 1069 29.69 -48.74 -37.97
CA LEU D 1069 30.12 -50.15 -37.84
C LEU D 1069 30.65 -50.47 -36.43
N PRO D 1070 30.13 -51.54 -35.77
CA PRO D 1070 30.54 -51.89 -34.40
C PRO D 1070 32.04 -52.18 -34.22
N ALA D 1071 32.49 -52.37 -32.97
CA ALA D 1071 33.92 -52.50 -32.62
C ALA D 1071 34.76 -53.53 -33.40
N PRO D 1072 34.41 -54.83 -33.58
CA PRO D 1072 35.34 -55.70 -34.27
C PRO D 1072 35.40 -55.14 -35.71
N PHE D 1073 34.24 -54.96 -36.35
CA PHE D 1073 34.13 -54.57 -37.78
C PHE D 1073 34.38 -53.10 -38.07
N ILE D 1074 34.89 -52.33 -37.12
CA ILE D 1074 35.20 -50.88 -37.33
C ILE D 1074 36.53 -50.71 -38.05
N LEU D 1075 37.36 -51.75 -38.21
CA LEU D 1075 38.60 -51.71 -38.99
C LEU D 1075 38.34 -51.40 -40.47
N LEU D 1076 37.24 -51.94 -41.01
CA LEU D 1076 36.78 -51.66 -42.37
C LEU D 1076 36.44 -50.18 -42.55
N ALA D 1077 35.75 -49.61 -41.56
CA ALA D 1077 35.42 -48.18 -41.51
C ALA D 1077 36.68 -47.33 -41.40
N HIS D 1078 37.66 -47.77 -40.60
CA HIS D 1078 38.94 -47.09 -40.40
C HIS D 1078 39.77 -47.04 -41.69
N VAL D 1079 39.88 -48.19 -42.39
CA VAL D 1079 40.62 -48.24 -43.66
C VAL D 1079 39.87 -47.50 -44.77
N HIS D 1080 38.51 -47.46 -44.70
CA HIS D 1080 37.71 -46.66 -45.64
C HIS D 1080 37.95 -45.15 -45.46
N MET D 1081 38.00 -44.67 -44.19
CA MET D 1081 38.31 -43.26 -43.91
C MET D 1081 39.75 -42.89 -44.29
N LEU D 1082 40.70 -43.81 -44.04
CA LEU D 1082 42.11 -43.65 -44.46
C LEU D 1082 42.24 -43.60 -45.98
N PHE D 1083 41.45 -44.44 -46.67
CA PHE D 1083 41.38 -44.45 -48.13
C PHE D 1083 40.82 -43.13 -48.68
N MET D 1084 39.77 -42.58 -48.03
CA MET D 1084 39.23 -41.25 -48.41
C MET D 1084 40.23 -40.12 -48.20
N ARG D 1085 40.96 -40.13 -47.06
CA ARG D 1085 42.00 -39.13 -46.78
C ARG D 1085 43.18 -39.22 -47.77
N LEU D 1086 43.61 -40.45 -48.09
CA LEU D 1086 44.66 -40.68 -49.08
C LEU D 1086 44.21 -40.27 -50.49
N LEU D 1087 42.94 -40.51 -50.81
CA LEU D 1087 42.39 -40.20 -52.15
C LEU D 1087 42.01 -38.71 -52.25
N ARG D 1088 42.01 -37.99 -51.13
CA ARG D 1088 41.71 -36.54 -51.21
C ARG D 1088 42.99 -35.72 -51.03
N LEU D 1089 43.98 -36.25 -50.32
CA LEU D 1089 45.23 -35.52 -50.18
C LEU D 1089 46.19 -35.78 -51.34
N CYS D 1090 46.43 -37.04 -51.67
CA CYS D 1090 47.37 -37.40 -52.74
C CYS D 1090 46.69 -37.48 -54.10
N GLY D 1091 45.65 -38.32 -54.21
CA GLY D 1091 44.93 -38.50 -55.47
C GLY D 1091 44.17 -37.29 -55.96
N VAL D 1092 43.51 -36.56 -55.03
CA VAL D 1092 42.66 -35.36 -55.18
C VAL D 1092 41.52 -35.57 -56.18
N HIS D 1093 40.92 -36.77 -56.14
CA HIS D 1093 39.84 -37.14 -57.04
C HIS D 1093 38.45 -36.85 -56.48
N THR D 1094 38.37 -36.25 -55.29
CA THR D 1094 37.09 -35.92 -54.69
C THR D 1094 37.27 -34.71 -53.77
N GLN D 1095 36.15 -34.24 -53.23
CA GLN D 1095 36.14 -33.09 -52.34
C GLN D 1095 35.01 -33.28 -51.34
N GLU D 1096 34.67 -32.21 -50.62
CA GLU D 1096 33.62 -32.22 -49.62
C GLU D 1096 32.46 -31.36 -50.12
N HIS D 1097 31.24 -31.84 -49.88
CA HIS D 1097 30.03 -31.14 -50.29
C HIS D 1097 29.13 -30.89 -49.09
N GLU D 1098 28.47 -29.73 -49.10
CA GLU D 1098 27.57 -29.33 -48.03
C GLU D 1098 26.44 -28.50 -48.63
N LYS D 1099 25.51 -28.10 -47.78
CA LYS D 1099 24.36 -27.30 -48.19
C LYS D 1099 24.34 -25.99 -47.43
N ILE D 1100 24.06 -24.89 -48.14
CA ILE D 1100 24.03 -23.56 -47.55
C ILE D 1100 22.60 -23.03 -47.63
N GLN D 1101 22.13 -22.51 -46.49
CA GLN D 1101 20.79 -21.94 -46.35
C GLN D 1101 20.60 -20.68 -47.19
N ASP D 1102 19.40 -20.56 -47.77
CA ASP D 1102 19.02 -19.39 -48.56
C ASP D 1102 18.82 -18.17 -47.66
N ASP D 1103 18.95 -16.96 -48.25
CA ASP D 1103 18.78 -15.68 -47.56
C ASP D 1103 17.37 -15.45 -47.02
N GLU D 1104 16.35 -16.01 -47.71
CA GLU D 1104 14.94 -15.89 -47.33
C GLU D 1104 14.64 -16.55 -45.98
N THR D 1105 15.10 -17.81 -45.80
CA THR D 1105 14.91 -18.50 -44.52
C THR D 1105 15.76 -17.91 -43.40
N LYS D 1106 16.96 -17.34 -43.72
CA LYS D 1106 17.81 -16.64 -42.74
C LYS D 1106 17.15 -15.37 -42.21
N ARG D 1107 16.58 -14.56 -43.12
CA ARG D 1107 15.86 -13.36 -42.71
C ARG D 1107 14.54 -13.70 -41.99
N LYS D 1108 13.90 -14.84 -42.35
CA LYS D 1108 12.72 -15.34 -41.63
C LYS D 1108 13.06 -15.72 -40.17
N ILE D 1109 14.18 -16.43 -39.96
CA ILE D 1109 14.69 -16.81 -38.63
C ILE D 1109 15.08 -15.58 -37.82
N THR D 1110 15.74 -14.60 -38.50
CA THR D 1110 16.17 -13.32 -37.92
C THR D 1110 14.98 -12.46 -37.44
N THR D 1111 13.92 -12.39 -38.30
CA THR D 1111 12.67 -11.67 -38.02
C THR D 1111 11.91 -12.31 -36.84
N PHE D 1112 11.87 -13.67 -36.84
CA PHE D 1112 11.26 -14.49 -35.78
C PHE D 1112 11.94 -14.27 -34.43
N GLU D 1113 13.29 -14.25 -34.43
CA GLU D 1113 14.12 -14.08 -33.24
C GLU D 1113 13.97 -12.68 -32.64
N GLU D 1114 13.95 -11.64 -33.51
CA GLU D 1114 13.76 -10.24 -33.07
C GLU D 1114 12.37 -10.00 -32.48
N LEU D 1115 11.34 -10.56 -33.15
CA LEU D 1115 9.93 -10.47 -32.70
C LEU D 1115 9.72 -11.17 -31.36
N ASN D 1116 10.33 -12.35 -31.19
CA ASN D 1116 10.24 -13.07 -29.92
C ASN D 1116 11.07 -12.42 -28.81
N THR D 1117 12.18 -11.75 -29.17
CA THR D 1117 12.98 -10.96 -28.22
C THR D 1117 12.17 -9.79 -27.64
N ASP D 1118 11.48 -9.03 -28.54
CA ASP D 1118 10.59 -7.93 -28.13
C ASP D 1118 9.40 -8.41 -27.32
N LYS D 1119 8.81 -9.55 -27.73
CA LYS D 1119 7.68 -10.20 -27.07
C LYS D 1119 8.03 -10.66 -25.65
N PHE D 1120 9.24 -11.20 -25.48
CA PHE D 1120 9.72 -11.68 -24.16
C PHE D 1120 9.96 -10.47 -23.26
N LEU D 1121 10.56 -9.42 -23.80
CA LEU D 1121 10.83 -8.20 -23.02
C LEU D 1121 9.54 -7.52 -22.54
N ARG D 1122 8.51 -7.47 -23.41
CA ARG D 1122 7.18 -6.96 -23.04
C ARG D 1122 6.53 -7.81 -21.93
N ARG D 1123 6.60 -9.17 -22.08
CA ARG D 1123 6.04 -10.11 -21.10
C ARG D 1123 6.79 -10.02 -19.76
N TRP D 1124 8.13 -9.89 -19.83
CA TRP D 1124 9.05 -9.75 -18.70
C TRP D 1124 8.81 -8.47 -17.93
N GLU D 1125 8.62 -7.36 -18.66
CA GLU D 1125 8.28 -6.05 -18.09
C GLU D 1125 6.94 -6.09 -17.39
N ARG D 1126 5.91 -6.73 -18.02
CA ARG D 1126 4.57 -6.89 -17.45
C ARG D 1126 4.58 -7.73 -16.17
N GLU D 1127 5.37 -8.83 -16.19
CA GLU D 1127 5.55 -9.74 -15.05
C GLU D 1127 6.26 -9.05 -13.89
N ARG D 1128 7.28 -8.22 -14.20
CA ARG D 1128 8.00 -7.51 -13.16
C ARG D 1128 7.11 -6.40 -12.57
N GLN D 1129 6.21 -5.80 -13.38
CA GLN D 1129 5.26 -4.83 -12.82
C GLN D 1129 4.11 -5.47 -12.03
N GLU D 1130 3.88 -6.79 -12.17
CA GLU D 1130 2.82 -7.41 -11.37
C GLU D 1130 3.33 -7.99 -10.05
N MET D 1131 4.62 -7.89 -9.78
CA MET D 1131 5.19 -8.33 -8.50
C MET D 1131 4.74 -7.41 -7.37
N LEU D 1132 4.70 -8.00 -6.17
CA LEU D 1132 4.26 -7.32 -4.94
C LEU D 1132 5.16 -6.16 -4.53
N GLU D 1133 6.50 -6.36 -4.62
CA GLU D 1133 7.52 -5.35 -4.27
C GLU D 1133 7.44 -4.10 -5.15
N ALA D 1134 7.29 -4.32 -6.47
CA ALA D 1134 7.18 -3.25 -7.46
C ALA D 1134 5.89 -2.45 -7.29
N ARG D 1135 4.78 -3.15 -7.01
CA ARG D 1135 3.47 -2.53 -6.78
C ARG D 1135 3.44 -1.69 -5.51
N VAL D 1136 4.08 -2.18 -4.42
CA VAL D 1136 4.20 -1.45 -3.15
C VAL D 1136 5.07 -0.20 -3.33
N LYS D 1137 6.20 -0.35 -4.07
CA LYS D 1137 7.11 0.75 -4.44
C LYS D 1137 6.43 1.82 -5.29
N MET D 1138 5.64 1.36 -6.29
CA MET D 1138 4.88 2.22 -7.20
C MET D 1138 3.81 3.00 -6.46
N THR D 1139 3.13 2.33 -5.51
CA THR D 1139 2.09 2.90 -4.64
C THR D 1139 2.67 3.99 -3.73
N ASN D 1140 3.88 3.73 -3.18
CA ASN D 1140 4.62 4.66 -2.32
C ASN D 1140 5.01 5.95 -3.06
N ASP D 1141 5.61 5.80 -4.27
CA ASP D 1141 6.01 6.94 -5.13
C ASP D 1141 4.79 7.75 -5.59
N ASN D 1142 3.68 7.06 -5.91
CA ASN D 1142 2.42 7.70 -6.31
C ASN D 1142 1.81 8.53 -5.19
N VAL D 1143 1.85 8.02 -3.96
CA VAL D 1143 1.31 8.78 -2.79
C VAL D 1143 2.20 9.99 -2.54
N VAL D 1144 3.54 9.87 -2.66
CA VAL D 1144 4.47 11.01 -2.51
C VAL D 1144 4.17 12.13 -3.54
N GLN D 1145 3.98 11.72 -4.83
CA GLN D 1145 3.58 12.65 -5.91
C GLN D 1145 2.19 13.25 -5.68
N ALA D 1146 1.28 12.47 -5.07
CA ALA D 1146 -0.05 12.91 -4.65
C ALA D 1146 0.01 14.01 -3.60
N MET D 1147 0.89 13.89 -2.62
CA MET D 1147 1.05 14.99 -1.66
C MET D 1147 1.66 16.21 -2.36
N GLY D 1148 2.61 16.05 -3.29
CA GLY D 1148 3.14 17.18 -4.07
C GLY D 1148 2.03 17.97 -4.75
N MET D 1149 1.05 17.24 -5.33
CA MET D 1149 -0.13 17.84 -5.96
C MET D 1149 -1.02 18.54 -4.94
N MET D 1150 -1.12 17.97 -3.73
CA MET D 1150 -1.89 18.64 -2.63
C MET D 1150 -1.14 19.86 -2.11
N ASP D 1151 0.19 19.90 -2.13
CA ASP D 1151 0.96 21.11 -1.80
C ASP D 1151 0.65 22.24 -2.76
N GLN D 1152 0.22 21.86 -3.96
CA GLN D 1152 -0.18 22.87 -4.96
C GLN D 1152 -1.62 23.28 -4.67
N LEU D 1153 -2.49 22.32 -4.34
CA LEU D 1153 -3.88 22.67 -3.96
C LEU D 1153 -3.82 23.65 -2.79
N LEU D 1154 -3.23 23.26 -1.66
CA LEU D 1154 -3.26 24.12 -0.47
C LEU D 1154 -2.68 25.49 -0.78
N GLU D 1155 -1.66 25.56 -1.64
CA GLU D 1155 -1.00 26.86 -1.92
C GLU D 1155 -2.05 27.73 -2.57
N HIS D 1156 -2.55 27.28 -3.69
CA HIS D 1156 -3.60 27.98 -4.42
C HIS D 1156 -4.81 28.32 -3.50
N MET D 1157 -5.19 27.45 -2.59
CA MET D 1157 -6.39 27.72 -1.76
C MET D 1157 -6.08 28.90 -0.82
N ILE D 1158 -4.86 28.97 -0.32
CA ILE D 1158 -4.45 30.11 0.54
C ILE D 1158 -4.44 31.34 -0.35
N SER D 1159 -3.79 31.28 -1.49
CA SER D 1159 -3.86 32.39 -2.47
C SER D 1159 -5.27 32.95 -2.60
N PHE D 1160 -6.30 32.11 -2.65
CA PHE D 1160 -7.67 32.68 -2.72
C PHE D 1160 -8.10 33.24 -1.39
N ARG D 1161 -7.69 32.61 -0.29
CA ARG D 1161 -8.01 33.17 1.03
C ARG D 1161 -7.49 34.60 1.17
N PHE D 1162 -6.32 34.86 0.62
CA PHE D 1162 -5.71 36.21 0.68
C PHE D 1162 -6.51 37.07 -0.26
N SER D 1163 -6.74 36.56 -1.46
CA SER D 1163 -7.45 37.34 -2.49
C SER D 1163 -8.84 37.80 -2.02
N LEU D 1164 -9.60 36.91 -1.34
CA LEU D 1164 -10.90 37.28 -0.78
C LEU D 1164 -10.75 38.25 0.38
N ASP D 1165 -9.68 38.09 1.19
CA ASP D 1165 -9.41 39.03 2.28
C ASP D 1165 -9.11 40.45 1.76
N GLN D 1166 -8.28 40.57 0.70
CA GLN D 1166 -8.05 41.91 0.13
C GLN D 1166 -9.21 42.40 -0.73
N GLN D 1167 -10.13 41.52 -1.15
CA GLN D 1167 -11.29 41.96 -1.93
C GLN D 1167 -12.36 42.66 -1.09
N ALA D 1168 -12.31 42.54 0.24
CA ALA D 1168 -13.26 43.19 1.12
C ALA D 1168 -12.70 44.45 1.78
N THR D 1169 -11.39 44.59 1.85
CA THR D 1169 -10.76 45.77 2.43
C THR D 1169 -10.50 46.86 1.38
N LYS D 1170 -10.82 46.61 0.12
CA LYS D 1170 -10.60 47.60 -0.92
C LYS D 1170 -11.92 48.21 -1.37
N ILE D 1197 -12.95 66.90 5.04
CA ILE D 1197 -12.95 67.66 6.28
C ILE D 1197 -12.49 66.78 7.44
N ASN D 1198 -12.89 65.51 7.41
CA ASN D 1198 -12.52 64.53 8.44
C ASN D 1198 -11.18 63.86 8.13
N ARG D 1199 -10.12 64.66 8.11
CA ARG D 1199 -8.77 64.18 7.84
C ARG D 1199 -7.79 64.97 8.68
N LEU D 1200 -6.98 64.26 9.47
CA LEU D 1200 -6.10 64.90 10.42
C LEU D 1200 -4.70 64.30 10.28
N ASN D 1201 -3.68 65.14 10.32
CA ASN D 1201 -2.28 64.73 10.21
C ASN D 1201 -1.64 65.00 11.56
N SER D 1202 -1.27 63.93 12.26
CA SER D 1202 -0.68 63.99 13.60
C SER D 1202 0.81 63.65 13.61
N ALA D 1203 1.49 63.73 12.45
CA ALA D 1203 2.92 63.47 12.37
C ALA D 1203 3.79 64.52 13.06
N VAL D 1204 3.27 65.74 13.26
CA VAL D 1204 3.96 66.84 13.96
C VAL D 1204 4.27 66.50 15.44
N ALA D 1205 3.42 65.67 16.08
CA ALA D 1205 3.63 65.17 17.44
C ALA D 1205 4.83 64.24 17.60
N VAL D 1206 5.25 63.58 16.53
CA VAL D 1206 6.32 62.59 16.60
C VAL D 1206 7.63 63.29 16.28
N HIS D 1207 7.70 63.98 15.13
CA HIS D 1207 8.94 64.59 14.70
C HIS D 1207 9.18 65.94 15.38
N GLY D 1208 8.26 66.88 15.19
CA GLY D 1208 8.42 68.19 15.78
C GLY D 1208 8.69 69.28 14.76
N HIS D 1209 7.72 70.20 14.60
CA HIS D 1209 7.70 71.46 13.84
C HIS D 1209 7.68 71.37 12.30
N THR D 1210 7.88 70.15 11.75
CA THR D 1210 7.88 69.73 10.34
C THR D 1210 8.67 70.65 9.38
N ALA D 1211 8.02 71.14 8.29
CA ALA D 1211 8.54 72.12 7.31
C ALA D 1211 9.78 71.62 6.58
N GLU D 1212 9.65 70.44 5.96
CA GLU D 1212 10.74 69.86 5.18
C GLU D 1212 10.97 70.60 3.87
N ALA D 1213 9.86 70.91 3.15
CA ALA D 1213 9.79 71.65 1.84
C ALA D 1213 10.64 70.99 0.74
N ALA D 1214 10.66 69.66 0.73
CA ALA D 1214 11.41 68.87 -0.24
C ALA D 1214 10.72 68.72 -1.60
N GLU D 1215 9.47 69.21 -1.74
CA GLU D 1215 8.70 69.06 -2.98
C GLU D 1215 9.32 69.84 -4.14
N TRP D 1216 9.88 71.01 -3.83
CA TRP D 1216 10.41 71.96 -4.81
C TRP D 1216 11.67 71.40 -5.46
N TYR D 1217 11.79 71.60 -6.77
CA TYR D 1217 12.89 71.01 -7.52
C TYR D 1217 14.00 72.04 -7.72
N VAL D 1218 15.23 71.62 -7.43
CA VAL D 1218 16.43 72.40 -7.66
C VAL D 1218 17.33 71.57 -8.55
N PRO D 1219 17.68 72.05 -9.77
CA PRO D 1219 18.56 71.28 -10.69
C PRO D 1219 19.99 71.17 -10.16
N PRO D 1220 20.76 70.13 -10.56
CA PRO D 1220 22.19 70.02 -10.15
C PRO D 1220 23.08 71.15 -10.66
N GLU D 1221 24.15 71.41 -9.89
CA GLU D 1221 25.06 72.55 -10.08
C GLU D 1221 25.78 72.52 -11.43
N GLU D 1222 26.26 71.36 -11.85
CA GLU D 1222 26.97 71.26 -13.12
C GLU D 1222 25.93 70.96 -14.19
N TYR D 1223 25.84 71.84 -15.18
CA TYR D 1223 24.94 71.64 -16.33
C TYR D 1223 25.43 70.46 -17.17
N PRO D 1224 24.52 69.51 -17.56
CA PRO D 1224 24.94 68.35 -18.37
C PRO D 1224 25.43 68.77 -19.76
N LYS D 1225 26.50 68.07 -20.22
CA LYS D 1225 27.16 68.16 -21.53
C LYS D 1225 27.68 69.58 -21.89
N SER D 1226 27.96 70.42 -20.89
CA SER D 1226 28.38 71.80 -21.07
C SER D 1226 29.86 72.04 -20.84
N GLY D 1227 30.62 70.99 -20.57
CA GLY D 1227 32.04 71.13 -20.25
C GLY D 1227 32.33 71.84 -18.94
N GLY D 1228 31.60 71.51 -17.88
CA GLY D 1228 31.89 72.03 -16.56
C GLY D 1228 31.31 73.38 -16.22
N VAL D 1229 30.39 73.92 -17.02
CA VAL D 1229 29.75 75.21 -16.72
C VAL D 1229 28.77 75.02 -15.56
N LYS D 1230 28.88 75.87 -14.55
CA LYS D 1230 28.12 75.75 -13.31
C LYS D 1230 27.10 76.88 -13.18
N ARG D 1231 25.91 76.56 -12.65
CA ARG D 1231 24.86 77.53 -12.39
C ARG D 1231 25.18 78.40 -11.16
N TYR D 1232 24.24 79.28 -10.84
CA TYR D 1232 24.31 80.07 -9.61
C TYR D 1232 23.46 79.36 -8.57
N LEU D 1233 24.04 78.78 -7.52
CA LEU D 1233 23.28 77.93 -6.56
C LEU D 1233 22.14 78.68 -5.88
N ILE D 1234 21.04 77.99 -5.60
CA ILE D 1234 19.88 78.61 -4.90
C ILE D 1234 19.29 77.58 -3.95
N ASP D 1235 19.21 77.88 -2.64
CA ASP D 1235 18.52 76.96 -1.75
C ASP D 1235 17.11 76.66 -2.25
N ALA D 1236 16.58 75.49 -1.87
CA ALA D 1236 15.23 75.05 -2.23
C ALA D 1236 14.08 75.87 -1.63
N SER D 1237 14.32 76.69 -0.61
CA SER D 1237 13.33 77.56 -0.01
C SER D 1237 13.32 78.94 -0.65
N MET D 1238 14.09 79.15 -1.72
CA MET D 1238 14.15 80.41 -2.42
C MET D 1238 13.69 80.34 -3.86
N VAL D 1239 13.21 79.17 -4.31
CA VAL D 1239 12.82 78.93 -5.73
C VAL D 1239 11.56 79.66 -6.19
N PRO D 1240 10.39 79.69 -5.53
CA PRO D 1240 9.19 80.32 -6.12
C PRO D 1240 9.25 81.82 -6.45
N LEU D 1241 8.51 82.31 -7.45
CA LEU D 1241 8.52 83.70 -7.92
C LEU D 1241 7.78 84.69 -7.01
N SER D 1242 6.96 84.22 -6.06
CA SER D 1242 6.30 85.12 -5.11
C SER D 1242 7.31 85.72 -4.12
N ILE D 1243 8.33 84.96 -3.75
CA ILE D 1243 9.37 85.39 -2.83
C ILE D 1243 10.31 86.32 -3.60
N MET D 1244 10.80 87.38 -2.94
CA MET D 1244 11.57 88.45 -3.59
C MET D 1244 12.94 87.98 -4.07
N CYS D 1245 13.82 87.54 -3.12
CA CYS D 1245 15.22 87.11 -3.28
C CYS D 1245 16.12 88.12 -3.99
N PRO D 1246 16.49 89.26 -3.36
CA PRO D 1246 17.27 90.32 -4.06
C PRO D 1246 18.68 89.95 -4.50
N SER D 1247 19.31 88.89 -3.96
CA SER D 1247 20.68 88.52 -4.30
C SER D 1247 20.75 87.51 -5.44
N TYR D 1248 19.76 87.48 -6.34
CA TYR D 1248 19.66 86.52 -7.43
C TYR D 1248 20.47 87.02 -8.63
N ASP D 1249 21.58 86.34 -8.93
CA ASP D 1249 22.44 86.70 -10.05
C ASP D 1249 22.71 85.46 -10.92
N PRO D 1250 21.76 85.06 -11.79
CA PRO D 1250 21.97 83.86 -12.61
C PRO D 1250 22.97 84.07 -13.74
N VAL D 1251 23.50 82.96 -14.24
CA VAL D 1251 24.47 82.98 -15.34
C VAL D 1251 23.76 82.69 -16.65
N GLU D 1252 24.10 83.44 -17.68
CA GLU D 1252 23.51 83.26 -19.01
C GLU D 1252 24.40 82.35 -19.83
N TYR D 1253 23.90 81.17 -20.18
CA TYR D 1253 24.67 80.22 -20.96
C TYR D 1253 23.78 79.57 -22.00
N THR D 1254 24.26 79.52 -23.24
CA THR D 1254 23.61 78.82 -24.33
C THR D 1254 24.62 77.88 -24.95
N HIS D 1255 24.21 76.61 -25.15
CA HIS D 1255 25.03 75.54 -25.71
C HIS D 1255 25.41 75.84 -27.17
N PRO D 1256 26.64 75.44 -27.60
CA PRO D 1256 27.06 75.64 -29.02
C PRO D 1256 26.19 74.95 -30.08
N SER D 1257 25.63 73.77 -29.76
CA SER D 1257 24.72 73.06 -30.65
C SER D 1257 23.44 73.85 -30.92
N VAL D 1258 22.87 74.45 -29.86
CA VAL D 1258 21.67 75.30 -29.99
C VAL D 1258 22.01 76.61 -30.71
N ALA D 1259 23.18 77.20 -30.40
CA ALA D 1259 23.66 78.46 -31.00
C ALA D 1259 24.10 78.34 -32.47
N ALA D 1260 24.25 77.13 -33.01
CA ALA D 1260 24.60 76.86 -34.41
C ALA D 1260 23.41 76.95 -35.36
N GLN D 1261 22.22 77.07 -34.73
CA GLN D 1261 20.89 77.29 -35.39
C GLN D 1261 20.31 76.14 -36.21
N PRO D 1262 20.01 74.93 -35.69
CA PRO D 1262 19.31 73.90 -36.51
C PRO D 1262 17.84 74.19 -36.78
N VAL D 1263 17.16 73.21 -37.40
CA VAL D 1263 15.75 73.33 -37.77
C VAL D 1263 14.83 73.34 -36.54
N TRP D 1264 15.21 72.69 -35.44
CA TRP D 1264 14.34 72.59 -34.28
C TRP D 1264 14.63 73.69 -33.25
N ALA D 1265 15.44 74.67 -33.60
CA ALA D 1265 15.83 75.75 -32.70
C ALA D 1265 15.13 77.05 -33.08
N ASP D 1266 14.57 77.73 -32.07
CA ASP D 1266 13.94 79.03 -32.25
C ASP D 1266 14.96 80.14 -32.54
N PRO D 1267 14.53 81.27 -33.18
CA PRO D 1267 15.43 82.43 -33.37
C PRO D 1267 15.92 83.07 -32.07
N ALA D 1268 17.14 83.62 -32.12
CA ALA D 1268 17.84 84.21 -30.97
C ALA D 1268 17.16 85.44 -30.38
N ASP D 1269 16.32 86.16 -31.14
CA ASP D 1269 15.59 87.31 -30.64
C ASP D 1269 14.17 86.86 -30.40
N PRO D 1270 13.71 86.68 -29.16
CA PRO D 1270 12.35 86.18 -28.92
C PRO D 1270 11.24 87.23 -28.96
N ARG D 1271 11.50 88.46 -29.42
CA ARG D 1271 10.50 89.53 -29.45
C ARG D 1271 9.39 89.27 -30.48
N LYS D 1272 9.69 88.54 -31.54
CA LYS D 1272 8.71 88.23 -32.56
C LYS D 1272 7.97 86.93 -32.29
N ILE D 1273 8.27 86.25 -31.19
CA ILE D 1273 7.65 84.98 -30.85
C ILE D 1273 6.45 85.27 -29.94
N LYS D 1274 5.29 84.69 -30.27
CA LYS D 1274 4.08 84.85 -29.48
C LYS D 1274 3.90 83.61 -28.60
N PHE D 1275 3.82 83.83 -27.29
CA PHE D 1275 3.67 82.75 -26.33
C PHE D 1275 2.21 82.67 -25.90
N ASN D 1276 1.89 81.58 -25.17
CA ASN D 1276 0.60 81.14 -24.59
C ASN D 1276 -0.49 80.75 -25.59
N VAL D 1277 -0.22 80.77 -26.91
CA VAL D 1277 -1.14 80.41 -27.97
C VAL D 1277 -0.35 79.58 -28.97
N LYS D 1278 -1.07 78.85 -29.82
CA LYS D 1278 -0.46 78.07 -30.89
C LYS D 1278 0.16 78.99 -31.95
N ASP D 1279 1.49 78.94 -32.09
CA ASP D 1279 2.19 79.86 -32.98
C ASP D 1279 2.76 79.14 -34.19
N GLU D 1280 2.67 79.77 -35.35
CA GLU D 1280 3.14 79.19 -36.60
C GLU D 1280 4.52 79.75 -36.96
N VAL D 1281 5.54 78.90 -36.96
CA VAL D 1281 6.86 79.30 -37.45
C VAL D 1281 7.14 78.45 -38.70
N ASN D 1282 7.39 79.17 -39.83
CA ASN D 1282 7.58 78.68 -41.21
C ASN D 1282 6.43 77.79 -41.70
N GLY D 1283 5.21 78.16 -41.31
CA GLY D 1283 4.00 77.44 -41.61
C GLY D 1283 3.75 76.21 -40.76
N LYS D 1284 4.58 75.94 -39.76
CA LYS D 1284 4.46 74.78 -38.90
C LYS D 1284 3.96 75.21 -37.53
N VAL D 1285 3.02 74.44 -36.98
CA VAL D 1285 2.38 74.78 -35.70
C VAL D 1285 3.27 74.33 -34.54
N VAL D 1286 3.38 75.20 -33.52
CA VAL D 1286 4.08 74.92 -32.26
C VAL D 1286 3.05 75.28 -31.18
N ASP D 1287 2.98 74.44 -30.13
CA ASP D 1287 1.99 74.51 -29.06
C ASP D 1287 2.09 75.82 -28.25
N ARG D 1288 3.23 76.02 -27.57
CA ARG D 1288 3.64 77.18 -26.75
C ARG D 1288 2.76 77.47 -25.52
N THR D 1289 1.87 76.57 -25.12
CA THR D 1289 1.02 76.79 -23.95
C THR D 1289 1.49 75.94 -22.80
N SER D 1290 1.62 76.57 -21.63
CA SER D 1290 2.08 75.90 -20.43
C SER D 1290 0.90 75.42 -19.61
N CYS D 1291 1.09 74.30 -18.89
CA CYS D 1291 0.07 73.76 -18.00
C CYS D 1291 -0.04 74.48 -16.65
N HIS D 1292 0.85 75.46 -16.37
CA HIS D 1292 0.78 76.28 -15.16
C HIS D 1292 -0.47 77.16 -15.19
N PRO D 1293 -1.28 77.19 -14.10
CA PRO D 1293 -2.51 78.03 -14.06
C PRO D 1293 -2.30 79.54 -14.22
N SER D 1294 -1.19 80.07 -13.71
CA SER D 1294 -0.91 81.51 -13.83
C SER D 1294 -0.53 81.90 -15.25
N GLY D 1295 0.17 81.02 -15.96
CA GLY D 1295 0.64 81.31 -17.29
C GLY D 1295 2.08 81.78 -17.29
N ILE D 1296 2.57 82.10 -18.49
CA ILE D 1296 3.94 82.55 -18.68
C ILE D 1296 3.94 84.07 -18.72
N SER D 1297 4.82 84.69 -17.92
CA SER D 1297 4.97 86.13 -17.91
C SER D 1297 6.19 86.52 -18.74
N ILE D 1298 6.06 87.62 -19.48
CA ILE D 1298 7.09 88.06 -20.41
C ILE D 1298 7.87 89.20 -19.79
N ASP D 1299 9.20 89.06 -19.73
CA ASP D 1299 10.08 90.12 -19.26
C ASP D 1299 10.08 91.28 -20.26
N SER D 1300 9.95 92.51 -19.74
CA SER D 1300 9.84 93.67 -20.61
C SER D 1300 11.18 94.10 -21.22
N ASN D 1301 12.29 93.87 -20.50
CA ASN D 1301 13.61 94.34 -20.91
C ASN D 1301 14.16 93.59 -22.14
N THR D 1302 14.11 92.25 -22.12
CA THR D 1302 14.72 91.45 -23.16
C THR D 1302 13.73 90.67 -24.02
N GLY D 1303 12.47 90.57 -23.59
CA GLY D 1303 11.47 89.80 -24.31
C GLY D 1303 11.48 88.30 -24.05
N ARG D 1304 12.40 87.80 -23.23
CA ARG D 1304 12.50 86.38 -22.93
C ARG D 1304 11.37 85.95 -21.99
N PRO D 1305 10.84 84.72 -22.15
CA PRO D 1305 9.85 84.22 -21.19
C PRO D 1305 10.47 83.90 -19.83
N ILE D 1306 9.63 83.96 -18.79
CA ILE D 1306 10.02 83.68 -17.42
C ILE D 1306 9.32 82.39 -16.99
N ASN D 1307 10.09 81.45 -16.44
CA ASN D 1307 9.64 80.13 -15.98
C ASN D 1307 8.67 80.30 -14.80
N PRO D 1308 7.42 79.86 -14.91
CA PRO D 1308 6.47 80.03 -13.79
C PRO D 1308 6.67 79.04 -12.66
N TRP D 1309 7.43 77.96 -12.90
CA TRP D 1309 7.63 76.89 -11.93
C TRP D 1309 8.78 77.16 -10.96
N GLY D 1310 9.41 78.31 -11.04
CA GLY D 1310 10.41 78.73 -10.10
C GLY D 1310 11.71 79.12 -10.76
N ARG D 1311 12.66 79.49 -9.91
CA ARG D 1311 14.00 79.87 -10.34
C ARG D 1311 14.88 78.63 -10.45
N THR D 1312 15.79 78.64 -11.41
CA THR D 1312 16.77 77.57 -11.60
C THR D 1312 18.20 78.07 -11.54
N GLY D 1313 18.41 79.36 -11.26
CA GLY D 1313 19.75 79.91 -11.19
C GLY D 1313 20.47 80.06 -12.50
N MET D 1314 19.75 80.16 -13.62
CA MET D 1314 20.34 80.16 -14.95
C MET D 1314 19.37 80.73 -15.97
N THR D 1315 19.79 81.77 -16.71
CA THR D 1315 19.06 82.32 -17.83
C THR D 1315 19.60 81.74 -19.13
N GLY D 1316 19.00 82.14 -20.25
CA GLY D 1316 19.36 81.62 -21.55
C GLY D 1316 18.66 80.31 -21.85
N ARG D 1317 18.93 79.76 -23.03
CA ARG D 1317 18.23 78.55 -23.46
C ARG D 1317 18.92 77.25 -23.05
N GLY D 1318 20.25 77.28 -22.89
CA GLY D 1318 21.03 76.08 -22.56
C GLY D 1318 20.99 75.04 -23.66
N LEU D 1319 20.68 73.80 -23.30
CA LEU D 1319 20.60 72.73 -24.28
C LEU D 1319 19.25 72.65 -25.00
N LEU D 1320 18.27 73.45 -24.57
CA LEU D 1320 16.94 73.40 -25.13
C LEU D 1320 16.81 74.36 -26.30
N GLY D 1321 16.17 73.90 -27.36
CA GLY D 1321 16.15 74.65 -28.60
C GLY D 1321 15.07 75.71 -28.70
N LYS D 1322 14.00 75.59 -27.93
CA LYS D 1322 12.85 76.48 -28.06
C LYS D 1322 12.74 77.32 -26.79
N TRP D 1323 12.52 78.63 -26.99
CA TRP D 1323 12.21 79.55 -25.90
C TRP D 1323 10.89 79.18 -25.24
N GLY D 1324 10.89 79.18 -23.93
CA GLY D 1324 9.67 78.86 -23.22
C GLY D 1324 9.45 77.39 -23.05
N VAL D 1325 8.26 76.94 -23.43
CA VAL D 1325 7.85 75.56 -23.18
C VAL D 1325 8.40 74.66 -24.28
N ASN D 1326 9.23 73.71 -23.90
CA ASN D 1326 9.63 72.61 -24.77
C ASN D 1326 8.66 71.48 -24.50
N GLN D 1327 7.80 71.19 -25.46
CA GLN D 1327 6.80 70.16 -25.29
C GLN D 1327 7.44 68.81 -25.53
N ALA D 1328 7.38 67.94 -24.54
CA ALA D 1328 7.88 66.59 -24.68
C ALA D 1328 6.71 65.63 -24.56
N ALA D 1329 6.82 64.51 -25.26
CA ALA D 1329 5.83 63.45 -25.17
C ALA D 1329 6.54 62.21 -24.68
N ASP D 1330 5.98 61.59 -23.64
CA ASP D 1330 6.47 60.35 -23.10
C ASP D 1330 5.48 59.22 -23.32
N THR D 1331 6.01 58.05 -23.65
CA THR D 1331 5.24 56.87 -23.99
C THR D 1331 5.46 55.80 -22.93
N VAL D 1332 4.44 55.53 -22.12
CA VAL D 1332 4.53 54.49 -21.11
C VAL D 1332 3.73 53.31 -21.64
N VAL D 1333 4.42 52.31 -22.19
CA VAL D 1333 3.77 51.09 -22.66
C VAL D 1333 3.82 50.10 -21.51
N THR D 1334 2.65 49.71 -21.01
CA THR D 1334 2.54 48.91 -19.81
C THR D 1334 1.82 47.59 -20.06
N ARG D 1335 2.15 46.64 -19.19
CA ARG D 1335 1.48 45.36 -19.16
C ARG D 1335 1.52 44.88 -17.72
N TRP D 1336 0.60 43.99 -17.38
CA TRP D 1336 0.58 43.42 -16.05
C TRP D 1336 1.73 42.44 -15.91
N LYS D 1337 2.42 42.50 -14.77
CA LYS D 1337 3.52 41.57 -14.51
C LYS D 1337 2.96 40.20 -14.19
N ARG D 1338 3.20 39.24 -15.07
CA ARG D 1338 2.63 37.91 -14.96
C ARG D 1338 3.71 36.85 -14.76
N SER D 1339 3.34 35.79 -14.03
CA SER D 1339 4.26 34.64 -13.85
C SER D 1339 3.96 33.64 -14.96
N PRO D 1340 4.84 32.65 -15.27
CA PRO D 1340 4.56 31.62 -16.28
C PRO D 1340 3.12 31.07 -16.25
N ASP D 1341 2.64 30.65 -15.08
CA ASP D 1341 1.29 30.09 -14.96
C ASP D 1341 0.17 31.01 -15.46
N GLY D 1342 0.44 32.31 -15.68
CA GLY D 1342 -0.52 33.28 -16.19
C GLY D 1342 -1.14 34.18 -15.15
N SER D 1343 -0.95 33.91 -13.87
CA SER D 1343 -1.51 34.74 -12.81
C SER D 1343 -0.74 36.05 -12.65
N ILE D 1344 -1.49 37.14 -12.45
CA ILE D 1344 -0.90 38.47 -12.30
C ILE D 1344 -0.25 38.56 -10.92
N LEU D 1345 0.98 39.09 -10.86
CA LEU D 1345 1.69 39.28 -9.62
C LEU D 1345 1.03 40.39 -8.77
N GLU D 1346 0.91 40.14 -7.47
CA GLU D 1346 0.20 41.04 -6.58
C GLU D 1346 1.07 41.41 -5.39
N ARG D 1347 1.27 42.71 -5.17
CA ARG D 1347 2.02 43.21 -4.02
C ARG D 1347 1.22 44.33 -3.39
N ASP D 1348 1.15 44.30 -2.04
CA ASP D 1348 0.44 45.25 -1.14
C ASP D 1348 -1.08 45.33 -1.47
N GLY D 1349 -1.67 44.20 -1.88
CA GLY D 1349 -3.07 44.12 -2.25
C GLY D 1349 -3.45 44.72 -3.59
N LYS D 1350 -2.48 45.09 -4.42
CA LYS D 1350 -2.70 45.70 -5.72
C LYS D 1350 -1.91 44.93 -6.77
N LYS D 1351 -2.40 44.95 -8.00
CA LYS D 1351 -1.73 44.30 -9.11
C LYS D 1351 -0.50 45.10 -9.54
N VAL D 1352 0.54 44.38 -9.95
CA VAL D 1352 1.86 44.95 -10.23
C VAL D 1352 1.97 45.21 -11.73
N LEU D 1353 2.39 46.43 -12.10
CA LEU D 1353 2.57 46.82 -13.49
C LEU D 1353 4.01 46.54 -13.94
N GLU D 1354 4.23 46.73 -15.24
CA GLU D 1354 5.54 46.56 -15.86
C GLU D 1354 5.62 47.45 -17.09
N PHE D 1355 6.68 48.25 -17.18
CA PHE D 1355 6.78 49.24 -18.25
C PHE D 1355 8.10 49.09 -19.00
N VAL D 1356 8.10 49.54 -20.26
CA VAL D 1356 9.29 49.51 -21.10
C VAL D 1356 10.18 50.68 -20.70
N ALA D 1357 11.40 50.40 -20.31
CA ALA D 1357 12.35 51.42 -19.86
C ALA D 1357 13.61 51.38 -20.69
N ILE D 1358 14.11 52.55 -21.04
CA ILE D 1358 15.33 52.69 -21.84
C ILE D 1358 16.44 53.29 -21.01
N GLN D 1359 17.66 52.88 -21.31
CA GLN D 1359 18.85 53.46 -20.68
C GLN D 1359 19.37 54.56 -21.58
N ARG D 1360 19.33 55.80 -21.10
CA ARG D 1360 19.70 56.99 -21.87
C ARG D 1360 21.19 57.03 -22.23
N GLN D 1361 21.48 57.55 -23.42
CA GLN D 1361 22.85 57.64 -23.91
C GLN D 1361 23.66 58.70 -23.16
N ASP D 1362 23.02 59.82 -22.80
CA ASP D 1362 23.75 60.95 -22.25
C ASP D 1362 24.14 60.80 -20.77
N ASN D 1363 23.24 60.33 -19.91
CA ASN D 1363 23.52 60.30 -18.48
C ASN D 1363 23.44 58.92 -17.82
N LYS D 1364 23.18 57.86 -18.60
CA LYS D 1364 23.10 56.42 -18.22
C LYS D 1364 22.14 56.14 -17.06
N MET D 1365 21.01 56.85 -17.04
CA MET D 1365 19.91 56.59 -16.12
C MET D 1365 18.72 56.06 -16.90
N TRP D 1366 18.03 55.08 -16.32
CA TRP D 1366 16.85 54.48 -16.92
C TRP D 1366 15.70 55.50 -16.93
N ALA D 1367 14.88 55.42 -17.97
CA ALA D 1367 13.86 56.44 -18.23
C ALA D 1367 12.76 55.88 -19.10
N ILE D 1368 11.67 56.63 -19.15
CA ILE D 1368 10.55 56.37 -20.05
C ILE D 1368 10.95 56.87 -21.44
N PRO D 1369 10.70 56.07 -22.53
CA PRO D 1369 10.94 56.56 -23.89
C PRO D 1369 10.09 57.78 -24.23
N GLY D 1370 10.69 58.71 -24.95
CA GLY D 1370 9.97 59.92 -25.29
C GLY D 1370 10.93 60.95 -25.82
N GLY D 1371 10.35 62.04 -26.29
CA GLY D 1371 11.18 63.08 -26.88
C GLY D 1371 10.38 64.32 -27.14
N PHE D 1372 11.10 65.35 -27.59
CA PHE D 1372 10.51 66.66 -27.87
C PHE D 1372 9.59 66.63 -29.07
N VAL D 1373 8.50 67.40 -28.96
CA VAL D 1373 7.52 67.49 -30.05
C VAL D 1373 8.10 68.35 -31.17
N ASP D 1374 8.17 67.76 -32.37
CA ASP D 1374 8.69 68.43 -33.56
C ASP D 1374 7.71 69.49 -34.06
N ASN D 1375 8.22 70.38 -34.93
CA ASN D 1375 7.43 71.47 -35.49
C ASN D 1375 6.39 70.94 -36.48
N GLY D 1376 5.15 71.44 -36.36
CA GLY D 1376 4.09 71.05 -37.27
C GLY D 1376 3.44 69.70 -37.01
N GLU D 1377 3.79 69.03 -35.92
CA GLU D 1377 3.24 67.73 -35.58
C GLU D 1377 2.66 67.75 -34.17
N ASP D 1378 1.80 66.78 -33.89
CA ASP D 1378 1.08 66.69 -32.64
C ASP D 1378 1.70 65.61 -31.75
N VAL D 1379 1.12 65.44 -30.55
CA VAL D 1379 1.59 64.48 -29.54
C VAL D 1379 1.37 63.03 -29.98
N ALA D 1380 0.31 62.79 -30.79
CA ALA D 1380 -0.10 61.49 -31.34
C ALA D 1380 0.99 60.83 -32.19
N LEU D 1381 1.51 61.58 -33.16
CA LEU D 1381 2.61 61.11 -34.01
C LEU D 1381 3.90 60.96 -33.22
N THR D 1382 4.17 61.95 -32.33
CA THR D 1382 5.43 62.09 -31.58
C THR D 1382 5.69 60.95 -30.61
N SER D 1383 4.65 60.57 -29.82
CA SER D 1383 4.70 59.51 -28.79
C SER D 1383 5.04 58.15 -29.40
N GLY D 1384 4.28 57.80 -30.46
CA GLY D 1384 4.48 56.57 -31.20
C GLY D 1384 5.82 56.50 -31.91
N ARG D 1385 6.20 57.61 -32.60
CA ARG D 1385 7.45 57.72 -33.37
C ARG D 1385 8.70 57.61 -32.50
N GLU D 1386 8.69 58.30 -31.33
CA GLU D 1386 9.81 58.23 -30.38
C GLU D 1386 9.91 56.85 -29.74
N PHE D 1387 8.80 56.17 -29.51
CA PHE D 1387 8.81 54.80 -28.92
C PHE D 1387 9.37 53.81 -29.93
N MET D 1388 8.99 53.91 -31.19
CA MET D 1388 9.60 53.02 -32.21
C MET D 1388 11.09 53.31 -32.42
N GLU D 1389 11.48 54.60 -32.44
CA GLU D 1389 12.89 54.97 -32.64
C GLU D 1389 13.77 54.57 -31.45
N GLU D 1390 13.32 54.80 -30.22
CA GLU D 1390 14.19 54.59 -29.07
C GLU D 1390 14.08 53.18 -28.47
N ALA D 1391 12.87 52.77 -28.09
CA ALA D 1391 12.65 51.47 -27.44
C ALA D 1391 12.77 50.31 -28.43
N LEU D 1392 12.29 50.49 -29.66
CA LEU D 1392 12.27 49.41 -30.64
C LEU D 1392 13.41 49.50 -31.64
N GLY D 1393 14.03 50.67 -31.81
CA GLY D 1393 15.07 50.85 -32.80
C GLY D 1393 14.65 50.84 -34.26
N MET D 1394 13.41 51.26 -34.54
CA MET D 1394 12.82 51.17 -35.90
C MET D 1394 13.26 52.29 -36.84
N GLY D 1395 14.12 53.19 -36.43
CA GLY D 1395 14.67 54.23 -37.29
C GLY D 1395 15.76 53.72 -38.22
N THR D 1396 16.93 53.40 -37.67
CA THR D 1396 18.04 52.93 -38.47
C THR D 1396 18.82 51.81 -37.78
N SER D 1397 18.16 51.03 -36.91
CA SER D 1397 18.91 50.03 -36.15
C SER D 1397 18.22 48.66 -36.04
N ALA D 1398 17.21 48.39 -36.86
CA ALA D 1398 16.51 47.10 -36.80
C ALA D 1398 15.92 46.77 -38.16
N ASP D 1399 15.67 45.48 -38.38
CA ASP D 1399 15.06 45.01 -39.61
C ASP D 1399 13.57 45.36 -39.64
N LEU D 1400 13.00 45.36 -40.85
CA LEU D 1400 11.58 45.68 -41.08
C LEU D 1400 10.62 44.65 -40.49
N MET D 1401 9.57 45.15 -39.84
CA MET D 1401 8.57 44.31 -39.21
C MET D 1401 7.64 43.66 -40.24
N SER D 1402 7.08 42.52 -39.85
CA SER D 1402 6.10 41.79 -40.64
C SER D 1402 4.76 42.55 -40.69
N ALA D 1403 3.95 42.20 -41.68
CA ALA D 1403 2.62 42.82 -41.91
C ALA D 1403 1.60 42.57 -40.80
N GLU D 1404 1.76 41.50 -40.01
CA GLU D 1404 0.86 41.24 -38.88
C GLU D 1404 1.37 41.86 -37.58
N SER D 1405 2.68 41.99 -37.41
CA SER D 1405 3.28 42.67 -36.26
C SER D 1405 2.99 44.16 -36.26
N LYS D 1406 3.00 44.79 -37.45
CA LYS D 1406 2.61 46.21 -37.61
C LYS D 1406 1.14 46.43 -37.25
N ASP D 1407 0.26 45.49 -37.64
CA ASP D 1407 -1.16 45.54 -37.28
C ASP D 1407 -1.36 45.36 -35.77
N SER D 1408 -0.56 44.46 -35.15
CA SER D 1408 -0.57 44.25 -33.70
C SER D 1408 -0.12 45.50 -32.94
N LEU D 1409 0.95 46.15 -33.42
CA LEU D 1409 1.48 47.38 -32.83
C LEU D 1409 0.49 48.54 -33.00
N ALA D 1410 -0.19 48.60 -34.16
CA ALA D 1410 -1.24 49.58 -34.44
C ALA D 1410 -2.45 49.37 -33.55
N ALA D 1411 -2.81 48.09 -33.30
CA ALA D 1411 -3.88 47.74 -32.36
C ALA D 1411 -3.53 48.15 -30.93
N LEU D 1412 -2.27 47.96 -30.54
CA LEU D 1412 -1.75 48.41 -29.25
C LEU D 1412 -1.79 49.93 -29.11
N PHE D 1413 -1.44 50.63 -30.18
CA PHE D 1413 -1.33 52.09 -30.17
C PHE D 1413 -2.64 52.82 -30.41
N SER D 1414 -3.72 52.09 -30.69
CA SER D 1414 -5.00 52.74 -30.96
C SER D 1414 -5.78 53.11 -29.71
N SER D 1415 -5.40 52.62 -28.54
CA SER D 1415 -6.11 52.90 -27.29
C SER D 1415 -5.12 53.46 -26.28
N GLY D 1416 -4.93 54.77 -26.30
CA GLY D 1416 -4.05 55.45 -25.37
C GLY D 1416 -4.79 56.54 -24.61
N THR D 1417 -4.44 56.69 -23.33
CA THR D 1417 -5.05 57.68 -22.46
C THR D 1417 -3.97 58.63 -21.97
N ILE D 1418 -4.22 59.94 -22.12
CA ILE D 1418 -3.31 60.95 -21.62
C ILE D 1418 -3.51 61.02 -20.11
N VAL D 1419 -2.52 60.55 -19.35
CA VAL D 1419 -2.69 60.45 -17.91
C VAL D 1419 -2.25 61.73 -17.18
N ALA D 1420 -1.26 62.46 -17.71
CA ALA D 1420 -0.75 63.66 -17.05
C ALA D 1420 -0.14 64.59 -18.07
N ARG D 1421 -0.12 65.88 -17.72
CA ARG D 1421 0.58 66.92 -18.47
C ARG D 1421 1.25 67.81 -17.42
N ILE D 1422 2.51 67.51 -17.10
CA ILE D 1422 3.15 68.10 -15.92
C ILE D 1422 4.46 68.77 -16.33
N TYR D 1423 5.08 69.46 -15.37
CA TYR D 1423 6.38 70.13 -15.59
C TYR D 1423 7.43 69.09 -15.30
N CYS D 1424 8.57 69.16 -15.96
CA CYS D 1424 9.56 68.08 -15.81
C CYS D 1424 10.77 68.54 -15.01
N GLU D 1425 11.13 67.80 -13.97
CA GLU D 1425 12.30 68.08 -13.13
C GLU D 1425 13.54 67.60 -13.88
N ASP D 1426 13.77 68.10 -15.06
CA ASP D 1426 14.84 67.90 -16.01
C ASP D 1426 16.02 68.81 -15.65
N PRO D 1427 17.24 68.26 -15.48
CA PRO D 1427 18.42 69.12 -15.17
C PRO D 1427 18.83 70.16 -16.25
N ARG D 1428 18.36 70.04 -17.51
CA ARG D 1428 18.64 70.99 -18.58
C ARG D 1428 17.73 72.21 -18.56
N ASN D 1429 16.75 72.26 -17.65
CA ASN D 1429 15.80 73.37 -17.55
C ASN D 1429 16.48 74.67 -17.12
N THR D 1430 16.06 75.78 -17.71
CA THR D 1430 16.54 77.10 -17.30
C THR D 1430 15.36 78.01 -16.98
N ASP D 1431 15.64 79.29 -16.74
CA ASP D 1431 14.60 80.28 -16.47
C ASP D 1431 13.85 80.72 -17.72
N ASN D 1432 14.43 80.52 -18.91
CA ASN D 1432 13.82 80.95 -20.15
C ASN D 1432 13.50 79.79 -21.09
N ALA D 1433 13.76 78.55 -20.68
CA ALA D 1433 13.45 77.36 -21.46
C ALA D 1433 13.29 76.20 -20.50
N TRP D 1434 12.12 75.59 -20.51
CA TRP D 1434 11.83 74.48 -19.60
C TRP D 1434 11.03 73.41 -20.33
N VAL D 1435 11.19 72.17 -19.91
CA VAL D 1435 10.53 71.03 -20.54
C VAL D 1435 9.23 70.75 -19.80
N GLU D 1436 8.12 70.64 -20.54
CA GLU D 1436 6.84 70.21 -20.00
C GLU D 1436 6.35 69.01 -20.78
N THR D 1437 5.90 67.97 -20.07
CA THR D 1437 5.63 66.69 -20.70
C THR D 1437 4.14 66.36 -20.71
N THR D 1438 3.74 65.72 -21.80
CA THR D 1438 2.45 65.06 -21.91
C THR D 1438 2.75 63.57 -21.91
N CYS D 1439 2.12 62.84 -20.99
CA CYS D 1439 2.37 61.42 -20.81
C CYS D 1439 1.21 60.62 -21.41
N VAL D 1440 1.54 59.67 -22.29
CA VAL D 1440 0.54 58.83 -22.94
C VAL D 1440 0.80 57.39 -22.51
N ASN D 1441 -0.22 56.74 -21.96
CA ASN D 1441 -0.12 55.39 -21.45
C ASN D 1441 -0.80 54.44 -22.43
N PHE D 1442 -0.08 53.44 -22.90
CA PHE D 1442 -0.63 52.38 -23.74
C PHE D 1442 -0.61 51.10 -22.91
N HIS D 1443 -1.77 50.70 -22.41
CA HIS D 1443 -1.86 49.57 -21.50
C HIS D 1443 -2.36 48.35 -22.26
N ASP D 1444 -1.69 47.23 -22.07
CA ASP D 1444 -2.08 45.96 -22.66
C ASP D 1444 -2.71 45.07 -21.59
N GLU D 1445 -4.05 45.06 -21.58
CA GLU D 1445 -4.83 44.30 -20.60
C GLU D 1445 -4.64 42.79 -20.77
N SER D 1446 -4.73 42.30 -22.00
CA SER D 1446 -4.54 40.88 -22.26
C SER D 1446 -3.07 40.47 -22.24
N GLY D 1447 -2.17 41.36 -22.66
CA GLY D 1447 -0.77 41.04 -22.75
C GLY D 1447 -0.31 40.45 -24.07
N ARG D 1448 -1.22 40.31 -25.04
CA ARG D 1448 -0.88 39.72 -26.34
C ARG D 1448 0.01 40.63 -27.19
N HIS D 1449 -0.36 41.91 -27.31
CA HIS D 1449 0.37 42.88 -28.12
C HIS D 1449 1.75 43.22 -27.55
N ALA D 1450 1.86 43.28 -26.20
CA ALA D 1450 3.12 43.58 -25.52
C ALA D 1450 4.14 42.47 -25.70
N ALA D 1451 3.70 41.21 -25.73
CA ALA D 1451 4.56 40.04 -25.90
C ALA D 1451 5.19 39.93 -27.29
N ARG D 1452 4.63 40.60 -28.31
CA ARG D 1452 5.15 40.58 -29.66
C ARG D 1452 6.21 41.65 -29.91
N LEU D 1453 6.53 42.46 -28.91
CA LEU D 1453 7.53 43.52 -29.08
C LEU D 1453 8.93 42.95 -28.92
N LYS D 1454 9.79 43.24 -29.88
CA LYS D 1454 11.19 42.82 -29.82
C LYS D 1454 11.99 44.04 -29.38
N LEU D 1455 12.23 44.13 -28.06
CA LEU D 1455 12.88 45.29 -27.48
C LEU D 1455 14.37 45.31 -27.81
N GLN D 1456 14.82 46.42 -28.38
CA GLN D 1456 16.21 46.59 -28.82
C GLN D 1456 16.47 48.09 -28.86
N GLY D 1457 17.38 48.56 -28.00
CA GLY D 1457 17.76 49.97 -27.92
C GLY D 1457 18.36 50.59 -29.18
N GLY D 1458 17.81 51.74 -29.56
CA GLY D 1458 18.26 52.44 -30.75
C GLY D 1458 18.28 53.93 -30.46
N ASP D 1459 18.83 54.61 -31.46
CA ASP D 1459 18.91 56.07 -31.42
C ASP D 1459 19.67 56.47 -30.18
N ASP D 1460 19.03 57.30 -29.41
CA ASP D 1460 19.60 57.89 -28.17
C ASP D 1460 19.20 57.02 -26.98
N ALA D 1461 19.35 55.73 -27.13
CA ALA D 1461 19.14 54.78 -26.04
C ALA D 1461 20.08 53.60 -26.21
N GLU D 1462 20.67 53.14 -25.11
CA GLU D 1462 21.60 52.03 -25.16
C GLU D 1462 20.93 50.66 -25.04
N HIS D 1463 20.13 50.46 -24.01
CA HIS D 1463 19.45 49.20 -23.76
C HIS D 1463 18.01 49.48 -23.35
N ALA D 1464 17.10 48.58 -23.72
CA ALA D 1464 15.68 48.68 -23.39
C ALA D 1464 15.20 47.37 -22.79
N ARG D 1465 14.37 47.45 -21.76
CA ARG D 1465 13.91 46.25 -21.07
C ARG D 1465 12.57 46.49 -20.38
N TRP D 1466 11.86 45.39 -20.13
CA TRP D 1466 10.66 45.43 -19.30
C TRP D 1466 11.08 45.50 -17.84
N MET D 1467 10.63 46.58 -17.19
CA MET D 1467 11.02 46.88 -15.81
C MET D 1467 9.80 46.96 -14.93
N MET D 1468 9.93 46.53 -13.69
CA MET D 1468 8.81 46.55 -12.76
C MET D 1468 8.56 47.95 -12.19
N VAL D 1469 7.29 48.33 -12.05
CA VAL D 1469 6.92 49.65 -11.58
C VAL D 1469 6.72 49.58 -10.07
N HIS D 1470 7.48 50.39 -9.34
CA HIS D 1470 7.31 50.53 -7.89
C HIS D 1470 7.77 51.92 -7.47
N GLY D 1471 7.49 52.27 -6.23
CA GLY D 1471 7.76 53.61 -5.72
C GLY D 1471 9.23 53.90 -5.42
N GLY D 1472 10.08 52.89 -5.37
CA GLY D 1472 11.48 53.08 -5.07
C GLY D 1472 12.38 53.19 -6.30
N LEU D 1473 11.78 53.46 -7.46
CA LEU D 1473 12.52 53.53 -8.71
C LEU D 1473 13.35 54.81 -8.79
N ASN D 1474 14.57 54.67 -9.30
CA ASN D 1474 15.45 55.81 -9.49
C ASN D 1474 15.54 56.07 -10.99
N LEU D 1475 14.69 56.95 -11.49
CA LEU D 1475 14.61 57.25 -12.90
C LEU D 1475 14.97 58.70 -13.17
N PHE D 1476 15.20 58.97 -14.46
CA PHE D 1476 15.59 60.29 -14.94
C PHE D 1476 14.40 61.23 -14.84
N ALA D 1477 14.67 62.48 -14.42
CA ALA D 1477 13.77 63.67 -14.33
C ALA D 1477 12.57 63.35 -13.44
N SER D 1478 11.34 63.69 -13.83
CA SER D 1478 10.15 63.45 -13.02
C SER D 1478 9.35 62.28 -13.56
N HIS D 1479 10.02 61.24 -14.07
CA HIS D 1479 9.34 60.05 -14.61
C HIS D 1479 8.67 59.18 -13.55
N ARG D 1480 9.14 59.26 -12.28
CA ARG D 1480 8.48 58.60 -11.16
C ARG D 1480 7.08 59.15 -10.90
N THR D 1481 6.92 60.47 -11.07
CA THR D 1481 5.63 61.17 -10.99
C THR D 1481 4.69 60.71 -12.12
N LEU D 1482 5.26 60.52 -13.33
CA LEU D 1482 4.53 60.01 -14.50
C LEU D 1482 4.04 58.58 -14.28
N LEU D 1483 4.91 57.73 -13.70
CA LEU D 1483 4.57 56.35 -13.36
C LEU D 1483 3.54 56.27 -12.23
N GLN D 1484 3.61 57.23 -11.29
CA GLN D 1484 2.63 57.40 -10.22
C GLN D 1484 1.25 57.71 -10.79
N HIS D 1485 1.20 58.59 -11.80
CA HIS D 1485 -0.04 58.94 -12.52
C HIS D 1485 -0.62 57.75 -13.28
N VAL D 1486 0.26 56.94 -13.93
CA VAL D 1486 -0.15 55.71 -14.66
C VAL D 1486 -0.75 54.68 -13.70
N THR D 1487 -0.08 54.44 -12.54
CA THR D 1487 -0.57 53.49 -11.54
C THR D 1487 -1.81 54.01 -10.82
N SER D 1488 -1.92 55.34 -10.64
CA SER D 1488 -3.11 55.93 -10.05
C SER D 1488 -4.32 55.73 -10.95
N ALA D 1489 -4.12 55.90 -12.28
CA ALA D 1489 -5.18 55.71 -13.26
C ALA D 1489 -5.59 54.24 -13.40
N LEU D 1490 -4.64 53.31 -13.30
CA LEU D 1490 -4.91 51.89 -13.50
C LEU D 1490 -5.16 51.10 -12.22
N ASN D 1491 -5.09 51.76 -11.05
CA ASN D 1491 -5.23 51.21 -9.68
C ASN D 1491 -4.22 50.08 -9.42
N ALA D 1492 -2.98 50.36 -9.82
CA ALA D 1492 -1.86 49.45 -9.70
C ALA D 1492 -0.98 49.80 -8.49
N TYR D 1493 -0.06 48.89 -8.18
CA TYR D 1493 0.87 49.05 -7.07
C TYR D 1493 1.90 50.13 -7.36
N PHE D 1494 2.19 50.98 -6.38
CA PHE D 1494 3.27 51.99 -6.49
C PHE D 1494 3.76 52.27 -5.09
C1 RP5 E . -12.86 61.14 28.96
O4 RP5 E . -11.83 61.66 29.94
C2 RP5 E . -12.10 61.27 27.55
O2 RP5 E . -12.55 60.16 26.63
C3 RP5 E . -10.89 61.22 27.80
O3 RP5 E . -10.27 60.00 27.24
C4 RP5 E . -10.72 61.21 29.46
C5 RP5 E . -9.58 62.08 29.87
O5 RP5 E . -8.49 61.27 30.19
P' RP5 E . -7.40 61.84 31.27
O1X RP5 E . -6.11 61.08 31.15
O2X RP5 E . -7.95 61.71 32.66
O3X RP5 E . -7.15 63.30 30.96
O1 RP5 E . -13.89 61.87 28.98
P AMP F . -5.88 62.48 35.43
O1P AMP F . -6.11 61.20 34.66
O2P AMP F . -6.92 62.69 36.50
O3P AMP F . -4.45 62.58 35.96
O5' AMP F . -6.06 63.70 34.39
C5' AMP F . -5.00 63.98 33.43
C4' AMP F . -4.29 65.26 33.82
O4' AMP F . -4.48 66.26 32.79
C3' AMP F . -4.80 65.97 35.08
O3' AMP F . -4.24 65.40 36.25
C2' AMP F . -4.26 67.39 34.86
O2' AMP F . -2.96 67.53 35.37
C1' AMP F . -4.24 67.53 33.34
N9 AMP F . -5.19 68.48 32.79
C8 AMP F . -4.94 69.35 31.76
N7 AMP F . -5.97 70.09 31.43
C5 AMP F . -6.97 69.67 32.29
C6 AMP F . -8.31 70.07 32.43
N6 AMP F . -8.88 71.01 31.69
N1 AMP F . -9.05 69.46 33.38
C2 AMP F . -8.46 68.51 34.13
N3 AMP F . -7.22 68.05 34.08
C4 AMP F . -6.51 68.67 33.13
MG MG G . 49.52 -30.83 23.39
MG MG H . 33.21 7.02 14.10
MG MG I . -5.04 60.05 29.62
MG MG J . -4.40 63.92 30.65
C1 CLR K . 47.84 -57.26 32.24
C2 CLR K . 48.01 -58.75 32.53
C3 CLR K . 47.72 -59.06 33.97
C4 CLR K . 46.30 -58.65 34.29
C5 CLR K . 46.08 -57.19 33.98
C6 CLR K . 45.62 -56.37 34.92
C7 CLR K . 45.17 -54.96 34.69
C8 CLR K . 45.22 -54.56 33.21
C9 CLR K . 46.46 -55.17 32.54
C10 CLR K . 46.44 -56.72 32.58
C11 CLR K . 46.67 -54.62 31.12
C12 CLR K . 46.63 -53.08 31.05
C13 CLR K . 45.34 -52.52 31.65
C14 CLR K . 45.25 -53.05 33.08
C15 CLR K . 44.12 -52.24 33.72
C16 CLR K . 44.25 -50.86 33.06
C17 CLR K . 45.28 -50.99 31.91
C18 CLR K . 44.13 -52.95 30.80
C19 CLR K . 45.42 -57.30 31.59
C20 CLR K . 44.97 -50.03 30.75
C21 CLR K . 46.24 -49.46 30.12
C22 CLR K . 44.04 -48.91 31.24
C23 CLR K . 44.24 -47.56 30.58
C24 CLR K . 43.29 -47.29 29.45
C25 CLR K . 43.44 -45.91 28.78
C26 CLR K . 42.62 -45.81 27.52
C27 CLR K . 43.06 -44.80 29.75
O1 CLR K . 47.91 -60.46 34.23
C1 CLR L . 9.55 -72.52 18.59
C2 CLR L . 10.05 -73.75 19.35
C3 CLR L . 11.27 -74.34 18.71
C4 CLR L . 12.36 -73.30 18.64
C5 CLR L . 11.89 -72.09 17.87
C6 CLR L . 12.54 -71.67 16.80
C7 CLR L . 12.27 -70.39 16.08
C8 CLR L . 11.21 -69.54 16.75
C9 CLR L . 10.09 -70.42 17.32
C10 CLR L . 10.61 -71.43 18.38
C11 CLR L . 8.92 -69.58 17.84
C12 CLR L . 8.38 -68.61 16.79
C13 CLR L . 9.48 -67.67 16.27
C14 CLR L . 10.61 -68.57 15.74
C15 CLR L . 11.52 -67.62 14.99
C16 CLR L . 10.54 -66.65 14.32
C17 CLR L . 9.15 -66.87 14.98
C18 CLR L . 9.96 -66.74 17.39
C19 CLR L . 10.91 -70.74 19.72
C20 CLR L . 8.34 -65.57 15.03
C21 CLR L . 6.90 -65.78 15.52
C22 CLR L . 8.34 -64.90 13.66
C23 CLR L . 7.92 -63.47 13.65
C24 CLR L . 7.66 -62.95 12.27
C25 CLR L . 8.17 -61.55 11.99
C26 CLR L . 7.44 -60.92 10.83
C27 CLR L . 8.09 -60.68 13.23
O1 CLR L . 11.73 -75.47 19.46
C1 CLR M . 6.53 -74.77 25.42
C2 CLR M . 6.87 -76.25 25.44
C3 CLR M . 6.78 -76.83 24.05
C4 CLR M . 7.78 -76.12 23.17
C5 CLR M . 7.49 -74.64 23.11
C6 CLR M . 7.29 -74.04 21.95
C7 CLR M . 7.08 -72.56 21.76
C8 CLR M . 7.20 -71.76 23.05
C9 CLR M . 6.65 -72.57 24.23
C10 CLR M . 7.38 -73.92 24.45
C11 CLR M . 6.58 -71.73 25.51
C12 CLR M . 5.77 -70.44 25.31
C13 CLR M . 6.35 -69.59 24.18
C14 CLR M . 6.38 -70.47 22.93
C15 CLR M . 6.70 -69.50 21.79
C16 CLR M . 5.94 -68.22 22.20
C17 CLR M . 5.47 -68.41 23.67
C18 CLR M . 7.75 -69.06 24.54
C19 CLR M . 8.80 -73.75 25.01
C20 CLR M . 5.41 -67.10 24.46
C21 CLR M . 4.77 -67.23 25.83
C22 CLR M . 4.70 -66.01 23.65
C23 CLR M . 4.57 -64.69 24.40
C24 CLR M . 4.22 -63.53 23.51
C25 CLR M . 4.29 -62.16 24.17
C26 CLR M . 3.27 -62.04 25.30
C27 CLR M . 5.69 -61.89 24.70
O1 CLR M . 7.03 -78.24 24.08
MG MG N . 26.12 -60.38 8.92
C1 RP5 O . -56.90 38.51 4.74
O4 RP5 O . -57.83 38.20 5.87
C2 RP5 O . -55.63 39.18 5.47
O2 RP5 O . -54.38 38.83 4.71
C3 RP5 O . -55.63 38.73 6.64
O3 RP5 O . -54.46 37.87 6.89
C4 RP5 O . -57.01 37.83 6.81
C5 RP5 O . -57.62 38.09 8.15
O5 RP5 O . -57.33 37.00 8.98
P' RP5 O . -58.37 36.69 10.22
O1X RP5 O . -57.70 35.82 11.24
O2X RP5 O . -59.59 35.98 9.67
O3X RP5 O . -58.78 37.99 10.84
O1 RP5 O . -57.42 39.34 3.94
P AMP P . -62.01 34.71 11.92
O1P AMP P . -60.75 34.11 11.34
O2P AMP P . -63.21 34.58 11.00
O3P AMP P . -62.29 34.22 13.33
O5' AMP P . -61.75 36.31 12.06
C5' AMP P . -60.91 36.80 13.14
C4' AMP P . -61.75 37.49 14.18
O4' AMP P . -61.39 38.89 14.25
C3' AMP P . -63.26 37.56 13.90
O3' AMP P . -63.91 36.35 14.30
C2' AMP P . -63.69 38.71 14.80
O2' AMP P . -64.01 38.27 16.10
C1' AMP P . -62.45 39.61 14.84
N9 AMP P . -62.59 40.89 14.16
C8 AMP P . -62.11 42.08 14.62
N7 AMP P . -62.34 43.09 13.83
C5 AMP P . -63.04 42.53 12.77
C6 AMP P . -63.56 43.09 11.59
N6 AMP P . -63.48 44.38 11.28
N1 AMP P . -64.19 42.26 10.73
C2 AMP P . -64.27 40.96 11.05
N3 AMP P . -63.81 40.32 12.12
C4 AMP P . -63.19 41.17 12.95
MG MG Q . 2.80 -48.64 39.72
MG MG R . -10.39 -8.88 34.12
MG MG S . -55.71 35.52 11.96
MG MG T . -58.40 38.04 13.65
C1 CLR U . 7.98 -74.67 31.11
C2 CLR U . 8.49 -76.09 30.87
C3 CLR U . 7.36 -77.04 30.54
C4 CLR U . 6.67 -76.54 29.29
C5 CLR U . 6.17 -75.13 29.46
C6 CLR U . 4.89 -74.83 29.26
C7 CLR U . 4.34 -73.44 29.20
C8 CLR U . 5.40 -72.37 29.33
C9 CLR U . 6.47 -72.80 30.35
C10 CLR U . 7.20 -74.09 29.91
C11 CLR U . 7.44 -71.65 30.67
C12 CLR U . 6.75 -70.34 31.05
C13 CLR U . 5.76 -69.90 29.97
C14 CLR U . 4.77 -71.06 29.77
C15 CLR U . 3.66 -70.46 28.91
C16 CLR U . 3.56 -69.00 29.39
C17 CLR U . 4.78 -68.75 30.33
C18 CLR U . 6.50 -69.54 28.68
C19 CLR U . 8.18 -73.84 28.74
C20 CLR U . 5.25 -67.29 30.27
C21 CLR U . 5.70 -66.78 31.63
C22 CLR U . 4.14 -66.41 29.70
C23 CLR U . 4.07 -65.00 30.24
C24 CLR U . 4.75 -63.98 29.37
C25 CLR U . 4.66 -62.54 29.87
C26 CLR U . 5.57 -61.61 29.09
C27 CLR U . 3.22 -62.02 29.83
O1 CLR U . 7.86 -78.37 30.34
C1 CLR V . 21.26 -71.72 -10.13
C2 CLR V . 21.28 -73.23 -9.97
C3 CLR V . 22.31 -73.66 -8.97
C4 CLR V . 22.03 -73.00 -7.64
C5 CLR V . 22.02 -71.50 -7.78
C6 CLR V . 22.83 -70.75 -7.06
C7 CLR V . 22.77 -69.26 -6.98
C8 CLR V . 21.61 -68.66 -7.77
C9 CLR V . 21.39 -69.44 -9.07
C10 CLR V . 21.06 -70.94 -8.82
C11 CLR V . 20.35 -68.75 -9.96
C12 CLR V . 20.68 -67.28 -10.23
C13 CLR V . 20.84 -66.48 -8.93
C14 CLR V . 21.91 -67.21 -8.11
C15 CLR V . 22.23 -66.23 -6.98
C16 CLR V . 22.17 -64.86 -7.67
C17 CLR V . 21.50 -65.09 -9.05
C18 CLR V . 19.50 -66.39 -8.19
C19 CLR V . 19.62 -71.13 -8.32
C20 CLR V . 20.69 -63.86 -9.48
C21 CLR V . 20.16 -63.95 -10.91
C22 CLR V . 21.53 -62.59 -9.33
C23 CLR V . 20.78 -61.31 -9.34
C24 CLR V . 21.66 -60.11 -9.48
C25 CLR V . 21.29 -58.92 -8.61
C26 CLR V . 21.86 -57.63 -9.16
C27 CLR V . 19.79 -58.82 -8.43
O1 CLR V . 22.29 -75.08 -8.82
C1 CLR W . 16.04 -76.41 -13.53
C2 CLR W . 16.81 -77.73 -13.60
C3 CLR W . 18.26 -77.47 -13.87
C4 CLR W . 18.83 -76.66 -12.73
C5 CLR W . 18.11 -75.33 -12.61
C6 CLR W . 18.77 -74.19 -12.66
C7 CLR W . 18.18 -72.83 -12.46
C8 CLR W . 16.69 -72.85 -12.11
C9 CLR W . 16.00 -74.01 -12.84
C10 CLR W . 16.58 -75.40 -12.50
C11 CLR W . 14.48 -73.96 -12.66
C12 CLR W . 13.89 -72.61 -13.08
C13 CLR W . 14.53 -71.45 -12.32
C14 CLR W . 16.04 -71.55 -12.55
C15 CLR W . 16.58 -70.22 -12.00
C16 CLR W . 15.48 -69.20 -12.38
C17 CLR W . 14.25 -70.02 -12.86
C18 CLR W . 14.17 -71.51 -10.82
C19 CLR W . 16.24 -75.86 -11.07
C20 CLR W . 12.91 -69.33 -12.54
C21 CLR W . 11.70 -70.00 -13.17
C22 CLR W . 12.96 -67.85 -12.94
C23 CLR W . 11.66 -67.12 -12.70
C24 CLR W . 11.79 -65.62 -12.74
C25 CLR W . 10.56 -64.84 -12.29
C26 CLR W . 9.38 -65.09 -13.21
C27 CLR W . 10.18 -65.20 -10.85
O1 CLR W . 18.98 -78.71 -14.01
C1 RP5 X . -31.81 42.12 -44.23
O4 RP5 X . -32.78 41.49 -45.19
C2 RP5 X . -32.57 42.02 -42.82
O2 RP5 X . -31.57 41.84 -41.72
C3 RP5 X . -33.34 41.04 -42.92
O3 RP5 X . -32.96 39.94 -42.02
C4 RP5 X . -33.28 40.51 -44.49
C5 RP5 X . -34.64 40.18 -44.98
O5 RP5 X . -34.78 38.78 -44.98
P' RP5 X . -35.83 38.12 -46.05
O1X RP5 X . -36.18 36.71 -45.61
O2X RP5 X . -35.21 38.09 -47.41
O3X RP5 X . -37.08 38.96 -46.07
O1 RP5 X . -31.61 43.34 -44.53
P AMP Y . -36.90 36.42 -50.05
O1P AMP Y . -35.90 35.94 -49.01
O2P AMP Y . -36.22 37.05 -51.24
O3P AMP Y . -37.90 35.35 -50.43
O5' AMP Y . -37.76 37.61 -49.36
C5' AMP Y . -38.79 37.27 -48.40
C4' AMP Y . -40.15 37.49 -49.01
O4' AMP Y . -40.84 38.54 -48.28
C3' AMP Y . -40.18 38.03 -50.45
O3' AMP Y . -40.03 36.97 -51.38
C2' AMP Y . -41.59 38.62 -50.53
O2' AMP Y . -42.53 37.65 -50.93
C1' AMP Y . -41.87 39.06 -49.09
N9 AMP Y . -41.94 40.50 -48.89
C8 AMP Y . -42.85 41.14 -48.09
N7 AMP Y . -42.70 42.44 -48.07
C5 AMP Y . -41.62 42.68 -48.89
C6 AMP Y . -40.97 43.86 -49.28
N6 AMP Y . -41.33 45.07 -48.84
N1 AMP Y . -39.92 43.75 -50.12
C2 AMP Y . -39.57 42.54 -50.54
N3 AMP Y . -40.10 41.36 -50.25
C4 AMP Y . -41.14 41.49 -49.42
MG MG Z . -9.66 -61.34 -9.77
MG MG AA . -26.46 -22.62 -11.79
MG MG BA . -36.35 35.66 -43.77
MG MG CA . -39.45 37.47 -45.63
C1 CLR DA . 11.34 -79.59 -12.01
C2 CLR DA . 12.33 -80.76 -11.91
C3 CLR DA . 12.90 -81.12 -13.26
C4 CLR DA . 13.62 -79.91 -13.81
C5 CLR DA . 12.69 -78.71 -13.90
C6 CLR DA . 12.53 -78.08 -15.05
C7 CLR DA . 11.81 -76.77 -15.21
C8 CLR DA . 11.33 -76.19 -13.89
C9 CLR DA . 10.83 -77.31 -12.96
C10 CLR DA . 11.96 -78.31 -12.62
C11 CLR DA . 10.15 -76.74 -11.71
C12 CLR DA . 9.07 -75.71 -12.02
C13 CLR DA . 9.63 -74.56 -12.86
C14 CLR DA . 10.21 -75.19 -14.14
C15 CLR DA . 10.48 -74.00 -15.06
C16 CLR DA . 9.34 -73.02 -14.75
C17 CLR DA . 8.60 -73.57 -13.50
C18 CLR DA . 10.67 -73.77 -12.08
C19 CLR DA . 12.99 -77.72 -11.63
C20 CLR DA . 8.01 -72.44 -12.65
C21 CLR DA . 6.66 -72.83 -12.05
C22 CLR DA . 7.89 -71.17 -13.49
C23 CLR DA . 6.73 -70.27 -13.17
C24 CLR DA . 7.07 -69.13 -12.25
C25 CLR DA . 5.91 -68.17 -11.93
C26 CLR DA . 6.27 -67.21 -10.81
C27 CLR DA . 5.47 -67.40 -13.17
O1 CLR DA . 13.80 -82.23 -13.13
C1 CLR EA . 47.27 -58.83 0.83
C2 CLR EA . 47.88 -60.19 0.45
C3 CLR EA . 47.39 -61.29 1.34
C4 CLR EA . 45.89 -61.37 1.27
C5 CLR EA . 45.27 -60.05 1.66
C6 CLR EA . 44.41 -59.98 2.67
C7 CLR EA . 43.60 -58.77 3.01
C8 CLR EA . 43.78 -57.62 2.05
C9 CLR EA . 45.26 -57.55 1.60
C10 CLR EA . 45.72 -58.83 0.87
C11 CLR EA . 45.52 -56.28 0.76
C12 CLR EA . 45.09 -55.00 1.48
C13 CLR EA . 43.60 -55.04 1.87
C14 CLR EA . 43.41 -56.31 2.72
C15 CLR EA . 42.02 -56.15 3.31
C16 CLR EA . 41.93 -54.65 3.61
C17 CLR EA . 43.11 -53.97 2.88
C18 CLR EA . 42.71 -55.05 0.62
C19 CLR EA . 45.17 -58.93 -0.56
C20 CLR EA . 42.76 -52.56 2.43
C21 CLR EA . 43.95 -51.77 1.86
C22 CLR EA . 42.13 -51.77 3.59
C23 CLR EA . 41.39 -50.54 3.20
C24 CLR EA . 41.06 -49.67 4.38
C25 CLR EA . 39.67 -49.05 4.36
C26 CLR EA . 39.60 -47.83 5.25
C27 CLR EA . 39.23 -48.73 2.94
O1 CLR EA . 47.96 -62.53 0.94
C1 CLR FA . 51.67 -59.82 -5.53
C2 CLR FA . 52.51 -61.03 -5.15
C3 CLR FA . 52.84 -61.01 -3.68
C4 CLR FA . 51.55 -61.04 -2.90
C5 CLR FA . 50.69 -59.85 -3.23
C6 CLR FA . 50.27 -59.03 -2.28
C7 CLR FA . 49.33 -57.87 -2.48
C8 CLR FA . 48.82 -57.74 -3.90
C9 CLR FA . 49.90 -58.17 -4.90
C10 CLR FA . 50.39 -59.62 -4.71
C11 CLR FA . 49.49 -57.88 -6.35
C12 CLR FA . 49.10 -56.41 -6.56
C13 CLR FA . 47.97 -55.99 -5.62
C14 CLR FA . 48.45 -56.28 -4.19
C15 CLR FA . 47.41 -55.60 -3.30
C16 CLR FA . 47.06 -54.32 -4.09
C17 CLR FA . 47.69 -54.47 -5.50
C18 CLR FA . 46.66 -56.74 -5.95
C19 CLR FA . 49.34 -60.67 -5.14
C20 CLR FA . 46.86 -53.77 -6.59
C21 CLR FA . 47.55 -53.72 -7.95
C22 CLR FA . 46.49 -52.34 -6.16
C23 CLR FA . 45.72 -51.57 -7.21
C24 CLR FA . 45.04 -50.34 -6.67
C25 CLR FA . 44.08 -49.66 -7.64
C26 CLR FA . 44.81 -49.12 -8.87
C27 CLR FA . 42.97 -50.61 -8.07
O1 CLR FA . 53.68 -62.12 -3.33
C1 CLR GA . 35.56 -59.65 29.55
C2 CLR GA . 36.64 -60.70 29.77
C3 CLR GA . 36.35 -61.98 29.02
C4 CLR GA . 36.21 -61.66 27.54
C5 CLR GA . 35.13 -60.63 27.30
C6 CLR GA . 34.10 -60.90 26.52
C7 CLR GA . 33.09 -59.91 26.07
C8 CLR GA . 33.38 -58.49 26.55
C9 CLR GA . 33.96 -58.52 27.98
C10 CLR GA . 35.28 -59.32 28.07
C11 CLR GA . 34.08 -57.11 28.56
C12 CLR GA . 32.77 -56.32 28.49
C13 CLR GA . 32.24 -56.23 27.07
C14 CLR GA . 32.09 -57.68 26.56
C15 CLR GA . 31.31 -57.54 25.26
C16 CLR GA . 30.30 -56.44 25.59
C17 CLR GA . 30.76 -55.76 26.91
C18 CLR GA . 33.17 -55.39 26.18
C19 CLR GA . 36.46 -58.55 27.48
C20 CLR GA . 30.40 -54.26 26.94
C21 CLR GA . 30.69 -53.60 28.28
C22 CLR GA . 28.93 -54.09 26.57
C23 CLR GA . 28.52 -52.69 26.18
C24 CLR GA . 27.04 -52.52 26.12
C25 CLR GA . 26.54 -51.68 24.95
C26 CLR GA . 25.16 -51.11 25.24
C27 CLR GA . 27.52 -50.58 24.59
O1 CLR GA . 37.40 -62.92 29.22
C1 CLR HA . 42.17 -58.17 33.41
C2 CLR HA . 42.57 -59.56 33.89
C3 CLR HA . 41.35 -60.37 34.24
C4 CLR HA . 40.49 -60.52 33.00
C5 CLR HA . 40.06 -59.16 32.49
C6 CLR HA . 38.78 -58.87 32.32
C7 CLR HA . 38.23 -57.61 31.74
C8 CLR HA . 39.31 -56.65 31.25
C9 CLR HA . 40.54 -56.73 32.16
C10 CLR HA . 41.17 -58.15 32.23
C11 CLR HA . 41.57 -55.65 31.81
C12 CLR HA . 40.97 -54.25 31.83
C13 CLR HA . 39.78 -54.13 30.87
C14 CLR HA . 38.78 -55.22 31.28
C15 CLR HA . 37.53 -54.87 30.48
C16 CLR HA . 37.52 -53.33 30.48
C17 CLR HA . 38.90 -52.87 31.03
C18 CLR HA . 40.23 -54.29 29.41
C19 CLR HA . 41.89 -58.55 30.93
C20 CLR HA . 39.35 -51.53 30.40
C21 CLR HA . 40.60 -50.95 31.04
C22 CLR HA . 38.23 -50.50 30.43
C23 CLR HA . 38.63 -49.15 29.88
C24 CLR HA . 37.46 -48.26 29.57
C25 CLR HA . 37.81 -46.98 28.81
C26 CLR HA . 38.70 -46.07 29.64
C27 CLR HA . 38.47 -47.29 27.48
O1 CLR HA . 41.72 -61.65 34.75
C1 RP5 IA . 12.23 64.76 -19.99
O4 RP5 IA . 13.22 64.95 -21.11
C2 RP5 IA . 10.96 64.11 -20.73
O2 RP5 IA . 10.26 63.17 -19.79
C3 RP5 IA . 11.41 63.53 -21.74
O3 RP5 IA . 11.23 62.07 -21.65
C4 RP5 IA . 13.02 63.88 -21.84
C5 RP5 IA . 13.40 64.17 -23.25
O5 RP5 IA . 14.06 63.04 -23.76
P' RP5 IA . 15.14 63.28 -24.98
O1X RP5 IA . 15.39 61.98 -25.69
O2X RP5 IA . 16.42 63.82 -24.42
O3X RP5 IA . 14.55 64.27 -25.95
O1 RP5 IA . 11.92 65.87 -19.48
P AMP JA . 19.23 64.17 -26.54
O1P AMP JA . 18.74 63.02 -25.69
O2P AMP JA . 20.06 65.16 -25.73
O3P AMP JA . 19.94 63.71 -27.79
O5' AMP JA . 17.93 65.00 -27.04
C5' AMP JA . 17.12 64.45 -28.10
C4' AMP JA . 17.31 65.26 -29.35
O4' AMP JA . 16.07 65.89 -29.73
C3' AMP JA . 18.28 66.44 -29.27
O3' AMP JA . 19.62 66.01 -29.43
C2' AMP JA . 17.84 67.29 -30.46
O2' AMP JA . 18.51 66.91 -31.65
C1' AMP JA . 16.35 66.98 -30.59
N9 AMP JA . 15.46 68.08 -30.26
C8 AMP JA . 14.32 68.40 -30.95
N7 AMP JA . 13.68 69.43 -30.45
C5 AMP JA . 14.44 69.81 -29.37
C6 AMP JA . 14.29 70.85 -28.43
N6 AMP JA . 13.26 71.70 -28.44
N1 AMP JA . 15.21 70.96 -27.45
C2 AMP JA . 16.23 70.09 -27.45
N3 AMP JA . 16.49 69.08 -28.29
C4 AMP JA . 15.54 68.99 -29.23
MG MG KA . 37.07 -43.54 -26.10
MG MG LA . 17.14 -6.72 -31.81
MG MG MA . 14.32 60.19 -26.10
MG MG NA . 14.54 63.34 -28.63
C1 CLR OA . 51.22 -62.18 -10.88
C2 CLR OA . 51.86 -63.41 -10.25
C3 CLR OA . 53.28 -63.14 -9.82
C4 CLR OA . 53.27 -62.02 -8.81
C5 CLR OA . 52.62 -60.78 -9.38
C6 CLR OA . 53.27 -59.62 -9.39
C7 CLR OA . 52.65 -58.30 -9.73
C8 CLR OA . 51.16 -58.39 -10.01
C9 CLR OA . 50.84 -59.69 -10.77
C10 CLR OA . 51.21 -60.94 -9.95
C11 CLR OA . 49.38 -59.71 -11.25
C12 CLR OA . 48.96 -58.45 -12.02
C13 CLR OA . 49.21 -57.19 -11.18
C14 CLR OA . 50.70 -57.19 -10.81
C15 CLR OA . 50.95 -55.79 -10.25
C16 CLR OA . 50.03 -54.88 -11.08
C17 CLR OA . 49.11 -55.82 -11.91
C18 CLR OA . 48.30 -57.16 -9.95
C19 CLR OA . 50.23 -61.19 -8.78
C20 CLR OA . 47.73 -55.19 -12.16
C21 CLR OA . 47.20 -55.51 -13.55
C22 CLR OA . 47.81 -53.67 -11.95
C23 CLR OA . 46.91 -52.84 -12.82
C24 CLR OA . 45.61 -52.44 -12.16
C25 CLR OA . 44.69 -51.56 -13.01
C26 CLR OA . 43.31 -51.41 -12.38
C27 CLR OA . 45.31 -50.18 -13.25
O1 CLR OA . 53.86 -64.32 -9.25
#